data_6ZKG
#
_entry.id   6ZKG
#
_cell.length_a   1.00
_cell.length_b   1.00
_cell.length_c   1.00
_cell.angle_alpha   90.00
_cell.angle_beta   90.00
_cell.angle_gamma   90.00
#
_symmetry.space_group_name_H-M   'P 1'
#
loop_
_entity.id
_entity.type
_entity.pdbx_description
1 polymer 'NADH dehydrogenase [ubiquinone] flavoprotein 1, mitochondrial'
2 polymer 'Mitochondrial complex I, 24 kDa subunit'
3 polymer 'NADH:ubiquinone oxidoreductase core subunit S1'
4 polymer 'Mitochondrial complex I, 49 kDa subunit'
5 polymer 'NADH:ubiquinone oxidoreductase core subunit S3'
6 polymer 'Mitochondrial complex I, PSST subunit'
7 polymer 'Mitochondrial complex I, TYKY subunit'
8 polymer 'NADH-ubiquinone oxidoreductase chain 3'
9 polymer 'NADH-ubiquinone oxidoreductase chain 1'
10 polymer 'NADH-ubiquinone oxidoreductase chain 6'
11 polymer 'NADH-ubiquinone oxidoreductase chain 4L'
12 polymer 'NADH-ubiquinone oxidoreductase chain 5'
13 polymer 'NADH-ubiquinone oxidoreductase chain 4'
14 polymer 'NADH-ubiquinone oxidoreductase chain 2'
15 polymer 'Mitochondrial complex I, B14.7 subunit'
16 polymer 'NADH:ubiquinone oxidoreductase subunit B5'
17 polymer 'Acyl carrier protein'
18 polymer 'NADH dehydrogenase [ubiquinone] 1 alpha subcomplex subunit 8'
19 polymer 'Mitochondrial complex I, PDSW subunit'
20 polymer 'Mitochondrial complex I, 10 kDa subunit'
21 polymer 'Mitochondrial complex I, 13 kDa subunit'
22 polymer 'NADH dehydrogenase [ubiquinone] iron-sulfur protein 4, mitochondrial'
23 polymer 'NADH:ubiquinone oxidoreductase subunit A9'
24 polymer 'NADH dehydrogenase [ubiquinone] 1 alpha subcomplex subunit 2'
25 polymer 'Mitochondrial complex I, B13 subunit'
26 polymer 'NADH:ubiquinone oxidoreductase subunit A6'
27 polymer 'Mitochondrial complex I, B14.5a subunit'
28 polymer 'NADH dehydrogenase [ubiquinone] 1 alpha subcomplex subunit 12'
29 polymer 'NADH dehydrogenase [ubiquinone] 1 alpha subcomplex subunit 10, mitochondrial'
30 polymer 'NADH:ubiquinone oxidoreductase subunit S5'
31 polymer 'NADH:ubiquinone oxidoreductase subunit A3'
32 polymer 'NADH:ubiquinone oxidoreductase subunit B3'
33 polymer 'NADH dehydrogenase [ubiquinone] 1 subunit C2'
34 polymer 'NADH:ubiquinone oxidoreductase subunit B4'
35 polymer 'Mitochondrial complex I, B16.6 subunit'
36 polymer 'Mitochondrial complex I, B17 subunit'
37 polymer 'NADH:ubiquinone oxidoreductase subunit B7'
38 polymer 'NADH:ubiquinone oxidoreductase subunit B9'
39 polymer 'NADH:ubiquinone oxidoreductase subunit B2'
40 polymer 'NADH dehydrogenase [ubiquinone] 1 beta subcomplex subunit 8, mitochondrial'
41 polymer 'Mitochondrial complex I, ESSS subunit'
42 polymer 'Mitochondrial complex I, KFYI subunit'
43 polymer 'Mitochondrial complex I, MNLL subunit'
44 polymer 'Mitochondrial complex I, MWFE subunit'
45 non-polymer 'IRON/SULFUR CLUSTER'
46 non-polymer 'FLAVIN MONONUCLEOTIDE'
47 non-polymer '1,4-DIHYDRONICOTINAMIDE ADENINE DINUCLEOTIDE'
48 non-polymer 'FE2/S2 (INORGANIC) CLUSTER'
49 non-polymer 'POTASSIUM ION'
50 non-polymer 1,2-DIACYL-SN-GLYCERO-3-PHOSPHOCHOLINE
51 non-polymer 1,2-Distearoyl-sn-glycerophosphoethanolamine
52 non-polymer CARDIOLIPIN
53 non-polymer 'S-[2-({N-[(2S)-2-hydroxy-3,3-dimethyl-4-(phosphonooxy)butanoyl]-beta-alanyl}amino)ethyl] tetradecanethioate'
54 non-polymer 'ZINC ION'
55 non-polymer 'NADPH DIHYDRO-NICOTINAMIDE-ADENINE-DINUCLEOTIDE PHOSPHATE'
56 non-polymer 'ADENOSINE MONOPHOSPHATE'
57 non-polymer 'MYRISTIC ACID'
#
loop_
_entity_poly.entity_id
_entity_poly.type
_entity_poly.pdbx_seq_one_letter_code
_entity_poly.pdbx_strand_id
1 'polypeptide(L)'
;MLAARRLLGGSLPARVSVRFSGDTTAPKKTSFGSLKDEDRIFTNLYGRHDWRLKGAQSRGDWYKTKEILLKGPDWILGEV
KTSGLRGRGGAGFPTGLKWSFMNKPSDGRPKYLVVNADEGEPGTCKDREIIRHDPHKLVEGCLVGGRAMGARAAYIYIRG
EFYNEASNLQVAIREAYEAGLIGKNACGSGYDFDVFVVRGAGAYICGEETALIESIEGKQGKPRLKPPFPADVGVFGCPT
TVANVETVAVSPTICRRGGAWFASFGRERNSGTKLFNISGHVNNPCTVEEEMSVPLKELIEKHAGGVTGGWDNLLAVIPG
GSSTPLIPKSVCETVLMDFDALIQAQTGLGTAAVIVMDRSTDIVKAIARLIEFYKHESCGQCTPCREGVDWMNKVMARFV
RGDARPAEIDSLWEISKQIEGHTICALGDGAAWPVQGLIRHFRPELEERMQRFAQQHQARQAAS
;
1
2 'polypeptide(L)'
;MPVLQYEHLEECIRWGKHIRNLHKTAVQNGAGGALFVHRDTPKNNPETPFDFTPENYKRIEAIVKNYPEGHKAAAVLPVL
DLAQRQNGWLPISAMNKVAEILQVPPMRVYEVATFYTMYNRKPVGKYHIQVCTTTPCMLRNSDSILEAIQKKLGIKVGET
TPDKLFTLIEVECLGACVNAPMVQINDNYYEDLTPKDIEEIIDELKAGKIPKPGPRSGRFSCEPAGGLTSLTEPPKGPGF
GVQAGL
;
2
3 'polypeptide(L)'
;MLRIPVRKALVGLSKSSKGCVRTTATAASNLIEVFVDGQSVMVEPGTTVLQACEKVGMQIPRFCYHERLSVAGNCRMCLV
EIEKAPKVVAACAMPVMKGWNILTNSEKTKKAREGVMEFLLANHPLDCPICDQGGECDLQDQSMMFGSDRSRFLEGKRAV
EDKNIGPLVKTIMTRCIQCTRCIRFASEIAGVDDLGTTGRGNDMQVGTYIEKMFMSELSGNIIDICPVGALTSKPYAFTA
RPWETRKTESIDVMDAVGSNIVVSTRTGEVMRILPRMHEDINEEWISDKTRFAYDGLKRQRLTEPMVRNEKGLLTHTTWE
DALSRVAGMLQSCQGNDVAAIAGGLVDAEALIALKDLLNRVDSDTLCTEEVFPTAGAGTDLRSNYLLNTTIAGVEEADVV
LLVGTNPRFEAPLFNARIRKSWLHNDLKVALIGSPVDLTYRYDHLGDSPKILQDIASGSHPFSQVLQEAKKPMVVLGSSA
LQRNDGAAILAAVSNIAQKIRTSSGVTGDWKVMNILHRIASQVAALDLGYKPGVEAIRKNPPKMLFLLGADGGCVTRQDL
PKDCFIVYQGHHGDVGAPIADVILPGAAYTEKSATYVNTEGRAQQTKVAVMPPGLAREDWKIIRALSEIAGMTLPYDTLD
QVRNRLEEVSPNLVRYDDVEGANYFQQASELSKLVNQQLLADPLVPPQLTIKDFYMTDSISRASQTMAKCVKAVTEGAHA
VEEPSIC
;
3
4 'polypeptide(L)'
;MAALRALRRLRGAAAQVLRPGAGARLPIQPSRGARQWQPDVEWAEQYGGAVMYPTKETAHWKPPPWNDVDPPKDTLVSNL
TLNFGPQHPAAHGVLRLVMELSGEMVRKCDPHIGLLH(2MR)GTEKLIEYKTYLQALPYFDRLDYVSMMCNEQAYSLAVE
KLLNIQPPPRAQWIRVLFGEITRLLNHIMAVTTHALDIGAMTPFFWMFEEREKMFEFYERVSGARMHAAYVRPGGVHQDL
PLGLMDDIYEFSKNFSLRIDELEEMLTNNRIWRNRTVDIGVVTAEDALNYGFSGVMLRGSGIQWDLRKTQPYDVYDQVEF
DVPIGSRGDCYDRYLCRVEEMRQSIRIISQCLNKMPPGEIKVDDAKVSPPKRAEMKTSMESLIHHFKLYTEGYQVPPGAT
YTAIEAPKGEFGVYLVSDGSSRPYRCKIKAPGFAHLAGLDKMSKGHMLADVVAIIGTQDIVFGEVDR
;
4
5 'polypeptide(L)'
;PVKMAAAAARGCWQRLVGSAAPARVAGRPSVLLLPVRRESASADTRPTVRPRNDVAHKQLSAFGEYVAEILPKYVQQVQV
SCFSELEICIHPDGVIPVLTFLRDHSNAQFKSLADLTAVDIPTRQNRFEIVYNLLSLRFNSRIRVKTYTDELTPVESSVS
VYKAANWYEREIWDMFGVFFANHPDLRRILTDYGFEGHPFRKDFPLSGYVELRYDDEVKRVVAEPVELAQEFRKFDLNSP
WEAFPAYRQPPESLKLEAGDKKPEAK
;
5
6 'polypeptide(L)'
;MLPLKFPGRGGAAPRLFHPILAVRSGMGAALQVRGVHSSMAADSPSSTQPAVSQARAVVPKPAALPSSRGEYVVAKLDDL
INWARRSSLWPMTFGLACCAVEMMHMAAPRYDMDRFGVVFRASPRQSDVMIVAGTLTNKMAPALRKVYDQMPEPRYVVSM
GSCANGGGYYHYSYSVVRGCDRIVPVDIYVPGCPPTAEALLYGILQLQKKIKREKRLRIWYRR
;
6
7 'polypeptide(L)'
;MRKPKMRCLTMPVLLRALAQAQAARAGHASGRGLHSSAVAATYKYVNLREPSMDMKSVTDRAAQTLLWTELIRGLGMTLS
YLFREPATINYPFEKGPLSPRFRGEHALRRYPSGEERCIACKLCEAVCPAQAITIEAEPRADGSRRTTRYDIDMTKCIYC
GFCQEACPVDAIVEGPNFEFSTETHEELLYNKEKLLNNGDKWEAEIAANIQADYLYR
;
9
8 'polypeptide(L)'
;MNLMITLLTNFTLATLLVTIAFWLPQLNVYSEKTSPYECGFDPMGSARLPFSMKFFLVAITFLLFDLEIALLLPLPWASQ
TTNLNTMLTMALLLIFLLAVSLAYEWTQKGLEWTE
;
A
9 'polypeptide(L)'
;MFMINVLTLIIPILLAVAFLTLVERKVLGYMQFRKGPNVVGPYGLLQPIADAIKLFIKEPLRPATSSISMFILAPILALT
LALTMWIPLPMPYPLINMNLGVLFMLAMSSLAVYSILWSGWASNSKYALIGALRAVAQTISYEVTLAIILLSVLLMNGSF
TLSTLIITQEQVWLIFPAWPLAMMWFISTLAETNRAPFDLTEGESELVSGFNVEYAAGPFALFFMAEYANIIMMNIFTTT
LFLGAFHNPYMPELYTINFTIKSLLLSITFLWIRASYPRFRYDQLMHLLWKNFLPLTLALCMWHVSLPILLSSIPPQT
;
H
10 'polypeptide(L)'
;MMTYIVFILSIIFVMGFVGFSSKPSPIYGGLGLIVSGGVGCGIVLNFGGSFLGLMVFLIYLGGMMVVFGYTTAMATEQYP
EVWVSNKVVLGTFITGLLMEFLMVYYVLKDKEVEIVFKFNGMGDWVIYDTGDSGFFSEEAMGIAALYSYGTWLVIVTGWS
LLIGVVVIMEITRGN
;
J
11 'polypeptide(L)'
;(FME)SLVYMNIMMAFTVSLTGLLMYRSHLMSSLLCLEGMMLSLFILATLMILNSHFTLASMMPIILLVFAACEAALGLS
LLVMVSNTYGTDYVQNLNLLQC
;
K
12 'polypeptide(L)'
;(FME)NLFSSLTLVTLILLTMPIAAINFNTHKFTNYPLYVKTTISCAFITSMIPTMMFIHTGQEMIISNWHWLTIQTLKL
SLSFKMDFFSMMFVPVALFVTWSIMEFSMWYMHSDPNINQFFKYLLLFLITMLILVTANNLFQLFIGWEGVGIMSFLLIG
WWYGRTDANTAALQAILYNRIGDIGFILAMAWFLINLNTWDLQQIFMLNPNDSNLPLMGLILAATGKSAQFGLHPWLPSA
MEGPTPVSALLHSSTMVVAGIFLLIRFYPLTENNKFGQSIMLCLGAMTTLFTAMCALTQNDIKKIIAFSTSSQLGLMMVT
IGINQPHLAFLHICTHAFFKAMLFMCSGSIIHSLNDEQDIRKMGGLFKAMPFTTTALIIGSLALTGMPFLTGFYSKDLII
ESANTSYTNAWALLMTLVATSFTAIYSTRIIFFALLGQPRFPTLININENNPFLINSIKRLLIGSLFAGFIISNNIPPMT
IPQMTMPHYLKMTALTVTILGFILALEISNTTHYLKFNYPSNTFKFSNLLGYYPTIMHRLTPYMNLTMSQKSASSLLDLI
WLETILPKTISLAQMKMSTTITSQKGLIKLYFLSFLITILISTTLLNFHE
;
L
13 'polypeptide(L)'
;(FME)LKYIIPTMMLMPLTWLSKNSMIWINTTLHSLLISLTSLLLLNQFGDNSLNFSLTFFSDSLSTPLLILTMWLLPLM
LMASQHHLSKENLARKKLFISMLILLQLFLIMTFTATELIFFYIMFEATLVPTLIIITRWGNQTERLNAGLYFLFYTLAG
SLPLLVALIYIQNTMGSLNFLILQYWVQPMPNSWSNTFMWLACMMAFMVKMPLYGLHLWLPKAHVEAPIAGSMVLAAILL
KLGGYGMMRITLLLNPITDFMAYPFIMLSLWGMIMTSSICLRQTDLKSLIAYSSVSHMALVIVAILIQTPWSYMGATALM
IAHGLTSSMLFCLANSNYERVHSRTMILARGLQTLLPLMAAWWLLASLTNLALPPSINLIGELFVVMSTFSWSNITIILM
GLNMVITALYSLYMLITTQRGKHTHHINNILPSFTRENALMSLHMLPLLLLSLNPKIILGPLY
;
M
14 'polypeptide(L)'
;MNPIILIIILMTVMLGTIIVMISTHWLLIWIGFEMNMLAIIPIMMKKHNPRATEASTKYFLTQSTASMLLMMAIIINLMF
SGQWTVMKLFNPMASMLMTMALAMKLGMAPFHFWVPEVTQGIPLSSGLILLTWQKLAPMSVLYQILPSINLDLILTLSIL
SITIGGWGGLNQTQLRKIMAYSSIAHMGWMTAVLLYNPTMTLLNLIIYIIMTSTMFTLFMANSTTTTLSLSHTWNKAPIM
TILVLITLLSMGGLPPLSGFMPKWMIIQEMTKNDSIILPTLMAITALLNLYFYMRLTYSTALTMFPSTNNMKMKWQFPTT
KRMTLLPTMTVLSTMLLPLTPILSILE
;
N
15 'polypeptide(L)'
;M(AYA)KTLLHQYWDIPEGTECHRKTYAATSIGGASGLVVSAYSVALKTPTSFLEGVARTGRYTFTAAAIGAIFGLTSCI
SAQVREKPDDPLNYLIGGCAGGLTLGARTRSYGIGAAACAYMGLTAALVKMGQLEGWKVFAEPKV
;
V
16 'polypeptide(L)'
;MAAMSLLHRASVSAVVALSGRRLGTRLGFGGFLTRDFPKTVAPVRHSGDHGKRLFIIKPSGFYDKRFLKLLRFYILLTGI
PVVIGITLINVFIGEAELAEIPEGYVPEHWEYFKHPISRWIARTFFDAPEKNYERTMAILQIESEKAELRLKELEVRRLM
RAKGDGPWFQYPTIDKALIDHSPKATPDN
;
W
17 'polypeptide(L)'
;VEVKDFYTTNYQTAVSFSPLGPMPSMALMAVSLSGANVPKSGGRPEESRVPVLTQRKVPGRVTPLCRQYSDAPPLTLEGI
KDRVLYVLKLYDKIDPEKLSVNSHFMKDLGLDSLDQVEIIMAMEDEFGFEIPDIDAEKLMCPQEIVDYIADKKDVYE
;
X,j
18 'polypeptide(L)'
;MPGIVELPSLEDLKVQEVKVSSSVLKAAAHHYGAQCDKPNKEFMLCRWEEKDPRRCLEEGKLVNQCALEFFRQIKRHCAE
PFTEYWTCIDYSGLQLFRRCRKEQAQFDKCVLDKLGWVRPDLGELSKVTKVKTDRPLPENPYHSRARPEPNPEVEGDLKP
ARHGSRLFFWTM
;
Y
19 'polypeptide(L)'
;PDSWDKDVYPEPPRRTPAPSPQTSLPNPITYLTKAFDLLVDRPVTLVREFIERQHAKNKYYYYHREFRRVPDITECHEKD
VLCMFEAEMQWKRDYKVDQEIVNIIQERLKACQQREGESHRQNCAKELQQFTQVVKAYQDRYHDLGAHYSARKCLAKQKQ
RMLAERKATKEAAAA
;
Z
20 'polypeptide(L)'
;MAASLLLRQGRPGTLKTVLLEAGVFRGLAPAVSLSAESGKNEKGLPPNPKKQSPPKKPASAAPTEPFDNTTYKNLQHHDY
STYTFLDLNLDLSKFRMPQPSSGRESPRH
;
a
21 'polypeptide(L)'
;MAAAVTFLRLLGRGGAVTRGLPGGARCFGVRTSPTGEKVTHTGQVYDDEDYRRVRFVGRQKEVNENFAIDLIAEQPVSQV
GSRVISCDGGGGALGHPRVYINLDKETKTGTCGYCGLQFRQQHH
;
b
22 'polypeptide(L)'
;MSVALRQALWGRRVGTVAAVSVSKVSTRSLSTSTWRLAQDQTRDTQLITVDEKLDITTLTGVPEEHIKTRKARIFVPARN
NMQSGVNNTKKWKMEFDTRERWENPLMGWASTADPLSNLVLTFSTKEDAIAFAEKNGWSYDVEERKVPKPKSKSYGANFS
WNKRTRVSTK
;
c
23 'polypeptide(L)'
;MAAAVHLRVVRVLPMSRSSVPALAASVFHSPPQRQLHHAVIPHGKGGRSSVSGIVATVFGATGFLGRYLVNHLGRMGSQV
IVPYRCEPYDTMHLRPMGDLGQIIFMDWNGRDKDSIRRAVEHSNVVINLVGREWETKNFDFEDVFVKIPQAIAQVSKEAG
VEKFIHISHLNADIKSSSKYLRNKAVGEKEVRETFPEATIIKPADIFGREDRFLNYFANIRWFGGVPLISLGKKTVKQPV
YIVDVTKGIINAIKDPDARGKTFAFVGPNRYLLFDLVQYVFAVAHRPFLPYPMPHFAYRWIGRLFEISPFEPWTTRDKVE
RIHTTDRTLPHLPGLEDLGVQATPLELKAIEVLRRHRTYRWLSSEIEDVQPAKTVPASGP
;
d
24 'polypeptide(L)'
;MAAAAAIRGVRGKLGLREIRIHLCQRSPGSQGVRDFIEKRYVELKKANPDLPILIRECSDVQPKLWARYAFGQEKNVSLN
NFSADQVTRALENVLSSKA
;
e
25 'polypeptide(L)'
;MAGLLKKTTGLVGLAVCETPHERLKILYTKILDVLGHIPKNAAYRKYTEQITNEKLSIVKAEPDVKKLEEQLQGGQIEEV
ILQAENELSLARKMIQWKPWEPLVEEPPASQWKWPI
;
f
26 'polypeptide(L)'
;NGVELGSDFLSKMAASGLRQAAVAASTSVKPIFSRDMNEAKRRVRELYRAWYREVPNTVHLFQLDISVKQGRDKVREMFK
KNAHVTDPRVVDLLVIKGKMELEETINVWKQRTHVMRFFHETEAPRPKDFLSKFYVGHDP
;
g
27 'polypeptide(L)'
;KM(AYA)SATRLIQGLRNWASGRDLQAKLQLRYQEISKRTQPPPKLPVGPSHRLSNNYYCARDGRREAMPPSIVMSSQKV
LVAGKPAESSAVAASEKKAVSPAPPIKRWELSQDEPYL
;
h
28 'polypeptide(L)'
;MELLQVLKRGLQQVSGHGGLRGYLRVLFRANDVRVGTLVGEDKYGNKYYEDNKQFFGRHRWVIYTTEMNGKNTFWDVDGS
MVPPEWHRWLHCMTDDPPTVKPPTARKFIWTNHKFNLSGTPQQYVPYSTTRKKIQEWVPPSTPYK
;
i
29 'polypeptide(L)'
;MALRFLRLVPASAASRGLAAVPPRVGGIHTSVQRKLQYGPLAYILGEKTTKKMTENSKLITVDGNICSGK(SEP)KLAKE
VAEKLGLKHFPEAGIHYADSTTGDGKPLPVRFSGNCSLEKFYDDPKSNDGNSYRLQAWLYASRLLQYADALEHLLSTGQG
VVLERSIYSDFVFLEAMYRQGFIRKQCVDHYNQVKKVTVCEYLPPHVVIYVDVPVSEVQSRIQKKGNPHEMKITSAYLQD
IENVYKGTFLPEMSEKCEVLQYSAWEAEDAEKVVEDIQYLKYDKGPWLDQDDRKLHNLRMLVQDKLEVLNYTSIPVFLPE
VTIGAHQSDRVFQEFTELPGRKYRAGYNEDVGDKWIWLK
;
k
30 'polypeptide(L)'
;MPFFDVQKKLGVDLDHWMTIQSAEQPHRIPARCHAFEKEWIECAHGIGSIRAEKECKIEFEDFRECLLRQKTMKRLNAIK
RQRDKLIKEGKYTPPPHHSGQEDLRP
;
l
31 'polypeptide(L)'
;MAPRVAAFLKNVWAKEPVLVASFAIAGLAVILPTLSPYTKYSLMINRATPYNYPVPLRDDGNMPDVPSHPQDPQGPSLEW
LKRL
;
m
32 'polypeptide(L)'
;MAHGHGHEHGPSKMELPDYKQWKIEGTPLETVQEKLAARGLRDPWGRNEAWRYMGGFANNVSFVGALLKGFKWGFAAFVV
AVGAEYYLESQKKDKKHH
;
n
33 'polypeptide(L)'
;VTMMTGRQARAPLQFLPDEARSLPPPKLTDPRLAYIGFLGYCSGLIDNAIRRRPVLSAGLHRQFLYITSFVFVGYYLLKR
QDYMYAVRDHDMFSYIKSHPEDFPEKDKKTYREVFEEFHPVR
;
o
34 'polypeptide(L)'
;KMSFPKYEPSRLASLPTTLDPAEYDISSETRKAQAERLAIRSRLKREYQLQYNDPSRRGVVEDPALIRWTCARSANVYPN
FRPNTKTSLLGALFGIGPLIFWYYVFKTDRDRKEKLIQEGKLDRTFNISY
;
p
35 'polypeptide(L)'
;MAASKVKQDMPPVGGYGPIDYKRNLPRRGLSGYSMFAVGIGALLFGYWSMMRWNRERRRLQIEDFEARIALMPLLQAEKD
RRVLQMLRENLEEEATIMKDVPGWKVGESVFHTTRWVTPMMGELYGLRTGEEILSSTYGFIWYT
;
q
36 'polypeptide(L)'
;MSGYTPDEKLRLQQLRELRRRWLKDQELSPREPVLPPRRVSPVERFWNKFLQDGALWKNVIYKTYRHSIFAFTHVLIPVW
IIHYYLKYHVTTKPYTIVEKKPRIFPGDTILETGEVIPPMKEFPDQHH
;
r
37 'polypeptide(L)'
;MGAHLARRYLGDASVEPEPLRMPTFPPDYGFPERKEREMVATQQEMNDAQLVLQQRDYCAHYLIRFLKCKRDSFPNFLAC
KHEQHDWDYCEHLDYVKRMKEFERERRLLQRKKRREQREADMAKGLGPGEVAPEVAL
;
s
38 'polypeptide(L)'
;MAFLPSAAYLTHQQKVLQLYKRALRHLESRCVHRDKYRYFACLLRARFDEHKNEKDMVKATQLLREAEKEFWHGQHPQPY
IFPESPGGTSYERYECYKVPEWCLDDWHPSEKAMYPDYFAKREQWKKLRRESWEREVKQLQEETPVGGPRTEALPPARKQ
GDLPPLWWHIVTRPRERPM
;
t
39 'polypeptide(L)'
;MAGMSALKRLAPFAHVGGHLFRGRCARAVGAGGVRRAGGGAHIEPRYRQFPQLTRSQVIQAEFFSATMWFWILWRFWHDS
DAVLGHFPYPDPSQWTDEELGIPPDDED
;
u
40 'polypeptide(L)'
;MAAARAGVLGIRWLQKAARNVVPLGARTASHITKDMLPGPYPKTPEERAAAAKKYNMRVEDYEPYPDDGMGYGDYPKLPD
RSQQERDPWYDWDHPDLRLNWGEPMHWDLDMYIRNRVDTSPTPVNWNLMCKHLFGFVAFMLFMFWVGETYPTYQPVGPKQ
YPYNNLYLERGGDPNKEPEPVVHYEI
;
v
41 'polypeptide(L)'
;MAAGMLGLCGRRLLAVAATRGLPAASVRWESSSSRAVIAPSTLAGKRPSEPTLRWQEDPEPEDENLYEKNPDSHGYDKDP
AVDVWNMRVVFFFGFSIVLVLGSTFVAYLPDYRMQEWARREAERLVKYREAHGLPLMESNCFDPSKIQLPEDED
;
w
42 'polypeptide(L)' MAPSAFLRPFWKLLAPARFPSVSSSRSKFYIQEPPHGSPNWLKVGLTLGTSAFLWIYLIKQHNEDVLEYKRRNGLE x
43 'polypeptide(L)' MMNLLQVVRDHWIHVLVPVGFVFGYYLDRKNDEKLAAFRNKSLLYKRELKPQEEVTWK y
44 'polypeptide(L)' MWFEVLPGIAVMGVCLFIPGMATARIHRFSNGGREKRVAHYSYQWYLMERDRRVSGVNRYYVSKGLENID z
#
# COMPACT_ATOMS: atom_id res chain seq x y z
N LYS A 29 62.80 77.44 -80.49
CA LYS A 29 64.14 77.55 -79.93
C LYS A 29 64.50 76.24 -79.22
N THR A 30 65.73 75.78 -79.40
CA THR A 30 66.21 74.54 -78.80
C THR A 30 67.24 74.77 -77.71
N SER A 31 68.24 75.62 -77.95
CA SER A 31 69.27 75.92 -76.98
C SER A 31 68.84 77.09 -76.11
N PHE A 32 69.39 77.14 -74.89
CA PHE A 32 69.03 78.20 -73.96
C PHE A 32 70.27 78.64 -73.20
N GLY A 33 70.28 79.90 -72.79
CA GLY A 33 71.43 80.53 -72.18
C GLY A 33 72.00 81.61 -73.07
N SER A 34 73.11 82.18 -72.60
CA SER A 34 73.87 83.26 -73.27
C SER A 34 72.97 84.45 -73.59
N LEU A 35 72.41 85.03 -72.55
CA LEU A 35 71.41 86.08 -72.71
C LEU A 35 72.08 87.41 -73.03
N LYS A 36 71.51 88.12 -74.00
CA LYS A 36 72.07 89.40 -74.40
C LYS A 36 71.79 90.48 -73.37
N ASP A 37 72.66 91.49 -73.32
CA ASP A 37 72.51 92.56 -72.36
C ASP A 37 71.31 93.46 -72.69
N GLU A 38 70.87 93.49 -73.94
CA GLU A 38 69.74 94.32 -74.31
C GLU A 38 68.40 93.67 -73.99
N ASP A 39 68.39 92.35 -73.76
CA ASP A 39 67.17 91.64 -73.38
C ASP A 39 67.08 91.43 -71.88
N ARG A 40 67.94 92.08 -71.10
CA ARG A 40 67.87 91.99 -69.65
C ARG A 40 66.73 92.84 -69.13
N ILE A 41 66.09 92.35 -68.07
CA ILE A 41 65.09 93.18 -67.39
C ILE A 41 65.77 94.03 -66.33
N PHE A 42 66.69 93.45 -65.58
CA PHE A 42 67.34 94.16 -64.47
C PHE A 42 68.67 94.75 -64.93
N THR A 43 68.58 95.78 -65.76
CA THR A 43 69.74 96.64 -65.94
C THR A 43 69.94 97.47 -64.69
N ASN A 44 71.18 97.90 -64.48
CA ASN A 44 71.68 98.45 -63.20
C ASN A 44 71.41 97.45 -62.07
N LEU A 45 71.68 96.18 -62.35
CA LEU A 45 71.69 95.18 -61.29
C LEU A 45 72.94 95.28 -60.44
N TYR A 46 74.02 95.80 -61.02
CA TYR A 46 75.34 95.76 -60.41
C TYR A 46 75.71 97.06 -59.72
N GLY A 47 74.80 98.04 -59.69
CA GLY A 47 75.06 99.29 -59.01
C GLY A 47 75.94 100.25 -59.77
N ARG A 48 76.33 99.92 -61.01
CA ARG A 48 77.25 100.77 -61.75
C ARG A 48 76.58 102.04 -62.27
N HIS A 49 75.27 102.04 -62.42
CA HIS A 49 74.51 103.21 -62.83
C HIS A 49 73.84 103.83 -61.61
N ASP A 50 73.15 104.94 -61.84
CA ASP A 50 72.43 105.63 -60.77
C ASP A 50 71.13 104.90 -60.50
N TRP A 51 70.93 104.48 -59.25
CA TRP A 51 69.70 103.79 -58.87
C TRP A 51 68.52 104.72 -58.73
N ARG A 52 68.71 106.03 -58.83
CA ARG A 52 67.69 107.01 -58.49
C ARG A 52 66.79 107.26 -59.69
N LEU A 53 65.97 108.32 -59.61
CA LEU A 53 64.93 108.53 -60.60
C LEU A 53 65.50 108.98 -61.94
N LYS A 54 66.50 109.87 -61.92
CA LYS A 54 67.14 110.29 -63.17
C LYS A 54 67.94 109.14 -63.79
N GLY A 55 68.37 108.18 -62.99
CA GLY A 55 69.01 106.99 -63.51
C GLY A 55 68.00 105.99 -64.04
N ALA A 56 66.88 105.83 -63.34
CA ALA A 56 65.89 104.83 -63.72
C ALA A 56 65.12 105.25 -64.97
N GLN A 57 64.80 106.54 -65.10
CA GLN A 57 64.13 107.00 -66.31
C GLN A 57 65.07 107.03 -67.51
N SER A 58 66.38 107.07 -67.28
CA SER A 58 67.36 106.95 -68.35
C SER A 58 67.62 105.50 -68.74
N ARG A 59 66.98 104.54 -68.09
CA ARG A 59 67.10 103.13 -68.43
C ARG A 59 65.78 102.52 -68.87
N GLY A 60 64.75 103.33 -69.08
CA GLY A 60 63.47 102.85 -69.56
C GLY A 60 62.39 102.71 -68.52
N ASP A 61 62.75 102.77 -67.24
CA ASP A 61 61.75 102.65 -66.18
C ASP A 61 60.95 103.95 -66.07
N TRP A 62 59.73 103.81 -65.54
CA TRP A 62 58.73 104.88 -65.45
C TRP A 62 58.47 105.54 -66.79
N TYR A 63 58.37 104.72 -67.83
CA TYR A 63 58.08 105.21 -69.18
C TYR A 63 56.74 104.64 -69.62
N LYS A 64 55.85 105.55 -70.06
CA LYS A 64 54.48 105.23 -70.49
C LYS A 64 53.71 104.47 -69.42
N THR A 65 53.91 104.87 -68.15
CA THR A 65 53.23 104.20 -67.05
C THR A 65 51.75 104.53 -67.05
N LYS A 66 51.40 105.79 -67.36
CA LYS A 66 50.00 106.22 -67.40
C LYS A 66 49.23 105.46 -68.47
N GLU A 67 49.86 105.18 -69.60
CA GLU A 67 49.22 104.41 -70.65
C GLU A 67 49.05 102.94 -70.27
N ILE A 68 49.89 102.42 -69.38
CA ILE A 68 49.64 101.10 -68.84
C ILE A 68 48.47 101.13 -67.85
N LEU A 69 48.42 102.17 -67.01
CA LEU A 69 47.38 102.25 -65.99
C LEU A 69 46.00 102.49 -66.58
N LEU A 70 45.91 103.24 -67.68
CA LEU A 70 44.61 103.58 -68.22
C LEU A 70 43.96 102.45 -69.01
N LYS A 71 44.72 101.44 -69.42
CA LYS A 71 44.18 100.39 -70.26
C LYS A 71 43.53 99.26 -69.47
N GLY A 72 43.37 99.43 -68.16
CA GLY A 72 42.52 98.56 -67.39
C GLY A 72 43.25 97.45 -66.67
N PRO A 73 42.58 96.81 -65.72
CA PRO A 73 43.16 95.64 -65.07
C PRO A 73 43.22 94.43 -66.00
N ASP A 74 42.23 94.28 -66.88
CA ASP A 74 42.12 93.08 -67.70
C ASP A 74 43.23 92.99 -68.74
N TRP A 75 43.63 94.14 -69.29
CA TRP A 75 44.73 94.14 -70.26
C TRP A 75 46.06 93.76 -69.60
N ILE A 76 46.28 94.24 -68.38
CA ILE A 76 47.51 93.92 -67.66
C ILE A 76 47.52 92.46 -67.25
N LEU A 77 46.37 91.93 -66.84
CA LEU A 77 46.26 90.51 -66.50
C LEU A 77 46.45 89.64 -67.74
N GLY A 78 45.97 90.09 -68.90
CA GLY A 78 46.19 89.35 -70.12
C GLY A 78 47.64 89.37 -70.57
N GLU A 79 48.33 90.49 -70.34
CA GLU A 79 49.76 90.57 -70.64
C GLU A 79 50.57 89.66 -69.72
N VAL A 80 50.19 89.56 -68.44
CA VAL A 80 50.96 88.71 -67.53
C VAL A 80 50.63 87.23 -67.77
N LYS A 81 49.38 86.91 -68.10
CA LYS A 81 49.01 85.52 -68.39
C LYS A 81 49.62 85.05 -69.71
N THR A 82 49.63 85.92 -70.72
CA THR A 82 50.17 85.56 -72.02
C THR A 82 51.68 85.42 -71.98
N SER A 83 52.34 86.15 -71.06
CA SER A 83 53.79 86.12 -70.96
C SER A 83 54.33 84.81 -70.43
N GLY A 84 53.49 83.97 -69.83
CA GLY A 84 53.98 82.75 -69.22
C GLY A 84 54.79 82.99 -67.97
N LEU A 85 54.59 84.13 -67.31
CA LEU A 85 55.29 84.42 -66.07
C LEU A 85 54.78 83.51 -64.96
N ARG A 86 55.69 82.84 -64.30
CA ARG A 86 55.36 82.01 -63.16
C ARG A 86 55.92 82.65 -61.90
N GLY A 87 55.66 82.01 -60.77
CA GLY A 87 56.08 82.54 -59.49
C GLY A 87 57.57 82.57 -59.31
N ARG A 88 58.14 83.77 -59.26
CA ARG A 88 59.56 83.93 -58.99
C ARG A 88 59.88 83.82 -57.51
N GLY A 89 58.86 83.70 -56.66
CA GLY A 89 59.10 83.51 -55.24
C GLY A 89 59.72 82.17 -54.92
N GLY A 90 59.36 81.14 -55.68
CA GLY A 90 59.97 79.84 -55.47
C GLY A 90 59.03 78.67 -55.71
N ALA A 91 57.73 78.91 -55.66
CA ALA A 91 56.78 77.84 -55.93
C ALA A 91 56.42 77.75 -57.40
N GLY A 92 56.56 78.84 -58.14
CA GLY A 92 56.27 78.82 -59.56
C GLY A 92 54.80 78.76 -59.90
N PHE A 93 53.95 79.33 -59.06
CA PHE A 93 52.54 79.40 -59.37
C PHE A 93 52.35 80.40 -60.52
N PRO A 94 51.39 80.15 -61.42
CA PRO A 94 51.16 81.08 -62.55
C PRO A 94 50.73 82.46 -62.07
N THR A 95 51.57 83.45 -62.37
CA THR A 95 51.47 84.77 -61.76
C THR A 95 50.23 85.53 -62.24
N GLY A 96 49.92 85.44 -63.54
CA GLY A 96 48.71 86.07 -64.03
C GLY A 96 47.46 85.38 -63.51
N LEU A 97 47.49 84.06 -63.41
CA LEU A 97 46.36 83.32 -62.84
C LEU A 97 46.25 83.57 -61.34
N LYS A 98 47.37 83.86 -60.67
CA LYS A 98 47.35 84.25 -59.28
C LYS A 98 46.71 85.62 -59.10
N TRP A 99 47.13 86.58 -59.92
CA TRP A 99 46.65 87.95 -59.76
C TRP A 99 45.23 88.13 -60.24
N SER A 100 44.74 87.23 -61.11
CA SER A 100 43.38 87.31 -61.60
C SER A 100 42.35 86.87 -60.57
N PHE A 101 42.77 86.30 -59.44
CA PHE A 101 41.84 85.99 -58.36
C PHE A 101 41.34 87.24 -57.67
N MET A 102 42.08 88.33 -57.76
CA MET A 102 41.72 89.60 -57.14
C MET A 102 40.84 90.46 -58.01
N ASN A 103 40.75 90.15 -59.31
CA ASN A 103 39.90 90.90 -60.23
C ASN A 103 38.45 90.49 -59.99
N LYS A 104 37.89 91.00 -58.90
CA LYS A 104 36.56 90.65 -58.43
C LYS A 104 36.02 91.86 -57.69
N PRO A 105 34.71 92.09 -57.70
CA PRO A 105 34.17 93.37 -57.21
C PRO A 105 34.32 93.54 -55.71
N SER A 106 34.20 94.80 -55.28
CA SER A 106 34.44 95.15 -53.89
C SER A 106 33.30 94.69 -53.00
N ASP A 107 33.58 94.68 -51.70
CA ASP A 107 32.59 94.32 -50.69
C ASP A 107 32.72 95.21 -49.46
N GLY A 108 33.27 96.41 -49.62
CA GLY A 108 33.55 97.29 -48.52
C GLY A 108 34.98 97.23 -48.00
N ARG A 109 35.69 96.17 -48.32
CA ARG A 109 37.08 96.04 -47.88
C ARG A 109 38.01 96.49 -49.00
N PRO A 110 39.10 97.18 -48.66
CA PRO A 110 40.09 97.56 -49.68
C PRO A 110 40.91 96.35 -50.09
N LYS A 111 41.76 96.54 -51.10
CA LYS A 111 42.61 95.47 -51.59
C LYS A 111 44.08 95.90 -51.50
N TYR A 112 44.96 94.92 -51.33
CA TYR A 112 46.35 95.22 -51.05
C TYR A 112 47.28 94.29 -51.82
N LEU A 113 48.14 94.89 -52.64
CA LEU A 113 49.33 94.21 -53.13
C LEU A 113 50.41 94.32 -52.07
N VAL A 114 50.97 93.18 -51.66
CA VAL A 114 51.95 93.14 -50.59
C VAL A 114 53.18 92.42 -51.11
N VAL A 115 54.30 93.13 -51.19
CA VAL A 115 55.50 92.60 -51.80
C VAL A 115 56.35 91.89 -50.76
N ASN A 116 56.50 90.59 -50.93
CA ASN A 116 57.36 89.74 -50.12
C ASN A 116 58.80 90.07 -50.46
N ALA A 117 59.48 90.77 -49.55
CA ALA A 117 60.85 91.18 -49.74
C ALA A 117 61.76 90.66 -48.63
N ASP A 118 61.38 89.54 -48.02
CA ASP A 118 62.14 89.04 -46.88
C ASP A 118 63.45 88.41 -47.32
N GLU A 119 63.37 87.34 -48.12
CA GLU A 119 64.50 86.65 -48.75
C GLU A 119 65.50 86.14 -47.69
N GLY A 120 64.99 85.28 -46.82
CA GLY A 120 65.83 84.64 -45.84
C GLY A 120 66.39 83.31 -46.29
N GLU A 121 66.18 82.96 -47.55
CA GLU A 121 66.60 81.66 -48.05
C GLU A 121 68.12 81.64 -48.24
N PRO A 122 68.82 80.66 -47.68
CA PRO A 122 70.27 80.59 -47.86
C PRO A 122 70.64 80.28 -49.30
N GLY A 123 71.66 80.96 -49.79
CA GLY A 123 72.00 80.94 -51.19
C GLY A 123 71.39 82.08 -51.98
N THR A 124 70.30 82.66 -51.50
CA THR A 124 69.50 83.60 -52.28
C THR A 124 69.82 85.02 -51.83
N CYS A 125 70.27 85.85 -52.77
CA CYS A 125 70.62 87.24 -52.50
C CYS A 125 70.19 88.16 -53.63
N LYS A 126 69.16 87.77 -54.38
CA LYS A 126 68.77 88.51 -55.57
C LYS A 126 67.83 89.69 -55.28
N ASP A 127 66.90 89.53 -54.32
CA ASP A 127 65.94 90.60 -54.07
C ASP A 127 66.59 91.74 -53.30
N ARG A 128 67.65 91.43 -52.55
CA ARG A 128 68.53 92.46 -52.02
C ARG A 128 69.11 93.31 -53.14
N GLU A 129 69.51 92.68 -54.25
CA GLU A 129 70.05 93.44 -55.38
C GLU A 129 68.96 94.25 -56.07
N ILE A 130 67.74 93.70 -56.14
CA ILE A 130 66.65 94.43 -56.78
C ILE A 130 66.26 95.66 -55.96
N ILE A 131 66.21 95.51 -54.63
CA ILE A 131 65.81 96.65 -53.80
C ILE A 131 66.94 97.67 -53.71
N ARG A 132 68.18 97.20 -53.60
CA ARG A 132 69.30 98.11 -53.40
C ARG A 132 69.68 98.83 -54.70
N HIS A 133 69.48 98.21 -55.85
CA HIS A 133 70.01 98.76 -57.09
C HIS A 133 68.95 99.14 -58.12
N ASP A 134 67.79 98.49 -58.14
CA ASP A 134 66.71 98.85 -59.06
C ASP A 134 65.40 99.10 -58.30
N PRO A 135 65.33 100.16 -57.50
CA PRO A 135 64.15 100.30 -56.63
C PRO A 135 62.94 100.83 -57.38
N HIS A 136 63.17 101.71 -58.35
CA HIS A 136 62.05 102.31 -59.09
C HIS A 136 61.37 101.29 -59.98
N LYS A 137 62.09 100.25 -60.39
CA LYS A 137 61.46 99.14 -61.08
C LYS A 137 60.49 98.42 -60.17
N LEU A 138 60.85 98.26 -58.89
CA LEU A 138 59.95 97.67 -57.91
C LEU A 138 58.77 98.59 -57.59
N VAL A 139 58.98 99.91 -57.58
CA VAL A 139 57.89 100.84 -57.27
C VAL A 139 56.89 100.89 -58.42
N GLU A 140 57.38 100.93 -59.66
CA GLU A 140 56.50 100.85 -60.81
C GLU A 140 55.83 99.48 -60.90
N GLY A 141 56.50 98.43 -60.43
CA GLY A 141 55.87 97.13 -60.34
C GLY A 141 54.73 97.09 -59.35
N CYS A 142 54.91 97.73 -58.20
CA CYS A 142 53.83 97.88 -57.23
C CYS A 142 52.66 98.64 -57.82
N LEU A 143 52.96 99.69 -58.60
CA LEU A 143 51.89 100.51 -59.18
C LEU A 143 51.10 99.74 -60.24
N VAL A 144 51.80 99.07 -61.16
CA VAL A 144 51.14 98.33 -62.23
C VAL A 144 50.42 97.10 -61.67
N GLY A 145 51.00 96.45 -60.67
CA GLY A 145 50.33 95.32 -60.04
C GLY A 145 49.09 95.73 -59.27
N GLY A 146 49.19 96.81 -58.48
CA GLY A 146 48.03 97.31 -57.75
C GLY A 146 46.95 97.88 -58.64
N ARG A 147 47.30 98.35 -59.84
CA ARG A 147 46.26 98.67 -60.81
C ARG A 147 45.65 97.38 -61.38
N ALA A 148 46.48 96.35 -61.57
CA ALA A 148 46.03 95.12 -62.21
C ALA A 148 45.04 94.36 -61.34
N MET A 149 45.15 94.48 -60.03
CA MET A 149 44.29 93.75 -59.11
C MET A 149 43.37 94.67 -58.33
N GLY A 150 43.31 95.95 -58.69
CA GLY A 150 42.48 96.89 -57.97
C GLY A 150 42.96 97.19 -56.56
N ALA A 151 44.23 96.98 -56.28
CA ALA A 151 44.73 97.16 -54.93
C ALA A 151 44.82 98.64 -54.57
N ARG A 152 44.76 98.91 -53.28
CA ARG A 152 44.72 100.28 -52.80
C ARG A 152 46.11 100.82 -52.48
N ALA A 153 46.95 100.01 -51.84
CA ALA A 153 48.27 100.45 -51.42
C ALA A 153 49.26 99.32 -51.68
N ALA A 154 50.49 99.54 -51.26
CA ALA A 154 51.57 98.56 -51.39
C ALA A 154 52.34 98.48 -50.10
N TYR A 155 52.41 97.28 -49.52
CA TYR A 155 53.23 97.03 -48.35
C TYR A 155 54.41 96.19 -48.78
N ILE A 156 55.60 96.79 -48.78
CA ILE A 156 56.82 96.07 -49.13
C ILE A 156 57.40 95.57 -47.81
N TYR A 157 57.16 94.31 -47.49
CA TYR A 157 57.69 93.74 -46.25
C TYR A 157 59.15 93.43 -46.49
N ILE A 158 59.99 94.42 -46.26
CA ILE A 158 61.41 94.21 -46.46
C ILE A 158 61.98 93.57 -45.20
N ARG A 159 63.09 92.85 -45.36
CA ARG A 159 63.73 92.19 -44.25
C ARG A 159 64.32 93.21 -43.29
N GLY A 160 64.28 92.88 -42.00
CA GLY A 160 64.85 93.77 -41.00
C GLY A 160 66.36 93.85 -41.08
N GLU A 161 67.01 92.78 -41.54
CA GLU A 161 68.45 92.84 -41.78
C GLU A 161 68.79 93.76 -42.95
N PHE A 162 67.86 94.01 -43.86
CA PHE A 162 68.10 94.89 -45.01
C PHE A 162 67.70 96.32 -44.64
N TYR A 163 68.49 96.92 -43.74
CA TYR A 163 68.17 98.25 -43.26
C TYR A 163 68.55 99.33 -44.26
N ASN A 164 69.81 99.28 -44.74
CA ASN A 164 70.26 100.26 -45.72
C ASN A 164 69.52 100.10 -47.03
N GLU A 165 69.14 98.87 -47.38
CA GLU A 165 68.29 98.64 -48.54
C GLU A 165 66.89 99.21 -48.33
N ALA A 166 66.39 99.19 -47.08
CA ALA A 166 65.10 99.79 -46.80
C ALA A 166 65.14 101.31 -46.89
N SER A 167 66.20 101.92 -46.38
CA SER A 167 66.33 103.36 -46.50
C SER A 167 66.59 103.77 -47.95
N ASN A 168 67.31 102.93 -48.69
CA ASN A 168 67.51 103.09 -50.13
C ASN A 168 66.17 103.11 -50.85
N LEU A 169 65.32 102.13 -50.56
CA LEU A 169 64.00 102.05 -51.17
C LEU A 169 63.09 103.18 -50.71
N GLN A 170 63.25 103.67 -49.47
CA GLN A 170 62.44 104.80 -49.03
C GLN A 170 62.86 106.10 -49.70
N VAL A 171 64.15 106.28 -49.99
CA VAL A 171 64.58 107.45 -50.77
C VAL A 171 64.00 107.37 -52.18
N ALA A 172 63.98 106.17 -52.77
CA ALA A 172 63.39 106.03 -54.09
C ALA A 172 61.87 106.24 -54.09
N ILE A 173 61.20 105.81 -53.03
CA ILE A 173 59.76 106.04 -52.92
C ILE A 173 59.46 107.53 -52.69
N ARG A 174 60.36 108.23 -51.99
CA ARG A 174 60.24 109.68 -51.88
C ARG A 174 60.40 110.35 -53.23
N GLU A 175 61.36 109.87 -54.03
CA GLU A 175 61.54 110.40 -55.39
C GLU A 175 60.38 110.06 -56.29
N ALA A 176 59.66 108.97 -55.99
CA ALA A 176 58.47 108.62 -56.77
C ALA A 176 57.24 109.42 -56.37
N TYR A 177 57.08 109.75 -55.09
CA TYR A 177 55.98 110.62 -54.68
C TYR A 177 56.20 112.05 -55.14
N GLU A 178 57.41 112.58 -54.93
CA GLU A 178 57.66 114.00 -55.20
C GLU A 178 57.65 114.33 -56.68
N ALA A 179 57.83 113.34 -57.55
CA ALA A 179 57.68 113.53 -58.98
C ALA A 179 56.26 113.31 -59.46
N GLY A 180 55.33 113.03 -58.56
CA GLY A 180 53.95 112.80 -58.95
C GLY A 180 53.70 111.47 -59.63
N LEU A 181 54.60 110.51 -59.47
CA LEU A 181 54.42 109.22 -60.11
C LEU A 181 53.43 108.34 -59.38
N ILE A 182 53.40 108.42 -58.05
CA ILE A 182 52.48 107.66 -57.22
C ILE A 182 51.82 108.60 -56.21
N GLY A 183 50.99 108.01 -55.35
CA GLY A 183 50.27 108.80 -54.37
C GLY A 183 48.90 109.19 -54.86
N LYS A 184 48.47 110.40 -54.55
CA LYS A 184 47.27 110.96 -55.15
C LYS A 184 47.52 111.18 -56.63
N ASN A 185 46.65 110.61 -57.48
CA ASN A 185 46.68 110.72 -58.95
C ASN A 185 48.02 110.22 -59.50
N ALA A 186 48.21 108.90 -59.36
CA ALA A 186 49.46 108.25 -59.75
C ALA A 186 49.70 108.35 -61.25
N CYS A 187 50.79 109.01 -61.63
CA CYS A 187 51.20 109.28 -63.02
C CYS A 187 50.16 110.05 -63.83
N GLY A 188 49.25 110.76 -63.17
CA GLY A 188 48.23 111.51 -63.89
C GLY A 188 47.14 110.65 -64.51
N SER A 189 46.91 109.46 -63.97
CA SER A 189 45.95 108.53 -64.55
C SER A 189 44.61 108.52 -63.84
N GLY A 190 44.41 109.37 -62.84
CA GLY A 190 43.21 109.31 -62.05
C GLY A 190 43.18 108.20 -61.02
N TYR A 191 44.29 107.48 -60.86
CA TYR A 191 44.39 106.34 -59.95
C TYR A 191 45.19 106.75 -58.73
N ASP A 192 44.68 106.42 -57.55
CA ASP A 192 45.35 106.75 -56.30
C ASP A 192 45.97 105.48 -55.71
N PHE A 193 47.24 105.57 -55.33
CA PHE A 193 47.96 104.37 -54.89
C PHE A 193 49.13 104.79 -54.01
N ASP A 194 49.16 104.30 -52.79
CA ASP A 194 50.28 104.51 -51.87
C ASP A 194 51.24 103.34 -51.93
N VAL A 195 52.46 103.57 -51.44
CA VAL A 195 53.48 102.52 -51.32
C VAL A 195 54.12 102.67 -49.95
N PHE A 196 54.03 101.62 -49.14
CA PHE A 196 54.62 101.58 -47.80
C PHE A 196 55.83 100.65 -47.80
N VAL A 197 56.68 100.81 -46.80
CA VAL A 197 57.75 99.85 -46.53
C VAL A 197 57.70 99.48 -45.07
N VAL A 198 57.44 98.20 -44.79
CA VAL A 198 57.40 97.66 -43.45
C VAL A 198 58.63 96.79 -43.27
N ARG A 199 59.52 97.18 -42.36
CA ARG A 199 60.69 96.35 -42.11
C ARG A 199 60.32 95.14 -41.28
N GLY A 200 61.06 94.06 -41.48
CA GLY A 200 60.91 92.87 -40.70
C GLY A 200 61.63 92.98 -39.37
N ALA A 201 61.76 91.84 -38.70
CA ALA A 201 62.47 91.83 -37.43
C ALA A 201 63.32 90.58 -37.28
N GLY A 202 63.81 90.02 -38.38
CA GLY A 202 64.73 88.90 -38.28
C GLY A 202 64.04 87.58 -38.05
N ALA A 203 63.22 87.16 -39.00
CA ALA A 203 62.51 85.90 -38.92
C ALA A 203 62.36 85.36 -40.33
N TYR A 204 62.93 84.18 -40.57
CA TYR A 204 62.87 83.57 -41.90
C TYR A 204 61.44 83.14 -42.24
N ILE A 205 60.68 82.69 -41.25
CA ILE A 205 59.31 82.24 -41.47
C ILE A 205 58.40 83.39 -41.89
N CYS A 206 58.74 84.62 -41.54
CA CYS A 206 58.00 85.76 -42.08
C CYS A 206 58.23 86.01 -43.57
N GLY A 207 58.93 85.15 -44.31
CA GLY A 207 58.94 85.23 -45.75
C GLY A 207 57.78 84.50 -46.38
N GLU A 208 57.21 83.52 -45.66
CA GLU A 208 56.02 82.84 -46.13
C GLU A 208 54.86 83.83 -46.12
N GLU A 209 53.97 83.72 -47.11
CA GLU A 209 53.04 84.81 -47.43
C GLU A 209 52.05 85.06 -46.30
N THR A 210 51.54 83.99 -45.66
CA THR A 210 50.58 84.18 -44.60
C THR A 210 51.26 84.61 -43.31
N ALA A 211 52.46 84.09 -43.04
CA ALA A 211 53.22 84.58 -41.89
C ALA A 211 53.71 85.99 -42.12
N LEU A 212 53.94 86.38 -43.37
CA LEU A 212 54.28 87.76 -43.66
C LEU A 212 53.09 88.68 -43.38
N ILE A 213 51.90 88.22 -43.76
CA ILE A 213 50.66 88.91 -43.40
C ILE A 213 50.52 89.02 -41.88
N GLU A 214 50.83 87.95 -41.16
CA GLU A 214 50.72 87.98 -39.69
C GLU A 214 51.79 88.84 -39.06
N SER A 215 52.92 89.03 -39.73
CA SER A 215 53.94 89.92 -39.22
C SER A 215 53.63 91.38 -39.52
N ILE A 216 52.95 91.68 -40.62
CA ILE A 216 52.52 93.05 -40.87
C ILE A 216 51.42 93.45 -39.91
N GLU A 217 50.57 92.51 -39.52
CA GLU A 217 49.49 92.81 -38.57
C GLU A 217 49.96 92.96 -37.14
N GLY A 218 51.26 93.05 -36.84
CA GLY A 218 51.68 93.26 -35.46
C GLY A 218 51.59 92.04 -34.60
N LYS A 219 51.73 90.86 -35.18
CA LYS A 219 51.65 89.60 -34.45
C LYS A 219 52.91 88.79 -34.71
N GLN A 220 52.96 87.63 -34.06
CA GLN A 220 54.00 86.65 -34.31
C GLN A 220 53.92 86.16 -35.75
N GLY A 221 55.07 85.86 -36.32
CA GLY A 221 55.12 85.31 -37.66
C GLY A 221 54.71 83.85 -37.70
N LYS A 222 53.45 83.58 -37.43
CA LYS A 222 52.91 82.24 -37.50
C LYS A 222 52.00 82.14 -38.70
N PRO A 223 52.28 81.24 -39.65
CA PRO A 223 51.49 81.17 -40.89
C PRO A 223 50.04 80.78 -40.66
N ARG A 224 49.15 81.42 -41.42
CA ARG A 224 47.76 81.05 -41.48
C ARG A 224 47.58 79.76 -42.27
N LEU A 225 46.35 79.26 -42.27
CA LEU A 225 46.02 78.03 -42.97
C LEU A 225 45.28 78.36 -44.25
N LYS A 226 45.46 77.52 -45.26
CA LYS A 226 44.93 77.76 -46.59
C LYS A 226 43.96 76.65 -46.97
N PRO A 227 42.71 76.97 -47.37
CA PRO A 227 42.04 78.27 -47.39
C PRO A 227 41.64 78.75 -45.99
N PRO A 228 41.42 80.06 -45.80
CA PRO A 228 41.39 81.23 -46.68
C PRO A 228 42.73 81.63 -47.29
N PHE A 229 42.76 81.70 -48.61
CA PHE A 229 43.89 82.24 -49.31
C PHE A 229 43.97 83.75 -49.09
N PRO A 230 45.15 84.36 -49.26
CA PRO A 230 45.26 85.82 -49.10
C PRO A 230 44.41 86.63 -50.06
N ALA A 231 43.99 86.06 -51.20
CA ALA A 231 43.10 86.77 -52.11
C ALA A 231 41.69 86.93 -51.55
N ASP A 232 41.34 86.18 -50.51
CA ASP A 232 40.07 86.32 -49.81
C ASP A 232 40.24 86.97 -48.44
N VAL A 233 41.09 86.41 -47.60
CA VAL A 233 41.41 86.97 -46.29
C VAL A 233 42.92 87.09 -46.25
N GLY A 234 43.43 88.31 -46.41
CA GLY A 234 44.87 88.51 -46.41
C GLY A 234 45.31 89.45 -45.30
N VAL A 235 45.98 90.53 -45.65
CA VAL A 235 46.46 91.47 -44.63
C VAL A 235 45.27 92.27 -44.12
N PHE A 236 45.13 92.33 -42.80
CA PHE A 236 44.02 92.91 -42.05
C PHE A 236 42.67 92.28 -42.39
N GLY A 237 42.66 91.09 -42.97
CA GLY A 237 41.41 90.53 -43.46
C GLY A 237 40.90 91.13 -44.74
N CYS A 238 41.75 91.75 -45.53
CA CYS A 238 41.40 92.31 -46.82
C CYS A 238 41.80 91.35 -47.92
N PRO A 239 41.30 91.55 -49.14
CA PRO A 239 41.88 90.84 -50.28
C PRO A 239 43.30 91.31 -50.53
N THR A 240 44.21 90.36 -50.75
CA THR A 240 45.64 90.62 -50.73
C THR A 240 46.32 89.70 -51.74
N THR A 241 47.32 90.21 -52.45
CA THR A 241 48.25 89.35 -53.18
C THR A 241 49.66 89.60 -52.67
N VAL A 242 50.25 88.59 -52.06
CA VAL A 242 51.64 88.63 -51.65
C VAL A 242 52.47 88.11 -52.80
N ALA A 243 53.38 88.95 -53.32
CA ALA A 243 54.13 88.59 -54.50
C ALA A 243 55.60 88.94 -54.32
N ASN A 244 56.47 88.18 -54.97
CA ASN A 244 57.91 88.34 -54.84
C ASN A 244 58.36 89.66 -55.46
N VAL A 245 59.53 90.13 -55.02
CA VAL A 245 60.17 91.32 -55.57
C VAL A 245 60.42 91.16 -57.06
N GLU A 246 60.89 89.97 -57.47
CA GLU A 246 61.22 89.74 -58.87
C GLU A 246 59.96 89.70 -59.74
N THR A 247 58.94 88.97 -59.31
CA THR A 247 57.73 88.87 -60.11
C THR A 247 56.87 90.14 -60.04
N VAL A 248 57.20 91.07 -59.17
CA VAL A 248 56.58 92.40 -59.21
C VAL A 248 57.36 93.34 -60.10
N ALA A 249 58.70 93.31 -60.00
CA ALA A 249 59.52 94.27 -60.72
C ALA A 249 59.54 94.02 -62.23
N VAL A 250 59.42 92.75 -62.65
CA VAL A 250 59.46 92.46 -64.08
C VAL A 250 58.15 92.74 -64.79
N SER A 251 57.07 92.98 -64.05
CA SER A 251 55.76 93.17 -64.67
C SER A 251 55.57 94.47 -65.48
N PRO A 252 56.16 95.63 -65.12
CA PRO A 252 56.10 96.74 -66.10
C PRO A 252 56.94 96.49 -67.32
N THR A 253 58.03 95.72 -67.20
CA THR A 253 58.80 95.32 -68.37
C THR A 253 58.01 94.37 -69.25
N ILE A 254 57.18 93.52 -68.64
CA ILE A 254 56.28 92.66 -69.41
C ILE A 254 55.20 93.49 -70.11
N CYS A 255 54.68 94.51 -69.42
CA CYS A 255 53.64 95.32 -70.04
C CYS A 255 54.18 96.23 -71.13
N ARG A 256 55.40 96.73 -70.98
CA ARG A 256 55.99 97.59 -72.02
C ARG A 256 56.49 96.75 -73.19
N ARG A 257 57.38 95.80 -72.92
CA ARG A 257 58.02 95.05 -73.99
C ARG A 257 57.08 94.08 -74.68
N GLY A 258 56.09 93.54 -73.97
CA GLY A 258 55.16 92.61 -74.56
C GLY A 258 55.14 91.28 -73.82
N GLY A 259 54.06 90.53 -74.06
CA GLY A 259 53.91 89.22 -73.47
C GLY A 259 54.65 88.15 -74.23
N ALA A 260 54.63 88.24 -75.57
CA ALA A 260 55.30 87.25 -76.39
C ALA A 260 56.82 87.38 -76.29
N TRP A 261 57.31 88.59 -76.03
CA TRP A 261 58.75 88.78 -75.82
C TRP A 261 59.22 88.05 -74.58
N PHE A 262 58.48 88.18 -73.48
CA PHE A 262 58.85 87.50 -72.25
C PHE A 262 58.58 86.02 -72.35
N ALA A 263 57.63 85.62 -73.20
CA ALA A 263 57.35 84.20 -73.37
C ALA A 263 58.33 83.51 -74.30
N SER A 264 59.08 84.27 -75.11
CA SER A 264 59.99 83.65 -76.06
C SER A 264 61.19 83.00 -75.40
N PHE A 265 61.59 83.46 -74.22
CA PHE A 265 62.76 82.91 -73.55
C PHE A 265 62.38 81.70 -72.73
N GLY A 266 63.32 80.76 -72.61
CA GLY A 266 63.07 79.54 -71.86
C GLY A 266 62.13 78.59 -72.58
N ARG A 267 61.83 77.49 -71.92
CA ARG A 267 60.93 76.51 -72.50
C ARG A 267 59.48 76.95 -72.33
N GLU A 268 58.55 76.13 -72.82
CA GLU A 268 57.13 76.42 -72.69
C GLU A 268 56.65 76.01 -71.31
N ARG A 269 55.82 76.87 -70.70
CA ARG A 269 55.48 76.90 -69.27
C ARG A 269 56.71 77.04 -68.37
N ASN A 270 57.82 77.53 -68.92
CA ASN A 270 59.01 77.92 -68.18
C ASN A 270 59.55 79.20 -68.79
N SER A 271 58.67 80.17 -69.00
CA SER A 271 58.98 81.31 -69.85
C SER A 271 59.68 82.42 -69.08
N GLY A 272 60.65 83.06 -69.73
CA GLY A 272 61.20 84.30 -69.24
C GLY A 272 62.68 84.31 -68.92
N THR A 273 63.12 85.32 -68.17
CA THR A 273 64.46 85.39 -67.62
C THR A 273 64.38 85.17 -66.12
N LYS A 274 65.53 85.00 -65.49
CA LYS A 274 65.56 84.66 -64.08
C LYS A 274 66.89 85.10 -63.50
N LEU A 275 66.84 85.58 -62.26
CA LEU A 275 68.05 85.91 -61.54
C LEU A 275 68.61 84.66 -60.89
N PHE A 276 69.92 84.45 -61.04
CA PHE A 276 70.60 83.28 -60.50
C PHE A 276 71.73 83.75 -59.59
N ASN A 277 71.81 83.14 -58.43
CA ASN A 277 72.78 83.49 -57.41
C ASN A 277 73.73 82.31 -57.26
N ILE A 278 74.87 82.36 -57.93
CA ILE A 278 75.81 81.26 -57.87
C ILE A 278 76.76 81.54 -56.71
N SER A 279 76.62 80.76 -55.65
CA SER A 279 77.42 80.89 -54.45
C SER A 279 77.95 79.53 -54.04
N GLY A 280 78.72 79.51 -52.98
CA GLY A 280 79.35 78.28 -52.51
C GLY A 280 80.78 78.20 -52.98
N HIS A 281 81.17 77.03 -53.48
CA HIS A 281 82.54 76.79 -53.92
C HIS A 281 82.66 76.99 -55.43
N VAL A 282 82.58 78.25 -55.83
CA VAL A 282 82.90 78.67 -57.19
C VAL A 282 84.00 79.72 -57.12
N ASN A 283 84.56 80.03 -58.29
CA ASN A 283 85.64 81.01 -58.33
C ASN A 283 85.11 82.43 -58.19
N ASN A 284 83.95 82.71 -58.77
CA ASN A 284 83.38 84.06 -58.78
C ASN A 284 81.91 83.97 -58.37
N PRO A 285 81.62 83.97 -57.07
CA PRO A 285 80.21 83.92 -56.64
C PRO A 285 79.51 85.22 -56.97
N CYS A 286 78.38 85.12 -57.66
CA CYS A 286 77.82 86.30 -58.28
C CYS A 286 76.34 86.14 -58.54
N THR A 287 75.66 87.28 -58.64
CA THR A 287 74.27 87.37 -59.07
C THR A 287 74.27 87.75 -60.55
N VAL A 288 73.46 87.04 -61.35
CA VAL A 288 73.43 87.30 -62.78
C VAL A 288 72.04 86.98 -63.32
N GLU A 289 71.52 87.87 -64.16
CA GLU A 289 70.29 87.58 -64.88
C GLU A 289 70.60 86.71 -66.07
N GLU A 290 69.82 85.64 -66.26
CA GLU A 290 70.12 84.65 -67.27
C GLU A 290 68.81 84.07 -67.77
N GLU A 291 68.83 83.54 -68.99
CA GLU A 291 67.66 82.92 -69.60
C GLU A 291 67.26 81.68 -68.81
N MET A 292 65.98 81.30 -68.93
CA MET A 292 65.34 80.45 -67.93
C MET A 292 65.85 79.02 -67.98
N SER A 293 65.93 78.42 -69.16
CA SER A 293 66.27 77.00 -69.26
C SER A 293 67.76 76.79 -69.53
N VAL A 294 68.62 77.62 -68.95
CA VAL A 294 70.07 77.51 -69.14
C VAL A 294 70.58 76.23 -68.50
N PRO A 295 71.57 75.54 -69.09
CA PRO A 295 72.19 74.43 -68.38
C PRO A 295 72.96 74.92 -67.17
N LEU A 296 73.09 74.03 -66.19
CA LEU A 296 73.75 74.40 -64.94
C LEU A 296 75.26 74.49 -65.13
N LYS A 297 75.83 73.57 -65.92
CA LYS A 297 77.27 73.58 -66.18
C LYS A 297 77.69 74.82 -66.95
N GLU A 298 76.89 75.21 -67.94
CA GLU A 298 77.16 76.43 -68.71
C GLU A 298 77.10 77.67 -67.83
N LEU A 299 76.11 77.71 -66.91
CA LEU A 299 75.94 78.84 -66.01
C LEU A 299 77.12 78.98 -65.05
N ILE A 300 77.53 77.87 -64.43
CA ILE A 300 78.60 77.90 -63.44
C ILE A 300 79.95 78.15 -64.11
N GLU A 301 80.18 77.56 -65.28
CA GLU A 301 81.44 77.77 -65.96
C GLU A 301 81.54 79.13 -66.63
N LYS A 302 80.42 79.73 -67.04
CA LYS A 302 80.51 81.04 -67.68
C LYS A 302 80.51 82.17 -66.66
N HIS A 303 79.43 82.28 -65.87
CA HIS A 303 79.29 83.49 -65.05
C HIS A 303 80.10 83.40 -63.77
N ALA A 304 80.35 82.20 -63.26
CA ALA A 304 81.13 82.01 -62.05
C ALA A 304 82.53 81.48 -62.32
N GLY A 305 82.89 81.25 -63.57
CA GLY A 305 84.20 80.75 -63.90
C GLY A 305 84.43 79.29 -63.56
N GLY A 306 83.40 78.55 -63.17
CA GLY A 306 83.54 77.16 -62.84
C GLY A 306 83.82 76.92 -61.37
N VAL A 307 83.79 75.64 -61.01
CA VAL A 307 83.99 75.20 -59.63
C VAL A 307 85.46 75.32 -59.29
N THR A 308 85.77 75.63 -58.02
CA THR A 308 87.14 75.71 -57.52
C THR A 308 87.85 74.38 -57.65
N GLY A 309 88.81 74.30 -58.55
CA GLY A 309 89.45 73.05 -58.91
C GLY A 309 88.93 72.42 -60.18
N GLY A 310 88.13 73.14 -60.97
CA GLY A 310 87.59 72.62 -62.20
C GLY A 310 86.25 71.93 -61.99
N TRP A 311 85.66 71.50 -63.10
CA TRP A 311 84.36 70.83 -63.05
C TRP A 311 84.49 69.42 -62.50
N ASP A 312 85.66 68.81 -62.63
CA ASP A 312 85.88 67.48 -62.06
C ASP A 312 85.97 67.53 -60.55
N ASN A 313 86.18 68.71 -59.97
CA ASN A 313 86.22 68.88 -58.52
C ASN A 313 84.83 69.05 -57.93
N LEU A 314 83.78 69.08 -58.76
CA LEU A 314 82.42 69.22 -58.25
C LEU A 314 81.98 67.95 -57.54
N LEU A 315 81.35 68.11 -56.38
CA LEU A 315 80.73 67.01 -55.66
C LEU A 315 79.21 67.06 -55.69
N ALA A 316 78.62 68.20 -55.34
CA ALA A 316 77.17 68.31 -55.33
C ALA A 316 76.77 69.78 -55.52
N VAL A 317 75.52 69.97 -55.93
CA VAL A 317 74.95 71.30 -56.11
C VAL A 317 73.58 71.31 -55.47
N ILE A 318 73.37 72.21 -54.52
CA ILE A 318 72.01 72.51 -54.10
C ILE A 318 71.49 73.51 -55.12
N PRO A 319 70.52 73.15 -55.96
CA PRO A 319 70.28 73.93 -57.18
C PRO A 319 69.61 75.27 -56.94
N GLY A 320 68.67 75.33 -56.00
CA GLY A 320 67.89 76.54 -55.85
C GLY A 320 67.71 77.05 -54.44
N GLY A 321 68.77 77.04 -53.63
CA GLY A 321 68.63 77.41 -52.25
C GLY A 321 68.26 76.22 -51.40
N SER A 322 68.23 76.46 -50.09
CA SER A 322 68.26 75.42 -49.07
C SER A 322 67.02 74.52 -49.11
N SER A 323 65.88 75.05 -49.56
CA SER A 323 64.65 74.26 -49.56
C SER A 323 64.68 73.12 -50.57
N THR A 324 65.41 73.26 -51.62
CA THR A 324 65.45 72.21 -52.62
C THR A 324 66.45 71.13 -52.24
N PRO A 325 66.15 69.87 -52.57
CA PRO A 325 67.14 68.81 -52.38
C PRO A 325 68.31 68.97 -53.34
N LEU A 326 69.49 68.55 -52.89
CA LEU A 326 70.68 68.66 -53.71
C LEU A 326 70.67 67.64 -54.83
N ILE A 327 71.51 67.88 -55.83
CA ILE A 327 71.75 66.94 -56.91
C ILE A 327 73.25 66.67 -57.00
N PRO A 328 73.67 65.44 -57.29
CA PRO A 328 75.10 65.15 -57.33
C PRO A 328 75.76 65.60 -58.63
N LYS A 329 77.02 65.26 -58.82
CA LYS A 329 77.75 65.66 -60.02
C LYS A 329 77.24 64.94 -61.26
N SER A 330 76.65 63.76 -61.09
CA SER A 330 76.14 62.99 -62.22
C SER A 330 74.88 63.59 -62.84
N VAL A 331 74.20 64.47 -62.11
CA VAL A 331 72.99 65.08 -62.64
C VAL A 331 73.26 66.49 -63.17
N CYS A 332 74.27 67.18 -62.63
CA CYS A 332 74.57 68.56 -63.01
C CYS A 332 75.17 68.70 -64.41
N GLU A 333 75.45 67.60 -65.09
CA GLU A 333 76.05 67.69 -66.42
C GLU A 333 75.03 68.12 -67.47
N THR A 334 73.81 67.61 -67.39
CA THR A 334 72.81 67.83 -68.42
C THR A 334 71.54 68.52 -67.93
N VAL A 335 71.49 68.96 -66.69
CA VAL A 335 70.26 69.48 -66.12
C VAL A 335 70.05 70.93 -66.56
N LEU A 336 68.79 71.34 -66.64
CA LEU A 336 68.42 72.70 -67.02
C LEU A 336 67.84 73.42 -65.81
N MET A 337 68.14 74.71 -65.69
CA MET A 337 67.78 75.48 -64.50
C MET A 337 66.45 76.21 -64.62
N ASP A 338 65.40 75.49 -65.01
CA ASP A 338 64.03 75.99 -64.90
C ASP A 338 63.27 75.11 -63.90
N PHE A 339 61.95 75.32 -63.82
CA PHE A 339 61.14 74.58 -62.86
C PHE A 339 61.05 73.10 -63.23
N ASP A 340 60.60 72.81 -64.46
CA ASP A 340 60.16 71.47 -64.80
C ASP A 340 61.33 70.50 -64.98
N ALA A 341 62.45 70.95 -65.54
CA ALA A 341 63.58 70.04 -65.72
C ALA A 341 64.28 69.73 -64.42
N LEU A 342 64.15 70.58 -63.41
CA LEU A 342 64.62 70.24 -62.07
C LEU A 342 63.62 69.37 -61.33
N ILE A 343 62.32 69.53 -61.60
CA ILE A 343 61.32 68.63 -61.03
C ILE A 343 61.50 67.22 -61.60
N GLN A 344 61.91 67.11 -62.87
CA GLN A 344 62.30 65.82 -63.43
C GLN A 344 63.55 65.25 -62.77
N ALA A 345 64.40 66.09 -62.18
CA ALA A 345 65.57 65.63 -61.45
C ALA A 345 65.28 65.36 -59.99
N GLN A 346 64.00 65.19 -59.64
CA GLN A 346 63.44 65.07 -58.28
C GLN A 346 64.09 66.04 -57.29
N THR A 347 64.16 67.30 -57.70
CA THR A 347 64.42 68.45 -56.86
C THR A 347 63.49 69.56 -57.33
N GLY A 348 63.75 70.80 -56.92
CA GLY A 348 62.95 71.91 -57.36
C GLY A 348 63.83 73.07 -57.83
N LEU A 349 63.20 74.01 -58.53
CA LEU A 349 63.89 75.26 -58.83
C LEU A 349 63.93 76.14 -57.60
N GLY A 350 62.78 76.53 -57.08
CA GLY A 350 62.77 77.40 -55.91
C GLY A 350 63.24 78.79 -56.26
N THR A 351 64.25 79.27 -55.54
CA THR A 351 64.68 80.65 -55.65
C THR A 351 65.77 80.86 -56.69
N ALA A 352 66.15 79.80 -57.41
CA ALA A 352 67.25 79.80 -58.38
C ALA A 352 68.55 80.28 -57.74
N ALA A 353 68.97 79.59 -56.71
CA ALA A 353 70.17 79.91 -55.93
C ALA A 353 71.10 78.71 -55.97
N VAL A 354 72.12 78.76 -56.82
CA VAL A 354 72.98 77.61 -57.07
C VAL A 354 74.09 77.61 -56.03
N ILE A 355 73.99 76.70 -55.06
CA ILE A 355 75.01 76.50 -54.05
C ILE A 355 75.89 75.35 -54.52
N VAL A 356 77.17 75.62 -54.73
CA VAL A 356 78.10 74.64 -55.29
C VAL A 356 79.00 74.12 -54.17
N MET A 357 79.14 72.79 -54.09
CA MET A 357 79.85 72.13 -52.99
C MET A 357 80.86 71.18 -53.63
N ASP A 358 82.15 71.48 -53.49
CA ASP A 358 83.17 70.70 -54.19
C ASP A 358 83.58 69.48 -53.37
N ARG A 359 84.67 68.82 -53.78
CA ARG A 359 85.11 67.57 -53.14
C ARG A 359 85.68 67.78 -51.75
N SER A 360 86.13 69.00 -51.43
CA SER A 360 86.70 69.30 -50.13
C SER A 360 85.64 69.46 -49.04
N THR A 361 84.37 69.27 -49.36
CA THR A 361 83.28 69.57 -48.46
C THR A 361 82.81 68.32 -47.73
N ASP A 362 82.79 68.38 -46.40
CA ASP A 362 81.95 67.46 -45.63
C ASP A 362 80.50 67.84 -45.91
N ILE A 363 79.81 67.02 -46.70
CA ILE A 363 78.45 67.35 -47.08
C ILE A 363 77.49 67.12 -45.92
N VAL A 364 77.83 66.20 -45.00
CA VAL A 364 76.93 65.90 -43.90
C VAL A 364 76.94 67.02 -42.88
N LYS A 365 78.10 67.65 -42.66
CA LYS A 365 78.18 68.84 -41.82
C LYS A 365 77.38 69.99 -42.40
N ALA A 366 77.39 70.12 -43.73
CA ALA A 366 76.65 71.21 -44.37
C ALA A 366 75.14 70.98 -44.29
N ILE A 367 74.69 69.76 -44.54
CA ILE A 367 73.24 69.52 -44.47
C ILE A 367 72.75 69.54 -43.02
N ALA A 368 73.59 69.12 -42.06
CA ALA A 368 73.19 69.22 -40.67
C ALA A 368 73.17 70.67 -40.20
N ARG A 369 74.07 71.51 -40.73
CA ARG A 369 73.98 72.94 -40.49
C ARG A 369 72.73 73.52 -41.14
N LEU A 370 72.30 72.95 -42.26
CA LEU A 370 71.10 73.44 -42.93
C LEU A 370 69.85 73.09 -42.14
N ILE A 371 69.83 71.89 -41.52
CA ILE A 371 68.73 71.54 -40.64
C ILE A 371 68.80 72.34 -39.34
N GLU A 372 70.00 72.73 -38.92
CA GLU A 372 70.13 73.65 -37.80
C GLU A 372 69.54 75.01 -38.12
N PHE A 373 69.70 75.46 -39.36
CA PHE A 373 69.01 76.66 -39.83
C PHE A 373 67.49 76.48 -39.79
N TYR A 374 67.00 75.32 -40.24
CA TYR A 374 65.55 75.14 -40.23
C TYR A 374 64.96 74.89 -38.85
N LYS A 375 65.77 74.56 -37.83
CA LYS A 375 65.18 74.57 -36.50
C LYS A 375 65.39 75.89 -35.77
N HIS A 376 66.43 76.65 -36.09
CA HIS A 376 66.51 77.98 -35.50
C HIS A 376 65.57 78.96 -36.16
N GLU A 377 65.12 78.67 -37.37
CA GLU A 377 64.16 79.52 -38.08
C GLU A 377 62.93 78.70 -38.40
N SER A 378 62.04 78.61 -37.42
CA SER A 378 60.79 77.84 -37.50
C SER A 378 59.92 78.32 -36.36
N CYS A 379 58.68 78.69 -36.65
CA CYS A 379 57.99 79.51 -35.68
C CYS A 379 57.35 78.71 -34.55
N GLY A 380 57.38 77.39 -34.61
CA GLY A 380 56.90 76.59 -33.50
C GLY A 380 55.40 76.46 -33.42
N GLN A 381 54.67 76.72 -34.50
CA GLN A 381 53.22 76.74 -34.41
C GLN A 381 52.64 75.34 -34.33
N CYS A 382 52.83 74.53 -35.37
CA CYS A 382 52.22 73.21 -35.40
C CYS A 382 53.24 72.13 -35.06
N THR A 383 52.71 70.93 -34.84
CA THR A 383 53.48 69.83 -34.26
C THR A 383 54.65 69.32 -35.10
N PRO A 384 54.49 68.89 -36.37
CA PRO A 384 55.57 68.09 -36.98
C PRO A 384 56.85 68.85 -37.23
N CYS A 385 56.76 70.11 -37.64
CA CYS A 385 57.95 70.93 -37.76
C CYS A 385 58.59 71.22 -36.41
N ARG A 386 57.77 71.66 -35.43
CA ARG A 386 58.27 72.07 -34.11
C ARG A 386 59.01 70.94 -33.40
N GLU A 387 58.51 69.72 -33.56
CA GLU A 387 59.18 68.60 -32.90
C GLU A 387 60.21 67.93 -33.81
N GLY A 388 59.79 67.57 -35.03
CA GLY A 388 60.61 66.79 -35.91
C GLY A 388 61.77 67.52 -36.54
N VAL A 389 61.75 68.86 -36.61
CA VAL A 389 62.91 69.51 -37.20
C VAL A 389 64.05 69.58 -36.18
N ASP A 390 63.72 69.78 -34.90
CA ASP A 390 64.71 69.62 -33.84
C ASP A 390 65.19 68.17 -33.76
N TRP A 391 64.28 67.23 -33.98
CA TRP A 391 64.68 65.82 -33.90
C TRP A 391 65.51 65.39 -35.12
N MET A 392 65.23 65.94 -36.31
CA MET A 392 66.11 65.73 -37.45
C MET A 392 67.45 66.43 -37.27
N ASN A 393 67.50 67.58 -36.59
CA ASN A 393 68.79 68.19 -36.33
C ASN A 393 69.62 67.36 -35.35
N LYS A 394 68.96 66.73 -34.37
CA LYS A 394 69.71 65.86 -33.46
C LYS A 394 70.22 64.61 -34.18
N VAL A 395 69.40 64.01 -35.04
CA VAL A 395 69.83 62.82 -35.79
C VAL A 395 70.91 63.18 -36.80
N MET A 396 70.82 64.38 -37.41
CA MET A 396 71.87 64.81 -38.34
C MET A 396 73.15 65.20 -37.62
N ALA A 397 73.06 65.76 -36.41
CA ALA A 397 74.26 66.04 -35.63
C ALA A 397 74.95 64.75 -35.22
N ARG A 398 74.19 63.67 -35.01
CA ARG A 398 74.84 62.38 -34.81
C ARG A 398 75.36 61.79 -36.12
N PHE A 399 74.71 62.08 -37.25
CA PHE A 399 75.21 61.57 -38.53
C PHE A 399 76.49 62.25 -38.98
N VAL A 400 76.72 63.49 -38.53
CA VAL A 400 78.00 64.15 -38.79
C VAL A 400 79.14 63.40 -38.12
N ARG A 401 78.98 63.09 -36.84
CA ARG A 401 79.97 62.27 -36.16
C ARG A 401 79.90 60.81 -36.62
N GLY A 402 78.73 60.34 -37.02
CA GLY A 402 78.54 58.94 -37.30
C GLY A 402 78.10 58.13 -36.12
N ASP A 403 77.53 58.78 -35.10
CA ASP A 403 77.18 58.12 -33.85
C ASP A 403 75.78 57.53 -33.94
N ALA A 404 75.65 56.59 -34.86
CA ALA A 404 74.38 55.93 -35.10
C ALA A 404 74.67 54.56 -35.71
N ARG A 405 73.60 53.83 -36.02
CA ARG A 405 73.64 52.60 -36.77
C ARG A 405 72.84 52.84 -38.04
N PRO A 406 73.15 52.14 -39.15
CA PRO A 406 72.58 52.51 -40.46
C PRO A 406 71.07 52.41 -40.57
N ALA A 407 70.40 51.67 -39.67
CA ALA A 407 68.95 51.63 -39.67
C ALA A 407 68.31 52.94 -39.22
N GLU A 408 69.11 53.90 -38.74
CA GLU A 408 68.61 55.23 -38.46
C GLU A 408 68.66 56.15 -39.67
N ILE A 409 69.19 55.69 -40.81
CA ILE A 409 69.04 56.49 -42.02
C ILE A 409 67.60 56.41 -42.51
N ASP A 410 67.12 55.18 -42.74
CA ASP A 410 65.78 54.96 -43.27
C ASP A 410 64.72 55.46 -42.29
N SER A 411 64.96 55.25 -41.00
CA SER A 411 64.16 55.84 -39.92
C SER A 411 64.01 57.35 -40.11
N LEU A 412 65.14 58.03 -40.34
CA LEU A 412 65.12 59.47 -40.56
C LEU A 412 64.33 59.82 -41.81
N TRP A 413 64.41 58.96 -42.82
CA TRP A 413 63.63 59.12 -44.05
C TRP A 413 62.15 59.12 -43.73
N GLU A 414 61.71 58.20 -42.87
CA GLU A 414 60.30 58.15 -42.49
C GLU A 414 59.90 59.40 -41.73
N ILE A 415 60.83 59.94 -40.93
CA ILE A 415 60.55 61.17 -40.19
C ILE A 415 60.32 62.32 -41.17
N SER A 416 61.09 62.34 -42.27
CA SER A 416 60.87 63.35 -43.30
C SER A 416 59.51 63.15 -43.96
N LYS A 417 59.12 61.90 -44.18
CA LYS A 417 57.80 61.66 -44.76
C LYS A 417 56.68 61.88 -43.76
N GLN A 418 57.00 61.98 -42.47
CA GLN A 418 56.00 62.36 -41.49
C GLN A 418 55.94 63.86 -41.29
N ILE A 419 56.77 64.61 -42.01
CA ILE A 419 56.74 66.07 -41.97
C ILE A 419 56.31 66.65 -43.31
N GLU A 420 56.80 66.08 -44.41
CA GLU A 420 56.52 66.56 -45.75
C GLU A 420 55.04 66.35 -46.10
N GLY A 421 54.28 67.44 -46.08
CA GLY A 421 52.88 67.40 -46.43
C GLY A 421 51.92 67.37 -45.27
N HIS A 422 52.42 67.33 -44.04
CA HIS A 422 51.57 67.29 -42.86
C HIS A 422 51.69 68.54 -42.01
N THR A 423 52.29 69.60 -42.54
CA THR A 423 52.48 70.84 -41.81
C THR A 423 51.58 71.93 -42.39
N ILE A 424 51.74 73.15 -41.89
CA ILE A 424 50.92 74.26 -42.36
C ILE A 424 51.54 74.89 -43.59
N CYS A 425 52.76 75.39 -43.46
CA CYS A 425 53.45 75.98 -44.61
C CYS A 425 54.51 74.99 -45.09
N ALA A 426 55.29 75.44 -46.06
CA ALA A 426 56.30 74.59 -46.68
C ALA A 426 57.70 74.83 -46.12
N LEU A 427 57.81 75.16 -44.83
CA LEU A 427 59.10 75.07 -44.17
C LEU A 427 59.32 73.69 -43.59
N GLY A 428 58.23 73.01 -43.20
CA GLY A 428 58.34 71.59 -42.91
C GLY A 428 58.70 70.80 -44.15
N ASP A 429 58.12 71.19 -45.30
CA ASP A 429 58.51 70.59 -46.56
C ASP A 429 59.92 71.00 -46.95
N GLY A 430 60.27 72.26 -46.74
CA GLY A 430 61.60 72.75 -47.03
C GLY A 430 62.68 72.26 -46.08
N ALA A 431 62.29 71.62 -44.98
CA ALA A 431 63.24 70.95 -44.10
C ALA A 431 63.26 69.45 -44.30
N ALA A 432 62.15 68.87 -44.75
CA ALA A 432 62.14 67.45 -45.08
C ALA A 432 62.87 67.18 -46.39
N TRP A 433 62.80 68.11 -47.34
CA TRP A 433 63.44 67.90 -48.64
C TRP A 433 64.97 67.76 -48.63
N PRO A 434 65.78 68.54 -47.89
CA PRO A 434 67.23 68.32 -47.95
C PRO A 434 67.67 67.02 -47.31
N VAL A 435 66.98 66.57 -46.25
CA VAL A 435 67.28 65.26 -45.65
C VAL A 435 67.03 64.15 -46.65
N GLN A 436 65.93 64.26 -47.39
CA GLN A 436 65.61 63.28 -48.43
C GLN A 436 66.63 63.31 -49.55
N GLY A 437 67.07 64.50 -49.96
CA GLY A 437 68.07 64.59 -51.00
C GLY A 437 69.42 64.03 -50.58
N LEU A 438 69.83 64.33 -49.34
CA LEU A 438 71.11 63.82 -48.83
C LEU A 438 71.10 62.31 -48.70
N ILE A 439 70.01 61.74 -48.16
CA ILE A 439 69.92 60.28 -48.06
C ILE A 439 69.92 59.64 -49.43
N ARG A 440 69.07 60.15 -50.34
CA ARG A 440 68.88 59.57 -51.67
C ARG A 440 70.15 59.64 -52.51
N HIS A 441 71.00 60.66 -52.31
CA HIS A 441 72.17 60.76 -53.16
C HIS A 441 73.50 60.41 -52.49
N PHE A 442 73.57 60.37 -51.16
CA PHE A 442 74.81 60.00 -50.50
C PHE A 442 74.53 59.12 -49.28
N ARG A 443 73.63 58.14 -49.42
CA ARG A 443 73.53 57.07 -48.43
C ARG A 443 74.83 56.32 -48.13
N PRO A 444 75.65 55.88 -49.12
CA PRO A 444 76.87 55.15 -48.74
C PRO A 444 77.91 55.98 -48.02
N GLU A 445 77.92 57.30 -48.21
CA GLU A 445 78.89 58.13 -47.50
C GLU A 445 78.52 58.25 -46.02
N LEU A 446 77.22 58.37 -45.73
CA LEU A 446 76.75 58.29 -44.35
C LEU A 446 77.04 56.93 -43.72
N GLU A 447 76.88 55.85 -44.51
CA GLU A 447 77.12 54.52 -43.97
C GLU A 447 78.59 54.29 -43.65
N GLU A 448 79.50 54.76 -44.51
CA GLU A 448 80.91 54.58 -44.21
C GLU A 448 81.38 55.52 -43.09
N ARG A 449 80.74 56.70 -42.98
CA ARG A 449 80.93 57.57 -41.82
C ARG A 449 80.60 56.85 -40.51
N MET A 450 79.41 56.25 -40.44
CA MET A 450 78.98 55.59 -39.21
C MET A 450 79.80 54.33 -38.93
N GLN A 451 80.22 53.59 -39.97
CA GLN A 451 81.00 52.39 -39.67
C GLN A 451 82.41 52.73 -39.23
N ARG A 452 82.98 53.84 -39.72
CA ARG A 452 84.31 54.15 -39.22
C ARG A 452 84.25 54.77 -37.83
N PHE A 453 83.15 55.48 -37.49
CA PHE A 453 82.89 55.85 -36.10
C PHE A 453 82.80 54.62 -35.21
N ALA A 454 82.02 53.63 -35.65
CA ALA A 454 81.75 52.44 -34.84
C ALA A 454 83.01 51.60 -34.63
N GLN A 455 83.92 51.59 -35.60
CA GLN A 455 85.16 50.85 -35.37
C GLN A 455 86.18 51.67 -34.57
N GLN A 456 86.19 53.00 -34.70
CA GLN A 456 87.21 53.78 -34.01
C GLN A 456 86.82 54.12 -32.58
N HIS A 457 85.57 53.89 -32.19
CA HIS A 457 85.15 54.09 -30.80
C HIS A 457 84.85 52.79 -30.08
N GLN A 458 85.10 51.65 -30.71
CA GLN A 458 84.91 50.35 -30.07
C GLN A 458 86.12 49.46 -30.31
N ALA B 34 68.95 84.43 -23.70
CA ALA B 34 68.72 83.10 -24.22
C ALA B 34 67.39 82.54 -23.70
N LEU B 35 67.00 82.99 -22.52
CA LEU B 35 65.78 82.50 -21.88
C LEU B 35 64.59 83.33 -22.32
N PHE B 36 63.41 82.70 -22.30
CA PHE B 36 62.20 83.34 -22.77
C PHE B 36 61.19 83.57 -21.64
N VAL B 37 61.69 83.70 -20.42
CA VAL B 37 60.90 84.22 -19.31
C VAL B 37 61.62 85.44 -18.78
N HIS B 38 60.91 86.24 -18.00
CA HIS B 38 61.52 87.41 -17.40
C HIS B 38 61.55 87.29 -15.88
N ARG B 39 62.68 87.67 -15.30
CA ARG B 39 62.84 87.80 -13.86
C ARG B 39 63.22 89.24 -13.55
N ASP B 40 62.50 89.85 -12.60
CA ASP B 40 62.63 91.27 -12.33
C ASP B 40 63.93 91.53 -11.58
N THR B 41 65.00 91.76 -12.33
CA THR B 41 66.26 92.26 -11.79
C THR B 41 66.12 93.74 -11.45
N PRO B 42 67.03 94.32 -10.65
CA PRO B 42 66.97 95.76 -10.42
C PRO B 42 67.19 96.61 -11.65
N LYS B 43 67.97 96.14 -12.62
CA LYS B 43 68.23 96.89 -13.84
C LYS B 43 67.25 96.54 -14.96
N ASN B 44 66.28 95.67 -14.70
CA ASN B 44 65.26 95.34 -15.70
C ASN B 44 63.99 94.96 -14.94
N ASN B 45 63.04 95.88 -14.92
CA ASN B 45 61.76 95.72 -14.23
C ASN B 45 60.79 96.71 -14.85
N PRO B 46 59.48 96.62 -14.54
CA PRO B 46 58.58 97.70 -14.98
C PRO B 46 58.83 99.06 -14.32
N GLU B 47 59.72 99.17 -13.35
CA GLU B 47 60.16 100.45 -12.83
C GLU B 47 61.48 100.91 -13.44
N THR B 48 61.97 100.25 -14.47
CA THR B 48 63.13 100.73 -15.19
C THR B 48 62.72 101.93 -16.03
N PRO B 49 63.47 103.03 -16.00
CA PRO B 49 63.06 104.23 -16.75
C PRO B 49 63.18 104.04 -18.26
N PHE B 50 62.09 104.32 -18.97
CA PHE B 50 62.06 104.37 -20.41
C PHE B 50 60.88 105.24 -20.85
N ASP B 51 61.16 106.18 -21.74
CA ASP B 51 60.14 106.97 -22.40
C ASP B 51 60.73 107.49 -23.69
N PHE B 52 59.87 107.63 -24.71
CA PHE B 52 60.34 108.11 -26.01
C PHE B 52 60.64 109.60 -25.96
N THR B 53 61.58 110.02 -26.78
CA THR B 53 61.83 111.43 -26.98
C THR B 53 60.70 112.01 -27.83
N PRO B 54 60.47 113.33 -27.79
CA PRO B 54 59.34 113.88 -28.56
C PRO B 54 59.47 113.73 -30.05
N GLU B 55 60.69 113.77 -30.59
CA GLU B 55 60.88 113.41 -31.99
C GLU B 55 60.57 111.95 -32.25
N ASN B 56 60.82 111.08 -31.26
CA ASN B 56 60.38 109.71 -31.40
C ASN B 56 58.86 109.59 -31.30
N TYR B 57 58.19 110.51 -30.59
CA TYR B 57 56.73 110.51 -30.63
C TYR B 57 56.21 110.92 -32.00
N LYS B 58 56.90 111.87 -32.65
CA LYS B 58 56.53 112.21 -34.03
C LYS B 58 56.78 111.03 -34.96
N ARG B 59 57.85 110.27 -34.71
CA ARG B 59 58.12 109.09 -35.52
C ARG B 59 57.07 108.01 -35.30
N ILE B 60 56.60 107.84 -34.07
CA ILE B 60 55.55 106.86 -33.79
C ILE B 60 54.23 107.30 -34.40
N GLU B 61 53.97 108.62 -34.46
CA GLU B 61 52.82 109.11 -35.21
C GLU B 61 52.93 108.75 -36.69
N ALA B 62 54.12 108.93 -37.26
CA ALA B 62 54.36 108.57 -38.66
C ALA B 62 54.20 107.07 -38.90
N ILE B 63 54.54 106.25 -37.92
CA ILE B 63 54.39 104.80 -38.06
C ILE B 63 52.92 104.40 -37.99
N VAL B 64 52.20 104.91 -36.97
CA VAL B 64 50.81 104.54 -36.76
C VAL B 64 49.92 105.04 -37.89
N LYS B 65 50.25 106.19 -38.48
CA LYS B 65 49.45 106.70 -39.60
C LYS B 65 49.60 105.91 -40.89
N ASN B 66 50.51 104.93 -40.97
CA ASN B 66 50.57 104.08 -42.14
C ASN B 66 49.44 103.06 -42.20
N TYR B 67 49.03 102.52 -41.06
CA TYR B 67 48.12 101.40 -40.94
C TYR B 67 46.68 101.88 -40.86
N PRO B 68 45.72 101.10 -41.36
CA PRO B 68 44.32 101.55 -41.39
C PRO B 68 43.71 101.70 -40.01
N GLU B 69 42.62 102.46 -39.96
CA GLU B 69 41.96 102.76 -38.70
C GLU B 69 41.22 101.53 -38.18
N GLY B 70 41.51 101.14 -36.95
CA GLY B 70 41.00 99.91 -36.41
C GLY B 70 42.00 98.77 -36.36
N HIS B 71 43.20 98.99 -36.90
CA HIS B 71 44.28 98.02 -36.86
C HIS B 71 45.56 98.70 -36.42
N LYS B 72 45.43 99.50 -35.37
CA LYS B 72 46.54 100.25 -34.79
C LYS B 72 47.61 99.32 -34.22
N ALA B 73 47.20 98.13 -33.77
CA ALA B 73 48.09 97.11 -33.23
C ALA B 73 49.17 96.68 -34.21
N ALA B 74 48.91 96.82 -35.51
CA ALA B 74 49.90 96.51 -36.54
C ALA B 74 51.13 97.40 -36.48
N ALA B 75 51.13 98.48 -35.69
CA ALA B 75 52.32 99.25 -35.44
C ALA B 75 53.12 98.77 -34.24
N VAL B 76 53.02 97.49 -33.86
CA VAL B 76 53.90 96.96 -32.83
C VAL B 76 55.35 96.90 -33.32
N LEU B 77 55.58 96.19 -34.43
CA LEU B 77 56.95 95.87 -34.83
C LEU B 77 57.84 97.04 -35.24
N PRO B 78 57.37 98.12 -35.92
CA PRO B 78 58.29 99.25 -36.11
C PRO B 78 58.57 100.01 -34.83
N VAL B 79 57.51 100.32 -34.07
CA VAL B 79 57.61 101.17 -32.88
C VAL B 79 58.48 100.50 -31.82
N LEU B 80 58.30 99.20 -31.63
CA LEU B 80 59.14 98.45 -30.70
C LEU B 80 60.58 98.41 -31.17
N ASP B 81 60.80 98.31 -32.49
CA ASP B 81 62.15 98.43 -33.01
C ASP B 81 62.68 99.84 -32.81
N LEU B 82 61.80 100.84 -32.89
CA LEU B 82 62.16 102.19 -32.50
C LEU B 82 62.55 102.25 -31.03
N ALA B 83 61.83 101.51 -30.18
CA ALA B 83 62.18 101.43 -28.78
C ALA B 83 63.44 100.62 -28.54
N GLN B 84 63.92 99.91 -29.56
CA GLN B 84 65.26 99.35 -29.49
C GLN B 84 66.30 100.30 -30.02
N ARG B 85 65.95 101.15 -30.99
CA ARG B 85 66.95 102.07 -31.52
C ARG B 85 67.16 103.27 -30.62
N GLN B 86 66.26 103.53 -29.68
CA GLN B 86 66.49 104.58 -28.72
C GLN B 86 67.42 104.11 -27.59
N ASN B 87 67.21 102.89 -27.11
CA ASN B 87 67.89 102.43 -25.90
C ASN B 87 69.04 101.47 -26.21
N GLY B 88 69.06 100.87 -27.40
CA GLY B 88 70.01 99.82 -27.70
C GLY B 88 69.49 98.42 -27.40
N TRP B 89 68.48 98.32 -26.54
CA TRP B 89 67.97 97.04 -26.07
C TRP B 89 66.59 97.28 -25.50
N LEU B 90 65.88 96.19 -25.19
CA LEU B 90 64.52 96.31 -24.67
C LEU B 90 64.44 95.81 -23.25
N PRO B 91 64.47 96.69 -22.25
CA PRO B 91 64.04 96.28 -20.91
C PRO B 91 62.54 96.11 -20.91
N ILE B 92 61.99 95.55 -19.83
CA ILE B 92 60.53 95.55 -19.78
C ILE B 92 60.10 96.87 -19.14
N SER B 93 60.22 97.93 -19.93
CA SER B 93 59.37 99.09 -19.87
C SER B 93 59.03 99.58 -21.27
N ALA B 94 59.88 99.27 -22.25
CA ALA B 94 59.58 99.57 -23.64
C ALA B 94 58.47 98.68 -24.16
N MET B 95 58.43 97.43 -23.70
CA MET B 95 57.32 96.55 -24.03
C MET B 95 56.02 97.08 -23.43
N ASN B 96 56.09 97.50 -22.17
CA ASN B 96 54.95 98.13 -21.51
C ASN B 96 54.61 99.48 -22.12
N LYS B 97 55.61 100.24 -22.59
CA LYS B 97 55.31 101.54 -23.17
C LYS B 97 54.66 101.39 -24.55
N VAL B 98 55.15 100.45 -25.35
CA VAL B 98 54.54 100.16 -26.65
C VAL B 98 53.13 99.63 -26.47
N ALA B 99 52.91 98.80 -25.44
CA ALA B 99 51.55 98.36 -25.13
C ALA B 99 50.69 99.49 -24.58
N GLU B 100 51.31 100.51 -23.98
CA GLU B 100 50.56 101.62 -23.40
C GLU B 100 50.14 102.63 -24.47
N ILE B 101 51.01 102.92 -25.43
CA ILE B 101 50.69 103.94 -26.43
C ILE B 101 49.92 103.38 -27.60
N LEU B 102 49.92 102.07 -27.80
CA LEU B 102 49.14 101.44 -28.86
C LEU B 102 47.87 100.80 -28.34
N GLN B 103 47.70 100.75 -27.01
CA GLN B 103 46.52 100.20 -26.32
C GLN B 103 46.28 98.75 -26.71
N VAL B 104 47.35 97.96 -26.71
CA VAL B 104 47.28 96.52 -26.96
C VAL B 104 47.63 95.83 -25.64
N PRO B 105 47.30 94.55 -25.44
CA PRO B 105 47.73 93.88 -24.22
C PRO B 105 49.23 93.71 -24.20
N PRO B 106 49.85 93.76 -23.02
CA PRO B 106 51.31 93.67 -22.95
C PRO B 106 51.85 92.31 -23.33
N MET B 107 51.05 91.25 -23.16
CA MET B 107 51.49 89.92 -23.57
C MET B 107 51.66 89.82 -25.07
N ARG B 108 50.87 90.57 -25.82
CA ARG B 108 50.97 90.57 -27.27
C ARG B 108 52.23 91.28 -27.76
N VAL B 109 52.83 92.13 -26.93
CA VAL B 109 54.12 92.71 -27.25
C VAL B 109 55.26 91.84 -26.70
N TYR B 110 55.00 91.11 -25.61
CA TYR B 110 55.97 90.15 -25.09
C TYR B 110 56.22 89.04 -26.11
N GLU B 111 55.16 88.60 -26.79
CA GLU B 111 55.29 87.60 -27.84
C GLU B 111 56.13 88.10 -29.00
N VAL B 112 55.97 89.37 -29.36
CA VAL B 112 56.75 89.94 -30.47
C VAL B 112 58.20 90.11 -30.07
N ALA B 113 58.45 90.52 -28.82
CA ALA B 113 59.82 90.72 -28.39
C ALA B 113 60.55 89.41 -28.15
N THR B 114 59.83 88.33 -27.83
CA THR B 114 60.47 87.04 -27.66
C THR B 114 60.36 86.15 -28.88
N PHE B 115 59.66 86.58 -29.93
CA PHE B 115 59.58 85.80 -31.14
C PHE B 115 60.70 86.14 -32.11
N TYR B 116 60.99 87.43 -32.25
CA TYR B 116 61.91 87.91 -33.28
C TYR B 116 63.32 88.05 -32.70
N THR B 117 64.31 87.75 -33.53
CA THR B 117 65.70 87.63 -33.08
C THR B 117 66.42 88.97 -33.01
N MET B 118 65.79 90.07 -33.39
CA MET B 118 66.44 91.36 -33.32
C MET B 118 66.17 92.10 -32.03
N TYR B 119 65.06 91.81 -31.37
CA TYR B 119 64.72 92.54 -30.18
C TYR B 119 65.59 92.06 -29.03
N ASN B 120 66.72 92.73 -28.83
CA ASN B 120 67.68 92.34 -27.81
C ASN B 120 67.10 92.68 -26.44
N ARG B 121 66.69 91.65 -25.71
CA ARG B 121 66.05 91.82 -24.42
C ARG B 121 67.05 91.84 -23.27
N LYS B 122 68.34 91.72 -23.59
CA LYS B 122 69.47 91.84 -22.68
C LYS B 122 70.43 92.90 -23.21
N PRO B 123 71.13 93.64 -22.32
CA PRO B 123 71.94 94.76 -22.80
C PRO B 123 73.17 94.34 -23.59
N VAL B 124 73.13 94.61 -24.89
CA VAL B 124 74.21 94.25 -25.80
C VAL B 124 75.25 95.36 -25.83
N GLY B 125 76.42 95.07 -26.40
CA GLY B 125 77.42 96.08 -26.63
C GLY B 125 77.03 97.04 -27.73
N LYS B 126 77.88 98.05 -27.91
CA LYS B 126 77.55 99.11 -28.85
C LYS B 126 77.74 98.66 -30.29
N TYR B 127 78.69 97.77 -30.55
CA TYR B 127 78.88 97.17 -31.86
C TYR B 127 78.48 95.71 -31.76
N HIS B 128 77.23 95.42 -32.11
CA HIS B 128 76.65 94.09 -32.00
C HIS B 128 77.02 93.28 -33.24
N ILE B 129 78.09 92.48 -33.14
CA ILE B 129 78.64 91.77 -34.28
C ILE B 129 77.85 90.50 -34.51
N GLN B 130 77.34 90.33 -35.73
CA GLN B 130 76.57 89.15 -36.11
C GLN B 130 77.30 88.44 -37.23
N VAL B 131 77.85 87.26 -36.93
CA VAL B 131 78.58 86.46 -37.92
C VAL B 131 77.63 85.41 -38.47
N CYS B 132 77.45 85.42 -39.79
CA CYS B 132 76.64 84.41 -40.44
C CYS B 132 77.45 83.17 -40.72
N THR B 133 77.06 82.03 -40.15
CA THR B 133 77.73 80.76 -40.40
C THR B 133 76.73 79.70 -40.83
N THR B 134 75.85 80.00 -41.77
CA THR B 134 75.08 78.95 -42.40
C THR B 134 75.91 78.34 -43.53
N THR B 135 75.29 77.45 -44.30
CA THR B 135 75.99 76.60 -45.26
C THR B 135 76.69 77.37 -46.38
N PRO B 136 76.10 78.37 -47.07
CA PRO B 136 76.92 79.12 -48.06
C PRO B 136 78.04 79.94 -47.45
N CYS B 137 77.95 80.33 -46.18
CA CYS B 137 79.07 81.02 -45.56
C CYS B 137 80.04 80.08 -44.87
N MET B 138 79.57 78.89 -44.45
CA MET B 138 80.47 77.91 -43.89
C MET B 138 81.30 77.22 -44.97
N LEU B 139 80.73 77.09 -46.18
CA LEU B 139 81.50 76.63 -47.33
C LEU B 139 82.65 77.59 -47.64
N ARG B 140 82.41 78.88 -47.53
CA ARG B 140 83.45 79.87 -47.79
C ARG B 140 84.20 80.27 -46.53
N ASN B 141 84.17 79.39 -45.50
CA ASN B 141 85.04 79.43 -44.34
C ASN B 141 84.85 80.72 -43.53
N SER B 142 83.61 80.91 -43.07
CA SER B 142 83.34 81.95 -42.08
C SER B 142 83.72 81.52 -40.68
N ASP B 143 84.06 80.24 -40.49
CA ASP B 143 84.57 79.77 -39.22
C ASP B 143 85.91 80.40 -38.87
N SER B 144 86.73 80.66 -39.90
CA SER B 144 88.00 81.35 -39.67
C SER B 144 87.77 82.79 -39.23
N ILE B 145 86.75 83.44 -39.78
CA ILE B 145 86.40 84.79 -39.35
C ILE B 145 85.86 84.78 -37.92
N LEU B 146 85.07 83.77 -37.58
CA LEU B 146 84.55 83.67 -36.21
C LEU B 146 85.68 83.42 -35.22
N GLU B 147 86.63 82.55 -35.58
CA GLU B 147 87.80 82.32 -34.74
C GLU B 147 88.67 83.58 -34.62
N ALA B 148 88.78 84.34 -35.70
CA ALA B 148 89.58 85.56 -35.68
C ALA B 148 88.95 86.62 -34.77
N ILE B 149 87.61 86.75 -34.82
CA ILE B 149 86.92 87.70 -33.95
C ILE B 149 87.00 87.23 -32.49
N GLN B 150 86.93 85.92 -32.26
CA GLN B 150 87.01 85.40 -30.90
C GLN B 150 88.40 85.60 -30.29
N LYS B 151 89.47 85.39 -31.05
CA LYS B 151 90.80 85.63 -30.49
C LYS B 151 91.17 87.10 -30.50
N LYS B 152 90.55 87.90 -31.36
CA LYS B 152 90.82 89.34 -31.40
C LYS B 152 90.18 90.05 -30.22
N LEU B 153 88.94 89.68 -29.88
CA LEU B 153 88.23 90.33 -28.80
C LEU B 153 88.38 89.63 -27.46
N GLY B 154 88.94 88.42 -27.44
CA GLY B 154 89.08 87.66 -26.21
C GLY B 154 87.81 87.04 -25.70
N ILE B 155 86.74 87.03 -26.49
CA ILE B 155 85.44 86.51 -26.05
C ILE B 155 85.04 85.38 -26.97
N LYS B 156 83.85 84.83 -26.77
CA LYS B 156 83.31 83.81 -27.66
C LYS B 156 81.93 84.22 -28.14
N VAL B 157 81.21 83.31 -28.79
CA VAL B 157 79.88 83.59 -29.30
C VAL B 157 78.92 83.82 -28.14
N GLY B 158 78.20 84.93 -28.19
CA GLY B 158 77.22 85.26 -27.19
C GLY B 158 77.74 86.14 -26.07
N GLU B 159 79.03 86.08 -25.78
CA GLU B 159 79.59 86.89 -24.72
C GLU B 159 79.80 88.33 -25.18
N THR B 160 80.08 89.19 -24.21
CA THR B 160 80.31 90.60 -24.44
C THR B 160 81.68 90.96 -23.88
N THR B 161 82.44 91.75 -24.64
CA THR B 161 83.70 92.29 -24.15
C THR B 161 83.43 93.18 -22.94
N PRO B 162 84.32 93.18 -21.94
CA PRO B 162 84.01 93.87 -20.67
C PRO B 162 83.90 95.39 -20.77
N ASP B 163 84.40 96.00 -21.84
CA ASP B 163 84.21 97.43 -22.06
C ASP B 163 82.86 97.75 -22.71
N LYS B 164 82.07 96.73 -23.01
CA LYS B 164 80.70 96.84 -23.53
C LYS B 164 80.66 97.56 -24.88
N LEU B 165 81.68 97.32 -25.69
CA LEU B 165 81.67 97.77 -27.08
C LEU B 165 81.15 96.71 -28.03
N PHE B 166 81.67 95.50 -27.95
CA PHE B 166 81.44 94.48 -28.97
C PHE B 166 80.67 93.31 -28.39
N THR B 167 79.54 92.98 -29.02
CA THR B 167 78.79 91.77 -28.72
C THR B 167 78.89 90.84 -29.91
N LEU B 168 79.53 89.71 -29.73
CA LEU B 168 79.72 88.72 -30.78
C LEU B 168 78.69 87.60 -30.61
N ILE B 169 77.78 87.47 -31.55
CA ILE B 169 76.92 86.30 -31.61
C ILE B 169 77.05 85.68 -32.99
N GLU B 170 76.31 84.60 -33.23
CA GLU B 170 76.38 83.83 -34.46
C GLU B 170 74.98 83.66 -35.01
N VAL B 171 74.71 84.21 -36.19
CA VAL B 171 73.35 84.27 -36.70
C VAL B 171 73.17 83.39 -37.93
N GLU B 172 71.95 83.36 -38.45
CA GLU B 172 71.60 82.56 -39.61
C GLU B 172 71.88 83.38 -40.86
N CYS B 173 71.34 82.94 -42.01
CA CYS B 173 71.56 83.59 -43.30
C CYS B 173 71.13 85.05 -43.32
N LEU B 174 72.08 85.93 -43.61
CA LEU B 174 71.84 87.37 -43.66
C LEU B 174 71.59 87.89 -45.06
N GLY B 175 71.64 87.03 -46.08
CA GLY B 175 71.23 87.42 -47.41
C GLY B 175 72.30 87.99 -48.30
N ALA B 176 73.56 87.71 -48.04
CA ALA B 176 74.65 88.18 -48.87
C ALA B 176 75.48 86.99 -49.33
N CYS B 177 74.82 85.98 -49.90
CA CYS B 177 75.41 84.66 -50.06
C CYS B 177 76.49 84.62 -51.13
N VAL B 178 76.36 85.43 -52.19
CA VAL B 178 77.47 85.51 -53.14
C VAL B 178 78.60 86.35 -52.55
N ASN B 179 78.29 87.23 -51.62
CA ASN B 179 79.29 88.05 -50.94
C ASN B 179 79.80 87.38 -49.67
N ALA B 180 79.56 86.08 -49.53
CA ALA B 180 80.03 85.31 -48.40
C ALA B 180 81.57 85.25 -48.43
N PRO B 181 82.21 85.16 -47.25
CA PRO B 181 81.68 85.21 -45.89
C PRO B 181 81.56 86.65 -45.38
N MET B 182 80.50 86.94 -44.63
CA MET B 182 80.14 88.31 -44.29
C MET B 182 79.66 88.38 -42.84
N VAL B 183 79.84 89.57 -42.25
CA VAL B 183 79.33 89.85 -40.91
C VAL B 183 78.43 91.08 -41.00
N GLN B 184 77.75 91.34 -39.89
CA GLN B 184 76.87 92.51 -39.76
C GLN B 184 77.23 93.26 -38.50
N ILE B 185 77.35 94.59 -38.63
CA ILE B 185 77.62 95.47 -37.48
C ILE B 185 76.52 96.52 -37.49
N ASN B 186 75.44 96.24 -36.75
CA ASN B 186 74.37 97.10 -36.25
C ASN B 186 73.44 97.68 -37.29
N ASP B 187 73.94 97.94 -38.50
CA ASP B 187 73.15 98.36 -39.65
C ASP B 187 73.80 97.82 -40.89
N ASN B 188 75.06 97.43 -40.76
CA ASN B 188 76.00 97.42 -41.87
C ASN B 188 76.44 96.02 -42.21
N TYR B 189 76.63 95.77 -43.51
CA TYR B 189 77.20 94.51 -43.96
C TYR B 189 78.67 94.69 -44.29
N TYR B 190 79.48 93.72 -43.88
CA TYR B 190 80.89 93.69 -44.22
C TYR B 190 81.17 92.34 -44.87
N GLU B 191 81.49 92.38 -46.15
CA GLU B 191 81.35 91.22 -47.03
C GLU B 191 82.69 90.84 -47.65
N ASP B 192 82.73 89.61 -48.17
CA ASP B 192 83.90 89.01 -48.83
C ASP B 192 85.13 89.03 -47.92
N LEU B 193 84.90 88.81 -46.63
CA LEU B 193 85.92 89.07 -45.63
C LEU B 193 86.95 87.95 -45.57
N THR B 194 88.21 88.35 -45.45
CA THR B 194 89.28 87.53 -44.93
C THR B 194 89.35 87.71 -43.42
N PRO B 195 90.11 86.88 -42.70
CA PRO B 195 90.38 87.22 -41.29
C PRO B 195 91.13 88.54 -41.13
N LYS B 196 92.02 88.87 -42.07
CA LYS B 196 92.73 90.15 -42.03
C LYS B 196 91.77 91.32 -42.19
N ASP B 197 90.75 91.17 -43.03
CA ASP B 197 89.78 92.25 -43.24
C ASP B 197 88.97 92.52 -41.98
N ILE B 198 88.52 91.47 -41.29
CA ILE B 198 87.72 91.72 -40.11
C ILE B 198 88.59 92.17 -38.94
N GLU B 199 89.88 91.77 -38.92
CA GLU B 199 90.80 92.36 -37.95
C GLU B 199 90.99 93.86 -38.21
N GLU B 200 91.05 94.25 -39.50
CA GLU B 200 91.14 95.65 -39.86
C GLU B 200 89.89 96.43 -39.45
N ILE B 201 88.71 95.81 -39.63
CA ILE B 201 87.45 96.46 -39.28
C ILE B 201 87.35 96.63 -37.77
N ILE B 202 87.75 95.62 -37.01
CA ILE B 202 87.73 95.73 -35.55
C ILE B 202 88.73 96.77 -35.07
N ASP B 203 89.89 96.87 -35.74
CA ASP B 203 90.87 97.89 -35.40
C ASP B 203 90.34 99.29 -35.65
N GLU B 204 89.66 99.51 -36.77
CA GLU B 204 89.12 100.84 -37.04
C GLU B 204 87.78 101.09 -36.34
N LEU B 205 87.22 100.08 -35.68
CA LEU B 205 86.09 100.31 -34.77
C LEU B 205 86.52 100.61 -33.35
N LYS B 206 87.65 100.07 -32.90
CA LYS B 206 88.10 100.32 -31.53
C LYS B 206 88.53 101.77 -31.33
N ALA B 207 89.11 102.39 -32.35
CA ALA B 207 89.58 103.76 -32.24
C ALA B 207 88.49 104.79 -32.40
N GLY B 208 87.24 104.38 -32.65
CA GLY B 208 86.13 105.29 -32.76
C GLY B 208 85.71 105.62 -34.18
N LYS B 209 86.47 105.18 -35.19
CA LYS B 209 86.15 105.52 -36.56
C LYS B 209 85.02 104.63 -37.08
N ILE B 210 84.44 105.03 -38.20
CA ILE B 210 83.33 104.32 -38.84
C ILE B 210 83.85 103.69 -40.13
N PRO B 211 83.62 102.40 -40.35
CA PRO B 211 84.14 101.72 -41.54
C PRO B 211 83.21 101.94 -42.75
N LYS B 212 83.61 101.34 -43.87
CA LYS B 212 82.82 101.39 -45.09
C LYS B 212 82.04 100.09 -45.24
N PRO B 213 80.72 100.11 -45.19
CA PRO B 213 79.92 98.87 -45.30
C PRO B 213 79.83 98.30 -46.71
N GLY B 214 80.82 97.50 -47.09
CA GLY B 214 80.81 96.86 -48.38
C GLY B 214 81.64 95.60 -48.46
N PRO B 215 81.71 95.01 -49.65
CA PRO B 215 82.66 93.92 -49.90
C PRO B 215 84.09 94.45 -49.81
N ARG B 216 84.93 93.71 -49.11
CA ARG B 216 86.31 94.11 -48.89
C ARG B 216 87.27 93.55 -49.93
N SER B 217 86.77 92.82 -50.92
CA SER B 217 87.60 92.33 -52.00
C SER B 217 87.57 93.35 -53.16
N GLY B 218 88.10 92.95 -54.31
CA GLY B 218 88.25 93.85 -55.44
C GLY B 218 86.97 94.20 -56.17
N ARG B 219 85.86 93.54 -55.86
CA ARG B 219 84.59 93.83 -56.51
C ARG B 219 83.78 94.83 -55.69
N PHE B 220 82.70 95.33 -56.31
CA PHE B 220 81.99 96.47 -55.75
C PHE B 220 80.74 96.06 -54.95
N SER B 221 79.78 95.39 -55.57
CA SER B 221 78.64 94.89 -54.81
C SER B 221 78.48 93.38 -54.89
N CYS B 222 78.19 92.85 -56.08
CA CYS B 222 77.92 91.42 -56.21
C CYS B 222 78.42 90.85 -57.53
N GLU B 223 79.11 91.64 -58.36
CA GLU B 223 79.46 91.25 -59.70
C GLU B 223 80.51 90.14 -59.68
N PRO B 224 80.70 89.42 -60.80
CA PRO B 224 81.79 88.44 -60.87
C PRO B 224 83.14 89.11 -60.68
N ALA B 225 83.96 88.53 -59.80
CA ALA B 225 85.21 89.16 -59.37
C ALA B 225 86.24 89.24 -60.48
N GLY B 226 86.14 88.38 -61.50
CA GLY B 226 87.05 88.44 -62.62
C GLY B 226 86.55 89.33 -63.75
N GLY B 227 85.84 90.39 -63.41
CA GLY B 227 85.28 91.30 -64.37
C GLY B 227 83.80 91.04 -64.62
N LEU B 228 83.17 92.01 -65.27
CA LEU B 228 81.74 91.92 -65.57
C LEU B 228 81.52 90.92 -66.70
N THR B 229 80.84 89.81 -66.38
CA THR B 229 80.44 88.86 -67.40
C THR B 229 79.09 89.21 -68.03
N SER B 230 78.49 90.34 -67.63
CA SER B 230 77.17 90.72 -68.07
C SER B 230 76.94 92.19 -67.77
N LEU B 231 75.95 92.77 -68.46
CA LEU B 231 75.57 94.18 -68.34
C LEU B 231 76.73 95.13 -68.62
N THR B 232 77.56 94.78 -69.60
CA THR B 232 78.61 95.69 -70.04
C THR B 232 78.10 96.67 -71.07
N GLU B 233 77.08 96.29 -71.83
CA GLU B 233 76.47 97.18 -72.80
C GLU B 233 75.72 98.29 -72.08
N PRO B 234 75.58 99.46 -72.72
CA PRO B 234 74.78 100.52 -72.12
C PRO B 234 73.30 100.17 -72.15
N PRO B 235 72.56 100.45 -71.08
CA PRO B 235 71.10 100.30 -71.13
C PRO B 235 70.50 101.31 -72.09
N LYS B 236 69.47 100.85 -72.81
CA LYS B 236 69.00 101.61 -73.97
C LYS B 236 68.24 102.86 -73.56
N GLY B 237 67.40 102.77 -72.54
CA GLY B 237 66.65 103.91 -72.08
C GLY B 237 65.20 103.85 -72.51
N PRO B 238 64.55 105.02 -72.57
CA PRO B 238 63.11 105.05 -72.79
C PRO B 238 62.74 104.75 -74.24
N GLY B 239 61.70 103.92 -74.40
CA GLY B 239 61.16 103.62 -75.71
C GLY B 239 61.67 102.35 -76.35
N PHE B 240 62.57 101.62 -75.71
CA PHE B 240 63.21 100.48 -76.33
C PHE B 240 62.33 99.25 -76.24
N GLY B 241 61.99 98.66 -77.38
CA GLY B 241 61.24 97.42 -77.44
C GLY B 241 59.79 97.52 -77.03
N VAL B 242 59.24 98.73 -76.92
CA VAL B 242 57.87 98.90 -76.48
C VAL B 242 56.92 98.47 -77.58
N GLN B 243 55.98 97.60 -77.23
CA GLN B 243 54.97 97.12 -78.16
C GLN B 243 54.06 98.26 -78.62
N ALA B 244 53.47 98.09 -79.79
CA ALA B 244 52.58 99.10 -80.34
C ALA B 244 51.26 99.11 -79.58
N GLY B 245 50.53 100.21 -79.71
CA GLY B 245 49.33 100.41 -78.93
C GLY B 245 49.61 100.63 -77.46
N LEU B 246 50.68 101.35 -77.13
CA LEU B 246 51.02 101.66 -75.75
C LEU B 246 51.84 102.94 -75.68
N SER C 29 16.45 75.49 -48.89
CA SER C 29 17.71 75.12 -48.24
C SER C 29 18.81 74.94 -49.28
N ASN C 30 20.01 75.45 -48.95
CA ASN C 30 21.18 75.33 -49.79
C ASN C 30 22.19 74.33 -49.25
N LEU C 31 21.71 73.25 -48.62
CA LEU C 31 22.59 72.25 -48.05
C LEU C 31 23.26 71.45 -49.16
N ILE C 32 24.56 71.18 -48.98
CA ILE C 32 25.34 70.51 -49.99
C ILE C 32 25.65 69.09 -49.53
N GLU C 33 26.00 68.25 -50.50
CA GLU C 33 26.13 66.82 -50.28
C GLU C 33 27.60 66.42 -50.30
N VAL C 34 28.11 65.93 -49.17
CA VAL C 34 29.47 65.40 -49.13
C VAL C 34 29.40 63.95 -48.70
N PHE C 35 30.55 63.28 -48.65
CA PHE C 35 30.61 61.86 -48.41
C PHE C 35 31.66 61.57 -47.35
N VAL C 36 31.26 60.87 -46.30
CA VAL C 36 32.16 60.40 -45.26
C VAL C 36 32.21 58.89 -45.38
N ASP C 37 33.37 58.37 -45.82
CA ASP C 37 33.59 56.94 -46.14
C ASP C 37 32.58 56.46 -47.19
N GLY C 38 32.25 57.33 -48.13
CA GLY C 38 31.22 57.05 -49.11
C GLY C 38 29.81 57.31 -48.65
N GLN C 39 29.58 57.43 -47.35
CA GLN C 39 28.25 57.66 -46.81
C GLN C 39 27.84 59.11 -47.04
N SER C 40 26.72 59.30 -47.72
CA SER C 40 26.26 60.64 -48.09
C SER C 40 25.70 61.37 -46.89
N VAL C 41 26.05 62.65 -46.76
CA VAL C 41 25.55 63.47 -45.68
C VAL C 41 25.36 64.90 -46.20
N MET C 42 24.32 65.56 -45.70
CA MET C 42 23.92 66.89 -46.14
C MET C 42 24.35 67.92 -45.09
N VAL C 43 25.27 68.80 -45.46
CA VAL C 43 25.85 69.76 -44.54
C VAL C 43 25.52 71.17 -45.01
N GLU C 44 25.86 72.13 -44.16
CA GLU C 44 25.71 73.56 -44.37
C GLU C 44 26.91 74.10 -45.15
N PRO C 45 26.71 75.09 -46.02
CA PRO C 45 27.86 75.75 -46.65
C PRO C 45 28.71 76.49 -45.63
N GLY C 46 29.92 75.98 -45.41
CA GLY C 46 30.78 76.45 -44.35
C GLY C 46 31.02 75.44 -43.25
N THR C 47 30.44 74.24 -43.37
CA THR C 47 30.71 73.17 -42.41
C THR C 47 32.11 72.63 -42.64
N THR C 48 32.87 72.46 -41.55
CA THR C 48 34.20 71.90 -41.65
C THR C 48 34.13 70.40 -41.92
N VAL C 49 35.31 69.79 -42.14
CA VAL C 49 35.37 68.35 -42.34
C VAL C 49 35.05 67.62 -41.04
N LEU C 50 35.41 68.23 -39.91
CA LEU C 50 35.22 67.58 -38.62
C LEU C 50 33.74 67.49 -38.25
N GLN C 51 32.98 68.55 -38.51
CA GLN C 51 31.54 68.47 -38.27
C GLN C 51 30.86 67.56 -39.29
N ALA C 52 31.41 67.49 -40.51
CA ALA C 52 30.87 66.57 -41.50
C ALA C 52 31.08 65.13 -41.10
N CYS C 53 32.18 64.82 -40.41
CA CYS C 53 32.35 63.49 -39.86
C CYS C 53 31.56 63.31 -38.58
N GLU C 54 31.27 64.39 -37.87
CA GLU C 54 30.45 64.31 -36.67
C GLU C 54 29.00 63.98 -36.99
N LYS C 55 28.52 64.41 -38.16
CA LYS C 55 27.12 64.16 -38.53
C LYS C 55 26.83 62.70 -38.86
N VAL C 56 27.85 61.90 -39.17
CA VAL C 56 27.66 60.46 -39.36
C VAL C 56 28.05 59.66 -38.13
N GLY C 57 28.28 60.32 -37.00
CA GLY C 57 28.61 59.63 -35.77
C GLY C 57 30.06 59.26 -35.62
N MET C 58 30.96 59.92 -36.35
CA MET C 58 32.38 59.64 -36.29
C MET C 58 33.08 60.80 -35.61
N GLN C 59 34.13 60.51 -34.87
CA GLN C 59 34.89 61.54 -34.16
C GLN C 59 36.35 61.49 -34.59
N ILE C 60 36.87 62.62 -35.04
CA ILE C 60 38.25 62.73 -35.51
C ILE C 60 39.13 63.06 -34.31
N PRO C 61 40.30 62.42 -34.17
CA PRO C 61 41.23 62.79 -33.10
C PRO C 61 41.77 64.20 -33.27
N ARG C 62 41.75 64.96 -32.18
CA ARG C 62 42.10 66.37 -32.21
C ARG C 62 42.77 66.73 -30.91
N PHE C 63 43.61 67.74 -30.96
CA PHE C 63 44.18 68.30 -29.74
C PHE C 63 43.93 69.79 -29.62
N CYS C 64 44.07 70.56 -30.69
CA CYS C 64 43.89 71.99 -30.60
C CYS C 64 42.49 72.43 -31.00
N TYR C 65 41.74 71.61 -31.72
CA TYR C 65 40.36 71.96 -31.98
C TYR C 65 39.55 71.83 -30.71
N HIS C 66 38.84 72.90 -30.37
CA HIS C 66 37.85 72.84 -29.33
C HIS C 66 36.63 73.54 -29.87
N GLU C 67 35.46 72.93 -29.71
CA GLU C 67 34.26 73.40 -30.41
C GLU C 67 33.73 74.71 -29.86
N ARG C 68 34.29 75.24 -28.78
CA ARG C 68 33.90 76.53 -28.26
C ARG C 68 35.03 77.55 -28.31
N LEU C 69 36.21 77.15 -28.74
CA LEU C 69 37.29 78.06 -28.99
C LEU C 69 37.43 78.24 -30.49
N SER C 70 38.27 79.20 -30.87
CA SER C 70 38.48 79.44 -32.29
C SER C 70 39.35 78.35 -32.88
N VAL C 71 39.22 78.18 -34.19
CA VAL C 71 39.99 77.17 -34.91
C VAL C 71 41.44 77.64 -35.01
N ALA C 72 42.36 76.87 -34.44
CA ALA C 72 43.78 77.18 -34.52
C ALA C 72 44.48 76.39 -35.61
N GLY C 73 44.28 75.07 -35.63
CA GLY C 73 44.91 74.24 -36.63
C GLY C 73 46.41 74.09 -36.46
N ASN C 74 46.88 73.93 -35.22
CA ASN C 74 48.31 73.89 -34.95
C ASN C 74 48.72 72.69 -34.12
N CYS C 75 48.02 71.58 -34.26
CA CYS C 75 48.52 70.32 -33.75
C CYS C 75 48.60 69.25 -34.82
N ARG C 76 47.87 69.41 -35.92
CA ARG C 76 47.92 68.56 -37.12
C ARG C 76 47.53 67.12 -36.81
N MET C 77 46.70 66.91 -35.80
CA MET C 77 46.25 65.56 -35.48
C MET C 77 45.00 65.16 -36.25
N CYS C 78 44.19 66.13 -36.66
CA CYS C 78 42.94 65.86 -37.35
C CYS C 78 43.11 65.61 -38.84
N LEU C 79 44.31 65.28 -39.29
CA LEU C 79 44.59 65.14 -40.72
C LEU C 79 43.84 63.95 -41.30
N VAL C 80 43.03 64.22 -42.32
CA VAL C 80 42.16 63.22 -42.90
C VAL C 80 42.26 63.32 -44.42
N GLU C 81 42.22 62.18 -45.10
CA GLU C 81 42.38 62.15 -46.54
C GLU C 81 41.07 62.45 -47.24
N ILE C 82 41.12 63.33 -48.22
CA ILE C 82 40.09 63.45 -49.23
C ILE C 82 40.56 62.67 -50.45
N GLU C 83 39.71 61.80 -50.99
CA GLU C 83 40.20 60.99 -52.09
C GLU C 83 40.27 61.82 -53.37
N LYS C 84 41.12 61.33 -54.29
CA LYS C 84 41.55 62.06 -55.49
C LYS C 84 42.14 63.43 -55.13
N ALA C 85 42.91 63.45 -54.05
CA ALA C 85 43.61 64.65 -53.59
C ALA C 85 44.85 64.22 -52.85
N PRO C 86 46.05 64.52 -53.35
CA PRO C 86 47.26 63.90 -52.81
C PRO C 86 47.84 64.60 -51.59
N LYS C 87 47.00 65.02 -50.65
CA LYS C 87 47.45 65.77 -49.48
C LYS C 87 46.35 65.74 -48.44
N VAL C 88 46.70 65.40 -47.21
CA VAL C 88 45.71 65.35 -46.14
C VAL C 88 45.36 66.76 -45.70
N VAL C 89 44.08 67.00 -45.45
CA VAL C 89 43.59 68.30 -45.06
C VAL C 89 43.41 68.31 -43.56
N ALA C 90 43.42 69.51 -42.98
CA ALA C 90 43.20 69.69 -41.56
C ALA C 90 41.71 69.79 -41.33
N ALA C 91 41.13 68.76 -40.71
CA ALA C 91 39.68 68.66 -40.61
C ALA C 91 39.07 69.69 -39.68
N CYS C 92 39.85 70.27 -38.78
CA CYS C 92 39.30 71.28 -37.89
C CYS C 92 39.05 72.59 -38.64
N ALA C 93 39.91 72.91 -39.59
CA ALA C 93 39.86 74.20 -40.29
C ALA C 93 39.25 74.14 -41.67
N MET C 94 39.44 73.05 -42.39
CA MET C 94 39.07 72.97 -43.80
C MET C 94 37.56 72.86 -43.95
N PRO C 95 36.90 73.78 -44.66
CA PRO C 95 35.49 73.56 -44.98
C PRO C 95 35.37 72.51 -46.05
N VAL C 96 34.26 71.79 -46.05
CA VAL C 96 34.03 70.79 -47.09
C VAL C 96 33.63 71.49 -48.39
N MET C 97 34.06 70.91 -49.50
CA MET C 97 33.55 71.29 -50.81
C MET C 97 32.64 70.20 -51.33
N LYS C 98 31.86 70.55 -52.35
CA LYS C 98 30.74 69.73 -52.80
C LYS C 98 31.24 68.46 -53.46
N GLY C 99 31.08 67.33 -52.78
CA GLY C 99 31.39 66.03 -53.35
C GLY C 99 32.63 65.34 -52.84
N TRP C 100 33.22 65.82 -51.75
CA TRP C 100 34.39 65.14 -51.18
C TRP C 100 34.00 63.82 -50.54
N ASN C 101 34.77 62.78 -50.83
CA ASN C 101 34.69 61.51 -50.11
C ASN C 101 35.74 61.59 -49.00
N ILE C 102 35.29 61.82 -47.78
CA ILE C 102 36.19 61.98 -46.65
C ILE C 102 36.56 60.58 -46.15
N LEU C 103 37.79 60.17 -46.42
CA LEU C 103 38.29 58.85 -46.04
C LEU C 103 38.94 58.96 -44.68
N THR C 104 38.21 58.49 -43.64
CA THR C 104 38.68 58.65 -42.28
C THR C 104 39.59 57.53 -41.83
N ASN C 105 39.39 56.32 -42.34
CA ASN C 105 40.14 55.15 -41.89
C ASN C 105 41.03 54.62 -43.02
N SER C 106 41.50 55.53 -43.88
CA SER C 106 42.37 55.15 -44.97
C SER C 106 43.80 54.95 -44.46
N GLU C 107 44.70 54.58 -45.38
CA GLU C 107 46.05 54.22 -44.99
C GLU C 107 46.89 55.45 -44.65
N LYS C 108 46.89 56.45 -45.52
CA LYS C 108 47.71 57.63 -45.29
C LYS C 108 47.14 58.53 -44.19
N THR C 109 45.83 58.43 -43.93
CA THR C 109 45.26 59.11 -42.77
C THR C 109 45.80 58.53 -41.47
N LYS C 110 45.85 57.20 -41.39
CA LYS C 110 46.39 56.57 -40.19
C LYS C 110 47.90 56.79 -40.07
N LYS C 111 48.61 56.84 -41.21
CA LYS C 111 50.03 57.18 -41.15
C LYS C 111 50.25 58.61 -40.68
N ALA C 112 49.36 59.53 -41.09
CA ALA C 112 49.43 60.91 -40.62
C ALA C 112 49.18 61.00 -39.12
N ARG C 113 48.17 60.29 -38.64
CA ARG C 113 47.86 60.29 -37.21
C ARG C 113 48.99 59.70 -36.38
N GLU C 114 49.59 58.60 -36.85
CA GLU C 114 50.67 57.97 -36.11
C GLU C 114 51.93 58.82 -36.12
N GLY C 115 52.23 59.47 -37.25
CA GLY C 115 53.39 60.36 -37.31
C GLY C 115 53.24 61.56 -36.40
N VAL C 116 52.07 62.19 -36.42
CA VAL C 116 51.84 63.37 -35.59
C VAL C 116 51.80 63.00 -34.11
N MET C 117 51.23 61.84 -33.78
CA MET C 117 51.27 61.36 -32.40
C MET C 117 52.69 61.04 -31.96
N GLU C 118 53.52 60.54 -32.88
CA GLU C 118 54.93 60.30 -32.57
C GLU C 118 55.67 61.60 -32.27
N PHE C 119 55.37 62.65 -33.03
CA PHE C 119 56.02 63.92 -32.76
C PHE C 119 55.54 64.54 -31.46
N LEU C 120 54.25 64.38 -31.13
CA LEU C 120 53.77 64.86 -29.84
C LEU C 120 54.35 64.07 -28.67
N LEU C 121 54.68 62.80 -28.88
CA LEU C 121 55.27 61.99 -27.82
C LEU C 121 56.78 61.94 -27.88
N ALA C 122 57.41 62.73 -28.75
CA ALA C 122 58.87 62.81 -28.74
C ALA C 122 59.39 63.49 -27.48
N ASN C 123 59.06 64.76 -27.29
CA ASN C 123 59.57 65.54 -26.18
C ASN C 123 58.65 65.53 -24.96
N HIS C 124 57.72 64.64 -24.91
CA HIS C 124 56.76 64.63 -23.82
C HIS C 124 57.33 63.82 -22.66
N PRO C 125 57.16 64.27 -21.42
CA PRO C 125 57.84 63.61 -20.31
C PRO C 125 57.12 62.36 -19.85
N LEU C 126 57.90 61.44 -19.27
CA LEU C 126 57.36 60.17 -18.77
C LEU C 126 56.81 60.39 -17.36
N ASP C 127 55.74 61.20 -17.30
CA ASP C 127 55.16 61.60 -16.03
C ASP C 127 53.82 60.95 -15.73
N CYS C 128 53.29 60.10 -16.64
CA CYS C 128 51.99 59.41 -16.54
C CYS C 128 51.66 58.78 -15.18
N PRO C 129 52.62 58.28 -14.38
CA PRO C 129 52.26 57.96 -13.00
C PRO C 129 52.10 59.17 -12.10
N ILE C 130 52.99 60.16 -12.18
CA ILE C 130 52.94 61.28 -11.24
C ILE C 130 52.04 62.38 -11.76
N CYS C 131 51.37 62.14 -12.87
CA CYS C 131 50.53 63.12 -13.51
C CYS C 131 49.09 62.93 -13.06
N ASP C 132 48.42 64.04 -12.73
CA ASP C 132 47.02 63.98 -12.33
C ASP C 132 46.10 63.67 -13.49
N GLN C 133 46.54 63.92 -14.71
CA GLN C 133 45.67 63.74 -15.86
C GLN C 133 45.62 62.29 -16.33
N GLY C 134 46.41 61.42 -15.73
CA GLY C 134 46.44 60.01 -16.11
C GLY C 134 45.12 59.31 -15.86
N GLY C 135 44.57 58.70 -16.91
CA GLY C 135 43.25 58.16 -16.89
C GLY C 135 42.19 59.10 -17.44
N GLU C 136 42.47 60.40 -17.44
CA GLU C 136 41.58 61.41 -18.00
C GLU C 136 42.32 62.28 -19.00
N CYS C 137 43.33 61.71 -19.63
CA CYS C 137 44.20 62.43 -20.57
C CYS C 137 43.74 62.14 -21.98
N ASP C 138 43.62 63.19 -22.80
CA ASP C 138 43.39 62.97 -24.21
C ASP C 138 44.59 62.33 -24.88
N LEU C 139 45.81 62.75 -24.50
CA LEU C 139 47.02 62.29 -25.17
C LEU C 139 47.24 60.79 -24.98
N GLN C 140 47.00 60.29 -23.77
CA GLN C 140 47.06 58.85 -23.53
C GLN C 140 46.01 58.10 -24.34
N ASP C 141 44.78 58.61 -24.35
CA ASP C 141 43.68 57.88 -24.99
C ASP C 141 43.85 57.81 -26.49
N GLN C 142 44.09 58.93 -27.15
CA GLN C 142 44.25 58.85 -28.59
C GLN C 142 45.67 58.51 -29.02
N SER C 143 46.61 58.37 -28.09
CA SER C 143 47.82 57.61 -28.40
C SER C 143 47.55 56.12 -28.43
N MET C 144 46.73 55.63 -27.49
CA MET C 144 46.33 54.23 -27.50
C MET C 144 45.45 53.91 -28.70
N MET C 145 44.60 54.85 -29.10
CA MET C 145 43.66 54.56 -30.17
C MET C 145 44.25 54.82 -31.55
N PHE C 146 45.00 55.91 -31.73
CA PHE C 146 45.37 56.35 -33.06
C PHE C 146 46.86 56.35 -33.34
N GLY C 147 47.71 56.33 -32.32
CA GLY C 147 49.14 56.35 -32.51
C GLY C 147 49.72 54.96 -32.62
N SER C 148 51.04 54.91 -32.61
CA SER C 148 51.77 53.65 -32.69
C SER C 148 51.86 53.03 -31.30
N ASP C 149 52.70 52.00 -31.16
CA ASP C 149 52.84 51.32 -29.89
C ASP C 149 54.24 51.36 -29.31
N ARG C 150 55.18 52.05 -29.97
CA ARG C 150 56.55 52.11 -29.47
C ARG C 150 57.22 53.37 -30.00
N SER C 151 58.52 53.47 -29.74
CA SER C 151 59.26 54.72 -29.86
C SER C 151 60.41 54.60 -30.87
N ARG C 152 60.84 55.77 -31.35
CA ARG C 152 62.07 55.90 -32.11
C ARG C 152 62.94 57.04 -31.61
N PHE C 153 62.46 57.84 -30.66
CA PHE C 153 63.15 59.04 -30.22
C PHE C 153 64.27 58.65 -29.28
N LEU C 154 65.47 58.46 -29.82
CA LEU C 154 66.62 58.04 -29.05
C LEU C 154 67.49 59.22 -28.64
N GLU C 155 66.88 60.38 -28.40
CA GLU C 155 67.57 61.62 -28.10
C GLU C 155 67.19 62.11 -26.71
N GLY C 156 67.61 63.32 -26.39
CA GLY C 156 67.24 63.95 -25.13
C GLY C 156 66.04 64.87 -25.31
N LYS C 157 65.10 64.78 -24.38
CA LYS C 157 63.87 65.54 -24.45
C LYS C 157 64.08 66.94 -23.91
N ARG C 158 63.13 67.83 -24.23
CA ARG C 158 63.19 69.17 -23.68
C ARG C 158 62.66 69.16 -22.26
N ALA C 159 62.98 70.22 -21.53
CA ALA C 159 62.45 70.43 -20.18
C ALA C 159 62.14 71.90 -20.04
N VAL C 160 60.88 72.21 -19.75
CA VAL C 160 60.39 73.59 -19.74
C VAL C 160 60.21 74.02 -18.31
N GLU C 161 60.62 75.26 -18.02
CA GLU C 161 60.48 75.85 -16.70
C GLU C 161 59.02 76.01 -16.31
N ASP C 162 58.69 75.59 -15.09
CA ASP C 162 57.31 75.64 -14.63
C ASP C 162 56.91 77.06 -14.24
N LYS C 163 55.68 77.43 -14.58
CA LYS C 163 55.18 78.78 -14.38
C LYS C 163 54.34 78.86 -13.11
N ASN C 164 54.23 80.08 -12.58
CA ASN C 164 53.37 80.38 -11.44
C ASN C 164 52.26 81.27 -11.95
N ILE C 165 51.08 80.71 -12.17
CA ILE C 165 49.96 81.50 -12.65
C ILE C 165 48.79 81.47 -11.67
N GLY C 166 48.99 81.00 -10.45
CA GLY C 166 47.96 81.12 -9.46
C GLY C 166 47.90 80.03 -8.41
N PRO C 167 47.06 80.23 -7.40
CA PRO C 167 46.85 79.19 -6.39
C PRO C 167 45.85 78.12 -6.81
N LEU C 168 45.23 78.28 -7.97
CA LEU C 168 44.23 77.34 -8.46
C LEU C 168 44.79 76.37 -9.48
N VAL C 169 45.76 76.79 -10.27
CA VAL C 169 46.25 76.01 -11.41
C VAL C 169 47.68 75.60 -11.12
N LYS C 170 47.90 74.30 -10.93
CA LYS C 170 49.26 73.79 -10.87
C LYS C 170 49.78 73.64 -12.29
N THR C 171 50.94 74.23 -12.55
CA THR C 171 51.46 74.40 -13.91
C THR C 171 52.75 73.61 -14.05
N ILE C 172 52.70 72.56 -14.85
CA ILE C 172 53.87 71.73 -15.14
C ILE C 172 54.05 71.77 -16.65
N MET C 173 54.87 72.72 -17.12
CA MET C 173 54.91 73.07 -18.54
C MET C 173 55.79 72.15 -19.38
N THR C 174 56.36 71.10 -18.81
CA THR C 174 57.05 70.12 -19.64
C THR C 174 56.04 69.32 -20.46
N ARG C 175 54.83 69.18 -19.94
CA ARG C 175 53.77 68.40 -20.54
C ARG C 175 53.01 69.16 -21.62
N CYS C 176 53.16 70.48 -21.69
CA CYS C 176 52.46 71.30 -22.66
C CYS C 176 52.86 70.95 -24.10
N ILE C 177 51.86 70.58 -24.90
CA ILE C 177 52.08 70.22 -26.29
C ILE C 177 51.89 71.42 -27.22
N GLN C 178 51.76 72.62 -26.65
CA GLN C 178 51.59 73.90 -27.36
C GLN C 178 50.40 73.85 -28.32
N CYS C 179 49.22 73.65 -27.75
CA CYS C 179 48.01 73.56 -28.54
C CYS C 179 47.22 74.86 -28.53
N THR C 180 47.61 75.81 -27.67
CA THR C 180 47.03 77.16 -27.55
C THR C 180 45.53 77.12 -27.29
N ARG C 181 45.12 76.34 -26.29
CA ARG C 181 43.78 76.51 -25.75
C ARG C 181 43.75 77.45 -24.56
N CYS C 182 44.89 77.56 -23.85
CA CYS C 182 45.12 78.63 -22.88
C CYS C 182 44.81 80.00 -23.47
N ILE C 183 45.44 80.29 -24.59
CA ILE C 183 45.40 81.62 -25.17
C ILE C 183 44.03 81.91 -25.73
N ARG C 184 43.44 80.94 -26.40
CA ARG C 184 42.12 81.14 -26.98
C ARG C 184 41.04 81.22 -25.92
N PHE C 185 41.19 80.48 -24.80
CA PHE C 185 40.22 80.63 -23.73
C PHE C 185 40.38 81.97 -23.01
N ALA C 186 41.62 82.36 -22.71
CA ALA C 186 41.85 83.61 -22.00
C ALA C 186 41.57 84.82 -22.86
N SER C 187 41.59 84.66 -24.18
CA SER C 187 41.35 85.79 -25.06
C SER C 187 39.90 85.89 -25.50
N GLU C 188 39.20 84.76 -25.61
CA GLU C 188 37.88 84.77 -26.24
C GLU C 188 36.74 84.55 -25.26
N ILE C 189 36.97 83.81 -24.18
CA ILE C 189 35.92 83.55 -23.20
C ILE C 189 36.21 84.24 -21.88
N ALA C 190 37.38 84.01 -21.31
CA ALA C 190 37.73 84.68 -20.06
C ALA C 190 38.03 86.15 -20.27
N GLY C 191 38.45 86.53 -21.47
CA GLY C 191 38.69 87.91 -21.82
C GLY C 191 39.83 88.55 -21.05
N VAL C 192 40.91 87.81 -20.88
CA VAL C 192 42.03 88.24 -20.04
C VAL C 192 43.20 88.74 -20.86
N ASP C 193 43.49 88.06 -21.99
CA ASP C 193 44.53 88.44 -22.97
C ASP C 193 45.92 88.47 -22.34
N ASP C 194 46.18 87.59 -21.38
CA ASP C 194 47.43 87.62 -20.64
C ASP C 194 48.22 86.33 -20.70
N LEU C 195 47.77 85.34 -21.46
CA LEU C 195 48.55 84.17 -21.77
C LEU C 195 49.03 84.23 -23.21
N GLY C 196 50.18 83.61 -23.48
CA GLY C 196 50.72 83.66 -24.82
C GLY C 196 51.84 82.67 -25.02
N THR C 197 52.48 82.78 -26.18
CA THR C 197 53.57 81.90 -26.57
C THR C 197 54.84 82.73 -26.76
N THR C 198 55.76 82.62 -25.81
CA THR C 198 57.06 83.24 -25.95
C THR C 198 58.01 82.28 -26.63
N GLY C 199 59.05 82.83 -27.22
CA GLY C 199 60.03 81.98 -27.86
C GLY C 199 59.64 81.59 -29.27
N ARG C 200 60.36 80.62 -29.80
CA ARG C 200 60.21 80.25 -31.19
C ARG C 200 60.76 78.84 -31.40
N GLY C 201 60.00 78.02 -32.12
CA GLY C 201 60.46 76.68 -32.45
C GLY C 201 60.21 75.66 -31.35
N ASN C 202 61.16 74.76 -31.16
CA ASN C 202 61.04 73.78 -30.08
C ASN C 202 61.37 74.36 -28.73
N ASP C 203 61.75 75.64 -28.66
CA ASP C 203 61.89 76.35 -27.40
C ASP C 203 60.69 77.23 -27.10
N MET C 204 59.60 77.11 -27.86
CA MET C 204 58.44 77.96 -27.64
C MET C 204 57.68 77.50 -26.40
N GLN C 205 57.29 78.45 -25.56
CA GLN C 205 56.72 78.16 -24.26
C GLN C 205 55.43 78.94 -24.09
N VAL C 206 54.38 78.25 -23.67
CA VAL C 206 53.13 78.91 -23.33
C VAL C 206 53.22 79.40 -21.89
N GLY C 207 53.04 80.70 -21.70
CA GLY C 207 53.10 81.25 -20.36
C GLY C 207 52.68 82.70 -20.35
N THR C 208 53.13 83.40 -19.30
CA THR C 208 52.82 84.81 -19.12
C THR C 208 54.02 85.72 -19.29
N TYR C 209 55.23 85.15 -19.37
CA TYR C 209 56.55 85.77 -19.58
C TYR C 209 57.04 86.54 -18.35
N ILE C 210 56.17 86.78 -17.37
CA ILE C 210 56.52 87.48 -16.15
C ILE C 210 55.85 86.78 -14.98
N GLU C 211 56.21 87.19 -13.77
CA GLU C 211 55.61 86.63 -12.56
C GLU C 211 54.22 87.24 -12.36
N LYS C 212 53.31 86.85 -13.23
CA LYS C 212 51.93 87.33 -13.23
C LYS C 212 51.03 86.19 -12.84
N MET C 213 50.01 86.50 -12.05
CA MET C 213 49.12 85.51 -11.47
C MET C 213 47.79 85.55 -12.22
N PHE C 214 47.51 84.50 -12.98
CA PHE C 214 46.32 84.42 -13.82
C PHE C 214 45.10 84.21 -12.92
N MET C 215 44.44 85.31 -12.59
CA MET C 215 43.29 85.29 -11.69
C MET C 215 42.14 86.04 -12.36
N SER C 216 41.32 85.31 -13.10
CA SER C 216 40.01 85.78 -13.50
C SER C 216 38.97 85.02 -12.69
N GLU C 217 37.69 85.22 -13.01
CA GLU C 217 36.64 84.46 -12.35
C GLU C 217 36.46 83.09 -12.98
N LEU C 218 37.03 82.86 -14.16
CA LEU C 218 36.95 81.60 -14.88
C LEU C 218 38.33 80.99 -15.05
N SER C 219 39.25 81.33 -14.16
CA SER C 219 40.66 80.94 -14.27
C SER C 219 40.91 79.46 -14.00
N GLY C 220 39.90 78.67 -13.66
CA GLY C 220 40.11 77.26 -13.42
C GLY C 220 39.67 76.42 -14.59
N ASN C 221 38.90 77.02 -15.52
CA ASN C 221 38.41 76.28 -16.68
C ASN C 221 39.52 75.92 -17.65
N ILE C 222 40.67 76.59 -17.58
CA ILE C 222 41.85 76.19 -18.34
C ILE C 222 42.38 74.82 -17.89
N ILE C 223 42.00 74.38 -16.68
CA ILE C 223 42.29 73.03 -16.24
C ILE C 223 41.47 72.02 -17.03
N ASP C 224 40.25 72.39 -17.44
CA ASP C 224 39.39 71.47 -18.17
C ASP C 224 39.92 71.21 -19.58
N ILE C 225 40.13 72.28 -20.33
CA ILE C 225 40.39 72.15 -21.77
C ILE C 225 41.80 71.71 -22.10
N CYS C 226 42.75 71.80 -21.17
CA CYS C 226 44.11 71.36 -21.43
C CYS C 226 44.13 69.85 -21.65
N PRO C 227 44.41 69.38 -22.87
CA PRO C 227 44.28 67.94 -23.15
C PRO C 227 45.34 67.09 -22.49
N VAL C 228 46.40 67.72 -21.97
CA VAL C 228 47.48 67.05 -21.30
C VAL C 228 47.47 67.50 -19.85
N GLY C 229 48.42 67.02 -19.06
CA GLY C 229 48.44 67.38 -17.65
C GLY C 229 49.32 68.56 -17.33
N ALA C 230 49.39 69.51 -18.26
CA ALA C 230 50.22 70.69 -18.02
C ALA C 230 49.56 71.63 -17.03
N LEU C 231 48.25 71.82 -17.15
CA LEU C 231 47.49 72.63 -16.22
C LEU C 231 46.60 71.69 -15.42
N THR C 232 47.02 71.37 -14.21
CA THR C 232 46.22 70.54 -13.33
C THR C 232 45.57 71.41 -12.26
N SER C 233 44.61 70.83 -11.56
CA SER C 233 43.88 71.51 -10.51
C SER C 233 44.66 71.38 -9.21
N LYS C 234 45.21 72.50 -8.74
CA LYS C 234 46.08 72.48 -7.56
C LYS C 234 45.41 72.05 -6.25
N PRO C 235 44.16 72.44 -5.94
CA PRO C 235 43.52 71.81 -4.76
C PRO C 235 43.22 70.33 -4.97
N TYR C 236 42.82 69.93 -6.17
CA TYR C 236 42.58 68.52 -6.44
C TYR C 236 43.87 67.71 -6.48
N ALA C 237 45.01 68.38 -6.70
CA ALA C 237 46.26 67.74 -7.12
C ALA C 237 46.75 66.69 -6.13
N PHE C 238 47.09 65.53 -6.68
CA PHE C 238 47.72 64.35 -6.08
C PHE C 238 46.77 63.54 -5.21
N THR C 239 45.52 63.99 -5.01
CA THR C 239 44.64 63.29 -4.09
C THR C 239 43.97 62.09 -4.73
N ALA C 240 43.46 62.24 -5.94
CA ALA C 240 42.62 61.18 -6.48
C ALA C 240 42.99 60.83 -7.91
N ARG C 241 42.13 60.06 -8.54
CA ARG C 241 42.43 59.44 -9.82
C ARG C 241 41.12 59.04 -10.49
N PRO C 242 40.89 59.43 -11.74
CA PRO C 242 39.50 59.47 -12.27
C PRO C 242 38.85 58.13 -12.52
N TRP C 243 39.56 57.01 -12.50
CA TRP C 243 38.82 55.77 -12.71
C TRP C 243 38.07 55.33 -11.46
N GLU C 244 38.58 55.63 -10.27
CA GLU C 244 37.90 55.22 -9.04
C GLU C 244 36.93 56.28 -8.52
N THR C 245 36.68 57.33 -9.30
CA THR C 245 35.74 58.36 -8.89
C THR C 245 34.33 58.01 -9.33
N ARG C 246 33.35 58.39 -8.53
CA ARG C 246 31.95 58.21 -8.82
C ARG C 246 31.36 59.54 -9.24
N LYS C 247 30.69 59.56 -10.38
CA LYS C 247 30.14 60.79 -10.95
C LYS C 247 28.72 60.97 -10.44
N THR C 248 28.39 62.19 -10.00
CA THR C 248 27.04 62.53 -9.58
C THR C 248 26.63 63.86 -10.20
N GLU C 249 25.62 63.83 -11.06
CA GLU C 249 25.25 65.01 -11.83
C GLU C 249 24.37 65.91 -10.97
N SER C 250 24.92 67.02 -10.51
CA SER C 250 24.26 67.90 -9.56
C SER C 250 24.19 69.31 -10.12
N ILE C 251 23.68 70.23 -9.30
CA ILE C 251 23.44 71.61 -9.68
C ILE C 251 24.31 72.48 -8.78
N ASP C 252 24.87 73.54 -9.35
CA ASP C 252 25.55 74.55 -8.55
C ASP C 252 24.54 75.36 -7.74
N VAL C 253 24.98 75.82 -6.56
CA VAL C 253 24.20 76.74 -5.75
C VAL C 253 24.95 78.02 -5.43
N MET C 254 26.18 78.18 -5.93
CA MET C 254 26.99 79.34 -5.57
C MET C 254 26.47 80.63 -6.16
N ASP C 255 25.92 80.57 -7.37
CA ASP C 255 25.25 81.71 -7.98
C ASP C 255 23.87 81.25 -8.42
N ALA C 256 23.05 82.20 -8.87
CA ALA C 256 21.72 81.90 -9.35
C ALA C 256 21.69 81.60 -10.83
N VAL C 257 22.82 81.21 -11.41
CA VAL C 257 22.84 80.78 -12.81
C VAL C 257 22.38 79.33 -12.90
N GLY C 258 22.74 78.51 -11.93
CA GLY C 258 22.32 77.13 -11.91
C GLY C 258 23.20 76.28 -12.80
N SER C 259 24.51 76.29 -12.53
CA SER C 259 25.45 75.57 -13.37
C SER C 259 25.34 74.07 -13.12
N ASN C 260 25.13 73.32 -14.19
CA ASN C 260 25.17 71.87 -14.11
C ASN C 260 26.59 71.42 -13.88
N ILE C 261 26.82 70.68 -12.79
CA ILE C 261 28.13 70.20 -12.44
C ILE C 261 28.08 68.69 -12.26
N VAL C 262 29.25 68.08 -12.24
CA VAL C 262 29.47 66.75 -11.71
C VAL C 262 30.20 66.90 -10.39
N VAL C 263 29.57 66.45 -9.31
CA VAL C 263 30.28 66.17 -8.08
C VAL C 263 30.89 64.79 -8.26
N SER C 264 32.20 64.71 -8.44
CA SER C 264 32.86 63.42 -8.56
C SER C 264 33.52 63.11 -7.23
N THR C 265 33.07 62.04 -6.60
CA THR C 265 33.47 61.62 -5.28
C THR C 265 34.36 60.39 -5.38
N ARG C 266 34.81 59.90 -4.24
CA ARG C 266 35.59 58.66 -4.17
C ARG C 266 35.44 58.15 -2.75
N THR C 267 34.75 57.01 -2.60
CA THR C 267 34.57 56.30 -1.32
C THR C 267 33.96 57.21 -0.25
N GLY C 268 32.89 57.90 -0.62
CA GLY C 268 32.18 58.73 0.33
C GLY C 268 32.87 60.03 0.69
N GLU C 269 33.64 60.59 -0.23
CA GLU C 269 34.28 61.87 0.01
C GLU C 269 34.34 62.63 -1.30
N VAL C 270 33.87 63.88 -1.29
CA VAL C 270 33.79 64.69 -2.50
C VAL C 270 35.20 65.05 -2.94
N MET C 271 35.64 64.50 -4.07
CA MET C 271 36.96 64.79 -4.58
C MET C 271 37.01 66.10 -5.35
N ARG C 272 36.18 66.25 -6.38
CA ARG C 272 36.23 67.50 -7.14
C ARG C 272 34.89 67.74 -7.80
N ILE C 273 34.81 68.86 -8.51
CA ILE C 273 33.62 69.32 -9.20
C ILE C 273 34.03 69.63 -10.64
N LEU C 274 33.52 68.84 -11.57
CA LEU C 274 33.67 69.03 -13.01
C LEU C 274 32.46 69.77 -13.54
N PRO C 275 32.55 70.39 -14.72
CA PRO C 275 31.36 70.94 -15.35
C PRO C 275 30.51 69.86 -15.99
N ARG C 276 29.31 70.26 -16.40
CA ARG C 276 28.51 69.48 -17.32
C ARG C 276 28.12 70.35 -18.50
N MET C 277 27.89 69.71 -19.64
CA MET C 277 27.46 70.43 -20.81
C MET C 277 25.99 70.78 -20.66
N HIS C 278 25.65 72.04 -20.89
CA HIS C 278 24.26 72.46 -20.99
C HIS C 278 24.24 73.71 -21.84
N GLU C 279 23.62 73.62 -23.02
CA GLU C 279 23.75 74.67 -24.02
C GLU C 279 23.02 75.95 -23.66
N ASP C 280 22.21 75.95 -22.62
CA ASP C 280 21.40 77.10 -22.27
C ASP C 280 21.81 77.74 -20.95
N ILE C 281 22.81 77.19 -20.25
CA ILE C 281 23.24 77.78 -18.98
C ILE C 281 24.72 78.10 -18.96
N ASN C 282 25.56 77.07 -19.03
CA ASN C 282 26.94 77.20 -18.57
C ASN C 282 27.91 76.54 -19.52
N GLU C 283 27.78 76.83 -20.82
CA GLU C 283 27.78 75.84 -21.90
C GLU C 283 28.58 74.57 -21.66
N GLU C 284 29.86 74.67 -21.31
CA GLU C 284 30.52 73.59 -20.59
C GLU C 284 31.51 74.14 -19.57
N TRP C 285 31.22 75.29 -18.99
CA TRP C 285 32.13 75.97 -18.08
C TRP C 285 31.47 76.09 -16.72
N ILE C 286 32.28 76.45 -15.72
CA ILE C 286 31.82 76.85 -14.40
C ILE C 286 32.75 77.94 -13.89
N SER C 287 32.28 78.66 -12.87
CA SER C 287 33.12 79.69 -12.26
C SER C 287 34.20 79.04 -11.39
N ASP C 288 35.13 79.87 -10.91
CA ASP C 288 36.17 79.35 -10.05
C ASP C 288 35.66 79.05 -8.66
N LYS C 289 34.65 79.80 -8.20
CA LYS C 289 34.03 79.51 -6.91
C LYS C 289 33.33 78.17 -6.93
N THR C 290 32.60 77.89 -8.02
CA THR C 290 31.95 76.60 -8.21
C THR C 290 32.96 75.45 -8.25
N ARG C 291 34.07 75.65 -8.96
CA ARG C 291 35.03 74.58 -9.12
C ARG C 291 35.82 74.32 -7.85
N PHE C 292 36.11 75.36 -7.06
CA PHE C 292 37.07 75.22 -5.99
C PHE C 292 36.51 75.49 -4.60
N ALA C 293 35.19 75.59 -4.43
CA ALA C 293 34.62 75.75 -3.10
C ALA C 293 34.11 74.44 -2.51
N TYR C 294 34.48 73.29 -3.08
CA TYR C 294 34.09 72.01 -2.51
C TYR C 294 34.81 71.70 -1.20
N ASP C 295 35.94 72.35 -0.93
CA ASP C 295 36.72 71.99 0.23
C ASP C 295 36.44 72.87 1.43
N GLY C 296 35.60 73.88 1.28
CA GLY C 296 34.96 74.49 2.43
C GLY C 296 33.76 73.74 2.93
N LEU C 297 33.39 72.69 2.20
CA LEU C 297 32.27 71.83 2.57
C LEU C 297 32.69 70.75 3.55
N LYS C 298 33.97 70.67 3.91
CA LYS C 298 34.45 69.74 4.91
C LYS C 298 35.18 70.42 6.05
N ARG C 299 34.93 71.72 6.24
CA ARG C 299 35.38 72.46 7.40
C ARG C 299 34.20 73.20 7.99
N GLN C 300 34.31 73.52 9.29
CA GLN C 300 33.34 74.30 10.06
C GLN C 300 31.94 73.67 10.06
N ARG C 301 31.85 72.37 9.86
CA ARG C 301 30.55 71.77 9.62
C ARG C 301 29.77 71.56 10.90
N LEU C 302 28.44 71.55 10.76
CA LEU C 302 27.55 71.22 11.86
C LEU C 302 27.19 69.74 11.73
N THR C 303 27.78 68.91 12.57
CA THR C 303 27.54 67.48 12.51
C THR C 303 26.53 66.99 13.53
N GLU C 304 26.44 67.65 14.67
CA GLU C 304 25.58 67.20 15.76
C GLU C 304 24.68 68.34 16.22
N PRO C 305 23.49 68.03 16.74
CA PRO C 305 22.64 69.08 17.30
C PRO C 305 23.23 69.66 18.57
N MET C 306 23.06 70.96 18.73
CA MET C 306 23.58 71.66 19.89
C MET C 306 22.46 72.46 20.54
N VAL C 307 22.44 72.44 21.87
CA VAL C 307 21.49 73.24 22.64
C VAL C 307 22.26 73.98 23.72
N ARG C 308 21.70 75.12 24.15
CA ARG C 308 22.36 75.88 25.21
C ARG C 308 22.17 75.18 26.55
N ASN C 309 23.26 75.06 27.29
CA ASN C 309 23.22 74.44 28.61
C ASN C 309 22.86 75.49 29.66
N GLU C 310 23.07 75.16 30.94
CA GLU C 310 22.79 76.14 32.00
C GLU C 310 23.85 77.23 32.07
N LYS C 311 25.04 77.02 31.50
CA LYS C 311 26.01 78.10 31.37
C LYS C 311 25.83 78.90 30.11
N GLY C 312 24.78 78.65 29.33
CA GLY C 312 24.56 79.39 28.11
C GLY C 312 25.50 79.03 26.98
N LEU C 313 26.17 77.88 27.06
CA LEU C 313 27.07 77.41 26.02
C LEU C 313 26.43 76.26 25.26
N LEU C 314 26.82 76.14 24.00
CA LEU C 314 26.28 75.08 23.15
C LEU C 314 26.92 73.75 23.53
N THR C 315 26.09 72.79 23.92
CA THR C 315 26.51 71.43 24.14
C THR C 315 25.87 70.52 23.12
N HIS C 316 26.56 69.41 22.83
CA HIS C 316 26.06 68.42 21.90
C HIS C 316 24.89 67.68 22.53
N THR C 317 23.86 67.44 21.72
CA THR C 317 22.64 66.83 22.22
C THR C 317 22.12 65.84 21.18
N THR C 318 21.07 65.14 21.56
CA THR C 318 20.44 64.18 20.67
C THR C 318 19.43 64.89 19.78
N TRP C 319 18.75 64.14 18.93
CA TRP C 319 17.66 64.74 18.16
C TRP C 319 16.38 64.86 18.94
N GLU C 320 16.14 63.91 19.87
CA GLU C 320 14.94 63.95 20.70
C GLU C 320 14.92 65.20 21.57
N ASP C 321 16.02 65.46 22.27
CA ASP C 321 16.11 66.60 23.17
C ASP C 321 16.06 67.92 22.41
N ALA C 322 16.76 67.98 21.27
CA ALA C 322 16.80 69.21 20.48
C ALA C 322 15.45 69.53 19.87
N LEU C 323 14.80 68.54 19.25
CA LEU C 323 13.51 68.81 18.64
C LEU C 323 12.42 69.02 19.69
N SER C 324 12.56 68.43 20.88
CA SER C 324 11.60 68.72 21.94
C SER C 324 11.76 70.13 22.47
N ARG C 325 13.01 70.58 22.65
CA ARG C 325 13.22 71.94 23.13
C ARG C 325 12.94 72.98 22.05
N VAL C 326 12.87 72.58 20.79
CA VAL C 326 12.38 73.51 19.78
C VAL C 326 10.86 73.53 19.75
N ALA C 327 10.22 72.35 19.75
CA ALA C 327 8.77 72.28 19.62
C ALA C 327 8.04 72.78 20.85
N GLY C 328 8.67 72.76 22.03
CA GLY C 328 8.05 73.34 23.20
C GLY C 328 7.88 74.85 23.07
N MET C 329 8.86 75.52 22.48
CA MET C 329 8.73 76.94 22.20
C MET C 329 7.86 77.19 20.96
N LEU C 330 7.82 76.22 20.05
CA LEU C 330 7.00 76.36 18.85
C LEU C 330 5.50 76.29 19.19
N GLN C 331 5.14 75.48 20.17
CA GLN C 331 3.73 75.36 20.56
C GLN C 331 3.21 76.61 21.28
N SER C 332 4.10 77.41 21.86
CA SER C 332 3.71 78.60 22.60
C SER C 332 3.72 79.86 21.74
N CYS C 333 3.67 79.72 20.42
CA CYS C 333 3.63 80.85 19.52
C CYS C 333 2.37 80.78 18.65
N GLN C 334 1.97 81.94 18.14
CA GLN C 334 0.86 82.05 17.19
C GLN C 334 0.97 83.41 16.53
N GLY C 335 0.65 83.47 15.24
CA GLY C 335 0.64 84.75 14.55
C GLY C 335 2.05 85.23 14.28
N ASN C 336 2.32 86.47 14.67
CA ASN C 336 3.63 87.07 14.45
C ASN C 336 4.59 86.81 15.60
N ASP C 337 4.26 85.89 16.51
CA ASP C 337 5.17 85.53 17.57
C ASP C 337 6.34 84.70 17.07
N VAL C 338 6.20 84.05 15.92
CA VAL C 338 7.25 83.24 15.32
C VAL C 338 7.42 83.68 13.86
N ALA C 339 8.67 83.71 13.40
CA ALA C 339 8.97 84.10 12.03
C ALA C 339 10.16 83.29 11.53
N ALA C 340 10.49 83.48 10.26
CA ALA C 340 11.51 82.66 9.63
C ALA C 340 12.30 83.48 8.62
N ILE C 341 13.62 83.35 8.67
CA ILE C 341 14.53 83.91 7.68
C ILE C 341 15.13 82.77 6.88
N ALA C 342 15.02 82.84 5.57
CA ALA C 342 15.63 81.85 4.69
C ALA C 342 16.98 82.35 4.21
N GLY C 343 17.98 81.47 4.26
CA GLY C 343 19.32 81.82 3.84
C GLY C 343 19.47 81.73 2.33
N GLY C 344 20.73 81.77 1.91
CA GLY C 344 21.03 81.84 0.49
C GLY C 344 21.08 80.54 -0.26
N LEU C 345 21.06 79.40 0.46
CA LEU C 345 21.38 78.12 -0.17
C LEU C 345 20.31 77.07 0.07
N VAL C 346 19.09 77.48 0.43
CA VAL C 346 18.08 76.56 0.94
C VAL C 346 17.17 76.12 -0.20
N ASP C 347 17.04 74.82 -0.36
CA ASP C 347 16.21 74.23 -1.40
C ASP C 347 14.73 74.49 -1.16
N ALA C 348 13.97 74.44 -2.26
CA ALA C 348 12.53 74.66 -2.23
C ALA C 348 11.78 73.62 -1.41
N GLU C 349 12.35 72.42 -1.24
CA GLU C 349 11.74 71.41 -0.37
C GLU C 349 11.71 71.89 1.08
N ALA C 350 12.86 72.33 1.60
CA ALA C 350 12.91 72.84 2.96
C ALA C 350 12.18 74.16 3.10
N LEU C 351 12.10 74.93 2.01
CA LEU C 351 11.40 76.21 2.09
C LEU C 351 9.89 76.00 2.22
N ILE C 352 9.33 75.09 1.42
CA ILE C 352 7.90 74.82 1.59
C ILE C 352 7.64 73.97 2.82
N ALA C 353 8.64 73.24 3.30
CA ALA C 353 8.55 72.55 4.59
C ALA C 353 8.35 73.55 5.72
N LEU C 354 9.21 74.55 5.78
CA LEU C 354 9.10 75.53 6.86
C LEU C 354 7.91 76.46 6.66
N LYS C 355 7.49 76.68 5.40
CA LYS C 355 6.29 77.48 5.18
C LYS C 355 5.05 76.77 5.65
N ASP C 356 4.96 75.45 5.42
CA ASP C 356 3.83 74.69 5.94
C ASP C 356 3.88 74.58 7.46
N LEU C 357 5.09 74.50 8.03
CA LEU C 357 5.20 74.39 9.49
C LEU C 357 4.82 75.69 10.17
N LEU C 358 5.21 76.84 9.61
CA LEU C 358 4.78 78.11 10.17
C LEU C 358 3.33 78.44 9.84
N ASN C 359 2.79 77.89 8.76
CA ASN C 359 1.36 78.07 8.53
C ASN C 359 0.51 77.21 9.46
N ARG C 360 1.05 76.10 9.98
CA ARG C 360 0.33 75.39 11.03
C ARG C 360 0.30 76.18 12.33
N VAL C 361 1.26 77.09 12.54
CA VAL C 361 1.20 78.05 13.62
C VAL C 361 0.42 79.30 13.19
N ASP C 362 0.01 79.36 11.92
CA ASP C 362 -0.60 80.52 11.27
C ASP C 362 0.31 81.75 11.40
N SER C 363 1.47 81.64 10.77
CA SER C 363 2.45 82.72 10.72
C SER C 363 2.75 83.02 9.27
N ASP C 364 2.31 84.18 8.80
CA ASP C 364 2.59 84.58 7.42
C ASP C 364 4.01 85.06 7.23
N THR C 365 4.74 85.31 8.30
CA THR C 365 6.04 85.98 8.21
C THR C 365 7.11 84.93 7.98
N LEU C 366 7.48 84.75 6.72
CA LEU C 366 8.68 84.04 6.34
C LEU C 366 9.48 84.93 5.40
N CYS C 367 10.77 85.07 5.67
CA CYS C 367 11.58 86.08 5.03
C CYS C 367 12.81 85.47 4.38
N THR C 368 13.42 86.25 3.49
CA THR C 368 14.70 85.92 2.89
C THR C 368 15.73 86.97 3.30
N GLU C 369 17.01 86.65 3.08
CA GLU C 369 18.05 87.64 3.33
C GLU C 369 18.11 88.70 2.25
N GLU C 370 17.66 88.38 1.04
CA GLU C 370 17.79 89.28 -0.09
C GLU C 370 16.51 90.10 -0.23
N VAL C 371 16.64 91.42 -0.13
CA VAL C 371 15.50 92.32 -0.11
C VAL C 371 14.99 92.50 -1.55
N PHE C 372 14.00 91.74 -1.92
CA PHE C 372 13.35 92.05 -3.17
C PHE C 372 12.18 92.98 -2.90
N PRO C 373 11.97 94.03 -3.70
CA PRO C 373 10.90 94.98 -3.40
C PRO C 373 9.52 94.40 -3.71
N THR C 374 8.62 94.54 -2.74
CA THR C 374 7.28 93.99 -2.82
C THR C 374 6.23 94.99 -3.27
N ALA C 375 6.59 96.27 -3.36
CA ALA C 375 5.61 97.29 -3.74
C ALA C 375 5.32 97.20 -5.23
N GLY C 376 4.04 97.15 -5.56
CA GLY C 376 3.62 96.89 -6.93
C GLY C 376 3.07 95.49 -7.04
N ALA C 377 3.46 94.77 -8.09
CA ALA C 377 3.01 93.40 -8.25
C ALA C 377 3.68 92.47 -7.25
N GLY C 378 4.92 92.77 -6.87
CA GLY C 378 5.59 91.99 -5.84
C GLY C 378 6.03 90.64 -6.36
N THR C 379 5.77 89.60 -5.57
CA THR C 379 6.10 88.24 -5.94
C THR C 379 4.93 87.52 -6.58
N ASP C 380 3.88 88.25 -6.95
CA ASP C 380 2.69 87.63 -7.52
C ASP C 380 2.95 87.16 -8.94
N LEU C 381 3.22 88.09 -9.85
CA LEU C 381 3.64 87.75 -11.19
C LEU C 381 5.11 87.37 -11.18
N ARG C 382 5.43 86.25 -11.84
CA ARG C 382 6.82 85.81 -11.87
C ARG C 382 7.68 86.66 -12.79
N SER C 383 7.07 87.35 -13.76
CA SER C 383 7.82 88.00 -14.83
C SER C 383 8.59 89.22 -14.38
N ASN C 384 8.35 89.75 -13.18
CA ASN C 384 9.16 90.84 -12.68
C ASN C 384 10.09 90.42 -11.54
N TYR C 385 10.46 89.14 -11.47
CA TYR C 385 11.66 88.77 -10.73
C TYR C 385 12.46 87.66 -11.40
N LEU C 386 12.22 87.35 -12.66
CA LEU C 386 13.00 86.36 -13.37
C LEU C 386 13.99 87.02 -14.31
N LEU C 387 14.93 86.21 -14.80
CA LEU C 387 15.66 86.55 -16.02
C LEU C 387 14.76 86.09 -17.15
N ASN C 388 13.91 87.01 -17.61
CA ASN C 388 12.73 86.66 -18.40
C ASN C 388 13.06 86.24 -19.81
N THR C 389 14.19 86.68 -20.36
CA THR C 389 14.46 86.38 -21.77
C THR C 389 14.94 84.93 -21.92
N THR C 390 16.16 84.65 -21.44
CA THR C 390 16.79 83.42 -20.96
C THR C 390 18.24 83.79 -20.69
N ILE C 391 19.05 82.85 -20.19
CA ILE C 391 20.49 82.98 -20.33
C ILE C 391 20.87 82.91 -21.81
N ALA C 392 20.18 82.05 -22.57
CA ALA C 392 20.45 81.91 -23.99
C ALA C 392 19.90 83.07 -24.82
N GLY C 393 18.99 83.87 -24.26
CA GLY C 393 18.42 84.99 -24.98
C GLY C 393 19.42 86.10 -25.28
N VAL C 394 20.53 86.13 -24.55
CA VAL C 394 21.64 87.03 -24.87
C VAL C 394 22.18 86.74 -26.26
N GLU C 395 22.10 85.47 -26.70
CA GLU C 395 22.50 85.11 -28.05
C GLU C 395 21.53 85.59 -29.12
N GLU C 396 20.39 86.17 -28.75
CA GLU C 396 19.52 86.82 -29.72
C GLU C 396 19.49 88.33 -29.55
N ALA C 397 19.93 88.86 -28.41
CA ALA C 397 19.87 90.30 -28.17
C ALA C 397 20.91 91.04 -29.00
N ASP C 398 20.69 92.34 -29.16
CA ASP C 398 21.66 93.22 -29.79
C ASP C 398 22.01 94.45 -28.97
N VAL C 399 21.21 94.80 -27.96
CA VAL C 399 21.54 95.83 -27.00
C VAL C 399 21.25 95.27 -25.61
N VAL C 400 22.25 95.25 -24.74
CA VAL C 400 22.09 94.81 -23.37
C VAL C 400 22.38 95.98 -22.44
N LEU C 401 21.36 96.41 -21.70
CA LEU C 401 21.51 97.45 -20.69
C LEU C 401 21.60 96.79 -19.32
N LEU C 402 22.73 96.98 -18.66
CA LEU C 402 22.98 96.42 -17.33
C LEU C 402 22.81 97.52 -16.30
N VAL C 403 21.89 97.35 -15.37
CA VAL C 403 21.54 98.42 -14.44
C VAL C 403 21.90 97.98 -13.03
N GLY C 404 22.88 98.65 -12.43
CA GLY C 404 23.20 98.47 -11.03
C GLY C 404 23.79 97.13 -10.66
N THR C 405 24.54 96.51 -11.57
CA THR C 405 25.05 95.18 -11.34
C THR C 405 26.49 95.06 -11.79
N ASN C 406 27.17 94.04 -11.27
CA ASN C 406 28.49 93.63 -11.73
C ASN C 406 28.36 92.15 -12.10
N PRO C 407 27.88 91.85 -13.30
CA PRO C 407 27.61 90.44 -13.66
C PRO C 407 28.85 89.60 -13.85
N ARG C 408 30.04 90.20 -13.83
CA ARG C 408 31.27 89.43 -13.85
C ARG C 408 31.42 88.60 -12.59
N PHE C 409 31.04 89.16 -11.45
CA PHE C 409 31.20 88.46 -10.19
C PHE C 409 29.90 88.05 -9.53
N GLU C 410 28.79 88.72 -9.85
CA GLU C 410 27.50 88.31 -9.29
C GLU C 410 27.01 87.03 -9.94
N ALA C 411 27.24 86.88 -11.24
CA ALA C 411 26.75 85.72 -11.99
C ALA C 411 27.67 85.50 -13.18
N PRO C 412 28.81 84.84 -12.96
CA PRO C 412 29.93 84.93 -13.93
C PRO C 412 29.67 84.30 -15.27
N LEU C 413 28.86 83.25 -15.34
CA LEU C 413 28.64 82.63 -16.64
C LEU C 413 27.59 83.36 -17.44
N PHE C 414 26.73 84.13 -16.78
CA PHE C 414 25.91 85.08 -17.51
C PHE C 414 26.79 86.16 -18.16
N ASN C 415 27.86 86.58 -17.47
CA ASN C 415 28.82 87.49 -18.08
C ASN C 415 29.57 86.83 -19.22
N ALA C 416 29.88 85.54 -19.10
CA ALA C 416 30.53 84.84 -20.20
C ALA C 416 29.62 84.73 -21.41
N ARG C 417 28.31 84.60 -21.19
CA ARG C 417 27.38 84.57 -22.31
C ARG C 417 27.24 85.97 -22.94
N ILE C 418 27.30 87.02 -22.12
CA ILE C 418 27.30 88.38 -22.66
C ILE C 418 28.57 88.64 -23.46
N ARG C 419 29.71 88.13 -22.99
CA ARG C 419 30.95 88.30 -23.75
C ARG C 419 30.92 87.50 -25.06
N LYS C 420 30.33 86.31 -25.04
CA LYS C 420 30.25 85.53 -26.28
C LYS C 420 29.33 86.22 -27.30
N SER C 421 28.23 86.81 -26.83
CA SER C 421 27.39 87.59 -27.73
C SER C 421 28.07 88.89 -28.14
N TRP C 422 28.92 89.43 -27.28
CA TRP C 422 29.70 90.63 -27.60
C TRP C 422 30.71 90.35 -28.70
N LEU C 423 31.28 89.16 -28.69
CA LEU C 423 32.32 88.81 -29.64
C LEU C 423 31.73 88.36 -30.96
N HIS C 424 30.69 87.54 -30.93
CA HIS C 424 30.19 86.90 -32.15
C HIS C 424 29.03 87.61 -32.79
N ASN C 425 28.13 88.21 -32.01
CA ASN C 425 26.96 88.88 -32.56
C ASN C 425 27.10 90.40 -32.60
N ASP C 426 28.26 90.93 -32.21
CA ASP C 426 28.54 92.36 -32.11
C ASP C 426 27.49 93.05 -31.22
N LEU C 427 27.35 92.52 -30.01
CA LEU C 427 26.43 93.06 -29.03
C LEU C 427 26.89 94.42 -28.56
N LYS C 428 25.94 95.34 -28.35
CA LYS C 428 26.25 96.67 -27.84
C LYS C 428 25.79 96.73 -26.39
N VAL C 429 26.76 96.71 -25.47
CA VAL C 429 26.49 96.60 -24.04
C VAL C 429 26.68 97.98 -23.42
N ALA C 430 25.72 98.39 -22.58
CA ALA C 430 25.86 99.57 -21.76
C ALA C 430 25.63 99.20 -20.31
N LEU C 431 26.17 100.02 -19.41
CA LEU C 431 26.14 99.75 -17.98
C LEU C 431 25.80 101.02 -17.22
N ILE C 432 24.84 100.92 -16.32
CA ILE C 432 24.56 101.96 -15.34
C ILE C 432 25.03 101.44 -13.99
N GLY C 433 26.00 102.12 -13.42
CA GLY C 433 26.66 101.64 -12.22
C GLY C 433 28.07 102.19 -12.16
N SER C 434 28.85 101.65 -11.24
CA SER C 434 30.24 102.06 -11.13
C SER C 434 31.04 101.45 -12.27
N PRO C 435 32.04 102.16 -12.81
CA PRO C 435 32.77 101.64 -13.97
C PRO C 435 33.69 100.48 -13.64
N VAL C 436 33.12 99.30 -13.49
CA VAL C 436 33.90 98.10 -13.17
C VAL C 436 34.31 97.41 -14.46
N ASP C 437 35.33 96.55 -14.34
CA ASP C 437 35.80 95.76 -15.47
C ASP C 437 34.89 94.57 -15.67
N LEU C 438 34.63 94.24 -16.94
CA LEU C 438 33.70 93.16 -17.26
C LEU C 438 34.26 92.15 -18.26
N THR C 439 35.57 92.19 -18.52
CA THR C 439 36.31 91.37 -19.50
C THR C 439 35.86 91.60 -20.94
N TYR C 440 35.13 92.68 -21.19
CA TYR C 440 34.90 93.21 -22.52
C TYR C 440 34.73 94.72 -22.36
N ARG C 441 34.62 95.41 -23.48
CA ARG C 441 34.44 96.85 -23.44
C ARG C 441 32.97 97.20 -23.64
N TYR C 442 32.47 98.12 -22.83
CA TYR C 442 31.08 98.56 -22.87
C TYR C 442 30.99 100.07 -22.97
N ASP C 443 29.79 100.60 -22.80
CA ASP C 443 29.53 102.04 -22.87
C ASP C 443 28.98 102.46 -21.50
N HIS C 444 29.82 103.12 -20.71
CA HIS C 444 29.46 103.47 -19.34
C HIS C 444 28.59 104.72 -19.35
N LEU C 445 27.30 104.54 -19.06
CA LEU C 445 26.35 105.65 -19.07
C LEU C 445 26.46 106.54 -17.85
N GLY C 446 27.04 106.05 -16.77
CA GLY C 446 27.11 106.77 -15.51
C GLY C 446 26.73 105.88 -14.35
N ASP C 447 26.78 106.47 -13.16
CA ASP C 447 26.56 105.73 -11.93
C ASP C 447 25.30 106.12 -11.17
N SER C 448 24.78 107.34 -11.36
CA SER C 448 23.62 107.73 -10.57
C SER C 448 22.33 107.24 -11.23
N PRO C 449 21.33 106.83 -10.42
CA PRO C 449 20.11 106.25 -11.01
C PRO C 449 19.18 107.24 -11.69
N LYS C 450 19.50 108.55 -11.69
CA LYS C 450 18.71 109.53 -12.43
C LYS C 450 18.75 109.30 -13.93
N ILE C 451 19.76 108.58 -14.42
CA ILE C 451 19.83 108.13 -15.80
C ILE C 451 18.66 107.23 -16.14
N LEU C 452 18.18 106.46 -15.16
CA LEU C 452 16.96 105.68 -15.34
C LEU C 452 15.75 106.58 -15.55
N GLN C 453 15.75 107.75 -14.91
CA GLN C 453 14.76 108.77 -15.25
C GLN C 453 15.06 109.46 -16.57
N ASP C 454 16.32 109.46 -17.01
CA ASP C 454 16.68 110.08 -18.27
C ASP C 454 16.32 109.20 -19.46
N ILE C 455 16.50 107.89 -19.32
CA ILE C 455 16.19 106.96 -20.39
C ILE C 455 14.67 106.82 -20.55
N ALA C 456 13.95 106.79 -19.42
CA ALA C 456 12.50 106.61 -19.44
C ALA C 456 11.75 107.81 -20.02
N SER C 457 12.40 108.97 -20.17
CA SER C 457 11.79 110.12 -20.81
C SER C 457 12.24 110.32 -22.25
N GLY C 458 13.34 109.68 -22.67
CA GLY C 458 13.81 109.81 -24.03
C GLY C 458 14.76 110.96 -24.29
N SER C 459 15.14 111.70 -23.26
CA SER C 459 16.05 112.84 -23.43
C SER C 459 17.52 112.41 -23.51
N HIS C 460 17.84 111.22 -23.05
CA HIS C 460 19.17 110.62 -22.93
C HIS C 460 19.60 110.05 -24.29
N PRO C 461 20.89 110.13 -24.63
CA PRO C 461 21.31 109.69 -25.99
C PRO C 461 21.29 108.19 -26.20
N PHE C 462 21.20 107.37 -25.15
CA PHE C 462 21.12 105.93 -25.31
C PHE C 462 19.69 105.46 -25.59
N SER C 463 18.70 106.33 -25.38
CA SER C 463 17.32 105.95 -25.62
C SER C 463 17.03 105.73 -27.09
N GLN C 464 17.71 106.45 -28.00
CA GLN C 464 17.54 106.18 -29.43
C GLN C 464 18.07 104.81 -29.81
N VAL C 465 19.17 104.38 -29.19
CA VAL C 465 19.72 103.06 -29.44
C VAL C 465 18.79 101.99 -28.90
N LEU C 466 18.15 102.25 -27.76
CA LEU C 466 17.14 101.32 -27.25
C LEU C 466 15.90 101.28 -28.12
N GLN C 467 15.53 102.41 -28.74
CA GLN C 467 14.33 102.41 -29.57
C GLN C 467 14.54 101.73 -30.90
N GLU C 468 15.69 101.97 -31.55
CA GLU C 468 15.90 101.36 -32.86
C GLU C 468 16.55 99.99 -32.78
N ALA C 469 16.72 99.44 -31.58
CA ALA C 469 17.18 98.06 -31.44
C ALA C 469 16.05 97.10 -31.73
N LYS C 470 16.33 96.09 -32.55
CA LYS C 470 15.27 95.17 -32.95
C LYS C 470 14.99 94.13 -31.86
N LYS C 471 16.02 93.73 -31.11
CA LYS C 471 15.86 92.79 -30.00
C LYS C 471 16.59 93.30 -28.76
N PRO C 472 16.10 94.37 -28.13
CA PRO C 472 16.85 94.95 -27.01
C PRO C 472 16.63 94.15 -25.72
N MET C 473 17.50 94.43 -24.76
CA MET C 473 17.51 93.68 -23.51
C MET C 473 17.95 94.59 -22.38
N VAL C 474 17.22 94.59 -21.27
CA VAL C 474 17.52 95.41 -20.11
C VAL C 474 17.66 94.49 -18.91
N VAL C 475 18.84 94.48 -18.29
CA VAL C 475 19.13 93.59 -17.17
C VAL C 475 19.31 94.44 -15.92
N LEU C 476 18.40 94.28 -14.97
CA LEU C 476 18.50 94.93 -13.67
C LEU C 476 19.00 93.91 -12.66
N GLY C 477 20.22 94.11 -12.18
CA GLY C 477 20.79 93.15 -11.23
C GLY C 477 20.13 93.27 -9.86
N SER C 478 19.92 92.13 -9.24
CA SER C 478 19.19 92.06 -7.98
C SER C 478 20.02 92.55 -6.79
N SER C 479 21.31 92.82 -6.97
CA SER C 479 22.09 93.42 -5.90
C SER C 479 21.83 94.91 -5.78
N ALA C 480 21.27 95.54 -6.82
CA ALA C 480 20.85 96.93 -6.72
C ALA C 480 19.55 97.09 -5.96
N LEU C 481 18.72 96.05 -5.91
CA LEU C 481 17.43 96.10 -5.23
C LEU C 481 17.56 96.06 -3.72
N GLN C 482 18.76 95.79 -3.19
CA GLN C 482 19.00 95.81 -1.75
C GLN C 482 19.01 97.21 -1.17
N ARG C 483 19.09 98.24 -2.02
CA ARG C 483 19.05 99.61 -1.58
C ARG C 483 17.65 99.96 -1.05
N ASN C 484 17.58 101.09 -0.34
CA ASN C 484 16.34 101.53 0.28
C ASN C 484 15.30 101.96 -0.74
N ASP C 485 15.72 102.31 -1.95
CA ASP C 485 14.83 102.70 -3.04
C ASP C 485 14.77 101.62 -4.13
N GLY C 486 14.79 100.35 -3.72
CA GLY C 486 14.78 99.26 -4.68
C GLY C 486 13.50 99.17 -5.48
N ALA C 487 12.37 99.52 -4.87
CA ALA C 487 11.11 99.58 -5.60
C ALA C 487 11.13 100.71 -6.61
N ALA C 488 11.81 101.82 -6.29
CA ALA C 488 11.92 102.93 -7.23
C ALA C 488 12.79 102.56 -8.43
N ILE C 489 13.91 101.87 -8.18
CA ILE C 489 14.77 101.42 -9.27
C ILE C 489 14.05 100.40 -10.14
N LEU C 490 13.33 99.46 -9.51
CA LEU C 490 12.58 98.45 -10.26
C LEU C 490 11.46 99.08 -11.06
N ALA C 491 10.76 100.08 -10.51
CA ALA C 491 9.68 100.73 -11.23
C ALA C 491 10.20 101.55 -12.40
N ALA C 492 11.35 102.22 -12.23
CA ALA C 492 11.92 102.99 -13.32
C ALA C 492 12.42 102.09 -14.44
N VAL C 493 13.06 100.97 -14.09
CA VAL C 493 13.57 100.06 -15.11
C VAL C 493 12.43 99.33 -15.81
N SER C 494 11.35 99.03 -15.08
CA SER C 494 10.18 98.45 -15.69
C SER C 494 9.46 99.46 -16.59
N ASN C 495 9.49 100.74 -16.22
CA ASN C 495 8.97 101.79 -17.09
C ASN C 495 9.77 101.88 -18.38
N ILE C 496 11.10 101.74 -18.28
CA ILE C 496 11.95 101.72 -19.46
C ILE C 496 11.62 100.53 -20.36
N ALA C 497 11.46 99.35 -19.75
CA ALA C 497 11.22 98.13 -20.51
C ALA C 497 9.85 98.16 -21.19
N GLN C 498 8.84 98.72 -20.52
CA GLN C 498 7.54 98.82 -21.15
C GLN C 498 7.45 99.97 -22.14
N LYS C 499 8.31 100.98 -22.02
CA LYS C 499 8.38 102.01 -23.05
C LYS C 499 9.02 101.47 -24.31
N ILE C 500 10.02 100.60 -24.17
CA ILE C 500 10.70 100.05 -25.34
C ILE C 500 9.83 98.98 -26.00
N ARG C 501 9.32 98.04 -25.20
CA ARG C 501 8.68 96.85 -25.76
C ARG C 501 7.33 97.16 -26.40
N THR C 502 6.47 97.89 -25.70
CA THR C 502 5.12 98.14 -26.19
C THR C 502 5.07 99.15 -27.33
N SER C 503 6.12 99.92 -27.55
CA SER C 503 6.16 100.90 -28.63
C SER C 503 7.01 100.47 -29.80
N SER C 504 8.27 100.14 -29.56
CA SER C 504 9.21 99.86 -30.65
C SER C 504 8.97 98.47 -31.24
N GLY C 505 9.83 98.09 -32.18
CA GLY C 505 9.65 96.86 -32.93
C GLY C 505 10.04 95.60 -32.20
N VAL C 506 9.37 95.30 -31.10
CA VAL C 506 9.55 94.06 -30.36
C VAL C 506 8.42 93.13 -30.75
N THR C 507 8.74 91.84 -30.94
CA THR C 507 7.77 90.86 -31.40
C THR C 507 6.67 90.62 -30.37
N GLY C 508 7.05 90.23 -29.17
CA GLY C 508 6.09 89.85 -28.16
C GLY C 508 6.54 88.58 -27.47
N ASP C 509 7.21 87.70 -28.22
CA ASP C 509 7.94 86.62 -27.59
C ASP C 509 9.22 87.12 -26.97
N TRP C 510 9.75 88.24 -27.46
CA TRP C 510 10.99 88.79 -26.95
C TRP C 510 10.73 89.55 -25.66
N LYS C 511 11.50 89.21 -24.62
CA LYS C 511 11.34 89.79 -23.30
C LYS C 511 12.46 90.79 -23.05
N VAL C 512 12.12 91.97 -22.56
CA VAL C 512 13.09 93.05 -22.35
C VAL C 512 13.48 93.18 -20.88
N MET C 513 12.50 93.19 -19.99
CA MET C 513 12.77 93.31 -18.56
C MET C 513 13.37 92.02 -18.03
N ASN C 514 14.51 92.15 -17.34
CA ASN C 514 15.25 91.00 -16.84
C ASN C 514 15.87 91.33 -15.49
N ILE C 515 15.78 90.38 -14.55
CA ILE C 515 16.40 90.54 -13.24
C ILE C 515 17.39 89.40 -13.02
N LEU C 516 18.65 89.75 -12.83
CA LEU C 516 19.72 88.81 -12.59
C LEU C 516 19.90 88.64 -11.08
N HIS C 517 19.47 87.49 -10.56
CA HIS C 517 19.66 87.24 -9.15
C HIS C 517 21.06 86.71 -8.88
N ARG C 518 21.50 86.88 -7.64
CA ARG C 518 22.78 86.38 -7.18
C ARG C 518 22.67 85.26 -6.16
N ILE C 519 21.47 84.99 -5.67
CA ILE C 519 21.21 83.97 -4.65
C ILE C 519 20.45 82.83 -5.28
N ALA C 520 20.94 81.61 -5.10
CA ALA C 520 20.32 80.45 -5.74
C ALA C 520 18.97 80.12 -5.12
N SER C 521 18.80 80.34 -3.82
CA SER C 521 17.57 80.01 -3.13
C SER C 521 16.48 81.06 -3.33
N GLN C 522 16.80 82.20 -3.94
CA GLN C 522 15.89 83.33 -3.90
C GLN C 522 14.71 83.17 -4.84
N VAL C 523 14.96 82.69 -6.07
CA VAL C 523 13.91 82.60 -7.07
C VAL C 523 12.88 81.55 -6.66
N ALA C 524 13.33 80.45 -6.06
CA ALA C 524 12.40 79.46 -5.54
C ALA C 524 11.64 80.00 -4.34
N ALA C 525 12.31 80.80 -3.50
CA ALA C 525 11.64 81.37 -2.33
C ALA C 525 10.60 82.41 -2.74
N LEU C 526 10.80 83.08 -3.86
CA LEU C 526 9.80 84.00 -4.34
C LEU C 526 8.68 83.27 -5.10
N ASP C 527 9.00 82.13 -5.72
CA ASP C 527 7.94 81.31 -6.30
C ASP C 527 7.09 80.67 -5.21
N LEU C 528 7.66 80.37 -4.05
CA LEU C 528 6.95 79.75 -2.95
C LEU C 528 6.17 80.74 -2.09
N GLY C 529 6.21 82.02 -2.41
CA GLY C 529 5.35 82.97 -1.74
C GLY C 529 5.91 83.57 -0.47
N TYR C 530 7.22 83.71 -0.37
CA TYR C 530 7.78 84.37 0.81
C TYR C 530 7.63 85.88 0.70
N LYS C 531 7.79 86.53 1.84
CA LYS C 531 7.94 87.98 1.87
C LYS C 531 9.43 88.30 1.87
N PRO C 532 9.98 88.78 0.77
CA PRO C 532 11.43 89.01 0.72
C PRO C 532 11.83 90.25 1.50
N GLY C 533 13.02 90.19 2.07
CA GLY C 533 13.48 91.24 2.95
C GLY C 533 12.99 91.03 4.37
N VAL C 534 13.71 91.64 5.32
CA VAL C 534 13.44 91.44 6.72
C VAL C 534 12.69 92.63 7.32
N GLU C 535 12.00 93.43 6.49
CA GLU C 535 11.15 94.49 7.03
C GLU C 535 9.91 93.95 7.71
N ALA C 536 9.48 92.73 7.36
CA ALA C 536 8.34 92.11 8.03
C ALA C 536 8.69 91.68 9.45
N ILE C 537 9.95 91.42 9.72
CA ILE C 537 10.39 91.09 11.07
C ILE C 537 10.79 92.34 11.84
N ARG C 538 11.39 93.32 11.16
CA ARG C 538 11.70 94.59 11.80
C ARG C 538 10.46 95.43 12.09
N LYS C 539 9.32 95.11 11.46
CA LYS C 539 8.06 95.74 11.83
C LYS C 539 7.65 95.37 13.24
N ASN C 540 7.44 94.08 13.48
CA ASN C 540 7.14 93.57 14.81
C ASN C 540 7.98 92.34 15.12
N PRO C 541 8.85 92.41 16.13
CA PRO C 541 9.83 91.35 16.34
C PRO C 541 9.20 90.11 16.96
N PRO C 542 9.53 88.94 16.44
CA PRO C 542 9.03 87.68 17.01
C PRO C 542 9.88 87.21 18.17
N LYS C 543 9.28 86.39 19.02
CA LYS C 543 9.96 85.79 20.15
C LYS C 543 10.59 84.45 19.83
N MET C 544 10.43 83.96 18.60
CA MET C 544 11.09 82.75 18.14
C MET C 544 11.38 82.89 16.66
N LEU C 545 12.60 82.56 16.24
CA LEU C 545 13.03 82.81 14.88
C LEU C 545 13.68 81.56 14.31
N PHE C 546 13.27 81.20 13.10
CA PHE C 546 13.90 80.10 12.38
C PHE C 546 14.90 80.64 11.36
N LEU C 547 16.14 80.20 11.48
CA LEU C 547 17.19 80.56 10.53
C LEU C 547 17.52 79.33 9.71
N LEU C 548 16.98 79.24 8.50
CA LEU C 548 17.40 78.21 7.55
C LEU C 548 18.65 78.70 6.84
N GLY C 549 19.82 78.30 7.36
CA GLY C 549 21.09 78.64 6.74
C GLY C 549 21.40 80.11 6.67
N ALA C 550 20.77 80.93 7.51
CA ALA C 550 20.86 82.38 7.41
C ALA C 550 22.14 82.84 8.09
N ASP C 551 23.17 83.12 7.30
CA ASP C 551 24.46 83.57 7.81
C ASP C 551 24.89 84.88 7.18
N GLY C 552 23.99 85.61 6.54
CA GLY C 552 24.33 86.88 5.94
C GLY C 552 24.52 88.03 6.88
N GLY C 553 24.37 87.81 8.20
CA GLY C 553 24.54 88.87 9.17
C GLY C 553 23.45 89.91 9.12
N CYS C 554 22.27 89.57 8.60
CA CYS C 554 21.22 90.56 8.39
C CYS C 554 20.58 90.97 9.71
N VAL C 555 20.01 90.01 10.42
CA VAL C 555 19.25 90.27 11.64
C VAL C 555 19.97 89.58 12.80
N THR C 556 20.39 90.36 13.77
CA THR C 556 21.02 89.86 14.98
C THR C 556 20.13 90.12 16.19
N ARG C 557 20.62 89.77 17.38
CA ARG C 557 19.83 89.87 18.60
C ARG C 557 19.58 91.30 19.06
N GLN C 558 20.21 92.30 18.44
CA GLN C 558 19.89 93.68 18.74
C GLN C 558 18.57 94.11 18.12
N ASP C 559 18.03 93.34 17.17
CA ASP C 559 16.75 93.63 16.56
C ASP C 559 15.62 92.82 17.15
N LEU C 560 15.92 91.72 17.82
CA LEU C 560 14.92 90.84 18.41
C LEU C 560 14.56 91.36 19.80
N PRO C 561 13.54 90.77 20.47
CA PRO C 561 13.35 91.09 21.90
C PRO C 561 14.41 90.47 22.82
N LYS C 562 14.19 90.60 24.12
CA LYS C 562 15.21 90.31 25.11
C LYS C 562 15.56 88.82 25.14
N ASP C 563 14.57 87.95 25.00
CA ASP C 563 14.78 86.51 24.96
C ASP C 563 14.09 85.94 23.72
N CYS C 564 14.79 86.00 22.59
CA CYS C 564 14.30 85.37 21.37
C CYS C 564 14.91 84.00 21.23
N PHE C 565 14.06 83.00 21.00
CA PHE C 565 14.50 81.61 20.91
C PHE C 565 14.90 81.37 19.46
N ILE C 566 16.16 81.60 19.17
CA ILE C 566 16.67 81.52 17.79
C ILE C 566 17.10 80.08 17.51
N VAL C 567 16.55 79.52 16.43
CA VAL C 567 16.90 78.20 15.96
C VAL C 567 17.59 78.34 14.62
N TYR C 568 18.84 77.93 14.53
CA TYR C 568 19.59 77.96 13.29
C TYR C 568 19.66 76.55 12.71
N GLN C 569 18.99 76.34 11.60
CA GLN C 569 19.06 75.08 10.86
C GLN C 569 19.97 75.28 9.66
N GLY C 570 21.21 74.82 9.77
CA GLY C 570 22.14 75.00 8.68
C GLY C 570 23.15 73.88 8.64
N HIS C 571 24.11 74.04 7.72
CA HIS C 571 25.15 73.05 7.50
C HIS C 571 26.54 73.52 7.89
N HIS C 572 26.84 74.80 7.77
CA HIS C 572 28.03 75.40 8.35
C HIS C 572 27.66 76.22 9.58
N GLY C 573 28.58 76.27 10.53
CA GLY C 573 28.44 77.21 11.62
C GLY C 573 29.17 78.49 11.35
N ASP C 574 28.48 79.50 10.83
CA ASP C 574 29.16 80.71 10.37
C ASP C 574 28.77 81.95 11.17
N VAL C 575 27.50 82.34 11.14
CA VAL C 575 27.06 83.58 11.77
C VAL C 575 25.85 83.31 12.66
N GLY C 576 24.83 82.66 12.07
CA GLY C 576 23.62 82.38 12.81
C GLY C 576 23.75 81.27 13.82
N ALA C 577 24.81 80.48 13.72
CA ALA C 577 25.05 79.40 14.68
C ALA C 577 25.68 79.83 16.01
N PRO C 578 26.62 80.80 16.09
CA PRO C 578 27.02 81.26 17.42
C PRO C 578 25.92 81.98 18.20
N ILE C 579 24.96 82.61 17.53
CA ILE C 579 23.88 83.29 18.22
C ILE C 579 22.63 82.44 18.37
N ALA C 580 22.68 81.19 17.94
CA ALA C 580 21.51 80.32 18.01
C ALA C 580 21.31 79.81 19.42
N ASP C 581 20.04 79.55 19.77
CA ASP C 581 19.74 78.85 21.00
C ASP C 581 19.76 77.34 20.82
N VAL C 582 19.25 76.85 19.69
CA VAL C 582 19.35 75.45 19.32
C VAL C 582 19.85 75.38 17.89
N ILE C 583 20.90 74.58 17.65
CA ILE C 583 21.42 74.38 16.31
C ILE C 583 20.91 73.07 15.76
N LEU C 584 20.30 73.12 14.58
CA LEU C 584 19.82 71.96 13.87
C LEU C 584 20.74 71.66 12.70
N PRO C 585 21.51 70.57 12.74
CA PRO C 585 22.53 70.33 11.70
C PRO C 585 21.89 69.82 10.42
N GLY C 586 22.02 70.61 9.35
CA GLY C 586 21.37 70.33 8.10
C GLY C 586 22.30 69.74 7.06
N ALA C 587 21.80 69.68 5.83
CA ALA C 587 22.50 69.07 4.72
C ALA C 587 22.96 70.12 3.73
N ALA C 588 23.93 69.75 2.90
CA ALA C 588 24.51 70.64 1.91
C ALA C 588 24.09 70.21 0.50
N TYR C 589 24.51 70.99 -0.50
CA TYR C 589 23.96 70.84 -1.84
C TYR C 589 24.47 69.57 -2.53
N THR C 590 25.70 69.15 -2.22
CA THR C 590 26.16 67.85 -2.68
C THR C 590 25.59 66.71 -1.86
N GLU C 591 24.96 67.01 -0.72
CA GLU C 591 24.66 66.04 0.30
C GLU C 591 23.17 65.75 0.42
N LYS C 592 22.36 66.19 -0.54
CA LYS C 592 20.92 65.97 -0.50
C LYS C 592 20.36 66.09 -1.91
N SER C 593 19.19 65.47 -2.11
CA SER C 593 18.41 65.66 -3.31
C SER C 593 17.47 66.84 -3.09
N ALA C 594 17.53 67.82 -3.98
CA ALA C 594 17.07 69.15 -3.61
C ALA C 594 16.81 69.98 -4.85
N THR C 595 15.68 70.69 -4.88
CA THR C 595 15.29 71.50 -6.02
C THR C 595 15.71 72.94 -5.82
N TYR C 596 16.53 73.46 -6.73
CA TYR C 596 16.95 74.85 -6.75
C TYR C 596 16.52 75.47 -8.06
N VAL C 597 16.07 76.72 -8.01
CA VAL C 597 15.58 77.41 -9.19
C VAL C 597 16.52 78.56 -9.48
N ASN C 598 17.04 78.61 -10.70
CA ASN C 598 18.01 79.62 -11.06
C ASN C 598 17.30 80.93 -11.39
N THR C 599 18.05 81.93 -11.88
CA THR C 599 17.49 83.25 -12.11
C THR C 599 16.53 83.32 -13.28
N GLU C 600 16.49 82.29 -14.13
CA GLU C 600 15.61 82.27 -15.29
C GLU C 600 14.37 81.42 -15.06
N GLY C 601 14.18 80.89 -13.85
CA GLY C 601 13.00 80.12 -13.55
C GLY C 601 13.10 78.64 -13.82
N ARG C 602 14.28 78.15 -14.20
CA ARG C 602 14.48 76.75 -14.54
C ARG C 602 14.75 75.97 -13.26
N ALA C 603 13.74 75.24 -12.78
CA ALA C 603 13.92 74.40 -11.61
C ALA C 603 14.77 73.20 -11.95
N GLN C 604 15.72 72.86 -11.06
CA GLN C 604 16.67 71.80 -11.30
C GLN C 604 16.97 71.09 -9.99
N GLN C 605 17.07 69.76 -10.04
CA GLN C 605 17.30 68.97 -8.84
C GLN C 605 18.76 68.55 -8.73
N THR C 606 19.29 68.66 -7.51
CA THR C 606 20.57 68.06 -7.19
C THR C 606 20.39 66.59 -6.87
N LYS C 607 21.48 65.86 -6.96
CA LYS C 607 21.48 64.44 -6.62
C LYS C 607 22.39 64.22 -5.43
N VAL C 608 22.08 63.21 -4.64
CA VAL C 608 22.87 62.91 -3.46
C VAL C 608 24.20 62.33 -3.88
N ALA C 609 25.28 63.03 -3.55
CA ALA C 609 26.62 62.50 -3.80
C ALA C 609 27.14 61.77 -2.57
N VAL C 610 27.28 62.50 -1.46
CA VAL C 610 27.64 61.91 -0.19
C VAL C 610 26.52 62.20 0.81
N MET C 611 26.66 61.66 1.99
CA MET C 611 25.71 61.88 3.06
C MET C 611 26.21 62.96 4.01
N PRO C 612 25.30 63.63 4.72
CA PRO C 612 25.72 64.67 5.68
C PRO C 612 26.51 64.08 6.82
N PRO C 613 27.52 64.81 7.30
CA PRO C 613 28.43 64.24 8.29
C PRO C 613 27.79 64.15 9.66
N GLY C 614 28.10 63.07 10.36
CA GLY C 614 27.66 62.95 11.74
C GLY C 614 26.18 62.63 11.84
N LEU C 615 25.52 63.26 12.80
CA LEU C 615 24.09 63.12 13.01
C LEU C 615 23.28 64.09 12.18
N ALA C 616 23.89 64.77 11.23
CA ALA C 616 23.18 65.78 10.46
C ALA C 616 22.26 65.13 9.45
N ARG C 617 21.04 65.63 9.35
CA ARG C 617 20.02 65.06 8.48
C ARG C 617 19.65 66.07 7.40
N GLU C 618 18.89 65.59 6.42
CA GLU C 618 18.39 66.44 5.35
C GLU C 618 17.38 67.43 5.92
N ASP C 619 17.25 68.59 5.25
CA ASP C 619 16.63 69.76 5.85
C ASP C 619 15.12 69.57 6.06
N TRP C 620 14.40 69.19 5.01
CA TRP C 620 12.97 69.00 5.16
C TRP C 620 12.64 67.78 6.01
N LYS C 621 13.54 66.79 6.08
CA LYS C 621 13.40 65.71 7.03
C LYS C 621 13.36 66.24 8.45
N ILE C 622 14.23 67.21 8.75
CA ILE C 622 14.28 67.83 10.08
C ILE C 622 13.01 68.64 10.33
N ILE C 623 12.54 69.38 9.33
CA ILE C 623 11.34 70.19 9.51
C ILE C 623 10.09 69.32 9.66
N ARG C 624 10.03 68.22 8.90
CA ARG C 624 8.91 67.30 9.01
C ARG C 624 8.90 66.55 10.33
N ALA C 625 10.09 66.19 10.84
CA ALA C 625 10.14 65.57 12.17
C ALA C 625 9.81 66.57 13.26
N LEU C 626 10.15 67.85 13.06
CA LEU C 626 9.74 68.87 14.02
C LEU C 626 8.24 69.08 14.03
N SER C 627 7.61 68.96 12.85
CA SER C 627 6.15 68.98 12.79
C SER C 627 5.55 67.75 13.45
N GLU C 628 6.24 66.61 13.38
CA GLU C 628 5.74 65.40 14.02
C GLU C 628 5.89 65.45 15.53
N ILE C 629 6.91 66.15 16.04
CA ILE C 629 7.06 66.31 17.48
C ILE C 629 5.99 67.26 18.03
N ALA C 630 5.82 68.41 17.39
CA ALA C 630 4.98 69.47 17.94
C ALA C 630 3.48 69.17 17.84
N GLY C 631 3.08 68.16 17.07
CA GLY C 631 1.68 67.86 16.94
C GLY C 631 0.98 68.62 15.84
N MET C 632 1.71 68.98 14.79
CA MET C 632 1.18 69.67 13.62
C MET C 632 1.71 69.02 12.35
N THR C 633 1.54 67.70 12.28
CA THR C 633 2.15 66.83 11.28
C THR C 633 1.73 67.20 9.85
N LEU C 634 2.71 67.47 9.02
CA LEU C 634 2.55 67.95 7.66
C LEU C 634 2.22 66.80 6.70
N PRO C 635 1.40 67.05 5.67
CA PRO C 635 0.93 65.95 4.81
C PRO C 635 1.96 65.53 3.76
N TYR C 636 3.14 65.12 4.21
CA TYR C 636 4.13 64.49 3.35
C TYR C 636 5.04 63.62 4.21
N ASP C 637 5.54 62.55 3.63
CA ASP C 637 6.48 61.69 4.32
C ASP C 637 7.76 61.44 3.54
N THR C 638 7.66 61.26 2.24
CA THR C 638 8.81 61.02 1.37
C THR C 638 9.07 62.26 0.54
N LEU C 639 10.19 62.23 -0.19
CA LEU C 639 10.60 63.38 -0.99
C LEU C 639 9.64 63.63 -2.16
N ASP C 640 9.06 62.56 -2.71
CA ASP C 640 8.08 62.72 -3.77
C ASP C 640 6.80 63.39 -3.26
N GLN C 641 6.43 63.14 -2.01
CA GLN C 641 5.27 63.83 -1.46
C GLN C 641 5.57 65.30 -1.17
N VAL C 642 6.82 65.61 -0.82
CA VAL C 642 7.25 67.01 -0.73
C VAL C 642 7.14 67.68 -2.08
N ARG C 643 7.52 66.97 -3.14
CA ARG C 643 7.42 67.56 -4.47
C ARG C 643 5.99 67.61 -4.98
N ASN C 644 5.10 66.75 -4.47
CA ASN C 644 3.68 66.94 -4.79
C ASN C 644 3.10 68.17 -4.11
N ARG C 645 3.49 68.41 -2.85
CA ARG C 645 3.14 69.67 -2.19
C ARG C 645 3.73 70.86 -2.93
N LEU C 646 4.96 70.71 -3.41
CA LEU C 646 5.69 71.76 -4.11
C LEU C 646 5.05 72.04 -5.46
N GLU C 647 4.46 71.01 -6.07
CA GLU C 647 3.66 71.20 -7.28
C GLU C 647 2.35 71.90 -6.98
N GLU C 648 1.75 71.59 -5.82
CA GLU C 648 0.54 72.29 -5.41
C GLU C 648 0.78 73.77 -5.14
N VAL C 649 1.99 74.14 -4.73
CA VAL C 649 2.27 75.56 -4.54
C VAL C 649 2.51 76.25 -5.89
N SER C 650 3.38 75.69 -6.70
CA SER C 650 3.52 76.12 -8.09
C SER C 650 4.11 74.96 -8.89
N PRO C 651 3.47 74.58 -10.01
CA PRO C 651 3.89 73.35 -10.71
C PRO C 651 5.15 73.51 -11.53
N ASN C 652 5.69 74.72 -11.66
CA ASN C 652 6.96 74.96 -12.32
C ASN C 652 8.15 74.80 -11.38
N LEU C 653 7.97 74.11 -10.26
CA LEU C 653 9.08 73.75 -9.39
C LEU C 653 9.48 72.29 -9.54
N VAL C 654 8.58 71.45 -10.06
CA VAL C 654 8.86 70.03 -10.24
C VAL C 654 8.95 69.67 -11.71
N ARG C 655 8.97 70.65 -12.59
CA ARG C 655 9.17 70.42 -14.02
C ARG C 655 10.58 70.89 -14.37
N TYR C 656 11.48 69.93 -14.47
CA TYR C 656 12.91 70.19 -14.44
C TYR C 656 13.47 70.46 -15.82
N ASP C 657 14.54 71.26 -15.85
CA ASP C 657 15.20 71.75 -17.06
C ASP C 657 14.22 72.48 -17.99
N ASP C 658 13.30 73.22 -17.39
CA ASP C 658 12.21 73.86 -18.13
C ASP C 658 12.06 75.29 -17.65
N VAL C 659 12.21 76.24 -18.57
CA VAL C 659 11.88 77.64 -18.31
C VAL C 659 10.45 77.87 -18.73
N GLU C 660 9.56 78.09 -17.77
CA GLU C 660 8.16 78.39 -18.06
C GLU C 660 8.03 79.89 -18.26
N GLY C 661 7.59 80.29 -19.47
CA GLY C 661 7.60 81.70 -19.82
C GLY C 661 6.53 82.47 -19.07
N ALA C 662 6.95 83.51 -18.36
CA ALA C 662 6.06 84.31 -17.54
C ALA C 662 5.68 85.58 -18.29
N ASN C 663 4.40 85.73 -18.59
CA ASN C 663 3.87 86.86 -19.33
C ASN C 663 3.45 87.93 -18.31
N TYR C 664 2.64 88.91 -18.76
CA TYR C 664 1.94 89.91 -17.92
C TYR C 664 2.91 90.94 -17.34
N PHE C 665 3.82 91.41 -18.19
CA PHE C 665 4.66 92.55 -17.86
C PHE C 665 3.85 93.83 -17.74
N GLN C 666 2.79 93.95 -18.55
CA GLN C 666 2.00 95.17 -18.59
C GLN C 666 1.24 95.38 -17.29
N GLN C 667 0.71 94.30 -16.71
CA GLN C 667 -0.04 94.42 -15.46
C GLN C 667 0.87 94.71 -14.27
N ALA C 668 2.08 94.12 -14.27
CA ALA C 668 3.06 94.47 -13.25
C ALA C 668 3.55 95.90 -13.40
N SER C 669 3.60 96.39 -14.64
CA SER C 669 3.92 97.80 -14.88
C SER C 669 2.84 98.72 -14.35
N GLU C 670 1.57 98.38 -14.61
CA GLU C 670 0.46 99.20 -14.15
C GLU C 670 0.31 99.15 -12.63
N LEU C 671 0.76 98.07 -12.00
CA LEU C 671 0.83 98.05 -10.55
C LEU C 671 2.05 98.80 -10.03
N SER C 672 3.10 98.95 -10.84
CA SER C 672 4.28 99.67 -10.40
C SER C 672 4.09 101.18 -10.37
N LYS C 673 3.15 101.71 -11.15
CA LYS C 673 2.96 103.14 -11.28
C LYS C 673 2.05 103.75 -10.22
N LEU C 674 1.69 102.99 -9.19
CA LEU C 674 0.74 103.48 -8.21
C LEU C 674 1.38 104.49 -7.27
N VAL C 675 2.39 104.07 -6.52
CA VAL C 675 3.08 104.93 -5.56
C VAL C 675 4.44 105.27 -6.14
N ASN C 676 4.80 106.55 -6.10
CA ASN C 676 6.12 106.99 -6.56
C ASN C 676 7.07 106.95 -5.37
N GLN C 677 7.88 105.90 -5.32
CA GLN C 677 9.05 105.88 -4.46
C GLN C 677 10.15 106.64 -5.17
N GLN C 678 10.95 107.38 -4.41
CA GLN C 678 11.93 108.29 -5.00
C GLN C 678 13.31 107.67 -5.03
N LEU C 679 14.04 107.93 -6.10
CA LEU C 679 15.40 107.45 -6.26
C LEU C 679 16.35 108.24 -5.37
N LEU C 680 17.18 107.53 -4.62
CA LEU C 680 18.19 108.19 -3.81
C LEU C 680 19.35 108.67 -4.68
N ALA C 681 20.05 109.70 -4.20
CA ALA C 681 21.18 110.25 -4.92
C ALA C 681 22.47 109.46 -4.72
N ASP C 682 22.42 108.38 -3.95
CA ASP C 682 23.55 107.46 -3.89
C ASP C 682 23.67 106.73 -5.22
N PRO C 683 24.83 106.77 -5.87
CA PRO C 683 24.97 106.06 -7.14
C PRO C 683 25.01 104.55 -6.96
N LEU C 684 24.64 103.86 -8.01
CA LEU C 684 24.60 102.39 -8.03
C LEU C 684 26.02 101.84 -7.96
N VAL C 685 26.37 101.22 -6.84
CA VAL C 685 27.66 100.58 -6.67
C VAL C 685 27.39 99.12 -6.30
N PRO C 686 27.92 98.16 -7.05
CA PRO C 686 27.76 96.77 -6.70
C PRO C 686 28.58 96.43 -5.47
N PRO C 687 28.20 95.40 -4.71
CA PRO C 687 29.01 94.99 -3.55
C PRO C 687 30.28 94.25 -3.92
N GLN C 688 30.42 93.84 -5.17
CA GLN C 688 31.55 93.04 -5.64
C GLN C 688 32.26 93.82 -6.73
N LEU C 689 33.18 94.69 -6.34
CA LEU C 689 33.84 95.56 -7.30
C LEU C 689 34.99 94.87 -7.99
N THR C 690 35.86 94.20 -7.25
CA THR C 690 37.07 93.59 -7.81
C THR C 690 37.03 92.07 -7.62
N ILE C 691 38.16 91.43 -7.94
CA ILE C 691 38.32 90.00 -7.73
C ILE C 691 38.49 89.69 -6.25
N LYS C 692 38.80 90.70 -5.44
CA LYS C 692 38.93 90.53 -3.99
C LYS C 692 37.61 90.14 -3.35
N ASP C 693 36.50 90.67 -3.85
CA ASP C 693 35.21 90.49 -3.23
C ASP C 693 34.42 89.32 -3.80
N PHE C 694 35.02 88.53 -4.69
CA PHE C 694 34.29 87.43 -5.32
C PHE C 694 34.38 86.13 -4.55
N TYR C 695 35.57 85.76 -4.06
CA TYR C 695 35.79 84.38 -3.63
C TYR C 695 35.23 84.07 -2.24
N MET C 696 34.65 85.04 -1.53
CA MET C 696 34.02 84.78 -0.23
C MET C 696 32.67 85.49 -0.18
N THR C 697 31.60 84.75 -0.43
CA THR C 697 30.26 85.29 -0.41
C THR C 697 29.33 84.60 0.56
N ASP C 698 29.35 83.27 0.64
CA ASP C 698 28.42 82.52 1.44
C ASP C 698 29.15 81.76 2.54
N SER C 699 28.42 80.88 3.24
CA SER C 699 28.98 80.15 4.36
C SER C 699 29.94 79.05 3.93
N ILE C 700 29.85 78.58 2.68
CA ILE C 700 30.75 77.55 2.21
C ILE C 700 32.06 78.15 1.76
N SER C 701 32.01 79.29 1.06
CA SER C 701 33.22 79.90 0.53
C SER C 701 34.08 80.53 1.62
N ARG C 702 33.46 81.07 2.67
CA ARG C 702 34.22 81.64 3.77
C ARG C 702 34.89 80.59 4.63
N ALA C 703 34.35 79.37 4.65
CA ALA C 703 34.96 78.26 5.36
C ALA C 703 35.95 77.49 4.51
N SER C 704 36.36 78.04 3.37
CA SER C 704 37.22 77.34 2.43
C SER C 704 38.64 77.87 2.52
N GLN C 705 39.60 76.95 2.54
CA GLN C 705 41.00 77.36 2.55
C GLN C 705 41.52 77.65 1.16
N THR C 706 40.92 77.07 0.13
CA THR C 706 41.25 77.41 -1.25
C THR C 706 40.83 78.84 -1.56
N MET C 707 39.60 79.20 -1.19
CA MET C 707 39.13 80.57 -1.35
C MET C 707 39.93 81.54 -0.48
N ALA C 708 40.40 81.07 0.67
CA ALA C 708 41.25 81.90 1.52
C ALA C 708 42.60 82.17 0.87
N LYS C 709 43.17 81.15 0.23
CA LYS C 709 44.40 81.37 -0.53
C LYS C 709 44.16 82.26 -1.74
N CYS C 710 42.98 82.18 -2.36
CA CYS C 710 42.67 83.06 -3.48
C CYS C 710 42.56 84.52 -3.04
N VAL C 711 41.90 84.78 -1.91
CA VAL C 711 41.82 86.14 -1.40
C VAL C 711 43.19 86.65 -0.98
N LYS C 712 43.99 85.81 -0.32
CA LYS C 712 45.34 86.18 0.08
C LYS C 712 46.24 86.42 -1.13
N ALA C 713 45.97 85.75 -2.24
CA ALA C 713 46.78 85.89 -3.43
C ALA C 713 46.27 86.96 -4.38
N VAL C 714 45.06 87.49 -4.19
CA VAL C 714 44.64 88.66 -4.96
C VAL C 714 44.80 89.97 -4.19
N THR C 715 44.95 89.92 -2.86
CA THR C 715 45.21 91.16 -2.14
C THR C 715 46.66 91.63 -2.28
N GLU C 716 47.57 90.75 -2.70
CA GLU C 716 48.97 91.13 -2.86
C GLU C 716 49.16 92.03 -4.08
N ALA D 34 -45.01 -28.31 -13.09
CA ALA D 34 -45.20 -29.68 -13.58
C ALA D 34 -43.86 -30.37 -13.81
N ARG D 35 -42.77 -29.61 -13.71
CA ARG D 35 -41.43 -30.17 -13.83
C ARG D 35 -40.72 -30.13 -12.48
N GLN D 36 -39.55 -30.75 -12.43
CA GLN D 36 -38.80 -30.88 -11.20
C GLN D 36 -38.18 -29.54 -10.82
N TRP D 37 -38.26 -29.22 -9.53
CA TRP D 37 -37.60 -28.02 -9.05
C TRP D 37 -36.10 -28.24 -8.98
N GLN D 38 -35.35 -27.41 -9.68
CA GLN D 38 -33.91 -27.41 -9.60
C GLN D 38 -33.43 -26.00 -9.28
N PRO D 39 -32.39 -25.84 -8.45
CA PRO D 39 -32.20 -24.59 -7.73
C PRO D 39 -31.80 -23.41 -8.60
N ASP D 40 -32.16 -22.23 -8.13
CA ASP D 40 -31.93 -20.97 -8.80
C ASP D 40 -30.74 -20.25 -8.17
N VAL D 41 -30.56 -18.99 -8.56
CA VAL D 41 -29.45 -18.19 -8.06
C VAL D 41 -29.64 -17.86 -6.58
N GLU D 42 -30.88 -17.64 -6.13
CA GLU D 42 -31.10 -17.25 -4.74
C GLU D 42 -30.91 -18.43 -3.79
N TRP D 43 -31.09 -19.65 -4.26
CA TRP D 43 -30.74 -20.82 -3.45
C TRP D 43 -29.25 -21.08 -3.48
N ALA D 44 -28.59 -20.81 -4.62
CA ALA D 44 -27.19 -21.14 -4.77
C ALA D 44 -26.25 -20.11 -4.15
N GLU D 45 -26.69 -18.87 -4.01
CA GLU D 45 -25.86 -17.84 -3.38
C GLU D 45 -25.94 -17.87 -1.85
N GLN D 46 -26.64 -18.85 -1.27
CA GLN D 46 -26.47 -19.12 0.14
C GLN D 46 -25.20 -19.89 0.42
N TYR D 47 -24.62 -20.52 -0.61
CA TYR D 47 -23.32 -21.18 -0.54
C TYR D 47 -22.23 -20.35 -1.21
N GLY D 48 -22.33 -19.03 -1.14
CA GLY D 48 -21.39 -18.18 -1.84
C GLY D 48 -20.46 -17.40 -0.93
N GLY D 49 -20.75 -17.40 0.36
CA GLY D 49 -19.97 -16.64 1.32
C GLY D 49 -18.67 -17.33 1.69
N ALA D 50 -17.90 -16.65 2.53
CA ALA D 50 -16.72 -17.29 3.11
C ALA D 50 -17.11 -18.35 4.11
N VAL D 51 -18.15 -18.10 4.90
CA VAL D 51 -18.70 -19.07 5.83
C VAL D 51 -20.12 -19.39 5.42
N MET D 52 -20.78 -20.27 6.16
CA MET D 52 -22.14 -20.66 5.81
C MET D 52 -23.19 -19.86 6.57
N TYR D 53 -22.95 -19.56 7.85
CA TYR D 53 -23.91 -18.87 8.70
C TYR D 53 -23.29 -17.56 9.16
N PRO D 54 -23.58 -16.43 8.48
CA PRO D 54 -22.92 -15.17 8.81
C PRO D 54 -23.43 -14.59 10.13
N THR D 55 -22.50 -14.33 11.05
CA THR D 55 -22.78 -13.56 12.25
C THR D 55 -22.22 -12.16 12.09
N LYS D 56 -22.24 -11.38 13.18
CA LYS D 56 -21.80 -9.99 13.12
C LYS D 56 -20.29 -9.89 12.91
N GLU D 57 -19.53 -10.79 13.53
CA GLU D 57 -18.09 -10.78 13.36
C GLU D 57 -17.69 -11.32 11.99
N THR D 58 -18.27 -12.45 11.58
CA THR D 58 -17.94 -13.07 10.30
C THR D 58 -18.79 -12.49 9.16
N ALA D 59 -18.79 -11.17 9.06
CA ALA D 59 -19.56 -10.46 8.04
C ALA D 59 -18.68 -9.65 7.09
N HIS D 60 -17.51 -9.19 7.54
CA HIS D 60 -16.58 -8.54 6.66
C HIS D 60 -15.67 -9.53 5.94
N TRP D 61 -15.89 -10.83 6.13
CA TRP D 61 -15.04 -11.85 5.52
C TRP D 61 -15.48 -12.02 4.07
N LYS D 62 -14.76 -11.38 3.15
CA LYS D 62 -14.98 -11.64 1.74
C LYS D 62 -14.43 -13.02 1.39
N PRO D 63 -14.96 -13.68 0.34
CA PRO D 63 -14.43 -14.98 -0.04
C PRO D 63 -13.04 -14.86 -0.63
N PRO D 64 -12.18 -15.86 -0.43
CA PRO D 64 -10.81 -15.81 -0.95
C PRO D 64 -10.79 -15.91 -2.46
N PRO D 65 -9.70 -15.52 -3.13
CA PRO D 65 -9.70 -15.49 -4.59
C PRO D 65 -9.72 -16.89 -5.20
N TRP D 66 -9.91 -16.92 -6.52
CA TRP D 66 -10.10 -18.19 -7.19
C TRP D 66 -8.79 -18.94 -7.35
N ASN D 67 -7.72 -18.26 -7.75
CA ASN D 67 -6.41 -18.89 -7.90
C ASN D 67 -5.60 -18.87 -6.61
N ASP D 68 -6.21 -18.51 -5.48
CA ASP D 68 -5.57 -18.33 -4.16
C ASP D 68 -4.39 -17.35 -4.20
N VAL D 69 -4.42 -16.39 -5.13
CA VAL D 69 -3.35 -15.41 -5.26
C VAL D 69 -3.97 -14.04 -5.01
N ASP D 70 -3.43 -13.34 -4.07
CA ASP D 70 -3.73 -12.04 -3.50
C ASP D 70 -3.01 -10.93 -4.27
N PRO D 71 -3.56 -9.72 -4.26
CA PRO D 71 -2.84 -8.59 -4.84
C PRO D 71 -1.58 -8.28 -4.05
N PRO D 72 -0.53 -7.77 -4.70
CA PRO D 72 0.81 -7.76 -4.07
C PRO D 72 0.98 -6.75 -2.95
N LYS D 73 0.02 -5.83 -2.77
CA LYS D 73 0.00 -4.75 -1.75
C LYS D 73 1.34 -4.01 -1.67
N ASP D 74 1.62 -3.27 -2.75
CA ASP D 74 2.90 -2.61 -2.92
C ASP D 74 3.11 -1.42 -1.98
N THR D 75 3.27 -1.72 -0.69
CA THR D 75 3.71 -0.73 0.28
C THR D 75 5.14 -0.31 -0.05
N LEU D 76 5.48 0.93 0.33
CA LEU D 76 6.78 1.52 0.00
C LEU D 76 7.93 0.70 0.55
N VAL D 77 8.93 0.46 -0.31
CA VAL D 77 10.07 -0.36 0.05
C VAL D 77 11.02 0.41 0.98
N SER D 78 10.92 1.75 0.99
CA SER D 78 11.72 2.66 1.81
C SER D 78 13.22 2.47 1.54
N ASN D 79 13.60 2.86 0.32
CA ASN D 79 15.01 2.98 -0.02
C ASN D 79 15.68 3.97 0.92
N LEU D 80 16.67 3.48 1.66
CA LEU D 80 17.35 4.26 2.69
C LEU D 80 18.14 5.38 2.04
N THR D 81 17.86 6.62 2.45
CA THR D 81 18.45 7.79 1.82
C THR D 81 19.76 8.12 2.51
N LEU D 82 20.86 7.78 1.85
CA LEU D 82 22.19 8.13 2.34
C LEU D 82 22.53 9.54 1.90
N ASN D 83 23.13 10.30 2.81
CA ASN D 83 23.66 11.62 2.48
C ASN D 83 25.17 11.45 2.41
N PHE D 84 25.66 11.03 1.25
CA PHE D 84 27.08 10.93 0.95
C PHE D 84 27.58 12.35 0.80
N GLY D 85 27.84 12.98 1.94
CA GLY D 85 27.81 14.42 2.01
C GLY D 85 29.10 15.05 1.54
N PRO D 86 29.21 16.37 1.73
CA PRO D 86 30.42 17.06 1.27
C PRO D 86 31.63 16.75 2.13
N GLN D 87 31.46 16.63 3.44
CA GLN D 87 32.57 16.23 4.31
C GLN D 87 32.71 14.72 4.18
N HIS D 88 33.54 14.30 3.23
CA HIS D 88 33.79 12.88 3.02
C HIS D 88 35.15 12.74 2.37
N PRO D 89 35.88 11.68 2.65
CA PRO D 89 37.19 11.49 1.99
C PRO D 89 37.09 11.10 0.53
N ALA D 90 35.90 10.73 0.04
CA ALA D 90 35.71 10.37 -1.36
C ALA D 90 35.05 11.48 -2.17
N ALA D 91 33.97 12.06 -1.66
CA ALA D 91 33.41 13.28 -2.23
C ALA D 91 34.42 14.39 -2.06
N HIS D 92 34.96 14.90 -3.18
CA HIS D 92 36.16 15.72 -3.17
C HIS D 92 35.81 17.11 -2.62
N GLY D 93 35.67 17.16 -1.30
CA GLY D 93 35.45 18.41 -0.60
C GLY D 93 34.02 18.91 -0.64
N VAL D 94 33.49 19.12 -1.83
CA VAL D 94 32.19 19.78 -2.02
C VAL D 94 31.36 18.94 -2.99
N LEU D 95 30.63 17.96 -2.46
CA LEU D 95 29.76 17.11 -3.28
C LEU D 95 28.74 16.45 -2.35
N ARG D 96 27.48 16.82 -2.49
CA ARG D 96 26.44 16.22 -1.65
C ARG D 96 25.67 15.21 -2.49
N LEU D 97 26.11 13.96 -2.49
CA LEU D 97 25.29 12.92 -3.11
C LEU D 97 24.16 12.56 -2.16
N VAL D 98 22.93 12.93 -2.52
CA VAL D 98 21.77 12.37 -1.85
C VAL D 98 21.39 11.13 -2.64
N MET D 99 21.73 9.96 -2.11
CA MET D 99 21.51 8.72 -2.81
C MET D 99 20.42 7.91 -2.13
N GLU D 100 19.75 7.08 -2.91
CA GLU D 100 18.71 6.18 -2.41
C GLU D 100 19.25 4.76 -2.55
N LEU D 101 19.71 4.21 -1.44
CA LEU D 101 20.26 2.86 -1.40
C LEU D 101 19.15 1.86 -1.14
N SER D 102 19.19 0.74 -1.85
CA SER D 102 18.40 -0.42 -1.48
C SER D 102 19.30 -1.41 -0.75
N GLY D 103 19.59 -1.08 0.49
CA GLY D 103 20.65 -1.75 1.22
C GLY D 103 21.98 -1.17 0.80
N GLU D 104 22.51 -1.61 -0.34
CA GLU D 104 23.62 -0.88 -0.93
C GLU D 104 23.56 -0.80 -2.45
N MET D 105 22.67 -1.55 -3.10
CA MET D 105 22.41 -1.35 -4.53
C MET D 105 21.79 0.02 -4.76
N VAL D 106 22.50 0.86 -5.50
CA VAL D 106 22.12 2.26 -5.65
C VAL D 106 20.94 2.35 -6.60
N ARG D 107 19.89 3.04 -6.17
CA ARG D 107 18.71 3.23 -7.00
C ARG D 107 18.66 4.61 -7.65
N LYS D 108 19.12 5.65 -6.97
CA LYS D 108 19.13 6.99 -7.55
C LYS D 108 20.23 7.80 -6.88
N CYS D 109 21.01 8.51 -7.68
CA CYS D 109 21.99 9.48 -7.21
C CYS D 109 21.50 10.87 -7.54
N ASP D 110 21.52 11.77 -6.56
CA ASP D 110 21.24 13.18 -6.79
C ASP D 110 22.44 13.95 -6.30
N PRO D 111 23.37 14.29 -7.17
CA PRO D 111 24.49 15.14 -6.74
C PRO D 111 24.09 16.60 -6.61
N HIS D 112 23.90 17.04 -5.37
CA HIS D 112 23.72 18.45 -5.06
C HIS D 112 25.09 19.12 -5.06
N ILE D 113 25.25 20.09 -5.94
CA ILE D 113 26.47 20.85 -6.14
C ILE D 113 26.12 22.31 -5.91
N GLY D 114 27.06 23.20 -6.16
CA GLY D 114 26.91 24.57 -5.75
C GLY D 114 27.46 24.85 -4.38
N LEU D 115 28.07 23.85 -3.75
CA LEU D 115 28.77 24.02 -2.49
C LEU D 115 30.10 24.74 -2.65
N LEU D 116 30.60 24.84 -3.89
CA LEU D 116 31.76 25.65 -4.20
C LEU D 116 31.41 26.69 -5.26
N HIS D 117 30.12 26.89 -5.55
CA HIS D 117 29.71 27.95 -6.46
C HIS D 117 29.95 29.30 -5.84
N GLY D 119 30.23 32.11 -7.90
CA GLY D 119 29.79 33.10 -8.87
C GLY D 119 30.96 33.73 -9.57
N THR D 120 31.79 32.88 -10.16
CA THR D 120 33.02 33.33 -10.82
C THR D 120 32.70 34.20 -12.02
N GLU D 121 31.76 33.76 -12.85
CA GLU D 121 31.51 34.38 -14.14
C GLU D 121 30.56 35.57 -14.07
N LYS D 122 30.12 35.95 -12.87
CA LYS D 122 29.57 37.27 -12.66
C LYS D 122 30.63 38.25 -12.16
N LEU D 123 31.60 37.74 -11.40
CA LEU D 123 32.75 38.54 -11.02
C LEU D 123 33.66 38.84 -12.20
N ILE D 124 33.65 37.99 -13.21
CA ILE D 124 34.41 38.25 -14.44
C ILE D 124 33.79 39.42 -15.20
N GLU D 125 32.48 39.60 -15.11
CA GLU D 125 31.79 40.68 -15.82
C GLU D 125 32.16 42.07 -15.33
N TYR D 126 32.74 42.19 -14.13
CA TYR D 126 33.00 43.49 -13.54
C TYR D 126 34.49 43.79 -13.45
N LYS D 127 35.34 42.93 -13.97
CA LYS D 127 36.77 43.12 -13.96
C LYS D 127 37.28 43.02 -15.38
N THR D 128 38.49 43.55 -15.62
CA THR D 128 39.06 43.54 -16.96
C THR D 128 39.52 42.13 -17.33
N TYR D 129 40.08 42.00 -18.53
CA TYR D 129 40.50 40.68 -19.01
C TYR D 129 41.70 40.16 -18.24
N LEU D 130 42.67 41.04 -17.96
CA LEU D 130 43.81 40.64 -17.15
C LEU D 130 43.40 40.37 -15.71
N GLN D 131 42.39 41.07 -15.21
CA GLN D 131 41.87 40.78 -13.89
C GLN D 131 40.96 39.57 -13.88
N ALA D 132 40.43 39.16 -15.03
CA ALA D 132 39.61 37.95 -15.12
C ALA D 132 40.44 36.72 -15.33
N LEU D 133 41.69 36.86 -15.77
CA LEU D 133 42.55 35.71 -15.97
C LEU D 133 42.85 34.87 -14.72
N PRO D 134 43.14 35.41 -13.53
CA PRO D 134 43.38 34.51 -12.39
C PRO D 134 42.14 33.83 -11.82
N TYR D 135 40.94 34.06 -12.37
CA TYR D 135 39.80 33.23 -12.01
C TYR D 135 39.92 31.84 -12.59
N PHE D 136 40.60 31.72 -13.72
CA PHE D 136 40.64 30.45 -14.44
C PHE D 136 41.59 29.47 -13.82
N ASP D 137 42.65 29.96 -13.18
CA ASP D 137 43.53 29.11 -12.38
C ASP D 137 42.77 28.41 -11.26
N ARG D 138 41.70 29.02 -10.77
CA ARG D 138 40.95 28.55 -9.63
C ARG D 138 39.68 27.81 -10.02
N LEU D 139 39.47 27.55 -11.31
CA LEU D 139 38.34 26.71 -11.71
C LEU D 139 38.70 25.24 -11.61
N ASP D 140 39.63 24.80 -12.43
CA ASP D 140 40.14 23.44 -12.38
C ASP D 140 41.46 23.57 -11.64
N TYR D 141 41.41 23.42 -10.33
CA TYR D 141 42.55 23.77 -9.50
C TYR D 141 43.66 22.73 -9.51
N VAL D 142 43.61 21.74 -10.40
CA VAL D 142 44.74 20.91 -10.72
C VAL D 142 45.19 21.07 -12.16
N SER D 143 44.56 21.96 -12.92
CA SER D 143 44.81 22.16 -14.34
C SER D 143 44.93 23.64 -14.67
N MET D 144 45.79 24.35 -13.92
CA MET D 144 45.80 25.81 -13.90
C MET D 144 46.18 26.41 -15.25
N MET D 145 47.32 26.01 -15.80
CA MET D 145 47.75 26.61 -17.05
C MET D 145 46.95 26.11 -18.25
N CYS D 146 46.25 24.98 -18.14
CA CYS D 146 45.32 24.61 -19.20
C CYS D 146 44.14 25.57 -19.27
N ASN D 147 43.60 25.99 -18.11
CA ASN D 147 42.51 26.96 -18.15
C ASN D 147 43.02 28.33 -18.59
N GLU D 148 44.26 28.67 -18.18
CA GLU D 148 44.89 29.87 -18.69
C GLU D 148 45.02 29.84 -20.20
N GLN D 149 45.39 28.68 -20.75
CA GLN D 149 45.57 28.55 -22.19
C GLN D 149 44.24 28.63 -22.92
N ALA D 150 43.17 28.10 -22.33
CA ALA D 150 41.85 28.16 -22.94
C ALA D 150 41.32 29.59 -22.98
N TYR D 151 41.44 30.30 -21.85
CA TYR D 151 41.02 31.70 -21.83
C TYR D 151 41.90 32.58 -22.71
N SER D 152 43.19 32.27 -22.78
CA SER D 152 44.09 33.04 -23.63
C SER D 152 43.77 32.83 -25.10
N LEU D 153 43.48 31.59 -25.51
CA LEU D 153 43.07 31.35 -26.89
C LEU D 153 41.73 32.00 -27.21
N ALA D 154 40.82 32.07 -26.24
CA ALA D 154 39.56 32.78 -26.45
C ALA D 154 39.78 34.27 -26.67
N VAL D 155 40.59 34.90 -25.82
CA VAL D 155 40.80 36.35 -25.95
C VAL D 155 41.62 36.67 -27.20
N GLU D 156 42.61 35.84 -27.53
CA GLU D 156 43.38 36.06 -28.75
C GLU D 156 42.57 35.79 -30.00
N LYS D 157 41.56 34.92 -29.91
CA LYS D 157 40.66 34.71 -31.03
C LYS D 157 39.78 35.94 -31.22
N LEU D 158 39.34 36.56 -30.13
CA LEU D 158 38.54 37.77 -30.25
C LEU D 158 39.37 39.00 -30.61
N LEU D 159 40.66 38.99 -30.31
CA LEU D 159 41.53 40.14 -30.56
C LEU D 159 42.14 40.14 -31.94
N ASN D 160 42.02 39.04 -32.69
CA ASN D 160 42.61 38.86 -34.01
C ASN D 160 44.14 39.00 -33.96
N ILE D 161 44.75 38.48 -32.90
CA ILE D 161 46.21 38.43 -32.78
C ILE D 161 46.61 37.01 -32.38
N GLN D 162 47.91 36.76 -32.44
CA GLN D 162 48.47 35.44 -32.18
C GLN D 162 49.76 35.55 -31.37
N PRO D 163 50.10 34.52 -30.60
CA PRO D 163 51.36 34.55 -29.84
C PRO D 163 52.57 34.41 -30.74
N PRO D 164 53.76 34.68 -30.22
CA PRO D 164 55.00 34.29 -30.94
C PRO D 164 55.20 32.80 -30.90
N PRO D 165 56.14 32.24 -31.70
CA PRO D 165 56.33 30.78 -31.66
C PRO D 165 56.85 30.25 -30.34
N ARG D 166 57.77 30.97 -29.69
CA ARG D 166 58.32 30.51 -28.42
C ARG D 166 57.25 30.45 -27.34
N ALA D 167 56.37 31.44 -27.30
CA ALA D 167 55.30 31.42 -26.31
C ALA D 167 54.31 30.30 -26.57
N GLN D 168 54.10 29.94 -27.84
CA GLN D 168 53.26 28.79 -28.17
C GLN D 168 53.88 27.49 -27.68
N TRP D 169 55.19 27.31 -27.91
CA TRP D 169 55.84 26.09 -27.43
C TRP D 169 55.93 26.05 -25.91
N ILE D 170 56.07 27.20 -25.25
CA ILE D 170 56.02 27.26 -23.79
C ILE D 170 54.64 26.87 -23.29
N ARG D 171 53.59 27.35 -23.97
CA ARG D 171 52.22 26.99 -23.62
C ARG D 171 51.98 25.50 -23.75
N VAL D 172 52.52 24.88 -24.80
CA VAL D 172 52.31 23.44 -25.00
C VAL D 172 53.13 22.63 -24.00
N LEU D 173 54.36 23.05 -23.73
CA LEU D 173 55.22 22.36 -22.76
C LEU D 173 54.62 22.39 -21.35
N PHE D 174 54.18 23.56 -20.91
CA PHE D 174 53.57 23.64 -19.60
C PHE D 174 52.14 23.15 -19.56
N GLY D 175 51.45 23.09 -20.70
CA GLY D 175 50.18 22.39 -20.74
C GLY D 175 50.34 20.90 -20.60
N GLU D 176 51.43 20.34 -21.11
CA GLU D 176 51.66 18.92 -20.91
C GLU D 176 52.20 18.61 -19.51
N ILE D 177 52.98 19.52 -18.92
CA ILE D 177 53.31 19.41 -17.50
C ILE D 177 52.04 19.48 -16.65
N THR D 178 51.12 20.35 -17.04
CA THR D 178 49.82 20.45 -16.39
C THR D 178 49.00 19.18 -16.57
N ARG D 179 49.15 18.52 -17.72
CA ARG D 179 48.46 17.26 -17.95
C ARG D 179 49.03 16.15 -17.10
N LEU D 180 50.35 16.16 -16.89
CA LEU D 180 50.95 15.24 -15.93
C LEU D 180 50.45 15.50 -14.53
N LEU D 181 50.31 16.78 -14.15
CA LEU D 181 49.77 17.13 -12.83
C LEU D 181 48.36 16.59 -12.64
N ASN D 182 47.50 16.83 -13.63
CA ASN D 182 46.11 16.44 -13.50
C ASN D 182 45.94 14.93 -13.54
N HIS D 183 46.74 14.22 -14.32
CA HIS D 183 46.53 12.78 -14.32
C HIS D 183 47.21 12.08 -13.16
N ILE D 184 48.27 12.66 -12.59
CA ILE D 184 48.75 12.20 -11.28
C ILE D 184 47.66 12.37 -10.23
N MET D 185 47.02 13.55 -10.21
CA MET D 185 45.93 13.79 -9.26
C MET D 185 44.77 12.82 -9.46
N ALA D 186 44.39 12.59 -10.73
CA ALA D 186 43.29 11.70 -11.06
C ALA D 186 43.57 10.26 -10.64
N VAL D 187 44.70 9.71 -11.09
CA VAL D 187 45.01 8.32 -10.83
C VAL D 187 45.26 8.06 -9.35
N THR D 188 45.99 8.97 -8.69
CA THR D 188 46.34 8.74 -7.30
C THR D 188 45.16 8.94 -6.37
N THR D 189 44.29 9.93 -6.64
CA THR D 189 43.10 10.02 -5.80
C THR D 189 42.07 8.94 -6.11
N HIS D 190 42.04 8.43 -7.35
CA HIS D 190 41.18 7.29 -7.66
C HIS D 190 41.65 6.02 -6.95
N ALA D 191 42.95 5.79 -6.88
CA ALA D 191 43.47 4.67 -6.12
C ALA D 191 43.37 4.89 -4.61
N LEU D 192 43.43 6.14 -4.16
CA LEU D 192 43.16 6.46 -2.77
C LEU D 192 41.71 6.16 -2.39
N ASP D 193 40.79 6.49 -3.28
CA ASP D 193 39.38 6.26 -3.03
C ASP D 193 39.00 4.79 -3.13
N ILE D 194 39.65 4.03 -4.00
CA ILE D 194 39.45 2.58 -3.99
C ILE D 194 40.18 1.93 -2.81
N GLY D 195 41.33 2.46 -2.40
CA GLY D 195 41.95 1.99 -1.19
C GLY D 195 43.46 1.96 -1.19
N ALA D 196 44.09 1.98 -2.37
CA ALA D 196 45.54 1.93 -2.47
C ALA D 196 46.08 3.34 -2.29
N MET D 197 46.42 3.68 -1.05
CA MET D 197 46.85 5.04 -0.71
C MET D 197 48.34 5.26 -0.90
N THR D 198 49.07 4.28 -1.39
CA THR D 198 50.52 4.33 -1.54
C THR D 198 51.03 5.09 -2.77
N PRO D 199 50.53 4.88 -4.01
CA PRO D 199 51.10 5.66 -5.12
C PRO D 199 50.67 7.11 -5.11
N PHE D 200 49.65 7.45 -4.32
CA PHE D 200 49.41 8.83 -3.88
C PHE D 200 50.68 9.49 -3.40
N PHE D 201 51.31 8.90 -2.38
CA PHE D 201 52.54 9.44 -1.85
C PHE D 201 53.71 9.24 -2.81
N TRP D 202 53.65 8.22 -3.66
CA TRP D 202 54.78 8.03 -4.58
C TRP D 202 54.81 9.10 -5.67
N MET D 203 53.64 9.48 -6.18
CA MET D 203 53.55 10.39 -7.31
C MET D 203 53.41 11.85 -6.90
N PHE D 204 53.05 12.14 -5.64
CA PHE D 204 53.07 13.55 -5.27
C PHE D 204 54.48 14.12 -5.09
N GLU D 205 55.54 13.32 -5.03
CA GLU D 205 56.87 13.90 -5.09
C GLU D 205 57.17 14.42 -6.49
N GLU D 206 56.76 13.68 -7.51
CA GLU D 206 56.89 14.14 -8.88
C GLU D 206 56.01 15.35 -9.13
N ARG D 207 54.83 15.35 -8.54
CA ARG D 207 53.93 16.49 -8.67
C ARG D 207 54.47 17.70 -7.91
N GLU D 208 55.20 17.45 -6.82
CA GLU D 208 55.90 18.51 -6.10
C GLU D 208 57.00 19.13 -6.97
N LYS D 209 57.70 18.31 -7.73
CA LYS D 209 58.75 18.85 -8.60
C LYS D 209 58.18 19.64 -9.77
N MET D 210 57.02 19.23 -10.29
CA MET D 210 56.40 20.07 -11.33
C MET D 210 55.81 21.36 -10.76
N PHE D 211 55.37 21.34 -9.50
CA PHE D 211 55.05 22.59 -8.83
C PHE D 211 56.28 23.46 -8.64
N GLU D 212 57.45 22.87 -8.45
CA GLU D 212 58.66 23.67 -8.42
C GLU D 212 58.98 24.27 -9.79
N PHE D 213 58.65 23.56 -10.86
CA PHE D 213 58.80 24.13 -12.20
C PHE D 213 57.89 25.34 -12.39
N TYR D 214 56.65 25.25 -11.89
CA TYR D 214 55.76 26.41 -11.91
C TYR D 214 56.29 27.56 -11.06
N GLU D 215 56.85 27.25 -9.90
CA GLU D 215 57.38 28.29 -9.03
C GLU D 215 58.60 28.97 -9.65
N ARG D 216 59.40 28.23 -10.40
CA ARG D 216 60.55 28.83 -11.06
C ARG D 216 60.15 29.63 -12.29
N VAL D 217 59.06 29.27 -12.96
CA VAL D 217 58.70 29.97 -14.18
C VAL D 217 57.77 31.16 -13.93
N SER D 218 56.98 31.15 -12.85
CA SER D 218 55.98 32.20 -12.68
C SER D 218 56.01 32.83 -11.29
N GLY D 219 56.48 32.08 -10.30
CA GLY D 219 56.63 32.59 -8.95
C GLY D 219 55.63 32.06 -7.96
N ALA D 220 54.51 31.54 -8.40
CA ALA D 220 53.58 30.83 -7.55
C ALA D 220 53.52 29.38 -7.97
N ARG D 221 53.38 28.50 -6.98
CA ARG D 221 53.51 27.07 -7.24
C ARG D 221 52.28 26.50 -7.94
N MET D 222 51.10 27.05 -7.68
CA MET D 222 49.90 26.54 -8.31
C MET D 222 49.26 27.52 -9.30
N HIS D 223 48.85 28.69 -8.85
CA HIS D 223 48.08 29.60 -9.69
C HIS D 223 49.06 30.63 -10.23
N ALA D 224 49.40 30.49 -11.49
CA ALA D 224 50.57 31.16 -12.03
C ALA D 224 50.26 32.55 -12.56
N ALA D 225 49.07 32.73 -13.14
CA ALA D 225 48.71 33.91 -13.95
C ALA D 225 49.76 34.18 -15.02
N TYR D 226 50.20 33.11 -15.68
CA TYR D 226 51.37 33.12 -16.54
C TYR D 226 51.01 33.11 -18.01
N VAL D 227 50.21 32.13 -18.45
CA VAL D 227 49.76 32.10 -19.83
C VAL D 227 48.71 33.18 -20.00
N ARG D 228 49.09 34.29 -20.60
CA ARG D 228 48.24 35.47 -20.71
C ARG D 228 47.82 35.67 -22.16
N PRO D 229 46.73 36.40 -22.41
CA PRO D 229 46.37 36.73 -23.79
C PRO D 229 47.42 37.56 -24.49
N GLY D 230 48.08 36.96 -25.47
CA GLY D 230 49.28 37.54 -26.06
C GLY D 230 50.50 36.66 -25.94
N GLY D 231 50.39 35.48 -25.36
CA GLY D 231 51.52 34.60 -25.20
C GLY D 231 51.66 34.11 -23.78
N VAL D 232 52.78 34.44 -23.15
CA VAL D 232 53.00 34.22 -21.73
C VAL D 232 53.46 35.53 -21.13
N HIS D 233 53.58 35.56 -19.81
CA HIS D 233 54.04 36.80 -19.16
C HIS D 233 55.54 36.96 -19.24
N GLN D 234 56.30 35.95 -18.82
CA GLN D 234 57.71 36.15 -18.58
C GLN D 234 58.49 34.99 -19.18
N ASP D 235 59.69 35.28 -19.67
CA ASP D 235 60.45 34.27 -20.39
C ASP D 235 61.00 33.23 -19.41
N LEU D 236 61.39 32.08 -19.96
CA LEU D 236 61.90 30.98 -19.16
C LEU D 236 63.22 31.38 -18.49
N PRO D 237 63.39 31.11 -17.19
CA PRO D 237 64.69 31.32 -16.56
C PRO D 237 65.70 30.32 -17.07
N LEU D 238 66.98 30.69 -16.98
CA LEU D 238 68.04 29.87 -17.53
C LEU D 238 68.20 28.59 -16.72
N GLY D 239 68.36 27.48 -17.41
CA GLY D 239 68.51 26.20 -16.75
C GLY D 239 67.22 25.56 -16.30
N LEU D 240 66.06 26.15 -16.64
CA LEU D 240 64.79 25.52 -16.33
C LEU D 240 64.52 24.33 -17.24
N MET D 241 64.83 24.46 -18.52
CA MET D 241 64.61 23.38 -19.47
C MET D 241 65.51 22.19 -19.19
N ASP D 242 66.72 22.44 -18.67
CA ASP D 242 67.60 21.34 -18.30
C ASP D 242 67.02 20.55 -17.14
N ASP D 243 66.37 21.21 -16.18
CA ASP D 243 65.74 20.50 -15.08
C ASP D 243 64.44 19.83 -15.51
N ILE D 244 63.72 20.41 -16.48
CA ILE D 244 62.58 19.73 -17.07
C ILE D 244 63.02 18.44 -17.76
N TYR D 245 64.17 18.49 -18.44
CA TYR D 245 64.75 17.29 -19.04
C TYR D 245 65.16 16.27 -17.98
N GLU D 246 65.76 16.74 -16.88
CA GLU D 246 66.17 15.82 -15.82
C GLU D 246 64.98 15.19 -15.11
N PHE D 247 63.84 15.89 -15.07
CA PHE D 247 62.61 15.31 -14.56
C PHE D 247 62.03 14.31 -15.54
N SER D 248 61.95 14.68 -16.81
CA SER D 248 61.24 13.89 -17.80
C SER D 248 62.00 12.64 -18.17
N LYS D 249 63.33 12.67 -18.04
CA LYS D 249 64.14 11.48 -18.29
C LYS D 249 63.86 10.38 -17.28
N ASN D 250 63.44 10.74 -16.06
CA ASN D 250 63.23 9.77 -15.00
C ASN D 250 61.76 9.52 -14.69
N PHE D 251 60.83 10.30 -15.22
CA PHE D 251 59.42 10.13 -14.88
C PHE D 251 58.81 8.84 -15.44
N SER D 252 59.46 8.24 -16.46
CA SER D 252 58.95 7.02 -17.07
C SER D 252 58.96 5.85 -16.10
N LEU D 253 60.01 5.74 -15.28
CA LEU D 253 60.07 4.68 -14.28
C LEU D 253 59.02 4.87 -13.20
N ARG D 254 58.65 6.12 -12.91
CA ARG D 254 57.59 6.39 -11.94
C ARG D 254 56.24 5.91 -12.46
N ILE D 255 55.96 6.18 -13.75
CA ILE D 255 54.74 5.66 -14.35
C ILE D 255 54.79 4.12 -14.39
N ASP D 256 55.98 3.57 -14.61
CA ASP D 256 56.15 2.11 -14.69
C ASP D 256 55.87 1.44 -13.36
N GLU D 257 56.29 2.06 -12.25
CA GLU D 257 56.06 1.42 -10.95
C GLU D 257 54.65 1.66 -10.42
N LEU D 258 54.02 2.79 -10.77
CA LEU D 258 52.58 2.94 -10.58
C LEU D 258 51.80 1.86 -11.32
N GLU D 259 52.12 1.66 -12.60
CA GLU D 259 51.47 0.66 -13.41
C GLU D 259 51.81 -0.76 -12.95
N GLU D 260 52.97 -0.94 -12.32
CA GLU D 260 53.31 -2.21 -11.70
C GLU D 260 52.43 -2.48 -10.50
N MET D 261 52.12 -1.44 -9.73
CA MET D 261 51.29 -1.63 -8.54
C MET D 261 49.83 -1.89 -8.90
N LEU D 262 49.29 -1.19 -9.90
CA LEU D 262 47.84 -1.21 -10.07
C LEU D 262 47.32 -1.94 -11.30
N THR D 263 48.04 -1.94 -12.42
CA THR D 263 47.43 -2.41 -13.67
C THR D 263 47.29 -3.93 -13.70
N ASN D 264 48.33 -4.66 -13.32
CA ASN D 264 48.24 -6.11 -13.30
C ASN D 264 47.54 -6.65 -12.06
N ASN D 265 47.20 -5.78 -11.12
CA ASN D 265 46.68 -6.22 -9.83
C ASN D 265 45.23 -6.68 -9.97
N ARG D 266 44.92 -7.81 -9.33
CA ARG D 266 43.59 -8.39 -9.47
C ARG D 266 42.55 -7.69 -8.60
N ILE D 267 42.97 -7.10 -7.48
CA ILE D 267 42.04 -6.33 -6.65
C ILE D 267 41.63 -5.06 -7.37
N TRP D 268 42.56 -4.48 -8.14
CA TRP D 268 42.26 -3.29 -8.91
C TRP D 268 41.34 -3.63 -10.09
N ARG D 269 41.56 -4.78 -10.72
CA ARG D 269 40.69 -5.19 -11.81
C ARG D 269 39.31 -5.59 -11.31
N ASN D 270 39.21 -6.04 -10.06
CA ASN D 270 37.89 -6.34 -9.52
C ASN D 270 37.08 -5.09 -9.22
N ARG D 271 37.72 -3.94 -9.06
CA ARG D 271 37.01 -2.72 -8.71
C ARG D 271 36.72 -1.82 -9.90
N THR D 272 37.24 -2.13 -11.09
CA THR D 272 37.19 -1.19 -12.22
C THR D 272 36.65 -1.76 -13.53
N VAL D 273 36.57 -3.08 -13.71
CA VAL D 273 36.36 -3.64 -15.04
C VAL D 273 34.88 -3.72 -15.42
N ASP D 274 34.01 -4.14 -14.53
CA ASP D 274 32.58 -4.12 -14.86
C ASP D 274 31.87 -2.91 -14.29
N ILE D 275 32.62 -1.84 -14.01
CA ILE D 275 32.13 -0.73 -13.20
C ILE D 275 32.07 0.51 -14.07
N GLY D 276 30.90 1.15 -14.10
CA GLY D 276 30.71 2.40 -14.80
C GLY D 276 30.89 2.32 -16.29
N VAL D 277 30.20 1.38 -16.94
CA VAL D 277 30.31 1.21 -18.37
C VAL D 277 29.49 2.28 -19.07
N VAL D 278 30.10 2.98 -20.01
CA VAL D 278 29.47 4.05 -20.76
C VAL D 278 29.47 3.68 -22.23
N THR D 279 28.27 3.55 -22.82
CA THR D 279 28.19 3.33 -24.25
C THR D 279 28.52 4.62 -24.99
N ALA D 280 28.89 4.47 -26.26
CA ALA D 280 29.44 5.59 -27.02
C ALA D 280 28.35 6.61 -27.37
N GLU D 281 27.15 6.15 -27.72
CA GLU D 281 26.08 7.06 -28.04
C GLU D 281 25.57 7.78 -26.80
N ASP D 282 25.55 7.11 -25.65
CA ASP D 282 25.23 7.81 -24.41
C ASP D 282 26.39 8.63 -23.89
N ALA D 283 27.60 8.41 -24.39
CA ALA D 283 28.71 9.30 -24.07
C ALA D 283 28.60 10.60 -24.85
N LEU D 284 28.28 10.52 -26.13
CA LEU D 284 28.09 11.73 -26.92
C LEU D 284 26.82 12.46 -26.52
N ASN D 285 25.75 11.73 -26.26
CA ASN D 285 24.46 12.34 -25.94
C ASN D 285 24.42 12.89 -24.51
N TYR D 286 25.41 12.57 -23.68
CA TYR D 286 25.56 13.22 -22.38
C TYR D 286 26.60 14.31 -22.38
N GLY D 287 27.22 14.60 -23.53
CA GLY D 287 28.23 15.62 -23.57
C GLY D 287 29.51 15.25 -22.88
N PHE D 288 29.86 13.98 -22.83
CA PHE D 288 31.15 13.58 -22.30
C PHE D 288 32.25 14.01 -23.26
N SER D 289 33.45 14.17 -22.73
CA SER D 289 34.55 14.67 -23.54
C SER D 289 35.87 14.18 -22.97
N GLY D 290 36.83 13.98 -23.86
CA GLY D 290 38.14 13.53 -23.44
C GLY D 290 38.13 12.06 -23.16
N VAL D 291 38.67 11.67 -22.00
CA VAL D 291 38.86 10.26 -21.66
C VAL D 291 37.52 9.56 -21.49
N MET D 292 36.50 10.31 -21.04
CA MET D 292 35.15 9.75 -20.93
C MET D 292 34.58 9.37 -22.29
N LEU D 293 35.06 9.99 -23.36
CA LEU D 293 34.77 9.44 -24.69
C LEU D 293 35.76 8.32 -25.03
N ARG D 294 37.04 8.53 -24.72
CA ARG D 294 38.08 7.65 -25.21
C ARG D 294 38.11 6.31 -24.50
N GLY D 295 37.60 6.24 -23.28
CA GLY D 295 37.39 4.94 -22.66
C GLY D 295 36.31 4.14 -23.37
N SER D 296 35.32 4.82 -23.93
CA SER D 296 34.22 4.19 -24.64
C SER D 296 34.56 3.87 -26.08
N GLY D 297 35.80 4.09 -26.52
CA GLY D 297 36.19 3.72 -27.85
C GLY D 297 35.96 4.75 -28.92
N ILE D 298 35.64 5.99 -28.55
CA ILE D 298 35.37 7.04 -29.53
C ILE D 298 36.68 7.71 -29.92
N GLN D 299 36.96 7.76 -31.23
CA GLN D 299 38.19 8.35 -31.74
C GLN D 299 37.98 9.85 -31.85
N TRP D 300 38.34 10.57 -30.79
CA TRP D 300 38.17 12.02 -30.74
C TRP D 300 39.15 12.60 -29.72
N ASP D 301 39.89 13.61 -30.14
CA ASP D 301 40.78 14.36 -29.25
C ASP D 301 40.98 15.73 -29.87
N LEU D 302 40.81 16.79 -29.07
CA LEU D 302 40.83 18.14 -29.62
C LEU D 302 42.22 18.60 -30.01
N ARG D 303 43.27 17.92 -29.57
CA ARG D 303 44.61 18.28 -30.00
C ARG D 303 44.98 17.67 -31.35
N LYS D 304 44.12 16.81 -31.89
CA LYS D 304 44.29 16.20 -33.20
C LYS D 304 43.27 16.70 -34.22
N THR D 305 42.02 16.88 -33.80
CA THR D 305 40.94 17.20 -34.71
C THR D 305 40.77 18.71 -34.92
N GLN D 306 40.93 19.49 -33.86
CA GLN D 306 40.88 20.95 -33.93
C GLN D 306 42.18 21.50 -33.37
N PRO D 307 43.27 21.41 -34.12
CA PRO D 307 44.59 21.65 -33.53
C PRO D 307 44.85 23.12 -33.24
N TYR D 308 45.48 23.35 -32.08
CA TYR D 308 45.87 24.68 -31.65
C TYR D 308 47.38 24.61 -31.37
N ASP D 309 47.90 25.60 -30.64
CA ASP D 309 49.10 26.37 -31.00
C ASP D 309 50.19 25.66 -31.79
N VAL D 310 50.86 24.67 -31.21
CA VAL D 310 51.83 23.88 -31.98
C VAL D 310 51.60 22.39 -31.75
N TYR D 311 50.38 22.00 -31.37
CA TYR D 311 50.07 20.58 -31.24
C TYR D 311 49.97 19.88 -32.57
N ASP D 312 49.75 20.61 -33.66
CA ASP D 312 49.84 20.03 -34.99
C ASP D 312 51.28 19.88 -35.47
N GLN D 313 52.25 20.33 -34.68
CA GLN D 313 53.66 20.20 -35.02
C GLN D 313 54.37 19.18 -34.12
N VAL D 314 53.69 18.64 -33.12
CA VAL D 314 54.25 17.59 -32.29
C VAL D 314 53.63 16.27 -32.72
N GLU D 315 54.24 15.19 -32.25
CA GLU D 315 53.82 13.83 -32.61
C GLU D 315 53.51 13.07 -31.34
N PHE D 316 52.27 12.57 -31.23
CA PHE D 316 51.85 11.79 -30.09
C PHE D 316 50.70 10.90 -30.51
N ASP D 317 50.43 9.90 -29.68
CA ASP D 317 49.37 8.94 -29.95
C ASP D 317 48.25 9.11 -28.94
N VAL D 318 47.03 8.87 -29.40
CA VAL D 318 45.83 9.17 -28.64
C VAL D 318 45.25 7.86 -28.13
N PRO D 319 45.35 7.57 -26.82
CA PRO D 319 44.95 6.25 -26.32
C PRO D 319 43.44 6.07 -26.32
N ILE D 320 43.00 4.92 -26.83
CA ILE D 320 41.59 4.63 -27.01
C ILE D 320 41.27 3.36 -26.24
N GLY D 321 40.22 3.40 -25.43
CA GLY D 321 39.76 2.24 -24.71
C GLY D 321 38.90 1.34 -25.57
N SER D 322 38.34 0.33 -24.94
CA SER D 322 37.50 -0.63 -25.64
C SER D 322 36.21 -0.99 -24.93
N ARG D 323 36.10 -0.81 -23.60
CA ARG D 323 34.94 -1.27 -22.87
C ARG D 323 34.21 -0.19 -22.09
N GLY D 324 34.72 1.04 -22.07
CA GLY D 324 33.96 2.12 -21.47
C GLY D 324 33.90 2.11 -19.96
N ASP D 325 34.76 1.34 -19.31
CA ASP D 325 34.72 1.11 -17.88
C ASP D 325 35.79 1.96 -17.17
N CYS D 326 35.93 1.72 -15.86
CA CYS D 326 36.91 2.47 -15.08
C CYS D 326 38.33 2.02 -15.39
N TYR D 327 38.51 0.77 -15.78
CA TYR D 327 39.85 0.25 -16.03
C TYR D 327 40.41 0.79 -17.33
N ASP D 328 39.58 0.89 -18.37
CA ASP D 328 40.08 1.48 -19.62
C ASP D 328 40.32 2.96 -19.50
N ARG D 329 39.52 3.66 -18.70
CA ARG D 329 39.80 5.07 -18.46
C ARG D 329 41.06 5.25 -17.61
N TYR D 330 41.31 4.32 -16.69
CA TYR D 330 42.58 4.29 -15.98
C TYR D 330 43.76 4.12 -16.92
N LEU D 331 43.66 3.16 -17.84
CA LEU D 331 44.75 2.92 -18.78
C LEU D 331 44.91 4.07 -19.75
N CYS D 332 43.82 4.73 -20.12
CA CYS D 332 43.90 5.92 -20.96
C CYS D 332 44.59 7.06 -20.23
N ARG D 333 44.35 7.21 -18.93
CA ARG D 333 45.04 8.27 -18.19
C ARG D 333 46.53 7.99 -18.04
N VAL D 334 46.88 6.74 -17.78
CA VAL D 334 48.29 6.37 -17.66
C VAL D 334 49.00 6.53 -19.00
N GLU D 335 48.35 6.15 -20.10
CA GLU D 335 48.97 6.32 -21.40
C GLU D 335 49.00 7.78 -21.82
N GLU D 336 48.07 8.62 -21.34
CA GLU D 336 48.19 10.05 -21.58
C GLU D 336 49.34 10.65 -20.80
N MET D 337 49.70 10.09 -19.64
CA MET D 337 50.93 10.52 -18.98
C MET D 337 52.17 10.12 -19.78
N ARG D 338 52.15 8.91 -20.37
CA ARG D 338 53.24 8.47 -21.25
C ARG D 338 53.41 9.40 -22.45
N GLN D 339 52.31 9.67 -23.15
CA GLN D 339 52.34 10.52 -24.32
C GLN D 339 52.59 11.98 -23.96
N SER D 340 52.28 12.39 -22.74
CA SER D 340 52.67 13.72 -22.29
C SER D 340 54.17 13.83 -22.12
N ILE D 341 54.81 12.78 -21.60
CA ILE D 341 56.28 12.75 -21.57
C ILE D 341 56.85 12.77 -22.98
N ARG D 342 56.17 12.12 -23.93
CA ARG D 342 56.58 12.15 -25.33
C ARG D 342 56.52 13.57 -25.92
N ILE D 343 55.42 14.28 -25.68
CA ILE D 343 55.28 15.65 -26.16
C ILE D 343 56.26 16.58 -25.46
N ILE D 344 56.57 16.33 -24.18
CA ILE D 344 57.53 17.16 -23.47
C ILE D 344 58.93 16.98 -24.03
N SER D 345 59.29 15.75 -24.42
CA SER D 345 60.57 15.53 -25.07
C SER D 345 60.63 16.25 -26.42
N GLN D 346 59.53 16.22 -27.17
CA GLN D 346 59.51 16.88 -28.47
C GLN D 346 59.51 18.40 -28.33
N CYS D 347 58.97 18.93 -27.24
CA CYS D 347 58.99 20.38 -27.02
C CYS D 347 60.33 20.85 -26.49
N LEU D 348 61.01 20.03 -25.70
CA LEU D 348 62.36 20.39 -25.27
C LEU D 348 63.34 20.35 -26.43
N ASN D 349 63.17 19.39 -27.35
CA ASN D 349 64.11 19.33 -28.46
C ASN D 349 63.85 20.42 -29.50
N LYS D 350 62.62 20.89 -29.63
CA LYS D 350 62.23 21.78 -30.72
C LYS D 350 61.81 23.16 -30.22
N MET D 351 62.41 23.64 -29.14
CA MET D 351 62.08 24.97 -28.63
C MET D 351 62.74 26.04 -29.49
N PRO D 352 62.01 27.05 -29.95
CA PRO D 352 62.61 28.09 -30.78
C PRO D 352 63.05 29.27 -29.93
N PRO D 353 63.96 30.10 -30.42
CA PRO D 353 64.28 31.36 -29.74
C PRO D 353 63.26 32.42 -30.12
N GLY D 354 63.41 33.59 -29.51
CA GLY D 354 62.57 34.72 -29.82
C GLY D 354 61.90 35.27 -28.60
N GLU D 355 60.86 36.07 -28.83
CA GLU D 355 60.15 36.75 -27.76
C GLU D 355 59.08 35.85 -27.18
N ILE D 356 58.42 36.34 -26.13
CA ILE D 356 57.44 35.53 -25.40
C ILE D 356 56.10 36.24 -25.24
N LYS D 357 56.01 37.48 -25.72
CA LYS D 357 54.73 38.16 -25.83
C LYS D 357 54.51 38.54 -27.28
N VAL D 358 53.25 38.83 -27.64
CA VAL D 358 53.00 39.39 -28.95
C VAL D 358 53.54 40.82 -28.96
N ASP D 359 54.13 41.22 -30.08
CA ASP D 359 54.85 42.48 -30.12
C ASP D 359 53.95 43.68 -30.40
N ASP D 360 52.63 43.50 -30.26
CA ASP D 360 51.68 44.60 -30.18
C ASP D 360 51.66 45.08 -28.74
N ALA D 361 52.09 46.31 -28.49
CA ALA D 361 52.08 46.85 -27.15
C ALA D 361 50.73 47.43 -26.76
N LYS D 362 49.74 47.40 -27.64
CA LYS D 362 48.37 47.71 -27.28
C LYS D 362 47.62 46.51 -26.76
N VAL D 363 48.28 45.35 -26.70
CA VAL D 363 47.73 44.13 -26.10
C VAL D 363 48.67 43.67 -25.00
N SER D 364 49.90 43.33 -25.35
CA SER D 364 50.90 42.91 -24.38
C SER D 364 51.55 44.12 -23.72
N PRO D 365 51.88 44.02 -22.44
CA PRO D 365 52.61 45.10 -21.80
C PRO D 365 54.04 45.17 -22.28
N PRO D 366 54.59 46.36 -22.45
CA PRO D 366 55.99 46.47 -22.85
C PRO D 366 56.91 46.14 -21.70
N LYS D 367 58.17 45.89 -22.04
CA LYS D 367 59.18 45.52 -21.05
C LYS D 367 59.50 46.71 -20.16
N ARG D 368 59.85 46.40 -18.91
CA ARG D 368 60.11 47.44 -17.93
C ARG D 368 61.41 48.20 -18.21
N ALA D 369 62.33 47.60 -18.97
CA ALA D 369 63.53 48.33 -19.34
C ALA D 369 63.23 49.35 -20.43
N GLU D 370 62.15 49.16 -21.19
CA GLU D 370 61.75 50.12 -22.21
C GLU D 370 60.45 50.84 -21.87
N MET D 371 59.76 50.44 -20.81
CA MET D 371 58.68 51.26 -20.27
C MET D 371 59.23 52.50 -19.60
N LYS D 372 60.37 52.37 -18.94
CA LYS D 372 60.98 53.45 -18.18
C LYS D 372 61.85 54.35 -19.04
N THR D 373 61.85 54.16 -20.36
CA THR D 373 62.61 54.98 -21.27
C THR D 373 61.77 55.60 -22.36
N SER D 374 60.82 54.86 -22.92
CA SER D 374 60.00 55.31 -24.02
C SER D 374 58.69 55.90 -23.52
N MET D 375 58.15 56.83 -24.29
CA MET D 375 56.92 57.50 -23.86
C MET D 375 55.68 56.71 -24.30
N GLU D 376 55.69 56.19 -25.52
CA GLU D 376 54.61 55.33 -25.99
C GLU D 376 54.50 54.07 -25.14
N SER D 377 55.64 53.53 -24.71
CA SER D 377 55.63 52.35 -23.87
C SER D 377 55.12 52.65 -22.47
N LEU D 378 55.38 53.84 -21.94
CA LEU D 378 54.82 54.18 -20.63
C LEU D 378 53.33 54.40 -20.71
N ILE D 379 52.86 55.07 -21.76
CA ILE D 379 51.42 55.27 -21.96
C ILE D 379 50.72 53.92 -22.13
N HIS D 380 51.34 52.99 -22.87
CA HIS D 380 50.74 51.69 -23.06
C HIS D 380 50.77 50.84 -21.79
N HIS D 381 51.84 50.95 -21.00
CA HIS D 381 51.89 50.28 -19.70
C HIS D 381 50.81 50.79 -18.77
N PHE D 382 50.65 52.12 -18.72
CA PHE D 382 49.62 52.77 -17.92
C PHE D 382 48.23 52.30 -18.32
N LYS D 383 47.90 52.46 -19.60
CA LYS D 383 46.55 52.16 -20.06
C LYS D 383 46.27 50.67 -20.16
N LEU D 384 47.29 49.81 -20.15
CA LEU D 384 47.02 48.38 -20.04
C LEU D 384 46.79 47.96 -18.61
N TYR D 385 47.61 48.42 -17.67
CA TYR D 385 47.40 47.99 -16.30
C TYR D 385 46.37 48.82 -15.56
N THR D 386 45.73 49.80 -16.19
CA THR D 386 44.59 50.47 -15.59
C THR D 386 43.29 50.21 -16.33
N GLU D 387 43.23 50.53 -17.62
CA GLU D 387 42.01 50.27 -18.37
C GLU D 387 41.97 48.85 -18.91
N GLY D 388 43.04 48.42 -19.55
CA GLY D 388 43.03 47.17 -20.26
C GLY D 388 42.79 47.36 -21.74
N TYR D 389 43.15 46.34 -22.50
CA TYR D 389 42.96 46.36 -23.95
C TYR D 389 41.49 46.20 -24.31
N GLN D 390 41.04 47.01 -25.27
CA GLN D 390 39.70 46.88 -25.81
C GLN D 390 39.64 45.69 -26.75
N VAL D 391 38.71 44.78 -26.48
CA VAL D 391 38.49 43.61 -27.33
C VAL D 391 37.38 43.97 -28.31
N PRO D 392 37.49 43.60 -29.59
CA PRO D 392 36.38 43.85 -30.51
C PRO D 392 35.15 43.07 -30.10
N PRO D 393 33.96 43.62 -30.36
CA PRO D 393 32.73 42.99 -29.87
C PRO D 393 32.42 41.69 -30.57
N GLY D 394 31.73 40.81 -29.86
CA GLY D 394 31.36 39.53 -30.44
C GLY D 394 31.55 38.38 -29.47
N ALA D 395 31.10 37.20 -29.87
CA ALA D 395 31.13 36.02 -29.03
C ALA D 395 31.93 34.93 -29.68
N THR D 396 32.59 34.11 -28.86
CA THR D 396 33.30 32.95 -29.34
C THR D 396 33.13 31.81 -28.35
N TYR D 397 33.27 30.59 -28.85
CA TYR D 397 33.36 29.40 -28.01
C TYR D 397 34.69 28.74 -28.30
N THR D 398 35.67 28.95 -27.43
CA THR D 398 37.00 28.40 -27.60
C THR D 398 37.18 27.22 -26.66
N ALA D 399 37.34 26.04 -27.23
CA ALA D 399 37.41 24.81 -26.46
C ALA D 399 38.74 24.14 -26.73
N ILE D 400 39.46 23.79 -25.66
CA ILE D 400 40.71 23.08 -25.77
C ILE D 400 40.58 21.74 -25.07
N GLU D 401 41.60 20.91 -25.24
CA GLU D 401 41.67 19.61 -24.59
C GLU D 401 42.40 19.80 -23.27
N ALA D 402 41.65 20.19 -22.25
CA ALA D 402 42.12 20.10 -20.89
C ALA D 402 42.23 18.62 -20.51
N PRO D 403 43.01 18.26 -19.48
CA PRO D 403 43.19 16.84 -19.17
C PRO D 403 41.95 16.15 -18.61
N LYS D 404 40.89 16.88 -18.31
CA LYS D 404 39.60 16.29 -18.03
C LYS D 404 38.73 16.13 -19.26
N GLY D 405 38.98 16.92 -20.30
CA GLY D 405 38.20 16.86 -21.50
C GLY D 405 38.10 18.19 -22.19
N GLU D 406 37.00 18.42 -22.90
CA GLU D 406 36.76 19.69 -23.58
C GLU D 406 36.50 20.77 -22.55
N PHE D 407 37.45 21.68 -22.38
CA PHE D 407 37.23 22.86 -21.56
C PHE D 407 37.04 24.04 -22.49
N GLY D 408 35.87 24.67 -22.40
CA GLY D 408 35.52 25.74 -23.31
C GLY D 408 35.23 27.02 -22.55
N VAL D 409 35.57 28.14 -23.17
CA VAL D 409 35.15 29.46 -22.73
C VAL D 409 34.28 30.03 -23.82
N TYR D 410 33.02 30.29 -23.50
CA TYR D 410 32.15 31.08 -24.37
C TYR D 410 32.26 32.52 -23.91
N LEU D 411 33.02 33.32 -24.63
CA LEU D 411 33.34 34.68 -24.23
C LEU D 411 32.60 35.65 -25.12
N VAL D 412 31.83 36.54 -24.49
CA VAL D 412 31.09 37.60 -25.16
C VAL D 412 31.71 38.92 -24.74
N SER D 413 32.23 39.66 -25.70
CA SER D 413 32.81 40.98 -25.50
C SER D 413 31.90 42.03 -26.11
N ASP D 414 31.87 43.20 -25.48
CA ASP D 414 31.01 44.29 -25.92
C ASP D 414 31.80 45.55 -26.28
N GLY D 415 33.03 45.39 -26.76
CA GLY D 415 33.84 46.51 -27.18
C GLY D 415 34.64 47.17 -26.09
N SER D 416 34.21 47.07 -24.83
CA SER D 416 34.91 47.69 -23.72
C SER D 416 36.09 46.81 -23.32
N SER D 417 36.77 47.20 -22.25
CA SER D 417 37.92 46.47 -21.75
C SER D 417 37.55 45.44 -20.68
N ARG D 418 36.28 45.10 -20.58
CA ARG D 418 35.76 44.07 -19.67
C ARG D 418 34.89 43.10 -20.45
N PRO D 419 34.83 41.83 -20.03
CA PRO D 419 33.96 40.88 -20.72
C PRO D 419 32.50 41.17 -20.44
N TYR D 420 31.68 41.08 -21.48
CA TYR D 420 30.25 41.21 -21.25
C TYR D 420 29.69 39.94 -20.61
N ARG D 421 30.22 38.78 -21.01
CA ARG D 421 29.75 37.51 -20.48
C ARG D 421 30.87 36.50 -20.66
N CYS D 422 31.06 35.62 -19.68
CA CYS D 422 32.08 34.58 -19.84
C CYS D 422 31.55 33.26 -19.31
N LYS D 423 30.88 32.51 -20.18
CA LYS D 423 30.39 31.18 -19.82
C LYS D 423 31.54 30.19 -19.83
N ILE D 424 31.56 29.31 -18.84
CA ILE D 424 32.65 28.37 -18.64
C ILE D 424 32.09 26.97 -18.80
N LYS D 425 32.40 26.31 -19.92
CA LYS D 425 32.07 24.90 -20.09
C LYS D 425 33.20 24.10 -19.49
N ALA D 426 32.88 23.36 -18.45
CA ALA D 426 33.75 22.41 -17.80
C ALA D 426 33.39 20.99 -18.21
N PRO D 427 34.37 20.08 -18.30
CA PRO D 427 34.01 18.68 -18.59
C PRO D 427 33.27 18.03 -17.44
N GLY D 428 33.67 18.36 -16.21
CA GLY D 428 33.13 17.74 -15.02
C GLY D 428 31.66 17.97 -14.81
N PHE D 429 31.10 19.04 -15.38
CA PHE D 429 29.68 19.32 -15.24
C PHE D 429 28.85 18.27 -15.96
N ALA D 430 29.15 18.03 -17.23
CA ALA D 430 28.44 16.98 -17.97
C ALA D 430 28.80 15.58 -17.48
N HIS D 431 30.04 15.39 -16.98
CA HIS D 431 30.42 14.08 -16.44
C HIS D 431 29.64 13.78 -15.16
N LEU D 432 29.47 14.78 -14.30
CA LEU D 432 28.72 14.60 -13.08
C LEU D 432 27.22 14.53 -13.33
N ALA D 433 26.77 15.07 -14.46
CA ALA D 433 25.41 14.78 -14.89
C ALA D 433 25.27 13.31 -15.31
N GLY D 434 26.29 12.78 -15.98
CA GLY D 434 26.28 11.38 -16.37
C GLY D 434 26.48 10.38 -15.25
N LEU D 435 26.93 10.87 -14.08
CA LEU D 435 27.02 10.04 -12.88
C LEU D 435 25.69 9.37 -12.52
N ASP D 436 24.56 10.02 -12.83
CA ASP D 436 23.26 9.42 -12.53
C ASP D 436 23.00 8.17 -13.35
N LYS D 437 23.43 8.15 -14.61
CA LYS D 437 23.26 6.91 -15.37
C LYS D 437 24.32 5.89 -14.99
N MET D 438 25.56 6.34 -14.79
CA MET D 438 26.67 5.42 -14.56
C MET D 438 26.55 4.64 -13.26
N SER D 439 25.78 5.13 -12.29
CA SER D 439 25.61 4.44 -11.02
C SER D 439 24.35 3.59 -10.98
N LYS D 440 23.69 3.38 -12.11
CA LYS D 440 22.55 2.48 -12.16
C LYS D 440 23.04 1.04 -12.20
N GLY D 441 22.78 0.29 -11.14
CA GLY D 441 23.20 -1.09 -11.08
C GLY D 441 24.57 -1.32 -10.49
N HIS D 442 24.96 -0.51 -9.51
CA HIS D 442 26.22 -0.69 -8.79
C HIS D 442 25.95 -0.45 -7.31
N MET D 443 27.02 -0.33 -6.53
CA MET D 443 26.90 -0.17 -5.09
C MET D 443 27.69 1.04 -4.61
N LEU D 444 27.62 1.27 -3.30
CA LEU D 444 28.30 2.40 -2.67
C LEU D 444 29.82 2.29 -2.79
N ALA D 445 30.35 1.06 -2.82
CA ALA D 445 31.78 0.88 -3.06
C ALA D 445 32.13 0.94 -4.55
N ASP D 446 31.15 1.12 -5.43
CA ASP D 446 31.41 1.37 -6.83
C ASP D 446 31.10 2.78 -7.26
N VAL D 447 30.17 3.46 -6.58
CA VAL D 447 29.91 4.87 -6.86
C VAL D 447 31.12 5.72 -6.51
N VAL D 448 31.89 5.32 -5.48
CA VAL D 448 33.14 5.99 -5.16
C VAL D 448 34.16 5.82 -6.30
N ALA D 449 34.18 4.65 -6.93
CA ALA D 449 35.11 4.45 -8.04
C ALA D 449 34.63 5.15 -9.30
N ILE D 450 33.33 5.38 -9.43
CA ILE D 450 32.82 6.13 -10.58
C ILE D 450 33.08 7.62 -10.41
N ILE D 451 32.97 8.13 -9.17
CA ILE D 451 33.42 9.49 -8.85
C ILE D 451 34.91 9.62 -9.08
N GLY D 452 35.66 8.54 -8.87
CA GLY D 452 37.08 8.57 -9.22
C GLY D 452 37.34 8.59 -10.71
N THR D 453 36.62 7.77 -11.49
CA THR D 453 36.92 7.65 -12.91
C THR D 453 36.40 8.83 -13.72
N GLN D 454 35.41 9.56 -13.21
CA GLN D 454 35.04 10.86 -13.75
C GLN D 454 35.93 11.84 -13.00
N ASP D 455 36.98 12.33 -13.63
CA ASP D 455 37.92 13.18 -12.90
C ASP D 455 37.26 14.54 -12.68
N ILE D 456 36.69 14.73 -11.49
CA ILE D 456 35.91 15.91 -11.15
C ILE D 456 36.75 16.80 -10.25
N VAL D 457 36.85 18.07 -10.63
CA VAL D 457 37.32 19.14 -9.76
C VAL D 457 36.19 20.16 -9.67
N PHE D 458 35.70 20.39 -8.47
CA PHE D 458 34.40 21.03 -8.32
C PHE D 458 34.44 22.54 -8.41
N GLY D 459 35.62 23.15 -8.50
CA GLY D 459 35.66 24.57 -8.78
C GLY D 459 35.12 24.89 -10.17
N GLU D 460 35.59 24.19 -11.18
CA GLU D 460 35.07 24.42 -12.53
C GLU D 460 33.70 23.82 -12.74
N VAL D 461 33.32 22.81 -11.95
CA VAL D 461 31.95 22.32 -11.99
C VAL D 461 31.01 23.35 -11.39
N ASP D 462 31.47 24.08 -10.38
CA ASP D 462 30.59 24.95 -9.61
C ASP D 462 30.71 26.43 -9.94
N ARG D 463 31.85 26.87 -10.49
CA ARG D 463 32.16 28.29 -10.78
C ARG D 463 32.02 29.18 -9.53
N THR E 45 51.11 42.01 -42.15
CA THR E 45 50.25 41.49 -41.09
C THR E 45 50.64 40.06 -40.72
N ARG E 46 51.88 39.70 -40.97
CA ARG E 46 52.29 38.32 -40.75
C ARG E 46 52.58 37.96 -39.30
N PRO E 47 53.44 38.67 -38.54
CA PRO E 47 53.81 38.10 -37.22
C PRO E 47 52.75 38.23 -36.15
N THR E 48 52.07 39.38 -36.05
CA THR E 48 51.15 39.61 -34.95
C THR E 48 49.71 39.25 -35.29
N VAL E 49 49.24 39.67 -36.46
CA VAL E 49 47.83 39.53 -36.83
C VAL E 49 47.52 38.05 -37.06
N ARG E 50 46.40 37.61 -36.49
CA ARG E 50 46.00 36.20 -36.56
C ARG E 50 45.72 35.81 -38.00
N PRO E 51 46.19 34.65 -38.45
CA PRO E 51 45.99 34.26 -39.86
C PRO E 51 44.55 33.84 -40.11
N ARG E 52 43.92 34.49 -41.08
CA ARG E 52 42.51 34.28 -41.33
C ARG E 52 42.31 32.96 -42.09
N ASN E 53 41.29 32.21 -41.67
CA ASN E 53 40.92 30.95 -42.30
C ASN E 53 39.76 31.23 -43.24
N ASP E 54 40.07 31.36 -44.53
CA ASP E 54 39.05 31.69 -45.52
C ASP E 54 38.30 30.46 -46.01
N VAL E 55 38.94 29.29 -45.96
CA VAL E 55 38.31 28.06 -46.40
C VAL E 55 37.17 27.68 -45.46
N ALA E 56 37.44 27.72 -44.14
CA ALA E 56 36.39 27.43 -43.16
C ALA E 56 35.31 28.50 -43.16
N HIS E 57 35.67 29.74 -43.52
CA HIS E 57 34.69 30.81 -43.63
C HIS E 57 33.72 30.55 -44.78
N LYS E 58 34.26 30.14 -45.93
CA LYS E 58 33.41 29.81 -47.08
C LYS E 58 32.57 28.57 -46.82
N GLN E 59 33.14 27.56 -46.15
CA GLN E 59 32.40 26.33 -45.87
C GLN E 59 31.29 26.56 -44.86
N LEU E 60 31.55 27.37 -43.83
CA LEU E 60 30.49 27.68 -42.87
C LEU E 60 29.44 28.60 -43.47
N SER E 61 29.81 29.44 -44.44
CA SER E 61 28.81 30.21 -45.16
C SER E 61 27.89 29.32 -45.98
N ALA E 62 28.46 28.32 -46.66
CA ALA E 62 27.66 27.39 -47.45
C ALA E 62 26.75 26.53 -46.57
N PHE E 63 27.28 26.06 -45.44
CA PHE E 63 26.45 25.26 -44.54
C PHE E 63 25.40 26.12 -43.83
N GLY E 64 25.69 27.41 -43.62
CA GLY E 64 24.68 28.28 -43.06
C GLY E 64 23.55 28.55 -44.02
N GLU E 65 23.87 28.72 -45.31
CA GLU E 65 22.84 28.77 -46.34
C GLU E 65 22.02 27.49 -46.37
N TYR E 66 22.70 26.35 -46.25
CA TYR E 66 22.07 25.03 -46.20
C TYR E 66 21.06 24.91 -45.07
N VAL E 67 21.47 25.26 -43.85
CA VAL E 67 20.57 25.19 -42.69
C VAL E 67 19.47 26.24 -42.79
N ALA E 68 19.77 27.41 -43.35
CA ALA E 68 18.77 28.46 -43.46
C ALA E 68 17.67 28.12 -44.45
N GLU E 69 17.99 27.37 -45.50
CA GLU E 69 16.98 27.03 -46.48
C GLU E 69 16.36 25.66 -46.26
N ILE E 70 16.94 24.82 -45.41
CA ILE E 70 16.23 23.60 -45.01
C ILE E 70 15.15 23.94 -43.98
N LEU E 71 15.43 24.86 -43.07
CA LEU E 71 14.51 25.20 -41.98
C LEU E 71 14.08 26.67 -42.05
N PRO E 72 13.29 27.08 -43.04
CA PRO E 72 12.87 28.49 -43.08
C PRO E 72 11.77 28.83 -42.09
N LYS E 73 11.19 27.83 -41.42
CA LYS E 73 10.12 28.12 -40.47
C LYS E 73 10.65 28.82 -39.22
N TYR E 74 11.88 28.55 -38.83
CA TYR E 74 12.38 29.07 -37.57
C TYR E 74 13.64 29.91 -37.70
N VAL E 75 14.44 29.73 -38.74
CA VAL E 75 15.73 30.41 -38.84
C VAL E 75 15.51 31.87 -39.20
N GLN E 76 15.97 32.77 -38.33
CA GLN E 76 15.88 34.20 -38.55
C GLN E 76 17.13 34.76 -39.20
N GLN E 77 18.29 34.61 -38.54
CA GLN E 77 19.54 35.08 -39.10
C GLN E 77 20.56 33.95 -39.14
N VAL E 78 21.52 34.07 -40.05
CA VAL E 78 22.65 33.16 -40.13
C VAL E 78 23.89 34.03 -40.33
N GLN E 79 24.88 33.89 -39.46
CA GLN E 79 26.05 34.75 -39.58
C GLN E 79 27.33 33.99 -39.26
N VAL E 80 28.40 34.39 -39.93
CA VAL E 80 29.72 33.80 -39.74
C VAL E 80 30.67 34.92 -39.33
N SER E 81 31.38 34.74 -38.23
CA SER E 81 32.25 35.77 -37.70
C SER E 81 33.58 35.78 -38.45
N CYS E 82 34.50 36.65 -38.00
CA CYS E 82 35.78 36.79 -38.69
C CYS E 82 36.69 35.60 -38.45
N PHE E 83 36.62 35.01 -37.25
CA PHE E 83 37.38 33.83 -36.90
C PHE E 83 36.62 32.54 -37.23
N SER E 84 35.65 32.62 -38.15
CA SER E 84 34.98 31.47 -38.78
C SER E 84 34.26 30.60 -37.76
N GLU E 85 33.22 31.17 -37.17
CA GLU E 85 32.25 30.42 -36.38
C GLU E 85 30.85 30.79 -36.81
N LEU E 86 29.97 29.79 -36.84
CA LEU E 86 28.65 29.92 -37.44
C LEU E 86 27.58 30.03 -36.37
N GLU E 87 26.67 30.99 -36.55
CA GLU E 87 25.54 31.19 -35.67
C GLU E 87 24.26 31.12 -36.47
N ILE E 88 23.33 30.27 -36.01
CA ILE E 88 22.01 30.13 -36.60
C ILE E 88 21.03 30.72 -35.61
N CYS E 89 20.75 32.01 -35.74
CA CYS E 89 19.82 32.71 -34.85
C CYS E 89 18.39 32.34 -35.24
N ILE E 90 17.70 31.63 -34.34
CA ILE E 90 16.37 31.10 -34.63
C ILE E 90 15.34 31.66 -33.65
N HIS E 91 14.10 31.18 -33.78
CA HIS E 91 12.89 31.46 -33.01
C HIS E 91 12.76 30.45 -31.86
N PRO E 92 12.34 30.88 -30.67
CA PRO E 92 12.34 29.96 -29.51
C PRO E 92 11.31 28.86 -29.57
N ASP E 93 10.35 28.90 -30.49
CA ASP E 93 9.53 27.73 -30.72
C ASP E 93 10.27 26.64 -31.49
N GLY E 94 11.39 26.98 -32.12
CA GLY E 94 12.13 26.03 -32.91
C GLY E 94 13.34 25.45 -32.23
N VAL E 95 13.26 25.25 -30.91
CA VAL E 95 14.37 24.62 -30.20
C VAL E 95 14.48 23.15 -30.59
N ILE E 96 13.39 22.40 -30.46
CA ILE E 96 13.37 21.00 -30.83
C ILE E 96 13.52 20.77 -32.34
N PRO E 97 12.80 21.44 -33.26
CA PRO E 97 12.98 21.09 -34.69
C PRO E 97 14.34 21.45 -35.28
N VAL E 98 15.05 22.43 -34.72
CA VAL E 98 16.40 22.70 -35.20
C VAL E 98 17.39 21.71 -34.60
N LEU E 99 17.39 21.57 -33.26
CA LEU E 99 18.41 20.75 -32.59
C LEU E 99 18.25 19.27 -32.90
N THR E 100 17.04 18.80 -33.18
CA THR E 100 16.91 17.41 -33.61
C THR E 100 17.39 17.26 -35.04
N PHE E 101 17.27 18.32 -35.85
CA PHE E 101 17.81 18.30 -37.21
C PHE E 101 19.31 18.13 -37.19
N LEU E 102 19.99 19.03 -36.49
CA LEU E 102 21.45 19.05 -36.45
C LEU E 102 22.03 17.81 -35.78
N ARG E 103 21.28 17.20 -34.87
CA ARG E 103 21.73 15.96 -34.24
C ARG E 103 21.54 14.77 -35.18
N ASP E 104 20.59 14.83 -36.12
CA ASP E 104 20.22 13.65 -36.87
C ASP E 104 20.39 13.74 -38.36
N HIS E 105 20.57 14.93 -38.94
CA HIS E 105 20.75 15.01 -40.38
C HIS E 105 22.14 14.53 -40.75
N SER E 106 22.24 13.81 -41.86
CA SER E 106 23.49 13.14 -42.21
C SER E 106 24.58 14.11 -42.66
N ASN E 107 24.23 15.32 -43.08
CA ASN E 107 25.23 16.34 -43.35
C ASN E 107 25.55 17.20 -42.15
N ALA E 108 24.84 17.04 -41.03
CA ALA E 108 25.13 17.85 -39.86
C ALA E 108 25.76 17.02 -38.75
N GLN E 109 25.04 16.04 -38.23
CA GLN E 109 25.50 15.09 -37.20
C GLN E 109 26.15 15.79 -36.00
N PHE E 110 25.53 16.87 -35.53
CA PHE E 110 26.04 17.61 -34.36
C PHE E 110 25.69 16.82 -33.11
N LYS E 111 26.51 15.80 -32.85
CA LYS E 111 26.18 14.81 -31.83
C LYS E 111 26.42 15.31 -30.42
N SER E 112 27.38 16.19 -30.21
CA SER E 112 27.79 16.56 -28.86
C SER E 112 27.27 17.94 -28.51
N LEU E 113 26.51 18.04 -27.43
CA LEU E 113 26.12 19.33 -26.88
C LEU E 113 27.27 19.81 -26.02
N ALA E 114 28.07 20.73 -26.56
CA ALA E 114 29.19 21.24 -25.80
C ALA E 114 28.70 22.13 -24.66
N ASP E 115 28.05 23.24 -24.99
CA ASP E 115 27.77 24.27 -24.01
C ASP E 115 26.41 24.89 -24.26
N LEU E 116 25.58 24.91 -23.23
CA LEU E 116 24.32 25.64 -23.23
C LEU E 116 24.44 26.83 -22.30
N THR E 117 24.04 28.00 -22.79
CA THR E 117 24.41 29.29 -22.22
C THR E 117 23.21 30.21 -22.29
N ALA E 118 23.03 31.03 -21.26
CA ALA E 118 22.15 32.18 -21.35
C ALA E 118 22.97 33.46 -21.19
N VAL E 119 22.55 34.50 -21.89
CA VAL E 119 23.18 35.81 -21.86
C VAL E 119 22.10 36.85 -21.57
N ASP E 120 22.29 37.62 -20.51
CA ASP E 120 21.33 38.66 -20.14
C ASP E 120 21.71 39.96 -20.81
N ILE E 121 20.81 40.48 -21.64
CA ILE E 121 20.98 41.80 -22.25
C ILE E 121 19.71 42.60 -21.98
N PRO E 122 19.68 43.44 -20.94
CA PRO E 122 18.41 44.04 -20.51
C PRO E 122 17.86 45.11 -21.43
N THR E 123 18.62 45.56 -22.43
CA THR E 123 18.12 46.59 -23.34
C THR E 123 17.19 46.04 -24.41
N ARG E 124 16.98 44.72 -24.45
CA ARG E 124 16.09 44.08 -25.40
C ARG E 124 14.79 43.71 -24.69
N GLN E 125 13.70 43.62 -25.45
CA GLN E 125 12.44 43.27 -24.83
C GLN E 125 12.30 41.79 -24.56
N ASN E 126 13.10 40.97 -25.23
CA ASN E 126 13.32 39.58 -24.86
C ASN E 126 14.77 39.52 -24.40
N ARG E 127 14.99 39.78 -23.11
CA ARG E 127 16.32 40.14 -22.62
C ARG E 127 17.29 38.97 -22.59
N PHE E 128 16.80 37.74 -22.38
CA PHE E 128 17.67 36.60 -22.22
C PHE E 128 17.91 35.95 -23.56
N GLU E 129 19.13 35.49 -23.77
CA GLU E 129 19.56 34.97 -25.06
C GLU E 129 20.18 33.60 -24.84
N ILE E 130 19.49 32.57 -25.28
CA ILE E 130 19.88 31.20 -25.03
C ILE E 130 20.77 30.73 -26.18
N VAL E 131 21.93 30.17 -25.83
CA VAL E 131 22.98 29.82 -26.78
C VAL E 131 23.28 28.34 -26.66
N TYR E 132 23.27 27.63 -27.79
CA TYR E 132 23.60 26.21 -27.87
C TYR E 132 24.87 26.05 -28.68
N ASN E 133 25.94 25.62 -28.05
CA ASN E 133 27.17 25.29 -28.76
C ASN E 133 27.17 23.80 -29.06
N LEU E 134 27.24 23.44 -30.33
CA LEU E 134 27.14 22.06 -30.78
C LEU E 134 28.42 21.65 -31.48
N LEU E 135 28.80 20.40 -31.30
CA LEU E 135 29.99 19.80 -31.90
C LEU E 135 29.58 18.62 -32.75
N SER E 136 30.00 18.63 -34.02
CA SER E 136 29.88 17.47 -34.89
C SER E 136 31.25 16.81 -34.95
N LEU E 137 31.35 15.63 -34.36
CA LEU E 137 32.58 14.86 -34.38
C LEU E 137 32.83 14.24 -35.74
N ARG E 138 31.79 14.06 -36.53
CA ARG E 138 31.94 13.51 -37.88
C ARG E 138 32.59 14.52 -38.81
N PHE E 139 32.05 15.74 -38.84
CA PHE E 139 32.55 16.74 -39.77
C PHE E 139 33.52 17.70 -39.11
N ASN E 140 33.98 17.39 -37.89
CA ASN E 140 35.02 18.13 -37.17
C ASN E 140 34.63 19.60 -36.99
N SER E 141 33.36 19.84 -36.69
CA SER E 141 32.81 21.18 -36.85
C SER E 141 32.10 21.61 -35.57
N ARG E 142 31.94 22.93 -35.44
CA ARG E 142 31.24 23.53 -34.33
C ARG E 142 30.24 24.55 -34.86
N ILE E 143 29.03 24.52 -34.30
CA ILE E 143 27.99 25.45 -34.71
C ILE E 143 27.40 26.05 -33.44
N ARG E 144 26.77 27.21 -33.59
CA ARG E 144 26.10 27.88 -32.50
C ARG E 144 24.66 28.15 -32.92
N VAL E 145 23.73 27.91 -32.00
CA VAL E 145 22.30 28.05 -32.24
C VAL E 145 21.76 28.98 -31.16
N LYS E 146 21.31 30.15 -31.55
CA LYS E 146 20.96 31.19 -30.60
C LYS E 146 19.49 31.54 -30.72
N THR E 147 18.86 31.85 -29.60
CA THR E 147 17.46 32.22 -29.56
C THR E 147 17.24 33.13 -28.36
N TYR E 148 15.98 33.48 -28.09
CA TYR E 148 15.67 34.51 -27.12
C TYR E 148 14.49 34.13 -26.26
N THR E 149 14.39 34.81 -25.11
CA THR E 149 13.20 34.81 -24.26
C THR E 149 13.26 36.01 -23.32
N ASP E 150 12.13 36.30 -22.68
CA ASP E 150 12.08 37.21 -21.55
C ASP E 150 11.92 36.40 -20.27
N GLU E 151 11.60 37.09 -19.16
CA GLU E 151 11.48 36.42 -17.86
C GLU E 151 10.35 35.42 -17.82
N LEU E 152 9.27 35.66 -18.57
CA LEU E 152 8.04 34.92 -18.36
C LEU E 152 7.79 33.84 -19.39
N THR E 153 8.33 33.95 -20.59
CA THR E 153 8.07 32.98 -21.64
C THR E 153 8.89 31.72 -21.39
N PRO E 154 8.27 30.55 -21.33
CA PRO E 154 9.04 29.31 -21.19
C PRO E 154 9.66 28.89 -22.52
N VAL E 155 10.94 28.54 -22.46
CA VAL E 155 11.67 27.98 -23.59
C VAL E 155 11.45 26.48 -23.54
N GLU E 156 11.34 25.84 -24.71
CA GLU E 156 11.16 24.41 -24.74
C GLU E 156 12.46 23.71 -24.36
N SER E 157 12.39 22.84 -23.36
CA SER E 157 13.56 22.08 -22.92
C SER E 157 14.01 21.11 -24.00
N SER E 158 15.32 20.89 -24.06
CA SER E 158 15.92 20.08 -25.11
C SER E 158 16.48 18.77 -24.57
N VAL E 159 15.91 18.24 -23.49
CA VAL E 159 16.38 16.96 -22.97
C VAL E 159 15.93 15.81 -23.85
N SER E 160 14.89 15.98 -24.66
CA SER E 160 14.52 14.95 -25.60
C SER E 160 15.47 14.88 -26.80
N VAL E 161 16.31 15.90 -26.98
CA VAL E 161 17.32 15.87 -28.03
C VAL E 161 18.65 15.52 -27.39
N TYR E 162 19.14 16.40 -26.53
CA TYR E 162 20.40 16.22 -25.83
C TYR E 162 20.10 16.05 -24.35
N LYS E 163 20.40 14.86 -23.81
CA LYS E 163 20.29 14.66 -22.37
C LYS E 163 21.36 15.45 -21.62
N ALA E 164 22.44 15.86 -22.30
CA ALA E 164 23.46 16.74 -21.75
C ALA E 164 22.89 18.04 -21.22
N ALA E 165 21.80 18.53 -21.81
CA ALA E 165 21.17 19.76 -21.36
C ALA E 165 20.45 19.61 -20.02
N ASN E 166 20.32 18.38 -19.48
CA ASN E 166 19.49 18.10 -18.32
C ASN E 166 19.88 18.95 -17.11
N TRP E 167 21.16 19.26 -16.96
CA TRP E 167 21.56 20.20 -15.94
C TRP E 167 21.65 21.64 -16.42
N TYR E 168 22.08 21.86 -17.69
CA TYR E 168 22.49 23.18 -18.14
C TYR E 168 21.36 24.19 -18.11
N GLU E 169 20.23 23.84 -18.73
CA GLU E 169 19.06 24.70 -18.68
C GLU E 169 18.48 24.78 -17.28
N ARG E 170 18.71 23.73 -16.47
CA ARG E 170 18.46 23.80 -15.03
C ARG E 170 19.27 24.93 -14.40
N GLU E 171 20.54 25.04 -14.76
CA GLU E 171 21.37 26.17 -14.38
C GLU E 171 20.80 27.48 -14.90
N ILE E 172 20.21 27.48 -16.10
CA ILE E 172 19.62 28.68 -16.64
C ILE E 172 18.35 29.04 -15.88
N TRP E 173 17.69 28.08 -15.25
CA TRP E 173 16.67 28.44 -14.29
C TRP E 173 17.28 29.04 -13.04
N ASP E 174 18.39 28.46 -12.57
CA ASP E 174 18.94 28.84 -11.27
C ASP E 174 19.59 30.21 -11.33
N MET E 175 20.15 30.57 -12.48
CA MET E 175 20.92 31.80 -12.64
C MET E 175 20.15 32.91 -13.31
N PHE E 176 19.23 32.58 -14.22
CA PHE E 176 18.56 33.57 -15.05
C PHE E 176 17.05 33.59 -14.91
N GLY E 177 16.44 32.60 -14.27
CA GLY E 177 15.00 32.60 -14.16
C GLY E 177 14.25 32.20 -15.41
N VAL E 178 14.96 31.71 -16.43
CA VAL E 178 14.32 31.23 -17.63
C VAL E 178 13.73 29.86 -17.35
N PHE E 179 12.40 29.76 -17.44
CA PHE E 179 11.72 28.49 -17.20
C PHE E 179 11.78 27.61 -18.42
N PHE E 180 11.95 26.31 -18.20
CA PHE E 180 12.05 25.34 -19.28
C PHE E 180 10.94 24.31 -19.11
N ALA E 181 9.95 24.36 -19.99
CA ALA E 181 8.81 23.47 -19.89
C ALA E 181 9.19 22.06 -20.32
N ASN E 182 8.48 21.08 -19.74
CA ASN E 182 8.71 19.64 -19.92
C ASN E 182 10.13 19.23 -19.55
N HIS E 183 10.68 19.86 -18.52
CA HIS E 183 11.96 19.44 -17.97
C HIS E 183 11.73 18.34 -16.93
N PRO E 184 12.59 17.31 -16.88
CA PRO E 184 12.36 16.20 -15.95
C PRO E 184 12.45 16.59 -14.49
N ASP E 185 13.56 17.19 -14.08
CA ASP E 185 13.78 17.61 -12.70
C ASP E 185 14.32 19.03 -12.76
N LEU E 186 13.43 20.01 -12.84
CA LEU E 186 13.81 21.41 -12.91
C LEU E 186 13.72 22.02 -11.52
N ARG E 187 14.84 22.51 -11.03
CA ARG E 187 14.98 23.14 -9.72
C ARG E 187 16.32 23.87 -9.74
N ARG E 188 16.76 24.33 -8.57
CA ARG E 188 18.06 24.99 -8.51
C ARG E 188 19.18 23.96 -8.56
N ILE E 189 20.34 24.41 -9.02
CA ILE E 189 21.51 23.53 -9.05
C ILE E 189 22.75 24.14 -8.42
N LEU E 190 22.90 25.47 -8.36
CA LEU E 190 24.16 26.06 -7.94
C LEU E 190 24.04 27.01 -6.76
N THR E 191 22.86 27.53 -6.45
CA THR E 191 22.75 28.44 -5.33
C THR E 191 22.27 27.71 -4.09
N ASP E 192 22.19 28.46 -2.99
CA ASP E 192 21.75 27.95 -1.71
C ASP E 192 20.26 27.65 -1.76
N TYR E 193 19.79 26.84 -0.81
CA TYR E 193 18.44 26.27 -0.93
C TYR E 193 17.36 27.31 -0.71
N GLY E 194 17.56 28.23 0.22
CA GLY E 194 16.56 29.25 0.45
C GLY E 194 16.87 30.55 -0.26
N PHE E 195 17.65 30.48 -1.35
CA PHE E 195 18.15 31.68 -2.00
C PHE E 195 17.06 32.31 -2.86
N GLU E 196 16.80 33.59 -2.62
CA GLU E 196 15.76 34.32 -3.32
C GLU E 196 16.41 35.20 -4.38
N GLY E 197 16.14 34.90 -5.64
CA GLY E 197 16.64 35.69 -6.74
C GLY E 197 17.48 34.86 -7.70
N HIS E 198 17.70 35.43 -8.86
CA HIS E 198 18.45 34.78 -9.93
C HIS E 198 19.74 35.57 -10.16
N PRO E 199 20.91 34.99 -9.83
CA PRO E 199 22.10 35.83 -9.64
C PRO E 199 22.68 36.42 -10.90
N PHE E 200 22.77 35.66 -11.98
CA PHE E 200 23.50 36.15 -13.14
C PHE E 200 22.69 37.12 -14.00
N ARG E 201 21.47 37.47 -13.60
CA ARG E 201 20.78 38.57 -14.23
C ARG E 201 21.51 39.87 -13.93
N LYS E 202 21.54 40.78 -14.90
CA LYS E 202 22.32 41.99 -14.71
C LYS E 202 21.64 43.05 -13.85
N ASP E 203 20.36 42.89 -13.53
CA ASP E 203 19.74 43.78 -12.55
C ASP E 203 19.93 43.30 -11.12
N PHE E 204 20.57 42.17 -10.93
CA PHE E 204 20.96 41.62 -9.64
C PHE E 204 22.36 42.11 -9.30
N PRO E 205 22.59 42.67 -8.13
CA PRO E 205 23.89 43.26 -7.81
C PRO E 205 24.95 42.19 -7.58
N LEU E 206 26.21 42.64 -7.55
CA LEU E 206 27.33 41.71 -7.44
C LEU E 206 27.33 40.97 -6.11
N SER E 207 27.44 41.71 -5.01
CA SER E 207 27.02 41.17 -3.73
C SER E 207 25.52 40.98 -3.76
N GLY E 208 25.03 40.02 -2.99
CA GLY E 208 23.62 39.71 -3.00
C GLY E 208 22.78 40.70 -2.25
N TYR E 209 21.69 40.21 -1.67
CA TYR E 209 20.89 41.01 -0.75
C TYR E 209 20.98 40.52 0.68
N VAL E 210 21.29 39.25 0.88
CA VAL E 210 21.49 38.69 2.21
C VAL E 210 22.89 38.10 2.29
N GLU E 211 23.44 38.11 3.50
CA GLU E 211 24.71 37.47 3.81
C GLU E 211 24.50 36.59 5.03
N LEU E 212 25.43 35.68 5.26
CA LEU E 212 25.29 34.74 6.36
C LEU E 212 26.27 35.07 7.48
N ARG E 213 25.90 34.64 8.68
CA ARG E 213 26.81 34.59 9.81
C ARG E 213 26.28 33.56 10.79
N TYR E 214 27.17 32.98 11.59
CA TYR E 214 26.71 32.10 12.65
C TYR E 214 26.26 32.93 13.83
N ASP E 215 25.09 32.62 14.36
CA ASP E 215 24.50 33.36 15.47
C ASP E 215 24.40 32.45 16.67
N ASP E 216 25.00 32.87 17.78
CA ASP E 216 25.12 32.05 18.97
C ASP E 216 23.86 32.08 19.82
N GLU E 217 23.01 33.09 19.64
CA GLU E 217 21.71 33.14 20.31
C GLU E 217 20.83 31.98 19.89
N VAL E 218 20.57 31.86 18.58
CA VAL E 218 19.75 30.77 18.07
C VAL E 218 20.55 29.54 17.70
N LYS E 219 21.88 29.58 17.90
CA LYS E 219 22.82 28.48 17.59
C LYS E 219 22.70 28.03 16.15
N ARG E 220 22.71 28.99 15.23
CA ARG E 220 22.27 28.68 13.89
C ARG E 220 22.87 29.66 12.90
N VAL E 221 23.14 29.17 11.69
CA VAL E 221 23.65 30.03 10.63
C VAL E 221 22.49 30.83 10.04
N VAL E 222 22.51 32.14 10.25
CA VAL E 222 21.40 32.99 9.89
C VAL E 222 21.80 33.92 8.76
N ALA E 223 20.79 34.47 8.10
CA ALA E 223 20.95 35.41 6.99
C ALA E 223 20.47 36.78 7.41
N GLU E 224 21.38 37.75 7.41
CA GLU E 224 21.01 39.14 7.64
C GLU E 224 21.08 39.86 6.31
N PRO E 225 20.57 41.09 6.18
CA PRO E 225 20.84 41.85 4.96
C PRO E 225 22.31 42.22 4.87
N VAL E 226 22.81 42.24 3.64
CA VAL E 226 24.24 42.29 3.40
C VAL E 226 24.79 43.67 3.74
N GLU E 227 25.93 43.69 4.42
CA GLU E 227 26.69 44.91 4.67
C GLU E 227 28.16 44.59 4.46
N LEU E 228 28.85 45.48 3.76
CA LEU E 228 30.25 45.28 3.43
C LEU E 228 31.13 46.13 4.34
N ALA E 229 32.25 45.55 4.79
CA ALA E 229 33.24 46.33 5.52
C ALA E 229 33.97 47.30 4.59
N GLN E 230 34.07 46.96 3.32
CA GLN E 230 34.54 47.86 2.28
C GLN E 230 33.66 47.69 1.06
N GLU E 231 33.19 48.80 0.51
CA GLU E 231 32.37 48.76 -0.69
C GLU E 231 33.17 48.27 -1.89
N PHE E 232 32.54 47.46 -2.73
CA PHE E 232 33.12 47.13 -4.03
C PHE E 232 33.25 48.39 -4.86
N ARG E 233 34.49 48.82 -5.08
CA ARG E 233 34.74 50.09 -5.75
C ARG E 233 34.51 49.92 -7.24
N LYS E 234 33.71 50.82 -7.81
CA LYS E 234 33.40 50.76 -9.23
C LYS E 234 34.42 51.58 -10.01
N PHE E 235 35.06 50.95 -10.98
CA PHE E 235 36.06 51.59 -11.82
C PHE E 235 35.43 51.93 -13.16
N ASP E 236 35.18 53.21 -13.39
CA ASP E 236 34.75 53.66 -14.70
C ASP E 236 35.97 53.69 -15.61
N LEU E 237 36.09 52.66 -16.44
CA LEU E 237 37.29 52.45 -17.24
C LEU E 237 37.07 52.64 -18.73
N ASN E 238 35.86 53.00 -19.16
CA ASN E 238 35.60 53.16 -20.58
C ASN E 238 36.33 54.38 -21.12
N SER E 239 37.23 54.14 -22.07
CA SER E 239 37.88 55.23 -22.77
C SER E 239 36.86 55.97 -23.63
N PRO E 240 36.89 57.30 -23.65
CA PRO E 240 35.90 58.07 -24.42
C PRO E 240 36.18 58.14 -25.91
N TRP E 241 37.10 57.34 -26.44
CA TRP E 241 37.47 57.39 -27.83
C TRP E 241 37.11 56.07 -28.50
N GLU E 242 36.62 56.17 -29.73
CA GLU E 242 36.14 55.02 -30.47
C GLU E 242 37.30 54.10 -30.84
N ALA E 243 37.30 52.90 -30.25
CA ALA E 243 38.39 51.99 -30.48
C ALA E 243 38.31 51.27 -31.81
N PHE E 244 37.09 50.97 -32.29
CA PHE E 244 36.93 50.15 -33.49
C PHE E 244 35.96 50.81 -34.44
N PRO E 245 36.44 51.41 -35.53
CA PRO E 245 35.52 51.99 -36.51
C PRO E 245 34.71 50.97 -37.28
N ALA E 246 35.15 49.72 -37.34
CA ALA E 246 34.41 48.70 -38.09
C ALA E 246 33.10 48.34 -37.39
N TYR E 247 33.05 48.48 -36.06
CA TYR E 247 31.87 48.20 -35.27
C TYR E 247 31.10 49.47 -34.95
N ARG E 248 31.22 50.51 -35.77
CA ARG E 248 30.51 51.75 -35.52
C ARG E 248 29.04 51.60 -35.84
N GLN E 249 28.21 52.12 -34.99
CA GLN E 249 26.79 52.03 -35.25
C GLN E 249 26.29 53.32 -35.91
N PRO E 250 25.26 53.23 -36.75
CA PRO E 250 24.67 54.45 -37.32
C PRO E 250 23.91 55.21 -36.25
N PRO E 251 23.92 56.54 -36.30
CA PRO E 251 23.28 57.33 -35.24
C PRO E 251 21.76 57.36 -35.41
N GLU E 252 21.10 57.97 -34.43
CA GLU E 252 19.66 58.14 -34.47
C GLU E 252 19.29 59.29 -35.40
N SER F 68 54.65 27.32 45.11
CA SER F 68 54.42 26.28 46.11
C SER F 68 54.60 24.90 45.50
N ARG F 69 54.04 23.89 46.16
CA ARG F 69 54.07 22.54 45.63
C ARG F 69 52.99 22.34 44.58
N GLY F 70 51.76 22.75 44.91
CA GLY F 70 50.64 22.54 44.00
C GLY F 70 50.73 23.33 42.72
N GLU F 71 51.38 24.50 42.77
CA GLU F 71 51.66 25.25 41.56
C GLU F 71 52.61 24.48 40.64
N TYR F 72 53.62 23.84 41.22
CA TYR F 72 54.51 22.98 40.45
C TYR F 72 53.77 21.78 39.87
N VAL F 73 52.83 21.21 40.64
CA VAL F 73 52.07 20.05 40.18
C VAL F 73 51.21 20.41 38.99
N VAL F 74 50.42 21.50 39.11
CA VAL F 74 49.56 21.87 38.00
C VAL F 74 50.35 22.44 36.83
N ALA F 75 51.55 22.98 37.06
CA ALA F 75 52.36 23.45 35.94
C ALA F 75 52.92 22.29 35.14
N LYS F 76 53.39 21.24 35.81
CA LYS F 76 53.87 20.08 35.07
C LYS F 76 52.73 19.30 34.44
N LEU F 77 51.54 19.31 35.05
CA LEU F 77 50.40 18.67 34.40
C LEU F 77 49.92 19.46 33.18
N ASP F 78 49.99 20.79 33.23
CA ASP F 78 49.71 21.59 32.04
C ASP F 78 50.72 21.34 30.95
N ASP F 79 52.00 21.23 31.29
CA ASP F 79 52.99 20.92 30.27
C ASP F 79 52.78 19.53 29.68
N LEU F 80 52.34 18.58 30.51
CA LEU F 80 52.04 17.23 30.01
C LEU F 80 50.86 17.23 29.05
N ILE F 81 49.75 17.88 29.42
CA ILE F 81 48.57 17.82 28.55
C ILE F 81 48.75 18.69 27.31
N ASN F 82 49.51 19.79 27.42
CA ASN F 82 49.78 20.60 26.24
C ASN F 82 50.72 19.89 25.29
N TRP F 83 51.67 19.12 25.82
CA TRP F 83 52.51 18.27 24.99
C TRP F 83 51.70 17.20 24.29
N ALA F 84 50.81 16.54 25.04
CA ALA F 84 49.98 15.48 24.46
C ALA F 84 49.01 16.01 23.43
N ARG F 85 48.60 17.27 23.54
CA ARG F 85 47.66 17.81 22.56
C ARG F 85 48.35 18.49 21.39
N ARG F 86 49.59 18.99 21.54
CA ARG F 86 50.24 19.58 20.38
C ARG F 86 51.03 18.55 19.57
N SER F 87 51.46 17.47 20.19
CA SER F 87 52.21 16.44 19.48
C SER F 87 51.32 15.29 19.05
N SER F 88 50.01 15.44 19.18
CA SER F 88 49.06 14.45 18.66
C SER F 88 47.85 15.15 18.06
N LEU F 89 48.07 16.20 17.26
CA LEU F 89 46.98 16.82 16.55
C LEU F 89 46.48 15.91 15.44
N TRP F 90 45.18 15.62 15.43
CA TRP F 90 44.63 14.81 14.36
C TRP F 90 43.69 15.68 13.53
N PRO F 91 44.14 16.22 12.42
CA PRO F 91 43.24 17.01 11.58
C PRO F 91 42.27 16.12 10.86
N MET F 92 41.09 16.67 10.60
CA MET F 92 40.08 15.93 9.86
C MET F 92 40.27 16.14 8.37
N THR F 93 39.84 15.15 7.60
CA THR F 93 39.92 15.24 6.15
C THR F 93 38.89 16.24 5.65
N PHE F 94 39.29 17.49 5.51
CA PHE F 94 38.34 18.54 5.17
C PHE F 94 39.04 19.54 4.25
N GLY F 95 38.79 19.42 2.94
CA GLY F 95 39.20 20.41 1.98
C GLY F 95 37.97 21.02 1.34
N LEU F 96 38.16 22.14 0.69
CA LEU F 96 37.04 22.76 -0.01
C LEU F 96 37.36 23.10 -1.45
N ALA F 97 38.58 23.55 -1.73
CA ALA F 97 38.92 24.20 -2.97
C ALA F 97 40.39 23.95 -3.28
N CYS F 98 41.04 24.88 -4.00
CA CYS F 98 42.44 24.73 -4.43
C CYS F 98 43.38 24.47 -3.26
N CYS F 99 43.10 25.04 -2.09
CA CYS F 99 43.92 24.82 -0.91
C CYS F 99 43.90 23.40 -0.42
N ALA F 100 42.92 22.59 -0.82
CA ALA F 100 42.98 21.16 -0.49
C ALA F 100 44.13 20.48 -1.20
N VAL F 101 44.49 20.94 -2.41
CA VAL F 101 45.66 20.40 -3.12
C VAL F 101 46.94 20.67 -2.34
N GLU F 102 47.08 21.88 -1.82
CA GLU F 102 48.29 22.20 -1.08
C GLU F 102 48.26 21.62 0.33
N MET F 103 47.08 21.33 0.86
CA MET F 103 46.99 20.59 2.12
C MET F 103 47.41 19.14 1.91
N MET F 104 47.04 18.58 0.76
CA MET F 104 47.55 17.28 0.34
C MET F 104 49.07 17.30 0.11
N HIS F 105 49.60 18.41 -0.37
CA HIS F 105 51.06 18.52 -0.45
C HIS F 105 51.71 18.75 0.91
N MET F 106 50.97 19.26 1.87
CA MET F 106 51.49 19.27 3.23
C MET F 106 51.46 17.87 3.83
N ALA F 107 50.61 16.98 3.30
CA ALA F 107 50.68 15.56 3.60
C ALA F 107 51.64 14.78 2.69
N ALA F 108 52.16 15.39 1.63
CA ALA F 108 53.01 14.71 0.66
C ALA F 108 54.36 14.34 1.30
N PRO F 109 55.09 13.39 0.71
CA PRO F 109 56.36 12.98 1.33
C PRO F 109 57.46 14.02 1.43
N ARG F 110 57.36 15.18 0.79
CA ARG F 110 58.38 16.20 1.04
C ARG F 110 58.15 16.85 2.40
N TYR F 111 56.94 17.33 2.65
CA TYR F 111 56.71 18.08 3.88
C TYR F 111 56.24 17.20 5.02
N ASP F 112 55.37 16.23 4.73
CA ASP F 112 55.08 15.09 5.60
C ASP F 112 54.53 15.48 6.97
N MET F 113 53.26 15.89 7.02
CA MET F 113 52.58 16.18 8.30
C MET F 113 52.72 15.07 9.33
N ASP F 114 52.77 13.80 8.88
CA ASP F 114 52.66 12.65 9.77
C ASP F 114 53.83 12.53 10.75
N ARG F 115 54.98 13.13 10.44
CA ARG F 115 56.09 13.08 11.38
C ARG F 115 55.85 14.00 12.57
N PHE F 116 54.96 14.97 12.46
CA PHE F 116 54.66 15.87 13.56
C PHE F 116 53.53 15.36 14.44
N GLY F 117 53.16 14.09 14.31
CA GLY F 117 51.97 13.60 14.95
C GLY F 117 50.67 14.00 14.28
N VAL F 118 50.75 14.54 13.07
CA VAL F 118 49.63 15.17 12.39
C VAL F 118 49.12 14.17 11.34
N VAL F 119 48.04 13.45 11.66
CA VAL F 119 47.56 12.37 10.81
C VAL F 119 46.06 12.53 10.61
N PHE F 120 45.59 12.21 9.40
CA PHE F 120 44.18 12.36 9.06
C PHE F 120 43.30 11.42 9.86
N ARG F 121 42.18 11.93 10.34
CA ARG F 121 41.09 11.09 10.84
C ARG F 121 39.81 11.58 10.18
N ALA F 122 39.09 10.67 9.54
CA ALA F 122 38.02 11.07 8.63
C ALA F 122 36.79 11.58 9.38
N SER F 123 36.52 11.06 10.55
CA SER F 123 35.33 11.53 11.22
C SER F 123 35.64 12.72 12.12
N PRO F 124 34.68 13.64 12.28
CA PRO F 124 34.91 14.76 13.20
C PRO F 124 34.95 14.37 14.66
N ARG F 125 34.39 13.21 15.02
CA ARG F 125 34.41 12.77 16.41
C ARG F 125 35.81 12.39 16.85
N GLN F 126 36.66 12.00 15.93
CA GLN F 126 37.97 11.43 16.23
C GLN F 126 39.08 12.35 15.77
N SER F 127 38.80 13.64 15.69
CA SER F 127 39.74 14.61 15.15
C SER F 127 39.83 15.82 16.06
N ASP F 128 40.94 16.54 15.94
CA ASP F 128 41.28 17.65 16.81
C ASP F 128 41.15 19.01 16.16
N VAL F 129 41.74 19.22 14.99
CA VAL F 129 41.78 20.53 14.36
C VAL F 129 41.08 20.44 13.01
N MET F 130 40.27 21.45 12.71
CA MET F 130 39.55 21.53 11.44
C MET F 130 40.23 22.57 10.57
N ILE F 131 40.93 22.12 9.53
CA ILE F 131 41.62 23.01 8.62
C ILE F 131 40.62 23.38 7.52
N VAL F 132 40.04 24.57 7.63
CA VAL F 132 39.15 25.07 6.60
C VAL F 132 40.03 25.52 5.44
N ALA F 133 40.17 24.65 4.44
CA ALA F 133 41.09 24.86 3.34
C ALA F 133 40.26 25.05 2.07
N GLY F 134 39.98 26.30 1.75
CA GLY F 134 39.26 26.58 0.53
C GLY F 134 38.22 27.66 0.76
N THR F 135 37.27 27.74 -0.16
CA THR F 135 36.27 28.80 -0.13
C THR F 135 35.00 28.31 0.55
N LEU F 136 34.58 29.03 1.57
CA LEU F 136 33.34 28.72 2.28
C LEU F 136 32.21 29.50 1.62
N THR F 137 31.34 28.81 0.92
CA THR F 137 30.21 29.45 0.27
C THR F 137 29.03 29.55 1.23
N ASN F 138 27.96 30.20 0.78
CA ASN F 138 26.75 30.28 1.60
C ASN F 138 26.02 28.96 1.67
N LYS F 139 26.29 28.03 0.76
CA LYS F 139 25.55 26.77 0.76
C LYS F 139 26.17 25.76 1.70
N MET F 140 27.45 25.89 2.02
CA MET F 140 28.15 24.95 2.89
C MET F 140 28.55 25.60 4.22
N ALA F 141 28.09 26.81 4.49
CA ALA F 141 28.29 27.37 5.82
C ALA F 141 27.63 26.59 6.96
N PRO F 142 26.37 26.13 6.88
CA PRO F 142 25.89 25.27 7.97
C PRO F 142 26.54 23.91 8.02
N ALA F 143 27.04 23.40 6.89
CA ALA F 143 27.76 22.14 6.92
C ALA F 143 29.09 22.28 7.63
N LEU F 144 29.79 23.40 7.39
CA LEU F 144 31.00 23.71 8.14
C LEU F 144 30.70 23.85 9.63
N ARG F 145 29.60 24.52 9.97
CA ARG F 145 29.29 24.72 11.39
C ARG F 145 28.89 23.41 12.07
N LYS F 146 28.17 22.53 11.38
CA LYS F 146 27.77 21.29 12.03
C LYS F 146 28.93 20.30 12.10
N VAL F 147 29.85 20.34 11.13
CA VAL F 147 31.11 19.61 11.25
C VAL F 147 31.92 20.13 12.43
N TYR F 148 31.99 21.45 12.62
CA TYR F 148 32.71 22.02 13.75
C TYR F 148 32.05 21.66 15.08
N ASP F 149 30.72 21.68 15.11
CA ASP F 149 29.99 21.33 16.33
C ASP F 149 30.16 19.86 16.67
N GLN F 150 30.28 18.99 15.68
CA GLN F 150 30.43 17.57 15.94
C GLN F 150 31.89 17.15 16.15
N MET F 151 32.75 18.06 16.59
CA MET F 151 34.11 17.88 17.07
C MET F 151 34.12 17.96 18.59
N PRO F 152 34.83 17.05 19.28
CA PRO F 152 34.89 17.12 20.74
C PRO F 152 35.79 18.25 21.21
N GLU F 153 35.57 18.65 22.46
CA GLU F 153 36.50 19.69 22.90
C GLU F 153 37.71 19.07 23.57
N PRO F 154 38.92 19.62 23.41
CA PRO F 154 39.29 20.82 22.66
C PRO F 154 39.35 20.63 21.13
N ARG F 155 38.68 21.53 20.41
CA ARG F 155 38.76 21.56 18.96
C ARG F 155 39.36 22.89 18.53
N TYR F 156 40.14 22.84 17.45
CA TYR F 156 40.81 24.03 16.94
C TYR F 156 40.48 24.19 15.47
N VAL F 157 40.66 25.40 14.97
CA VAL F 157 40.43 25.70 13.56
C VAL F 157 41.66 26.40 13.01
N VAL F 158 42.21 25.90 11.91
CA VAL F 158 43.22 26.60 11.14
C VAL F 158 42.57 27.07 9.85
N SER F 159 42.67 28.36 9.56
CA SER F 159 42.13 28.92 8.34
C SER F 159 43.21 28.94 7.28
N MET F 160 42.97 28.25 6.17
CA MET F 160 43.96 28.14 5.10
C MET F 160 43.46 28.89 3.87
N GLY F 161 44.28 29.80 3.37
CA GLY F 161 43.97 30.48 2.14
C GLY F 161 43.14 31.73 2.35
N SER F 162 43.14 32.58 1.31
CA SER F 162 42.50 33.90 1.43
C SER F 162 40.98 33.80 1.50
N CYS F 163 40.36 32.83 0.83
CA CYS F 163 38.90 32.75 0.89
C CYS F 163 38.42 32.27 2.24
N ALA F 164 39.15 31.37 2.87
CA ALA F 164 38.79 30.98 4.22
C ALA F 164 39.16 32.04 5.24
N ASN F 165 40.12 32.90 4.92
CA ASN F 165 40.48 33.97 5.85
C ASN F 165 39.47 35.10 5.81
N GLY F 166 39.32 35.75 4.67
CA GLY F 166 38.55 36.96 4.61
C GLY F 166 37.70 37.15 3.36
N GLY F 167 37.29 36.07 2.73
CA GLY F 167 36.48 36.17 1.54
C GLY F 167 37.30 35.96 0.28
N GLY F 168 38.53 36.43 0.29
CA GLY F 168 39.49 36.07 -0.72
C GLY F 168 39.25 36.68 -2.08
N TYR F 169 39.49 35.91 -3.13
CA TYR F 169 39.32 36.40 -4.49
C TYR F 169 37.86 36.49 -4.88
N TYR F 170 36.99 35.82 -4.12
CA TYR F 170 35.56 35.82 -4.36
C TYR F 170 34.87 36.60 -3.24
N HIS F 171 35.50 37.71 -2.82
CA HIS F 171 35.08 38.40 -1.60
C HIS F 171 33.74 39.09 -1.78
N TYR F 172 33.53 39.72 -2.92
CA TYR F 172 32.31 40.49 -3.16
C TYR F 172 31.23 39.66 -3.83
N SER F 173 31.26 38.35 -3.64
CA SER F 173 30.32 37.46 -4.28
C SER F 173 29.04 37.35 -3.48
N TYR F 174 27.96 37.05 -4.18
CA TYR F 174 26.66 36.85 -3.54
C TYR F 174 26.63 35.58 -2.71
N SER F 175 27.44 34.59 -3.04
CA SER F 175 27.38 33.28 -2.42
C SER F 175 28.74 32.86 -1.85
N VAL F 176 29.40 33.75 -1.12
CA VAL F 176 30.64 33.42 -0.42
C VAL F 176 30.55 33.97 1.00
N VAL F 177 30.67 33.09 1.99
CA VAL F 177 30.85 33.53 3.37
C VAL F 177 32.22 34.17 3.50
N ARG F 178 32.25 35.46 3.82
CA ARG F 178 33.46 36.25 3.78
C ARG F 178 34.31 35.92 5.01
N GLY F 179 35.03 34.80 4.90
CA GLY F 179 35.82 34.30 5.98
C GLY F 179 35.06 33.31 6.85
N CYS F 180 35.71 32.22 7.24
CA CYS F 180 35.09 31.26 8.15
C CYS F 180 35.09 31.73 9.59
N ASP F 181 35.68 32.90 9.89
CA ASP F 181 35.54 33.48 11.22
C ASP F 181 34.16 34.08 11.45
N ARG F 182 33.34 34.22 10.41
CA ARG F 182 31.93 34.51 10.61
C ARG F 182 31.19 33.29 11.14
N ILE F 183 31.67 32.09 10.84
CA ILE F 183 30.98 30.85 11.14
C ILE F 183 31.61 30.12 12.31
N VAL F 184 32.91 29.82 12.23
CA VAL F 184 33.56 29.08 13.31
C VAL F 184 34.58 30.00 13.98
N PRO F 185 34.89 29.78 15.27
CA PRO F 185 36.00 30.50 15.89
C PRO F 185 37.32 30.01 15.32
N VAL F 186 38.14 30.93 14.83
CA VAL F 186 39.36 30.59 14.12
C VAL F 186 40.56 30.91 14.99
N ASP F 187 41.48 29.95 15.11
CA ASP F 187 42.69 30.08 15.91
C ASP F 187 43.85 30.66 15.10
N ILE F 188 44.22 30.01 14.01
CA ILE F 188 45.37 30.39 13.20
C ILE F 188 44.90 30.77 11.81
N TYR F 189 45.38 31.89 11.30
CA TYR F 189 45.11 32.32 9.94
C TYR F 189 46.37 32.11 9.12
N VAL F 190 46.28 31.25 8.10
CA VAL F 190 47.41 30.94 7.23
C VAL F 190 47.18 31.66 5.90
N PRO F 191 47.97 32.68 5.58
CA PRO F 191 47.70 33.50 4.40
C PRO F 191 48.41 33.02 3.15
N GLY F 192 47.75 33.22 2.03
CA GLY F 192 48.24 32.77 0.74
C GLY F 192 47.08 32.45 -0.18
N CYS F 193 47.38 32.42 -1.47
CA CYS F 193 46.40 31.99 -2.48
C CYS F 193 47.07 31.08 -3.50
N PRO F 194 47.28 29.80 -3.17
CA PRO F 194 47.18 29.16 -1.85
C PRO F 194 48.46 29.47 -1.09
N PRO F 195 48.47 29.33 0.22
CA PRO F 195 49.76 29.33 0.92
C PRO F 195 50.51 28.09 0.53
N THR F 196 51.83 28.18 0.53
CA THR F 196 52.62 27.00 0.23
C THR F 196 52.43 25.94 1.31
N ALA F 197 52.71 24.69 0.95
CA ALA F 197 52.59 23.60 1.92
C ALA F 197 53.59 23.78 3.05
N GLU F 198 54.70 24.46 2.76
CA GLU F 198 55.63 24.88 3.78
C GLU F 198 55.02 25.94 4.68
N ALA F 199 54.22 26.84 4.11
CA ALA F 199 53.54 27.85 4.93
C ALA F 199 52.37 27.27 5.71
N LEU F 200 51.71 26.25 5.17
CA LEU F 200 50.67 25.58 5.93
C LEU F 200 51.27 24.77 7.07
N LEU F 201 52.42 24.15 6.83
CA LEU F 201 53.11 23.44 7.90
C LEU F 201 53.64 24.43 8.94
N TYR F 202 53.99 25.64 8.50
CA TYR F 202 54.30 26.72 9.43
C TYR F 202 53.10 27.08 10.29
N GLY F 203 51.91 27.16 9.69
CA GLY F 203 50.71 27.47 10.44
C GLY F 203 50.36 26.38 11.44
N ILE F 204 50.60 25.12 11.08
CA ILE F 204 50.37 24.02 12.00
C ILE F 204 51.37 24.04 13.15
N LEU F 205 52.64 24.36 12.87
CA LEU F 205 53.61 24.46 13.96
C LEU F 205 53.35 25.67 14.85
N GLN F 206 52.79 26.75 14.31
CA GLN F 206 52.39 27.86 15.14
C GLN F 206 51.17 27.52 15.98
N LEU F 207 50.27 26.68 15.46
CA LEU F 207 49.18 26.16 16.28
C LEU F 207 49.71 25.29 17.42
N GLN F 208 50.76 24.51 17.16
CA GLN F 208 51.37 23.71 18.21
C GLN F 208 52.03 24.59 19.26
N LYS F 209 52.64 25.70 18.85
CA LYS F 209 53.17 26.67 19.80
C LYS F 209 52.07 27.35 20.61
N LYS F 210 50.90 27.54 20.00
CA LYS F 210 49.77 28.12 20.72
C LYS F 210 49.20 27.14 21.73
N ILE F 211 49.21 25.84 21.42
CA ILE F 211 48.76 24.83 22.38
C ILE F 211 49.76 24.70 23.51
N LYS F 212 51.06 24.84 23.21
CA LYS F 212 52.11 24.66 24.22
C LYS F 212 52.03 25.69 25.34
N ARG F 213 51.63 26.91 25.03
CA ARG F 213 51.54 27.96 26.05
C ARG F 213 50.13 28.14 26.59
N GLU F 214 49.30 27.10 26.56
CA GLU F 214 48.02 27.15 27.24
C GLU F 214 48.20 26.91 28.73
N LYS F 215 47.30 27.52 29.52
CA LYS F 215 47.39 27.54 30.97
C LYS F 215 46.09 27.04 31.59
N ARG F 216 45.62 25.88 31.17
CA ARG F 216 44.33 25.36 31.65
C ARG F 216 44.35 25.08 33.14
N LEU F 217 45.23 24.18 33.59
CA LEU F 217 45.24 23.78 34.98
C LEU F 217 45.91 24.81 35.87
N ARG F 218 46.76 25.67 35.32
CA ARG F 218 47.31 26.77 36.13
C ARG F 218 46.24 27.79 36.48
N ILE F 219 45.38 28.12 35.51
CA ILE F 219 44.26 29.01 35.79
C ILE F 219 43.24 28.33 36.69
N TRP F 220 43.03 27.03 36.52
CA TRP F 220 42.11 26.30 37.39
C TRP F 220 42.61 26.24 38.83
N TYR F 221 43.91 26.04 39.04
CA TYR F 221 44.45 26.08 40.38
C TYR F 221 44.49 27.50 40.94
N ARG F 222 44.56 28.52 40.07
CA ARG F 222 44.52 29.89 40.54
C ARG F 222 43.11 30.47 40.60
N ARG F 223 42.11 29.79 40.06
CA ARG F 223 40.74 30.30 40.21
C ARG F 223 40.14 29.74 41.49
N THR G 42 48.23 7.00 -35.22
CA THR G 42 48.11 8.19 -34.39
C THR G 42 47.24 7.93 -33.16
N TYR G 43 46.78 6.69 -33.02
CA TYR G 43 46.01 6.29 -31.86
C TYR G 43 46.39 4.86 -31.51
N LYS G 44 46.12 4.49 -30.26
CA LYS G 44 46.47 3.16 -29.78
C LYS G 44 45.37 2.62 -28.90
N TYR G 45 45.29 1.29 -28.82
CA TYR G 45 44.22 0.59 -28.11
C TYR G 45 44.76 0.08 -26.77
N VAL G 46 44.44 0.78 -25.68
CA VAL G 46 44.72 0.20 -24.38
C VAL G 46 43.75 -0.94 -24.11
N ASN G 47 44.29 -2.04 -23.57
CA ASN G 47 43.54 -3.26 -23.21
C ASN G 47 42.82 -3.85 -24.43
N LEU G 48 43.60 -4.29 -25.41
CA LEU G 48 43.07 -5.07 -26.53
C LEU G 48 44.03 -6.22 -26.83
N ARG G 49 44.50 -6.87 -25.78
CA ARG G 49 45.38 -8.02 -25.92
C ARG G 49 44.61 -9.28 -25.55
N GLU G 50 44.39 -10.14 -26.52
CA GLU G 50 43.84 -11.45 -26.24
C GLU G 50 44.93 -12.32 -25.64
N PRO G 51 44.68 -12.96 -24.49
CA PRO G 51 45.70 -13.81 -23.90
C PRO G 51 45.91 -15.08 -24.71
N SER G 52 47.15 -15.55 -24.72
CA SER G 52 47.50 -16.74 -25.48
C SER G 52 46.83 -17.97 -24.88
N MET G 53 46.51 -18.92 -25.74
CA MET G 53 45.75 -20.09 -25.33
C MET G 53 46.50 -21.39 -25.56
N ASP G 54 47.82 -21.36 -25.53
CA ASP G 54 48.59 -22.59 -25.45
C ASP G 54 48.75 -23.01 -24.00
N MET G 55 49.12 -24.28 -23.80
CA MET G 55 49.18 -24.88 -22.47
C MET G 55 50.22 -24.20 -21.59
N LYS G 56 51.28 -23.66 -22.21
CA LYS G 56 52.30 -22.90 -21.49
C LYS G 56 51.71 -21.65 -20.83
N SER G 57 51.00 -20.83 -21.61
CA SER G 57 50.46 -19.59 -21.05
C SER G 57 49.22 -19.83 -20.21
N VAL G 58 48.43 -20.87 -20.50
CA VAL G 58 47.31 -21.20 -19.63
C VAL G 58 47.82 -21.68 -18.27
N THR G 59 48.89 -22.47 -18.26
CA THR G 59 49.49 -22.88 -17.00
C THR G 59 50.15 -21.71 -16.28
N ASP G 60 50.71 -20.76 -17.03
CA ASP G 60 51.29 -19.56 -16.41
C ASP G 60 50.22 -18.70 -15.76
N ARG G 61 49.07 -18.52 -16.43
CA ARG G 61 47.98 -17.75 -15.84
C ARG G 61 47.35 -18.48 -14.66
N ALA G 62 47.32 -19.81 -14.70
CA ALA G 62 46.74 -20.55 -13.57
C ALA G 62 47.68 -20.54 -12.37
N ALA G 63 48.99 -20.58 -12.61
CA ALA G 63 49.93 -20.40 -11.51
C ALA G 63 49.92 -18.97 -10.99
N GLN G 64 49.60 -18.02 -11.87
CA GLN G 64 49.41 -16.64 -11.43
C GLN G 64 48.17 -16.51 -10.55
N THR G 65 47.12 -17.27 -10.87
CA THR G 65 45.91 -17.24 -10.07
C THR G 65 46.11 -17.94 -8.73
N LEU G 66 46.71 -19.13 -8.74
CA LEU G 66 46.83 -19.94 -7.55
C LEU G 66 48.03 -19.58 -6.68
N LEU G 67 49.02 -18.87 -7.21
CA LEU G 67 50.23 -18.59 -6.47
C LEU G 67 50.55 -17.11 -6.39
N TRP G 68 49.69 -16.26 -6.97
CA TRP G 68 49.63 -14.81 -6.74
C TRP G 68 50.91 -14.11 -7.16
N THR G 69 51.22 -14.16 -8.45
CA THR G 69 52.47 -13.58 -8.92
C THR G 69 52.47 -12.06 -8.82
N GLU G 70 51.41 -11.40 -9.31
CA GLU G 70 51.39 -9.95 -9.35
C GLU G 70 51.21 -9.33 -7.96
N LEU G 71 50.65 -10.09 -7.01
CA LEU G 71 50.56 -9.58 -5.64
C LEU G 71 51.93 -9.54 -4.98
N ILE G 72 52.74 -10.56 -5.25
CA ILE G 72 54.13 -10.54 -4.79
C ILE G 72 54.93 -9.48 -5.55
N ARG G 73 54.57 -9.20 -6.81
CA ARG G 73 55.20 -8.10 -7.54
C ARG G 73 54.92 -6.75 -6.89
N GLY G 74 53.66 -6.53 -6.49
CA GLY G 74 53.31 -5.29 -5.80
C GLY G 74 53.96 -5.16 -4.44
N LEU G 75 54.02 -6.27 -3.68
CA LEU G 75 54.74 -6.26 -2.41
C LEU G 75 56.23 -6.02 -2.61
N GLY G 76 56.79 -6.51 -3.72
CA GLY G 76 58.19 -6.24 -4.00
C GLY G 76 58.46 -4.79 -4.30
N MET G 77 57.53 -4.13 -5.00
CA MET G 77 57.72 -2.71 -5.28
C MET G 77 57.55 -1.86 -4.03
N THR G 78 56.63 -2.26 -3.14
CA THR G 78 56.47 -1.54 -1.87
C THR G 78 57.70 -1.75 -0.97
N LEU G 79 58.22 -2.97 -0.93
CA LEU G 79 59.46 -3.24 -0.20
C LEU G 79 60.65 -2.52 -0.83
N SER G 80 60.61 -2.30 -2.14
CA SER G 80 61.68 -1.55 -2.80
C SER G 80 61.64 -0.09 -2.40
N TYR G 81 60.44 0.47 -2.19
CA TYR G 81 60.42 1.81 -1.61
C TYR G 81 60.69 1.85 -0.12
N LEU G 82 60.59 0.72 0.59
CA LEU G 82 60.94 0.72 2.01
C LEU G 82 62.41 1.04 2.22
N PHE G 83 63.28 0.48 1.38
CA PHE G 83 64.72 0.62 1.57
C PHE G 83 65.30 1.86 0.89
N ARG G 84 64.51 2.90 0.68
CA ARG G 84 65.03 4.11 0.07
C ARG G 84 65.17 5.23 1.08
N GLU G 85 66.03 6.18 0.75
CA GLU G 85 66.10 7.41 1.49
C GLU G 85 64.85 8.23 1.19
N PRO G 86 64.03 8.55 2.18
CA PRO G 86 62.78 9.25 1.92
C PRO G 86 63.03 10.71 1.59
N ALA G 87 62.04 11.33 0.96
CA ALA G 87 62.19 12.70 0.47
C ALA G 87 61.73 13.73 1.48
N THR G 88 61.70 13.41 2.76
CA THR G 88 61.17 14.34 3.76
C THR G 88 62.27 15.27 4.23
N ILE G 89 62.17 16.54 3.86
CA ILE G 89 63.05 17.55 4.40
C ILE G 89 62.64 17.84 5.84
N ASN G 90 63.61 18.25 6.66
CA ASN G 90 63.39 18.42 8.08
C ASN G 90 63.01 19.88 8.37
N TYR G 91 61.81 20.23 7.93
CA TYR G 91 61.24 21.53 8.27
C TYR G 91 60.97 21.57 9.77
N PRO G 92 61.22 22.71 10.45
CA PRO G 92 61.65 24.04 10.03
C PRO G 92 63.15 24.26 9.93
N PHE G 93 63.97 23.21 9.92
CA PHE G 93 65.40 23.44 9.85
C PHE G 93 65.90 23.43 8.42
N GLU G 94 65.17 22.79 7.52
CA GLU G 94 65.48 22.78 6.11
C GLU G 94 64.28 23.37 5.38
N LYS G 95 64.55 24.16 4.35
CA LYS G 95 63.48 24.86 3.67
C LYS G 95 63.39 24.38 2.22
N GLY G 96 62.15 24.28 1.74
CA GLY G 96 61.89 23.90 0.37
C GLY G 96 62.44 24.92 -0.60
N PRO G 97 62.86 24.45 -1.78
CA PRO G 97 63.57 25.33 -2.72
C PRO G 97 62.63 26.33 -3.36
N LEU G 98 63.11 27.57 -3.49
CA LEU G 98 62.35 28.64 -4.12
C LEU G 98 63.19 29.33 -5.17
N SER G 99 62.53 30.13 -5.98
CA SER G 99 63.12 30.93 -7.03
C SER G 99 63.09 32.39 -6.66
N PRO G 100 63.90 33.25 -7.31
CA PRO G 100 63.76 34.69 -7.08
C PRO G 100 62.51 35.31 -7.69
N ARG G 101 61.66 34.54 -8.36
CA ARG G 101 60.38 35.04 -8.84
C ARG G 101 59.27 34.89 -7.82
N PHE G 102 59.57 34.33 -6.64
CA PHE G 102 58.55 33.86 -5.71
C PHE G 102 57.70 34.99 -5.16
N ARG G 103 56.42 34.71 -4.96
CA ARG G 103 55.43 35.71 -4.62
C ARG G 103 54.90 35.40 -3.23
N GLY G 104 55.40 36.13 -2.23
CA GLY G 104 54.99 35.91 -0.86
C GLY G 104 54.33 37.12 -0.21
N GLU G 105 54.96 37.67 0.81
CA GLU G 105 54.41 38.80 1.53
C GLU G 105 54.74 40.09 0.78
N HIS G 106 53.83 41.05 0.84
CA HIS G 106 54.04 42.33 0.18
C HIS G 106 55.00 43.20 0.98
N ALA G 107 55.64 44.14 0.28
CA ALA G 107 56.57 45.07 0.89
C ALA G 107 56.75 46.28 0.01
N LEU G 108 56.80 47.46 0.62
CA LEU G 108 57.09 48.70 -0.11
C LEU G 108 58.58 49.00 -0.03
N ARG G 109 59.20 49.17 -1.19
CA ARG G 109 60.62 49.44 -1.23
C ARG G 109 60.90 50.93 -1.08
N ARG G 110 62.16 51.26 -0.92
CA ARG G 110 62.64 52.62 -0.91
C ARG G 110 63.76 52.75 -1.93
N TYR G 111 63.96 53.97 -2.42
CA TYR G 111 65.14 54.28 -3.21
C TYR G 111 66.38 54.15 -2.34
N PRO G 112 67.59 54.04 -2.94
CA PRO G 112 68.82 54.09 -2.15
C PRO G 112 69.20 55.49 -1.66
N SER G 113 68.22 56.23 -1.19
CA SER G 113 68.41 57.53 -0.59
C SER G 113 67.54 57.69 0.64
N GLY G 114 66.73 56.68 0.97
CA GLY G 114 65.75 56.78 2.03
C GLY G 114 64.36 57.13 1.56
N GLU G 115 64.23 57.82 0.42
CA GLU G 115 62.92 58.18 -0.08
C GLU G 115 62.18 56.96 -0.57
N GLU G 116 60.95 56.80 -0.10
CA GLU G 116 60.13 55.69 -0.53
C GLU G 116 59.71 55.86 -1.98
N ARG G 117 59.51 54.74 -2.65
CA ARG G 117 59.32 54.74 -4.09
C ARG G 117 57.87 55.00 -4.51
N CYS G 118 56.91 54.82 -3.62
CA CYS G 118 55.51 54.95 -4.01
C CYS G 118 55.13 56.40 -4.25
N ILE G 119 54.77 56.71 -5.48
CA ILE G 119 54.38 58.05 -5.86
C ILE G 119 52.89 58.13 -6.19
N ALA G 120 52.08 57.29 -5.55
CA ALA G 120 50.63 57.47 -5.43
C ALA G 120 49.92 57.45 -6.78
N CYS G 121 50.30 56.52 -7.65
CA CYS G 121 49.77 56.54 -8.99
C CYS G 121 48.63 55.55 -9.20
N LYS G 122 48.40 54.64 -8.25
CA LYS G 122 47.21 53.80 -8.13
C LYS G 122 47.05 52.82 -9.27
N LEU G 123 48.14 52.50 -9.98
CA LEU G 123 48.09 51.40 -10.94
C LEU G 123 47.92 50.06 -10.25
N CYS G 124 48.52 49.92 -9.07
CA CYS G 124 48.47 48.66 -8.36
C CYS G 124 47.09 48.35 -7.83
N GLU G 125 46.32 49.36 -7.43
CA GLU G 125 44.95 49.07 -7.03
C GLU G 125 43.99 49.05 -8.21
N ALA G 126 44.39 49.60 -9.35
CA ALA G 126 43.55 49.50 -10.53
C ALA G 126 43.69 48.15 -11.20
N VAL G 127 44.86 47.52 -11.08
CA VAL G 127 45.07 46.22 -11.69
C VAL G 127 44.73 45.07 -10.74
N CYS G 128 44.60 45.35 -9.43
CA CYS G 128 44.42 44.35 -8.39
C CYS G 128 43.11 43.58 -8.58
N PRO G 129 43.18 42.28 -8.90
CA PRO G 129 41.95 41.55 -9.24
C PRO G 129 41.07 41.26 -8.06
N ALA G 130 41.55 41.45 -6.85
CA ALA G 130 40.71 41.25 -5.67
C ALA G 130 40.27 42.56 -5.04
N GLN G 131 40.76 43.69 -5.54
CA GLN G 131 40.62 45.01 -4.94
C GLN G 131 41.06 45.00 -3.47
N ALA G 132 42.22 44.40 -3.24
CA ALA G 132 42.76 44.36 -1.89
C ALA G 132 43.50 45.63 -1.53
N ILE G 133 43.90 46.42 -2.52
CA ILE G 133 44.71 47.62 -2.31
C ILE G 133 43.79 48.82 -2.26
N THR G 134 43.98 49.68 -1.25
CA THR G 134 43.21 50.89 -1.08
C THR G 134 44.18 52.04 -0.85
N ILE G 135 44.16 53.03 -1.73
CA ILE G 135 45.16 54.10 -1.74
C ILE G 135 44.44 55.43 -1.64
N GLU G 136 44.94 56.31 -0.78
CA GLU G 136 44.51 57.69 -0.70
C GLU G 136 45.75 58.55 -0.50
N ALA G 137 45.82 59.69 -1.17
CA ALA G 137 47.04 60.47 -1.16
C ALA G 137 46.74 61.96 -1.02
N GLU G 138 47.81 62.72 -0.87
CA GLU G 138 47.80 64.17 -0.87
C GLU G 138 49.23 64.65 -1.04
N PRO G 139 49.46 65.88 -1.49
CA PRO G 139 50.81 66.43 -1.48
C PRO G 139 51.28 66.69 -0.07
N ARG G 140 52.45 66.15 0.27
CA ARG G 140 52.98 66.27 1.62
C ARG G 140 53.67 67.63 1.77
N ALA G 141 54.43 67.78 2.86
CA ALA G 141 54.92 69.10 3.26
C ALA G 141 55.95 69.67 2.29
N ASP G 142 56.69 68.83 1.58
CA ASP G 142 57.63 69.32 0.59
C ASP G 142 57.12 69.10 -0.84
N GLY G 143 55.80 69.11 -1.01
CA GLY G 143 55.19 69.14 -2.32
C GLY G 143 55.25 67.86 -3.12
N SER G 144 55.68 66.76 -2.53
CA SER G 144 55.87 65.52 -3.27
C SER G 144 54.58 64.71 -3.28
N ARG G 145 54.35 64.01 -4.40
CA ARG G 145 53.16 63.17 -4.58
C ARG G 145 53.39 61.87 -3.85
N ARG G 146 52.93 61.79 -2.60
CA ARG G 146 53.11 60.61 -1.77
C ARG G 146 51.78 60.20 -1.16
N THR G 147 51.72 58.96 -0.71
CA THR G 147 50.49 58.42 -0.18
C THR G 147 50.31 58.73 1.29
N THR G 148 49.05 58.76 1.72
CA THR G 148 48.68 58.75 3.12
C THR G 148 48.09 57.43 3.56
N ARG G 149 47.22 56.84 2.74
CA ARG G 149 46.69 55.50 2.95
C ARG G 149 47.21 54.60 1.85
N TYR G 150 47.81 53.48 2.24
CA TYR G 150 48.18 52.43 1.30
C TYR G 150 47.95 51.09 2.00
N ASP G 151 46.75 50.54 1.84
CA ASP G 151 46.35 49.34 2.57
C ASP G 151 46.30 48.17 1.61
N ILE G 152 46.84 47.03 2.03
CA ILE G 152 46.68 45.77 1.30
C ILE G 152 46.06 44.78 2.26
N ASP G 153 44.81 44.41 2.00
CA ASP G 153 44.15 43.35 2.75
C ASP G 153 44.75 42.02 2.35
N MET G 154 45.49 41.39 3.25
CA MET G 154 46.15 40.13 2.97
C MET G 154 45.22 38.94 3.08
N THR G 155 43.94 39.18 3.34
CA THR G 155 42.91 38.15 3.28
C THR G 155 42.01 38.30 2.06
N LYS G 156 42.17 39.37 1.29
CA LYS G 156 41.61 39.45 -0.04
C LYS G 156 42.65 39.16 -1.11
N CYS G 157 43.91 39.51 -0.84
CA CYS G 157 45.01 39.41 -1.79
C CYS G 157 45.18 38.00 -2.32
N ILE G 158 45.42 37.88 -3.63
CA ILE G 158 45.50 36.58 -4.28
C ILE G 158 46.91 36.23 -4.67
N TYR G 159 47.89 37.08 -4.34
CA TYR G 159 49.31 36.77 -4.37
C TYR G 159 49.76 36.46 -5.80
N CYS G 160 49.17 37.19 -6.76
CA CYS G 160 49.43 36.93 -8.16
C CYS G 160 50.45 37.89 -8.76
N GLY G 161 50.91 38.86 -8.00
CA GLY G 161 51.99 39.71 -8.44
C GLY G 161 51.66 40.65 -9.57
N PHE G 162 50.39 41.03 -9.72
CA PHE G 162 50.09 42.03 -10.72
C PHE G 162 50.49 43.42 -10.25
N CYS G 163 50.48 43.64 -8.94
CA CYS G 163 50.86 44.95 -8.42
C CYS G 163 52.35 45.22 -8.55
N GLN G 164 53.18 44.19 -8.44
CA GLN G 164 54.60 44.42 -8.60
C GLN G 164 55.02 44.55 -10.06
N GLU G 165 54.22 44.03 -10.98
CA GLU G 165 54.52 44.16 -12.40
C GLU G 165 53.80 45.32 -13.04
N ALA G 166 52.84 45.91 -12.32
CA ALA G 166 52.19 47.13 -12.77
C ALA G 166 52.83 48.37 -12.17
N CYS G 167 53.58 48.21 -11.09
CA CYS G 167 54.17 49.36 -10.43
C CYS G 167 55.32 49.90 -11.26
N PRO G 168 55.25 51.15 -11.72
CA PRO G 168 56.24 51.68 -12.65
C PRO G 168 57.53 52.14 -12.00
N VAL G 169 57.66 52.04 -10.68
CA VAL G 169 58.85 52.53 -9.98
C VAL G 169 59.39 51.46 -9.05
N ASP G 170 58.88 50.23 -9.18
CA ASP G 170 59.21 49.08 -8.31
C ASP G 170 58.94 49.37 -6.84
N ALA G 171 57.85 50.06 -6.54
CA ALA G 171 57.58 50.43 -5.15
C ALA G 171 57.00 49.26 -4.38
N ILE G 172 55.79 48.84 -4.73
CA ILE G 172 55.25 47.62 -4.15
C ILE G 172 55.91 46.44 -4.85
N VAL G 173 56.41 45.51 -4.06
CA VAL G 173 56.87 44.24 -4.56
C VAL G 173 56.29 43.19 -3.65
N GLU G 174 56.24 41.98 -4.16
CA GLU G 174 55.74 40.86 -3.41
C GLU G 174 56.95 40.01 -3.03
N GLY G 175 57.34 40.10 -1.77
CA GLY G 175 58.64 39.63 -1.35
C GLY G 175 58.72 38.13 -1.17
N PRO G 176 59.78 37.69 -0.49
CA PRO G 176 60.05 36.26 -0.35
C PRO G 176 59.51 35.61 0.91
N ASN G 177 59.01 36.39 1.87
CA ASN G 177 58.47 35.81 3.09
C ASN G 177 57.12 35.19 2.81
N PHE G 178 56.91 34.01 3.36
CA PHE G 178 55.62 33.34 3.29
C PHE G 178 55.21 32.74 4.62
N GLU G 179 56.06 32.83 5.64
CA GLU G 179 55.76 32.32 6.96
C GLU G 179 55.36 33.47 7.87
N PHE G 180 54.25 34.10 7.50
CA PHE G 180 53.75 35.27 8.20
C PHE G 180 52.33 35.04 8.68
N SER G 181 52.07 33.83 9.19
CA SER G 181 50.76 33.46 9.68
C SER G 181 50.42 34.22 10.95
N THR G 182 49.14 34.49 11.14
CA THR G 182 48.65 35.29 12.25
C THR G 182 47.63 34.50 13.06
N GLU G 183 47.54 34.83 14.33
CA GLU G 183 46.51 34.27 15.19
C GLU G 183 45.21 35.05 15.14
N THR G 184 45.20 36.20 14.48
CA THR G 184 44.07 37.10 14.48
C THR G 184 43.84 37.57 13.05
N HIS G 185 42.58 37.81 12.71
CA HIS G 185 42.23 38.12 11.33
C HIS G 185 42.70 39.52 10.94
N GLU G 186 42.53 40.50 11.82
CA GLU G 186 42.89 41.86 11.43
C GLU G 186 44.39 42.12 11.45
N GLU G 187 45.21 41.18 11.90
CA GLU G 187 46.64 41.31 11.75
C GLU G 187 47.09 41.10 10.30
N LEU G 188 46.22 40.54 9.46
CA LEU G 188 46.45 40.41 8.03
C LEU G 188 45.76 41.51 7.25
N LEU G 189 45.52 42.66 7.86
CA LEU G 189 45.00 43.84 7.18
C LEU G 189 46.10 44.89 7.29
N TYR G 190 47.05 44.85 6.35
CA TYR G 190 48.24 45.67 6.45
C TYR G 190 47.92 47.10 6.01
N ASN G 191 48.37 48.06 6.79
CA ASN G 191 48.33 49.46 6.39
C ASN G 191 49.69 49.83 5.80
N LYS G 192 49.92 51.13 5.58
CA LYS G 192 51.17 51.57 4.98
C LYS G 192 52.36 51.33 5.89
N GLU G 193 52.17 51.41 7.20
CA GLU G 193 53.29 51.28 8.13
C GLU G 193 53.80 49.84 8.18
N LYS G 194 52.89 48.87 8.13
CA LYS G 194 53.32 47.47 8.12
C LYS G 194 53.99 47.09 6.81
N LEU G 195 53.54 47.66 5.69
CA LEU G 195 54.18 47.39 4.41
C LEU G 195 55.54 48.05 4.32
N LEU G 196 55.68 49.25 4.88
CA LEU G 196 56.99 49.88 4.94
C LEU G 196 57.93 49.15 5.88
N ASN G 197 57.42 48.57 6.97
CA ASN G 197 58.26 47.78 7.84
C ASN G 197 58.65 46.46 7.21
N ASN G 198 57.78 45.86 6.41
CA ASN G 198 58.17 44.68 5.64
C ASN G 198 59.22 45.02 4.61
N GLY G 199 59.13 46.21 4.01
CA GLY G 199 60.17 46.65 3.09
C GLY G 199 61.50 46.86 3.78
N ASP G 200 61.49 47.55 4.92
CA ASP G 200 62.72 47.80 5.66
C ASP G 200 63.24 46.55 6.34
N LYS G 201 62.42 45.52 6.48
CA LYS G 201 62.84 44.24 7.04
C LYS G 201 63.49 43.38 5.97
N TRP G 202 62.85 43.28 4.81
CA TRP G 202 63.23 42.30 3.79
C TRP G 202 63.92 42.93 2.60
N GLU G 203 64.36 44.19 2.69
CA GLU G 203 64.95 44.88 1.55
C GLU G 203 66.28 44.27 1.14
N ALA G 204 67.06 43.77 2.10
CA ALA G 204 68.35 43.14 1.85
C ALA G 204 68.24 41.84 1.04
N GLU G 205 67.04 41.29 0.92
CA GLU G 205 66.74 40.10 0.13
C GLU G 205 65.94 40.43 -1.12
N ILE G 206 65.01 41.38 -1.01
CA ILE G 206 64.20 41.82 -2.14
C ILE G 206 65.06 42.47 -3.21
N ALA G 207 66.05 43.27 -2.79
CA ALA G 207 66.95 43.92 -3.74
C ALA G 207 67.76 42.90 -4.51
N ALA G 208 68.16 41.80 -3.86
CA ALA G 208 68.93 40.78 -4.56
C ALA G 208 68.05 39.90 -5.44
N ASN G 209 66.80 39.65 -5.05
CA ASN G 209 65.90 38.92 -5.94
C ASN G 209 65.56 39.72 -7.18
N ILE G 210 65.31 41.02 -7.01
CA ILE G 210 65.06 41.88 -8.16
C ILE G 210 66.32 42.03 -9.00
N GLN G 211 67.50 42.03 -8.36
CA GLN G 211 68.76 42.10 -9.09
C GLN G 211 69.01 40.85 -9.92
N ALA G 212 68.60 39.69 -9.40
CA ALA G 212 68.75 38.46 -10.17
C ALA G 212 67.67 38.26 -11.20
N ASP G 213 66.52 38.93 -11.05
CA ASP G 213 65.36 38.64 -11.88
C ASP G 213 65.04 39.68 -12.95
N TYR G 214 65.42 40.96 -12.74
CA TYR G 214 64.83 42.09 -13.46
C TYR G 214 65.07 42.05 -14.97
N LEU G 215 66.05 41.29 -15.44
CA LEU G 215 66.29 41.18 -16.88
C LEU G 215 65.26 40.32 -17.59
N TYR G 216 64.49 39.53 -16.85
CA TYR G 216 63.39 38.79 -17.44
C TYR G 216 62.12 39.61 -17.56
N ARG G 217 62.12 40.82 -17.02
CA ARG G 217 60.92 41.65 -16.99
C ARG G 217 60.98 42.76 -18.04
N MET H 1 39.13 -21.67 38.01
CA MET H 1 39.28 -20.59 38.97
C MET H 1 40.23 -19.52 38.42
N ASN H 2 41.36 -19.96 37.86
CA ASN H 2 42.29 -19.02 37.29
C ASN H 2 41.75 -18.40 36.00
N LEU H 3 40.93 -19.13 35.27
CA LEU H 3 40.27 -18.61 34.08
C LEU H 3 39.28 -17.52 34.44
N MET H 4 38.55 -17.69 35.54
CA MET H 4 37.59 -16.66 35.96
C MET H 4 38.29 -15.43 36.50
N ILE H 5 39.42 -15.61 37.20
CA ILE H 5 40.23 -14.47 37.64
C ILE H 5 40.77 -13.71 36.44
N THR H 6 41.18 -14.43 35.38
CA THR H 6 41.72 -13.76 34.20
C THR H 6 40.64 -13.00 33.45
N LEU H 7 39.46 -13.60 33.29
CA LEU H 7 38.34 -12.92 32.65
C LEU H 7 37.86 -11.71 33.45
N LEU H 8 37.84 -11.85 34.78
CA LEU H 8 37.43 -10.73 35.63
C LEU H 8 38.45 -9.59 35.58
N THR H 9 39.74 -9.93 35.50
CA THR H 9 40.79 -8.91 35.37
C THR H 9 40.68 -8.18 34.03
N ASN H 10 40.47 -8.94 32.95
CA ASN H 10 40.38 -8.33 31.63
C ASN H 10 39.14 -7.46 31.50
N PHE H 11 38.00 -7.93 32.01
CA PHE H 11 36.79 -7.12 32.05
C PHE H 11 36.95 -5.90 32.96
N THR H 12 37.71 -6.05 34.05
CA THR H 12 37.86 -4.97 35.02
C THR H 12 38.70 -3.84 34.45
N LEU H 13 39.87 -4.14 33.91
CA LEU H 13 40.63 -3.05 33.30
C LEU H 13 40.28 -2.84 31.84
N ALA H 14 39.20 -3.44 31.36
CA ALA H 14 38.47 -2.85 30.24
C ALA H 14 37.51 -1.79 30.72
N THR H 15 36.79 -2.02 31.82
CA THR H 15 35.89 -1.02 32.35
C THR H 15 36.57 -0.03 33.29
N LEU H 16 37.84 -0.22 33.61
CA LEU H 16 38.62 0.84 34.25
C LEU H 16 39.28 1.76 33.24
N LEU H 17 39.38 1.37 31.98
CA LEU H 17 39.82 2.28 30.93
C LEU H 17 38.68 3.04 30.31
N VAL H 18 37.45 2.74 30.69
CA VAL H 18 36.28 3.50 30.26
C VAL H 18 35.89 4.55 31.30
N THR H 19 35.94 4.20 32.57
CA THR H 19 35.58 5.14 33.62
C THR H 19 36.67 6.16 33.91
N ILE H 20 37.91 5.94 33.43
CA ILE H 20 38.88 7.03 33.43
C ILE H 20 38.86 7.78 32.11
N ALA H 21 38.00 7.39 31.19
CA ALA H 21 37.82 8.09 29.91
C ALA H 21 36.62 9.00 29.91
N PHE H 22 35.60 8.70 30.71
CA PHE H 22 34.43 9.56 30.87
C PHE H 22 34.59 10.56 31.99
N TRP H 23 35.23 10.17 33.09
CA TRP H 23 35.26 11.00 34.28
C TRP H 23 36.48 11.89 34.37
N LEU H 24 37.49 11.68 33.55
CA LEU H 24 38.67 12.55 33.53
C LEU H 24 38.55 13.86 32.75
N PRO H 25 38.09 13.92 31.48
CA PRO H 25 38.20 15.19 30.73
C PRO H 25 37.14 16.19 31.14
N GLN H 26 37.16 17.33 30.46
CA GLN H 26 36.18 18.39 30.67
C GLN H 26 35.12 18.33 29.58
N LEU H 27 33.85 18.31 29.99
CA LEU H 27 32.73 18.13 29.07
C LEU H 27 32.02 19.45 28.85
N ASN H 28 31.68 19.74 27.60
CA ASN H 28 30.83 20.88 27.22
C ASN H 28 29.76 20.33 26.28
N VAL H 29 28.70 19.78 26.86
CA VAL H 29 27.66 19.11 26.08
C VAL H 29 26.61 20.15 25.68
N TYR H 30 26.23 20.14 24.41
CA TYR H 30 25.12 20.94 23.93
C TYR H 30 24.45 20.19 22.79
N SER H 31 23.21 20.57 22.48
CA SER H 31 22.39 19.76 21.59
C SER H 31 22.64 20.03 20.12
N GLU H 32 23.91 20.09 19.73
CA GLU H 32 24.32 19.94 18.33
C GLU H 32 25.55 19.05 18.21
N LYS H 33 26.34 18.93 19.26
CA LYS H 33 27.50 18.05 19.26
C LYS H 33 27.08 16.59 19.37
N THR H 34 26.01 16.31 20.08
CA THR H 34 25.50 14.95 20.25
C THR H 34 24.53 14.54 19.16
N SER H 35 24.39 15.35 18.11
CA SER H 35 23.52 15.05 16.99
C SER H 35 24.10 13.89 16.17
N PRO H 36 23.28 13.23 15.35
CA PRO H 36 23.82 12.20 14.45
C PRO H 36 24.70 12.78 13.36
N TYR H 37 25.76 12.04 13.04
CA TYR H 37 26.70 12.45 12.00
C TYR H 37 26.29 11.89 10.66
N GLU H 38 26.02 12.78 9.70
CA GLU H 38 25.67 12.39 8.35
C GLU H 38 26.38 13.32 7.37
N CYS H 39 27.68 13.53 7.62
CA CYS H 39 28.60 14.30 6.77
C CYS H 39 28.16 15.76 6.62
N GLY H 40 28.11 16.46 7.73
CA GLY H 40 27.82 17.89 7.74
C GLY H 40 26.37 18.30 7.75
N PHE H 41 25.51 17.53 7.09
CA PHE H 41 24.10 17.85 7.02
C PHE H 41 23.29 16.83 7.84
N ASP H 42 21.98 17.08 7.93
CA ASP H 42 21.08 16.29 8.75
C ASP H 42 20.76 14.95 8.08
N PRO H 43 20.59 13.89 8.87
CA PRO H 43 20.19 12.61 8.31
C PRO H 43 18.74 12.65 7.83
N MET H 44 18.53 12.27 6.57
CA MET H 44 17.19 12.23 5.98
C MET H 44 16.51 10.98 6.53
N GLY H 45 15.86 11.12 7.67
CA GLY H 45 15.23 10.00 8.33
C GLY H 45 16.20 9.26 9.24
N SER H 46 15.64 8.45 10.13
CA SER H 46 16.43 7.77 11.13
C SER H 46 17.17 6.59 10.53
N ALA H 47 18.18 6.11 11.27
CA ALA H 47 18.94 4.93 10.88
C ALA H 47 18.30 3.65 11.36
N ARG H 48 17.14 3.73 12.01
CA ARG H 48 16.37 2.56 12.41
C ARG H 48 15.34 2.16 11.37
N LEU H 49 15.53 2.56 10.12
CA LEU H 49 14.71 2.06 9.03
C LEU H 49 15.24 0.71 8.57
N PRO H 50 14.43 -0.11 7.89
CA PRO H 50 14.94 -1.39 7.37
C PRO H 50 16.04 -1.24 6.34
N PHE H 51 17.25 -1.63 6.74
CA PHE H 51 18.45 -1.58 5.89
C PHE H 51 18.57 -2.96 5.23
N SER H 52 18.09 -3.06 3.99
CA SER H 52 17.77 -4.35 3.39
C SER H 52 19.02 -5.17 3.09
N MET H 53 18.98 -6.44 3.46
CA MET H 53 20.07 -7.37 3.24
C MET H 53 19.94 -8.00 1.86
N LYS H 54 20.95 -7.83 1.02
CA LYS H 54 20.95 -8.47 -0.28
C LYS H 54 21.64 -9.83 -0.24
N PHE H 55 22.53 -10.03 0.71
CA PHE H 55 23.25 -11.29 0.87
C PHE H 55 22.53 -12.24 1.82
N PHE H 56 21.23 -12.39 1.65
CA PHE H 56 20.46 -13.08 2.68
C PHE H 56 20.48 -14.58 2.54
N LEU H 57 20.51 -15.12 1.31
CA LEU H 57 20.54 -16.57 1.16
C LEU H 57 21.87 -17.14 1.62
N VAL H 58 22.96 -16.40 1.36
CA VAL H 58 24.27 -16.76 1.89
C VAL H 58 24.28 -16.63 3.41
N ALA H 59 23.52 -15.69 3.95
CA ALA H 59 23.45 -15.52 5.40
C ALA H 59 22.69 -16.66 6.07
N ILE H 60 21.66 -17.19 5.42
CA ILE H 60 21.03 -18.41 5.93
C ILE H 60 21.99 -19.58 5.81
N THR H 61 22.67 -19.70 4.67
CA THR H 61 23.53 -20.84 4.39
C THR H 61 24.76 -20.86 5.29
N PHE H 62 25.14 -19.71 5.85
CA PHE H 62 26.14 -19.69 6.93
C PHE H 62 25.68 -20.52 8.11
N LEU H 63 24.38 -20.50 8.42
CA LEU H 63 23.90 -21.29 9.54
C LEU H 63 23.84 -22.78 9.21
N LEU H 64 23.77 -23.15 7.94
CA LEU H 64 23.75 -24.56 7.60
C LEU H 64 25.13 -25.10 7.27
N PHE H 65 26.13 -24.23 7.10
CA PHE H 65 27.49 -24.72 7.02
C PHE H 65 28.24 -24.56 8.33
N ASP H 66 27.69 -23.77 9.26
CA ASP H 66 28.25 -23.65 10.59
C ASP H 66 27.96 -24.88 11.43
N LEU H 67 26.93 -25.65 11.08
CA LEU H 67 26.68 -26.93 11.74
C LEU H 67 27.60 -28.00 11.22
N GLU H 68 28.08 -27.84 9.99
CA GLU H 68 29.03 -28.77 9.41
C GLU H 68 30.34 -28.79 10.17
N ILE H 69 30.76 -27.66 10.71
CA ILE H 69 31.99 -27.60 11.48
C ILE H 69 31.70 -27.87 12.95
N ALA H 70 30.44 -28.17 13.26
CA ALA H 70 30.13 -28.88 14.49
C ALA H 70 30.09 -30.37 14.29
N LEU H 71 29.88 -30.83 13.06
CA LEU H 71 29.96 -32.25 12.73
C LEU H 71 31.38 -32.66 12.37
N LEU H 72 32.06 -31.87 11.52
CA LEU H 72 33.38 -32.22 11.03
C LEU H 72 34.49 -31.93 12.03
N LEU H 73 34.16 -31.48 13.20
CA LEU H 73 35.21 -31.03 14.11
C LEU H 73 35.94 -32.15 14.87
N PRO H 74 35.31 -33.28 15.32
CA PRO H 74 36.12 -34.32 15.99
C PRO H 74 36.97 -35.21 15.09
N LEU H 75 37.21 -34.80 13.85
CA LEU H 75 38.11 -35.56 12.98
C LEU H 75 39.55 -35.72 13.48
N PRO H 76 40.17 -34.79 14.23
CA PRO H 76 41.42 -35.17 14.92
C PRO H 76 41.24 -36.24 15.98
N TRP H 77 40.06 -36.37 16.55
CA TRP H 77 39.77 -37.40 17.54
C TRP H 77 39.27 -38.69 16.90
N ALA H 78 38.40 -38.57 15.89
CA ALA H 78 37.80 -39.74 15.24
C ALA H 78 38.81 -40.52 14.42
N SER H 79 39.97 -39.95 14.11
CA SER H 79 41.02 -40.72 13.48
C SER H 79 41.67 -41.71 14.44
N GLN H 80 41.46 -41.55 15.75
CA GLN H 80 42.05 -42.44 16.74
C GLN H 80 41.22 -43.69 16.97
N THR H 81 40.21 -43.94 16.14
CA THR H 81 39.33 -45.08 16.35
C THR H 81 39.94 -46.33 15.72
N THR H 82 39.34 -47.48 16.06
CA THR H 82 39.75 -48.76 15.50
C THR H 82 38.79 -49.26 14.44
N ASN H 83 37.97 -48.38 13.87
CA ASN H 83 37.10 -48.68 12.74
C ASN H 83 37.38 -47.58 11.72
N LEU H 84 38.39 -47.78 10.89
CA LEU H 84 39.00 -46.69 10.16
C LEU H 84 38.49 -46.53 8.74
N ASN H 85 38.15 -47.63 8.06
CA ASN H 85 37.52 -47.53 6.74
C ASN H 85 36.17 -46.85 6.85
N THR H 86 35.40 -47.20 7.89
CA THR H 86 34.07 -46.62 8.07
C THR H 86 34.17 -45.15 8.46
N MET H 87 35.15 -44.82 9.32
CA MET H 87 35.38 -43.44 9.72
C MET H 87 35.80 -42.58 8.53
N LEU H 88 36.72 -43.10 7.70
CA LEU H 88 37.16 -42.38 6.50
C LEU H 88 36.02 -42.19 5.52
N THR H 89 35.19 -43.21 5.34
CA THR H 89 34.06 -43.12 4.42
C THR H 89 33.05 -42.09 4.88
N MET H 90 32.70 -42.09 6.18
CA MET H 90 31.72 -41.12 6.67
C MET H 90 32.28 -39.71 6.72
N ALA H 91 33.59 -39.56 6.96
CA ALA H 91 34.20 -38.24 6.97
C ALA H 91 34.18 -37.62 5.58
N LEU H 92 34.73 -38.34 4.59
CA LEU H 92 34.69 -37.86 3.22
C LEU H 92 33.28 -37.75 2.67
N LEU H 93 32.33 -38.53 3.20
CA LEU H 93 30.94 -38.33 2.81
C LEU H 93 30.38 -37.03 3.36
N LEU H 94 30.77 -36.63 4.57
CA LEU H 94 30.26 -35.36 5.09
C LEU H 94 30.88 -34.15 4.38
N ILE H 95 32.18 -34.21 4.08
CA ILE H 95 32.75 -33.10 3.31
C ILE H 95 32.20 -33.10 1.88
N PHE H 96 31.90 -34.28 1.32
CA PHE H 96 31.29 -34.35 0.00
C PHE H 96 29.86 -33.83 0.01
N LEU H 97 29.11 -34.07 1.08
CA LEU H 97 27.76 -33.53 1.18
C LEU H 97 27.78 -32.00 1.34
N LEU H 98 28.77 -31.48 2.07
CA LEU H 98 28.95 -30.03 2.12
C LEU H 98 29.28 -29.47 0.75
N ALA H 99 30.11 -30.20 -0.01
CA ALA H 99 30.50 -29.74 -1.33
C ALA H 99 29.34 -29.82 -2.32
N VAL H 100 28.48 -30.83 -2.18
CA VAL H 100 27.30 -30.95 -3.03
C VAL H 100 26.31 -29.83 -2.71
N SER H 101 26.18 -29.48 -1.43
CA SER H 101 25.37 -28.33 -1.04
C SER H 101 25.91 -27.02 -1.61
N LEU H 102 27.23 -26.82 -1.54
CA LEU H 102 27.83 -25.63 -2.09
C LEU H 102 27.74 -25.60 -3.61
N ALA H 103 27.81 -26.76 -4.27
CA ALA H 103 27.69 -26.81 -5.72
C ALA H 103 26.27 -26.53 -6.16
N TYR H 104 25.29 -27.01 -5.40
CA TYR H 104 23.89 -26.70 -5.70
C TYR H 104 23.59 -25.23 -5.46
N GLU H 105 24.23 -24.62 -4.47
CA GLU H 105 24.02 -23.19 -4.26
C GLU H 105 24.78 -22.36 -5.28
N TRP H 106 25.86 -22.91 -5.84
CA TRP H 106 26.55 -22.32 -6.98
C TRP H 106 25.62 -22.27 -8.18
N THR H 107 25.14 -23.44 -8.62
CA THR H 107 24.46 -23.55 -9.90
C THR H 107 23.08 -22.91 -9.91
N GLN H 108 22.44 -22.78 -8.76
CA GLN H 108 21.14 -22.13 -8.71
C GLN H 108 21.26 -20.63 -8.47
N LYS H 109 22.48 -20.08 -8.58
CA LYS H 109 22.78 -18.65 -8.47
C LYS H 109 22.34 -18.07 -7.12
N GLY H 110 22.66 -18.80 -6.05
CA GLY H 110 22.29 -18.38 -4.71
C GLY H 110 23.39 -17.62 -4.01
N LEU H 111 24.63 -17.91 -4.38
CA LEU H 111 25.76 -17.16 -3.85
C LEU H 111 25.89 -15.79 -4.46
N GLU H 112 25.33 -15.59 -5.66
CA GLU H 112 25.18 -14.27 -6.24
C GLU H 112 24.25 -13.43 -5.38
N TRP H 113 24.45 -12.12 -5.42
CA TRP H 113 23.62 -11.24 -4.62
C TRP H 113 22.42 -10.75 -5.42
N THR H 114 21.36 -10.39 -4.71
CA THR H 114 20.15 -9.89 -5.34
C THR H 114 20.38 -8.47 -5.87
N GLU H 115 19.45 -8.05 -6.73
CA GLU H 115 19.46 -6.76 -7.44
C GLU H 115 20.77 -6.50 -8.19
N MET I 1 50.45 -15.62 43.29
CA MET I 1 51.35 -14.79 42.50
C MET I 1 50.83 -14.83 41.06
N PHE I 2 49.68 -15.49 40.88
CA PHE I 2 49.11 -15.64 39.55
C PHE I 2 48.54 -14.33 39.02
N MET I 3 48.12 -13.44 39.90
CA MET I 3 47.65 -12.12 39.49
C MET I 3 48.77 -11.30 38.86
N ILE I 4 50.00 -11.46 39.39
CA ILE I 4 51.18 -10.86 38.79
C ILE I 4 51.42 -11.44 37.40
N ASN I 5 51.14 -12.73 37.21
CA ASN I 5 51.29 -13.35 35.90
C ASN I 5 50.27 -12.81 34.90
N VAL I 6 49.03 -12.59 35.34
CA VAL I 6 48.02 -12.00 34.47
C VAL I 6 48.39 -10.57 34.09
N LEU I 7 48.90 -9.79 35.05
CA LEU I 7 49.28 -8.41 34.77
C LEU I 7 50.52 -8.32 33.87
N THR I 8 51.50 -9.19 34.05
CA THR I 8 52.65 -9.25 33.14
C THR I 8 52.31 -9.88 31.81
N LEU I 9 51.14 -10.50 31.67
CA LEU I 9 50.67 -10.75 30.32
C LEU I 9 50.03 -9.52 29.70
N ILE I 10 49.11 -8.87 30.41
CA ILE I 10 48.19 -7.98 29.72
C ILE I 10 48.68 -6.55 29.66
N ILE I 11 49.67 -6.16 30.48
CA ILE I 11 50.26 -4.82 30.34
C ILE I 11 51.28 -4.76 29.20
N PRO I 12 52.23 -5.70 29.03
CA PRO I 12 53.12 -5.60 27.86
C PRO I 12 52.43 -5.77 26.52
N ILE I 13 51.26 -6.41 26.46
CA ILE I 13 50.56 -6.51 25.18
C ILE I 13 49.60 -5.37 24.97
N LEU I 14 49.53 -4.42 25.90
CA LEU I 14 49.02 -3.09 25.61
C LEU I 14 50.14 -2.15 25.19
N LEU I 15 51.31 -2.26 25.81
CA LEU I 15 52.45 -1.47 25.36
C LEU I 15 52.96 -1.91 23.99
N ALA I 16 52.80 -3.19 23.64
CA ALA I 16 53.14 -3.65 22.30
C ALA I 16 52.18 -3.07 21.27
N VAL I 17 50.90 -2.91 21.64
CA VAL I 17 49.94 -2.21 20.79
C VAL I 17 50.33 -0.76 20.61
N ALA I 18 50.68 -0.10 21.72
CA ALA I 18 51.07 1.30 21.71
C ALA I 18 52.26 1.53 20.78
N PHE I 19 53.34 0.77 20.96
CA PHE I 19 54.46 0.93 20.05
C PHE I 19 54.22 0.30 18.68
N LEU I 20 53.20 -0.55 18.53
CA LEU I 20 52.80 -0.97 17.20
C LEU I 20 52.18 0.17 16.41
N THR I 21 51.55 1.13 17.10
CA THR I 21 51.07 2.31 16.38
C THR I 21 52.23 3.10 15.78
N LEU I 22 53.34 3.21 16.51
CA LEU I 22 54.53 3.86 15.97
C LEU I 22 55.18 3.05 14.86
N VAL I 23 55.28 1.72 15.05
CA VAL I 23 55.81 0.84 14.01
C VAL I 23 54.95 0.88 12.76
N GLU I 24 53.64 0.92 12.95
CA GLU I 24 52.69 0.99 11.84
C GLU I 24 52.85 2.27 11.06
N ARG I 25 52.92 3.40 11.77
CA ARG I 25 53.04 4.67 11.08
C ARG I 25 54.41 4.87 10.44
N LYS I 26 55.48 4.34 11.05
CA LYS I 26 56.79 4.52 10.43
C LYS I 26 57.05 3.55 9.28
N VAL I 27 56.60 2.30 9.39
CA VAL I 27 56.77 1.37 8.28
C VAL I 27 55.86 1.75 7.12
N LEU I 28 54.63 2.18 7.44
CA LEU I 28 53.75 2.75 6.43
C LEU I 28 54.32 4.04 5.85
N GLY I 29 55.10 4.78 6.63
CA GLY I 29 55.72 5.98 6.09
C GLY I 29 56.84 5.67 5.12
N TYR I 30 57.79 4.83 5.53
CA TYR I 30 58.93 4.56 4.67
C TYR I 30 58.56 3.73 3.47
N MET I 31 57.51 2.90 3.57
CA MET I 31 57.01 2.24 2.37
C MET I 31 56.29 3.20 1.43
N GLN I 32 55.87 4.37 1.91
CA GLN I 32 55.25 5.38 1.07
C GLN I 32 56.19 6.53 0.78
N PHE I 33 57.51 6.29 0.83
CA PHE I 33 58.59 7.19 0.43
C PHE I 33 58.68 8.43 1.32
N ARG I 34 57.90 8.52 2.38
CA ARG I 34 57.95 9.58 3.36
C ARG I 34 58.63 9.04 4.62
N LYS I 35 58.67 9.85 5.66
CA LYS I 35 59.08 9.39 6.97
C LYS I 35 57.86 9.17 7.85
N GLY I 36 58.05 8.39 8.90
CA GLY I 36 57.03 8.24 9.89
C GLY I 36 57.21 9.28 10.98
N PRO I 37 56.55 9.10 12.12
CA PRO I 37 56.80 9.97 13.28
C PRO I 37 58.24 9.86 13.75
N ASN I 38 58.92 11.01 13.79
CA ASN I 38 60.28 11.05 14.31
C ASN I 38 60.57 12.32 15.11
N VAL I 39 59.56 13.12 15.43
CA VAL I 39 59.74 14.40 16.06
C VAL I 39 59.44 14.34 17.55
N VAL I 40 58.46 13.52 17.95
CA VAL I 40 57.92 13.57 19.29
C VAL I 40 58.90 12.97 20.29
N GLY I 41 59.54 11.87 19.94
CA GLY I 41 60.60 11.33 20.75
C GLY I 41 61.87 11.20 19.94
N PRO I 42 62.83 10.43 20.45
CA PRO I 42 63.98 10.08 19.63
C PRO I 42 63.58 9.08 18.55
N TYR I 43 63.49 9.58 17.32
CA TYR I 43 62.99 8.84 16.15
C TYR I 43 61.59 8.29 16.39
N GLY I 44 60.77 9.04 17.10
CA GLY I 44 59.36 8.76 17.20
C GLY I 44 58.93 7.91 18.38
N LEU I 45 59.86 7.47 19.22
CA LEU I 45 59.60 6.52 20.31
C LEU I 45 58.69 7.05 21.41
N LEU I 46 58.17 8.27 21.33
CA LEU I 46 57.31 8.81 22.35
C LEU I 46 55.97 9.27 21.78
N GLN I 47 55.84 9.28 20.45
CA GLN I 47 54.56 9.46 19.75
C GLN I 47 53.39 8.61 20.27
N PRO I 48 53.53 7.31 20.59
CA PRO I 48 52.37 6.58 21.14
C PRO I 48 51.91 7.07 22.49
N ILE I 49 52.83 7.60 23.31
CA ILE I 49 52.44 8.10 24.62
C ILE I 49 51.56 9.34 24.48
N ALA I 50 51.90 10.21 23.52
CA ALA I 50 51.06 11.38 23.27
C ALA I 50 49.74 10.98 22.63
N ASP I 51 49.76 10.00 21.73
CA ASP I 51 48.52 9.51 21.13
C ASP I 51 47.64 8.80 22.15
N ALA I 52 48.22 8.27 23.22
CA ALA I 52 47.44 7.61 24.26
C ALA I 52 46.89 8.60 25.27
N ILE I 53 47.71 9.55 25.71
CA ILE I 53 47.27 10.54 26.69
C ILE I 53 46.24 11.48 26.09
N LYS I 54 46.35 11.76 24.78
CA LYS I 54 45.45 12.72 24.14
C LYS I 54 44.01 12.21 24.10
N LEU I 55 43.83 10.90 23.94
CA LEU I 55 42.49 10.36 23.78
C LEU I 55 41.75 10.22 25.09
N PHE I 56 42.45 10.07 26.21
CA PHE I 56 41.81 9.96 27.52
C PHE I 56 41.69 11.29 28.23
N ILE I 57 42.03 12.40 27.57
CA ILE I 57 41.75 13.74 28.09
C ILE I 57 40.86 14.54 27.14
N LYS I 58 40.43 13.94 26.03
CA LYS I 58 39.52 14.57 25.09
C LYS I 58 38.09 14.20 25.49
N GLU I 59 37.14 15.05 25.08
CA GLU I 59 35.75 14.93 25.53
C GLU I 59 35.11 13.65 25.02
N PRO I 60 34.39 12.90 25.86
CA PRO I 60 34.00 11.53 25.49
C PRO I 60 32.86 11.46 24.49
N LEU I 61 31.91 12.40 24.54
CA LEU I 61 30.85 12.59 23.56
C LEU I 61 29.98 11.33 23.41
N ARG I 62 29.17 11.08 24.43
CA ARG I 62 28.08 10.14 24.23
C ARG I 62 27.00 10.83 23.40
N PRO I 63 26.56 10.23 22.30
CA PRO I 63 25.60 10.91 21.41
C PRO I 63 24.21 10.95 22.02
N ALA I 64 23.33 11.67 21.33
CA ALA I 64 21.93 11.73 21.77
C ALA I 64 21.20 10.44 21.45
N THR I 65 21.12 10.10 20.16
CA THR I 65 20.32 8.99 19.66
C THR I 65 20.85 7.62 20.06
N SER I 66 22.01 7.52 20.71
CA SER I 66 22.62 6.23 20.98
C SER I 66 21.87 5.48 22.08
N SER I 67 21.90 4.15 22.00
CA SER I 67 21.49 3.30 23.11
C SER I 67 22.70 3.19 24.04
N ILE I 68 22.68 3.97 25.12
CA ILE I 68 23.92 4.30 25.84
C ILE I 68 24.49 3.09 26.60
N SER I 69 23.63 2.15 27.02
CA SER I 69 24.10 0.97 27.70
C SER I 69 24.92 0.09 26.77
N MET I 70 24.40 -0.19 25.57
CA MET I 70 25.15 -0.94 24.58
C MET I 70 26.29 -0.12 24.01
N PHE I 71 26.13 1.20 23.92
CA PHE I 71 27.17 2.08 23.38
C PHE I 71 28.41 2.10 24.25
N ILE I 72 28.24 1.98 25.56
CA ILE I 72 29.40 1.88 26.43
C ILE I 72 29.82 0.42 26.61
N LEU I 73 28.89 -0.53 26.54
CA LEU I 73 29.20 -1.93 26.76
C LEU I 73 29.95 -2.56 25.59
N ALA I 74 29.83 -2.01 24.38
CA ALA I 74 30.53 -2.57 23.24
C ALA I 74 32.05 -2.39 23.25
N PRO I 75 32.64 -1.21 23.56
CA PRO I 75 34.11 -1.17 23.65
C PRO I 75 34.67 -1.89 24.86
N ILE I 76 33.88 -2.04 25.93
CA ILE I 76 34.30 -2.85 27.07
C ILE I 76 34.47 -4.30 26.65
N LEU I 77 33.49 -4.83 25.91
CA LEU I 77 33.60 -6.18 25.38
C LEU I 77 34.68 -6.28 24.32
N ALA I 78 34.92 -5.21 23.56
CA ALA I 78 36.00 -5.19 22.58
C ALA I 78 37.35 -5.36 23.24
N LEU I 79 37.62 -4.59 24.28
CA LEU I 79 38.92 -4.66 24.93
C LEU I 79 39.04 -5.93 25.78
N THR I 80 37.92 -6.41 26.34
CA THR I 80 37.93 -7.65 27.09
C THR I 80 38.28 -8.84 26.20
N LEU I 81 37.65 -8.92 25.02
CA LEU I 81 37.99 -9.99 24.10
C LEU I 81 39.30 -9.75 23.39
N ALA I 82 39.80 -8.52 23.36
CA ALA I 82 41.15 -8.29 22.88
C ALA I 82 42.17 -8.87 23.84
N LEU I 83 41.89 -8.79 25.14
CA LEU I 83 42.85 -9.29 26.11
C LEU I 83 42.76 -10.80 26.27
N THR I 84 41.56 -11.38 26.27
CA THR I 84 41.37 -12.76 26.67
C THR I 84 41.66 -13.78 25.56
N MET I 85 42.15 -13.34 24.40
CA MET I 85 42.55 -14.29 23.37
C MET I 85 44.04 -14.53 23.36
N TRP I 86 44.74 -14.06 24.39
CA TRP I 86 46.17 -14.28 24.58
C TRP I 86 46.45 -15.41 25.56
N ILE I 87 45.48 -15.75 26.39
CA ILE I 87 45.65 -16.69 27.48
C ILE I 87 45.85 -18.16 27.11
N PRO I 88 45.45 -18.71 25.96
CA PRO I 88 45.95 -20.06 25.65
C PRO I 88 47.19 -20.09 24.78
N LEU I 89 47.71 -18.94 24.36
CA LEU I 89 48.84 -18.90 23.43
C LEU I 89 50.11 -19.37 24.10
N PRO I 90 50.74 -20.45 23.62
CA PRO I 90 51.94 -20.97 24.30
C PRO I 90 53.16 -20.15 23.96
N MET I 91 53.77 -19.54 24.99
CA MET I 91 54.92 -18.66 24.79
C MET I 91 56.13 -19.04 25.64
N PRO I 92 56.63 -20.31 25.58
CA PRO I 92 56.23 -21.63 25.09
C PRO I 92 55.19 -22.26 26.00
N TYR I 93 55.03 -21.65 27.17
CA TYR I 93 54.06 -22.09 28.14
C TYR I 93 52.99 -21.01 28.23
N PRO I 94 51.72 -21.33 27.98
CA PRO I 94 50.69 -20.30 28.00
C PRO I 94 50.35 -19.89 29.43
N LEU I 95 49.61 -18.78 29.52
CA LEU I 95 49.05 -18.38 30.81
C LEU I 95 48.07 -19.41 31.33
N ILE I 96 47.14 -19.82 30.47
CA ILE I 96 46.08 -20.77 30.83
C ILE I 96 46.16 -21.91 29.83
N ASN I 97 46.69 -23.04 30.28
CA ASN I 97 46.94 -24.19 29.41
C ASN I 97 45.64 -24.96 29.24
N MET I 98 45.04 -24.84 28.07
CA MET I 98 43.74 -25.42 27.78
C MET I 98 43.91 -26.67 26.94
N ASN I 99 43.10 -27.69 27.24
CA ASN I 99 43.06 -28.87 26.38
C ASN I 99 42.44 -28.54 25.04
N LEU I 100 41.54 -27.56 25.00
CA LEU I 100 40.79 -27.22 23.80
C LEU I 100 40.98 -25.74 23.49
N GLY I 101 42.24 -25.29 23.52
CA GLY I 101 42.50 -23.86 23.42
C GLY I 101 42.25 -23.30 22.03
N VAL I 102 42.36 -24.14 21.01
CA VAL I 102 42.12 -23.70 19.63
C VAL I 102 40.66 -23.33 19.44
N LEU I 103 39.75 -24.15 19.95
CA LEU I 103 38.33 -23.82 19.88
C LEU I 103 37.98 -22.65 20.77
N PHE I 104 38.75 -22.45 21.85
CA PHE I 104 38.60 -21.24 22.65
C PHE I 104 38.94 -20.00 21.83
N MET I 105 40.05 -20.06 21.08
CA MET I 105 40.43 -18.98 20.18
C MET I 105 39.37 -18.74 19.11
N LEU I 106 38.79 -19.80 18.59
CA LEU I 106 37.78 -19.67 17.53
C LEU I 106 36.48 -19.10 18.07
N ALA I 107 36.07 -19.53 19.26
CA ALA I 107 34.85 -19.02 19.88
C ALA I 107 35.01 -17.56 20.30
N MET I 108 36.19 -17.18 20.76
CA MET I 108 36.38 -15.78 21.09
C MET I 108 36.67 -14.93 19.86
N SER I 109 37.03 -15.54 18.72
CA SER I 109 36.98 -14.83 17.46
C SER I 109 35.55 -14.54 17.05
N SER I 110 34.65 -15.51 17.26
CA SER I 110 33.25 -15.33 16.92
C SER I 110 32.58 -14.31 17.82
N LEU I 111 32.90 -14.32 19.12
CA LEU I 111 32.27 -13.40 20.06
C LEU I 111 32.77 -11.97 19.90
N ALA I 112 33.97 -11.77 19.34
CA ALA I 112 34.52 -10.43 19.17
C ALA I 112 33.79 -9.64 18.09
N VAL I 113 33.00 -10.31 17.25
CA VAL I 113 32.25 -9.63 16.20
C VAL I 113 31.14 -8.78 16.81
N TYR I 114 30.63 -9.18 17.97
CA TYR I 114 29.56 -8.44 18.62
C TYR I 114 30.01 -7.11 19.18
N SER I 115 31.32 -6.91 19.37
CA SER I 115 31.84 -5.61 19.75
C SER I 115 31.61 -4.58 18.65
N ILE I 116 32.16 -4.85 17.46
CA ILE I 116 31.92 -4.04 16.26
C ILE I 116 30.43 -3.95 15.96
N LEU I 117 29.71 -5.04 16.19
CA LEU I 117 28.33 -5.17 15.77
C LEU I 117 27.40 -4.31 16.63
N TRP I 118 27.48 -4.48 17.94
CA TRP I 118 26.70 -3.67 18.88
C TRP I 118 27.19 -2.24 18.94
N SER I 119 28.46 -1.98 18.59
CA SER I 119 28.92 -0.60 18.55
C SER I 119 28.35 0.13 17.34
N GLY I 120 28.28 -0.55 16.20
CA GLY I 120 27.69 0.05 15.03
C GLY I 120 26.19 0.19 15.14
N TRP I 121 25.54 -0.76 15.81
CA TRP I 121 24.09 -0.62 15.97
C TRP I 121 23.74 0.41 17.03
N ALA I 122 24.46 0.41 18.15
CA ALA I 122 24.07 1.22 19.31
C ALA I 122 24.27 2.70 19.03
N SER I 123 25.38 3.07 18.40
CA SER I 123 25.56 4.43 17.91
C SER I 123 24.62 4.63 16.74
N ASN I 124 23.48 5.27 17.00
CA ASN I 124 22.37 5.33 16.03
C ASN I 124 22.72 6.32 14.93
N SER I 125 23.52 5.84 13.98
CA SER I 125 23.87 6.60 12.79
C SER I 125 23.84 5.66 11.60
N LYS I 126 23.97 6.23 10.42
CA LYS I 126 23.72 5.48 9.20
C LYS I 126 24.98 4.78 8.71
N TYR I 127 26.11 5.50 8.68
CA TYR I 127 27.40 4.89 8.33
C TYR I 127 27.81 3.84 9.35
N ALA I 128 27.43 4.04 10.61
CA ALA I 128 27.68 3.04 11.63
C ALA I 128 26.91 1.76 11.37
N LEU I 129 25.68 1.88 10.87
CA LEU I 129 24.90 0.68 10.60
C LEU I 129 25.38 -0.01 9.32
N ILE I 130 25.83 0.78 8.34
CA ILE I 130 26.39 0.20 7.12
C ILE I 130 27.66 -0.59 7.45
N GLY I 131 28.55 -0.01 8.26
CA GLY I 131 29.72 -0.73 8.72
C GLY I 131 29.40 -1.92 9.59
N ALA I 132 28.36 -1.82 10.42
CA ALA I 132 27.99 -2.94 11.29
C ALA I 132 27.45 -4.11 10.49
N LEU I 133 26.77 -3.86 9.38
CA LEU I 133 26.31 -5.00 8.60
C LEU I 133 27.32 -5.45 7.55
N ARG I 134 28.27 -4.60 7.17
CA ARG I 134 29.41 -5.12 6.42
C ARG I 134 30.33 -5.94 7.30
N ALA I 135 30.28 -5.74 8.62
CA ALA I 135 30.92 -6.68 9.53
C ALA I 135 30.27 -8.07 9.47
N VAL I 136 28.94 -8.13 9.35
CA VAL I 136 28.25 -9.40 9.16
C VAL I 136 28.62 -10.02 7.82
N ALA I 137 28.61 -9.20 6.76
CA ALA I 137 28.95 -9.68 5.42
C ALA I 137 30.40 -10.12 5.30
N GLN I 138 31.27 -9.65 6.19
CA GLN I 138 32.64 -10.14 6.24
C GLN I 138 32.80 -11.35 7.15
N THR I 139 32.04 -11.41 8.24
CA THR I 139 32.19 -12.48 9.22
C THR I 139 31.58 -13.79 8.73
N ILE I 140 30.43 -13.72 8.05
CA ILE I 140 29.86 -14.93 7.47
C ILE I 140 30.67 -15.45 6.30
N SER I 141 31.60 -14.65 5.79
CA SER I 141 32.53 -15.11 4.79
C SER I 141 33.81 -15.70 5.40
N TYR I 142 34.38 -15.09 6.45
CA TYR I 142 35.63 -15.67 6.94
C TYR I 142 35.42 -16.82 7.91
N GLU I 143 34.34 -16.81 8.70
CA GLU I 143 34.14 -17.89 9.67
C GLU I 143 33.81 -19.22 9.02
N VAL I 144 33.31 -19.20 7.78
CA VAL I 144 32.90 -20.43 7.11
C VAL I 144 34.08 -21.11 6.42
N THR I 145 35.29 -20.55 6.53
CA THR I 145 36.53 -21.26 6.17
C THR I 145 37.57 -21.24 7.28
N LEU I 146 37.46 -20.32 8.23
CA LEU I 146 38.37 -20.21 9.37
C LEU I 146 38.32 -21.45 10.24
N ALA I 147 37.19 -22.15 10.26
CA ALA I 147 37.09 -23.38 11.01
C ALA I 147 37.67 -24.57 10.26
N ILE I 148 37.47 -24.67 8.94
CA ILE I 148 37.92 -25.86 8.23
C ILE I 148 39.43 -25.83 8.01
N ILE I 149 40.01 -24.65 7.74
CA ILE I 149 41.46 -24.56 7.61
C ILE I 149 42.15 -24.92 8.92
N LEU I 150 41.64 -24.36 10.01
CA LEU I 150 42.15 -24.65 11.34
C LEU I 150 41.86 -26.08 11.77
N LEU I 151 40.82 -26.69 11.22
CA LEU I 151 40.57 -28.11 11.44
C LEU I 151 41.60 -28.96 10.73
N SER I 152 41.91 -28.62 9.48
CA SER I 152 42.79 -29.45 8.67
C SER I 152 44.24 -29.32 9.13
N VAL I 153 44.60 -28.17 9.72
CA VAL I 153 45.96 -28.02 10.22
C VAL I 153 46.15 -28.78 11.54
N LEU I 154 45.07 -29.14 12.22
CA LEU I 154 45.16 -29.91 13.45
C LEU I 154 45.03 -31.40 13.24
N LEU I 155 44.69 -31.83 12.02
CA LEU I 155 44.70 -33.25 11.69
C LEU I 155 46.11 -33.81 11.61
N MET I 156 47.11 -32.96 11.50
CA MET I 156 48.50 -33.35 11.66
C MET I 156 49.01 -33.12 13.08
N ASN I 157 48.19 -32.51 13.94
CA ASN I 157 48.58 -32.25 15.32
C ASN I 157 48.12 -33.35 16.27
N GLY I 158 46.85 -33.70 16.21
CA GLY I 158 46.28 -34.75 17.03
C GLY I 158 45.20 -34.29 17.98
N SER I 159 45.15 -33.01 18.32
CA SER I 159 44.18 -32.49 19.25
C SER I 159 44.00 -31.00 19.00
N PHE I 160 43.14 -30.36 19.79
CA PHE I 160 42.95 -28.92 19.76
C PHE I 160 43.87 -28.21 20.75
N THR I 161 45.00 -28.79 21.07
CA THR I 161 45.89 -28.27 22.09
C THR I 161 46.97 -27.41 21.45
N LEU I 162 47.08 -26.17 21.90
CA LEU I 162 48.10 -25.28 21.36
C LEU I 162 49.49 -25.63 21.85
N SER I 163 49.60 -26.23 23.03
CA SER I 163 50.92 -26.56 23.55
C SER I 163 51.52 -27.74 22.82
N THR I 164 50.70 -28.67 22.34
CA THR I 164 51.17 -29.81 21.56
C THR I 164 51.59 -29.38 20.15
N LEU I 165 51.16 -28.20 19.71
CA LEU I 165 51.51 -27.70 18.38
C LEU I 165 52.97 -27.24 18.30
N ILE I 166 53.70 -27.24 19.41
CA ILE I 166 55.14 -27.04 19.40
C ILE I 166 55.87 -28.37 19.26
N ILE I 167 55.38 -29.41 19.95
CA ILE I 167 55.91 -30.75 19.81
C ILE I 167 55.67 -31.29 18.40
N THR I 168 54.53 -30.91 17.80
CA THR I 168 54.18 -31.35 16.45
C THR I 168 55.19 -30.86 15.43
N GLN I 169 55.68 -29.62 15.58
CA GLN I 169 56.56 -29.01 14.61
C GLN I 169 58.02 -29.08 15.05
N GLU I 170 58.40 -30.12 15.78
CA GLU I 170 59.77 -30.23 16.26
C GLU I 170 60.73 -30.62 15.14
N GLN I 171 60.25 -31.36 14.15
CA GLN I 171 61.07 -31.74 13.01
C GLN I 171 61.00 -30.72 11.88
N VAL I 172 59.79 -30.38 11.45
CA VAL I 172 59.58 -29.54 10.29
C VAL I 172 58.61 -28.43 10.67
N TRP I 173 58.74 -27.28 10.02
CA TRP I 173 57.68 -26.29 10.08
C TRP I 173 56.41 -26.86 9.47
N LEU I 174 55.27 -26.47 10.01
CA LEU I 174 54.01 -26.98 9.51
C LEU I 174 53.51 -26.16 8.32
N ILE I 175 54.29 -25.19 7.87
CA ILE I 175 53.99 -24.53 6.61
C ILE I 175 54.51 -25.34 5.43
N PHE I 176 55.45 -26.27 5.66
CA PHE I 176 55.86 -27.14 4.55
C PHE I 176 54.80 -28.14 4.12
N PRO I 177 54.13 -28.91 5.02
CA PRO I 177 53.09 -29.81 4.49
C PRO I 177 51.78 -29.12 4.17
N ALA I 178 51.54 -27.92 4.68
CA ALA I 178 50.23 -27.30 4.52
C ALA I 178 50.36 -25.86 4.09
N TRP I 179 51.24 -25.58 3.12
CA TRP I 179 51.32 -24.23 2.59
C TRP I 179 50.08 -23.69 1.86
N PRO I 180 49.21 -24.48 1.20
CA PRO I 180 47.95 -23.85 0.73
C PRO I 180 47.05 -23.47 1.87
N LEU I 181 46.98 -24.32 2.91
CA LEU I 181 46.24 -23.95 4.11
C LEU I 181 46.87 -22.77 4.82
N ALA I 182 48.19 -22.61 4.71
CA ALA I 182 48.86 -21.48 5.33
C ALA I 182 48.57 -20.18 4.59
N MET I 183 48.74 -20.20 3.26
CA MET I 183 48.48 -19.00 2.46
C MET I 183 46.99 -18.70 2.31
N MET I 184 46.12 -19.61 2.73
CA MET I 184 44.70 -19.30 2.82
C MET I 184 44.31 -18.86 4.22
N TRP I 185 44.96 -19.42 5.24
CA TRP I 185 44.78 -19.02 6.61
C TRP I 185 45.22 -17.59 6.84
N PHE I 186 46.30 -17.17 6.17
CA PHE I 186 46.81 -15.83 6.34
C PHE I 186 45.84 -14.79 5.78
N ILE I 187 45.18 -15.13 4.68
CA ILE I 187 44.16 -14.25 4.12
C ILE I 187 42.91 -14.26 4.98
N SER I 188 42.61 -15.41 5.59
CA SER I 188 41.46 -15.46 6.48
C SER I 188 41.70 -14.68 7.77
N THR I 189 42.96 -14.56 8.20
CA THR I 189 43.28 -13.73 9.34
C THR I 189 43.37 -12.25 8.97
N LEU I 190 43.71 -11.95 7.72
CA LEU I 190 43.54 -10.60 7.20
C LEU I 190 42.08 -10.18 7.22
N ALA I 191 41.20 -11.04 6.70
CA ALA I 191 39.78 -10.72 6.64
C ALA I 191 39.13 -10.79 8.01
N GLU I 192 39.72 -11.55 8.92
CA GLU I 192 39.18 -11.67 10.28
C GLU I 192 39.32 -10.37 11.05
N THR I 193 40.42 -9.66 10.83
CA THR I 193 40.83 -8.61 11.73
C THR I 193 40.53 -7.23 11.15
N ASN I 194 39.83 -7.18 10.01
CA ASN I 194 39.47 -5.96 9.28
C ASN I 194 40.70 -5.16 8.88
N ARG I 195 41.80 -5.83 8.57
CA ARG I 195 42.99 -5.20 8.03
C ARG I 195 42.92 -5.20 6.52
N ALA I 196 43.57 -4.20 5.91
CA ALA I 196 43.55 -4.06 4.46
C ALA I 196 44.25 -5.24 3.80
N PRO I 197 43.78 -5.69 2.62
CA PRO I 197 42.73 -5.19 1.73
C PRO I 197 41.28 -5.50 2.14
N PHE I 198 41.09 -5.95 3.37
CA PHE I 198 39.77 -6.33 3.87
C PHE I 198 39.31 -5.41 4.98
N ASP I 199 39.53 -4.10 4.85
CA ASP I 199 39.14 -3.17 5.90
C ASP I 199 37.63 -3.17 6.08
N LEU I 200 36.88 -2.60 5.13
CA LEU I 200 35.48 -2.95 4.84
C LEU I 200 34.46 -2.71 5.95
N THR I 201 34.92 -2.43 7.16
CA THR I 201 34.10 -2.00 8.28
C THR I 201 34.48 -0.60 8.70
N GLU I 202 35.75 -0.35 8.99
CA GLU I 202 36.29 1.01 9.06
C GLU I 202 36.85 1.38 7.68
N GLY I 203 35.95 1.43 6.72
CA GLY I 203 36.32 1.77 5.36
C GLY I 203 36.37 3.28 5.21
N GLU I 204 37.59 3.83 5.14
CA GLU I 204 37.78 5.28 5.22
C GLU I 204 37.22 6.01 4.00
N SER I 205 37.14 5.35 2.84
CA SER I 205 36.68 6.04 1.65
C SER I 205 35.29 5.65 1.19
N GLU I 206 34.79 4.46 1.53
CA GLU I 206 33.39 4.17 1.28
C GLU I 206 32.53 4.80 2.36
N LEU I 207 32.81 4.44 3.60
CA LEU I 207 32.19 5.05 4.75
C LEU I 207 33.10 6.17 5.23
N VAL I 208 32.75 6.78 6.36
CA VAL I 208 33.64 7.78 6.92
C VAL I 208 34.65 7.11 7.85
N SER I 209 34.16 6.51 8.93
CA SER I 209 34.92 5.56 9.70
C SER I 209 34.13 4.30 9.99
N GLY I 210 32.90 4.21 9.49
CA GLY I 210 32.15 2.98 9.59
C GLY I 210 31.58 2.78 10.97
N PHE I 211 31.90 1.64 11.59
CA PHE I 211 31.21 1.20 12.81
C PHE I 211 31.50 2.11 14.00
N ASN I 212 32.66 2.74 14.03
CA ASN I 212 33.03 3.65 15.10
C ASN I 212 33.08 5.10 14.62
N VAL I 213 32.13 5.48 13.76
CA VAL I 213 32.09 6.85 13.28
C VAL I 213 31.56 7.82 14.33
N GLU I 214 30.89 7.30 15.37
CA GLU I 214 30.40 8.14 16.46
C GLU I 214 31.30 8.10 17.69
N TYR I 215 32.17 7.11 17.80
CA TYR I 215 33.01 6.96 18.98
C TYR I 215 34.08 8.03 19.00
N ALA I 216 33.89 9.04 19.84
CA ALA I 216 34.92 10.02 20.09
C ALA I 216 35.94 9.44 21.07
N ALA I 217 36.96 10.23 21.37
CA ALA I 217 38.15 9.77 22.05
C ALA I 217 37.86 9.35 23.49
N GLY I 218 38.62 8.35 23.94
CA GLY I 218 38.33 7.63 25.16
C GLY I 218 37.63 6.31 24.93
N PRO I 219 36.37 6.31 24.47
CA PRO I 219 35.79 5.05 23.99
C PRO I 219 36.31 4.62 22.63
N PHE I 220 36.93 5.53 21.89
CA PHE I 220 37.51 5.19 20.59
C PHE I 220 38.84 4.49 20.72
N ALA I 221 39.58 4.76 21.80
CA ALA I 221 40.88 4.12 21.98
C ALA I 221 40.75 2.62 22.22
N LEU I 222 39.64 2.18 22.79
CA LEU I 222 39.46 0.77 23.10
C LEU I 222 38.97 -0.04 21.91
N PHE I 223 38.78 0.56 20.74
CA PHE I 223 38.67 -0.18 19.49
C PHE I 223 39.97 -0.20 18.72
N PHE I 224 40.70 0.91 18.79
CA PHE I 224 41.99 1.04 18.16
C PHE I 224 43.00 0.06 18.76
N MET I 225 43.12 0.07 20.08
CA MET I 225 44.01 -0.88 20.73
C MET I 225 43.46 -2.30 20.69
N ALA I 226 42.14 -2.48 20.58
CA ALA I 226 41.60 -3.82 20.43
C ALA I 226 41.96 -4.42 19.07
N GLU I 227 41.84 -3.61 18.00
CA GLU I 227 42.21 -4.07 16.67
C GLU I 227 43.70 -4.41 16.58
N TYR I 228 44.55 -3.56 17.17
CA TYR I 228 45.98 -3.88 17.12
C TYR I 228 46.34 -5.05 18.04
N ALA I 229 45.63 -5.23 19.16
CA ALA I 229 45.84 -6.42 19.97
C ALA I 229 45.41 -7.67 19.23
N ASN I 230 44.35 -7.57 18.44
CA ASN I 230 43.93 -8.70 17.63
C ASN I 230 44.94 -9.02 16.54
N ILE I 231 45.60 -8.02 15.95
CA ILE I 231 46.57 -8.38 14.91
C ILE I 231 47.83 -8.98 15.53
N ILE I 232 48.27 -8.52 16.71
CA ILE I 232 49.48 -9.10 17.30
C ILE I 232 49.19 -10.53 17.76
N MET I 233 48.04 -10.71 18.44
CA MET I 233 47.59 -12.03 18.86
C MET I 233 47.42 -12.98 17.67
N MET I 234 46.92 -12.46 16.55
CA MET I 234 46.62 -13.33 15.43
C MET I 234 47.88 -13.70 14.67
N ASN I 235 48.87 -12.81 14.60
CA ASN I 235 50.15 -13.22 14.03
C ASN I 235 50.90 -14.18 14.95
N ILE I 236 50.72 -14.05 16.27
CA ILE I 236 51.31 -15.03 17.19
C ILE I 236 50.64 -16.39 17.03
N PHE I 237 49.32 -16.41 16.84
CA PHE I 237 48.59 -17.64 16.59
C PHE I 237 49.00 -18.28 15.26
N THR I 238 49.21 -17.46 14.22
CA THR I 238 49.69 -17.97 12.94
C THR I 238 51.12 -18.48 13.04
N THR I 239 51.95 -17.85 13.89
CA THR I 239 53.30 -18.34 14.13
C THR I 239 53.29 -19.68 14.85
N THR I 240 52.39 -19.84 15.82
CA THR I 240 52.27 -21.12 16.53
C THR I 240 51.75 -22.21 15.60
N LEU I 241 50.80 -21.87 14.72
CA LEU I 241 50.26 -22.84 13.78
C LEU I 241 51.29 -23.28 12.75
N PHE I 242 51.94 -22.35 12.06
CA PHE I 242 52.67 -22.70 10.85
C PHE I 242 54.17 -22.48 10.91
N LEU I 243 54.68 -21.71 11.85
CA LEU I 243 56.10 -21.36 11.90
C LEU I 243 56.67 -21.61 13.27
N GLY I 244 56.38 -22.77 13.85
CA GLY I 244 56.75 -23.04 15.23
C GLY I 244 58.24 -23.29 15.39
N ALA I 245 58.76 -22.85 16.52
CA ALA I 245 60.19 -22.72 16.71
C ALA I 245 60.76 -23.86 17.56
N PHE I 246 62.03 -23.74 17.90
CA PHE I 246 62.70 -24.72 18.74
C PHE I 246 62.41 -24.43 20.21
N HIS I 247 61.95 -25.43 20.94
CA HIS I 247 61.68 -25.31 22.36
C HIS I 247 62.73 -26.10 23.12
N ASN I 248 63.58 -25.39 23.86
CA ASN I 248 64.39 -26.03 24.88
C ASN I 248 63.61 -26.00 26.18
N PRO I 249 63.32 -27.16 26.78
CA PRO I 249 62.56 -27.16 28.05
C PRO I 249 63.30 -26.51 29.20
N TYR I 250 64.63 -26.44 29.15
CA TYR I 250 65.42 -25.78 30.17
C TYR I 250 65.61 -24.29 29.88
N MET I 251 65.50 -23.90 28.62
CA MET I 251 65.67 -22.51 28.20
C MET I 251 64.46 -22.11 27.36
N PRO I 252 63.41 -21.59 28.00
CA PRO I 252 62.24 -21.12 27.23
C PRO I 252 62.51 -19.83 26.46
N GLU I 253 63.59 -19.12 26.79
CA GLU I 253 63.83 -17.82 26.18
C GLU I 253 64.26 -17.96 24.74
N LEU I 254 64.84 -19.11 24.36
CA LEU I 254 65.18 -19.36 22.96
C LEU I 254 63.91 -19.41 22.11
N TYR I 255 62.90 -20.16 22.56
CA TYR I 255 61.63 -20.21 21.86
C TYR I 255 60.94 -18.85 21.88
N THR I 256 61.05 -18.13 22.99
CA THR I 256 60.32 -16.86 23.10
C THR I 256 60.90 -15.82 22.16
N ILE I 257 62.23 -15.71 22.09
CA ILE I 257 62.87 -14.80 21.14
C ILE I 257 62.61 -15.22 19.70
N ASN I 258 62.58 -16.53 19.44
CA ASN I 258 62.40 -17.00 18.08
C ASN I 258 60.99 -16.73 17.56
N PHE I 259 59.96 -17.07 18.35
CA PHE I 259 58.63 -16.78 17.84
C PHE I 259 58.29 -15.30 17.98
N THR I 260 59.03 -14.55 18.82
CA THR I 260 58.85 -13.11 18.85
C THR I 260 59.28 -12.47 17.54
N ILE I 261 60.47 -12.85 17.04
CA ILE I 261 60.91 -12.25 15.78
C ILE I 261 60.08 -12.78 14.61
N LYS I 262 59.58 -14.01 14.70
CA LYS I 262 58.71 -14.51 13.63
C LYS I 262 57.35 -13.79 13.62
N SER I 263 56.75 -13.56 14.80
CA SER I 263 55.49 -12.84 14.84
C SER I 263 55.66 -11.38 14.49
N LEU I 264 56.83 -10.79 14.78
CA LEU I 264 57.10 -9.44 14.29
C LEU I 264 57.21 -9.40 12.78
N LEU I 265 57.83 -10.41 12.17
CA LEU I 265 57.87 -10.46 10.70
C LEU I 265 56.48 -10.62 10.11
N LEU I 266 55.59 -11.36 10.77
CA LEU I 266 54.23 -11.47 10.26
C LEU I 266 53.43 -10.18 10.45
N SER I 267 53.66 -9.45 11.54
CA SER I 267 52.96 -8.17 11.70
C SER I 267 53.48 -7.13 10.71
N ILE I 268 54.78 -7.11 10.44
CA ILE I 268 55.34 -6.26 9.39
C ILE I 268 54.78 -6.66 8.03
N THR I 269 54.52 -7.95 7.83
CA THR I 269 53.88 -8.39 6.59
C THR I 269 52.44 -7.89 6.50
N PHE I 270 51.72 -7.84 7.63
CA PHE I 270 50.40 -7.20 7.63
C PHE I 270 50.48 -5.73 7.24
N LEU I 271 51.45 -5.01 7.80
CA LEU I 271 51.59 -3.59 7.49
C LEU I 271 52.05 -3.36 6.05
N TRP I 272 52.78 -4.32 5.50
CA TRP I 272 53.31 -4.26 4.16
C TRP I 272 52.31 -4.68 3.10
N ILE I 273 51.33 -5.51 3.48
CA ILE I 273 50.17 -5.75 2.62
C ILE I 273 49.20 -4.57 2.69
N ARG I 274 49.09 -3.92 3.85
CA ARG I 274 48.23 -2.76 3.97
C ARG I 274 48.73 -1.58 3.15
N ALA I 275 50.05 -1.49 2.94
CA ALA I 275 50.67 -0.39 2.23
C ALA I 275 50.81 -0.64 0.73
N SER I 276 50.11 -1.64 0.17
CA SER I 276 50.32 -1.95 -1.23
C SER I 276 49.07 -2.25 -2.03
N TYR I 277 47.92 -2.50 -1.42
CA TYR I 277 46.81 -3.01 -2.22
C TYR I 277 45.61 -2.10 -2.16
N PRO I 278 44.80 -2.08 -3.21
CA PRO I 278 43.45 -1.52 -3.09
C PRO I 278 42.57 -2.40 -2.22
N ARG I 279 41.38 -1.90 -1.96
CA ARG I 279 40.47 -2.54 -1.02
C ARG I 279 39.32 -3.19 -1.77
N PHE I 280 38.91 -4.36 -1.30
CA PHE I 280 37.83 -5.11 -1.91
C PHE I 280 36.50 -4.37 -1.84
N ARG I 281 35.65 -4.64 -2.81
CA ARG I 281 34.23 -4.46 -2.64
C ARG I 281 33.75 -5.69 -1.90
N TYR I 282 32.85 -5.51 -0.94
CA TYR I 282 32.63 -6.57 0.03
C TYR I 282 31.70 -7.67 -0.49
N ASP I 283 31.19 -7.55 -1.72
CA ASP I 283 30.66 -8.75 -2.37
C ASP I 283 31.80 -9.59 -2.96
N GLN I 284 32.82 -8.94 -3.51
CA GLN I 284 33.99 -9.64 -4.03
C GLN I 284 34.76 -10.32 -2.91
N LEU I 285 34.66 -9.79 -1.69
CA LEU I 285 35.03 -10.53 -0.50
C LEU I 285 34.21 -11.80 -0.36
N MET I 286 32.88 -11.67 -0.44
CA MET I 286 32.01 -12.83 -0.24
C MET I 286 32.11 -13.79 -1.42
N HIS I 287 32.37 -13.29 -2.63
CA HIS I 287 32.64 -14.17 -3.75
C HIS I 287 34.07 -14.67 -3.79
N LEU I 288 34.87 -14.39 -2.75
CA LEU I 288 36.21 -14.96 -2.60
C LEU I 288 36.22 -16.11 -1.62
N LEU I 289 35.81 -15.86 -0.38
CA LEU I 289 35.84 -16.86 0.68
C LEU I 289 34.81 -17.97 0.49
N TRP I 290 33.76 -17.72 -0.29
CA TRP I 290 32.77 -18.75 -0.63
C TRP I 290 33.04 -19.42 -1.97
N LYS I 291 33.44 -18.67 -2.98
CA LYS I 291 33.56 -19.22 -4.32
C LYS I 291 34.99 -19.60 -4.68
N ASN I 292 35.99 -19.18 -3.92
CA ASN I 292 37.36 -19.58 -4.20
C ASN I 292 38.01 -20.32 -3.04
N PHE I 293 37.89 -19.82 -1.82
CA PHE I 293 38.61 -20.45 -0.72
C PHE I 293 37.85 -21.64 -0.14
N LEU I 294 36.53 -21.61 -0.12
CA LEU I 294 35.79 -22.71 0.49
C LEU I 294 35.81 -24.03 -0.30
N PRO I 295 35.64 -24.07 -1.64
CA PRO I 295 35.80 -25.37 -2.33
C PRO I 295 37.19 -25.96 -2.22
N LEU I 296 38.22 -25.14 -2.37
CA LEU I 296 39.59 -25.62 -2.23
C LEU I 296 39.90 -26.01 -0.79
N THR I 297 39.25 -25.35 0.17
CA THR I 297 39.42 -25.68 1.57
C THR I 297 38.77 -27.03 1.90
N LEU I 298 37.59 -27.29 1.33
CA LEU I 298 36.97 -28.61 1.49
C LEU I 298 37.79 -29.71 0.84
N ALA I 299 38.40 -29.41 -0.31
CA ALA I 299 39.28 -30.38 -0.97
C ALA I 299 40.50 -30.68 -0.12
N LEU I 300 41.12 -29.64 0.44
CA LEU I 300 42.27 -29.84 1.32
C LEU I 300 41.87 -30.49 2.64
N CYS I 301 40.62 -30.31 3.06
CA CYS I 301 40.15 -31.01 4.26
C CYS I 301 40.00 -32.50 4.00
N MET I 302 39.43 -32.87 2.85
CA MET I 302 39.43 -34.27 2.43
C MET I 302 40.83 -34.82 2.33
N TRP I 303 41.76 -34.02 1.81
CA TRP I 303 43.14 -34.45 1.65
C TRP I 303 43.81 -34.70 2.99
N HIS I 304 43.62 -33.81 3.95
CA HIS I 304 44.26 -33.95 5.25
C HIS I 304 43.49 -34.84 6.22
N VAL I 305 42.27 -35.26 5.87
CA VAL I 305 41.68 -36.41 6.56
C VAL I 305 42.29 -37.69 6.02
N SER I 306 42.22 -37.88 4.70
CA SER I 306 42.55 -39.17 4.12
C SER I 306 44.04 -39.43 4.04
N LEU I 307 44.88 -38.40 4.18
CA LEU I 307 46.32 -38.58 4.04
C LEU I 307 47.03 -39.17 5.26
N PRO I 308 46.70 -38.86 6.52
CA PRO I 308 47.29 -39.66 7.61
C PRO I 308 46.82 -41.09 7.65
N ILE I 309 45.63 -41.38 7.12
CA ILE I 309 45.22 -42.77 6.93
C ILE I 309 46.03 -43.40 5.82
N LEU I 310 46.39 -42.62 4.81
CA LEU I 310 47.08 -43.14 3.64
C LEU I 310 48.53 -43.50 3.96
N LEU I 311 49.18 -42.74 4.83
CA LEU I 311 50.60 -42.87 5.09
C LEU I 311 50.91 -43.40 6.48
N SER I 312 49.87 -43.82 7.23
CA SER I 312 49.96 -44.24 8.64
C SER I 312 50.62 -43.18 9.49
N SER I 313 50.27 -41.93 9.25
CA SER I 313 50.82 -40.78 9.95
C SER I 313 49.74 -40.08 10.77
N ILE I 314 48.87 -40.86 11.40
CA ILE I 314 47.85 -40.31 12.26
C ILE I 314 48.52 -39.88 13.56
N PRO I 315 48.44 -38.60 13.93
CA PRO I 315 49.15 -38.12 15.10
C PRO I 315 48.45 -38.54 16.37
N PRO I 316 49.18 -38.64 17.48
CA PRO I 316 48.56 -39.02 18.75
C PRO I 316 47.82 -37.86 19.38
N GLN I 317 46.78 -38.19 20.12
CA GLN I 317 46.06 -37.23 20.93
C GLN I 317 46.63 -37.12 22.34
N THR I 318 47.82 -37.67 22.58
CA THR I 318 48.43 -37.64 23.90
C THR I 318 49.94 -37.42 23.84
N MET J 1 29.57 -20.95 49.08
CA MET J 1 28.72 -20.50 48.00
C MET J 1 29.51 -20.65 46.69
N MET J 2 30.81 -20.88 46.82
CA MET J 2 31.62 -21.16 45.64
C MET J 2 31.44 -22.60 45.17
N THR J 3 31.04 -23.51 46.05
CA THR J 3 30.66 -24.84 45.63
C THR J 3 29.37 -24.84 44.82
N TYR J 4 28.57 -23.78 44.93
CA TYR J 4 27.33 -23.60 44.19
C TYR J 4 27.54 -22.84 42.89
N ILE J 5 28.71 -22.97 42.25
CA ILE J 5 29.04 -22.10 41.13
C ILE J 5 28.25 -22.48 39.88
N VAL J 6 27.91 -23.77 39.74
CA VAL J 6 27.08 -24.18 38.62
C VAL J 6 25.67 -23.67 38.83
N PHE J 7 25.25 -23.61 40.09
CA PHE J 7 23.96 -23.01 40.43
C PHE J 7 23.92 -21.53 40.10
N ILE J 8 24.98 -20.77 40.42
CA ILE J 8 24.99 -19.33 40.16
C ILE J 8 25.04 -19.04 38.67
N LEU J 9 25.86 -19.81 37.94
CA LEU J 9 25.85 -19.73 36.48
C LEU J 9 24.49 -20.11 35.90
N SER J 10 23.77 -21.01 36.57
CA SER J 10 22.45 -21.35 36.09
C SER J 10 21.42 -20.27 36.43
N ILE J 11 21.67 -19.49 37.48
CA ILE J 11 20.79 -18.36 37.77
C ILE J 11 20.97 -17.29 36.70
N ILE J 12 22.23 -17.05 36.29
CA ILE J 12 22.49 -16.12 35.20
C ILE J 12 21.91 -16.65 33.88
N PHE J 13 21.90 -17.98 33.72
CA PHE J 13 21.29 -18.63 32.57
C PHE J 13 19.78 -18.35 32.49
N VAL J 14 19.07 -18.53 33.61
CA VAL J 14 17.63 -18.28 33.59
C VAL J 14 17.35 -16.78 33.51
N MET J 15 18.25 -15.93 34.01
CA MET J 15 18.06 -14.49 33.84
C MET J 15 18.21 -14.08 32.38
N GLY J 16 19.14 -14.72 31.65
CA GLY J 16 19.20 -14.52 30.22
C GLY J 16 17.95 -14.99 29.50
N PHE J 17 17.39 -16.12 29.94
CA PHE J 17 16.13 -16.62 29.38
C PHE J 17 14.96 -15.70 29.67
N VAL J 18 14.93 -15.07 30.84
CA VAL J 18 13.95 -14.02 31.11
C VAL J 18 14.22 -12.81 30.23
N GLY J 19 15.50 -12.58 29.90
CA GLY J 19 15.86 -11.46 29.03
C GLY J 19 15.31 -11.58 27.63
N PHE J 20 15.45 -12.74 27.01
CA PHE J 20 14.96 -12.86 25.64
C PHE J 20 13.60 -13.54 25.54
N SER J 21 13.01 -13.98 26.65
CA SER J 21 11.66 -14.54 26.60
C SER J 21 10.60 -13.45 26.72
N SER J 22 10.91 -12.36 27.40
CA SER J 22 10.00 -11.21 27.45
C SER J 22 9.88 -10.51 26.10
N LYS J 23 10.82 -10.76 25.20
CA LYS J 23 10.90 -10.28 23.82
C LYS J 23 10.80 -8.76 23.69
N PRO J 24 11.81 -7.99 24.12
CA PRO J 24 11.76 -6.55 23.86
C PRO J 24 11.98 -6.22 22.38
N SER J 25 13.05 -6.74 21.82
CA SER J 25 13.51 -6.52 20.47
C SER J 25 14.54 -7.60 20.21
N PRO J 26 14.67 -8.10 18.98
CA PRO J 26 15.62 -9.19 18.72
C PRO J 26 17.08 -8.78 18.81
N ILE J 27 17.38 -7.49 18.86
CA ILE J 27 18.74 -7.06 19.23
C ILE J 27 19.02 -7.46 20.67
N TYR J 28 18.16 -7.03 21.59
CA TYR J 28 18.31 -7.37 22.99
C TYR J 28 17.92 -8.81 23.27
N GLY J 29 17.09 -9.40 22.41
CA GLY J 29 16.88 -10.83 22.45
C GLY J 29 18.16 -11.59 22.16
N GLY J 30 18.91 -11.14 21.14
CA GLY J 30 20.20 -11.72 20.87
C GLY J 30 21.21 -11.46 21.97
N LEU J 31 21.14 -10.29 22.61
CA LEU J 31 21.97 -9.99 23.77
C LEU J 31 21.75 -10.98 24.90
N GLY J 32 20.50 -11.15 25.31
CA GLY J 32 20.18 -12.08 26.38
C GLY J 32 20.46 -13.52 26.02
N LEU J 33 20.29 -13.89 24.74
CA LEU J 33 20.58 -15.27 24.37
C LEU J 33 22.08 -15.54 24.25
N ILE J 34 22.88 -14.53 23.92
CA ILE J 34 24.33 -14.70 23.97
C ILE J 34 24.80 -14.81 25.41
N VAL J 35 24.20 -14.03 26.33
CA VAL J 35 24.54 -14.14 27.75
C VAL J 35 24.19 -15.53 28.28
N SER J 36 22.99 -16.03 27.94
CA SER J 36 22.59 -17.35 28.40
C SER J 36 23.41 -18.46 27.74
N GLY J 37 23.74 -18.30 26.46
CA GLY J 37 24.57 -19.31 25.80
C GLY J 37 26.03 -19.25 26.20
N GLY J 38 26.45 -18.15 26.82
CA GLY J 38 27.80 -18.03 27.30
C GLY J 38 27.96 -18.45 28.75
N VAL J 39 26.85 -18.50 29.48
CA VAL J 39 26.91 -19.13 30.80
C VAL J 39 26.44 -20.58 30.77
N GLY J 40 25.75 -21.01 29.71
CA GLY J 40 25.43 -22.42 29.57
C GLY J 40 26.66 -23.26 29.29
N CYS J 41 27.64 -22.70 28.59
CA CYS J 41 28.92 -23.35 28.38
C CYS J 41 29.82 -23.26 29.60
N GLY J 42 29.35 -22.70 30.69
CA GLY J 42 30.06 -22.73 31.96
C GLY J 42 29.33 -23.63 32.93
N ILE J 43 28.02 -23.74 32.76
CA ILE J 43 27.24 -24.76 33.45
C ILE J 43 27.70 -26.14 33.02
N VAL J 44 27.78 -26.36 31.70
CA VAL J 44 28.04 -27.70 31.19
C VAL J 44 29.51 -28.04 31.15
N LEU J 45 30.40 -27.07 31.37
CA LEU J 45 31.82 -27.37 31.32
C LEU J 45 32.30 -27.96 32.63
N ASN J 46 31.65 -27.61 33.75
CA ASN J 46 32.02 -28.13 35.06
C ASN J 46 31.60 -29.58 35.27
N PHE J 47 30.90 -30.18 34.31
CA PHE J 47 30.63 -31.61 34.29
C PHE J 47 31.64 -32.36 33.45
N GLY J 48 32.50 -31.64 32.72
CA GLY J 48 33.54 -32.25 31.93
C GLY J 48 33.42 -32.04 30.44
N GLY J 49 32.30 -31.51 29.95
CA GLY J 49 32.09 -31.40 28.52
C GLY J 49 32.56 -30.09 27.96
N SER J 50 33.88 -29.90 27.90
CA SER J 50 34.44 -28.65 27.43
C SER J 50 34.21 -28.45 25.94
N PHE J 51 34.41 -29.51 25.16
CA PHE J 51 34.15 -29.47 23.72
C PHE J 51 32.69 -29.21 23.45
N LEU J 52 31.83 -29.90 24.18
CA LEU J 52 30.40 -29.88 24.00
C LEU J 52 29.76 -28.64 24.62
N GLY J 53 30.54 -27.79 25.27
CA GLY J 53 30.08 -26.48 25.69
C GLY J 53 30.62 -25.39 24.79
N LEU J 54 31.89 -25.52 24.38
CA LEU J 54 32.45 -24.61 23.38
C LEU J 54 31.68 -24.67 22.07
N MET J 55 31.10 -25.82 21.73
CA MET J 55 30.32 -25.87 20.50
C MET J 55 28.96 -25.21 20.63
N VAL J 56 28.26 -25.38 21.75
CA VAL J 56 26.98 -24.68 21.89
C VAL J 56 27.20 -23.19 22.08
N PHE J 57 28.39 -22.79 22.52
CA PHE J 57 28.74 -21.39 22.50
C PHE J 57 28.94 -20.89 21.08
N LEU J 58 29.74 -21.63 20.28
CA LEU J 58 30.16 -21.15 18.96
C LEU J 58 29.01 -21.14 17.95
N ILE J 59 28.19 -22.21 17.95
CA ILE J 59 27.06 -22.31 17.04
C ILE J 59 26.05 -21.21 17.31
N TYR J 60 25.79 -20.92 18.58
CA TYR J 60 24.85 -19.87 18.90
C TYR J 60 25.44 -18.48 18.74
N LEU J 61 26.78 -18.32 18.75
CA LEU J 61 27.36 -17.04 18.35
C LEU J 61 27.12 -16.78 16.88
N GLY J 62 27.38 -17.78 16.03
CA GLY J 62 27.05 -17.65 14.61
C GLY J 62 25.57 -17.42 14.38
N GLY J 63 24.73 -18.08 15.17
CA GLY J 63 23.29 -17.92 15.07
C GLY J 63 22.83 -16.53 15.42
N MET J 64 23.35 -15.97 16.51
CA MET J 64 22.92 -14.63 16.90
C MET J 64 23.50 -13.57 16.00
N MET J 65 24.65 -13.83 15.38
CA MET J 65 25.17 -12.87 14.41
C MET J 65 24.29 -12.83 13.16
N VAL J 66 23.84 -14.00 12.70
CA VAL J 66 22.93 -14.03 11.55
C VAL J 66 21.56 -13.44 11.91
N VAL J 67 21.04 -13.76 13.09
CA VAL J 67 19.76 -13.23 13.52
C VAL J 67 19.84 -11.72 13.75
N PHE J 68 21.01 -11.21 14.18
CA PHE J 68 21.27 -9.76 14.19
C PHE J 68 21.08 -9.16 12.82
N GLY J 69 21.74 -9.74 11.81
CA GLY J 69 21.65 -9.22 10.46
C GLY J 69 20.22 -9.20 9.92
N TYR J 70 19.46 -10.25 10.22
CA TYR J 70 18.08 -10.31 9.74
C TYR J 70 17.17 -9.34 10.48
N THR J 71 17.30 -9.23 11.80
CA THR J 71 16.45 -8.28 12.51
C THR J 71 16.87 -6.84 12.31
N THR J 72 18.08 -6.60 11.80
CA THR J 72 18.40 -5.25 11.37
C THR J 72 17.86 -4.99 9.98
N ALA J 73 17.72 -6.04 9.17
CA ALA J 73 17.21 -5.85 7.83
C ALA J 73 15.71 -6.08 7.70
N MET J 74 15.11 -6.96 8.51
CA MET J 74 13.69 -7.24 8.39
C MET J 74 12.90 -6.81 9.62
N ALA J 75 13.24 -7.31 10.80
CA ALA J 75 12.46 -7.07 12.01
C ALA J 75 12.94 -5.79 12.71
N THR J 76 12.75 -4.67 12.04
CA THR J 76 13.23 -3.38 12.53
C THR J 76 12.07 -2.40 12.57
N GLU J 77 11.93 -1.71 13.70
CA GLU J 77 10.98 -0.62 13.87
C GLU J 77 11.75 0.67 14.12
N GLN J 78 11.02 1.76 14.29
CA GLN J 78 11.67 3.06 14.46
C GLN J 78 12.28 3.20 15.85
N TYR J 79 11.52 2.87 16.90
CA TYR J 79 12.01 2.97 18.27
C TYR J 79 12.10 1.57 18.85
N PRO J 80 13.28 0.94 18.85
CA PRO J 80 13.40 -0.40 19.41
C PRO J 80 13.24 -0.42 20.92
N GLU J 81 12.67 -1.51 21.42
CA GLU J 81 12.37 -1.66 22.84
C GLU J 81 13.55 -2.31 23.54
N VAL J 82 14.06 -1.66 24.59
CA VAL J 82 15.30 -2.14 25.19
C VAL J 82 15.00 -3.21 26.22
N TRP J 83 14.39 -2.81 27.33
CA TRP J 83 13.46 -3.62 28.12
C TRP J 83 12.33 -2.80 28.68
N VAL J 84 12.43 -1.47 28.65
CA VAL J 84 11.56 -0.57 29.40
C VAL J 84 10.73 0.31 28.49
N SER J 85 10.89 0.18 27.17
CA SER J 85 10.11 1.01 26.25
C SER J 85 8.65 0.60 26.25
N ASN J 86 8.37 -0.67 26.49
CA ASN J 86 7.01 -1.17 26.60
C ASN J 86 6.82 -1.71 28.01
N LYS J 87 5.64 -1.46 28.59
CA LYS J 87 5.36 -1.99 29.92
C LYS J 87 5.07 -3.48 29.88
N VAL J 88 4.63 -4.01 28.72
CA VAL J 88 4.38 -5.44 28.64
C VAL J 88 5.67 -6.22 28.54
N VAL J 89 6.78 -5.56 28.20
CA VAL J 89 8.09 -6.20 28.29
C VAL J 89 8.60 -6.16 29.72
N LEU J 90 8.57 -4.96 30.31
CA LEU J 90 9.17 -4.73 31.63
C LEU J 90 8.42 -5.48 32.73
N GLY J 91 7.10 -5.59 32.60
CA GLY J 91 6.32 -6.25 33.63
C GLY J 91 6.63 -7.73 33.72
N THR J 92 6.64 -8.42 32.58
CA THR J 92 6.97 -9.83 32.60
C THR J 92 8.47 -10.08 32.76
N PHE J 93 9.31 -9.08 32.46
CA PHE J 93 10.73 -9.18 32.76
C PHE J 93 10.97 -9.18 34.26
N ILE J 94 10.41 -8.19 34.96
CA ILE J 94 10.47 -8.13 36.43
C ILE J 94 9.78 -9.33 37.06
N THR J 95 8.70 -9.81 36.45
CA THR J 95 7.96 -10.96 36.97
C THR J 95 8.80 -12.24 36.89
N GLY J 96 9.46 -12.46 35.74
CA GLY J 96 10.34 -13.62 35.62
C GLY J 96 11.54 -13.55 36.54
N LEU J 97 12.11 -12.35 36.71
CA LEU J 97 13.23 -12.20 37.63
C LEU J 97 12.83 -12.45 39.07
N LEU J 98 11.69 -11.89 39.50
CA LEU J 98 11.28 -12.06 40.89
C LEU J 98 10.85 -13.49 41.16
N MET J 99 10.28 -14.18 40.17
CA MET J 99 9.90 -15.57 40.37
C MET J 99 11.11 -16.49 40.37
N GLU J 100 12.15 -16.15 39.58
CA GLU J 100 13.39 -16.93 39.63
C GLU J 100 14.11 -16.76 40.95
N PHE J 101 14.25 -15.53 41.44
CA PHE J 101 14.85 -15.36 42.77
C PHE J 101 13.93 -15.86 43.88
N LEU J 102 12.62 -15.91 43.64
CA LEU J 102 11.70 -16.51 44.59
C LEU J 102 11.93 -18.01 44.72
N MET J 103 12.15 -18.70 43.61
CA MET J 103 12.46 -20.12 43.72
C MET J 103 13.94 -20.38 44.02
N VAL J 104 14.80 -19.36 44.00
CA VAL J 104 16.11 -19.48 44.66
C VAL J 104 15.92 -19.46 46.17
N TYR J 105 15.11 -18.52 46.66
CA TYR J 105 14.86 -18.40 48.09
C TYR J 105 14.16 -19.64 48.64
N TYR J 106 13.22 -20.19 47.88
CA TYR J 106 12.51 -21.38 48.35
C TYR J 106 13.33 -22.66 48.24
N VAL J 107 14.49 -22.64 47.60
CA VAL J 107 15.32 -23.83 47.54
C VAL J 107 16.58 -23.70 48.41
N LEU J 108 17.03 -22.49 48.75
CA LEU J 108 18.13 -22.37 49.68
C LEU J 108 17.68 -22.22 51.13
N LYS J 109 16.40 -22.00 51.39
CA LYS J 109 15.92 -21.97 52.77
C LYS J 109 15.52 -23.38 53.22
N ASP J 110 15.04 -24.22 52.32
CA ASP J 110 14.52 -25.53 52.67
C ASP J 110 15.47 -26.67 52.35
N LYS J 111 16.37 -26.49 51.36
CA LYS J 111 17.29 -27.45 50.77
C LYS J 111 16.59 -28.56 49.99
N GLU J 112 15.27 -28.44 49.78
CA GLU J 112 14.51 -29.18 48.78
C GLU J 112 13.40 -28.27 48.30
N VAL J 113 12.83 -28.61 47.14
CA VAL J 113 11.71 -27.87 46.58
C VAL J 113 10.95 -28.84 45.68
N GLU J 114 9.72 -28.47 45.30
CA GLU J 114 8.94 -29.36 44.45
C GLU J 114 8.06 -28.52 43.52
N ILE J 115 8.59 -28.26 42.33
CA ILE J 115 7.83 -27.70 41.20
C ILE J 115 8.16 -28.64 40.06
N VAL J 116 7.18 -28.97 39.23
CA VAL J 116 6.59 -30.31 39.15
C VAL J 116 7.45 -31.42 39.73
N PHE J 117 8.70 -31.53 39.34
CA PHE J 117 9.53 -32.53 39.97
C PHE J 117 10.01 -32.07 41.34
N LYS J 118 10.61 -33.02 42.06
CA LYS J 118 11.22 -32.79 43.36
C LYS J 118 12.71 -32.54 43.17
N PHE J 119 13.20 -31.40 43.65
CA PHE J 119 14.59 -31.01 43.44
C PHE J 119 15.30 -30.89 44.78
N ASN J 120 16.56 -31.32 44.78
CA ASN J 120 17.45 -31.12 45.92
C ASN J 120 17.84 -29.64 46.00
N GLY J 121 18.37 -29.25 47.17
CA GLY J 121 18.85 -27.89 47.34
C GLY J 121 20.34 -27.81 47.59
N MET J 122 20.99 -28.94 47.86
CA MET J 122 22.44 -28.97 47.93
C MET J 122 23.03 -28.75 46.54
N GLY J 123 24.26 -28.25 46.53
CA GLY J 123 24.92 -27.95 45.27
C GLY J 123 25.24 -29.22 44.50
N ASP J 124 25.21 -29.11 43.18
CA ASP J 124 25.32 -30.27 42.30
C ASP J 124 26.73 -30.82 42.18
N TRP J 125 27.66 -30.36 43.00
CA TRP J 125 28.97 -31.00 43.09
C TRP J 125 28.89 -32.38 43.71
N VAL J 126 27.84 -32.64 44.50
CA VAL J 126 27.76 -33.88 45.27
C VAL J 126 27.58 -35.10 44.40
N ILE J 127 27.08 -34.94 43.18
CA ILE J 127 26.68 -36.07 42.35
C ILE J 127 27.73 -36.44 41.33
N TYR J 128 28.94 -35.92 41.44
CA TYR J 128 29.94 -36.26 40.45
C TYR J 128 30.51 -37.65 40.74
N ASP J 129 31.21 -38.20 39.75
CA ASP J 129 31.90 -39.46 39.95
C ASP J 129 33.25 -39.20 40.61
N THR J 130 33.75 -40.24 41.27
CA THR J 130 35.00 -40.15 42.02
C THR J 130 36.16 -40.80 41.30
N GLY J 131 36.07 -40.97 39.98
CA GLY J 131 37.09 -41.64 39.21
C GLY J 131 37.66 -40.75 38.12
N ASP J 132 38.81 -41.18 37.60
CA ASP J 132 39.48 -40.49 36.51
C ASP J 132 39.33 -41.28 35.22
N SER J 133 39.25 -40.55 34.10
CA SER J 133 38.90 -41.14 32.81
C SER J 133 40.14 -41.49 31.99
N GLY J 134 41.28 -41.71 32.63
CA GLY J 134 42.46 -42.11 31.90
C GLY J 134 43.08 -41.01 31.07
N PHE J 135 43.54 -41.35 29.86
CA PHE J 135 44.13 -40.39 28.95
C PHE J 135 43.15 -39.87 27.90
N PHE J 136 41.88 -39.75 28.27
CA PHE J 136 40.86 -39.23 27.38
C PHE J 136 39.75 -38.62 28.21
N SER J 137 39.18 -37.53 27.73
CA SER J 137 37.90 -37.08 28.24
C SER J 137 36.82 -37.87 27.51
N GLU J 138 35.88 -38.42 28.27
CA GLU J 138 34.96 -39.41 27.72
C GLU J 138 33.97 -38.80 26.74
N GLU J 139 33.64 -37.52 26.93
CA GLU J 139 32.77 -36.85 25.96
C GLU J 139 33.47 -36.67 24.63
N ALA J 140 34.80 -36.51 24.63
CA ALA J 140 35.52 -36.41 23.36
C ALA J 140 35.52 -37.73 22.61
N MET J 141 35.67 -38.85 23.33
CA MET J 141 35.59 -40.16 22.68
C MET J 141 34.18 -40.45 22.19
N GLY J 142 33.17 -40.03 22.94
CA GLY J 142 31.80 -40.24 22.52
C GLY J 142 31.41 -39.44 21.29
N ILE J 143 31.86 -38.19 21.22
CA ILE J 143 31.61 -37.40 20.02
C ILE J 143 32.52 -37.82 18.86
N ALA J 144 33.69 -38.41 19.15
CA ALA J 144 34.51 -38.99 18.10
C ALA J 144 33.92 -40.28 17.55
N ALA J 145 33.08 -40.96 18.33
CA ALA J 145 32.38 -42.15 17.84
C ALA J 145 31.27 -41.84 16.84
N LEU J 146 31.02 -40.57 16.54
CA LEU J 146 30.02 -40.17 15.55
C LEU J 146 30.37 -40.66 14.15
N TYR J 147 31.65 -40.94 13.88
CA TYR J 147 32.08 -41.44 12.58
C TYR J 147 32.21 -42.96 12.54
N SER J 148 32.82 -43.55 13.56
CA SER J 148 33.03 -45.00 13.56
C SER J 148 31.73 -45.74 13.86
N TYR J 149 30.95 -45.27 14.82
CA TYR J 149 29.70 -45.95 15.18
C TYR J 149 28.49 -45.34 14.52
N GLY J 150 28.36 -44.03 14.54
CA GLY J 150 27.15 -43.38 14.08
C GLY J 150 27.10 -43.12 12.59
N THR J 151 27.12 -44.20 11.80
CA THR J 151 27.08 -44.04 10.34
C THR J 151 25.70 -43.59 9.89
N TRP J 152 24.65 -44.25 10.39
CA TRP J 152 23.29 -43.89 10.04
C TRP J 152 22.93 -42.49 10.52
N LEU J 153 23.44 -42.11 11.68
CA LEU J 153 23.21 -40.77 12.22
C LEU J 153 23.87 -39.72 11.35
N VAL J 154 25.10 -40.00 10.89
CA VAL J 154 25.80 -39.16 9.92
C VAL J 154 25.00 -39.03 8.62
N ILE J 155 24.47 -40.15 8.13
CA ILE J 155 23.76 -40.16 6.85
C ILE J 155 22.49 -39.32 6.94
N VAL J 156 21.72 -39.48 8.01
CA VAL J 156 20.47 -38.72 8.10
C VAL J 156 20.72 -37.26 8.41
N THR J 157 21.80 -36.95 9.16
CA THR J 157 22.08 -35.55 9.47
C THR J 157 22.62 -34.80 8.26
N GLY J 158 23.53 -35.43 7.51
CA GLY J 158 24.02 -34.81 6.29
C GLY J 158 22.97 -34.71 5.21
N TRP J 159 22.07 -35.69 5.12
CA TRP J 159 20.98 -35.59 4.15
C TRP J 159 20.01 -34.49 4.54
N SER J 160 19.73 -34.33 5.85
CA SER J 160 18.88 -33.24 6.31
C SER J 160 19.52 -31.88 6.03
N LEU J 161 20.83 -31.77 6.17
CA LEU J 161 21.49 -30.49 5.90
C LEU J 161 21.51 -30.17 4.42
N LEU J 162 21.76 -31.19 3.58
CA LEU J 162 21.72 -31.01 2.13
C LEU J 162 20.34 -30.57 1.66
N ILE J 163 19.28 -31.30 2.08
CA ILE J 163 17.96 -30.88 1.64
C ILE J 163 17.52 -29.64 2.40
N GLY J 164 18.14 -29.29 3.53
CA GLY J 164 17.80 -28.03 4.16
C GLY J 164 18.28 -26.85 3.34
N VAL J 165 19.46 -26.97 2.75
CA VAL J 165 19.92 -25.95 1.80
C VAL J 165 19.03 -25.93 0.57
N VAL J 166 18.63 -27.12 0.08
CA VAL J 166 17.74 -27.20 -1.09
C VAL J 166 16.38 -26.58 -0.79
N VAL J 167 15.82 -26.88 0.39
CA VAL J 167 14.54 -26.35 0.85
C VAL J 167 14.60 -24.83 0.98
N ILE J 168 15.67 -24.31 1.58
CA ILE J 168 15.77 -22.87 1.80
C ILE J 168 15.97 -22.12 0.49
N MET J 169 16.65 -22.73 -0.48
CA MET J 169 16.74 -22.05 -1.76
C MET J 169 15.46 -22.15 -2.57
N GLU J 170 14.67 -23.22 -2.39
CA GLU J 170 13.38 -23.30 -3.10
C GLU J 170 12.33 -22.39 -2.49
N ILE J 171 12.38 -22.15 -1.18
CA ILE J 171 11.45 -21.23 -0.55
C ILE J 171 11.75 -19.80 -0.97
N THR J 172 13.00 -19.38 -0.86
CA THR J 172 13.40 -18.00 -1.11
C THR J 172 13.67 -17.74 -2.60
N ARG J 173 12.75 -18.18 -3.45
CA ARG J 173 12.85 -17.99 -4.89
C ARG J 173 11.69 -17.19 -5.44
N GLY J 174 10.46 -17.52 -5.06
CA GLY J 174 9.27 -16.80 -5.50
C GLY J 174 8.74 -17.20 -6.85
N ASN J 175 9.51 -17.92 -7.66
CA ASN J 175 9.09 -18.29 -9.00
C ASN J 175 9.78 -19.56 -9.48
N SER K 2 18.77 -33.42 41.22
CA SER K 2 19.79 -32.41 41.54
C SER K 2 19.31 -30.98 41.38
N LEU K 3 20.07 -30.05 41.97
CA LEU K 3 19.66 -28.66 42.06
C LEU K 3 19.68 -27.96 40.70
N VAL K 4 20.64 -28.30 39.85
CA VAL K 4 20.81 -27.55 38.60
C VAL K 4 19.69 -27.87 37.61
N TYR K 5 19.07 -29.05 37.73
CA TYR K 5 18.00 -29.40 36.81
C TYR K 5 16.77 -28.56 37.05
N MET K 6 16.60 -28.04 38.27
CA MET K 6 15.54 -27.09 38.57
C MET K 6 15.63 -25.87 37.67
N ASN K 7 16.80 -25.23 37.62
CA ASN K 7 16.93 -24.02 36.83
C ASN K 7 16.97 -24.32 35.34
N ILE K 8 17.48 -25.48 34.93
CA ILE K 8 17.52 -25.74 33.48
C ILE K 8 16.12 -26.05 32.95
N MET K 9 15.32 -26.82 33.71
CA MET K 9 13.92 -27.03 33.33
C MET K 9 13.11 -25.75 33.47
N MET K 10 13.48 -24.89 34.43
CA MET K 10 12.83 -23.60 34.55
C MET K 10 13.15 -22.70 33.36
N ALA K 11 14.37 -22.79 32.84
CA ALA K 11 14.73 -22.03 31.65
C ALA K 11 14.01 -22.56 30.42
N PHE K 12 13.78 -23.88 30.35
CA PHE K 12 12.94 -24.43 29.30
C PHE K 12 11.51 -23.88 29.38
N THR K 13 10.94 -23.82 30.59
CA THR K 13 9.58 -23.31 30.72
C THR K 13 9.50 -21.81 30.43
N VAL K 14 10.55 -21.06 30.78
CA VAL K 14 10.56 -19.63 30.50
C VAL K 14 10.67 -19.37 29.00
N SER K 15 11.52 -20.11 28.30
CA SER K 15 11.58 -19.99 26.84
C SER K 15 10.34 -20.53 26.15
N LEU K 16 9.70 -21.54 26.77
CA LEU K 16 8.42 -22.04 26.28
C LEU K 16 7.37 -20.95 26.30
N THR K 17 7.12 -20.36 27.48
CA THR K 17 6.12 -19.30 27.58
C THR K 17 6.53 -18.02 26.86
N GLY K 18 7.83 -17.83 26.60
CA GLY K 18 8.23 -16.75 25.71
C GLY K 18 7.88 -17.05 24.27
N LEU K 19 8.02 -18.30 23.86
CA LEU K 19 7.57 -18.70 22.52
C LEU K 19 6.06 -18.70 22.43
N LEU K 20 5.39 -19.15 23.48
CA LEU K 20 3.99 -19.49 23.41
C LEU K 20 3.08 -18.29 23.65
N MET K 21 3.66 -17.10 23.81
CA MET K 21 2.90 -15.85 23.96
C MET K 21 3.56 -14.83 23.02
N TYR K 22 2.94 -14.58 21.89
CA TYR K 22 3.52 -13.71 20.87
C TYR K 22 3.38 -12.24 21.23
N ARG K 23 4.28 -11.43 20.69
CA ARG K 23 4.25 -9.98 20.85
C ARG K 23 4.24 -9.27 19.51
N SER K 24 3.43 -9.77 18.57
CA SER K 24 3.21 -9.18 17.24
C SER K 24 4.53 -9.06 16.46
N HIS K 25 5.42 -10.04 16.64
CA HIS K 25 6.80 -9.87 16.21
C HIS K 25 7.42 -11.26 16.12
N LEU K 26 7.88 -11.64 14.93
CA LEU K 26 8.17 -13.04 14.66
C LEU K 26 9.60 -13.44 14.94
N MET K 27 10.57 -12.54 14.72
CA MET K 27 11.97 -12.83 15.00
C MET K 27 12.19 -13.04 16.49
N SER K 28 11.43 -12.33 17.32
CA SER K 28 11.55 -12.49 18.76
C SER K 28 11.01 -13.83 19.25
N SER K 29 10.18 -14.50 18.47
CA SER K 29 9.73 -15.85 18.83
C SER K 29 10.58 -16.94 18.18
N LEU K 30 11.18 -16.65 17.02
CA LEU K 30 12.21 -17.55 16.50
C LEU K 30 13.40 -17.62 17.46
N LEU K 31 13.73 -16.49 18.09
CA LEU K 31 14.71 -16.50 19.17
C LEU K 31 14.27 -17.37 20.33
N CYS K 32 12.99 -17.41 20.63
CA CYS K 32 12.53 -18.26 21.72
C CYS K 32 12.57 -19.73 21.35
N LEU K 33 12.36 -20.06 20.07
CA LEU K 33 12.59 -21.43 19.61
C LEU K 33 14.06 -21.82 19.78
N GLU K 34 14.97 -20.93 19.38
CA GLU K 34 16.39 -21.17 19.57
C GLU K 34 16.77 -21.28 21.05
N GLY K 35 16.08 -20.54 21.91
CA GLY K 35 16.31 -20.68 23.34
C GLY K 35 15.80 -21.98 23.91
N MET K 36 14.65 -22.46 23.40
CA MET K 36 14.16 -23.77 23.80
C MET K 36 15.14 -24.87 23.39
N MET K 37 15.74 -24.75 22.20
CA MET K 37 16.76 -25.70 21.80
C MET K 37 18.01 -25.60 22.66
N LEU K 38 18.36 -24.38 23.10
CA LEU K 38 19.49 -24.21 24.03
C LEU K 38 19.23 -24.91 25.35
N SER K 39 18.02 -24.74 25.90
CA SER K 39 17.71 -25.35 27.19
C SER K 39 17.66 -26.87 27.09
N LEU K 40 17.13 -27.39 25.97
CA LEU K 40 17.13 -28.84 25.76
C LEU K 40 18.55 -29.38 25.63
N PHE K 41 19.42 -28.63 24.95
CA PHE K 41 20.85 -28.98 24.86
C PHE K 41 21.46 -29.09 26.24
N ILE K 42 21.30 -28.04 27.06
CA ILE K 42 21.96 -28.00 28.36
C ILE K 42 21.43 -29.08 29.27
N LEU K 43 20.12 -29.34 29.22
CA LEU K 43 19.51 -30.34 30.10
C LEU K 43 19.96 -31.76 29.72
N ALA K 44 19.89 -32.10 28.43
CA ALA K 44 20.31 -33.42 27.99
C ALA K 44 21.80 -33.63 28.16
N THR K 45 22.59 -32.57 28.01
CA THR K 45 24.03 -32.73 28.13
C THR K 45 24.45 -32.85 29.57
N LEU K 46 23.77 -32.14 30.48
CA LEU K 46 23.97 -32.35 31.91
C LEU K 46 23.65 -33.78 32.31
N MET K 47 22.55 -34.34 31.79
CA MET K 47 22.21 -35.72 32.15
C MET K 47 23.19 -36.74 31.56
N ILE K 48 23.65 -36.51 30.32
CA ILE K 48 24.54 -37.45 29.66
C ILE K 48 25.94 -37.41 30.28
N LEU K 49 26.44 -36.21 30.59
CA LEU K 49 27.71 -36.11 31.30
C LEU K 49 27.60 -36.56 32.75
N ASN K 50 26.41 -36.48 33.34
CA ASN K 50 26.20 -37.00 34.67
C ASN K 50 26.26 -38.51 34.69
N SER K 51 25.64 -39.16 33.71
CA SER K 51 25.58 -40.61 33.69
C SER K 51 26.91 -41.26 33.34
N HIS K 52 27.84 -40.49 32.76
CA HIS K 52 29.00 -41.01 32.02
C HIS K 52 28.58 -42.00 30.94
N PHE K 53 27.41 -41.77 30.34
CA PHE K 53 26.98 -42.54 29.17
C PHE K 53 27.55 -41.82 27.96
N THR K 54 28.76 -42.22 27.59
CA THR K 54 29.59 -41.42 26.70
C THR K 54 29.10 -41.47 25.27
N LEU K 55 28.41 -42.56 24.88
CA LEU K 55 28.13 -42.79 23.47
C LEU K 55 27.03 -41.87 22.95
N ALA K 56 26.15 -41.41 23.83
CA ALA K 56 25.18 -40.39 23.46
C ALA K 56 25.72 -38.98 23.67
N SER K 57 27.02 -38.83 23.90
CA SER K 57 27.60 -37.49 23.91
C SER K 57 27.60 -36.86 22.52
N MET K 58 27.53 -37.68 21.46
CA MET K 58 27.27 -37.17 20.13
C MET K 58 25.82 -36.79 19.94
N MET K 59 24.93 -37.20 20.84
CA MET K 59 23.51 -36.87 20.73
C MET K 59 23.21 -35.36 20.81
N PRO K 60 23.77 -34.57 21.74
CA PRO K 60 23.41 -33.14 21.72
C PRO K 60 23.91 -32.39 20.50
N ILE K 61 25.12 -32.72 19.99
CA ILE K 61 25.66 -32.13 18.76
C ILE K 61 24.67 -32.27 17.61
N ILE K 62 24.23 -33.51 17.37
CA ILE K 62 23.19 -33.79 16.38
C ILE K 62 21.93 -33.00 16.68
N LEU K 63 21.52 -32.98 17.96
CA LEU K 63 20.41 -32.16 18.43
C LEU K 63 20.60 -30.71 18.02
N LEU K 64 21.81 -30.20 18.32
CA LEU K 64 22.14 -28.81 18.04
C LEU K 64 22.06 -28.51 16.55
N VAL K 65 22.46 -29.49 15.73
CA VAL K 65 22.40 -29.34 14.27
C VAL K 65 20.98 -29.07 13.83
N PHE K 66 20.05 -29.93 14.26
CA PHE K 66 18.67 -29.76 13.82
C PHE K 66 18.03 -28.51 14.40
N ALA K 67 18.57 -28.02 15.53
CA ALA K 67 18.22 -26.72 16.06
C ALA K 67 18.34 -25.65 15.00
N ALA K 68 19.58 -25.45 14.53
CA ALA K 68 19.76 -24.45 13.49
C ALA K 68 19.17 -24.92 12.17
N CYS K 69 19.05 -26.24 11.98
CA CYS K 69 18.51 -26.73 10.73
C CYS K 69 17.00 -26.54 10.66
N GLU K 70 16.34 -26.22 11.78
CA GLU K 70 15.01 -25.68 11.62
C GLU K 70 14.98 -24.17 11.75
N ALA K 71 15.92 -23.58 12.51
CA ALA K 71 15.84 -22.16 12.82
C ALA K 71 16.21 -21.33 11.62
N ALA K 72 17.21 -21.77 10.86
CA ALA K 72 17.50 -21.21 9.55
C ALA K 72 16.29 -21.33 8.63
N LEU K 73 15.56 -22.44 8.73
CA LEU K 73 14.29 -22.60 8.01
C LEU K 73 13.32 -21.49 8.38
N GLY K 74 13.23 -21.16 9.68
CA GLY K 74 12.42 -20.04 10.11
C GLY K 74 12.88 -18.74 9.51
N LEU K 75 14.21 -18.56 9.41
CA LEU K 75 14.73 -17.36 8.77
C LEU K 75 14.41 -17.34 7.29
N SER K 76 14.45 -18.51 6.64
CA SER K 76 14.06 -18.55 5.23
C SER K 76 12.56 -18.44 5.08
N LEU K 77 11.82 -18.68 6.16
CA LEU K 77 10.39 -18.43 6.14
C LEU K 77 10.08 -17.04 6.68
N LEU K 78 11.11 -16.33 7.17
CA LEU K 78 10.92 -14.97 7.64
C LEU K 78 10.93 -13.99 6.49
N VAL K 79 11.86 -14.18 5.54
CA VAL K 79 12.03 -13.22 4.44
C VAL K 79 10.82 -13.26 3.52
N MET K 80 10.16 -14.41 3.40
CA MET K 80 8.93 -14.50 2.62
C MET K 80 7.78 -13.78 3.30
N VAL K 81 7.87 -13.57 4.62
CA VAL K 81 6.94 -12.65 5.26
C VAL K 81 7.34 -11.21 4.92
N SER K 82 8.63 -10.92 4.90
CA SER K 82 9.11 -9.56 4.83
C SER K 82 9.35 -9.07 3.41
N ASN K 83 9.25 -9.94 2.42
CA ASN K 83 9.20 -9.48 1.04
C ASN K 83 7.78 -9.20 0.57
N THR K 84 6.80 -9.96 1.08
CA THR K 84 5.41 -9.65 0.78
C THR K 84 4.92 -8.44 1.57
N TYR K 85 5.17 -8.42 2.87
CA TYR K 85 4.72 -7.35 3.74
C TYR K 85 5.88 -6.42 4.06
N GLY K 86 5.56 -5.29 4.68
CA GLY K 86 6.61 -4.36 5.06
C GLY K 86 7.45 -4.88 6.22
N THR K 87 6.81 -5.46 7.22
CA THR K 87 7.47 -6.00 8.41
C THR K 87 7.17 -7.48 8.53
N ASP K 88 7.57 -8.05 9.67
CA ASP K 88 7.28 -9.44 9.99
C ASP K 88 6.20 -9.56 11.08
N TYR K 89 5.29 -8.60 11.13
CA TYR K 89 4.29 -8.57 12.20
C TYR K 89 3.27 -9.68 11.98
N VAL K 90 2.99 -10.44 13.05
CA VAL K 90 2.14 -11.62 12.91
C VAL K 90 0.67 -11.28 12.71
N GLN K 91 0.28 -10.02 12.92
CA GLN K 91 -1.08 -9.62 12.57
C GLN K 91 -1.25 -9.38 11.08
N ASN K 92 -0.16 -9.34 10.31
CA ASN K 92 -0.27 -9.45 8.87
C ASN K 92 -0.47 -10.88 8.41
N LEU K 93 -0.28 -11.85 9.31
CA LEU K 93 -0.55 -13.25 9.02
C LEU K 93 -1.93 -13.64 9.54
N ASN K 94 -2.95 -13.00 8.96
CA ASN K 94 -4.34 -13.30 9.27
C ASN K 94 -5.20 -13.41 8.03
N LEU K 95 -4.59 -13.57 6.86
CA LEU K 95 -5.36 -13.61 5.63
C LEU K 95 -6.06 -14.95 5.44
N LEU K 96 -5.64 -15.98 6.16
CA LEU K 96 -6.33 -17.27 6.17
C LEU K 96 -7.33 -17.35 7.31
N GLN K 97 -8.19 -16.33 7.42
CA GLN K 97 -9.25 -16.33 8.41
C GLN K 97 -10.63 -16.55 7.82
N CYS K 98 -10.79 -16.38 6.51
CA CYS K 98 -12.10 -16.36 5.89
C CYS K 98 -12.72 -17.75 5.80
N ASN L 2 -81.75 -82.18 4.42
CA ASN L 2 -81.06 -81.88 3.17
C ASN L 2 -81.81 -80.92 2.27
N LEU L 3 -83.03 -80.55 2.65
CA LEU L 3 -83.83 -79.56 1.92
C LEU L 3 -83.74 -78.18 2.53
N PHE L 4 -83.82 -78.13 3.87
CA PHE L 4 -83.87 -76.90 4.63
C PHE L 4 -82.60 -76.07 4.44
N SER L 5 -81.45 -76.66 4.82
CA SER L 5 -80.17 -75.98 4.70
C SER L 5 -79.79 -75.72 3.24
N SER L 6 -80.20 -76.61 2.34
CA SER L 6 -79.91 -76.45 0.93
C SER L 6 -80.57 -75.19 0.39
N LEU L 7 -81.88 -75.07 0.55
CA LEU L 7 -82.55 -73.90 0.00
C LEU L 7 -82.24 -72.63 0.79
N THR L 8 -81.83 -72.77 2.06
CA THR L 8 -81.22 -71.66 2.79
C THR L 8 -80.01 -71.08 2.05
N LEU L 9 -79.06 -71.93 1.68
CA LEU L 9 -77.91 -71.41 0.96
C LEU L 9 -78.22 -71.07 -0.49
N VAL L 10 -79.26 -71.69 -1.07
CA VAL L 10 -79.66 -71.36 -2.43
C VAL L 10 -80.22 -69.94 -2.52
N THR L 11 -80.92 -69.50 -1.46
CA THR L 11 -81.39 -68.10 -1.39
C THR L 11 -80.23 -67.11 -1.45
N LEU L 12 -79.19 -67.35 -0.66
CA LEU L 12 -78.05 -66.42 -0.61
C LEU L 12 -77.22 -66.47 -1.90
N ILE L 13 -76.97 -67.67 -2.43
CA ILE L 13 -76.17 -67.76 -3.64
C ILE L 13 -76.94 -67.23 -4.85
N LEU L 14 -78.26 -67.42 -4.87
CA LEU L 14 -79.10 -66.79 -5.89
C LEU L 14 -79.06 -65.28 -5.79
N LEU L 15 -78.96 -64.74 -4.57
CA LEU L 15 -78.79 -63.29 -4.46
C LEU L 15 -77.41 -62.84 -4.91
N THR L 16 -76.38 -63.65 -4.72
CA THR L 16 -75.05 -63.22 -5.14
C THR L 16 -74.79 -63.44 -6.62
N MET L 17 -75.66 -64.18 -7.32
CA MET L 17 -75.48 -64.34 -8.77
C MET L 17 -75.60 -63.06 -9.61
N PRO L 18 -76.55 -62.13 -9.40
CA PRO L 18 -76.56 -60.94 -10.27
C PRO L 18 -75.41 -59.98 -10.04
N ILE L 19 -74.73 -60.05 -8.89
CA ILE L 19 -73.49 -59.30 -8.73
C ILE L 19 -72.42 -59.86 -9.66
N ALA L 20 -72.36 -61.18 -9.77
CA ALA L 20 -71.46 -61.82 -10.72
C ALA L 20 -71.91 -61.57 -12.16
N ALA L 21 -73.19 -61.29 -12.37
CA ALA L 21 -73.66 -60.93 -13.72
C ALA L 21 -73.25 -59.51 -14.09
N ILE L 22 -73.48 -58.56 -13.19
CA ILE L 22 -73.18 -57.16 -13.46
C ILE L 22 -71.67 -56.89 -13.49
N ASN L 23 -70.87 -57.71 -12.80
CA ASN L 23 -69.43 -57.48 -12.85
C ASN L 23 -68.77 -58.08 -14.08
N PHE L 24 -69.44 -58.98 -14.78
CA PHE L 24 -68.85 -59.69 -15.92
C PHE L 24 -69.50 -59.24 -17.22
N ASN L 25 -69.75 -57.95 -17.37
CA ASN L 25 -70.52 -57.44 -18.50
C ASN L 25 -69.64 -56.82 -19.58
N THR L 26 -70.07 -57.00 -20.81
CA THR L 26 -69.59 -56.29 -21.99
C THR L 26 -70.73 -55.59 -22.72
N HIS L 27 -71.86 -56.28 -22.89
CA HIS L 27 -73.01 -55.76 -23.59
C HIS L 27 -73.83 -54.85 -22.67
N LYS L 28 -74.63 -54.00 -23.30
CA LYS L 28 -75.67 -53.27 -22.57
C LYS L 28 -76.78 -54.25 -22.24
N PHE L 29 -77.20 -54.27 -20.97
CA PHE L 29 -78.12 -55.29 -20.49
C PHE L 29 -79.52 -55.16 -21.09
N THR L 30 -80.15 -56.31 -21.27
CA THR L 30 -81.57 -56.40 -21.60
C THR L 30 -82.35 -56.30 -20.29
N ASN L 31 -82.39 -55.07 -19.76
CA ASN L 31 -83.12 -54.68 -18.54
C ASN L 31 -82.65 -55.50 -17.34
N TYR L 32 -81.41 -55.22 -16.96
CA TYR L 32 -80.86 -55.69 -15.69
C TYR L 32 -81.72 -55.43 -14.44
N PRO L 33 -82.45 -54.31 -14.30
CA PRO L 33 -83.41 -54.22 -13.16
C PRO L 33 -84.50 -55.28 -13.16
N LEU L 34 -85.02 -55.64 -14.34
CA LEU L 34 -85.96 -56.75 -14.42
C LEU L 34 -85.32 -58.05 -13.98
N TYR L 35 -84.03 -58.21 -14.30
CA TYR L 35 -83.29 -59.40 -13.92
C TYR L 35 -83.12 -59.49 -12.40
N VAL L 36 -82.79 -58.38 -11.75
CA VAL L 36 -82.62 -58.42 -10.30
C VAL L 36 -83.97 -58.54 -9.59
N LYS L 37 -85.03 -57.95 -10.16
CA LYS L 37 -86.37 -58.09 -9.59
C LYS L 37 -86.84 -59.54 -9.68
N THR L 38 -86.62 -60.19 -10.82
CA THR L 38 -86.97 -61.60 -10.98
C THR L 38 -86.15 -62.47 -10.06
N THR L 39 -84.88 -62.13 -9.86
CA THR L 39 -84.01 -62.89 -8.98
C THR L 39 -84.47 -62.81 -7.53
N ILE L 40 -84.89 -61.63 -7.07
CA ILE L 40 -85.34 -61.52 -5.70
C ILE L 40 -86.75 -62.09 -5.52
N SER L 41 -87.57 -62.08 -6.58
CA SER L 41 -88.84 -62.81 -6.57
C SER L 41 -88.60 -64.29 -6.32
N CYS L 42 -87.73 -64.90 -7.12
CA CYS L 42 -87.49 -66.33 -6.96
C CYS L 42 -86.66 -66.64 -5.72
N ALA L 43 -85.92 -65.67 -5.17
CA ALA L 43 -85.26 -65.87 -3.89
C ALA L 43 -86.27 -65.89 -2.75
N PHE L 44 -87.31 -65.06 -2.84
CA PHE L 44 -88.44 -65.16 -1.92
C PHE L 44 -89.13 -66.51 -2.04
N ILE L 45 -89.34 -66.98 -3.28
CA ILE L 45 -89.97 -68.28 -3.50
C ILE L 45 -89.13 -69.41 -2.92
N THR L 46 -87.80 -69.32 -3.06
CA THR L 46 -86.91 -70.30 -2.48
C THR L 46 -86.94 -70.25 -0.95
N SER L 47 -86.92 -69.05 -0.39
CA SER L 47 -86.90 -68.89 1.06
C SER L 47 -88.21 -69.27 1.73
N MET L 48 -89.31 -69.39 0.96
CA MET L 48 -90.55 -69.82 1.60
C MET L 48 -90.59 -71.30 1.96
N ILE L 49 -89.77 -72.14 1.33
CA ILE L 49 -89.77 -73.58 1.68
C ILE L 49 -89.20 -73.82 3.08
N PRO L 50 -88.02 -73.29 3.49
CA PRO L 50 -87.59 -73.54 4.88
C PRO L 50 -88.48 -72.86 5.91
N THR L 51 -89.14 -71.77 5.54
CA THR L 51 -90.08 -71.12 6.45
C THR L 51 -91.31 -71.98 6.70
N MET L 52 -91.86 -72.59 5.64
CA MET L 52 -93.01 -73.47 5.83
C MET L 52 -92.63 -74.73 6.60
N MET L 53 -91.46 -75.30 6.32
CA MET L 53 -91.09 -76.49 7.10
C MET L 53 -90.53 -76.15 8.46
N PHE L 54 -90.30 -74.87 8.77
CA PHE L 54 -90.13 -74.45 10.15
C PHE L 54 -91.47 -74.30 10.86
N ILE L 55 -92.47 -73.74 10.17
CA ILE L 55 -93.80 -73.59 10.76
C ILE L 55 -94.41 -74.95 11.06
N HIS L 56 -94.08 -75.96 10.25
CA HIS L 56 -94.57 -77.32 10.48
C HIS L 56 -94.04 -77.90 11.79
N THR L 57 -92.73 -78.07 11.92
CA THR L 57 -92.14 -78.65 13.12
C THR L 57 -91.56 -77.63 14.07
N GLY L 58 -90.71 -76.73 13.59
CA GLY L 58 -89.87 -75.92 14.45
C GLY L 58 -88.43 -76.28 14.19
N GLN L 59 -88.14 -76.75 12.98
CA GLN L 59 -86.84 -77.29 12.64
C GLN L 59 -85.83 -76.15 12.50
N GLU L 60 -85.04 -75.95 13.54
CA GLU L 60 -83.94 -75.00 13.53
C GLU L 60 -82.65 -75.74 13.29
N MET L 61 -81.69 -75.07 12.65
CA MET L 61 -80.36 -75.65 12.50
C MET L 61 -79.34 -74.53 12.28
N ILE L 62 -78.09 -74.94 12.09
CA ILE L 62 -76.95 -74.05 11.88
C ILE L 62 -76.09 -74.67 10.80
N ILE L 63 -75.78 -73.90 9.76
CA ILE L 63 -74.87 -74.32 8.71
C ILE L 63 -73.53 -73.68 9.05
N SER L 64 -72.69 -74.39 9.79
CA SER L 64 -71.32 -73.94 10.04
C SER L 64 -70.45 -74.61 8.99
N ASN L 65 -70.51 -74.08 7.77
CA ASN L 65 -70.06 -74.87 6.64
C ASN L 65 -68.59 -74.67 6.28
N TRP L 66 -68.07 -73.46 6.40
CA TRP L 66 -66.72 -73.18 5.92
C TRP L 66 -65.86 -72.69 7.08
N HIS L 67 -64.98 -73.56 7.55
CA HIS L 67 -63.93 -73.16 8.48
C HIS L 67 -63.02 -72.14 7.80
N TRP L 68 -62.91 -70.98 8.40
CA TRP L 68 -62.19 -69.87 7.79
C TRP L 68 -60.89 -69.54 8.49
N LEU L 69 -60.87 -69.49 9.81
CA LEU L 69 -59.68 -69.08 10.53
C LEU L 69 -59.77 -69.67 11.93
N THR L 70 -58.63 -69.77 12.61
CA THR L 70 -58.63 -70.29 13.98
C THR L 70 -57.56 -69.54 14.76
N ILE L 71 -57.98 -68.54 15.53
CA ILE L 71 -57.03 -67.75 16.32
C ILE L 71 -56.95 -68.43 17.67
N GLN L 72 -56.17 -69.52 17.70
CA GLN L 72 -55.59 -70.21 18.87
C GLN L 72 -56.59 -70.80 19.86
N THR L 73 -57.77 -70.21 19.98
CA THR L 73 -58.88 -70.74 20.76
C THR L 73 -60.21 -70.46 20.11
N LEU L 74 -60.28 -69.55 19.15
CA LEU L 74 -61.53 -69.11 18.59
C LEU L 74 -61.55 -69.48 17.11
N LYS L 75 -62.49 -70.33 16.74
CA LYS L 75 -62.63 -70.78 15.35
C LYS L 75 -63.64 -69.88 14.65
N LEU L 76 -63.15 -69.04 13.75
CA LEU L 76 -64.01 -68.26 12.88
C LEU L 76 -64.45 -69.11 11.70
N SER L 77 -65.75 -69.36 11.61
CA SER L 77 -66.31 -70.17 10.56
C SER L 77 -67.51 -69.46 9.96
N LEU L 78 -67.77 -69.75 8.70
CA LEU L 78 -68.97 -69.24 8.03
C LEU L 78 -70.15 -70.01 8.59
N SER L 79 -70.78 -69.43 9.61
CA SER L 79 -71.80 -70.12 10.39
C SER L 79 -73.11 -69.36 10.25
N PHE L 80 -74.08 -69.98 9.59
CA PHE L 80 -75.41 -69.42 9.41
C PHE L 80 -76.37 -70.04 10.41
N LYS L 81 -77.16 -69.21 11.08
CA LYS L 81 -78.07 -69.68 12.11
C LYS L 81 -79.50 -69.57 11.58
N MET L 82 -80.09 -70.70 11.21
CA MET L 82 -81.48 -70.72 10.79
C MET L 82 -82.33 -71.06 12.00
N ASP L 83 -82.83 -70.02 12.65
CA ASP L 83 -83.75 -70.14 13.75
C ASP L 83 -85.06 -69.43 13.38
N PHE L 84 -85.91 -69.25 14.40
CA PHE L 84 -87.18 -68.56 14.25
C PHE L 84 -87.03 -67.16 13.67
N PHE L 85 -86.00 -66.42 14.11
CA PHE L 85 -85.80 -65.04 13.68
C PHE L 85 -85.39 -64.98 12.21
N SER L 86 -84.48 -65.86 11.79
CA SER L 86 -84.11 -65.91 10.38
C SER L 86 -85.28 -66.40 9.52
N MET L 87 -85.96 -67.46 9.97
CA MET L 87 -87.06 -68.04 9.20
C MET L 87 -88.24 -67.10 9.05
N MET L 88 -88.41 -66.14 9.96
CA MET L 88 -89.49 -65.18 9.77
C MET L 88 -89.03 -63.85 9.19
N PHE L 89 -87.75 -63.51 9.26
CA PHE L 89 -87.33 -62.21 8.74
C PHE L 89 -86.80 -62.26 7.32
N VAL L 90 -86.22 -63.38 6.89
CA VAL L 90 -85.76 -63.52 5.51
C VAL L 90 -86.92 -63.43 4.50
N PRO L 91 -88.08 -64.09 4.66
CA PRO L 91 -89.16 -63.86 3.68
C PRO L 91 -89.74 -62.44 3.71
N VAL L 92 -89.81 -61.82 4.89
CA VAL L 92 -90.32 -60.45 4.97
C VAL L 92 -89.38 -59.48 4.28
N ALA L 93 -88.07 -59.62 4.52
CA ALA L 93 -87.09 -58.73 3.89
C ALA L 93 -87.04 -58.94 2.38
N LEU L 94 -87.13 -60.20 1.93
CA LEU L 94 -87.13 -60.46 0.49
C LEU L 94 -88.40 -59.96 -0.18
N PHE L 95 -89.55 -60.10 0.48
CA PHE L 95 -90.81 -59.63 -0.07
C PHE L 95 -90.85 -58.11 -0.18
N VAL L 96 -90.40 -57.42 0.88
CA VAL L 96 -90.32 -55.97 0.86
C VAL L 96 -89.33 -55.49 -0.19
N THR L 97 -88.17 -56.16 -0.31
CA THR L 97 -87.15 -55.76 -1.28
C THR L 97 -87.64 -55.97 -2.71
N TRP L 98 -88.42 -57.02 -2.94
CA TRP L 98 -89.02 -57.27 -4.25
C TRP L 98 -90.05 -56.21 -4.61
N SER L 99 -90.85 -55.79 -3.62
CA SER L 99 -91.79 -54.70 -3.83
C SER L 99 -91.08 -53.39 -4.14
N ILE L 100 -90.02 -53.07 -3.39
CA ILE L 100 -89.26 -51.85 -3.59
C ILE L 100 -88.55 -51.86 -4.94
N MET L 101 -88.12 -53.02 -5.42
CA MET L 101 -87.44 -53.02 -6.72
C MET L 101 -88.41 -52.93 -7.89
N GLU L 102 -89.59 -53.52 -7.78
CA GLU L 102 -90.55 -53.28 -8.87
C GLU L 102 -91.06 -51.83 -8.84
N PHE L 103 -91.12 -51.21 -7.66
CA PHE L 103 -91.31 -49.77 -7.58
C PHE L 103 -90.16 -49.01 -8.23
N SER L 104 -88.94 -49.48 -8.01
CA SER L 104 -87.74 -48.75 -8.41
C SER L 104 -87.49 -48.82 -9.90
N MET L 105 -88.04 -49.83 -10.58
CA MET L 105 -88.02 -49.82 -12.04
C MET L 105 -88.85 -48.66 -12.60
N TRP L 106 -89.85 -48.20 -11.85
CA TRP L 106 -90.67 -47.06 -12.22
C TRP L 106 -90.10 -45.74 -11.73
N TYR L 107 -89.64 -45.69 -10.48
CA TYR L 107 -89.25 -44.42 -9.89
C TYR L 107 -87.94 -43.91 -10.47
N MET L 108 -86.93 -44.76 -10.54
CA MET L 108 -85.59 -44.39 -11.01
C MET L 108 -85.39 -44.75 -12.46
N HIS L 109 -86.45 -44.62 -13.27
CA HIS L 109 -86.35 -44.94 -14.68
C HIS L 109 -85.53 -43.92 -15.46
N SER L 110 -85.62 -42.65 -15.07
CA SER L 110 -84.93 -41.57 -15.78
C SER L 110 -83.43 -41.56 -15.50
N ASP L 111 -82.97 -42.22 -14.45
CA ASP L 111 -81.56 -42.19 -14.08
C ASP L 111 -80.77 -43.07 -15.04
N PRO L 112 -79.70 -42.56 -15.67
CA PRO L 112 -78.86 -43.42 -16.50
C PRO L 112 -77.99 -44.40 -15.73
N ASN L 113 -77.92 -44.31 -14.40
CA ASN L 113 -77.17 -45.24 -13.57
C ASN L 113 -78.11 -46.16 -12.80
N ILE L 114 -79.17 -46.63 -13.46
CA ILE L 114 -80.14 -47.52 -12.83
C ILE L 114 -79.52 -48.88 -12.53
N ASN L 115 -78.55 -49.31 -13.35
CA ASN L 115 -77.87 -50.58 -13.13
C ASN L 115 -77.01 -50.52 -11.87
N GLN L 116 -76.31 -49.40 -11.67
CA GLN L 116 -75.54 -49.20 -10.45
C GLN L 116 -76.44 -49.12 -9.24
N PHE L 117 -77.62 -48.51 -9.39
CA PHE L 117 -78.55 -48.38 -8.26
C PHE L 117 -79.08 -49.73 -7.84
N PHE L 118 -79.46 -50.58 -8.79
CA PHE L 118 -79.91 -51.92 -8.43
C PHE L 118 -78.77 -52.80 -7.94
N LYS L 119 -77.53 -52.57 -8.42
CA LYS L 119 -76.38 -53.27 -7.88
C LYS L 119 -76.16 -52.92 -6.42
N TYR L 120 -76.25 -51.63 -6.09
CA TYR L 120 -76.09 -51.18 -4.71
C TYR L 120 -77.22 -51.69 -3.81
N LEU L 121 -78.45 -51.73 -4.33
CA LEU L 121 -79.57 -52.15 -3.52
C LEU L 121 -79.54 -53.67 -3.30
N LEU L 122 -79.06 -54.43 -4.30
CA LEU L 122 -78.83 -55.85 -4.12
C LEU L 122 -77.71 -56.11 -3.13
N LEU L 123 -76.64 -55.29 -3.16
CA LEU L 123 -75.57 -55.45 -2.19
C LEU L 123 -76.03 -55.12 -0.77
N PHE L 124 -76.95 -54.18 -0.63
CA PHE L 124 -77.55 -53.94 0.67
C PHE L 124 -78.35 -55.15 1.15
N LEU L 125 -79.14 -55.76 0.26
CA LEU L 125 -79.89 -56.94 0.65
C LEU L 125 -78.97 -58.10 1.02
N ILE L 126 -77.85 -58.24 0.30
CA ILE L 126 -76.88 -59.29 0.60
C ILE L 126 -76.26 -59.08 1.96
N THR L 127 -75.83 -57.84 2.27
CA THR L 127 -75.22 -57.59 3.57
C THR L 127 -76.23 -57.68 4.70
N MET L 128 -77.50 -57.37 4.45
CA MET L 128 -78.50 -57.51 5.51
C MET L 128 -78.81 -58.98 5.79
N LEU L 129 -78.89 -59.81 4.76
CA LEU L 129 -79.08 -61.23 5.04
C LEU L 129 -77.81 -61.92 5.50
N ILE L 130 -76.65 -61.29 5.34
CA ILE L 130 -75.49 -61.70 6.13
C ILE L 130 -75.72 -61.36 7.60
N LEU L 131 -76.27 -60.17 7.88
CA LEU L 131 -76.44 -59.71 9.26
C LEU L 131 -77.43 -60.57 10.03
N VAL L 132 -78.59 -60.85 9.44
CA VAL L 132 -79.62 -61.52 10.22
C VAL L 132 -79.38 -63.01 10.38
N THR L 133 -78.61 -63.61 9.48
CA THR L 133 -78.37 -65.04 9.52
C THR L 133 -77.04 -65.40 10.18
N ALA L 134 -76.28 -64.42 10.63
CA ALA L 134 -74.96 -64.68 11.18
C ALA L 134 -75.06 -65.30 12.57
N ASN L 135 -74.24 -66.32 12.80
CA ASN L 135 -74.19 -66.99 14.09
C ASN L 135 -73.05 -66.50 14.97
N ASN L 136 -72.11 -65.74 14.43
CA ASN L 136 -71.03 -65.18 15.23
C ASN L 136 -70.94 -63.68 15.00
N LEU L 137 -70.37 -62.99 15.99
CA LEU L 137 -70.35 -61.53 15.98
C LEU L 137 -69.40 -60.96 14.94
N PHE L 138 -68.48 -61.76 14.40
CA PHE L 138 -67.62 -61.27 13.32
C PHE L 138 -68.42 -61.13 12.03
N GLN L 139 -69.19 -62.17 11.68
CA GLN L 139 -70.02 -62.10 10.47
C GLN L 139 -71.19 -61.16 10.65
N LEU L 140 -71.70 -61.03 11.88
CA LEU L 140 -72.71 -60.02 12.17
C LEU L 140 -72.12 -58.62 12.06
N PHE L 141 -70.84 -58.47 12.41
CA PHE L 141 -70.15 -57.19 12.20
C PHE L 141 -69.93 -56.91 10.72
N ILE L 142 -69.71 -57.98 9.93
CA ILE L 142 -69.59 -57.83 8.48
C ILE L 142 -70.90 -57.32 7.89
N GLY L 143 -72.02 -57.96 8.26
CA GLY L 143 -73.32 -57.47 7.81
C GLY L 143 -73.65 -56.08 8.32
N TRP L 144 -73.19 -55.76 9.53
CA TRP L 144 -73.39 -54.46 10.14
C TRP L 144 -72.71 -53.35 9.33
N GLU L 145 -71.41 -53.51 9.12
CA GLU L 145 -70.64 -52.53 8.36
C GLU L 145 -71.06 -52.51 6.90
N GLY L 146 -71.53 -53.65 6.37
CA GLY L 146 -72.02 -53.68 5.02
C GLY L 146 -73.28 -52.86 4.83
N VAL L 147 -74.25 -53.00 5.74
CA VAL L 147 -75.46 -52.20 5.58
C VAL L 147 -75.19 -50.74 5.88
N GLY L 148 -74.21 -50.44 6.76
CA GLY L 148 -73.85 -49.03 6.97
C GLY L 148 -73.18 -48.40 5.78
N ILE L 149 -72.31 -49.15 5.09
CA ILE L 149 -71.63 -48.60 3.92
C ILE L 149 -72.56 -48.52 2.72
N MET L 150 -73.48 -49.47 2.56
CA MET L 150 -74.45 -49.31 1.48
C MET L 150 -75.44 -48.19 1.79
N SER L 151 -75.70 -47.94 3.08
CA SER L 151 -76.43 -46.74 3.46
C SER L 151 -75.69 -45.47 3.07
N PHE L 152 -74.37 -45.45 3.25
CA PHE L 152 -73.56 -44.32 2.80
C PHE L 152 -73.68 -44.10 1.31
N LEU L 153 -73.44 -45.17 0.53
CA LEU L 153 -73.43 -45.08 -0.92
C LEU L 153 -74.81 -44.81 -1.51
N LEU L 154 -75.87 -45.11 -0.77
CA LEU L 154 -77.22 -44.88 -1.27
C LEU L 154 -77.86 -43.61 -0.76
N ILE L 155 -77.49 -43.11 0.42
CA ILE L 155 -77.86 -41.74 0.78
C ILE L 155 -77.13 -40.75 -0.11
N GLY L 156 -75.82 -40.95 -0.30
CA GLY L 156 -75.09 -40.10 -1.22
C GLY L 156 -75.18 -40.58 -2.65
N TRP L 157 -76.40 -40.85 -3.12
CA TRP L 157 -76.58 -41.31 -4.49
C TRP L 157 -76.37 -40.17 -5.48
N TRP L 158 -77.08 -39.06 -5.32
CA TRP L 158 -76.83 -37.87 -6.12
C TRP L 158 -75.70 -37.10 -5.44
N TYR L 159 -74.47 -37.51 -5.76
CA TYR L 159 -73.27 -37.05 -5.10
C TYR L 159 -72.83 -35.66 -5.51
N GLY L 160 -73.45 -35.06 -6.52
CA GLY L 160 -73.24 -33.64 -6.76
C GLY L 160 -73.86 -32.75 -5.71
N ARG L 161 -74.87 -33.26 -5.00
CA ARG L 161 -75.53 -32.50 -3.96
C ARG L 161 -74.71 -32.56 -2.68
N THR L 162 -74.41 -31.38 -2.12
CA THR L 162 -73.60 -31.30 -0.91
C THR L 162 -74.32 -31.88 0.30
N ASP L 163 -75.65 -31.68 0.35
CA ASP L 163 -76.42 -32.11 1.51
C ASP L 163 -76.53 -33.62 1.59
N ALA L 164 -76.52 -34.31 0.44
CA ALA L 164 -76.59 -35.76 0.44
C ALA L 164 -75.30 -36.38 0.98
N ASN L 165 -74.15 -35.86 0.54
CA ASN L 165 -72.87 -36.33 1.06
C ASN L 165 -72.72 -35.99 2.53
N THR L 166 -73.25 -34.84 2.93
CA THR L 166 -73.23 -34.43 4.34
C THR L 166 -74.04 -35.39 5.21
N ALA L 167 -75.25 -35.73 4.76
CA ALA L 167 -76.09 -36.65 5.50
C ALA L 167 -75.52 -38.07 5.51
N ALA L 168 -74.84 -38.47 4.44
CA ALA L 168 -74.27 -39.81 4.38
C ALA L 168 -73.06 -39.93 5.32
N LEU L 169 -72.20 -38.90 5.36
CA LEU L 169 -71.09 -38.92 6.30
C LEU L 169 -71.59 -38.79 7.74
N GLN L 170 -72.70 -38.08 7.94
CA GLN L 170 -73.35 -38.06 9.25
C GLN L 170 -73.84 -39.44 9.67
N ALA L 171 -74.43 -40.18 8.73
CA ALA L 171 -74.91 -41.53 9.01
C ALA L 171 -73.76 -42.45 9.38
N ILE L 172 -72.65 -42.36 8.65
CA ILE L 172 -71.46 -43.15 8.97
C ILE L 172 -70.91 -42.76 10.34
N LEU L 173 -70.95 -41.46 10.68
CA LEU L 173 -70.47 -40.98 11.97
C LEU L 173 -71.25 -41.59 13.14
N TYR L 174 -72.58 -41.51 13.07
CA TYR L 174 -73.40 -42.08 14.14
C TYR L 174 -73.33 -43.60 14.18
N ASN L 175 -73.17 -44.24 13.03
CA ASN L 175 -73.05 -45.70 13.03
C ASN L 175 -71.73 -46.17 13.64
N ARG L 176 -70.63 -45.43 13.39
CA ARG L 176 -69.38 -45.79 14.04
C ARG L 176 -69.39 -45.49 15.54
N ILE L 177 -70.16 -44.46 15.96
CA ILE L 177 -70.32 -44.23 17.39
C ILE L 177 -71.08 -45.40 18.04
N GLY L 178 -72.05 -45.98 17.32
CA GLY L 178 -72.63 -47.23 17.78
C GLY L 178 -71.65 -48.40 17.73
N ASP L 179 -70.74 -48.39 16.76
CA ASP L 179 -69.76 -49.46 16.62
C ASP L 179 -68.74 -49.46 17.74
N ILE L 180 -68.55 -48.31 18.41
CA ILE L 180 -67.75 -48.28 19.64
C ILE L 180 -68.28 -49.28 20.64
N GLY L 181 -69.57 -49.18 20.96
CA GLY L 181 -70.19 -50.12 21.88
C GLY L 181 -70.30 -51.52 21.33
N PHE L 182 -70.42 -51.65 20.00
CA PHE L 182 -70.52 -52.99 19.43
C PHE L 182 -69.19 -53.75 19.57
N ILE L 183 -68.07 -53.09 19.25
CA ILE L 183 -66.78 -53.75 19.41
C ILE L 183 -66.40 -53.86 20.88
N LEU L 184 -66.95 -52.99 21.74
CA LEU L 184 -66.88 -53.20 23.19
C LEU L 184 -67.54 -54.51 23.59
N ALA L 185 -68.71 -54.81 23.02
CA ALA L 185 -69.39 -56.07 23.31
C ALA L 185 -68.58 -57.26 22.81
N MET L 186 -68.06 -57.17 21.58
CA MET L 186 -67.24 -58.26 21.03
C MET L 186 -65.99 -58.48 21.85
N ALA L 187 -65.40 -57.40 22.37
CA ALA L 187 -64.21 -57.51 23.21
C ALA L 187 -64.54 -58.14 24.54
N TRP L 188 -65.70 -57.81 25.12
CA TRP L 188 -66.09 -58.42 26.39
C TRP L 188 -66.36 -59.92 26.21
N PHE L 189 -67.04 -60.30 25.11
CA PHE L 189 -67.34 -61.70 24.92
C PHE L 189 -66.09 -62.52 24.62
N LEU L 190 -65.12 -61.95 23.90
CA LEU L 190 -63.89 -62.71 23.66
C LEU L 190 -63.04 -62.82 24.92
N ILE L 191 -62.94 -61.74 25.71
CA ILE L 191 -62.07 -61.80 26.88
C ILE L 191 -62.68 -62.67 27.97
N ASN L 192 -63.98 -62.51 28.25
CA ASN L 192 -64.55 -63.22 29.39
C ASN L 192 -65.32 -64.49 29.02
N LEU L 193 -65.53 -64.78 27.73
CA LEU L 193 -66.23 -66.00 27.34
C LEU L 193 -65.51 -66.83 26.30
N ASN L 194 -64.44 -66.30 25.69
CA ASN L 194 -63.64 -66.98 24.66
C ASN L 194 -64.50 -67.38 23.45
N THR L 195 -65.45 -66.54 23.08
CA THR L 195 -66.30 -66.89 21.95
C THR L 195 -66.89 -65.65 21.32
N TRP L 196 -67.16 -65.77 20.02
CA TRP L 196 -68.05 -64.89 19.28
C TRP L 196 -69.29 -65.63 18.82
N ASP L 197 -69.30 -66.95 18.89
CA ASP L 197 -70.47 -67.73 18.52
C ASP L 197 -71.58 -67.53 19.54
N LEU L 198 -72.82 -67.44 19.05
CA LEU L 198 -73.96 -67.19 19.92
C LEU L 198 -74.30 -68.38 20.80
N GLN L 199 -73.89 -69.58 20.40
CA GLN L 199 -74.25 -70.79 21.14
C GLN L 199 -73.55 -70.83 22.49
N GLN L 200 -72.24 -70.63 22.48
CA GLN L 200 -71.47 -70.64 23.72
C GLN L 200 -71.79 -69.43 24.58
N ILE L 201 -72.11 -68.29 23.95
CA ILE L 201 -72.55 -67.10 24.68
C ILE L 201 -73.86 -67.39 25.43
N PHE L 202 -74.79 -68.08 24.78
CA PHE L 202 -76.04 -68.42 25.44
C PHE L 202 -75.85 -69.51 26.47
N MET L 203 -74.90 -70.41 26.25
CA MET L 203 -74.73 -71.56 27.14
C MET L 203 -74.04 -71.18 28.44
N LEU L 204 -73.01 -70.32 28.37
CA LEU L 204 -72.26 -69.97 29.58
C LEU L 204 -73.11 -69.13 30.52
N ASN L 205 -73.99 -68.27 29.98
CA ASN L 205 -74.94 -67.40 30.68
C ASN L 205 -74.26 -66.56 31.75
N PRO L 206 -73.50 -65.53 31.36
CA PRO L 206 -72.74 -64.76 32.36
C PRO L 206 -73.65 -63.89 33.21
N ASN L 207 -73.28 -63.75 34.47
CA ASN L 207 -74.11 -63.04 35.44
C ASN L 207 -73.70 -61.59 35.60
N ASP L 208 -72.42 -61.27 35.36
CA ASP L 208 -71.92 -59.89 35.39
C ASP L 208 -71.98 -59.25 34.00
N SER L 209 -73.17 -59.26 33.41
CA SER L 209 -73.38 -58.89 32.01
C SER L 209 -73.90 -57.47 31.85
N ASN L 210 -73.46 -56.53 32.70
CA ASN L 210 -73.89 -55.16 32.54
C ASN L 210 -73.16 -54.49 31.39
N LEU L 211 -71.83 -54.68 31.32
CA LEU L 211 -71.02 -54.00 30.32
C LEU L 211 -71.28 -54.43 28.87
N PRO L 212 -71.37 -55.72 28.51
CA PRO L 212 -71.68 -56.02 27.10
C PRO L 212 -73.09 -55.63 26.71
N LEU L 213 -74.04 -55.63 27.63
CA LEU L 213 -75.38 -55.20 27.26
C LEU L 213 -75.47 -53.68 27.14
N MET L 214 -74.67 -52.93 27.91
CA MET L 214 -74.53 -51.50 27.64
C MET L 214 -73.90 -51.25 26.28
N GLY L 215 -72.94 -52.10 25.89
CA GLY L 215 -72.37 -51.98 24.57
C GLY L 215 -73.37 -52.27 23.45
N LEU L 216 -74.22 -53.28 23.64
CA LEU L 216 -75.23 -53.60 22.65
C LEU L 216 -76.33 -52.53 22.60
N ILE L 217 -76.65 -51.91 23.75
CA ILE L 217 -77.58 -50.80 23.77
C ILE L 217 -77.01 -49.60 23.02
N LEU L 218 -75.71 -49.36 23.14
CA LEU L 218 -75.10 -48.27 22.38
C LEU L 218 -75.06 -48.57 20.88
N ALA L 219 -74.80 -49.83 20.52
CA ALA L 219 -74.82 -50.23 19.12
C ALA L 219 -76.22 -50.11 18.51
N ALA L 220 -77.25 -50.50 19.26
CA ALA L 220 -78.61 -50.35 18.78
C ALA L 220 -79.07 -48.91 18.81
N THR L 221 -78.47 -48.07 19.66
CA THR L 221 -78.76 -46.65 19.63
C THR L 221 -78.23 -46.01 18.36
N GLY L 222 -77.02 -46.40 17.95
CA GLY L 222 -76.49 -45.91 16.68
C GLY L 222 -77.24 -46.45 15.48
N LYS L 223 -77.53 -47.74 15.48
CA LYS L 223 -78.08 -48.39 14.29
C LYS L 223 -79.58 -48.14 14.13
N SER L 224 -80.33 -48.21 15.23
CA SER L 224 -81.78 -48.06 15.16
C SER L 224 -82.25 -46.65 15.54
N ALA L 225 -81.35 -45.66 15.49
CA ALA L 225 -81.68 -44.24 15.57
C ALA L 225 -82.42 -43.85 16.85
N GLN L 226 -81.90 -44.34 17.97
CA GLN L 226 -82.50 -44.02 19.25
C GLN L 226 -82.03 -42.64 19.70
N PHE L 227 -82.56 -42.17 20.83
CA PHE L 227 -82.27 -40.81 21.27
C PHE L 227 -80.83 -40.70 21.74
N GLY L 228 -80.18 -39.61 21.35
CA GLY L 228 -78.77 -39.44 21.61
C GLY L 228 -77.99 -39.57 20.31
N LEU L 229 -78.44 -40.47 19.44
CA LEU L 229 -77.76 -40.74 18.17
C LEU L 229 -78.77 -40.83 17.03
N HIS L 230 -79.94 -40.22 17.17
CA HIS L 230 -80.99 -40.30 16.16
C HIS L 230 -80.92 -39.48 14.85
N PRO L 231 -80.34 -38.26 14.76
CA PRO L 231 -80.70 -37.37 13.64
C PRO L 231 -80.19 -37.82 12.27
N TRP L 232 -79.38 -38.88 12.20
CA TRP L 232 -78.97 -39.39 10.89
C TRP L 232 -80.12 -40.02 10.16
N LEU L 233 -81.13 -40.55 10.87
CA LEU L 233 -82.28 -41.13 10.18
C LEU L 233 -83.20 -40.07 9.56
N PRO L 234 -83.48 -38.91 10.19
CA PRO L 234 -84.10 -37.84 9.40
C PRO L 234 -83.19 -37.24 8.35
N SER L 235 -81.88 -37.23 8.58
CA SER L 235 -80.97 -36.73 7.55
C SER L 235 -80.92 -37.66 6.35
N ALA L 236 -81.17 -38.95 6.56
CA ALA L 236 -81.09 -40.01 5.59
C ALA L 236 -82.22 -40.02 4.58
N MET L 237 -83.14 -39.05 4.63
CA MET L 237 -84.16 -38.94 3.61
C MET L 237 -83.68 -38.22 2.36
N GLU L 238 -82.42 -37.79 2.35
CA GLU L 238 -81.91 -37.04 1.22
C GLU L 238 -81.65 -37.94 0.02
N GLY L 239 -81.47 -39.23 0.24
CA GLY L 239 -81.33 -40.19 -0.83
C GLY L 239 -82.63 -40.43 -1.57
N PRO L 240 -82.62 -41.36 -2.52
CA PRO L 240 -83.85 -41.68 -3.25
C PRO L 240 -84.90 -42.30 -2.37
N THR L 241 -86.16 -42.20 -2.82
CA THR L 241 -87.27 -42.80 -2.10
C THR L 241 -87.20 -44.33 -2.01
N PRO L 242 -86.71 -45.10 -3.01
CA PRO L 242 -86.47 -46.52 -2.73
C PRO L 242 -85.42 -46.79 -1.67
N VAL L 243 -84.42 -45.91 -1.53
CA VAL L 243 -83.41 -46.08 -0.49
C VAL L 243 -84.02 -45.92 0.89
N SER L 244 -84.75 -44.82 1.11
CA SER L 244 -85.45 -44.61 2.37
C SER L 244 -86.45 -45.73 2.63
N ALA L 245 -87.20 -46.10 1.58
CA ALA L 245 -88.28 -47.08 1.68
C ALA L 245 -87.77 -48.45 2.08
N LEU L 246 -86.74 -48.95 1.41
CA LEU L 246 -86.22 -50.25 1.77
C LEU L 246 -85.37 -50.18 3.02
N LEU L 247 -84.31 -49.39 2.99
CA LEU L 247 -83.31 -49.39 4.06
C LEU L 247 -83.88 -48.81 5.34
N HIS L 248 -84.30 -47.55 5.30
CA HIS L 248 -84.43 -46.73 6.49
C HIS L 248 -85.82 -46.75 7.08
N SER L 249 -86.59 -47.75 6.75
CA SER L 249 -87.89 -48.00 7.34
C SER L 249 -88.04 -49.41 7.87
N SER L 250 -87.49 -50.39 7.15
CA SER L 250 -87.95 -51.76 7.31
C SER L 250 -86.81 -52.75 7.37
N THR L 251 -85.66 -52.40 6.81
CA THR L 251 -84.59 -53.37 6.65
C THR L 251 -83.31 -52.99 7.36
N MET L 252 -82.76 -51.79 7.11
CA MET L 252 -81.52 -51.39 7.78
C MET L 252 -81.75 -51.01 9.23
N VAL L 253 -82.69 -50.11 9.48
CA VAL L 253 -82.81 -49.51 10.80
C VAL L 253 -83.36 -50.43 11.87
N VAL L 254 -83.77 -51.64 11.51
CA VAL L 254 -84.27 -52.59 12.48
C VAL L 254 -83.17 -53.54 12.87
N ALA L 255 -81.92 -53.25 12.46
CA ALA L 255 -80.82 -54.17 12.72
C ALA L 255 -80.32 -54.11 14.16
N GLY L 256 -80.33 -52.93 14.78
CA GLY L 256 -79.95 -52.86 16.18
C GLY L 256 -81.02 -53.45 17.08
N ILE L 257 -82.29 -53.24 16.73
CA ILE L 257 -83.39 -53.92 17.39
C ILE L 257 -83.27 -55.42 17.20
N PHE L 258 -82.85 -55.86 16.00
CA PHE L 258 -82.63 -57.28 15.75
C PHE L 258 -81.46 -57.81 16.54
N LEU L 259 -80.45 -56.98 16.77
CA LEU L 259 -79.31 -57.37 17.60
C LEU L 259 -79.75 -57.59 19.05
N LEU L 260 -80.62 -56.72 19.55
CA LEU L 260 -81.09 -56.89 20.92
C LEU L 260 -82.06 -58.05 21.06
N ILE L 261 -82.89 -58.30 20.04
CA ILE L 261 -83.77 -59.46 20.03
C ILE L 261 -82.95 -60.74 19.93
N ARG L 262 -81.82 -60.69 19.23
CA ARG L 262 -80.95 -61.86 19.09
C ARG L 262 -80.35 -62.29 20.43
N PHE L 263 -80.05 -61.33 21.31
CA PHE L 263 -79.47 -61.60 22.61
C PHE L 263 -80.51 -61.62 23.73
N TYR L 264 -81.70 -62.17 23.47
CA TYR L 264 -82.69 -62.30 24.55
C TYR L 264 -82.31 -63.22 25.72
N PRO L 265 -81.51 -64.32 25.60
CA PRO L 265 -81.18 -65.07 26.82
C PRO L 265 -80.28 -64.33 27.79
N LEU L 266 -79.55 -63.31 27.36
CA LEU L 266 -78.76 -62.52 28.29
C LEU L 266 -79.51 -61.32 28.82
N THR L 267 -80.48 -60.80 28.05
CA THR L 267 -81.26 -59.66 28.51
C THR L 267 -82.46 -60.05 29.34
N GLU L 268 -82.88 -61.32 29.31
CA GLU L 268 -83.97 -61.73 30.18
C GLU L 268 -83.55 -61.88 31.63
N ASN L 269 -82.25 -61.85 31.92
CA ASN L 269 -81.74 -62.01 33.28
C ASN L 269 -80.99 -60.79 33.78
N ASN L 270 -80.99 -59.70 33.03
CA ASN L 270 -80.37 -58.44 33.44
C ASN L 270 -81.47 -57.40 33.55
N LYS L 271 -81.81 -57.02 34.79
CA LYS L 271 -82.85 -56.03 35.00
C LYS L 271 -82.41 -54.64 34.55
N PHE L 272 -81.11 -54.36 34.68
CA PHE L 272 -80.60 -53.00 34.43
C PHE L 272 -80.63 -52.67 32.95
N GLY L 273 -80.24 -53.62 32.09
CA GLY L 273 -80.31 -53.40 30.67
C GLY L 273 -81.73 -53.23 30.17
N GLN L 274 -82.66 -53.99 30.76
CA GLN L 274 -84.08 -53.86 30.43
C GLN L 274 -84.62 -52.48 30.82
N SER L 275 -84.24 -52.00 31.99
CA SER L 275 -84.71 -50.69 32.44
C SER L 275 -84.12 -49.57 31.58
N ILE L 276 -82.86 -49.69 31.17
CA ILE L 276 -82.23 -48.68 30.32
C ILE L 276 -82.84 -48.69 28.92
N MET L 277 -83.13 -49.89 28.38
CA MET L 277 -83.81 -49.97 27.09
C MET L 277 -85.21 -49.38 27.16
N LEU L 278 -85.90 -49.60 28.28
CA LEU L 278 -87.25 -49.06 28.48
C LEU L 278 -87.23 -47.54 28.51
N CYS L 279 -86.33 -46.95 29.31
CA CYS L 279 -86.24 -45.49 29.41
C CYS L 279 -85.80 -44.87 28.09
N LEU L 280 -84.80 -45.47 27.42
CA LEU L 280 -84.28 -44.89 26.19
C LEU L 280 -85.28 -45.02 25.05
N GLY L 281 -86.02 -46.14 24.99
CA GLY L 281 -87.02 -46.29 23.96
C GLY L 281 -88.20 -45.37 24.17
N ALA L 282 -88.60 -45.14 25.42
CA ALA L 282 -89.70 -44.21 25.68
C ALA L 282 -89.29 -42.78 25.37
N MET L 283 -88.03 -42.43 25.68
CA MET L 283 -87.49 -41.12 25.33
C MET L 283 -87.46 -40.92 23.82
N THR L 284 -87.04 -41.95 23.08
CA THR L 284 -86.98 -41.87 21.62
C THR L 284 -88.37 -41.76 21.02
N THR L 285 -89.31 -42.60 21.46
CA THR L 285 -90.63 -42.60 20.86
C THR L 285 -91.45 -41.37 21.26
N LEU L 286 -91.13 -40.73 22.39
CA LEU L 286 -91.72 -39.42 22.65
C LEU L 286 -91.10 -38.37 21.72
N PHE L 287 -89.77 -38.27 21.75
CA PHE L 287 -89.08 -37.12 21.18
C PHE L 287 -89.21 -37.08 19.65
N THR L 288 -89.06 -38.23 19.00
CA THR L 288 -89.11 -38.24 17.54
C THR L 288 -90.53 -38.03 17.02
N ALA L 289 -91.52 -38.56 17.73
CA ALA L 289 -92.90 -38.32 17.32
C ALA L 289 -93.31 -36.87 17.57
N MET L 290 -92.82 -36.26 18.66
CA MET L 290 -93.12 -34.85 18.91
C MET L 290 -92.37 -33.95 17.93
N CYS L 291 -91.24 -34.43 17.40
CA CYS L 291 -90.66 -33.76 16.23
C CYS L 291 -91.53 -33.92 15.01
N ALA L 292 -92.10 -35.11 14.81
CA ALA L 292 -92.93 -35.40 13.64
C ALA L 292 -94.25 -34.65 13.61
N LEU L 293 -94.71 -34.16 14.76
CA LEU L 293 -96.03 -33.53 14.85
C LEU L 293 -96.17 -32.31 13.93
N THR L 294 -95.11 -31.51 13.77
CA THR L 294 -95.23 -30.27 13.01
C THR L 294 -94.18 -30.15 11.91
N GLN L 295 -93.75 -31.26 11.33
CA GLN L 295 -92.89 -31.15 10.16
C GLN L 295 -93.72 -30.85 8.92
N ASN L 296 -93.04 -30.53 7.83
CA ASN L 296 -93.70 -30.22 6.57
C ASN L 296 -93.19 -31.03 5.39
N ASP L 297 -92.03 -31.67 5.50
CA ASP L 297 -91.49 -32.49 4.43
C ASP L 297 -91.89 -33.93 4.70
N ILE L 298 -92.48 -34.58 3.69
CA ILE L 298 -93.21 -35.83 3.94
C ILE L 298 -92.27 -36.98 4.26
N LYS L 299 -91.10 -37.03 3.61
CA LYS L 299 -90.15 -38.09 3.93
C LYS L 299 -89.52 -37.89 5.30
N LYS L 300 -89.35 -36.63 5.72
CA LYS L 300 -88.92 -36.35 7.08
C LYS L 300 -89.96 -36.81 8.09
N ILE L 301 -91.25 -36.62 7.76
CA ILE L 301 -92.35 -37.05 8.63
C ILE L 301 -92.32 -38.56 8.81
N ILE L 302 -92.17 -39.30 7.72
CA ILE L 302 -92.18 -40.75 7.83
C ILE L 302 -90.88 -41.28 8.43
N ALA L 303 -89.77 -40.54 8.32
CA ALA L 303 -88.54 -40.92 9.02
C ALA L 303 -88.68 -40.76 10.53
N PHE L 304 -89.25 -39.65 10.98
CA PHE L 304 -89.54 -39.53 12.40
C PHE L 304 -90.58 -40.55 12.86
N SER L 305 -91.49 -40.93 11.96
CA SER L 305 -92.45 -41.99 12.26
C SER L 305 -91.76 -43.33 12.52
N THR L 306 -90.87 -43.72 11.61
CA THR L 306 -90.22 -45.02 11.78
C THR L 306 -89.20 -45.00 12.91
N SER L 307 -88.63 -43.83 13.24
CA SER L 307 -87.79 -43.78 14.43
C SER L 307 -88.60 -43.86 15.71
N SER L 308 -89.83 -43.32 15.73
CA SER L 308 -90.70 -43.50 16.88
C SER L 308 -91.14 -44.95 17.02
N GLN L 309 -91.36 -45.63 15.91
CA GLN L 309 -91.70 -47.05 15.99
C GLN L 309 -90.51 -47.90 16.42
N LEU L 310 -89.29 -47.50 16.05
CA LEU L 310 -88.10 -48.13 16.59
C LEU L 310 -87.95 -47.89 18.09
N GLY L 311 -88.35 -46.70 18.56
CA GLY L 311 -88.39 -46.47 19.99
C GLY L 311 -89.40 -47.35 20.69
N LEU L 312 -90.55 -47.60 20.06
CA LEU L 312 -91.54 -48.52 20.62
C LEU L 312 -91.01 -49.95 20.65
N MET L 313 -90.24 -50.34 19.62
CA MET L 313 -89.56 -51.64 19.63
C MET L 313 -88.56 -51.73 20.76
N MET L 314 -87.84 -50.63 21.03
CA MET L 314 -86.92 -50.59 22.15
C MET L 314 -87.64 -50.69 23.49
N VAL L 315 -88.84 -50.10 23.58
CA VAL L 315 -89.67 -50.25 24.78
C VAL L 315 -90.07 -51.70 24.99
N THR L 316 -90.57 -52.35 23.94
CA THR L 316 -91.04 -53.71 24.14
C THR L 316 -89.92 -54.74 24.23
N ILE L 317 -88.68 -54.39 23.84
CA ILE L 317 -87.55 -55.20 24.31
C ILE L 317 -87.29 -54.92 25.79
N GLY L 318 -87.44 -53.66 26.20
CA GLY L 318 -87.18 -53.29 27.58
C GLY L 318 -88.22 -53.75 28.59
N ILE L 319 -89.30 -54.38 28.15
CA ILE L 319 -90.27 -54.96 29.06
C ILE L 319 -90.23 -56.49 29.04
N ASN L 320 -89.12 -57.06 28.54
CA ASN L 320 -88.91 -58.51 28.38
C ASN L 320 -89.98 -59.12 27.48
N GLN L 321 -90.16 -58.52 26.30
CA GLN L 321 -90.98 -59.10 25.24
C GLN L 321 -90.22 -59.01 23.92
N PRO L 322 -89.19 -59.86 23.72
CA PRO L 322 -88.39 -59.75 22.51
C PRO L 322 -89.09 -60.31 21.28
N HIS L 323 -89.93 -61.33 21.46
CA HIS L 323 -90.59 -61.95 20.32
C HIS L 323 -91.73 -61.09 19.81
N LEU L 324 -92.40 -60.35 20.69
CA LEU L 324 -93.36 -59.36 20.22
C LEU L 324 -92.67 -58.20 19.53
N ALA L 325 -91.44 -57.88 19.92
CA ALA L 325 -90.66 -56.88 19.21
C ALA L 325 -90.28 -57.36 17.82
N PHE L 326 -89.94 -58.63 17.69
CA PHE L 326 -89.61 -59.18 16.38
C PHE L 326 -90.86 -59.29 15.50
N LEU L 327 -91.99 -59.65 16.10
CA LEU L 327 -93.27 -59.60 15.39
C LEU L 327 -93.61 -58.17 14.97
N HIS L 328 -93.22 -57.18 15.77
CA HIS L 328 -93.47 -55.80 15.38
C HIS L 328 -92.55 -55.37 14.26
N ILE L 329 -91.34 -55.91 14.19
CA ILE L 329 -90.48 -55.68 13.04
C ILE L 329 -91.11 -56.23 11.77
N CYS L 330 -91.52 -57.50 11.83
CA CYS L 330 -92.11 -58.18 10.67
C CYS L 330 -93.42 -57.53 10.24
N THR L 331 -94.18 -56.98 11.20
CA THR L 331 -95.40 -56.25 10.89
C THR L 331 -95.12 -54.87 10.33
N HIS L 332 -94.21 -54.14 10.98
CA HIS L 332 -93.90 -52.75 10.65
C HIS L 332 -93.33 -52.61 9.25
N ALA L 333 -92.61 -53.64 8.78
CA ALA L 333 -91.95 -53.58 7.48
C ALA L 333 -92.94 -53.34 6.34
N PHE L 334 -94.07 -54.04 6.36
CA PHE L 334 -95.04 -53.98 5.26
C PHE L 334 -95.63 -52.58 5.11
N PHE L 335 -96.35 -52.10 6.13
CA PHE L 335 -97.03 -50.83 5.98
C PHE L 335 -96.08 -49.64 6.00
N LYS L 336 -94.89 -49.75 6.61
CA LYS L 336 -94.02 -48.58 6.55
C LYS L 336 -93.31 -48.47 5.20
N ALA L 337 -92.94 -49.60 4.59
CA ALA L 337 -92.45 -49.57 3.22
C ALA L 337 -93.54 -49.09 2.26
N MET L 338 -94.80 -49.46 2.53
CA MET L 338 -95.89 -49.02 1.67
C MET L 338 -96.17 -47.52 1.83
N LEU L 339 -96.02 -46.99 3.06
CA LEU L 339 -96.18 -45.56 3.27
C LEU L 339 -95.10 -44.76 2.56
N PHE L 340 -93.85 -45.24 2.62
CA PHE L 340 -92.80 -44.57 1.85
C PHE L 340 -93.04 -44.67 0.34
N MET L 341 -93.59 -45.79 -0.14
CA MET L 341 -93.86 -45.92 -1.57
C MET L 341 -94.99 -45.01 -2.03
N CYS L 342 -96.05 -44.89 -1.22
CA CYS L 342 -97.16 -44.03 -1.60
C CYS L 342 -96.77 -42.56 -1.51
N SER L 343 -95.92 -42.22 -0.53
CA SER L 343 -95.39 -40.87 -0.45
C SER L 343 -94.50 -40.57 -1.65
N GLY L 344 -93.69 -41.53 -2.08
CA GLY L 344 -92.86 -41.33 -3.25
C GLY L 344 -93.64 -41.24 -4.55
N SER L 345 -94.77 -41.94 -4.62
CA SER L 345 -95.65 -41.79 -5.77
C SER L 345 -96.27 -40.39 -5.81
N ILE L 346 -96.63 -39.86 -4.64
CA ILE L 346 -97.12 -38.48 -4.55
C ILE L 346 -96.04 -37.49 -4.95
N ILE L 347 -94.81 -37.71 -4.51
CA ILE L 347 -93.68 -36.84 -4.83
C ILE L 347 -93.38 -36.88 -6.32
N HIS L 348 -93.41 -38.08 -6.93
CA HIS L 348 -93.09 -38.22 -8.34
C HIS L 348 -94.19 -37.66 -9.23
N SER L 349 -95.45 -37.71 -8.76
CA SER L 349 -96.54 -37.14 -9.55
C SER L 349 -96.53 -35.61 -9.54
N LEU L 350 -95.83 -34.99 -8.60
CA LEU L 350 -95.83 -33.54 -8.45
C LEU L 350 -94.47 -32.93 -8.75
N ASN L 351 -93.69 -33.58 -9.61
CA ASN L 351 -92.37 -33.14 -10.07
C ASN L 351 -91.40 -32.95 -8.90
N ASP L 352 -91.14 -34.05 -8.21
CA ASP L 352 -90.14 -34.16 -7.14
C ASP L 352 -90.44 -33.23 -5.97
N GLU L 353 -91.72 -33.06 -5.66
CA GLU L 353 -92.18 -32.19 -4.58
C GLU L 353 -92.35 -33.01 -3.31
N GLN L 354 -91.51 -32.76 -2.32
CA GLN L 354 -91.51 -33.53 -1.07
C GLN L 354 -92.21 -32.82 0.08
N ASP L 355 -92.98 -31.77 -0.19
CA ASP L 355 -93.54 -30.94 0.87
C ASP L 355 -95.06 -31.05 0.86
N ILE L 356 -95.65 -31.25 2.03
CA ILE L 356 -97.09 -31.47 2.10
C ILE L 356 -97.90 -30.18 2.00
N ARG L 357 -97.26 -29.03 2.19
CA ARG L 357 -97.94 -27.75 2.05
C ARG L 357 -98.19 -27.36 0.60
N LYS L 358 -97.68 -28.15 -0.35
CA LYS L 358 -97.99 -28.00 -1.76
C LYS L 358 -98.58 -29.30 -2.29
N MET L 359 -99.40 -29.96 -1.46
CA MET L 359 -100.12 -31.17 -1.84
C MET L 359 -101.59 -30.99 -1.53
N GLY L 360 -102.35 -32.06 -1.58
CA GLY L 360 -103.74 -31.94 -1.20
C GLY L 360 -104.66 -32.08 -2.40
N GLY L 361 -105.88 -32.51 -2.12
CA GLY L 361 -106.83 -32.77 -3.19
C GLY L 361 -106.57 -34.03 -3.96
N LEU L 362 -105.71 -34.92 -3.45
CA LEU L 362 -105.33 -36.14 -4.14
C LEU L 362 -106.17 -37.33 -3.73
N PHE L 363 -107.31 -37.09 -3.08
CA PHE L 363 -108.20 -38.17 -2.63
C PHE L 363 -108.80 -38.90 -3.83
N LYS L 364 -109.04 -38.19 -4.93
CA LYS L 364 -109.59 -38.78 -6.13
C LYS L 364 -108.70 -38.58 -7.35
N ALA L 365 -107.71 -37.70 -7.27
CA ALA L 365 -106.74 -37.57 -8.35
C ALA L 365 -105.78 -38.76 -8.38
N MET L 366 -105.42 -39.26 -7.20
CA MET L 366 -104.59 -40.46 -7.08
C MET L 366 -105.32 -41.43 -6.16
N PRO L 367 -106.34 -42.14 -6.66
CA PRO L 367 -107.20 -42.91 -5.76
C PRO L 367 -106.56 -44.17 -5.22
N PHE L 368 -105.68 -44.83 -5.97
CA PHE L 368 -105.05 -46.06 -5.50
C PHE L 368 -103.96 -45.76 -4.50
N THR L 369 -103.18 -44.70 -4.75
CA THR L 369 -102.24 -44.18 -3.76
C THR L 369 -102.96 -43.74 -2.50
N THR L 370 -104.14 -43.11 -2.66
CA THR L 370 -104.95 -42.70 -1.52
C THR L 370 -105.42 -43.89 -0.70
N THR L 371 -105.93 -44.92 -1.37
CA THR L 371 -106.42 -46.12 -0.68
C THR L 371 -105.31 -46.82 0.09
N ALA L 372 -104.16 -47.01 -0.56
CA ALA L 372 -103.05 -47.66 0.13
C ALA L 372 -102.46 -46.80 1.23
N LEU L 373 -102.51 -45.47 1.09
CA LEU L 373 -102.02 -44.61 2.17
C LEU L 373 -102.96 -44.64 3.37
N ILE L 374 -104.27 -44.71 3.12
CA ILE L 374 -105.23 -44.83 4.22
C ILE L 374 -105.07 -46.18 4.92
N ILE L 375 -104.86 -47.25 4.14
CA ILE L 375 -104.68 -48.58 4.74
C ILE L 375 -103.39 -48.64 5.55
N GLY L 376 -102.31 -48.05 5.03
CA GLY L 376 -101.06 -48.03 5.76
C GLY L 376 -101.11 -47.15 7.00
N SER L 377 -101.83 -46.04 6.93
CA SER L 377 -101.94 -45.16 8.09
C SER L 377 -102.80 -45.79 9.17
N LEU L 378 -103.87 -46.49 8.78
CA LEU L 378 -104.67 -47.21 9.77
C LEU L 378 -103.91 -48.40 10.35
N ALA L 379 -103.02 -49.02 9.56
CA ALA L 379 -102.18 -50.08 10.13
C ALA L 379 -101.14 -49.51 11.08
N LEU L 380 -100.62 -48.31 10.79
CA LEU L 380 -99.64 -47.68 11.66
C LEU L 380 -100.26 -47.26 12.98
N THR L 381 -101.44 -46.64 12.94
CA THR L 381 -102.06 -46.15 14.16
C THR L 381 -102.65 -47.27 15.00
N GLY L 382 -102.85 -48.45 14.43
CA GLY L 382 -103.40 -49.55 15.19
C GLY L 382 -104.90 -49.69 15.06
N MET L 383 -105.39 -49.64 13.83
CA MET L 383 -106.76 -50.07 13.56
C MET L 383 -106.91 -51.53 13.94
N PRO L 384 -108.03 -51.94 14.53
CA PRO L 384 -108.23 -53.35 14.86
C PRO L 384 -108.26 -54.24 13.62
N PHE L 385 -107.50 -55.33 13.71
CA PHE L 385 -107.44 -56.43 12.76
C PHE L 385 -106.88 -56.03 11.40
N LEU L 386 -106.12 -54.96 11.33
CA LEU L 386 -105.14 -54.81 10.27
C LEU L 386 -103.84 -55.47 10.75
N THR L 387 -102.75 -55.26 10.03
CA THR L 387 -101.52 -55.94 10.43
C THR L 387 -100.92 -55.33 11.70
N GLY L 388 -101.06 -54.00 11.89
CA GLY L 388 -100.48 -53.34 13.03
C GLY L 388 -101.17 -53.64 14.35
N PHE L 389 -102.35 -54.24 14.31
CA PHE L 389 -103.04 -54.61 15.54
C PHE L 389 -102.40 -55.82 16.20
N TYR L 390 -101.94 -56.78 15.41
CA TYR L 390 -101.43 -58.03 15.95
C TYR L 390 -100.07 -57.89 16.64
N SER L 391 -99.39 -56.76 16.46
CA SER L 391 -98.08 -56.55 17.05
C SER L 391 -98.07 -55.40 18.03
N LYS L 392 -98.52 -54.22 17.61
CA LYS L 392 -98.39 -53.01 18.43
C LYS L 392 -99.35 -53.01 19.60
N ASP L 393 -100.57 -53.53 19.40
CA ASP L 393 -101.54 -53.55 20.48
C ASP L 393 -101.17 -54.54 21.57
N LEU L 394 -100.56 -55.66 21.20
CA LEU L 394 -100.05 -56.59 22.21
C LEU L 394 -98.87 -56.00 22.96
N ILE L 395 -98.06 -55.15 22.30
CA ILE L 395 -97.01 -54.41 22.97
C ILE L 395 -97.60 -53.49 24.03
N ILE L 396 -98.66 -52.76 23.68
CA ILE L 396 -99.25 -51.83 24.65
C ILE L 396 -99.90 -52.57 25.81
N GLU L 397 -100.57 -53.70 25.52
CA GLU L 397 -101.23 -54.46 26.58
C GLU L 397 -100.21 -55.15 27.49
N SER L 398 -99.09 -55.60 26.94
CA SER L 398 -98.04 -56.20 27.76
C SER L 398 -97.20 -55.16 28.48
N ALA L 399 -97.20 -53.91 28.01
CA ALA L 399 -96.50 -52.85 28.74
C ALA L 399 -97.36 -52.26 29.84
N ASN L 400 -98.69 -52.34 29.69
CA ASN L 400 -99.57 -51.91 30.77
C ASN L 400 -99.51 -52.88 31.96
N THR L 401 -99.54 -54.17 31.66
CA THR L 401 -99.64 -55.22 32.69
C THR L 401 -98.28 -55.81 33.03
N SER L 402 -97.36 -54.95 33.48
CA SER L 402 -96.01 -55.39 33.74
C SER L 402 -95.36 -54.48 34.77
N TYR L 403 -94.36 -55.03 35.46
CA TYR L 403 -93.56 -54.26 36.42
C TYR L 403 -92.67 -53.31 35.63
N THR L 404 -93.10 -52.06 35.52
CA THR L 404 -92.59 -51.16 34.50
C THR L 404 -92.31 -49.80 35.12
N ASN L 405 -91.28 -49.13 34.59
CA ASN L 405 -91.16 -47.68 34.70
C ASN L 405 -92.47 -47.01 34.27
N ALA L 406 -93.10 -46.31 35.22
CA ALA L 406 -94.43 -45.76 34.99
C ALA L 406 -94.39 -44.59 34.00
N TRP L 407 -93.36 -43.76 34.10
CA TRP L 407 -93.23 -42.64 33.18
C TRP L 407 -92.93 -43.11 31.76
N ALA L 408 -92.23 -44.24 31.63
CA ALA L 408 -91.99 -44.81 30.31
C ALA L 408 -93.28 -45.32 29.68
N LEU L 409 -94.16 -45.92 30.48
CA LEU L 409 -95.45 -46.37 29.98
C LEU L 409 -96.34 -45.20 29.58
N LEU L 410 -96.32 -44.12 30.38
CA LEU L 410 -97.13 -42.95 30.06
C LEU L 410 -96.62 -42.26 28.80
N MET L 411 -95.29 -42.18 28.64
CA MET L 411 -94.74 -41.59 27.41
C MET L 411 -94.93 -42.50 26.20
N THR L 412 -95.01 -43.82 26.42
CA THR L 412 -95.38 -44.72 25.33
C THR L 412 -96.81 -44.45 24.86
N LEU L 413 -97.72 -44.20 25.80
CA LEU L 413 -99.10 -43.89 25.40
C LEU L 413 -99.19 -42.52 24.72
N VAL L 414 -98.41 -41.53 25.19
CA VAL L 414 -98.39 -40.21 24.55
C VAL L 414 -97.83 -40.31 23.14
N ALA L 415 -96.83 -41.17 22.94
CA ALA L 415 -96.31 -41.43 21.61
C ALA L 415 -97.33 -42.13 20.72
N THR L 416 -98.12 -43.03 21.31
CA THR L 416 -99.18 -43.70 20.58
C THR L 416 -100.23 -42.70 20.08
N SER L 417 -100.53 -41.68 20.89
CA SER L 417 -101.42 -40.61 20.42
C SER L 417 -100.76 -39.78 19.33
N PHE L 418 -99.46 -39.49 19.48
CA PHE L 418 -98.74 -38.68 18.50
C PHE L 418 -98.66 -39.36 17.13
N THR L 419 -98.60 -40.69 17.11
CA THR L 419 -98.61 -41.43 15.85
C THR L 419 -99.89 -41.19 15.07
N ALA L 420 -101.03 -41.25 15.76
CA ALA L 420 -102.30 -40.94 15.13
C ALA L 420 -102.36 -39.49 14.66
N ILE L 421 -101.76 -38.58 15.44
CA ILE L 421 -101.76 -37.16 15.10
C ILE L 421 -101.01 -36.91 13.79
N TYR L 422 -99.77 -37.40 13.66
CA TYR L 422 -99.08 -37.14 12.40
C TYR L 422 -99.62 -37.98 11.25
N SER L 423 -100.25 -39.13 11.51
CA SER L 423 -100.83 -39.90 10.41
C SER L 423 -102.02 -39.17 9.80
N THR L 424 -102.92 -38.65 10.63
CA THR L 424 -104.00 -37.86 10.04
C THR L 424 -103.52 -36.50 9.56
N ARG L 425 -102.37 -36.00 10.04
CA ARG L 425 -101.76 -34.84 9.40
C ARG L 425 -101.32 -35.16 7.97
N ILE L 426 -100.73 -36.34 7.77
CA ILE L 426 -100.35 -36.81 6.44
C ILE L 426 -101.55 -36.93 5.53
N ILE L 427 -102.62 -37.60 6.02
CA ILE L 427 -103.83 -37.75 5.22
C ILE L 427 -104.50 -36.41 4.95
N PHE L 428 -104.40 -35.48 5.90
CA PHE L 428 -105.10 -34.20 5.78
C PHE L 428 -104.41 -33.28 4.78
N PHE L 429 -103.09 -33.16 4.86
CA PHE L 429 -102.39 -32.24 3.98
C PHE L 429 -102.00 -32.86 2.64
N ALA L 430 -101.88 -34.19 2.57
CA ALA L 430 -101.44 -34.81 1.33
C ALA L 430 -102.62 -35.18 0.44
N LEU L 431 -103.73 -35.62 1.04
CA LEU L 431 -104.86 -36.16 0.29
C LEU L 431 -106.09 -35.26 0.32
N LEU L 432 -106.44 -34.76 1.50
CA LEU L 432 -107.71 -34.09 1.70
C LEU L 432 -107.58 -32.59 1.44
N GLY L 433 -108.68 -31.88 1.73
CA GLY L 433 -108.70 -30.45 1.52
C GLY L 433 -108.76 -30.11 0.05
N GLN L 434 -108.03 -29.06 -0.30
CA GLN L 434 -108.04 -28.45 -1.61
C GLN L 434 -106.65 -28.48 -2.21
N PRO L 435 -106.52 -28.37 -3.54
CA PRO L 435 -105.18 -28.46 -4.15
C PRO L 435 -104.29 -27.29 -3.79
N ARG L 436 -102.99 -27.58 -3.68
CA ARG L 436 -101.99 -26.57 -3.38
C ARG L 436 -100.76 -26.69 -4.26
N PHE L 437 -100.73 -27.67 -5.16
CA PHE L 437 -99.60 -27.94 -6.05
C PHE L 437 -99.66 -27.00 -7.26
N PRO L 438 -98.57 -26.88 -8.04
CA PRO L 438 -98.60 -25.99 -9.22
C PRO L 438 -99.60 -26.41 -10.28
N THR L 439 -99.81 -25.49 -11.22
CA THR L 439 -100.98 -25.53 -12.10
C THR L 439 -100.91 -26.59 -13.18
N LEU L 440 -99.72 -27.04 -13.57
CA LEU L 440 -99.60 -28.05 -14.62
C LEU L 440 -99.76 -29.42 -13.97
N ILE L 441 -100.93 -30.03 -14.14
CA ILE L 441 -101.19 -31.35 -13.57
C ILE L 441 -100.53 -32.39 -14.46
N ASN L 442 -99.63 -33.17 -13.87
CA ASN L 442 -98.99 -34.30 -14.53
C ASN L 442 -99.27 -35.57 -13.73
N ILE L 443 -100.46 -35.64 -13.13
CA ILE L 443 -100.80 -36.76 -12.25
C ILE L 443 -101.05 -38.01 -13.08
N ASN L 444 -100.27 -39.05 -12.80
CA ASN L 444 -100.35 -40.31 -13.54
C ASN L 444 -99.71 -41.38 -12.66
N GLU L 445 -100.49 -42.38 -12.27
CA GLU L 445 -99.98 -43.48 -11.46
C GLU L 445 -100.50 -44.81 -12.01
N ASN L 446 -100.39 -44.97 -13.34
CA ASN L 446 -100.98 -46.11 -14.04
C ASN L 446 -99.96 -47.12 -14.54
N ASN L 447 -98.68 -46.90 -14.33
CA ASN L 447 -97.66 -47.84 -14.77
C ASN L 447 -97.72 -49.06 -13.85
N PRO L 448 -98.00 -50.26 -14.37
CA PRO L 448 -98.29 -51.41 -13.48
C PRO L 448 -97.12 -51.91 -12.66
N PHE L 449 -95.91 -51.41 -12.86
CA PHE L 449 -94.85 -51.61 -11.87
C PHE L 449 -95.25 -51.01 -10.53
N LEU L 450 -95.67 -49.74 -10.55
CA LEU L 450 -96.15 -49.05 -9.36
C LEU L 450 -97.39 -49.73 -8.79
N ILE L 451 -98.31 -50.15 -9.67
CA ILE L 451 -99.57 -50.76 -9.24
C ILE L 451 -99.31 -52.07 -8.53
N ASN L 452 -98.53 -52.97 -9.15
CA ASN L 452 -98.29 -54.27 -8.54
C ASN L 452 -97.39 -54.16 -7.32
N SER L 453 -96.44 -53.22 -7.32
CA SER L 453 -95.54 -53.06 -6.19
C SER L 453 -96.25 -52.45 -4.99
N ILE L 454 -97.25 -51.60 -5.21
CA ILE L 454 -98.08 -51.19 -4.08
C ILE L 454 -99.02 -52.32 -3.68
N LYS L 455 -99.49 -53.11 -4.66
CA LYS L 455 -100.52 -54.12 -4.43
C LYS L 455 -100.03 -55.26 -3.54
N ARG L 456 -98.79 -55.71 -3.73
CA ARG L 456 -98.31 -56.84 -2.95
C ARG L 456 -98.08 -56.47 -1.49
N LEU L 457 -97.49 -55.31 -1.23
CA LEU L 457 -97.42 -54.79 0.14
C LEU L 457 -98.79 -54.43 0.68
N LEU L 458 -99.77 -54.16 -0.18
CA LEU L 458 -101.11 -53.86 0.30
C LEU L 458 -101.81 -55.12 0.80
N ILE L 459 -101.68 -56.21 0.06
CA ILE L 459 -102.18 -57.51 0.51
C ILE L 459 -101.43 -57.97 1.75
N GLY L 460 -100.13 -57.63 1.82
CA GLY L 460 -99.37 -57.89 3.05
C GLY L 460 -99.89 -57.12 4.24
N SER L 461 -100.11 -55.81 4.07
CA SER L 461 -100.63 -54.97 5.15
C SER L 461 -102.06 -55.31 5.53
N LEU L 462 -102.79 -56.03 4.68
CA LEU L 462 -104.09 -56.54 5.08
C LEU L 462 -103.97 -57.83 5.87
N PHE L 463 -103.23 -58.82 5.35
CA PHE L 463 -103.36 -60.19 5.84
C PHE L 463 -102.15 -60.74 6.58
N ALA L 464 -100.96 -60.16 6.41
CA ALA L 464 -99.75 -60.77 6.90
C ALA L 464 -99.63 -60.69 8.41
N GLY L 465 -100.27 -59.69 9.03
CA GLY L 465 -100.32 -59.67 10.49
C GLY L 465 -101.05 -60.87 11.06
N PHE L 466 -102.24 -61.17 10.50
CA PHE L 466 -102.99 -62.36 10.85
C PHE L 466 -102.19 -63.63 10.58
N ILE L 467 -101.61 -63.73 9.39
CA ILE L 467 -100.96 -64.96 8.94
C ILE L 467 -99.70 -65.25 9.75
N ILE L 468 -98.86 -64.23 9.96
CA ILE L 468 -97.64 -64.43 10.75
C ILE L 468 -97.98 -64.63 12.23
N SER L 469 -98.90 -63.82 12.78
CA SER L 469 -99.24 -63.95 14.19
C SER L 469 -99.94 -65.25 14.53
N ASN L 470 -100.51 -65.95 13.55
CA ASN L 470 -100.99 -67.29 13.80
C ASN L 470 -99.99 -68.38 13.44
N ASN L 471 -98.99 -68.08 12.62
CA ASN L 471 -98.03 -69.10 12.24
C ASN L 471 -96.74 -69.09 13.05
N ILE L 472 -96.61 -68.21 14.03
CA ILE L 472 -95.45 -68.28 14.94
C ILE L 472 -95.79 -69.21 16.10
N PRO L 473 -94.81 -69.85 16.72
CA PRO L 473 -95.07 -70.55 17.97
C PRO L 473 -95.08 -69.58 19.14
N PRO L 474 -95.86 -69.87 20.19
CA PRO L 474 -95.85 -69.00 21.37
C PRO L 474 -94.55 -69.11 22.14
N MET L 475 -93.69 -68.10 22.03
CA MET L 475 -92.42 -68.10 22.74
C MET L 475 -92.49 -67.40 24.09
N THR L 476 -93.49 -66.55 24.30
CA THR L 476 -93.77 -65.97 25.61
C THR L 476 -95.22 -66.26 25.96
N ILE L 477 -95.58 -65.96 27.21
CA ILE L 477 -96.96 -66.06 27.66
C ILE L 477 -97.64 -64.71 27.38
N PRO L 478 -98.62 -64.66 26.49
CA PRO L 478 -99.33 -63.40 26.26
C PRO L 478 -100.24 -63.08 27.43
N GLN L 479 -100.11 -61.86 27.95
CA GLN L 479 -100.92 -61.44 29.08
C GLN L 479 -102.30 -61.03 28.58
N MET L 480 -103.34 -61.72 29.07
CA MET L 480 -104.67 -61.61 28.48
C MET L 480 -105.76 -61.37 29.52
N THR L 481 -105.40 -60.82 30.69
CA THR L 481 -106.39 -60.47 31.71
C THR L 481 -106.00 -59.14 32.33
N MET L 482 -106.89 -58.15 32.21
CA MET L 482 -106.63 -56.76 32.56
C MET L 482 -107.96 -56.01 32.59
N PRO L 483 -108.09 -54.91 33.34
CA PRO L 483 -109.40 -54.26 33.45
C PRO L 483 -109.80 -53.53 32.17
N HIS L 484 -111.04 -53.04 32.18
CA HIS L 484 -111.68 -52.54 30.97
C HIS L 484 -111.09 -51.19 30.55
N TYR L 485 -110.68 -50.36 31.51
CA TYR L 485 -110.00 -49.13 31.16
C TYR L 485 -108.57 -49.39 30.70
N LEU L 486 -108.00 -50.54 31.06
CA LEU L 486 -106.62 -50.85 30.70
C LEU L 486 -106.52 -51.70 29.45
N LYS L 487 -107.56 -52.47 29.11
CA LYS L 487 -107.56 -53.24 27.88
C LYS L 487 -107.78 -52.36 26.67
N MET L 488 -108.69 -51.39 26.79
CA MET L 488 -109.08 -50.52 25.69
C MET L 488 -108.20 -49.29 25.55
N THR L 489 -107.08 -49.22 26.28
CA THR L 489 -106.31 -47.98 26.42
C THR L 489 -105.63 -47.57 25.12
N ALA L 490 -105.08 -48.53 24.38
CA ALA L 490 -104.36 -48.21 23.15
C ALA L 490 -105.28 -47.59 22.10
N LEU L 491 -106.45 -48.21 21.88
CA LEU L 491 -107.41 -47.68 20.93
C LEU L 491 -108.01 -46.36 21.42
N THR L 492 -108.16 -46.22 22.74
CA THR L 492 -108.72 -44.99 23.31
C THR L 492 -107.80 -43.81 23.09
N VAL L 493 -106.52 -43.95 23.45
CA VAL L 493 -105.56 -42.87 23.31
C VAL L 493 -105.28 -42.60 21.83
N THR L 494 -105.36 -43.62 20.98
CA THR L 494 -105.19 -43.40 19.54
C THR L 494 -106.35 -42.60 18.95
N ILE L 495 -107.59 -42.91 19.37
CA ILE L 495 -108.74 -42.16 18.87
C ILE L 495 -108.76 -40.75 19.45
N LEU L 496 -108.27 -40.57 20.69
CA LEU L 496 -108.10 -39.22 21.24
C LEU L 496 -107.08 -38.43 20.44
N GLY L 497 -106.01 -39.08 19.97
CA GLY L 497 -105.06 -38.43 19.09
C GLY L 497 -105.66 -38.04 17.76
N PHE L 498 -106.49 -38.94 17.17
CA PHE L 498 -107.23 -38.62 15.95
C PHE L 498 -108.15 -37.42 16.12
N ILE L 499 -108.91 -37.38 17.21
CA ILE L 499 -109.88 -36.30 17.42
C ILE L 499 -109.17 -34.97 17.68
N LEU L 500 -108.09 -35.02 18.49
CA LEU L 500 -107.33 -33.79 18.78
C LEU L 500 -106.67 -33.24 17.53
N ALA L 501 -106.13 -34.11 16.68
CA ALA L 501 -105.53 -33.60 15.46
C ALA L 501 -106.56 -33.26 14.40
N LEU L 502 -107.79 -33.78 14.50
CA LEU L 502 -108.87 -33.25 13.68
C LEU L 502 -109.25 -31.84 14.10
N GLU L 503 -109.22 -31.57 15.41
CA GLU L 503 -109.42 -30.20 15.89
C GLU L 503 -108.31 -29.29 15.41
N ILE L 504 -107.06 -29.78 15.43
CA ILE L 504 -105.92 -29.01 14.93
C ILE L 504 -106.05 -28.77 13.43
N SER L 505 -106.53 -29.77 12.68
CA SER L 505 -106.66 -29.64 11.24
C SER L 505 -107.82 -28.71 10.85
N ASN L 506 -108.91 -28.71 11.63
CA ASN L 506 -110.02 -27.81 11.34
C ASN L 506 -109.85 -26.44 11.98
N THR L 507 -108.82 -26.21 12.79
CA THR L 507 -108.45 -24.85 13.14
C THR L 507 -107.38 -24.26 12.22
N THR L 508 -107.19 -24.81 11.03
CA THR L 508 -106.32 -24.20 10.04
C THR L 508 -107.09 -23.65 8.83
N HIS L 509 -108.37 -23.99 8.71
CA HIS L 509 -109.21 -23.40 7.68
C HIS L 509 -109.74 -22.03 8.06
N TYR L 510 -109.52 -21.59 9.30
CA TYR L 510 -110.01 -20.31 9.77
C TYR L 510 -109.19 -19.18 9.15
N LEU L 511 -109.78 -17.99 9.15
CA LEU L 511 -109.06 -16.77 8.76
C LEU L 511 -108.40 -16.12 9.98
N LYS L 512 -107.64 -16.92 10.72
CA LYS L 512 -106.97 -16.49 11.94
C LYS L 512 -105.50 -16.83 11.84
N PHE L 513 -104.64 -15.85 12.12
CA PHE L 513 -103.20 -16.00 12.06
C PHE L 513 -102.66 -16.09 13.47
N ASN L 514 -102.33 -17.31 13.89
CA ASN L 514 -101.86 -17.56 15.25
C ASN L 514 -100.34 -17.42 15.29
N TYR L 515 -99.85 -16.75 16.33
CA TYR L 515 -98.43 -16.47 16.45
C TYR L 515 -97.67 -17.75 16.82
N PRO L 516 -96.39 -17.85 16.46
CA PRO L 516 -95.64 -19.10 16.73
C PRO L 516 -95.37 -19.30 18.21
N SER L 517 -95.92 -20.38 18.77
CA SER L 517 -95.71 -20.70 20.16
C SER L 517 -94.34 -21.33 20.35
N ASN L 518 -93.91 -21.48 21.61
CA ASN L 518 -92.61 -22.06 21.90
C ASN L 518 -92.62 -23.57 21.72
N THR L 519 -93.77 -24.20 21.93
CA THR L 519 -93.88 -25.65 21.71
C THR L 519 -93.82 -25.97 20.22
N PHE L 520 -94.43 -25.10 19.40
CA PHE L 520 -94.30 -25.24 17.95
C PHE L 520 -92.86 -25.00 17.50
N LYS L 521 -92.14 -24.11 18.18
CA LYS L 521 -90.73 -23.91 17.90
C LYS L 521 -89.90 -25.12 18.28
N PHE L 522 -90.26 -25.79 19.38
CA PHE L 522 -89.51 -26.97 19.81
C PHE L 522 -89.89 -28.20 19.00
N SER L 523 -91.05 -28.19 18.37
CA SER L 523 -91.47 -29.33 17.57
C SER L 523 -91.16 -29.18 16.08
N ASN L 524 -90.98 -27.96 15.60
CA ASN L 524 -90.74 -27.73 14.17
C ASN L 524 -89.27 -27.61 13.83
N LEU L 525 -88.44 -27.22 14.79
CA LEU L 525 -87.00 -27.10 14.60
C LEU L 525 -86.26 -28.33 15.11
N LEU L 526 -86.85 -29.51 14.88
CA LEU L 526 -86.24 -30.82 15.03
C LEU L 526 -85.92 -31.16 16.48
N GLY L 527 -86.51 -30.44 17.43
CA GLY L 527 -86.23 -30.68 18.83
C GLY L 527 -84.92 -30.12 19.32
N TYR L 528 -84.28 -29.24 18.55
CA TYR L 528 -83.09 -28.45 18.83
C TYR L 528 -81.81 -29.29 18.93
N TYR L 529 -81.89 -30.61 18.87
CA TYR L 529 -80.74 -31.48 18.93
C TYR L 529 -79.98 -31.57 17.60
N PRO L 530 -80.62 -31.64 16.42
CA PRO L 530 -79.83 -31.49 15.18
C PRO L 530 -79.38 -30.07 14.89
N THR L 531 -79.79 -29.08 15.68
CA THR L 531 -79.32 -27.72 15.46
C THR L 531 -78.10 -27.42 16.33
N ILE L 532 -78.16 -27.77 17.60
CA ILE L 532 -77.08 -27.45 18.52
C ILE L 532 -75.89 -28.38 18.31
N MET L 533 -76.14 -29.70 18.36
CA MET L 533 -75.03 -30.66 18.37
C MET L 533 -74.35 -30.79 17.02
N HIS L 534 -75.02 -30.46 15.93
CA HIS L 534 -74.38 -30.53 14.61
C HIS L 534 -73.57 -29.28 14.30
N ARG L 535 -73.77 -28.20 15.05
CA ARG L 535 -72.96 -27.00 14.93
C ARG L 535 -71.86 -26.94 15.97
N LEU L 536 -72.12 -27.45 17.18
CA LEU L 536 -71.21 -27.26 18.30
C LEU L 536 -70.10 -28.31 18.29
N THR L 537 -70.46 -29.57 18.12
CA THR L 537 -69.50 -30.66 18.20
C THR L 537 -68.51 -30.70 17.03
N PRO L 538 -68.90 -30.49 15.76
CA PRO L 538 -67.86 -30.34 14.73
C PRO L 538 -67.00 -29.09 14.91
N TYR L 539 -67.54 -28.02 15.50
CA TYR L 539 -66.71 -26.85 15.81
C TYR L 539 -65.66 -27.19 16.85
N MET L 540 -66.09 -27.80 17.97
CA MET L 540 -65.17 -28.12 19.05
C MET L 540 -64.19 -29.21 18.68
N ASN L 541 -64.51 -30.02 17.67
CA ASN L 541 -63.52 -31.01 17.23
C ASN L 541 -62.57 -30.44 16.18
N LEU L 542 -63.07 -29.67 15.21
CA LEU L 542 -62.19 -29.21 14.14
C LEU L 542 -61.33 -28.01 14.55
N THR L 543 -61.77 -27.19 15.51
CA THR L 543 -60.88 -26.17 16.04
C THR L 543 -59.75 -26.78 16.85
N MET L 544 -60.03 -27.85 17.58
CA MET L 544 -58.97 -28.55 18.27
C MET L 544 -58.11 -29.33 17.28
N SER L 545 -58.70 -29.70 16.14
CA SER L 545 -57.94 -30.38 15.09
C SER L 545 -56.98 -29.44 14.38
N GLN L 546 -57.35 -28.17 14.25
CA GLN L 546 -56.50 -27.22 13.54
C GLN L 546 -55.65 -26.38 14.50
N LYS L 547 -56.27 -25.64 15.42
CA LYS L 547 -55.53 -24.72 16.27
C LYS L 547 -54.64 -25.44 17.27
N SER L 548 -54.94 -26.69 17.60
CA SER L 548 -54.23 -27.42 18.64
C SER L 548 -53.49 -28.64 18.11
N ALA L 549 -54.19 -29.50 17.37
CA ALA L 549 -53.57 -30.75 16.92
C ALA L 549 -52.57 -30.51 15.79
N SER L 550 -52.99 -29.81 14.74
CA SER L 550 -52.10 -29.58 13.61
C SER L 550 -51.11 -28.46 13.90
N SER L 551 -51.62 -27.24 14.10
CA SER L 551 -50.77 -26.06 14.08
C SER L 551 -49.94 -25.92 15.35
N LEU L 552 -50.53 -26.19 16.52
CA LEU L 552 -49.82 -25.94 17.76
C LEU L 552 -48.77 -27.02 18.03
N LEU L 553 -49.21 -28.27 18.11
CA LEU L 553 -48.32 -29.34 18.52
C LEU L 553 -47.47 -29.83 17.35
N ASP L 554 -48.11 -30.35 16.31
CA ASP L 554 -47.41 -31.10 15.29
C ASP L 554 -47.03 -30.27 14.07
N LEU L 555 -47.16 -28.95 14.14
CA LEU L 555 -46.46 -28.05 13.24
C LEU L 555 -45.51 -27.11 13.95
N ILE L 556 -45.68 -26.89 15.26
CA ILE L 556 -44.78 -25.97 15.96
C ILE L 556 -44.05 -26.65 17.10
N TRP L 557 -44.76 -27.15 18.12
CA TRP L 557 -44.07 -27.51 19.37
C TRP L 557 -43.35 -28.85 19.28
N LEU L 558 -43.98 -29.86 18.69
CA LEU L 558 -43.25 -31.09 18.43
C LEU L 558 -42.21 -30.89 17.33
N GLU L 559 -42.47 -29.94 16.43
CA GLU L 559 -41.45 -29.44 15.53
C GLU L 559 -40.38 -28.65 16.27
N THR L 560 -40.70 -28.05 17.42
CA THR L 560 -39.69 -27.25 18.11
C THR L 560 -38.75 -28.10 18.94
N ILE L 561 -39.31 -28.99 19.78
CA ILE L 561 -38.55 -29.50 20.94
C ILE L 561 -37.42 -30.43 20.52
N LEU L 562 -37.67 -31.37 19.61
CA LEU L 562 -36.50 -32.13 19.19
C LEU L 562 -35.70 -31.45 18.08
N PRO L 563 -36.22 -31.21 16.83
CA PRO L 563 -35.28 -30.85 15.76
C PRO L 563 -34.86 -29.38 15.69
N LYS L 564 -35.75 -28.42 15.96
CA LYS L 564 -35.38 -27.02 15.74
C LYS L 564 -34.45 -26.49 16.82
N THR L 565 -34.65 -26.90 18.08
CA THR L 565 -33.74 -26.47 19.14
C THR L 565 -32.35 -27.09 18.95
N ILE L 566 -32.29 -28.36 18.54
CA ILE L 566 -31.02 -29.00 18.23
C ILE L 566 -30.34 -28.31 17.05
N SER L 567 -31.10 -27.99 16.01
CA SER L 567 -30.53 -27.31 14.84
C SER L 567 -29.99 -25.93 15.19
N LEU L 568 -30.71 -25.18 16.02
CA LEU L 568 -30.22 -23.86 16.43
C LEU L 568 -29.03 -23.96 17.37
N ALA L 569 -28.99 -24.97 18.25
CA ALA L 569 -27.85 -25.12 19.14
C ALA L 569 -26.59 -25.51 18.37
N GLN L 570 -26.73 -26.43 17.41
CA GLN L 570 -25.56 -26.82 16.62
C GLN L 570 -25.12 -25.70 15.68
N MET L 571 -26.07 -24.89 15.19
CA MET L 571 -25.70 -23.72 14.38
C MET L 571 -24.98 -22.68 15.24
N LYS L 572 -25.43 -22.48 16.47
CA LYS L 572 -24.80 -21.51 17.37
C LYS L 572 -23.39 -21.93 17.72
N MET L 573 -23.20 -23.21 18.06
CA MET L 573 -21.85 -23.68 18.33
C MET L 573 -20.98 -23.69 17.09
N SER L 574 -21.55 -23.96 15.91
CA SER L 574 -20.78 -23.92 14.68
C SER L 574 -20.33 -22.51 14.35
N THR L 575 -21.14 -21.51 14.66
CA THR L 575 -20.71 -20.14 14.45
C THR L 575 -19.67 -19.71 15.49
N THR L 576 -19.80 -20.16 16.73
CA THR L 576 -18.83 -19.71 17.74
C THR L 576 -17.48 -20.38 17.58
N ILE L 577 -17.43 -21.65 17.15
CA ILE L 577 -16.14 -22.32 16.98
C ILE L 577 -15.37 -21.72 15.80
N THR L 578 -16.04 -21.46 14.68
CA THR L 578 -15.37 -21.03 13.46
C THR L 578 -15.36 -19.52 13.27
N SER L 579 -15.49 -18.75 14.35
CA SER L 579 -15.43 -17.29 14.26
C SER L 579 -14.03 -16.75 14.51
N GLN L 580 -13.01 -17.52 14.16
CA GLN L 580 -11.64 -17.20 14.55
C GLN L 580 -11.00 -16.18 13.63
N LYS L 581 -10.19 -15.31 14.23
CA LYS L 581 -9.50 -14.24 13.53
C LYS L 581 -8.21 -14.71 12.86
N GLY L 582 -7.84 -15.98 13.02
CA GLY L 582 -6.69 -16.52 12.32
C GLY L 582 -5.36 -15.99 12.78
N LEU L 583 -5.27 -15.47 14.00
CA LEU L 583 -4.03 -14.92 14.51
C LEU L 583 -3.21 -16.00 15.20
N ILE L 584 -1.90 -15.96 14.98
CA ILE L 584 -0.98 -16.93 15.56
C ILE L 584 -0.87 -16.70 17.07
N LYS L 585 -0.92 -15.43 17.47
CA LYS L 585 -0.75 -15.03 18.87
C LYS L 585 -1.83 -15.65 19.77
N LEU L 586 -3.08 -15.55 19.34
CA LEU L 586 -4.19 -16.04 20.15
C LEU L 586 -4.23 -17.55 20.17
N TYR L 587 -3.81 -18.18 19.08
CA TYR L 587 -3.77 -19.64 19.01
C TYR L 587 -2.74 -20.21 19.97
N PHE L 588 -1.52 -19.66 19.96
CA PHE L 588 -0.51 -20.17 20.88
C PHE L 588 -0.75 -19.72 22.33
N LEU L 589 -1.46 -18.61 22.54
CA LEU L 589 -1.89 -18.25 23.89
C LEU L 589 -2.92 -19.26 24.41
N SER L 590 -3.82 -19.72 23.54
CA SER L 590 -4.74 -20.78 23.91
C SER L 590 -4.03 -22.10 24.14
N PHE L 591 -2.94 -22.36 23.42
CA PHE L 591 -2.14 -23.57 23.69
C PHE L 591 -1.52 -23.49 25.08
N LEU L 592 -1.04 -22.31 25.46
CA LEU L 592 -0.49 -22.10 26.80
C LEU L 592 -1.54 -22.36 27.88
N ILE L 593 -2.74 -21.81 27.67
CA ILE L 593 -3.82 -21.99 28.63
C ILE L 593 -4.24 -23.46 28.72
N THR L 594 -4.19 -24.17 27.60
CA THR L 594 -4.51 -25.60 27.59
C THR L 594 -3.49 -26.40 28.40
N ILE L 595 -2.20 -26.10 28.22
CA ILE L 595 -1.17 -26.85 28.95
C ILE L 595 -1.23 -26.53 30.44
N LEU L 596 -1.53 -25.27 30.80
CA LEU L 596 -1.58 -24.92 32.22
C LEU L 596 -2.85 -25.42 32.89
N ILE L 597 -3.93 -25.63 32.13
CA ILE L 597 -5.10 -26.30 32.69
C ILE L 597 -4.83 -27.79 32.83
N SER L 598 -4.06 -28.37 31.90
CA SER L 598 -3.74 -29.79 31.94
C SER L 598 -2.85 -30.13 33.14
N THR L 599 -1.88 -29.28 33.43
CA THR L 599 -1.00 -29.52 34.58
C THR L 599 -1.71 -29.20 35.89
N THR L 600 -2.12 -27.94 36.07
CA THR L 600 -2.60 -27.50 37.38
C THR L 600 -4.01 -27.98 37.66
N LEU L 601 -4.90 -27.87 36.69
CA LEU L 601 -6.33 -27.99 36.96
C LEU L 601 -6.88 -29.38 36.68
N LEU L 602 -6.18 -30.19 35.88
CA LEU L 602 -6.66 -31.54 35.57
C LEU L 602 -5.75 -32.67 36.04
N ASN L 603 -4.50 -32.35 36.43
CA ASN L 603 -3.51 -33.31 36.94
C ASN L 603 -3.23 -34.42 35.93
N PHE L 604 -3.07 -34.04 34.66
CA PHE L 604 -2.76 -35.01 33.61
C PHE L 604 -1.31 -35.45 33.59
N HIS L 605 -0.44 -34.82 34.40
CA HIS L 605 0.94 -35.25 34.54
C HIS L 605 1.15 -36.10 35.78
N GLU L 606 0.08 -36.67 36.32
CA GLU L 606 0.19 -37.47 37.53
C GLU L 606 0.05 -38.95 37.20
N LEU M 2 -30.75 -67.20 -0.85
CA LEU M 2 -29.82 -66.79 -1.87
C LEU M 2 -30.44 -67.04 -3.24
N LYS M 3 -31.58 -67.74 -3.26
CA LYS M 3 -32.36 -67.89 -4.48
C LYS M 3 -33.23 -66.68 -4.78
N TYR M 4 -33.30 -65.70 -3.87
CA TYR M 4 -33.98 -64.45 -4.12
C TYR M 4 -33.04 -63.26 -4.23
N ILE M 5 -31.89 -63.33 -3.57
CA ILE M 5 -30.94 -62.23 -3.59
C ILE M 5 -30.19 -62.19 -4.92
N ILE M 6 -29.85 -63.35 -5.46
CA ILE M 6 -29.16 -63.43 -6.75
C ILE M 6 -30.03 -62.95 -7.92
N PRO M 7 -31.32 -63.30 -8.07
CA PRO M 7 -32.08 -62.67 -9.17
C PRO M 7 -32.37 -61.19 -8.96
N THR M 8 -32.50 -60.75 -7.71
CA THR M 8 -32.65 -59.32 -7.46
C THR M 8 -31.37 -58.58 -7.81
N MET M 9 -30.20 -59.18 -7.60
CA MET M 9 -28.97 -58.60 -8.10
C MET M 9 -28.89 -58.66 -9.61
N MET M 10 -29.36 -59.75 -10.20
CA MET M 10 -29.31 -59.95 -11.64
C MET M 10 -30.27 -59.02 -12.37
N LEU M 11 -31.21 -58.41 -11.65
CA LEU M 11 -31.97 -57.28 -12.18
C LEU M 11 -31.12 -56.05 -12.46
N MET M 12 -29.87 -55.96 -11.97
CA MET M 12 -28.99 -54.85 -12.31
C MET M 12 -28.35 -55.00 -13.71
N PRO M 13 -27.81 -56.17 -14.12
CA PRO M 13 -27.48 -56.29 -15.55
C PRO M 13 -28.70 -56.36 -16.43
N LEU M 14 -29.85 -56.71 -15.89
CA LEU M 14 -31.09 -56.69 -16.66
C LEU M 14 -31.59 -55.27 -16.89
N THR M 15 -31.11 -54.29 -16.13
CA THR M 15 -31.49 -52.90 -16.35
C THR M 15 -30.37 -52.03 -16.91
N TRP M 16 -29.12 -52.48 -16.88
CA TRP M 16 -28.04 -51.71 -17.49
C TRP M 16 -27.62 -52.24 -18.86
N LEU M 17 -28.23 -53.32 -19.33
CA LEU M 17 -27.94 -53.86 -20.65
C LEU M 17 -29.15 -53.83 -21.58
N SER M 18 -30.27 -53.26 -21.14
CA SER M 18 -31.48 -53.29 -21.94
C SER M 18 -31.52 -52.11 -22.90
N LYS M 19 -32.47 -52.17 -23.82
CA LYS M 19 -32.60 -51.16 -24.85
C LYS M 19 -33.14 -49.85 -24.26
N ASN M 20 -33.13 -48.80 -25.09
CA ASN M 20 -33.52 -47.47 -24.64
C ASN M 20 -35.02 -47.36 -24.37
N SER M 21 -35.81 -48.31 -24.84
CA SER M 21 -37.24 -48.35 -24.58
C SER M 21 -37.67 -49.60 -23.86
N MET M 22 -36.76 -50.53 -23.57
CA MET M 22 -37.09 -51.82 -23.01
C MET M 22 -36.74 -51.95 -21.53
N ILE M 23 -36.24 -50.88 -20.90
CA ILE M 23 -35.82 -51.02 -19.51
C ILE M 23 -37.00 -51.08 -18.55
N TRP M 24 -38.17 -50.56 -18.94
CA TRP M 24 -39.30 -50.71 -18.04
C TRP M 24 -39.89 -52.11 -18.14
N ILE M 25 -40.00 -52.63 -19.35
CA ILE M 25 -40.73 -53.87 -19.57
C ILE M 25 -39.93 -55.07 -19.07
N ASN M 26 -38.61 -55.04 -19.26
CA ASN M 26 -37.75 -56.11 -18.77
C ASN M 26 -37.76 -56.19 -17.25
N THR M 27 -37.57 -55.04 -16.60
CA THR M 27 -37.55 -55.02 -15.14
C THR M 27 -38.91 -55.33 -14.54
N THR M 28 -39.99 -54.88 -15.18
CA THR M 28 -41.34 -55.21 -14.72
C THR M 28 -41.62 -56.69 -14.84
N LEU M 29 -41.26 -57.29 -15.99
CA LEU M 29 -41.47 -58.72 -16.23
C LEU M 29 -40.68 -59.56 -15.24
N HIS M 30 -39.41 -59.25 -15.05
CA HIS M 30 -38.60 -60.11 -14.21
C HIS M 30 -38.83 -59.86 -12.72
N SER M 31 -39.23 -58.65 -12.34
CA SER M 31 -39.63 -58.41 -10.96
C SER M 31 -40.97 -59.08 -10.64
N LEU M 32 -41.88 -59.16 -11.61
CA LEU M 32 -43.09 -59.96 -11.42
C LEU M 32 -42.78 -61.45 -11.34
N LEU M 33 -41.78 -61.92 -12.08
CA LEU M 33 -41.38 -63.32 -11.94
C LEU M 33 -40.76 -63.59 -10.57
N ILE M 34 -39.99 -62.64 -10.04
CA ILE M 34 -39.43 -62.80 -8.70
C ILE M 34 -40.53 -62.74 -7.64
N SER M 35 -41.57 -61.92 -7.86
CA SER M 35 -42.69 -61.91 -6.93
C SER M 35 -43.51 -63.20 -7.02
N LEU M 36 -43.54 -63.83 -8.19
CA LEU M 36 -44.12 -65.18 -8.27
C LEU M 36 -43.26 -66.18 -7.53
N THR M 37 -41.94 -66.00 -7.60
CA THR M 37 -41.00 -66.88 -6.90
C THR M 37 -41.09 -66.71 -5.38
N SER M 38 -41.54 -65.54 -4.93
CA SER M 38 -41.61 -65.19 -3.52
C SER M 38 -42.56 -66.06 -2.70
N LEU M 39 -43.39 -66.90 -3.34
CA LEU M 39 -44.33 -67.74 -2.63
C LEU M 39 -43.69 -68.98 -2.01
N LEU M 40 -42.48 -69.34 -2.43
CA LEU M 40 -41.81 -70.53 -1.91
C LEU M 40 -41.39 -70.38 -0.46
N LEU M 41 -41.39 -69.16 0.07
CA LEU M 41 -41.11 -68.87 1.47
C LEU M 41 -42.25 -69.27 2.39
N LEU M 42 -43.39 -69.69 1.84
CA LEU M 42 -44.55 -70.11 2.64
C LEU M 42 -44.44 -71.51 3.17
N ASN M 43 -43.25 -72.12 3.14
CA ASN M 43 -43.00 -73.43 3.75
C ASN M 43 -42.75 -73.22 5.26
N GLN M 44 -43.80 -72.80 5.94
CA GLN M 44 -43.72 -72.46 7.35
C GLN M 44 -44.35 -73.57 8.18
N PHE M 45 -43.89 -73.69 9.42
CA PHE M 45 -44.36 -74.74 10.29
C PHE M 45 -44.83 -74.12 11.60
N GLY M 46 -45.69 -74.87 12.31
CA GLY M 46 -46.24 -74.38 13.55
C GLY M 46 -45.31 -74.43 14.73
N ASP M 47 -44.15 -75.07 14.57
CA ASP M 47 -43.17 -75.16 15.63
C ASP M 47 -41.86 -74.47 15.28
N ASN M 48 -41.34 -74.68 14.08
CA ASN M 48 -40.01 -74.23 13.70
C ASN M 48 -40.12 -73.21 12.58
N SER M 49 -39.20 -72.24 12.59
CA SER M 49 -39.09 -71.29 11.51
C SER M 49 -38.38 -71.94 10.32
N LEU M 50 -38.57 -71.35 9.14
CA LEU M 50 -37.91 -71.86 7.94
C LEU M 50 -36.48 -71.35 7.95
N ASN M 51 -35.55 -72.22 8.33
CA ASN M 51 -34.17 -71.85 8.64
C ASN M 51 -33.28 -72.26 7.48
N PHE M 52 -32.78 -71.28 6.72
CA PHE M 52 -32.02 -71.59 5.52
C PHE M 52 -30.55 -71.84 5.83
N SER M 53 -29.87 -70.84 6.38
CA SER M 53 -28.43 -70.94 6.55
C SER M 53 -28.04 -70.27 7.86
N LEU M 54 -26.73 -70.09 8.05
CA LEU M 54 -26.23 -69.36 9.20
C LEU M 54 -26.50 -67.86 9.08
N THR M 55 -26.81 -67.38 7.88
CA THR M 55 -27.03 -65.97 7.63
C THR M 55 -28.50 -65.64 7.44
N PHE M 56 -29.31 -66.57 6.93
CA PHE M 56 -30.68 -66.25 6.54
C PHE M 56 -31.67 -67.27 7.10
N PHE M 57 -32.84 -66.78 7.51
CA PHE M 57 -33.99 -67.62 7.81
C PHE M 57 -35.23 -66.76 7.59
N SER M 58 -36.39 -67.39 7.59
CA SER M 58 -37.63 -66.63 7.49
C SER M 58 -38.73 -67.35 8.26
N ASP M 59 -39.17 -66.75 9.36
CA ASP M 59 -40.33 -67.25 10.08
C ASP M 59 -41.61 -66.68 9.45
N SER M 60 -42.74 -66.89 10.10
CA SER M 60 -44.00 -66.42 9.53
C SER M 60 -44.26 -64.95 9.78
N LEU M 61 -43.34 -64.23 10.43
CA LEU M 61 -43.38 -62.78 10.50
C LEU M 61 -42.75 -62.15 9.26
N SER M 62 -41.55 -62.60 8.92
CA SER M 62 -40.83 -62.02 7.81
C SER M 62 -41.38 -62.48 6.46
N THR M 63 -42.06 -63.62 6.40
CA THR M 63 -42.57 -64.13 5.12
C THR M 63 -43.63 -63.24 4.47
N PRO M 64 -44.67 -62.71 5.17
CA PRO M 64 -45.57 -61.79 4.49
C PRO M 64 -44.91 -60.48 4.10
N LEU M 65 -43.95 -60.00 4.90
CA LEU M 65 -43.22 -58.79 4.55
C LEU M 65 -42.33 -59.03 3.34
N LEU M 66 -41.78 -60.23 3.19
CA LEU M 66 -41.00 -60.57 2.01
C LEU M 66 -41.86 -60.65 0.76
N ILE M 67 -43.05 -61.25 0.87
CA ILE M 67 -43.93 -61.34 -0.28
C ILE M 67 -44.42 -59.96 -0.69
N LEU M 68 -44.76 -59.11 0.30
CA LEU M 68 -45.19 -57.75 0.01
C LEU M 68 -44.05 -56.91 -0.56
N THR M 69 -42.82 -57.15 -0.08
CA THR M 69 -41.66 -56.40 -0.56
C THR M 69 -41.33 -56.77 -2.00
N MET M 70 -41.33 -58.06 -2.32
CA MET M 70 -41.03 -58.47 -3.68
C MET M 70 -42.19 -58.21 -4.64
N TRP M 71 -43.41 -58.04 -4.13
CA TRP M 71 -44.51 -57.58 -4.95
C TRP M 71 -44.50 -56.07 -5.14
N LEU M 72 -43.85 -55.33 -4.25
CA LEU M 72 -43.91 -53.88 -4.31
C LEU M 72 -43.06 -53.30 -5.45
N LEU M 73 -41.99 -54.01 -5.88
CA LEU M 73 -41.13 -53.47 -6.92
C LEU M 73 -41.81 -53.32 -8.28
N PRO M 74 -42.58 -54.30 -8.82
CA PRO M 74 -43.28 -54.03 -10.08
C PRO M 74 -44.29 -52.90 -9.99
N LEU M 75 -44.93 -52.75 -8.83
CA LEU M 75 -45.92 -51.69 -8.67
C LEU M 75 -45.23 -50.32 -8.62
N MET M 76 -44.04 -50.25 -8.01
CA MET M 76 -43.29 -48.99 -8.03
C MET M 76 -42.78 -48.67 -9.43
N LEU M 77 -42.37 -49.69 -10.18
CA LEU M 77 -41.92 -49.45 -11.54
C LEU M 77 -43.06 -49.00 -12.45
N MET M 78 -44.28 -49.50 -12.22
CA MET M 78 -45.42 -49.04 -13.00
C MET M 78 -45.83 -47.63 -12.58
N ALA M 79 -45.71 -47.31 -11.29
CA ALA M 79 -46.14 -46.00 -10.82
C ALA M 79 -45.18 -44.91 -11.26
N SER M 80 -43.88 -45.19 -11.28
CA SER M 80 -42.88 -44.16 -11.49
C SER M 80 -42.28 -44.19 -12.90
N GLN M 81 -43.10 -44.43 -13.93
CA GLN M 81 -42.59 -44.39 -15.29
C GLN M 81 -43.29 -43.38 -16.20
N HIS M 82 -44.41 -42.80 -15.77
CA HIS M 82 -44.98 -41.73 -16.57
C HIS M 82 -44.23 -40.42 -16.35
N HIS M 83 -44.00 -40.05 -15.09
CA HIS M 83 -43.38 -38.76 -14.80
C HIS M 83 -41.87 -38.77 -15.00
N LEU M 84 -41.28 -39.92 -15.33
CA LEU M 84 -39.88 -39.98 -15.73
C LEU M 84 -39.72 -40.31 -17.21
N SER M 85 -40.76 -40.04 -18.00
CA SER M 85 -40.66 -40.28 -19.43
C SER M 85 -39.77 -39.24 -20.11
N LYS M 86 -39.67 -38.05 -19.52
CA LYS M 86 -38.77 -37.01 -20.01
C LYS M 86 -37.38 -37.10 -19.40
N GLU M 87 -37.15 -38.07 -18.54
CA GLU M 87 -35.87 -38.21 -17.84
C GLU M 87 -34.84 -38.81 -18.79
N ASN M 88 -33.57 -38.52 -18.53
CA ASN M 88 -32.47 -39.16 -19.24
C ASN M 88 -32.50 -40.66 -19.02
N LEU M 89 -32.10 -41.40 -20.05
CA LEU M 89 -32.10 -42.86 -20.01
C LEU M 89 -31.10 -43.38 -18.97
N ALA M 90 -29.96 -42.69 -18.82
CA ALA M 90 -28.98 -43.09 -17.82
C ALA M 90 -29.46 -42.80 -16.41
N ARG M 91 -30.10 -41.63 -16.20
CA ARG M 91 -30.68 -41.35 -14.89
C ARG M 91 -31.90 -42.22 -14.61
N LYS M 92 -32.60 -42.64 -15.66
CA LYS M 92 -33.72 -43.56 -15.51
C LYS M 92 -33.23 -44.93 -15.04
N LYS M 93 -32.13 -45.40 -15.64
CA LYS M 93 -31.48 -46.62 -15.17
C LYS M 93 -30.95 -46.47 -13.75
N LEU M 94 -30.47 -45.28 -13.38
CA LEU M 94 -30.05 -45.05 -12.00
C LEU M 94 -31.22 -45.10 -11.02
N PHE M 95 -32.38 -44.59 -11.42
CA PHE M 95 -33.56 -44.65 -10.56
C PHE M 95 -34.03 -46.10 -10.37
N ILE M 96 -34.04 -46.86 -11.46
CA ILE M 96 -34.35 -48.29 -11.37
C ILE M 96 -33.31 -49.02 -10.54
N SER M 97 -32.04 -48.58 -10.60
CA SER M 97 -31.00 -49.17 -9.77
C SER M 97 -31.22 -48.88 -8.29
N MET M 98 -31.70 -47.67 -7.96
CA MET M 98 -31.98 -47.38 -6.56
C MET M 98 -33.16 -48.19 -6.04
N LEU M 99 -34.17 -48.39 -6.89
CA LEU M 99 -35.33 -49.19 -6.47
C LEU M 99 -34.95 -50.65 -6.27
N ILE M 100 -34.18 -51.22 -7.20
CA ILE M 100 -33.75 -52.60 -7.10
C ILE M 100 -32.78 -52.78 -5.93
N LEU M 101 -31.93 -51.78 -5.68
CA LEU M 101 -31.00 -51.86 -4.55
C LEU M 101 -31.74 -51.77 -3.23
N LEU M 102 -32.81 -50.98 -3.18
CA LEU M 102 -33.60 -50.89 -1.95
C LEU M 102 -34.37 -52.17 -1.70
N GLN M 103 -34.91 -52.79 -2.75
CA GLN M 103 -35.54 -54.11 -2.60
C GLN M 103 -34.52 -55.14 -2.15
N LEU M 104 -33.30 -55.05 -2.68
CA LEU M 104 -32.24 -55.98 -2.33
C LEU M 104 -31.82 -55.83 -0.88
N PHE M 105 -31.86 -54.61 -0.36
CA PHE M 105 -31.55 -54.42 1.06
C PHE M 105 -32.70 -54.87 1.93
N LEU M 106 -33.95 -54.67 1.48
CA LEU M 106 -35.11 -55.02 2.29
C LEU M 106 -35.29 -56.53 2.39
N ILE M 107 -35.10 -57.27 1.29
CA ILE M 107 -35.32 -58.71 1.34
C ILE M 107 -34.27 -59.46 2.13
N MET M 108 -33.15 -58.83 2.47
CA MET M 108 -32.21 -59.40 3.42
C MET M 108 -32.09 -58.55 4.68
N THR M 109 -33.00 -57.61 4.87
CA THR M 109 -33.23 -57.07 6.20
C THR M 109 -34.13 -58.01 6.98
N PHE M 110 -35.22 -58.46 6.34
CA PHE M 110 -36.18 -59.30 7.04
C PHE M 110 -35.68 -60.72 7.23
N THR M 111 -34.73 -61.18 6.42
CA THR M 111 -34.20 -62.52 6.56
C THR M 111 -32.87 -62.54 7.28
N ALA M 112 -32.62 -61.59 8.17
CA ALA M 112 -31.36 -61.59 8.88
C ALA M 112 -31.46 -62.50 10.08
N THR M 113 -30.71 -63.59 10.05
CA THR M 113 -30.59 -64.48 11.20
C THR M 113 -30.00 -63.76 12.40
N GLU M 114 -28.96 -62.98 12.17
CA GLU M 114 -28.23 -62.30 13.22
C GLU M 114 -28.51 -60.81 13.16
N LEU M 115 -28.65 -60.20 14.34
CA LEU M 115 -29.25 -58.88 14.45
C LEU M 115 -28.33 -57.74 14.02
N ILE M 116 -27.01 -57.93 13.97
CA ILE M 116 -26.21 -56.80 13.50
C ILE M 116 -26.23 -56.76 11.97
N PHE M 117 -26.48 -57.90 11.31
CA PHE M 117 -26.73 -57.88 9.88
C PHE M 117 -28.08 -57.25 9.59
N PHE M 118 -29.05 -57.49 10.48
CA PHE M 118 -30.31 -56.76 10.48
C PHE M 118 -30.07 -55.27 10.63
N TYR M 119 -29.12 -54.88 11.47
CA TYR M 119 -28.85 -53.45 11.64
C TYR M 119 -28.19 -52.85 10.41
N ILE M 120 -27.26 -53.57 9.80
CA ILE M 120 -26.55 -53.07 8.62
C ILE M 120 -27.52 -52.89 7.46
N MET M 121 -28.39 -53.86 7.23
CA MET M 121 -29.37 -53.70 6.15
C MET M 121 -30.45 -52.69 6.53
N PHE M 122 -30.84 -52.67 7.80
CA PHE M 122 -31.86 -51.76 8.33
C PHE M 122 -31.44 -50.30 8.22
N GLU M 123 -30.15 -50.03 8.30
CA GLU M 123 -29.63 -48.68 8.12
C GLU M 123 -29.04 -48.46 6.74
N ALA M 124 -28.89 -49.53 5.96
CA ALA M 124 -28.53 -49.41 4.56
C ALA M 124 -29.72 -49.09 3.68
N THR M 125 -30.94 -49.34 4.17
CA THR M 125 -32.13 -48.90 3.43
C THR M 125 -32.34 -47.40 3.47
N LEU M 126 -31.56 -46.65 4.25
CA LEU M 126 -31.70 -45.19 4.23
C LEU M 126 -31.18 -44.59 2.94
N VAL M 127 -30.03 -45.06 2.47
CA VAL M 127 -29.26 -44.41 1.41
C VAL M 127 -29.97 -44.41 0.05
N PRO M 128 -30.48 -45.53 -0.50
CA PRO M 128 -31.21 -45.40 -1.77
C PRO M 128 -32.52 -44.67 -1.61
N THR M 129 -33.16 -44.79 -0.45
CA THR M 129 -34.37 -44.03 -0.15
C THR M 129 -34.11 -42.54 -0.16
N LEU M 130 -33.02 -42.13 0.49
CA LEU M 130 -32.60 -40.73 0.53
C LEU M 130 -32.27 -40.21 -0.85
N ILE M 131 -31.59 -41.02 -1.67
CA ILE M 131 -31.25 -40.60 -3.03
C ILE M 131 -32.50 -40.43 -3.88
N ILE M 132 -33.48 -41.35 -3.73
CA ILE M 132 -34.74 -41.26 -4.46
C ILE M 132 -35.50 -39.99 -4.09
N ILE M 133 -35.66 -39.75 -2.77
CA ILE M 133 -36.43 -38.59 -2.28
C ILE M 133 -35.78 -37.29 -2.71
N THR M 134 -34.47 -37.16 -2.50
CA THR M 134 -33.81 -35.89 -2.75
C THR M 134 -33.46 -35.65 -4.21
N ARG M 135 -33.34 -36.69 -5.03
CA ARG M 135 -32.98 -36.51 -6.42
C ARG M 135 -34.18 -36.46 -7.34
N TRP M 136 -35.13 -37.39 -7.20
CA TRP M 136 -36.29 -37.40 -8.08
C TRP M 136 -37.53 -36.83 -7.42
N GLY M 137 -37.37 -36.14 -6.29
CA GLY M 137 -38.48 -35.40 -5.73
C GLY M 137 -38.78 -34.16 -6.54
N ASN M 138 -40.00 -33.64 -6.36
CA ASN M 138 -40.54 -32.65 -7.28
C ASN M 138 -40.41 -31.22 -6.77
N GLN M 139 -40.62 -30.98 -5.49
CA GLN M 139 -40.70 -29.63 -4.97
C GLN M 139 -39.38 -29.20 -4.33
N THR M 140 -39.41 -28.01 -3.72
CA THR M 140 -38.21 -27.40 -3.15
C THR M 140 -37.89 -27.97 -1.78
N GLU M 141 -38.90 -28.36 -1.00
CA GLU M 141 -38.71 -28.85 0.35
C GLU M 141 -38.33 -30.32 0.42
N ARG M 142 -37.90 -30.93 -0.70
CA ARG M 142 -37.44 -32.31 -0.64
C ARG M 142 -36.11 -32.41 0.10
N LEU M 143 -35.28 -31.36 0.03
CA LEU M 143 -33.96 -31.41 0.63
C LEU M 143 -34.04 -31.37 2.15
N ASN M 144 -34.92 -30.52 2.69
CA ASN M 144 -35.29 -30.62 4.09
C ASN M 144 -35.89 -31.98 4.40
N ALA M 145 -36.69 -32.52 3.47
CA ALA M 145 -37.24 -33.85 3.64
C ALA M 145 -36.17 -34.92 3.58
N GLY M 146 -34.99 -34.61 3.04
CA GLY M 146 -33.88 -35.53 3.13
C GLY M 146 -33.09 -35.44 4.42
N LEU M 147 -33.28 -34.36 5.18
CA LEU M 147 -32.55 -34.24 6.42
C LEU M 147 -33.34 -34.81 7.59
N TYR M 148 -34.61 -34.43 7.73
CA TYR M 148 -35.45 -34.93 8.79
C TYR M 148 -35.63 -36.44 8.71
N PHE M 149 -35.71 -36.97 7.49
CA PHE M 149 -35.78 -38.42 7.31
C PHE M 149 -34.50 -39.10 7.78
N LEU M 150 -33.36 -38.45 7.58
CA LEU M 150 -32.10 -39.12 7.85
C LEU M 150 -31.74 -39.04 9.33
N PHE M 151 -31.64 -37.82 9.85
CA PHE M 151 -31.08 -37.57 11.17
C PHE M 151 -32.04 -37.85 12.31
N TYR M 152 -33.27 -38.28 12.04
CA TYR M 152 -34.00 -38.92 13.12
C TYR M 152 -33.56 -40.36 13.26
N THR M 153 -33.50 -41.06 12.12
CA THR M 153 -33.27 -42.51 12.10
C THR M 153 -31.94 -42.87 12.72
N LEU M 154 -30.87 -42.21 12.28
CA LEU M 154 -29.54 -42.43 12.84
C LEU M 154 -29.49 -42.04 14.30
N ALA M 155 -30.24 -40.99 14.69
CA ALA M 155 -30.27 -40.59 16.09
C ALA M 155 -31.01 -41.61 16.94
N GLY M 156 -31.83 -42.45 16.32
CA GLY M 156 -32.41 -43.55 17.04
C GLY M 156 -31.51 -44.77 17.00
N SER M 157 -30.71 -44.91 15.94
CA SER M 157 -30.11 -46.21 15.65
C SER M 157 -28.66 -46.32 16.03
N LEU M 158 -27.94 -45.22 16.07
CA LEU M 158 -26.56 -45.24 16.54
C LEU M 158 -26.45 -45.53 18.04
N PRO M 159 -27.43 -45.17 18.89
CA PRO M 159 -27.49 -45.87 20.19
C PRO M 159 -27.78 -47.35 20.06
N LEU M 160 -28.72 -47.73 19.19
CA LEU M 160 -29.17 -49.12 19.05
C LEU M 160 -28.03 -50.06 18.71
N LEU M 161 -27.21 -49.67 17.72
CA LEU M 161 -25.97 -50.34 17.35
C LEU M 161 -25.14 -50.70 18.57
N VAL M 162 -24.91 -49.71 19.45
CA VAL M 162 -24.11 -49.91 20.65
C VAL M 162 -24.76 -50.96 21.55
N ALA M 163 -26.08 -50.87 21.70
CA ALA M 163 -26.80 -51.82 22.54
C ALA M 163 -26.73 -53.22 21.96
N LEU M 164 -26.78 -53.34 20.62
CA LEU M 164 -26.67 -54.64 20.00
C LEU M 164 -25.30 -55.24 20.26
N ILE M 165 -24.26 -54.40 20.21
CA ILE M 165 -22.91 -54.89 20.46
C ILE M 165 -22.78 -55.28 21.92
N TYR M 166 -23.54 -54.62 22.80
CA TYR M 166 -23.53 -55.01 24.20
C TYR M 166 -24.11 -56.40 24.39
N ILE M 167 -25.16 -56.74 23.62
CA ILE M 167 -25.69 -58.09 23.70
C ILE M 167 -24.69 -59.06 23.11
N GLN M 168 -23.95 -58.61 22.08
CA GLN M 168 -22.83 -59.36 21.53
C GLN M 168 -21.76 -59.63 22.58
N ASN M 169 -21.59 -58.72 23.53
CA ASN M 169 -20.65 -58.94 24.60
C ASN M 169 -21.26 -59.68 25.78
N THR M 170 -22.59 -59.72 25.88
CA THR M 170 -23.22 -60.23 27.09
C THR M 170 -23.74 -61.65 26.90
N MET M 171 -24.60 -61.85 25.90
CA MET M 171 -25.12 -63.19 25.63
C MET M 171 -24.15 -64.00 24.80
N GLY M 172 -23.23 -63.34 24.11
CA GLY M 172 -22.26 -64.00 23.26
C GLY M 172 -22.55 -63.90 21.79
N SER M 173 -23.81 -63.84 21.38
CA SER M 173 -24.15 -63.81 19.97
C SER M 173 -25.45 -63.04 19.79
N LEU M 174 -25.61 -62.46 18.60
CA LEU M 174 -26.82 -61.75 18.22
C LEU M 174 -27.71 -62.55 17.28
N ASN M 175 -27.50 -63.86 17.21
CA ASN M 175 -28.42 -64.72 16.48
C ASN M 175 -29.77 -64.72 17.18
N PHE M 176 -30.83 -64.53 16.40
CA PHE M 176 -32.17 -64.62 16.97
C PHE M 176 -32.53 -66.06 17.32
N LEU M 177 -31.95 -67.03 16.61
CA LEU M 177 -32.24 -68.43 16.92
C LEU M 177 -31.54 -68.87 18.21
N ILE M 178 -30.40 -68.29 18.52
CA ILE M 178 -29.76 -68.54 19.81
C ILE M 178 -30.48 -67.80 20.92
N LEU M 179 -30.82 -66.52 20.68
CA LEU M 179 -31.43 -65.68 21.72
C LEU M 179 -32.86 -66.06 22.05
N GLN M 180 -33.49 -66.98 21.31
CA GLN M 180 -34.73 -67.58 21.78
C GLN M 180 -34.48 -68.44 23.00
N TYR M 181 -33.27 -68.96 23.16
CA TYR M 181 -32.96 -69.99 24.15
C TYR M 181 -32.03 -69.51 25.24
N TRP M 182 -31.28 -68.45 25.02
CA TRP M 182 -30.36 -67.91 26.02
C TRP M 182 -30.84 -66.59 26.61
N VAL M 183 -32.11 -66.23 26.40
CA VAL M 183 -32.61 -64.96 26.90
C VAL M 183 -32.75 -65.01 28.41
N GLN M 184 -32.18 -64.03 29.08
CA GLN M 184 -32.19 -63.85 30.52
C GLN M 184 -33.21 -62.78 30.89
N PRO M 185 -33.87 -62.88 32.05
CA PRO M 185 -34.84 -61.86 32.43
C PRO M 185 -34.15 -60.56 32.82
N MET M 186 -34.38 -59.52 32.03
CA MET M 186 -33.72 -58.23 32.17
C MET M 186 -34.24 -57.49 33.39
N PRO M 187 -33.39 -57.25 34.40
CA PRO M 187 -33.91 -56.77 35.70
C PRO M 187 -34.29 -55.29 35.70
N ASN M 188 -34.65 -54.80 36.88
CA ASN M 188 -35.01 -53.39 37.07
C ASN M 188 -33.78 -52.61 37.49
N SER M 189 -33.31 -51.73 36.62
CA SER M 189 -32.22 -50.82 36.91
C SER M 189 -32.29 -49.65 35.94
N TRP M 190 -31.48 -48.62 36.22
CA TRP M 190 -31.38 -47.51 35.28
C TRP M 190 -30.59 -47.93 34.04
N SER M 191 -29.60 -48.79 34.23
CA SER M 191 -28.81 -49.27 33.12
C SER M 191 -29.65 -50.11 32.17
N ASN M 192 -30.49 -51.00 32.72
CA ASN M 192 -31.38 -51.78 31.88
C ASN M 192 -32.50 -50.93 31.29
N THR M 193 -32.86 -49.82 31.97
CA THR M 193 -33.84 -48.89 31.40
C THR M 193 -33.29 -48.23 30.13
N PHE M 194 -32.07 -47.72 30.19
CA PHE M 194 -31.50 -47.13 28.99
C PHE M 194 -31.07 -48.18 27.97
N MET M 195 -30.83 -49.42 28.41
CA MET M 195 -30.69 -50.54 27.49
C MET M 195 -31.97 -50.75 26.68
N TRP M 196 -33.12 -50.70 27.37
CA TRP M 196 -34.42 -50.82 26.71
C TRP M 196 -34.64 -49.68 25.72
N LEU M 197 -34.33 -48.44 26.14
CA LEU M 197 -34.48 -47.28 25.26
C LEU M 197 -33.58 -47.39 24.04
N ALA M 198 -32.33 -47.82 24.21
CA ALA M 198 -31.44 -47.99 23.08
C ALA M 198 -31.94 -49.09 22.14
N CYS M 199 -32.57 -50.13 22.68
CA CYS M 199 -33.13 -51.14 21.78
C CYS M 199 -34.39 -50.66 21.07
N MET M 200 -35.16 -49.76 21.67
CA MET M 200 -36.49 -49.47 21.12
C MET M 200 -36.58 -48.22 20.28
N MET M 201 -35.78 -47.17 20.55
CA MET M 201 -36.08 -45.85 20.01
C MET M 201 -35.86 -45.74 18.50
N ALA M 202 -34.96 -46.54 17.93
CA ALA M 202 -34.78 -46.53 16.48
C ALA M 202 -36.03 -47.01 15.76
N PHE M 203 -36.62 -48.09 16.27
CA PHE M 203 -37.83 -48.60 15.67
C PHE M 203 -39.02 -47.72 16.00
N MET M 204 -39.01 -47.07 17.17
CA MET M 204 -40.00 -46.06 17.49
C MET M 204 -39.95 -44.90 16.50
N VAL M 205 -38.76 -44.54 16.03
CA VAL M 205 -38.63 -43.53 14.98
C VAL M 205 -39.21 -44.06 13.67
N LYS M 206 -38.87 -45.29 13.30
CA LYS M 206 -39.36 -45.77 12.01
C LYS M 206 -40.77 -46.35 12.04
N MET M 207 -41.48 -46.36 13.16
CA MET M 207 -42.87 -46.79 13.11
C MET M 207 -43.80 -45.80 12.42
N PRO M 208 -43.83 -44.50 12.77
CA PRO M 208 -43.19 -43.61 13.75
C PRO M 208 -43.96 -43.46 15.04
N LEU M 209 -43.23 -43.13 16.09
CA LEU M 209 -43.85 -42.76 17.36
C LEU M 209 -44.48 -41.37 17.24
N TYR M 210 -45.59 -41.18 17.93
CA TYR M 210 -46.14 -39.84 18.08
C TYR M 210 -45.18 -38.97 18.87
N GLY M 211 -44.84 -37.81 18.31
CA GLY M 211 -43.81 -36.97 18.86
C GLY M 211 -42.55 -37.05 18.01
N LEU M 212 -42.21 -38.25 17.57
CA LEU M 212 -41.07 -38.45 16.69
C LEU M 212 -41.47 -38.60 15.24
N HIS M 213 -42.74 -38.36 14.92
CA HIS M 213 -43.25 -38.64 13.59
C HIS M 213 -42.96 -37.56 12.58
N LEU M 214 -42.22 -36.50 12.96
CA LEU M 214 -42.08 -35.32 12.11
C LEU M 214 -41.26 -35.60 10.85
N TRP M 215 -40.50 -36.69 10.81
CA TRP M 215 -39.82 -37.04 9.57
C TRP M 215 -40.80 -37.51 8.51
N LEU M 216 -41.95 -38.02 8.93
CA LEU M 216 -42.83 -38.69 7.98
C LEU M 216 -43.60 -37.73 7.05
N PRO M 217 -44.34 -36.71 7.52
CA PRO M 217 -45.17 -35.95 6.58
C PRO M 217 -44.40 -35.04 5.66
N LYS M 218 -43.09 -34.91 5.85
CA LYS M 218 -42.22 -34.32 4.85
C LYS M 218 -41.66 -35.37 3.91
N ALA M 219 -41.25 -36.52 4.42
CA ALA M 219 -40.68 -37.53 3.54
C ALA M 219 -41.72 -38.28 2.72
N HIS M 220 -43.01 -38.14 3.05
CA HIS M 220 -44.04 -38.70 2.18
C HIS M 220 -44.49 -37.73 1.10
N VAL M 221 -44.70 -36.45 1.44
CA VAL M 221 -45.23 -35.52 0.46
C VAL M 221 -44.17 -34.95 -0.46
N GLU M 222 -42.89 -35.21 -0.19
CA GLU M 222 -41.83 -34.67 -1.02
C GLU M 222 -41.07 -35.74 -1.79
N ALA M 223 -41.31 -37.01 -1.51
CA ALA M 223 -40.74 -38.08 -2.30
C ALA M 223 -41.46 -38.14 -3.64
N PRO M 224 -40.86 -38.80 -4.63
CA PRO M 224 -41.63 -39.23 -5.81
C PRO M 224 -42.52 -40.42 -5.44
N ILE M 225 -43.23 -40.92 -6.45
CA ILE M 225 -44.27 -41.88 -6.14
C ILE M 225 -43.72 -43.25 -5.75
N ALA M 226 -42.57 -43.65 -6.33
CA ALA M 226 -41.94 -44.90 -5.91
C ALA M 226 -41.42 -44.79 -4.49
N GLY M 227 -40.86 -43.63 -4.14
CA GLY M 227 -40.44 -43.40 -2.76
C GLY M 227 -41.61 -43.35 -1.79
N SER M 228 -42.72 -42.74 -2.20
CA SER M 228 -43.89 -42.66 -1.33
C SER M 228 -44.49 -44.06 -1.10
N MET M 229 -44.52 -44.89 -2.15
CA MET M 229 -45.00 -46.26 -2.01
C MET M 229 -44.09 -47.09 -1.12
N VAL M 230 -42.77 -46.90 -1.23
CA VAL M 230 -41.90 -47.76 -0.43
C VAL M 230 -41.83 -47.29 1.02
N LEU M 231 -42.01 -45.99 1.28
CA LEU M 231 -42.15 -45.58 2.68
C LEU M 231 -43.50 -45.97 3.25
N ALA M 232 -44.54 -46.02 2.42
CA ALA M 232 -45.85 -46.40 2.93
C ALA M 232 -45.92 -47.88 3.23
N ALA M 233 -45.42 -48.71 2.32
CA ALA M 233 -45.72 -50.13 2.36
C ALA M 233 -44.74 -50.94 3.19
N ILE M 234 -43.45 -50.63 3.15
CA ILE M 234 -42.43 -51.44 3.79
C ILE M 234 -41.61 -50.65 4.80
N LEU M 235 -41.20 -49.43 4.46
CA LEU M 235 -40.25 -48.71 5.32
C LEU M 235 -40.87 -48.14 6.59
N LEU M 236 -42.16 -48.37 6.86
CA LEU M 236 -42.71 -48.19 8.19
C LEU M 236 -42.79 -49.48 8.97
N LYS M 237 -42.39 -50.59 8.37
CA LYS M 237 -42.61 -51.91 8.94
C LYS M 237 -41.32 -52.57 9.36
N LEU M 238 -40.17 -51.98 8.99
CA LEU M 238 -38.89 -52.35 9.59
C LEU M 238 -38.90 -52.07 11.08
N GLY M 239 -39.60 -51.01 11.51
CA GLY M 239 -39.71 -50.71 12.92
C GLY M 239 -40.50 -51.76 13.68
N GLY M 240 -41.66 -52.14 13.17
CA GLY M 240 -42.45 -53.17 13.82
C GLY M 240 -41.79 -54.54 13.78
N TYR M 241 -41.14 -54.86 12.67
CA TYR M 241 -40.39 -56.10 12.55
C TYR M 241 -39.24 -56.16 13.57
N GLY M 242 -38.47 -55.06 13.66
CA GLY M 242 -37.38 -55.03 14.62
C GLY M 242 -37.83 -55.02 16.05
N MET M 243 -39.01 -54.44 16.33
CA MET M 243 -39.54 -54.51 17.69
C MET M 243 -39.97 -55.92 18.05
N MET M 244 -40.61 -56.63 17.12
CA MET M 244 -41.00 -58.00 17.40
C MET M 244 -39.79 -58.93 17.49
N ARG M 245 -38.66 -58.55 16.88
CA ARG M 245 -37.45 -59.33 17.09
C ARG M 245 -36.80 -58.99 18.43
N ILE M 246 -36.78 -57.70 18.82
CA ILE M 246 -35.93 -57.31 19.93
C ILE M 246 -36.64 -57.33 21.29
N THR M 247 -37.98 -57.32 21.31
CA THR M 247 -38.67 -57.40 22.60
C THR M 247 -38.68 -58.80 23.19
N LEU M 248 -38.08 -59.78 22.51
CA LEU M 248 -37.77 -61.05 23.15
C LEU M 248 -36.78 -60.86 24.30
N LEU M 249 -35.83 -59.96 24.12
CA LEU M 249 -34.78 -59.71 25.09
C LEU M 249 -35.16 -58.71 26.15
N LEU M 250 -36.24 -57.96 25.95
CA LEU M 250 -36.59 -56.83 26.81
C LEU M 250 -37.64 -57.20 27.84
N ASN M 251 -37.66 -58.45 28.27
CA ASN M 251 -38.55 -58.90 29.32
C ASN M 251 -37.76 -59.15 30.59
N PRO M 252 -38.33 -58.88 31.78
CA PRO M 252 -39.66 -58.33 32.09
C PRO M 252 -39.67 -56.82 32.23
N ILE M 253 -38.68 -56.13 31.68
CA ILE M 253 -38.62 -54.68 31.88
C ILE M 253 -39.66 -53.96 31.02
N THR M 254 -40.15 -54.60 29.95
CA THR M 254 -41.20 -54.01 29.14
C THR M 254 -42.52 -53.92 29.89
N ASP M 255 -42.71 -54.76 30.91
CA ASP M 255 -43.95 -54.76 31.68
C ASP M 255 -44.14 -53.51 32.54
N PHE M 256 -43.11 -52.66 32.67
CA PHE M 256 -43.29 -51.39 33.35
C PHE M 256 -42.60 -50.21 32.65
N MET M 257 -41.87 -50.46 31.56
CA MET M 257 -41.21 -49.38 30.83
C MET M 257 -41.98 -48.99 29.57
N ALA M 258 -42.86 -49.86 29.08
CA ALA M 258 -43.59 -49.57 27.85
C ALA M 258 -44.69 -48.53 28.01
N TYR M 259 -45.00 -48.11 29.25
CA TYR M 259 -46.14 -47.21 29.49
C TYR M 259 -46.09 -45.87 28.77
N PRO M 260 -45.00 -45.07 28.78
CA PRO M 260 -45.09 -43.75 28.12
C PRO M 260 -45.23 -43.84 26.61
N PHE M 261 -44.68 -44.88 25.99
CA PHE M 261 -44.81 -45.03 24.55
C PHE M 261 -46.17 -45.57 24.17
N ILE M 262 -46.79 -46.38 25.04
CA ILE M 262 -48.18 -46.75 24.88
C ILE M 262 -49.07 -45.53 25.00
N MET M 263 -48.77 -44.61 25.93
CA MET M 263 -49.57 -43.40 26.06
C MET M 263 -49.41 -42.49 24.84
N LEU M 264 -48.17 -42.32 24.37
CA LEU M 264 -47.89 -41.56 23.16
C LEU M 264 -48.63 -42.12 21.95
N SER M 265 -48.65 -43.44 21.79
CA SER M 265 -49.29 -44.01 20.62
C SER M 265 -50.82 -44.03 20.74
N LEU M 266 -51.37 -44.35 21.92
CA LEU M 266 -52.81 -44.34 22.11
C LEU M 266 -53.39 -42.94 22.04
N TRP M 267 -52.59 -41.91 22.32
CA TRP M 267 -53.08 -40.55 22.11
C TRP M 267 -52.72 -39.99 20.74
N GLY M 268 -51.65 -40.48 20.12
CA GLY M 268 -51.29 -40.02 18.79
C GLY M 268 -52.19 -40.56 17.71
N MET M 269 -52.79 -41.73 17.93
CA MET M 269 -53.77 -42.21 16.97
C MET M 269 -55.07 -41.41 17.04
N ILE M 270 -55.28 -40.65 18.10
CA ILE M 270 -56.38 -39.70 18.14
C ILE M 270 -55.97 -38.39 17.49
N MET M 271 -54.78 -37.89 17.85
CA MET M 271 -54.33 -36.59 17.38
C MET M 271 -54.06 -36.57 15.89
N THR M 272 -53.41 -37.60 15.35
CA THR M 272 -53.08 -37.60 13.93
C THR M 272 -54.30 -37.88 13.07
N SER M 273 -55.28 -38.60 13.59
CA SER M 273 -56.56 -38.73 12.87
C SER M 273 -57.31 -37.41 12.85
N SER M 274 -57.26 -36.65 13.96
CA SER M 274 -57.81 -35.31 13.96
C SER M 274 -57.08 -34.38 13.01
N ILE M 275 -55.76 -34.55 12.87
CA ILE M 275 -55.00 -33.78 11.89
C ILE M 275 -55.41 -34.15 10.47
N CYS M 276 -55.71 -35.44 10.24
CA CYS M 276 -56.26 -35.88 8.96
C CYS M 276 -57.61 -35.23 8.68
N LEU M 277 -58.38 -34.91 9.71
CA LEU M 277 -59.62 -34.16 9.47
C LEU M 277 -59.39 -32.74 8.96
N ARG M 278 -58.21 -32.15 9.16
CA ARG M 278 -57.97 -30.78 8.76
C ARG M 278 -56.67 -30.60 8.00
N GLN M 279 -56.41 -31.44 7.00
CA GLN M 279 -55.30 -31.22 6.08
C GLN M 279 -55.80 -30.60 4.79
N THR M 280 -55.11 -29.54 4.35
CA THR M 280 -55.33 -29.01 3.02
C THR M 280 -54.78 -29.93 1.94
N ASP M 281 -53.87 -30.82 2.31
CA ASP M 281 -53.15 -31.67 1.38
C ASP M 281 -53.67 -33.10 1.44
N LEU M 282 -53.83 -33.71 0.27
CA LEU M 282 -54.27 -35.10 0.19
C LEU M 282 -53.19 -36.04 0.68
N LYS M 283 -51.96 -35.82 0.21
CA LYS M 283 -50.86 -36.73 0.52
C LYS M 283 -50.42 -36.60 1.97
N SER M 284 -50.58 -35.41 2.57
CA SER M 284 -50.35 -35.26 4.00
C SER M 284 -51.43 -35.95 4.82
N LEU M 285 -52.67 -35.96 4.33
CA LEU M 285 -53.75 -36.69 4.98
C LEU M 285 -53.44 -38.18 5.00
N ILE M 286 -52.92 -38.69 3.88
CA ILE M 286 -52.52 -40.09 3.83
C ILE M 286 -51.32 -40.37 4.75
N ALA M 287 -50.40 -39.40 4.86
CA ALA M 287 -49.23 -39.55 5.73
C ALA M 287 -49.63 -39.63 7.21
N TYR M 288 -50.44 -38.68 7.67
CA TYR M 288 -50.90 -38.76 9.06
C TYR M 288 -51.85 -39.93 9.29
N SER M 289 -52.52 -40.44 8.24
CA SER M 289 -53.23 -41.70 8.38
C SER M 289 -52.28 -42.85 8.64
N SER M 290 -51.11 -42.82 7.99
CA SER M 290 -50.11 -43.86 8.23
C SER M 290 -49.60 -43.83 9.67
N VAL M 291 -49.44 -42.61 10.21
CA VAL M 291 -49.06 -42.49 11.63
C VAL M 291 -50.17 -43.05 12.52
N SER M 292 -51.43 -42.71 12.22
CA SER M 292 -52.57 -43.16 13.01
C SER M 292 -52.75 -44.66 12.96
N HIS M 293 -52.44 -45.30 11.83
CA HIS M 293 -52.55 -46.75 11.76
C HIS M 293 -51.37 -47.46 12.40
N MET M 294 -50.15 -46.89 12.30
CA MET M 294 -49.01 -47.55 12.92
C MET M 294 -48.97 -47.37 14.44
N ALA M 295 -49.73 -46.41 14.98
CA ALA M 295 -49.80 -46.25 16.43
C ALA M 295 -50.39 -47.49 17.11
N LEU M 296 -51.37 -48.13 16.49
CA LEU M 296 -51.91 -49.36 17.07
C LEU M 296 -50.91 -50.50 16.99
N VAL M 297 -50.03 -50.49 15.98
CA VAL M 297 -49.03 -51.55 15.90
C VAL M 297 -47.97 -51.34 16.98
N ILE M 298 -47.66 -50.08 17.29
CA ILE M 298 -46.77 -49.79 18.42
C ILE M 298 -47.38 -50.29 19.72
N VAL M 299 -48.68 -50.03 19.92
CA VAL M 299 -49.36 -50.47 21.14
C VAL M 299 -49.41 -52.00 21.20
N ALA M 300 -49.71 -52.64 20.07
CA ALA M 300 -49.83 -54.10 20.02
C ALA M 300 -48.50 -54.80 20.19
N ILE M 301 -47.39 -54.15 19.83
CA ILE M 301 -46.11 -54.76 20.13
C ILE M 301 -45.72 -54.53 21.58
N LEU M 302 -46.02 -53.34 22.11
CA LEU M 302 -45.62 -53.05 23.48
C LEU M 302 -46.45 -53.80 24.52
N ILE M 303 -47.67 -54.22 24.20
CA ILE M 303 -48.42 -55.02 25.16
C ILE M 303 -48.10 -56.51 25.05
N GLN M 304 -47.51 -56.94 23.93
CA GLN M 304 -46.94 -58.28 23.66
C GLN M 304 -47.83 -59.45 24.11
N THR M 305 -49.07 -59.41 23.67
CA THR M 305 -49.97 -60.56 23.77
C THR M 305 -50.12 -61.18 22.39
N PRO M 306 -50.48 -62.49 22.30
CA PRO M 306 -50.51 -63.15 20.97
C PRO M 306 -51.51 -62.57 19.99
N TRP M 307 -52.72 -62.25 20.47
CA TRP M 307 -53.71 -61.55 19.66
C TRP M 307 -53.19 -60.21 19.17
N SER M 308 -52.38 -59.53 19.98
CA SER M 308 -51.81 -58.26 19.57
C SER M 308 -50.77 -58.43 18.49
N TYR M 309 -49.92 -59.46 18.58
CA TYR M 309 -48.92 -59.66 17.53
C TYR M 309 -49.56 -60.09 16.22
N MET M 310 -50.58 -60.95 16.28
CA MET M 310 -51.29 -61.35 15.07
C MET M 310 -52.02 -60.17 14.43
N GLY M 311 -52.67 -59.35 15.24
CA GLY M 311 -53.29 -58.15 14.72
C GLY M 311 -52.29 -57.14 14.19
N ALA M 312 -51.10 -57.08 14.79
CA ALA M 312 -50.13 -56.11 14.34
C ALA M 312 -49.50 -56.52 13.01
N THR M 313 -49.23 -57.81 12.81
CA THR M 313 -48.68 -58.20 11.52
C THR M 313 -49.75 -58.16 10.42
N ALA M 314 -51.02 -58.45 10.76
CA ALA M 314 -52.09 -58.28 9.79
C ALA M 314 -52.27 -56.80 9.43
N LEU M 315 -52.14 -55.92 10.43
CA LEU M 315 -52.30 -54.50 10.16
C LEU M 315 -51.12 -53.96 9.38
N MET M 316 -49.91 -54.51 9.58
CA MET M 316 -48.77 -54.09 8.80
C MET M 316 -48.93 -54.43 7.33
N ILE M 317 -49.35 -55.66 7.03
CA ILE M 317 -49.54 -56.06 5.63
C ILE M 317 -50.71 -55.28 5.00
N ALA M 318 -51.82 -55.17 5.71
CA ALA M 318 -53.01 -54.52 5.18
C ALA M 318 -52.79 -53.02 4.97
N HIS M 319 -52.16 -52.37 5.94
CA HIS M 319 -51.84 -50.96 5.80
C HIS M 319 -50.78 -50.72 4.74
N GLY M 320 -49.87 -51.69 4.52
CA GLY M 320 -48.95 -51.56 3.41
C GLY M 320 -49.64 -51.48 2.06
N LEU M 321 -50.55 -52.44 1.81
CA LEU M 321 -51.29 -52.42 0.55
C LEU M 321 -52.21 -51.20 0.44
N THR M 322 -52.89 -50.84 1.52
CA THR M 322 -53.86 -49.75 1.48
C THR M 322 -53.16 -48.39 1.31
N SER M 323 -52.11 -48.15 2.08
CA SER M 323 -51.39 -46.88 2.00
C SER M 323 -50.66 -46.73 0.69
N SER M 324 -50.12 -47.82 0.15
CA SER M 324 -49.51 -47.76 -1.17
C SER M 324 -50.53 -47.41 -2.25
N MET M 325 -51.74 -47.98 -2.15
CA MET M 325 -52.79 -47.63 -3.09
C MET M 325 -53.25 -46.18 -2.94
N LEU M 326 -53.26 -45.66 -1.70
CA LEU M 326 -53.70 -44.29 -1.48
C LEU M 326 -52.68 -43.28 -2.00
N PHE M 327 -51.38 -43.55 -1.83
CA PHE M 327 -50.39 -42.67 -2.44
C PHE M 327 -50.41 -42.74 -3.96
N CYS M 328 -50.71 -43.92 -4.53
CA CYS M 328 -50.84 -43.98 -5.99
C CYS M 328 -52.08 -43.24 -6.49
N LEU M 329 -53.16 -43.22 -5.71
CA LEU M 329 -54.32 -42.42 -6.08
C LEU M 329 -54.02 -40.92 -5.98
N ALA M 330 -53.22 -40.53 -4.98
CA ALA M 330 -52.73 -39.16 -4.89
C ALA M 330 -51.90 -38.79 -6.11
N ASN M 331 -51.06 -39.71 -6.57
CA ASN M 331 -50.32 -39.50 -7.82
C ASN M 331 -51.25 -39.42 -9.03
N SER M 332 -52.34 -40.18 -9.03
CA SER M 332 -53.26 -40.14 -10.16
C SER M 332 -53.98 -38.82 -10.24
N ASN M 333 -54.19 -38.13 -9.11
CA ASN M 333 -54.64 -36.74 -9.23
C ASN M 333 -53.51 -35.81 -9.60
N TYR M 334 -52.31 -36.03 -9.05
CA TYR M 334 -51.20 -35.12 -9.23
C TYR M 334 -50.67 -35.13 -10.66
N GLU M 335 -50.89 -36.20 -11.41
CA GLU M 335 -50.47 -36.22 -12.80
C GLU M 335 -51.39 -35.42 -13.71
N ARG M 336 -52.61 -35.12 -13.27
CA ARG M 336 -53.58 -34.40 -14.09
C ARG M 336 -53.76 -32.96 -13.66
N VAL M 337 -54.07 -32.70 -12.39
CA VAL M 337 -54.24 -31.31 -11.96
C VAL M 337 -52.93 -30.64 -11.63
N HIS M 338 -51.82 -31.39 -11.57
CA HIS M 338 -50.46 -30.89 -11.35
C HIS M 338 -50.35 -30.14 -10.03
N SER M 339 -51.06 -30.62 -9.02
CA SER M 339 -51.09 -30.01 -7.70
C SER M 339 -51.47 -31.07 -6.70
N ARG M 340 -50.93 -30.97 -5.49
CA ARG M 340 -51.25 -31.88 -4.41
C ARG M 340 -52.39 -31.37 -3.54
N THR M 341 -53.01 -30.24 -3.89
CA THR M 341 -54.08 -29.69 -3.08
C THR M 341 -55.32 -30.55 -3.22
N MET M 342 -55.96 -30.86 -2.10
CA MET M 342 -57.12 -31.74 -2.11
C MET M 342 -58.36 -31.03 -2.63
N ILE M 343 -58.50 -29.74 -2.32
CA ILE M 343 -59.73 -29.02 -2.65
C ILE M 343 -59.77 -28.58 -4.11
N LEU M 344 -58.64 -28.67 -4.82
CA LEU M 344 -58.59 -28.19 -6.20
C LEU M 344 -59.38 -29.10 -7.15
N ALA M 345 -59.18 -30.41 -7.02
CA ALA M 345 -59.89 -31.38 -7.85
C ALA M 345 -61.09 -31.91 -7.08
N ARG M 346 -62.29 -31.60 -7.54
CA ARG M 346 -63.52 -32.06 -6.93
C ARG M 346 -64.41 -32.68 -7.99
N GLY M 347 -65.32 -33.52 -7.53
CA GLY M 347 -66.33 -34.11 -8.40
C GLY M 347 -65.80 -35.04 -9.47
N LEU M 348 -64.74 -35.77 -9.18
CA LEU M 348 -64.09 -36.60 -10.19
C LEU M 348 -64.80 -37.91 -10.46
N GLN M 349 -65.85 -38.24 -9.70
CA GLN M 349 -66.66 -39.40 -10.05
C GLN M 349 -67.49 -39.14 -11.30
N THR M 350 -67.78 -37.87 -11.61
CA THR M 350 -68.42 -37.54 -12.88
C THR M 350 -67.45 -37.72 -14.04
N LEU M 351 -66.16 -37.55 -13.78
CA LEU M 351 -65.13 -37.58 -14.83
C LEU M 351 -64.42 -38.91 -14.91
N LEU M 352 -64.13 -39.54 -13.78
CA LEU M 352 -63.40 -40.80 -13.69
C LEU M 352 -64.24 -41.79 -12.89
N PRO M 353 -65.15 -42.52 -13.53
CA PRO M 353 -66.05 -43.39 -12.74
C PRO M 353 -65.38 -44.64 -12.18
N LEU M 354 -64.58 -45.34 -13.00
CA LEU M 354 -63.90 -46.54 -12.51
C LEU M 354 -62.81 -46.20 -11.52
N MET M 355 -62.14 -45.06 -11.74
CA MET M 355 -61.14 -44.61 -10.78
C MET M 355 -61.78 -44.21 -9.47
N ALA M 356 -62.99 -43.62 -9.52
CA ALA M 356 -63.73 -43.35 -8.29
C ALA M 356 -64.18 -44.63 -7.61
N ALA M 357 -64.42 -45.71 -8.37
CA ALA M 357 -64.65 -47.01 -7.74
C ALA M 357 -63.39 -47.51 -7.02
N TRP M 358 -62.21 -47.28 -7.60
CA TRP M 358 -60.97 -47.63 -6.91
C TRP M 358 -60.77 -46.79 -5.65
N TRP M 359 -61.11 -45.49 -5.73
CA TRP M 359 -61.10 -44.62 -4.56
C TRP M 359 -62.04 -45.11 -3.48
N LEU M 360 -63.21 -45.62 -3.89
CA LEU M 360 -64.16 -46.17 -2.93
C LEU M 360 -63.61 -47.41 -2.25
N LEU M 361 -62.94 -48.29 -3.02
CA LEU M 361 -62.36 -49.49 -2.42
C LEU M 361 -61.24 -49.13 -1.43
N ALA M 362 -60.36 -48.20 -1.81
CA ALA M 362 -59.28 -47.80 -0.92
C ALA M 362 -59.81 -47.05 0.30
N SER M 363 -60.90 -46.29 0.15
CA SER M 363 -61.46 -45.58 1.30
C SER M 363 -62.17 -46.53 2.24
N LEU M 364 -62.78 -47.59 1.72
CA LEU M 364 -63.40 -48.58 2.59
C LEU M 364 -62.35 -49.40 3.32
N THR M 365 -61.27 -49.79 2.63
CA THR M 365 -60.21 -50.50 3.31
C THR M 365 -59.37 -49.59 4.20
N ASN M 366 -59.50 -48.27 4.07
CA ASN M 366 -58.77 -47.38 4.97
C ASN M 366 -59.44 -47.36 6.35
N LEU M 367 -60.76 -47.35 6.40
CA LEU M 367 -61.50 -47.35 7.65
C LEU M 367 -61.73 -48.75 8.21
N ALA M 368 -61.01 -49.75 7.69
CA ALA M 368 -61.03 -51.14 8.11
C ALA M 368 -62.43 -51.73 7.99
N LEU M 369 -62.87 -51.85 6.76
CA LEU M 369 -64.13 -52.52 6.47
C LEU M 369 -63.92 -54.03 6.53
N PRO M 370 -64.80 -54.77 7.20
CA PRO M 370 -64.67 -56.23 7.23
C PRO M 370 -65.21 -56.84 5.94
N PRO M 371 -64.76 -58.06 5.58
CA PRO M 371 -63.79 -58.93 6.25
C PRO M 371 -62.38 -58.74 5.75
N SER M 372 -62.00 -57.52 5.39
CA SER M 372 -60.64 -57.28 4.95
C SER M 372 -59.68 -57.43 6.12
N ILE M 373 -58.42 -57.73 5.79
CA ILE M 373 -57.40 -57.97 6.80
C ILE M 373 -57.03 -56.70 7.56
N ASN M 374 -57.40 -55.53 7.02
CA ASN M 374 -57.48 -54.30 7.80
C ASN M 374 -58.30 -54.47 9.06
N LEU M 375 -59.54 -54.93 8.90
CA LEU M 375 -60.41 -55.09 10.07
C LEU M 375 -59.97 -56.27 10.92
N ILE M 376 -59.34 -57.27 10.33
CA ILE M 376 -58.78 -58.38 11.09
C ILE M 376 -57.69 -57.88 12.04
N GLY M 377 -56.76 -57.09 11.51
CA GLY M 377 -55.68 -56.57 12.34
C GLY M 377 -56.16 -55.56 13.37
N GLU M 378 -57.01 -54.62 12.92
CA GLU M 378 -57.60 -53.62 13.80
C GLU M 378 -58.41 -54.26 14.92
N LEU M 379 -59.20 -55.27 14.58
CA LEU M 379 -60.05 -55.94 15.55
C LEU M 379 -59.23 -56.71 16.56
N PHE M 380 -58.17 -57.40 16.11
CA PHE M 380 -57.39 -58.21 17.05
C PHE M 380 -56.57 -57.33 17.98
N VAL M 381 -56.08 -56.18 17.49
CA VAL M 381 -55.43 -55.21 18.36
C VAL M 381 -56.41 -54.65 19.38
N VAL M 382 -57.65 -54.41 18.97
CA VAL M 382 -58.67 -53.91 19.90
C VAL M 382 -58.99 -54.95 20.98
N MET M 383 -59.07 -56.24 20.60
CA MET M 383 -59.32 -57.31 21.56
C MET M 383 -58.20 -57.41 22.58
N SER M 384 -56.96 -57.33 22.11
CA SER M 384 -55.81 -57.44 23.01
C SER M 384 -55.70 -56.23 23.93
N THR M 385 -55.97 -55.03 23.41
CA THR M 385 -55.91 -53.85 24.26
C THR M 385 -57.09 -53.76 25.20
N PHE M 386 -58.21 -54.42 24.91
CA PHE M 386 -59.25 -54.53 25.90
C PHE M 386 -58.88 -55.54 26.97
N SER M 387 -58.10 -56.56 26.62
CA SER M 387 -57.48 -57.40 27.64
C SER M 387 -56.49 -56.61 28.48
N TRP M 388 -55.82 -55.63 27.87
CA TRP M 388 -54.78 -54.87 28.56
C TRP M 388 -55.40 -53.95 29.61
N SER M 389 -56.28 -53.05 29.18
CA SER M 389 -57.02 -52.19 30.08
C SER M 389 -58.38 -51.93 29.47
N ASN M 390 -59.42 -51.97 30.30
CA ASN M 390 -60.79 -51.88 29.81
C ASN M 390 -61.18 -50.49 29.35
N ILE M 391 -60.37 -49.47 29.64
CA ILE M 391 -60.73 -48.11 29.25
C ILE M 391 -60.30 -47.83 27.82
N THR M 392 -59.26 -48.53 27.33
CA THR M 392 -58.60 -48.22 26.06
C THR M 392 -59.52 -48.35 24.85
N ILE M 393 -60.59 -49.16 24.96
CA ILE M 393 -61.61 -49.28 23.92
C ILE M 393 -62.20 -47.93 23.54
N ILE M 394 -62.34 -47.02 24.52
CA ILE M 394 -62.78 -45.66 24.26
C ILE M 394 -61.83 -44.97 23.29
N LEU M 395 -60.54 -44.97 23.64
CA LEU M 395 -59.53 -44.43 22.73
C LEU M 395 -59.38 -45.27 21.47
N MET M 396 -59.78 -46.55 21.52
CA MET M 396 -59.89 -47.29 20.27
C MET M 396 -61.10 -46.81 19.48
N GLY M 397 -62.26 -46.77 20.14
CA GLY M 397 -63.51 -46.60 19.40
C GLY M 397 -63.65 -45.20 18.84
N LEU M 398 -63.23 -44.20 19.63
CA LEU M 398 -63.17 -42.84 19.13
C LEU M 398 -62.22 -42.74 17.94
N ASN M 399 -61.10 -43.47 17.98
CA ASN M 399 -60.24 -43.59 16.81
C ASN M 399 -61.01 -44.20 15.65
N MET M 400 -61.76 -45.27 15.92
CA MET M 400 -62.54 -45.91 14.87
C MET M 400 -63.73 -45.06 14.44
N VAL M 401 -64.03 -43.97 15.14
CA VAL M 401 -64.91 -42.96 14.55
C VAL M 401 -64.13 -42.12 13.55
N ILE M 402 -63.02 -41.54 13.98
CA ILE M 402 -62.34 -40.53 13.19
C ILE M 402 -61.65 -41.16 11.99
N THR M 403 -61.23 -42.43 12.13
CA THR M 403 -60.66 -43.16 11.01
C THR M 403 -61.67 -43.35 9.89
N ALA M 404 -62.96 -43.43 10.23
CA ALA M 404 -63.99 -43.33 9.20
C ALA M 404 -64.02 -41.91 8.63
N LEU M 405 -64.02 -40.91 9.52
CA LEU M 405 -64.39 -39.55 9.16
C LEU M 405 -63.41 -38.85 8.25
N TYR M 406 -62.12 -39.18 8.30
CA TYR M 406 -61.25 -38.62 7.27
C TYR M 406 -61.19 -39.48 6.03
N SER M 407 -61.48 -40.78 6.14
CA SER M 407 -61.34 -41.65 5.00
C SER M 407 -62.44 -41.43 3.99
N LEU M 408 -63.63 -41.03 4.45
CA LEU M 408 -64.70 -40.73 3.53
C LEU M 408 -64.72 -39.27 3.11
N TYR M 409 -64.24 -38.37 3.98
CA TYR M 409 -64.01 -36.98 3.60
C TYR M 409 -63.06 -36.90 2.42
N MET M 410 -61.94 -37.62 2.51
CA MET M 410 -61.04 -37.85 1.37
C MET M 410 -61.77 -38.42 0.16
N LEU M 411 -62.75 -39.29 0.40
CA LEU M 411 -63.57 -39.79 -0.70
C LEU M 411 -64.50 -38.71 -1.22
N ILE M 412 -65.09 -37.92 -0.34
CA ILE M 412 -66.14 -37.01 -0.79
C ILE M 412 -65.53 -35.77 -1.44
N THR M 413 -64.41 -35.28 -0.91
CA THR M 413 -63.83 -34.03 -1.39
C THR M 413 -63.20 -34.21 -2.76
N THR M 414 -62.43 -35.28 -2.96
CA THR M 414 -61.74 -35.46 -4.23
C THR M 414 -62.67 -35.98 -5.32
N GLN M 415 -63.60 -36.86 -4.97
CA GLN M 415 -64.37 -37.58 -5.98
C GLN M 415 -65.80 -37.07 -6.14
N ARG M 416 -66.40 -36.52 -5.10
CA ARG M 416 -67.80 -36.13 -5.15
C ARG M 416 -67.94 -34.62 -5.15
N GLY M 417 -69.18 -34.16 -5.28
CA GLY M 417 -69.45 -32.75 -5.36
C GLY M 417 -69.49 -32.25 -6.79
N LYS M 418 -69.61 -30.93 -6.92
CA LYS M 418 -69.61 -30.30 -8.23
C LYS M 418 -68.18 -30.22 -8.75
N HIS M 419 -68.00 -30.60 -10.02
CA HIS M 419 -66.68 -30.60 -10.63
C HIS M 419 -66.15 -29.18 -10.79
N THR M 420 -64.83 -29.08 -10.83
CA THR M 420 -64.17 -27.80 -11.00
C THR M 420 -64.22 -27.40 -12.47
N HIS M 421 -64.62 -26.15 -12.73
CA HIS M 421 -64.92 -25.73 -14.09
C HIS M 421 -63.66 -25.46 -14.91
N HIS M 422 -62.64 -24.88 -14.29
CA HIS M 422 -61.49 -24.38 -15.03
C HIS M 422 -60.43 -25.44 -15.29
N ILE M 423 -60.64 -26.67 -14.87
CA ILE M 423 -59.68 -27.74 -15.07
C ILE M 423 -60.17 -28.60 -16.23
N ASN M 424 -59.44 -28.60 -17.34
CA ASN M 424 -59.87 -29.34 -18.52
C ASN M 424 -58.81 -30.29 -19.08
N ASN M 425 -57.71 -30.50 -18.35
CA ASN M 425 -56.73 -31.50 -18.76
C ASN M 425 -56.99 -32.85 -18.11
N ILE M 426 -58.18 -33.04 -17.52
CA ILE M 426 -58.54 -34.27 -16.84
C ILE M 426 -58.79 -35.32 -17.92
N LEU M 427 -57.81 -36.18 -18.13
CA LEU M 427 -57.86 -37.20 -19.15
C LEU M 427 -58.76 -38.34 -18.68
N PRO M 428 -59.06 -39.31 -19.53
CA PRO M 428 -59.56 -40.59 -19.02
C PRO M 428 -58.50 -41.32 -18.20
N SER M 429 -58.97 -42.29 -17.42
CA SER M 429 -58.07 -43.10 -16.62
C SER M 429 -57.20 -43.97 -17.52
N PHE M 430 -55.89 -43.89 -17.32
CA PHE M 430 -54.97 -44.71 -18.09
C PHE M 430 -55.14 -46.18 -17.71
N THR M 431 -54.75 -47.05 -18.64
CA THR M 431 -54.76 -48.48 -18.37
C THR M 431 -53.67 -48.86 -17.37
N ARG M 432 -52.54 -48.13 -17.41
CA ARG M 432 -51.48 -48.33 -16.43
C ARG M 432 -51.94 -47.98 -15.02
N GLU M 433 -52.67 -46.88 -14.87
CA GLU M 433 -53.13 -46.44 -13.56
C GLU M 433 -54.15 -47.41 -12.97
N ASN M 434 -55.10 -47.86 -13.79
CA ASN M 434 -56.10 -48.81 -13.30
C ASN M 434 -55.48 -50.17 -13.03
N ALA M 435 -54.46 -50.56 -13.82
CA ALA M 435 -53.71 -51.78 -13.53
C ALA M 435 -52.98 -51.66 -12.20
N LEU M 436 -52.47 -50.47 -11.89
CA LEU M 436 -51.79 -50.24 -10.63
C LEU M 436 -52.75 -50.33 -9.46
N MET M 437 -53.94 -49.74 -9.60
CA MET M 437 -54.93 -49.80 -8.53
C MET M 437 -55.41 -51.24 -8.30
N SER M 438 -55.56 -52.00 -9.38
CA SER M 438 -55.98 -53.38 -9.24
C SER M 438 -54.88 -54.25 -8.63
N LEU M 439 -53.63 -54.06 -9.02
CA LEU M 439 -52.56 -54.84 -8.43
C LEU M 439 -52.30 -54.46 -6.97
N HIS M 440 -52.72 -53.28 -6.54
CA HIS M 440 -52.79 -53.04 -5.10
C HIS M 440 -53.97 -53.75 -4.47
N MET M 441 -55.19 -53.48 -4.95
CA MET M 441 -56.38 -53.82 -4.20
C MET M 441 -56.73 -55.31 -4.27
N LEU M 442 -56.55 -55.95 -5.41
CA LEU M 442 -56.97 -57.33 -5.59
C LEU M 442 -56.21 -58.34 -4.73
N PRO M 443 -54.91 -58.21 -4.45
CA PRO M 443 -54.35 -59.03 -3.36
C PRO M 443 -54.91 -58.70 -1.99
N LEU M 444 -55.23 -57.43 -1.72
CA LEU M 444 -55.86 -57.09 -0.44
C LEU M 444 -57.27 -57.64 -0.34
N LEU M 445 -57.96 -57.78 -1.46
CA LEU M 445 -59.27 -58.42 -1.44
C LEU M 445 -59.17 -59.92 -1.35
N LEU M 446 -58.16 -60.53 -1.97
CA LEU M 446 -58.03 -61.98 -1.92
C LEU M 446 -57.50 -62.46 -0.59
N LEU M 447 -56.71 -61.66 0.12
CA LEU M 447 -56.26 -62.06 1.45
C LEU M 447 -57.38 -62.09 2.49
N SER M 448 -58.55 -61.55 2.16
CA SER M 448 -59.73 -61.76 2.98
C SER M 448 -60.21 -63.21 2.92
N LEU M 449 -59.90 -63.91 1.83
CA LEU M 449 -60.28 -65.31 1.72
C LEU M 449 -59.35 -66.22 2.51
N ASN M 450 -58.09 -65.81 2.70
CA ASN M 450 -57.10 -66.65 3.37
C ASN M 450 -56.15 -65.77 4.15
N PRO M 451 -56.54 -65.35 5.35
CA PRO M 451 -55.66 -64.47 6.14
C PRO M 451 -54.66 -65.18 7.03
N LYS M 452 -54.69 -66.51 7.12
CA LYS M 452 -53.80 -67.22 8.05
C LYS M 452 -52.33 -67.14 7.65
N ILE M 453 -52.02 -66.73 6.42
CA ILE M 453 -50.63 -66.54 6.03
C ILE M 453 -50.09 -65.19 6.45
N ILE M 454 -50.93 -64.27 6.93
CA ILE M 454 -50.43 -62.96 7.33
C ILE M 454 -50.68 -62.71 8.81
N LEU M 455 -50.66 -63.77 9.62
CA LEU M 455 -50.93 -63.68 11.04
C LEU M 455 -49.77 -64.21 11.88
N GLY M 456 -48.54 -63.95 11.45
CA GLY M 456 -47.38 -64.05 12.32
C GLY M 456 -46.92 -65.45 12.64
N PRO M 457 -45.81 -65.55 13.39
CA PRO M 457 -45.26 -66.86 13.76
C PRO M 457 -46.01 -67.57 14.87
N LEU M 458 -47.10 -67.01 15.36
CA LEU M 458 -47.79 -67.55 16.53
C LEU M 458 -49.29 -67.69 16.29
N TYR M 459 -49.69 -67.81 15.03
CA TYR M 459 -51.04 -68.20 14.64
C TYR M 459 -51.36 -69.62 15.10
N MET N 1 8.93 -25.08 -9.75
CA MET N 1 9.86 -25.98 -9.08
C MET N 1 10.41 -27.02 -10.07
N ASN N 2 11.70 -27.31 -9.94
CA ASN N 2 12.34 -28.34 -10.75
C ASN N 2 11.72 -29.70 -10.40
N PRO N 3 11.37 -30.52 -11.39
CA PRO N 3 10.88 -31.89 -11.08
C PRO N 3 11.87 -32.77 -10.36
N ILE N 4 13.18 -32.60 -10.59
CA ILE N 4 14.17 -33.35 -9.83
C ILE N 4 14.13 -32.95 -8.36
N ILE N 5 14.05 -31.65 -8.10
CA ILE N 5 13.98 -31.16 -6.73
C ILE N 5 12.67 -31.56 -6.06
N LEU N 6 11.58 -31.64 -6.83
CA LEU N 6 10.31 -32.11 -6.29
C LEU N 6 10.39 -33.58 -5.91
N ILE N 7 11.05 -34.40 -6.74
CA ILE N 7 11.25 -35.81 -6.43
C ILE N 7 12.12 -35.99 -5.18
N ILE N 8 13.19 -35.19 -5.07
CA ILE N 8 14.08 -35.25 -3.90
C ILE N 8 13.33 -34.87 -2.63
N ILE N 9 12.50 -33.83 -2.71
CA ILE N 9 11.78 -33.35 -1.54
C ILE N 9 10.68 -34.32 -1.11
N LEU N 10 9.97 -34.93 -2.07
CA LEU N 10 8.97 -35.94 -1.71
C LEU N 10 9.61 -37.21 -1.15
N MET N 11 10.75 -37.62 -1.71
CA MET N 11 11.48 -38.74 -1.14
C MET N 11 12.01 -38.43 0.25
N THR N 12 12.31 -37.17 0.53
CA THR N 12 12.77 -36.81 1.86
C THR N 12 11.62 -36.78 2.87
N VAL N 13 10.43 -36.36 2.44
CA VAL N 13 9.23 -36.49 3.28
C VAL N 13 8.97 -37.95 3.63
N MET N 14 9.01 -38.82 2.62
CA MET N 14 8.83 -40.25 2.84
C MET N 14 9.93 -40.82 3.70
N LEU N 15 11.15 -40.32 3.54
CA LEU N 15 12.29 -40.78 4.34
C LEU N 15 12.12 -40.40 5.81
N GLY N 16 11.64 -39.19 6.07
CA GLY N 16 11.38 -38.79 7.45
C GLY N 16 10.30 -39.63 8.11
N THR N 17 9.24 -39.94 7.37
CA THR N 17 8.19 -40.78 7.94
C THR N 17 8.66 -42.22 8.15
N ILE N 18 9.50 -42.72 7.24
CA ILE N 18 10.06 -44.07 7.41
C ILE N 18 11.01 -44.12 8.60
N ILE N 19 11.78 -43.04 8.82
CA ILE N 19 12.67 -42.99 9.98
C ILE N 19 11.87 -42.93 11.28
N VAL N 20 10.72 -42.27 11.29
CA VAL N 20 9.87 -42.34 12.47
C VAL N 20 9.28 -43.75 12.65
N MET N 21 8.97 -44.43 11.55
CA MET N 21 8.32 -45.72 11.66
C MET N 21 9.29 -46.82 12.11
N ILE N 22 10.48 -46.88 11.53
CA ILE N 22 11.31 -48.07 11.70
C ILE N 22 12.31 -48.01 12.84
N SER N 23 12.59 -46.82 13.39
CA SER N 23 13.73 -46.66 14.27
C SER N 23 13.38 -47.03 15.70
N THR N 24 14.41 -47.46 16.45
CA THR N 24 14.28 -47.88 17.83
C THR N 24 14.78 -46.85 18.81
N HIS N 25 15.08 -45.63 18.37
CA HIS N 25 15.80 -44.66 19.17
C HIS N 25 15.08 -43.33 19.13
N TRP N 26 15.02 -42.64 20.27
CA TRP N 26 14.18 -41.45 20.38
C TRP N 26 14.74 -40.27 19.61
N LEU N 27 16.07 -40.12 19.62
CA LEU N 27 16.72 -39.09 18.81
C LEU N 27 16.44 -39.32 17.34
N LEU N 28 16.36 -40.58 16.91
CA LEU N 28 16.05 -40.87 15.52
C LEU N 28 14.60 -40.55 15.19
N ILE N 29 13.69 -40.76 16.15
CA ILE N 29 12.29 -40.32 16.01
C ILE N 29 12.23 -38.82 15.79
N TRP N 30 12.95 -38.07 16.62
CA TRP N 30 12.92 -36.61 16.55
C TRP N 30 13.59 -36.11 15.26
N ILE N 31 14.63 -36.80 14.81
CA ILE N 31 15.26 -36.50 13.52
C ILE N 31 14.28 -36.74 12.39
N GLY N 32 13.49 -37.82 12.48
CA GLY N 32 12.50 -38.08 11.45
C GLY N 32 11.42 -37.03 11.37
N PHE N 33 10.96 -36.54 12.52
CA PHE N 33 9.98 -35.46 12.52
C PHE N 33 10.56 -34.14 12.01
N GLU N 34 11.81 -33.84 12.37
CA GLU N 34 12.46 -32.63 11.86
C GLU N 34 12.67 -32.70 10.36
N MET N 35 13.11 -33.86 9.86
CA MET N 35 13.31 -34.06 8.43
C MET N 35 12.00 -33.98 7.66
N ASN N 36 10.93 -34.53 8.25
CA ASN N 36 9.61 -34.48 7.62
C ASN N 36 9.09 -33.06 7.51
N MET N 37 9.22 -32.28 8.60
CA MET N 37 8.79 -30.88 8.59
C MET N 37 9.60 -30.05 7.59
N LEU N 38 10.92 -30.15 7.68
CA LEU N 38 11.83 -29.41 6.81
C LEU N 38 11.59 -29.73 5.34
N ALA N 39 11.34 -30.99 5.01
CA ALA N 39 11.09 -31.33 3.63
C ALA N 39 9.68 -30.94 3.19
N ILE N 40 8.70 -30.90 4.10
CA ILE N 40 7.35 -30.63 3.62
C ILE N 40 7.06 -29.14 3.46
N ILE N 41 7.87 -28.24 4.06
CA ILE N 41 7.62 -26.79 3.89
C ILE N 41 7.63 -26.31 2.44
N PRO N 42 8.54 -26.75 1.54
CA PRO N 42 8.36 -26.37 0.13
C PRO N 42 7.24 -27.07 -0.60
N ILE N 43 6.68 -28.14 -0.05
CA ILE N 43 5.46 -28.68 -0.64
C ILE N 43 4.29 -27.76 -0.36
N MET N 44 4.31 -27.09 0.80
CA MET N 44 3.27 -26.12 1.12
C MET N 44 3.46 -24.80 0.37
N MET N 45 4.68 -24.47 -0.03
CA MET N 45 4.97 -23.25 -0.78
C MET N 45 5.23 -23.54 -2.26
N LYS N 46 4.43 -24.43 -2.84
CA LYS N 46 4.64 -24.88 -4.21
C LYS N 46 4.36 -23.80 -5.24
N LYS N 47 3.54 -22.79 -4.91
CA LYS N 47 3.09 -21.82 -5.89
C LYS N 47 3.51 -20.37 -5.60
N HIS N 48 4.01 -20.09 -4.39
CA HIS N 48 4.56 -18.79 -3.98
C HIS N 48 3.54 -17.66 -4.08
N ASN N 49 2.50 -17.76 -3.27
CA ASN N 49 1.54 -16.69 -3.00
C ASN N 49 1.54 -16.42 -1.50
N PRO N 50 0.99 -15.27 -1.05
CA PRO N 50 1.01 -14.98 0.40
C PRO N 50 0.23 -15.97 1.26
N ARG N 51 -0.75 -16.67 0.69
CA ARG N 51 -1.48 -17.67 1.46
C ARG N 51 -0.60 -18.86 1.80
N ALA N 52 0.29 -19.25 0.88
CA ALA N 52 1.21 -20.34 1.17
C ALA N 52 2.27 -19.93 2.18
N THR N 53 2.70 -18.67 2.17
CA THR N 53 3.67 -18.22 3.17
C THR N 53 3.04 -18.16 4.56
N GLU N 54 1.79 -17.70 4.63
CA GLU N 54 1.09 -17.67 5.93
C GLU N 54 0.82 -19.09 6.44
N ALA N 55 0.41 -20.00 5.55
CA ALA N 55 0.15 -21.37 5.92
C ALA N 55 1.42 -22.07 6.37
N SER N 56 2.52 -21.86 5.65
CA SER N 56 3.78 -22.47 6.04
C SER N 56 4.34 -21.87 7.32
N THR N 57 4.09 -20.59 7.57
CA THR N 57 4.54 -19.98 8.83
C THR N 57 3.79 -20.57 10.02
N LYS N 58 2.46 -20.67 9.91
CA LYS N 58 1.67 -21.25 10.99
C LYS N 58 2.01 -22.72 11.21
N TYR N 59 2.22 -23.47 10.12
CA TYR N 59 2.58 -24.87 10.22
C TYR N 59 3.96 -25.05 10.83
N PHE N 60 4.92 -24.21 10.46
CA PHE N 60 6.26 -24.28 11.02
C PHE N 60 6.25 -23.97 12.49
N LEU N 61 5.48 -22.96 12.92
CA LEU N 61 5.45 -22.61 14.34
C LEU N 61 4.80 -23.73 15.17
N THR N 62 3.71 -24.32 14.66
CA THR N 62 3.06 -25.42 15.38
C THR N 62 3.96 -26.65 15.46
N GLN N 63 4.54 -27.07 14.34
CA GLN N 63 5.32 -28.30 14.36
C GLN N 63 6.66 -28.09 15.06
N SER N 64 7.20 -26.88 15.07
CA SER N 64 8.43 -26.63 15.81
C SER N 64 8.18 -26.64 17.31
N THR N 65 7.05 -26.04 17.74
CA THR N 65 6.66 -26.11 19.15
C THR N 65 6.43 -27.54 19.60
N ALA N 66 5.77 -28.33 18.75
CA ALA N 66 5.54 -29.74 19.06
C ALA N 66 6.85 -30.53 19.10
N SER N 67 7.80 -30.20 18.24
CA SER N 67 9.10 -30.88 18.27
C SER N 67 9.88 -30.54 19.52
N MET N 68 9.75 -29.31 20.02
CA MET N 68 10.35 -28.93 21.31
C MET N 68 9.78 -29.75 22.44
N LEU N 69 8.45 -29.85 22.51
CA LEU N 69 7.82 -30.61 23.58
C LEU N 69 8.14 -32.09 23.49
N LEU N 70 8.27 -32.61 22.26
CA LEU N 70 8.65 -33.99 22.05
C LEU N 70 10.07 -34.27 22.54
N MET N 71 11.00 -33.34 22.28
CA MET N 71 12.37 -33.56 22.75
C MET N 71 12.48 -33.37 24.27
N MET N 72 11.68 -32.50 24.87
CA MET N 72 11.66 -32.44 26.34
C MET N 72 11.10 -33.72 26.95
N ALA N 73 10.09 -34.31 26.32
CA ALA N 73 9.60 -35.61 26.76
C ALA N 73 10.67 -36.69 26.63
N ILE N 74 11.46 -36.62 25.56
CA ILE N 74 12.55 -37.56 25.35
C ILE N 74 13.64 -37.40 26.41
N ILE N 75 13.95 -36.16 26.79
CA ILE N 75 15.00 -35.94 27.77
C ILE N 75 14.54 -36.34 29.18
N ILE N 76 13.26 -36.14 29.50
CA ILE N 76 12.77 -36.63 30.79
C ILE N 76 12.70 -38.15 30.81
N ASN N 77 12.44 -38.77 29.65
CA ASN N 77 12.59 -40.23 29.53
C ASN N 77 14.03 -40.65 29.77
N LEU N 78 14.99 -39.91 29.21
CA LEU N 78 16.41 -40.20 29.40
C LEU N 78 16.82 -40.08 30.86
N MET N 79 16.24 -39.13 31.58
CA MET N 79 16.54 -39.00 33.00
C MET N 79 15.96 -40.15 33.80
N PHE N 80 14.65 -40.35 33.69
CA PHE N 80 13.98 -41.30 34.57
C PHE N 80 14.08 -42.73 34.09
N SER N 81 14.79 -42.98 32.99
CA SER N 81 15.00 -44.35 32.55
C SER N 81 16.41 -44.67 32.11
N GLY N 82 17.28 -43.68 31.85
CA GLY N 82 18.66 -43.94 31.51
C GLY N 82 18.91 -44.62 30.18
N GLN N 83 17.92 -44.64 29.29
CA GLN N 83 18.01 -45.40 28.05
C GLN N 83 17.26 -44.65 26.96
N TRP N 84 17.15 -45.28 25.79
CA TRP N 84 16.62 -44.62 24.62
C TRP N 84 15.69 -45.50 23.78
N THR N 85 15.16 -46.59 24.34
CA THR N 85 14.38 -47.51 23.53
C THR N 85 13.02 -46.91 23.25
N VAL N 86 12.61 -46.92 21.98
CA VAL N 86 11.27 -46.45 21.65
C VAL N 86 10.29 -47.55 22.09
N MET N 87 9.70 -47.32 23.26
CA MET N 87 8.78 -48.23 23.92
C MET N 87 7.96 -47.36 24.87
N LYS N 88 7.36 -47.97 25.88
CA LYS N 88 6.65 -47.21 26.90
C LYS N 88 7.59 -46.25 27.61
N LEU N 89 7.01 -45.19 28.16
CA LEU N 89 7.71 -44.15 28.88
C LEU N 89 7.65 -44.44 30.37
N PHE N 90 8.60 -43.88 31.11
CA PHE N 90 8.81 -44.24 32.51
C PHE N 90 8.48 -43.09 33.46
N ASN N 91 7.66 -42.14 33.00
CA ASN N 91 7.31 -40.97 33.79
C ASN N 91 6.04 -40.36 33.21
N PRO N 92 5.02 -40.07 34.03
CA PRO N 92 3.79 -39.47 33.48
C PRO N 92 3.96 -38.04 32.99
N MET N 93 4.94 -37.28 33.48
CA MET N 93 5.18 -35.93 32.95
C MET N 93 5.66 -35.99 31.52
N ALA N 94 6.59 -36.91 31.23
CA ALA N 94 7.08 -37.09 29.87
C ALA N 94 5.99 -37.64 28.97
N SER N 95 5.12 -38.50 29.50
CA SER N 95 4.01 -39.03 28.71
C SER N 95 3.01 -37.94 28.38
N MET N 96 2.75 -37.03 29.32
CA MET N 96 1.87 -35.89 29.04
C MET N 96 2.47 -34.98 27.99
N LEU N 97 3.76 -34.67 28.12
CA LEU N 97 4.42 -33.78 27.16
C LEU N 97 4.47 -34.40 25.77
N MET N 98 4.72 -35.71 25.69
CA MET N 98 4.75 -36.37 24.40
C MET N 98 3.36 -36.48 23.79
N THR N 99 2.34 -36.68 24.61
CA THR N 99 0.98 -36.72 24.10
C THR N 99 0.53 -35.35 23.61
N MET N 100 0.94 -34.28 24.31
CA MET N 100 0.68 -32.93 23.81
C MET N 100 1.40 -32.65 22.50
N ALA N 101 2.66 -33.10 22.40
CA ALA N 101 3.45 -32.90 21.19
C ALA N 101 2.84 -33.62 20.00
N LEU N 102 2.39 -34.85 20.21
CA LEU N 102 1.79 -35.59 19.11
C LEU N 102 0.39 -35.08 18.79
N ALA N 103 -0.34 -34.57 19.77
CA ALA N 103 -1.63 -33.94 19.48
C ALA N 103 -1.46 -32.65 18.67
N MET N 104 -0.36 -31.93 18.90
CA MET N 104 -0.08 -30.76 18.07
C MET N 104 0.39 -31.17 16.68
N LYS N 105 1.13 -32.28 16.58
CA LYS N 105 1.57 -32.73 15.26
C LYS N 105 0.41 -33.28 14.44
N LEU N 106 -0.61 -33.82 15.09
CA LEU N 106 -1.78 -34.30 14.38
C LEU N 106 -2.82 -33.22 14.17
N GLY N 107 -2.74 -32.12 14.92
CA GLY N 107 -3.77 -31.11 14.85
C GLY N 107 -5.06 -31.52 15.52
N MET N 108 -4.98 -32.32 16.58
CA MET N 108 -6.14 -32.67 17.36
C MET N 108 -6.52 -31.51 18.27
N ALA N 109 -7.82 -31.37 18.52
CA ALA N 109 -8.31 -30.30 19.39
C ALA N 109 -7.93 -30.60 20.84
N PRO N 110 -7.71 -29.55 21.65
CA PRO N 110 -7.78 -28.10 21.43
C PRO N 110 -6.52 -27.48 20.85
N PHE N 111 -5.70 -28.28 20.18
CA PHE N 111 -4.56 -27.80 19.42
C PHE N 111 -4.86 -27.80 17.93
N HIS N 112 -6.15 -27.82 17.57
CA HIS N 112 -6.64 -27.97 16.22
C HIS N 112 -6.53 -26.72 15.38
N PHE N 113 -6.17 -25.58 15.99
CA PHE N 113 -6.29 -24.25 15.40
C PHE N 113 -5.41 -24.01 14.23
N TRP N 114 -4.59 -24.94 13.73
CA TRP N 114 -3.78 -24.67 12.56
C TRP N 114 -4.24 -25.43 11.33
N VAL N 115 -5.02 -26.49 11.49
CA VAL N 115 -5.31 -27.39 10.35
C VAL N 115 -6.18 -26.74 9.28
N PRO N 116 -7.29 -26.03 9.59
CA PRO N 116 -8.00 -25.36 8.50
C PRO N 116 -7.25 -24.22 7.86
N GLU N 117 -6.41 -23.48 8.61
CA GLU N 117 -5.66 -22.38 8.02
C GLU N 117 -4.56 -22.89 7.09
N VAL N 118 -3.79 -23.87 7.55
CA VAL N 118 -2.72 -24.43 6.73
C VAL N 118 -3.32 -25.17 5.53
N THR N 119 -4.45 -25.86 5.73
CA THR N 119 -5.08 -26.59 4.64
C THR N 119 -5.70 -25.65 3.61
N GLN N 120 -6.27 -24.53 4.07
CA GLN N 120 -6.82 -23.54 3.16
C GLN N 120 -5.74 -22.79 2.40
N GLY N 121 -4.57 -22.59 3.01
CA GLY N 121 -3.54 -21.82 2.35
C GLY N 121 -2.89 -22.54 1.19
N ILE N 122 -2.75 -23.86 1.27
CA ILE N 122 -1.92 -24.61 0.35
C ILE N 122 -2.81 -25.29 -0.69
N PRO N 123 -2.27 -25.72 -1.86
CA PRO N 123 -3.13 -26.39 -2.85
C PRO N 123 -3.62 -27.76 -2.44
N LEU N 124 -4.34 -28.42 -3.36
CA LEU N 124 -5.06 -29.63 -3.00
C LEU N 124 -4.14 -30.83 -2.82
N SER N 125 -3.08 -30.92 -3.63
CA SER N 125 -2.17 -32.06 -3.50
C SER N 125 -1.32 -31.96 -2.26
N SER N 126 -0.84 -30.76 -1.95
CA SER N 126 -0.10 -30.55 -0.71
C SER N 126 -1.00 -30.69 0.51
N GLY N 127 -2.27 -30.30 0.40
CA GLY N 127 -3.21 -30.57 1.46
C GLY N 127 -3.50 -32.04 1.63
N LEU N 128 -3.48 -32.79 0.52
CA LEU N 128 -3.61 -34.24 0.57
C LEU N 128 -2.44 -34.88 1.30
N ILE N 129 -1.23 -34.45 0.98
CA ILE N 129 -0.03 -34.94 1.66
C ILE N 129 -0.10 -34.60 3.15
N LEU N 130 -0.52 -33.38 3.48
CA LEU N 130 -0.67 -32.96 4.87
C LEU N 130 -1.69 -33.79 5.63
N LEU N 131 -2.84 -34.05 5.03
CA LEU N 131 -3.91 -34.70 5.76
C LEU N 131 -3.85 -36.22 5.72
N THR N 132 -3.00 -36.81 4.87
CA THR N 132 -2.86 -38.25 4.85
C THR N 132 -1.48 -38.72 5.30
N TRP N 133 -0.40 -38.24 4.66
CA TRP N 133 0.91 -38.80 4.94
C TRP N 133 1.48 -38.30 6.27
N GLN N 134 1.14 -37.07 6.66
CA GLN N 134 1.61 -36.54 7.94
C GLN N 134 0.89 -37.11 9.14
N LYS N 135 -0.24 -37.79 8.93
CA LYS N 135 -0.96 -38.44 10.00
C LYS N 135 -0.47 -39.86 10.26
N LEU N 136 0.74 -40.19 9.81
CA LEU N 136 1.29 -41.53 9.92
C LEU N 136 2.42 -41.64 10.93
N ALA N 137 3.29 -40.66 10.99
CA ALA N 137 4.41 -40.69 11.92
C ALA N 137 4.02 -40.46 13.38
N PRO N 138 3.19 -39.45 13.75
CA PRO N 138 2.79 -39.37 15.16
C PRO N 138 1.88 -40.50 15.59
N MET N 139 1.13 -41.09 14.67
CA MET N 139 0.32 -42.25 15.03
C MET N 139 1.17 -43.49 15.21
N SER N 140 2.32 -43.55 14.54
CA SER N 140 3.30 -44.59 14.83
C SER N 140 3.86 -44.42 16.23
N VAL N 141 4.18 -43.18 16.61
CA VAL N 141 4.72 -42.96 17.96
C VAL N 141 3.65 -43.24 19.02
N LEU N 142 2.38 -42.91 18.73
CA LEU N 142 1.31 -43.23 19.66
C LEU N 142 1.03 -44.73 19.74
N TYR N 143 1.27 -45.46 18.65
CA TYR N 143 1.15 -46.92 18.70
C TYR N 143 2.28 -47.53 19.53
N GLN N 144 3.44 -46.90 19.54
CA GLN N 144 4.61 -47.47 20.20
C GLN N 144 4.70 -47.16 21.70
N ILE N 145 3.98 -46.17 22.21
CA ILE N 145 4.15 -45.73 23.60
C ILE N 145 2.92 -45.98 24.45
N LEU N 146 1.90 -46.63 23.91
CA LEU N 146 0.60 -46.78 24.58
C LEU N 146 0.53 -47.44 25.97
N PRO N 147 1.49 -48.26 26.44
CA PRO N 147 1.46 -48.61 27.87
C PRO N 147 1.71 -47.44 28.82
N SER N 148 2.17 -46.28 28.34
CA SER N 148 2.41 -45.13 29.19
C SER N 148 1.48 -43.95 28.91
N ILE N 149 0.64 -44.04 27.89
CA ILE N 149 -0.29 -42.95 27.61
C ILE N 149 -1.36 -42.91 28.68
N ASN N 150 -1.56 -41.73 29.28
CA ASN N 150 -2.61 -41.53 30.27
C ASN N 150 -3.98 -41.71 29.60
N LEU N 151 -4.90 -42.31 30.35
CA LEU N 151 -6.21 -42.64 29.79
C LEU N 151 -7.06 -41.39 29.58
N ASP N 152 -7.19 -40.59 30.64
CA ASP N 152 -8.08 -39.43 30.62
C ASP N 152 -7.60 -38.37 29.65
N LEU N 153 -6.28 -38.25 29.47
CA LEU N 153 -5.72 -37.27 28.54
C LEU N 153 -6.06 -37.60 27.10
N ILE N 154 -5.81 -38.83 26.67
CA ILE N 154 -6.04 -39.18 25.28
C ILE N 154 -7.53 -39.30 25.01
N LEU N 155 -8.34 -39.67 26.00
CA LEU N 155 -9.78 -39.70 25.77
C LEU N 155 -10.36 -38.29 25.71
N THR N 156 -9.82 -37.36 26.51
CA THR N 156 -10.24 -35.97 26.45
C THR N 156 -9.89 -35.36 25.10
N LEU N 157 -8.66 -35.59 24.63
CA LEU N 157 -8.25 -35.15 23.29
C LEU N 157 -9.13 -35.76 22.21
N SER N 158 -9.50 -37.03 22.36
CA SER N 158 -10.30 -37.72 21.35
C SER N 158 -11.71 -37.16 21.26
N ILE N 159 -12.43 -37.07 22.37
CA ILE N 159 -13.82 -36.65 22.27
C ILE N 159 -13.92 -35.14 22.04
N LEU N 160 -12.97 -34.36 22.57
CA LEU N 160 -12.96 -32.95 22.28
C LEU N 160 -12.60 -32.69 20.82
N SER N 161 -11.75 -33.54 20.24
CA SER N 161 -11.45 -33.45 18.81
C SER N 161 -12.67 -33.78 17.97
N ILE N 162 -13.43 -34.81 18.36
CA ILE N 162 -14.63 -35.20 17.61
C ILE N 162 -15.67 -34.10 17.66
N THR N 163 -15.92 -33.52 18.84
CA THR N 163 -16.92 -32.46 18.95
C THR N 163 -16.50 -31.18 18.23
N ILE N 164 -15.25 -30.74 18.39
CA ILE N 164 -14.81 -29.49 17.77
C ILE N 164 -14.67 -29.64 16.26
N GLY N 165 -14.15 -30.78 15.79
CA GLY N 165 -14.12 -31.02 14.35
C GLY N 165 -15.49 -31.27 13.75
N GLY N 166 -16.47 -31.67 14.56
CA GLY N 166 -17.84 -31.71 14.06
C GLY N 166 -18.44 -30.33 13.90
N TRP N 167 -18.32 -29.48 14.95
CA TRP N 167 -18.85 -28.14 14.84
C TRP N 167 -18.07 -27.23 13.90
N GLY N 168 -16.84 -27.61 13.54
CA GLY N 168 -16.07 -26.77 12.65
C GLY N 168 -16.56 -26.81 11.22
N GLY N 169 -16.87 -28.00 10.72
CA GLY N 169 -17.24 -28.13 9.33
C GLY N 169 -18.61 -27.63 8.98
N LEU N 170 -19.46 -27.32 9.97
CA LEU N 170 -20.82 -26.94 9.67
C LEU N 170 -20.95 -25.49 9.19
N ASN N 171 -19.88 -24.71 9.22
CA ASN N 171 -19.92 -23.31 8.81
C ASN N 171 -18.94 -23.04 7.67
N GLN N 172 -18.76 -24.01 6.78
CA GLN N 172 -17.69 -23.94 5.79
C GLN N 172 -18.24 -24.12 4.38
N THR N 173 -17.77 -23.27 3.46
CA THR N 173 -18.05 -23.40 2.04
C THR N 173 -16.80 -23.65 1.22
N GLN N 174 -15.61 -23.53 1.82
CA GLN N 174 -14.37 -23.92 1.18
C GLN N 174 -14.14 -25.40 1.48
N LEU N 175 -13.85 -26.18 0.44
CA LEU N 175 -13.75 -27.63 0.60
C LEU N 175 -12.55 -28.05 1.44
N ARG N 176 -11.49 -27.24 1.45
CA ARG N 176 -10.29 -27.63 2.16
C ARG N 176 -10.47 -27.48 3.67
N LYS N 177 -11.18 -26.45 4.11
CA LYS N 177 -11.49 -26.35 5.53
C LYS N 177 -12.50 -27.41 5.95
N ILE N 178 -13.38 -27.83 5.05
CA ILE N 178 -14.29 -28.95 5.32
C ILE N 178 -13.50 -30.22 5.59
N MET N 179 -12.55 -30.53 4.70
CA MET N 179 -11.73 -31.74 4.88
C MET N 179 -10.81 -31.61 6.09
N ALA N 180 -10.42 -30.39 6.45
CA ALA N 180 -9.56 -30.22 7.62
C ALA N 180 -10.31 -30.44 8.93
N TYR N 181 -11.51 -29.89 9.06
CA TYR N 181 -12.30 -30.16 10.27
C TYR N 181 -12.77 -31.61 10.32
N SER N 182 -12.99 -32.21 9.14
CA SER N 182 -13.23 -33.65 9.06
C SER N 182 -12.01 -34.42 9.54
N SER N 183 -10.81 -33.92 9.26
CA SER N 183 -9.60 -34.56 9.74
C SER N 183 -9.48 -34.47 11.24
N ILE N 184 -9.87 -33.35 11.82
CA ILE N 184 -9.81 -33.20 13.28
C ILE N 184 -10.76 -34.18 13.97
N ALA N 185 -11.98 -34.29 13.44
CA ALA N 185 -12.95 -35.25 13.97
C ALA N 185 -12.47 -36.69 13.81
N HIS N 186 -11.89 -37.02 12.66
CA HIS N 186 -11.47 -38.40 12.46
C HIS N 186 -10.18 -38.74 13.21
N MET N 187 -9.30 -37.77 13.50
CA MET N 187 -8.18 -38.07 14.38
C MET N 187 -8.67 -38.31 15.80
N GLY N 188 -9.72 -37.61 16.22
CA GLY N 188 -10.36 -37.97 17.49
C GLY N 188 -10.90 -39.38 17.50
N TRP N 189 -11.51 -39.80 16.39
CA TRP N 189 -11.99 -41.18 16.24
C TRP N 189 -10.86 -42.19 16.31
N MET N 190 -9.72 -41.88 15.67
CA MET N 190 -8.59 -42.81 15.66
C MET N 190 -7.99 -42.96 17.05
N THR N 191 -7.73 -41.84 17.73
CA THR N 191 -7.08 -41.91 19.02
C THR N 191 -8.00 -42.34 20.15
N ALA N 192 -9.32 -42.40 19.93
CA ALA N 192 -10.21 -42.83 21.01
C ALA N 192 -10.09 -44.32 21.31
N VAL N 193 -9.87 -45.15 20.28
CA VAL N 193 -9.77 -46.59 20.46
C VAL N 193 -8.30 -47.03 20.64
N LEU N 194 -7.41 -46.07 20.87
CA LEU N 194 -5.98 -46.35 20.93
C LEU N 194 -5.62 -47.23 22.14
N LEU N 195 -6.07 -46.84 23.32
CA LEU N 195 -5.71 -47.61 24.50
C LEU N 195 -6.59 -48.83 24.70
N TYR N 196 -7.59 -49.03 23.84
CA TYR N 196 -8.46 -50.20 23.94
C TYR N 196 -8.08 -51.29 22.95
N ASN N 197 -7.94 -50.94 21.67
CA ASN N 197 -7.39 -51.84 20.65
C ASN N 197 -6.78 -51.00 19.54
N PRO N 198 -5.45 -50.90 19.47
CA PRO N 198 -4.82 -50.04 18.45
C PRO N 198 -4.83 -50.61 17.05
N THR N 199 -5.22 -51.86 16.87
CA THR N 199 -5.45 -52.37 15.52
C THR N 199 -6.63 -51.66 14.86
N MET N 200 -7.66 -51.34 15.66
CA MET N 200 -8.76 -50.53 15.14
C MET N 200 -8.32 -49.11 14.85
N THR N 201 -7.36 -48.58 15.62
CA THR N 201 -6.75 -47.30 15.30
C THR N 201 -6.07 -47.33 13.95
N LEU N 202 -5.31 -48.40 13.66
CA LEU N 202 -4.68 -48.51 12.35
C LEU N 202 -5.69 -48.72 11.24
N LEU N 203 -6.78 -49.44 11.54
CA LEU N 203 -7.85 -49.63 10.56
C LEU N 203 -8.53 -48.32 10.20
N ASN N 204 -8.83 -47.50 11.22
CA ASN N 204 -9.43 -46.20 10.97
C ASN N 204 -8.46 -45.27 10.24
N LEU N 205 -7.17 -45.38 10.54
CA LEU N 205 -6.17 -44.59 9.82
C LEU N 205 -6.12 -44.95 8.35
N ILE N 206 -6.16 -46.26 8.04
CA ILE N 206 -6.11 -46.70 6.64
C ILE N 206 -7.38 -46.30 5.89
N ILE N 207 -8.54 -46.53 6.50
CA ILE N 207 -9.80 -46.20 5.83
C ILE N 207 -9.94 -44.69 5.66
N TYR N 208 -9.45 -43.91 6.62
CA TYR N 208 -9.52 -42.46 6.48
C TYR N 208 -8.55 -41.97 5.41
N ILE N 209 -7.37 -42.58 5.30
CA ILE N 209 -6.44 -42.23 4.22
C ILE N 209 -7.05 -42.53 2.85
N ILE N 210 -7.72 -43.68 2.73
CA ILE N 210 -8.33 -44.05 1.45
C ILE N 210 -9.46 -43.10 1.08
N MET N 211 -10.35 -42.78 2.04
CA MET N 211 -11.47 -41.90 1.75
C MET N 211 -11.02 -40.46 1.50
N THR N 212 -10.01 -39.99 2.25
CA THR N 212 -9.52 -38.64 2.09
C THR N 212 -8.77 -38.47 0.79
N SER N 213 -8.01 -39.50 0.40
CA SER N 213 -7.32 -39.48 -0.87
C SER N 213 -8.31 -39.55 -2.02
N THR N 214 -9.43 -40.27 -1.84
CA THR N 214 -10.48 -40.27 -2.85
C THR N 214 -11.09 -38.88 -3.01
N MET N 215 -11.35 -38.19 -1.90
CA MET N 215 -11.98 -36.87 -1.99
C MET N 215 -11.04 -35.82 -2.56
N PHE N 216 -9.77 -35.81 -2.14
CA PHE N 216 -8.83 -34.88 -2.74
C PHE N 216 -8.49 -35.22 -4.18
N THR N 217 -8.55 -36.50 -4.56
CA THR N 217 -8.30 -36.86 -5.95
C THR N 217 -9.46 -36.42 -6.83
N LEU N 218 -10.69 -36.51 -6.32
CA LEU N 218 -11.83 -35.98 -7.06
C LEU N 218 -11.79 -34.47 -7.13
N PHE N 219 -11.32 -33.80 -6.06
CA PHE N 219 -11.20 -32.35 -6.08
C PHE N 219 -10.15 -31.88 -7.07
N MET N 220 -9.05 -32.63 -7.21
CA MET N 220 -8.04 -32.26 -8.19
C MET N 220 -8.49 -32.59 -9.60
N ALA N 221 -9.18 -33.73 -9.77
CA ALA N 221 -9.64 -34.15 -11.09
C ALA N 221 -10.74 -33.25 -11.62
N ASN N 222 -11.47 -32.56 -10.75
CA ASN N 222 -12.47 -31.62 -11.20
C ASN N 222 -12.05 -30.17 -11.00
N SER N 223 -10.88 -29.93 -10.40
CA SER N 223 -10.30 -28.61 -10.15
C SER N 223 -11.23 -27.71 -9.34
N THR N 224 -11.66 -28.24 -8.19
CA THR N 224 -12.65 -27.59 -7.35
C THR N 224 -12.03 -27.20 -6.01
N THR N 225 -12.10 -25.91 -5.69
CA THR N 225 -11.65 -25.42 -4.40
C THR N 225 -12.79 -24.91 -3.53
N THR N 226 -13.94 -24.57 -4.11
CA THR N 226 -15.09 -24.11 -3.37
C THR N 226 -16.25 -25.09 -3.55
N THR N 227 -17.25 -24.98 -2.67
CA THR N 227 -18.46 -25.78 -2.79
C THR N 227 -19.21 -25.45 -4.07
N LEU N 228 -19.27 -24.17 -4.40
CA LEU N 228 -20.07 -23.71 -5.53
C LEU N 228 -19.43 -24.04 -6.86
N SER N 229 -18.11 -24.31 -6.89
CA SER N 229 -17.46 -24.83 -8.07
C SER N 229 -17.47 -26.34 -8.13
N LEU N 230 -17.62 -27.01 -6.99
CA LEU N 230 -17.90 -28.44 -7.01
C LEU N 230 -19.32 -28.70 -7.50
N SER N 231 -20.22 -27.73 -7.32
CA SER N 231 -21.59 -27.85 -7.77
C SER N 231 -21.77 -27.66 -9.27
N HIS N 232 -20.70 -27.40 -10.02
CA HIS N 232 -20.74 -27.35 -11.47
C HIS N 232 -20.30 -28.66 -12.11
N THR N 233 -20.18 -29.73 -11.32
CA THR N 233 -19.57 -30.96 -11.81
C THR N 233 -20.54 -31.78 -12.64
N TRP N 234 -21.84 -31.61 -12.41
CA TRP N 234 -22.85 -32.34 -13.17
C TRP N 234 -22.88 -31.91 -14.63
N ASN N 235 -22.52 -30.67 -14.91
CA ASN N 235 -22.56 -30.13 -16.26
C ASN N 235 -21.32 -30.49 -17.05
N LYS N 236 -20.30 -31.06 -16.41
CA LYS N 236 -19.02 -31.32 -17.06
C LYS N 236 -18.75 -32.81 -17.22
N ALA N 237 -18.75 -33.56 -16.12
CA ALA N 237 -18.59 -35.02 -16.15
C ALA N 237 -19.47 -35.58 -15.03
N PRO N 238 -20.66 -36.10 -15.36
CA PRO N 238 -21.62 -36.45 -14.31
C PRO N 238 -21.26 -37.70 -13.53
N ILE N 239 -20.28 -38.48 -13.98
CA ILE N 239 -19.84 -39.63 -13.20
C ILE N 239 -19.10 -39.18 -11.94
N MET N 240 -18.49 -37.99 -11.98
CA MET N 240 -17.79 -37.48 -10.81
C MET N 240 -18.75 -37.10 -9.71
N THR N 241 -19.97 -36.69 -10.06
CA THR N 241 -21.00 -36.42 -9.06
C THR N 241 -21.43 -37.71 -8.37
N ILE N 242 -21.50 -38.81 -9.11
CA ILE N 242 -21.80 -40.11 -8.51
C ILE N 242 -20.68 -40.53 -7.58
N LEU N 243 -19.42 -40.30 -7.99
CA LEU N 243 -18.30 -40.69 -7.15
C LEU N 243 -18.22 -39.86 -5.87
N VAL N 244 -18.51 -38.55 -5.95
CA VAL N 244 -18.47 -37.77 -4.72
C VAL N 244 -19.69 -38.06 -3.86
N LEU N 245 -20.81 -38.49 -4.47
CA LEU N 245 -21.96 -38.90 -3.69
C LEU N 245 -21.67 -40.15 -2.88
N ILE N 246 -21.12 -41.17 -3.53
CA ILE N 246 -20.83 -42.41 -2.82
C ILE N 246 -19.68 -42.22 -1.82
N THR N 247 -18.73 -41.33 -2.11
CA THR N 247 -17.63 -41.15 -1.17
C THR N 247 -18.03 -40.30 0.03
N LEU N 248 -18.84 -39.26 -0.18
CA LEU N 248 -19.28 -38.45 0.96
C LEU N 248 -20.33 -39.16 1.79
N LEU N 249 -21.12 -40.06 1.20
CA LEU N 249 -21.95 -40.92 2.03
C LEU N 249 -21.15 -42.01 2.70
N SER N 250 -19.99 -42.36 2.15
CA SER N 250 -19.10 -43.30 2.82
C SER N 250 -18.43 -42.68 4.02
N MET N 251 -17.96 -41.43 3.90
CA MET N 251 -17.22 -40.80 5.00
C MET N 251 -18.12 -40.46 6.18
N GLY N 252 -19.42 -40.34 5.98
CA GLY N 252 -20.32 -40.05 7.08
C GLY N 252 -20.59 -41.21 8.00
N GLY N 253 -20.37 -42.44 7.53
CA GLY N 253 -20.62 -43.60 8.35
C GLY N 253 -21.96 -44.22 8.08
N LEU N 254 -22.35 -44.28 6.83
CA LEU N 254 -23.59 -44.96 6.50
C LEU N 254 -23.30 -46.32 5.90
N PRO N 255 -23.99 -47.37 6.32
CA PRO N 255 -23.86 -48.66 5.66
C PRO N 255 -24.62 -48.66 4.34
N PRO N 256 -24.25 -49.52 3.38
CA PRO N 256 -23.24 -50.58 3.37
C PRO N 256 -21.87 -50.11 2.93
N LEU N 257 -21.55 -48.85 3.18
CA LEU N 257 -20.32 -48.25 2.68
C LEU N 257 -19.21 -48.44 3.71
N SER N 258 -17.97 -48.43 3.22
CA SER N 258 -16.85 -48.91 4.01
C SER N 258 -16.48 -47.97 5.15
N GLY N 259 -16.92 -46.71 5.10
CA GLY N 259 -16.69 -45.81 6.21
C GLY N 259 -17.53 -46.10 7.44
N PHE N 260 -18.56 -46.94 7.31
CA PHE N 260 -19.19 -47.52 8.47
C PHE N 260 -18.27 -48.52 9.17
N MET N 261 -17.31 -49.09 8.44
CA MET N 261 -16.41 -50.10 8.98
C MET N 261 -15.62 -49.66 10.21
N PRO N 262 -14.81 -48.53 10.20
CA PRO N 262 -13.92 -48.29 11.36
C PRO N 262 -14.69 -47.95 12.62
N LYS N 263 -15.60 -46.98 12.49
CA LYS N 263 -16.43 -46.47 13.58
C LYS N 263 -17.11 -47.58 14.37
N TRP N 264 -17.87 -48.42 13.67
CA TRP N 264 -18.51 -49.60 14.25
C TRP N 264 -17.51 -50.50 14.93
N MET N 265 -16.40 -50.81 14.24
CA MET N 265 -15.36 -51.63 14.85
C MET N 265 -14.74 -50.97 16.06
N ILE N 266 -14.64 -49.63 16.04
CA ILE N 266 -14.18 -48.89 17.21
C ILE N 266 -15.13 -49.09 18.37
N ILE N 267 -16.44 -48.99 18.10
CA ILE N 267 -17.45 -49.25 19.12
C ILE N 267 -17.37 -50.70 19.55
N GLN N 268 -17.05 -51.59 18.59
CA GLN N 268 -16.91 -53.02 18.87
C GLN N 268 -15.76 -53.31 19.82
N GLU N 269 -14.79 -52.40 19.92
CA GLU N 269 -13.74 -52.56 20.91
C GLU N 269 -13.85 -51.63 22.09
N MET N 270 -14.76 -50.66 22.08
CA MET N 270 -14.90 -49.83 23.26
C MET N 270 -15.96 -50.33 24.22
N THR N 271 -16.95 -51.07 23.74
CA THR N 271 -17.96 -51.63 24.61
C THR N 271 -17.50 -52.90 25.30
N LYS N 272 -16.46 -53.55 24.78
CA LYS N 272 -15.90 -54.72 25.45
C LYS N 272 -15.20 -54.32 26.75
N ASN N 273 -14.64 -53.12 26.79
CA ASN N 273 -13.97 -52.58 27.96
C ASN N 273 -14.91 -51.77 28.85
N ASP N 274 -16.22 -52.08 28.80
CA ASP N 274 -17.25 -51.52 29.68
C ASP N 274 -17.38 -50.01 29.54
N SER N 275 -17.21 -49.47 28.33
CA SER N 275 -17.45 -48.06 28.04
C SER N 275 -18.62 -47.98 27.07
N ILE N 276 -19.74 -47.44 27.54
CA ILE N 276 -20.94 -47.33 26.74
C ILE N 276 -21.32 -45.88 26.47
N ILE N 277 -21.13 -45.01 27.48
CA ILE N 277 -21.47 -43.59 27.34
C ILE N 277 -20.58 -42.93 26.30
N LEU N 278 -19.28 -43.21 26.35
CA LEU N 278 -18.33 -42.51 25.49
C LEU N 278 -18.48 -42.87 24.01
N PRO N 279 -18.59 -44.15 23.58
CA PRO N 279 -18.87 -44.37 22.14
C PRO N 279 -20.25 -43.92 21.71
N THR N 280 -21.23 -43.85 22.61
CA THR N 280 -22.54 -43.32 22.25
C THR N 280 -22.45 -41.83 21.94
N LEU N 281 -21.78 -41.06 22.80
CA LEU N 281 -21.60 -39.63 22.55
C LEU N 281 -20.77 -39.37 21.31
N MET N 282 -19.78 -40.23 21.04
CA MET N 282 -18.98 -40.11 19.83
C MET N 282 -19.80 -40.39 18.57
N ALA N 283 -20.63 -41.43 18.60
CA ALA N 283 -21.44 -41.78 17.45
C ALA N 283 -22.51 -40.73 17.18
N ILE N 284 -23.12 -40.19 18.24
CA ILE N 284 -24.09 -39.10 18.06
C ILE N 284 -23.41 -37.83 17.57
N THR N 285 -22.15 -37.61 17.96
CA THR N 285 -21.43 -36.42 17.49
C THR N 285 -21.01 -36.57 16.03
N ALA N 286 -20.86 -37.81 15.54
CA ALA N 286 -20.54 -38.04 14.13
C ALA N 286 -21.65 -37.60 13.17
N LEU N 287 -22.86 -37.37 13.67
CA LEU N 287 -23.95 -36.88 12.83
C LEU N 287 -23.69 -35.48 12.29
N LEU N 288 -22.85 -34.69 12.97
CA LEU N 288 -22.49 -33.37 12.47
C LEU N 288 -21.60 -33.49 11.22
N ASN N 289 -20.63 -34.40 11.26
CA ASN N 289 -19.80 -34.71 10.11
C ASN N 289 -20.65 -35.21 8.96
N LEU N 290 -21.59 -36.09 9.26
CA LEU N 290 -22.52 -36.55 8.23
C LEU N 290 -23.41 -35.42 7.72
N TYR N 291 -23.67 -34.41 8.56
CA TYR N 291 -24.51 -33.30 8.11
C TYR N 291 -23.81 -32.43 7.08
N PHE N 292 -22.54 -32.07 7.31
CA PHE N 292 -21.94 -31.27 6.25
C PHE N 292 -21.52 -32.10 5.04
N TYR N 293 -21.37 -33.42 5.19
CA TYR N 293 -21.26 -34.26 4.00
C TYR N 293 -22.56 -34.28 3.20
N MET N 294 -23.71 -34.32 3.88
CA MET N 294 -25.00 -34.22 3.21
C MET N 294 -25.19 -32.86 2.54
N ARG N 295 -24.66 -31.81 3.16
CA ARG N 295 -24.67 -30.49 2.52
C ARG N 295 -23.90 -30.49 1.21
N LEU N 296 -22.71 -31.11 1.20
CA LEU N 296 -21.95 -31.16 -0.04
C LEU N 296 -22.60 -32.05 -1.11
N THR N 297 -23.27 -33.14 -0.69
CA THR N 297 -23.98 -33.95 -1.68
C THR N 297 -25.22 -33.24 -2.22
N TYR N 298 -25.87 -32.42 -1.39
CA TYR N 298 -26.97 -31.58 -1.87
C TYR N 298 -26.46 -30.55 -2.86
N SER N 299 -25.25 -30.04 -2.65
CA SER N 299 -24.71 -29.07 -3.59
C SER N 299 -24.34 -29.73 -4.92
N THR N 300 -23.72 -30.91 -4.88
CA THR N 300 -23.06 -31.45 -6.06
C THR N 300 -23.95 -32.38 -6.89
N ALA N 301 -24.39 -33.49 -6.29
CA ALA N 301 -24.99 -34.59 -7.04
C ALA N 301 -26.51 -34.55 -7.02
N LEU N 302 -27.11 -34.37 -5.84
CA LEU N 302 -28.55 -34.52 -5.71
C LEU N 302 -29.32 -33.37 -6.32
N THR N 303 -28.73 -32.19 -6.44
CA THR N 303 -29.35 -31.07 -7.13
C THR N 303 -28.51 -30.67 -8.32
N MET N 304 -28.93 -29.61 -9.00
CA MET N 304 -28.24 -29.08 -10.17
C MET N 304 -28.24 -27.55 -10.06
N PHE N 305 -27.18 -27.00 -9.47
CA PHE N 305 -27.04 -25.56 -9.38
C PHE N 305 -26.77 -24.98 -10.76
N PRO N 306 -27.23 -23.76 -11.04
CA PRO N 306 -27.12 -23.21 -12.39
C PRO N 306 -25.67 -22.90 -12.76
N SER N 307 -25.17 -23.58 -13.78
CA SER N 307 -23.81 -23.40 -14.24
C SER N 307 -23.73 -22.20 -15.17
N THR N 308 -22.55 -21.94 -15.72
CA THR N 308 -22.34 -20.78 -16.58
C THR N 308 -22.14 -21.23 -18.02
N ASN N 309 -21.99 -20.24 -18.90
CA ASN N 309 -22.02 -20.52 -20.33
C ASN N 309 -20.74 -21.20 -20.81
N ASN N 310 -19.59 -20.82 -20.26
CA ASN N 310 -18.30 -21.31 -20.75
C ASN N 310 -18.06 -22.78 -20.49
N MET N 311 -18.92 -23.41 -19.66
CA MET N 311 -18.97 -24.86 -19.54
C MET N 311 -19.18 -25.53 -20.89
N LYS N 312 -19.89 -24.87 -21.81
CA LYS N 312 -20.08 -25.37 -23.17
C LYS N 312 -18.77 -25.56 -23.92
N MET N 313 -17.71 -24.86 -23.54
CA MET N 313 -16.42 -25.13 -24.17
C MET N 313 -15.77 -26.36 -23.56
N LYS N 314 -15.92 -26.56 -22.25
CA LYS N 314 -15.23 -27.64 -21.56
C LYS N 314 -15.86 -29.00 -21.82
N TRP N 315 -16.99 -29.03 -22.53
CA TRP N 315 -17.53 -30.28 -23.04
C TRP N 315 -16.67 -30.83 -24.17
N GLN N 316 -15.96 -29.95 -24.88
CA GLN N 316 -15.19 -30.34 -26.05
C GLN N 316 -13.77 -30.77 -25.71
N PHE N 317 -13.44 -30.89 -24.43
CA PHE N 317 -12.12 -31.32 -23.99
C PHE N 317 -12.28 -32.30 -22.85
N PRO N 318 -12.05 -33.60 -23.06
CA PRO N 318 -12.07 -34.55 -21.96
C PRO N 318 -10.85 -34.37 -21.07
N THR N 319 -10.95 -34.91 -19.86
CA THR N 319 -9.93 -34.72 -18.84
C THR N 319 -8.69 -35.52 -19.19
N THR N 320 -7.55 -34.84 -19.34
CA THR N 320 -6.28 -35.48 -19.58
C THR N 320 -5.37 -35.46 -18.36
N LYS N 321 -5.94 -35.32 -17.16
CA LYS N 321 -5.18 -35.40 -15.94
C LYS N 321 -4.79 -36.85 -15.68
N ARG N 322 -3.65 -37.03 -15.01
CA ARG N 322 -3.27 -38.35 -14.51
C ARG N 322 -3.97 -38.53 -13.18
N MET N 323 -5.14 -39.15 -13.21
CA MET N 323 -5.92 -39.41 -11.99
C MET N 323 -5.38 -40.69 -11.39
N THR N 324 -4.43 -40.55 -10.48
CA THR N 324 -3.70 -41.69 -9.94
C THR N 324 -4.58 -42.49 -9.00
N LEU N 325 -4.88 -43.73 -9.40
CA LEU N 325 -5.58 -44.75 -8.59
C LEU N 325 -6.96 -44.32 -8.12
N LEU N 326 -7.61 -43.41 -8.86
CA LEU N 326 -8.94 -42.93 -8.48
C LEU N 326 -10.03 -44.01 -8.46
N PRO N 327 -10.18 -44.89 -9.48
CA PRO N 327 -11.21 -45.94 -9.34
C PRO N 327 -10.89 -46.95 -8.25
N THR N 328 -9.62 -47.29 -8.04
CA THR N 328 -9.24 -48.22 -6.98
C THR N 328 -9.56 -47.64 -5.61
N MET N 329 -9.22 -46.36 -5.39
CA MET N 329 -9.51 -45.73 -4.12
C MET N 329 -11.01 -45.56 -3.91
N THR N 330 -11.76 -45.32 -4.99
CA THR N 330 -13.21 -45.19 -4.85
C THR N 330 -13.87 -46.52 -4.48
N VAL N 331 -13.42 -47.60 -5.12
CA VAL N 331 -13.94 -48.93 -4.81
C VAL N 331 -13.55 -49.35 -3.40
N LEU N 332 -12.32 -49.06 -2.97
CA LEU N 332 -11.92 -49.42 -1.61
C LEU N 332 -12.59 -48.52 -0.57
N SER N 333 -12.93 -47.29 -0.93
CA SER N 333 -13.56 -46.38 0.00
C SER N 333 -15.07 -46.47 0.00
N THR N 334 -15.67 -47.27 -0.88
CA THR N 334 -17.11 -47.47 -0.85
C THR N 334 -17.55 -48.92 -0.70
N MET N 335 -16.81 -49.88 -1.25
CA MET N 335 -17.29 -51.25 -1.30
C MET N 335 -16.40 -52.25 -0.59
N LEU N 336 -15.97 -51.94 0.63
CA LEU N 336 -15.07 -52.81 1.36
C LEU N 336 -15.71 -53.44 2.59
N LEU N 337 -16.92 -53.03 2.95
CA LEU N 337 -17.55 -53.48 4.19
C LEU N 337 -17.82 -54.99 4.30
N PRO N 338 -18.23 -55.73 3.25
CA PRO N 338 -18.28 -57.21 3.39
C PRO N 338 -16.93 -57.87 3.65
N LEU N 339 -15.83 -57.16 3.41
CA LEU N 339 -14.50 -57.60 3.79
C LEU N 339 -14.05 -56.98 5.11
N THR N 340 -14.98 -56.75 6.03
CA THR N 340 -14.61 -56.21 7.34
C THR N 340 -13.65 -57.10 8.15
N PRO N 341 -13.74 -58.48 8.15
CA PRO N 341 -12.71 -59.23 8.89
C PRO N 341 -11.31 -59.27 8.25
N ILE N 342 -11.06 -58.45 7.24
CA ILE N 342 -9.71 -58.31 6.69
C ILE N 342 -8.80 -57.55 7.65
N LEU N 343 -9.37 -56.90 8.68
CA LEU N 343 -8.59 -56.06 9.62
C LEU N 343 -7.56 -56.85 10.41
N SER N 344 -7.70 -58.19 10.47
CA SER N 344 -6.71 -59.05 11.09
C SER N 344 -5.38 -59.06 10.36
N ILE N 345 -5.28 -58.51 9.15
CA ILE N 345 -3.96 -58.32 8.56
C ILE N 345 -3.17 -57.21 9.25
N LEU N 346 -3.83 -56.39 10.06
CA LEU N 346 -3.18 -55.35 10.84
C LEU N 346 -2.80 -55.81 12.24
N GLU N 347 -3.25 -56.99 12.66
CA GLU N 347 -2.96 -57.51 13.99
C GLU N 347 -1.49 -57.90 14.15
N LYS O 3 -9.75 -32.47 40.14
CA LYS O 3 -10.06 -33.87 40.38
C LYS O 3 -10.58 -34.02 41.80
N THR O 4 -10.02 -33.24 42.71
CA THR O 4 -10.40 -33.31 44.12
C THR O 4 -11.56 -32.39 44.48
N LEU O 5 -11.90 -31.42 43.62
CA LEU O 5 -13.14 -30.67 43.81
C LEU O 5 -14.34 -31.60 43.64
N LEU O 6 -14.27 -32.45 42.62
CA LEU O 6 -15.32 -33.44 42.37
C LEU O 6 -15.37 -34.48 43.48
N HIS O 7 -14.22 -34.87 44.02
CA HIS O 7 -14.19 -35.80 45.14
C HIS O 7 -14.78 -35.19 46.40
N GLN O 8 -14.42 -33.93 46.70
CA GLN O 8 -15.01 -33.33 47.90
C GLN O 8 -16.45 -32.88 47.69
N TYR O 9 -16.95 -32.90 46.45
CA TYR O 9 -18.40 -32.83 46.24
C TYR O 9 -19.06 -34.18 46.51
N TRP O 10 -18.55 -35.25 45.91
CA TRP O 10 -19.27 -36.53 45.98
C TRP O 10 -19.10 -37.26 47.30
N ASP O 11 -18.07 -36.97 48.09
CA ASP O 11 -17.79 -37.77 49.28
C ASP O 11 -18.67 -37.42 50.49
N ILE O 12 -19.74 -36.67 50.29
CA ILE O 12 -20.63 -36.25 51.37
C ILE O 12 -22.02 -36.82 51.06
N PRO O 13 -22.72 -37.39 52.03
CA PRO O 13 -24.05 -37.96 51.74
C PRO O 13 -25.07 -36.89 51.37
N GLU O 14 -25.93 -37.24 50.41
CA GLU O 14 -26.92 -36.31 49.90
C GLU O 14 -27.97 -35.99 50.95
N GLY O 15 -28.34 -34.71 51.02
CA GLY O 15 -29.37 -34.30 51.96
C GLY O 15 -28.96 -34.22 53.40
N THR O 16 -27.66 -34.06 53.69
CA THR O 16 -27.18 -34.04 55.06
C THR O 16 -26.62 -32.69 55.46
N GLU O 17 -25.63 -32.18 54.74
CA GLU O 17 -25.02 -30.88 55.04
C GLU O 17 -25.11 -30.03 53.77
N CYS O 18 -26.14 -29.18 53.71
CA CYS O 18 -26.42 -28.45 52.48
C CYS O 18 -25.41 -27.34 52.21
N HIS O 19 -24.80 -26.78 53.26
CA HIS O 19 -23.87 -25.68 53.10
C HIS O 19 -22.60 -26.12 52.39
N ARG O 20 -22.01 -27.24 52.81
CA ARG O 20 -20.76 -27.69 52.23
C ARG O 20 -20.96 -28.24 50.82
N LYS O 21 -22.11 -28.89 50.57
CA LYS O 21 -22.45 -29.34 49.22
C LYS O 21 -22.67 -28.16 48.28
N THR O 22 -23.35 -27.12 48.76
CA THR O 22 -23.57 -25.92 47.96
C THR O 22 -22.26 -25.22 47.66
N TYR O 23 -21.35 -25.16 48.64
CA TYR O 23 -20.05 -24.54 48.42
C TYR O 23 -19.17 -25.37 47.49
N ALA O 24 -19.28 -26.70 47.55
CA ALA O 24 -18.50 -27.56 46.65
C ALA O 24 -18.97 -27.43 45.21
N ALA O 25 -20.29 -27.44 45.00
CA ALA O 25 -20.81 -27.24 43.66
C ALA O 25 -20.57 -25.82 43.16
N THR O 26 -20.52 -24.84 44.08
CA THR O 26 -20.18 -23.47 43.73
C THR O 26 -18.74 -23.39 43.24
N SER O 27 -17.82 -24.08 43.93
CA SER O 27 -16.42 -24.05 43.52
C SER O 27 -16.19 -24.82 42.22
N ILE O 28 -16.93 -25.89 41.98
CA ILE O 28 -16.87 -26.59 40.69
C ILE O 28 -17.34 -25.68 39.56
N GLY O 29 -18.48 -24.99 39.78
CA GLY O 29 -18.98 -24.06 38.79
C GLY O 29 -18.03 -22.88 38.57
N GLY O 30 -17.39 -22.42 39.64
CA GLY O 30 -16.44 -21.32 39.50
C GLY O 30 -15.20 -21.72 38.73
N ALA O 31 -14.70 -22.94 38.96
CA ALA O 31 -13.56 -23.43 38.20
C ALA O 31 -13.90 -23.59 36.71
N SER O 32 -15.11 -24.09 36.42
CA SER O 32 -15.53 -24.20 35.03
C SER O 32 -15.69 -22.83 34.37
N GLY O 33 -16.21 -21.86 35.12
CA GLY O 33 -16.33 -20.51 34.59
C GLY O 33 -15.00 -19.84 34.37
N LEU O 34 -14.01 -20.13 35.22
CA LEU O 34 -12.68 -19.61 35.00
C LEU O 34 -12.01 -20.23 33.79
N VAL O 35 -12.28 -21.51 33.52
CA VAL O 35 -11.75 -22.13 32.29
C VAL O 35 -12.38 -21.52 31.05
N VAL O 36 -13.71 -21.33 31.06
CA VAL O 36 -14.40 -20.70 29.94
C VAL O 36 -13.91 -19.26 29.75
N SER O 37 -13.64 -18.56 30.87
CA SER O 37 -13.13 -17.20 30.80
C SER O 37 -11.71 -17.16 30.24
N ALA O 38 -10.89 -18.15 30.59
CA ALA O 38 -9.50 -18.20 30.10
C ALA O 38 -9.47 -18.46 28.61
N TYR O 39 -10.27 -19.41 28.12
CA TYR O 39 -10.33 -19.61 26.67
C TYR O 39 -11.03 -18.45 25.96
N SER O 40 -11.92 -17.74 26.66
CA SER O 40 -12.62 -16.62 26.03
C SER O 40 -11.70 -15.43 25.84
N VAL O 41 -10.84 -15.14 26.82
CA VAL O 41 -9.84 -14.11 26.63
C VAL O 41 -8.66 -14.61 25.81
N ALA O 42 -8.52 -15.93 25.64
CA ALA O 42 -7.50 -16.47 24.76
C ALA O 42 -7.85 -16.24 23.29
N LEU O 43 -9.01 -16.75 22.86
CA LEU O 43 -9.28 -16.79 21.43
C LEU O 43 -9.83 -15.47 20.90
N LYS O 44 -10.55 -14.71 21.73
CA LYS O 44 -11.10 -13.42 21.32
C LYS O 44 -10.55 -12.35 22.25
N THR O 45 -9.76 -11.44 21.70
CA THR O 45 -9.13 -10.41 22.50
C THR O 45 -10.16 -9.38 22.95
N PRO O 46 -10.32 -9.16 24.25
CA PRO O 46 -11.19 -8.08 24.71
C PRO O 46 -10.57 -6.72 24.41
N THR O 47 -11.40 -5.69 24.51
CA THR O 47 -10.97 -4.35 24.12
C THR O 47 -9.96 -3.76 25.09
N SER O 48 -10.02 -4.15 26.36
CA SER O 48 -9.07 -3.67 27.35
C SER O 48 -8.98 -4.69 28.48
N PHE O 49 -8.08 -4.41 29.42
CA PHE O 49 -7.95 -5.28 30.60
C PHE O 49 -9.16 -5.16 31.50
N LEU O 50 -9.79 -3.99 31.55
CA LEU O 50 -11.02 -3.82 32.31
C LEU O 50 -12.15 -4.62 31.70
N GLU O 51 -12.28 -4.59 30.37
CA GLU O 51 -13.28 -5.41 29.69
C GLU O 51 -12.95 -6.90 29.79
N GLY O 52 -11.66 -7.23 29.81
CA GLY O 52 -11.27 -8.63 29.97
C GLY O 52 -11.65 -9.20 31.32
N VAL O 53 -11.33 -8.47 32.40
CA VAL O 53 -11.72 -8.95 33.71
C VAL O 53 -13.22 -8.80 33.94
N ALA O 54 -13.89 -7.92 33.21
CA ALA O 54 -15.35 -7.86 33.27
C ALA O 54 -15.97 -9.11 32.66
N ARG O 55 -15.45 -9.57 31.51
CA ARG O 55 -15.94 -10.81 30.92
C ARG O 55 -15.60 -12.01 31.79
N THR O 56 -14.39 -12.01 32.38
CA THR O 56 -13.98 -13.11 33.26
C THR O 56 -14.87 -13.20 34.49
N GLY O 57 -15.13 -12.06 35.14
CA GLY O 57 -16.02 -12.03 36.28
C GLY O 57 -17.45 -12.35 35.93
N ARG O 58 -17.91 -11.95 34.74
CA ARG O 58 -19.28 -12.24 34.33
C ARG O 58 -19.49 -13.73 34.10
N TYR O 59 -18.57 -14.36 33.36
CA TYR O 59 -18.69 -15.80 33.09
C TYR O 59 -18.48 -16.61 34.37
N THR O 60 -17.56 -16.15 35.22
CA THR O 60 -17.27 -16.84 36.47
C THR O 60 -18.45 -16.76 37.43
N PHE O 61 -19.07 -15.59 37.54
CA PHE O 61 -20.23 -15.47 38.44
C PHE O 61 -21.45 -16.15 37.86
N THR O 62 -21.59 -16.19 36.53
CA THR O 62 -22.71 -16.93 35.92
C THR O 62 -22.60 -18.42 36.22
N ALA O 63 -21.42 -19.01 35.98
CA ALA O 63 -21.24 -20.43 36.23
C ALA O 63 -21.22 -20.75 37.72
N ALA O 64 -20.75 -19.81 38.55
CA ALA O 64 -20.77 -20.03 39.99
C ALA O 64 -22.18 -19.94 40.56
N ALA O 65 -23.02 -19.07 40.01
CA ALA O 65 -24.42 -19.02 40.40
C ALA O 65 -25.14 -20.29 39.98
N ILE O 66 -24.80 -20.83 38.81
CA ILE O 66 -25.34 -22.10 38.35
C ILE O 66 -24.97 -23.22 39.32
N GLY O 67 -23.69 -23.29 39.69
CA GLY O 67 -23.25 -24.32 40.62
C GLY O 67 -23.86 -24.18 42.00
N ALA O 68 -23.99 -22.93 42.47
CA ALA O 68 -24.54 -22.68 43.80
C ALA O 68 -26.02 -23.05 43.87
N ILE O 69 -26.81 -22.56 42.92
CA ILE O 69 -28.24 -22.86 42.91
C ILE O 69 -28.49 -24.33 42.60
N PHE O 70 -27.59 -24.95 41.82
CA PHE O 70 -27.66 -26.39 41.56
C PHE O 70 -27.49 -27.20 42.84
N GLY O 71 -26.39 -26.96 43.56
CA GLY O 71 -26.13 -27.72 44.77
C GLY O 71 -27.16 -27.45 45.86
N LEU O 72 -27.59 -26.19 45.98
CA LEU O 72 -28.64 -25.83 46.94
C LEU O 72 -29.95 -26.54 46.63
N THR O 73 -30.40 -26.47 45.38
CA THR O 73 -31.69 -27.05 45.01
C THR O 73 -31.65 -28.57 45.08
N SER O 74 -30.53 -29.18 44.70
CA SER O 74 -30.40 -30.63 44.75
C SER O 74 -30.43 -31.13 46.18
N CYS O 75 -29.64 -30.52 47.07
CA CYS O 75 -29.61 -30.99 48.45
C CYS O 75 -30.88 -30.66 49.20
N ILE O 76 -31.51 -29.51 48.91
CA ILE O 76 -32.80 -29.17 49.53
C ILE O 76 -33.90 -30.12 49.07
N SER O 77 -33.90 -30.51 47.79
CA SER O 77 -34.87 -31.48 47.31
C SER O 77 -34.63 -32.85 47.92
N ALA O 78 -33.37 -33.23 48.11
CA ALA O 78 -33.06 -34.49 48.78
C ALA O 78 -33.47 -34.47 50.24
N GLN O 79 -33.43 -33.30 50.89
CA GLN O 79 -33.89 -33.21 52.27
C GLN O 79 -35.41 -33.28 52.35
N VAL O 80 -36.10 -32.51 51.52
CA VAL O 80 -37.55 -32.43 51.64
C VAL O 80 -38.25 -33.65 51.05
N ARG O 81 -37.57 -34.46 50.24
CA ARG O 81 -38.15 -35.68 49.72
C ARG O 81 -37.66 -36.92 50.47
N GLU O 82 -36.56 -36.80 51.23
CA GLU O 82 -35.97 -37.87 52.05
C GLU O 82 -35.64 -39.11 51.21
N LYS O 83 -35.17 -38.88 49.99
CA LYS O 83 -34.78 -39.94 49.07
C LYS O 83 -33.45 -39.52 48.43
N PRO O 84 -32.32 -39.95 49.00
CA PRO O 84 -31.03 -39.48 48.47
C PRO O 84 -30.65 -40.09 47.13
N ASP O 85 -30.84 -41.41 46.96
CA ASP O 85 -30.42 -42.10 45.74
C ASP O 85 -31.51 -42.04 44.68
N ASP O 86 -31.84 -40.82 44.30
CA ASP O 86 -32.99 -40.61 43.44
C ASP O 86 -32.71 -39.44 42.50
N PRO O 87 -32.47 -39.71 41.21
CA PRO O 87 -32.08 -38.65 40.26
C PRO O 87 -33.17 -37.63 39.95
N LEU O 88 -34.38 -37.75 40.52
CA LEU O 88 -35.35 -36.67 40.43
C LEU O 88 -34.87 -35.44 41.21
N ASN O 89 -34.09 -35.66 42.27
CA ASN O 89 -33.43 -34.56 42.98
C ASN O 89 -32.52 -33.78 42.06
N TYR O 90 -31.67 -34.47 41.31
CA TYR O 90 -30.79 -33.76 40.39
C TYR O 90 -31.52 -33.27 39.15
N LEU O 91 -32.69 -33.84 38.82
CA LEU O 91 -33.52 -33.26 37.76
C LEU O 91 -34.03 -31.88 38.17
N ILE O 92 -34.51 -31.76 39.41
CA ILE O 92 -34.95 -30.47 39.94
C ILE O 92 -33.77 -29.51 40.06
N GLY O 93 -32.61 -30.01 40.52
CA GLY O 93 -31.44 -29.16 40.63
C GLY O 93 -30.90 -28.67 39.29
N GLY O 94 -30.92 -29.54 38.29
CA GLY O 94 -30.52 -29.15 36.95
C GLY O 94 -31.49 -28.18 36.31
N CYS O 95 -32.78 -28.30 36.61
CA CYS O 95 -33.72 -27.31 36.11
C CYS O 95 -33.52 -25.96 36.79
N ALA O 96 -33.18 -25.97 38.08
CA ALA O 96 -32.87 -24.71 38.76
C ALA O 96 -31.60 -24.07 38.22
N GLY O 97 -30.59 -24.88 37.89
CA GLY O 97 -29.40 -24.36 37.23
C GLY O 97 -29.68 -23.82 35.83
N GLY O 98 -30.60 -24.46 35.11
CA GLY O 98 -30.97 -23.96 33.79
C GLY O 98 -31.73 -22.64 33.85
N LEU O 99 -32.64 -22.52 34.82
CA LEU O 99 -33.32 -21.25 35.06
C LEU O 99 -32.33 -20.17 35.51
N THR O 100 -31.29 -20.56 36.25
CA THR O 100 -30.25 -19.62 36.65
C THR O 100 -29.48 -19.10 35.43
N LEU O 101 -29.13 -20.01 34.52
CA LEU O 101 -28.42 -19.61 33.30
C LEU O 101 -29.29 -18.72 32.42
N GLY O 102 -30.58 -19.03 32.33
CA GLY O 102 -31.47 -18.18 31.55
C GLY O 102 -31.75 -16.84 32.20
N ALA O 103 -31.67 -16.78 33.53
CA ALA O 103 -31.79 -15.49 34.21
C ALA O 103 -30.55 -14.63 33.99
N ARG O 104 -29.37 -15.25 34.05
CA ARG O 104 -28.14 -14.47 33.85
C ARG O 104 -27.94 -14.06 32.40
N THR O 105 -28.40 -14.88 31.46
CA THR O 105 -28.32 -14.53 30.03
C THR O 105 -29.55 -13.76 29.56
N ARG O 106 -30.50 -13.48 30.46
CA ARG O 106 -31.65 -12.60 30.23
C ARG O 106 -32.56 -13.11 29.11
N SER O 107 -32.90 -14.39 29.17
CA SER O 107 -33.78 -15.00 28.18
C SER O 107 -34.46 -16.21 28.79
N TYR O 108 -35.79 -16.29 28.60
CA TYR O 108 -36.56 -17.38 29.16
C TYR O 108 -36.43 -18.66 28.34
N GLY O 109 -36.19 -18.55 27.04
CA GLY O 109 -36.11 -19.73 26.20
C GLY O 109 -34.87 -20.55 26.45
N ILE O 110 -33.72 -19.89 26.62
CA ILE O 110 -32.49 -20.56 27.02
C ILE O 110 -32.63 -21.11 28.42
N GLY O 111 -33.40 -20.41 29.28
CA GLY O 111 -33.65 -20.92 30.62
C GLY O 111 -34.45 -22.22 30.63
N ALA O 112 -35.49 -22.29 29.80
CA ALA O 112 -36.31 -23.50 29.74
C ALA O 112 -35.56 -24.65 29.06
N ALA O 113 -34.83 -24.35 27.98
CA ALA O 113 -34.05 -25.38 27.30
C ALA O 113 -32.94 -25.91 28.18
N ALA O 114 -32.25 -25.01 28.91
CA ALA O 114 -31.19 -25.44 29.79
C ALA O 114 -31.74 -26.14 31.03
N CYS O 115 -32.94 -25.76 31.48
CA CYS O 115 -33.67 -26.53 32.48
C CYS O 115 -33.83 -27.98 32.06
N ALA O 116 -34.39 -28.20 30.87
CA ALA O 116 -34.63 -29.57 30.39
C ALA O 116 -33.34 -30.35 30.20
N TYR O 117 -32.38 -29.79 29.45
CA TYR O 117 -31.19 -30.56 29.13
C TYR O 117 -30.23 -30.70 30.31
N MET O 118 -30.09 -29.69 31.17
CA MET O 118 -29.26 -29.85 32.35
C MET O 118 -29.92 -30.74 33.40
N GLY O 119 -31.25 -30.77 33.45
CA GLY O 119 -31.91 -31.73 34.33
C GLY O 119 -31.69 -33.15 33.87
N LEU O 120 -31.78 -33.39 32.56
CA LEU O 120 -31.47 -34.71 32.02
C LEU O 120 -30.00 -35.07 32.26
N THR O 121 -29.10 -34.10 32.10
CA THR O 121 -27.67 -34.35 32.29
C THR O 121 -27.35 -34.67 33.74
N ALA O 122 -27.93 -33.91 34.68
CA ALA O 122 -27.67 -34.17 36.09
C ALA O 122 -28.32 -35.46 36.57
N ALA O 123 -29.48 -35.81 35.99
CA ALA O 123 -30.06 -37.12 36.26
C ALA O 123 -29.16 -38.24 35.78
N LEU O 124 -28.59 -38.10 34.59
CA LEU O 124 -27.68 -39.11 34.06
C LEU O 124 -26.39 -39.20 34.87
N VAL O 125 -25.89 -38.08 35.39
CA VAL O 125 -24.72 -38.10 36.24
C VAL O 125 -25.04 -38.81 37.57
N LYS O 126 -26.24 -38.61 38.11
CA LYS O 126 -26.64 -39.31 39.32
C LYS O 126 -26.77 -40.81 39.07
N MET O 127 -27.31 -41.19 37.91
CA MET O 127 -27.43 -42.60 37.58
C MET O 127 -26.07 -43.25 37.35
N GLY O 128 -25.13 -42.49 36.79
CA GLY O 128 -23.77 -42.99 36.64
C GLY O 128 -23.07 -43.12 37.98
N GLN O 129 -23.41 -42.27 38.94
CA GLN O 129 -22.89 -42.44 40.29
C GLN O 129 -23.52 -43.65 40.97
N LEU O 130 -24.78 -43.94 40.68
CA LEU O 130 -25.46 -45.07 41.30
C LEU O 130 -24.96 -46.40 40.75
N GLU O 131 -25.17 -46.65 39.46
CA GLU O 131 -24.80 -47.94 38.90
C GLU O 131 -23.30 -48.08 38.61
N GLY O 132 -22.53 -47.01 38.73
CA GLY O 132 -21.13 -47.11 38.40
C GLY O 132 -20.85 -47.09 36.92
N TRP O 133 -21.53 -46.22 36.18
CA TRP O 133 -21.26 -46.08 34.76
C TRP O 133 -19.91 -45.42 34.54
N LYS O 134 -19.07 -46.03 33.72
CA LYS O 134 -17.74 -45.52 33.44
C LYS O 134 -17.79 -44.69 32.17
N VAL O 135 -17.37 -43.44 32.27
CA VAL O 135 -17.32 -42.58 31.09
C VAL O 135 -15.91 -42.59 30.46
N PHE O 136 -14.86 -42.55 31.27
CA PHE O 136 -13.50 -42.86 30.80
C PHE O 136 -13.14 -44.21 31.39
N ALA O 137 -13.57 -45.26 30.70
CA ALA O 137 -13.43 -46.61 31.25
C ALA O 137 -12.02 -47.13 31.10
N GLU O 138 -11.53 -47.76 32.16
CA GLU O 138 -10.24 -48.41 32.11
C GLU O 138 -10.32 -49.63 31.19
N PRO O 139 -9.33 -49.83 30.32
CA PRO O 139 -9.34 -51.00 29.44
C PRO O 139 -9.13 -52.28 30.23
N LYS O 140 -10.02 -53.25 30.03
CA LYS O 140 -9.92 -54.54 30.67
C LYS O 140 -9.58 -55.67 29.72
N VAL O 141 -10.01 -55.60 28.46
CA VAL O 141 -9.70 -56.65 27.49
C VAL O 141 -8.88 -56.07 26.34
N GLY P 51 -88.65 -38.13 -31.71
CA GLY P 51 -88.78 -38.28 -30.28
C GLY P 51 -87.84 -37.37 -29.50
N LYS P 52 -87.14 -36.53 -30.25
CA LYS P 52 -86.05 -35.63 -29.80
C LYS P 52 -85.11 -36.31 -28.81
N ARG P 53 -84.44 -37.34 -29.30
CA ARG P 53 -83.32 -37.92 -28.59
C ARG P 53 -82.22 -36.88 -28.47
N LEU P 54 -81.88 -36.51 -27.24
CA LEU P 54 -80.89 -35.48 -27.01
C LEU P 54 -79.54 -36.12 -26.72
N PHE P 55 -78.48 -35.34 -26.92
CA PHE P 55 -77.14 -35.87 -26.73
C PHE P 55 -76.82 -35.89 -25.24
N ILE P 56 -76.15 -36.94 -24.82
CA ILE P 56 -75.87 -37.19 -23.41
C ILE P 56 -74.37 -37.09 -23.24
N ILE P 57 -73.89 -35.94 -22.78
CA ILE P 57 -72.45 -35.72 -22.60
C ILE P 57 -71.99 -36.53 -21.40
N LYS P 58 -71.29 -37.62 -21.67
CA LYS P 58 -70.68 -38.48 -20.67
C LYS P 58 -69.19 -38.49 -20.93
N PRO P 59 -68.36 -38.80 -19.93
CA PRO P 59 -66.92 -38.89 -20.17
C PRO P 59 -66.57 -40.09 -21.03
N SER P 60 -65.31 -40.13 -21.45
CA SER P 60 -64.85 -41.19 -22.33
C SER P 60 -64.77 -42.50 -21.58
N GLY P 61 -65.85 -43.26 -21.62
CA GLY P 61 -65.92 -44.58 -21.02
C GLY P 61 -65.32 -45.68 -21.86
N PHE P 62 -64.65 -45.34 -22.96
CA PHE P 62 -63.98 -46.36 -23.76
C PHE P 62 -62.80 -46.96 -23.01
N TYR P 63 -62.06 -46.14 -22.27
CA TYR P 63 -60.82 -46.62 -21.69
C TYR P 63 -61.06 -47.45 -20.43
N ASP P 64 -62.08 -47.10 -19.64
CA ASP P 64 -62.45 -47.93 -18.50
C ASP P 64 -62.99 -49.27 -18.94
N LYS P 65 -63.85 -49.28 -19.96
CA LYS P 65 -64.38 -50.54 -20.47
C LYS P 65 -63.30 -51.37 -21.17
N ARG P 66 -62.34 -50.72 -21.82
CA ARG P 66 -61.25 -51.47 -22.44
C ARG P 66 -60.34 -52.08 -21.38
N PHE P 67 -60.09 -51.34 -20.29
CA PHE P 67 -59.36 -51.92 -19.16
C PHE P 67 -60.11 -53.09 -18.55
N LEU P 68 -61.43 -53.00 -18.45
CA LEU P 68 -62.18 -54.11 -17.85
C LEU P 68 -62.20 -55.33 -18.76
N LYS P 69 -62.26 -55.10 -20.09
CA LYS P 69 -62.15 -56.20 -21.03
C LYS P 69 -60.80 -56.87 -20.97
N LEU P 70 -59.73 -56.07 -20.89
CA LEU P 70 -58.39 -56.63 -20.77
C LEU P 70 -58.18 -57.32 -19.42
N LEU P 71 -58.79 -56.79 -18.37
CA LEU P 71 -58.71 -57.39 -17.05
C LEU P 71 -59.37 -58.75 -17.02
N ARG P 72 -60.59 -58.84 -17.55
CA ARG P 72 -61.28 -60.13 -17.60
C ARG P 72 -60.58 -61.10 -18.54
N PHE P 73 -60.01 -60.61 -19.64
CA PHE P 73 -59.31 -61.49 -20.58
C PHE P 73 -58.06 -62.08 -19.95
N TYR P 74 -57.19 -61.22 -19.40
CA TYR P 74 -55.95 -61.70 -18.83
C TYR P 74 -56.10 -62.29 -17.45
N ILE P 75 -57.29 -62.23 -16.84
CA ILE P 75 -57.57 -63.08 -15.69
C ILE P 75 -58.09 -64.44 -16.12
N LEU P 76 -59.11 -64.47 -16.98
CA LEU P 76 -59.73 -65.74 -17.35
C LEU P 76 -58.85 -66.58 -18.27
N LEU P 77 -57.82 -65.99 -18.88
CA LEU P 77 -56.90 -66.72 -19.75
C LEU P 77 -56.20 -67.86 -19.02
N THR P 78 -55.86 -67.65 -17.75
CA THR P 78 -55.47 -68.76 -16.88
C THR P 78 -56.49 -69.03 -15.79
N GLY P 79 -57.62 -68.34 -15.80
CA GLY P 79 -58.68 -68.67 -14.87
C GLY P 79 -59.41 -69.93 -15.29
N ILE P 80 -59.76 -70.01 -16.57
CA ILE P 80 -60.48 -71.15 -17.12
C ILE P 80 -59.65 -72.43 -17.11
N PRO P 81 -58.37 -72.47 -17.57
CA PRO P 81 -57.65 -73.76 -17.49
C PRO P 81 -57.33 -74.21 -16.08
N VAL P 82 -57.15 -73.29 -15.13
CA VAL P 82 -56.85 -73.71 -13.77
C VAL P 82 -58.10 -74.27 -13.09
N VAL P 83 -59.26 -73.67 -13.33
CA VAL P 83 -60.50 -74.21 -12.78
C VAL P 83 -60.82 -75.57 -13.41
N ILE P 84 -60.62 -75.69 -14.73
CA ILE P 84 -60.79 -76.98 -15.42
C ILE P 84 -59.82 -78.02 -14.88
N GLY P 85 -58.57 -77.65 -14.68
CA GLY P 85 -57.58 -78.61 -14.21
C GLY P 85 -57.81 -79.04 -12.78
N ILE P 86 -58.23 -78.12 -11.93
CA ILE P 86 -58.56 -78.46 -10.54
C ILE P 86 -59.78 -79.37 -10.49
N THR P 87 -60.76 -79.13 -11.37
CA THR P 87 -61.92 -80.02 -11.47
C THR P 87 -61.51 -81.41 -11.95
N LEU P 88 -60.63 -81.49 -12.95
CA LEU P 88 -60.22 -82.79 -13.49
C LEU P 88 -59.32 -83.54 -12.50
N ILE P 89 -58.56 -82.82 -11.67
CA ILE P 89 -57.82 -83.49 -10.60
C ILE P 89 -58.78 -84.01 -9.53
N ASN P 90 -59.77 -83.20 -9.16
CA ASN P 90 -60.72 -83.61 -8.13
C ASN P 90 -61.65 -84.71 -8.59
N VAL P 91 -61.83 -84.90 -9.89
CA VAL P 91 -62.65 -86.00 -10.38
C VAL P 91 -61.78 -87.23 -10.56
N PHE P 92 -60.74 -87.12 -11.39
CA PHE P 92 -60.01 -88.31 -11.82
C PHE P 92 -58.96 -88.74 -10.81
N ILE P 93 -58.12 -87.82 -10.35
CA ILE P 93 -56.98 -88.21 -9.53
C ILE P 93 -57.40 -88.50 -8.10
N GLY P 94 -57.92 -87.50 -7.41
CA GLY P 94 -58.62 -87.85 -6.18
C GLY P 94 -57.97 -87.43 -4.88
N GLU P 95 -58.78 -86.86 -4.00
CA GLU P 95 -58.39 -86.59 -2.63
C GLU P 95 -58.12 -87.91 -1.91
N ALA P 96 -56.96 -88.01 -1.26
CA ALA P 96 -56.46 -89.27 -0.73
C ALA P 96 -57.24 -89.72 0.50
N GLU P 97 -56.88 -90.89 1.01
CA GLU P 97 -57.61 -91.54 2.10
C GLU P 97 -56.69 -91.67 3.31
N LEU P 98 -57.20 -91.31 4.48
CA LEU P 98 -56.43 -91.43 5.70
C LEU P 98 -56.28 -92.90 6.11
N ALA P 99 -55.06 -93.30 6.42
CA ALA P 99 -54.77 -94.65 6.88
C ALA P 99 -53.65 -94.61 7.91
N GLU P 100 -53.59 -95.65 8.74
CA GLU P 100 -52.52 -95.76 9.70
C GLU P 100 -51.23 -96.24 9.02
N ILE P 101 -50.10 -95.92 9.63
CA ILE P 101 -48.80 -96.17 8.99
C ILE P 101 -48.48 -97.66 9.12
N PRO P 102 -48.09 -98.32 8.03
CA PRO P 102 -47.59 -99.70 8.15
C PRO P 102 -46.29 -99.76 8.92
N GLU P 103 -46.13 -100.84 9.67
CA GLU P 103 -44.96 -100.99 10.53
C GLU P 103 -43.72 -101.28 9.70
N GLY P 104 -42.70 -100.45 9.85
CA GLY P 104 -41.48 -100.58 9.10
C GLY P 104 -41.40 -99.78 7.82
N TYR P 105 -42.46 -99.08 7.46
CA TYR P 105 -42.47 -98.25 6.26
C TYR P 105 -42.45 -96.78 6.67
N VAL P 106 -41.54 -96.02 6.06
CA VAL P 106 -41.37 -94.60 6.36
C VAL P 106 -41.97 -93.81 5.19
N PRO P 107 -43.00 -93.01 5.41
CA PRO P 107 -43.54 -92.19 4.33
C PRO P 107 -42.58 -91.07 3.95
N GLU P 108 -42.77 -90.56 2.75
CA GLU P 108 -42.07 -89.37 2.31
C GLU P 108 -42.60 -88.14 3.03
N HIS P 109 -41.93 -87.00 2.84
CA HIS P 109 -42.37 -85.76 3.47
C HIS P 109 -43.63 -85.21 2.83
N TRP P 110 -43.94 -85.61 1.60
CA TRP P 110 -45.13 -85.16 0.90
C TRP P 110 -46.29 -86.13 1.02
N GLU P 111 -46.05 -87.34 1.53
CA GLU P 111 -47.09 -88.35 1.66
C GLU P 111 -47.91 -88.21 2.92
N TYR P 112 -47.85 -87.04 3.58
CA TYR P 112 -48.69 -86.76 4.73
C TYR P 112 -49.78 -85.75 4.39
N PHE P 113 -49.98 -85.42 3.12
CA PHE P 113 -50.90 -84.36 2.75
C PHE P 113 -52.02 -84.91 1.90
N LYS P 114 -53.14 -84.20 1.93
CA LYS P 114 -54.45 -84.74 1.59
C LYS P 114 -54.75 -84.67 0.09
N HIS P 115 -54.75 -83.47 -0.48
CA HIS P 115 -55.08 -83.09 -1.85
C HIS P 115 -53.89 -83.36 -2.76
N PRO P 116 -54.11 -83.77 -4.02
CA PRO P 116 -52.98 -84.07 -4.91
C PRO P 116 -52.11 -82.87 -5.26
N ILE P 117 -52.70 -81.68 -5.35
CA ILE P 117 -51.91 -80.49 -5.65
C ILE P 117 -51.02 -80.13 -4.46
N SER P 118 -51.54 -80.31 -3.23
CA SER P 118 -50.73 -80.09 -2.04
C SER P 118 -49.59 -81.10 -1.96
N ARG P 119 -49.82 -82.35 -2.36
CA ARG P 119 -48.77 -83.34 -2.40
C ARG P 119 -47.73 -83.00 -3.46
N TRP P 120 -48.17 -82.44 -4.59
CA TRP P 120 -47.24 -82.05 -5.64
C TRP P 120 -46.40 -80.85 -5.23
N ILE P 121 -47.00 -79.91 -4.49
CA ILE P 121 -46.26 -78.77 -3.98
C ILE P 121 -45.25 -79.21 -2.92
N ALA P 122 -45.66 -80.11 -2.03
CA ALA P 122 -44.76 -80.57 -0.97
C ALA P 122 -43.63 -81.45 -1.52
N ARG P 123 -43.88 -82.20 -2.59
CA ARG P 123 -42.81 -83.00 -3.16
C ARG P 123 -41.89 -82.16 -4.04
N THR P 124 -42.45 -81.32 -4.90
CA THR P 124 -41.65 -80.60 -5.88
C THR P 124 -40.88 -79.45 -5.26
N PHE P 125 -41.60 -78.50 -4.65
CA PHE P 125 -40.95 -77.27 -4.21
C PHE P 125 -40.45 -77.33 -2.78
N PHE P 126 -41.31 -77.69 -1.84
CA PHE P 126 -40.98 -77.55 -0.43
C PHE P 126 -40.02 -78.64 0.04
N ASP P 127 -39.30 -78.33 1.11
CA ASP P 127 -38.33 -79.23 1.70
C ASP P 127 -38.98 -80.01 2.84
N ALA P 128 -38.30 -81.06 3.27
CA ALA P 128 -38.83 -81.90 4.34
C ALA P 128 -38.79 -81.17 5.68
N PRO P 129 -39.73 -81.47 6.57
CA PRO P 129 -39.58 -81.01 7.96
C PRO P 129 -38.40 -81.65 8.65
N GLU P 130 -38.04 -82.88 8.26
CA GLU P 130 -36.78 -83.49 8.68
C GLU P 130 -35.60 -82.63 8.26
N LYS P 131 -35.63 -82.14 7.02
CA LYS P 131 -34.52 -81.36 6.48
C LYS P 131 -34.35 -80.05 7.24
N ASN P 132 -35.45 -79.33 7.44
CA ASN P 132 -35.39 -78.07 8.17
C ASN P 132 -35.06 -78.28 9.64
N TYR P 133 -35.53 -79.39 10.22
CA TYR P 133 -35.26 -79.67 11.64
C TYR P 133 -33.79 -79.94 11.88
N GLU P 134 -33.21 -80.85 11.09
CA GLU P 134 -31.81 -81.21 11.27
C GLU P 134 -30.88 -80.09 10.81
N ARG P 135 -31.30 -79.32 9.80
CA ARG P 135 -30.54 -78.15 9.37
C ARG P 135 -30.55 -77.06 10.43
N THR P 136 -31.70 -76.89 11.12
CA THR P 136 -31.77 -75.97 12.23
C THR P 136 -30.86 -76.39 13.36
N MET P 137 -30.81 -77.70 13.65
CA MET P 137 -29.92 -78.18 14.70
C MET P 137 -28.44 -77.98 14.35
N ALA P 138 -28.09 -78.12 13.07
CA ALA P 138 -26.72 -77.84 12.66
C ALA P 138 -26.37 -76.37 12.81
N ILE P 139 -27.29 -75.49 12.40
CA ILE P 139 -27.10 -74.04 12.56
C ILE P 139 -26.97 -73.66 14.03
N LEU P 140 -27.77 -74.28 14.90
CA LEU P 140 -27.71 -73.99 16.31
C LEU P 140 -26.42 -74.50 16.95
N GLN P 141 -25.91 -75.64 16.47
CA GLN P 141 -24.62 -76.13 16.98
C GLN P 141 -23.48 -75.19 16.61
N ILE P 142 -23.44 -74.76 15.35
CA ILE P 142 -22.36 -73.88 14.87
C ILE P 142 -22.41 -72.53 15.58
N GLU P 143 -23.61 -71.94 15.69
CA GLU P 143 -23.72 -70.64 16.32
C GLU P 143 -23.51 -70.70 17.84
N SER P 144 -23.91 -71.81 18.49
CA SER P 144 -23.67 -71.94 19.92
C SER P 144 -22.19 -72.12 20.21
N GLU P 145 -21.48 -72.89 19.37
CA GLU P 145 -20.04 -73.03 19.55
C GLU P 145 -19.32 -71.71 19.32
N LYS P 146 -19.75 -70.92 18.32
CA LYS P 146 -19.14 -69.61 18.10
C LYS P 146 -19.44 -68.66 19.25
N ALA P 147 -20.62 -68.73 19.85
CA ALA P 147 -20.94 -67.85 20.96
C ALA P 147 -20.13 -68.20 22.21
N GLU P 148 -19.97 -69.50 22.48
CA GLU P 148 -19.13 -69.92 23.60
C GLU P 148 -17.67 -69.52 23.39
N LEU P 149 -17.19 -69.63 22.14
CA LEU P 149 -15.82 -69.22 21.88
C LEU P 149 -15.63 -67.71 21.89
N ARG P 150 -16.68 -66.93 21.60
CA ARG P 150 -16.57 -65.49 21.77
C ARG P 150 -16.49 -65.10 23.24
N LEU P 151 -17.27 -65.78 24.10
CA LEU P 151 -17.16 -65.54 25.53
C LEU P 151 -15.77 -65.93 26.05
N LYS P 152 -15.23 -67.05 25.56
CA LYS P 152 -13.87 -67.44 25.91
C LYS P 152 -12.84 -66.44 25.39
N GLU P 153 -13.09 -65.85 24.21
CA GLU P 153 -12.21 -64.83 23.65
C GLU P 153 -12.15 -63.60 24.54
N LEU P 154 -13.31 -63.15 25.03
CA LEU P 154 -13.36 -62.03 25.96
C LEU P 154 -12.63 -62.34 27.26
N GLU P 155 -12.83 -63.55 27.80
CA GLU P 155 -12.22 -63.87 29.09
C GLU P 155 -10.71 -64.05 28.98
N VAL P 156 -10.23 -64.62 27.86
CA VAL P 156 -8.80 -64.76 27.60
C VAL P 156 -8.15 -63.39 27.43
N ARG P 157 -8.81 -62.46 26.71
CA ARG P 157 -8.25 -61.13 26.58
C ARG P 157 -8.22 -60.39 27.90
N ARG P 158 -9.25 -60.58 28.75
CA ARG P 158 -9.25 -59.94 30.07
C ARG P 158 -8.11 -60.46 30.93
N LEU P 159 -7.91 -61.78 30.94
CA LEU P 159 -6.84 -62.35 31.76
C LEU P 159 -5.46 -62.03 31.22
N MET P 160 -5.30 -61.87 29.91
CA MET P 160 -4.00 -61.53 29.37
C MET P 160 -3.65 -60.05 29.52
N ARG P 161 -4.64 -59.15 29.49
CA ARG P 161 -4.32 -57.77 29.82
C ARG P 161 -4.09 -57.62 31.32
N ALA P 162 -4.80 -58.38 32.15
CA ALA P 162 -4.65 -58.22 33.59
C ALA P 162 -3.35 -58.83 34.11
N LYS P 163 -3.07 -60.08 33.76
CA LYS P 163 -1.91 -60.78 34.31
C LYS P 163 -0.66 -60.64 33.46
N GLY P 164 -0.81 -60.46 32.15
CA GLY P 164 0.33 -60.18 31.30
C GLY P 164 1.23 -61.36 31.00
N ASP P 165 0.79 -62.59 31.31
CA ASP P 165 1.61 -63.77 31.13
C ASP P 165 1.23 -64.59 29.89
N GLY P 166 0.41 -64.03 29.00
CA GLY P 166 0.07 -64.71 27.77
C GLY P 166 0.85 -64.16 26.60
N PRO P 167 0.73 -64.80 25.43
CA PRO P 167 1.44 -64.31 24.24
C PRO P 167 0.93 -62.98 23.72
N TRP P 168 -0.27 -62.56 24.09
CA TRP P 168 -0.79 -61.28 23.63
C TRP P 168 -0.38 -60.21 24.63
N PHE P 169 -0.43 -58.95 24.15
CA PHE P 169 -0.07 -57.76 24.91
C PHE P 169 1.36 -57.79 25.45
N GLN P 170 2.27 -58.40 24.68
CA GLN P 170 3.69 -58.43 25.05
C GLN P 170 4.37 -57.20 24.48
N TYR P 171 4.28 -56.11 25.23
CA TYR P 171 4.90 -54.87 24.79
C TYR P 171 6.41 -54.95 25.03
N PRO P 172 7.22 -54.55 24.06
CA PRO P 172 8.64 -54.97 24.07
C PRO P 172 9.46 -54.22 25.10
N THR P 173 10.24 -54.99 25.85
CA THR P 173 11.26 -54.47 26.72
C THR P 173 12.61 -54.53 26.00
N ILE P 174 13.68 -54.22 26.73
CA ILE P 174 14.99 -54.07 26.12
C ILE P 174 15.60 -55.44 25.87
N ASP P 175 16.07 -55.65 24.64
CA ASP P 175 16.76 -56.88 24.27
C ASP P 175 18.08 -56.96 25.03
N LYS P 176 18.31 -58.10 25.68
CA LYS P 176 19.55 -58.29 26.42
C LYS P 176 20.68 -58.82 25.56
N ALA P 177 20.46 -58.97 24.26
CA ALA P 177 21.55 -59.24 23.33
C ALA P 177 22.29 -57.97 22.94
N LEU P 178 21.86 -56.82 23.46
CA LEU P 178 22.47 -55.53 23.18
C LEU P 178 23.54 -55.15 24.19
N ILE P 179 23.82 -56.01 25.15
CA ILE P 179 24.66 -55.66 26.29
C ILE P 179 26.10 -56.04 26.00
N ASP P 180 27.02 -55.11 26.26
CA ASP P 180 28.46 -55.42 26.24
C ASP P 180 28.83 -56.11 27.55
N HIS P 181 29.39 -57.30 27.46
CA HIS P 181 29.88 -58.03 28.63
C HIS P 181 31.40 -58.13 28.66
N SER P 182 32.09 -57.39 27.81
CA SER P 182 33.54 -57.40 27.81
C SER P 182 34.06 -56.64 29.03
N PRO P 183 35.30 -56.92 29.46
CA PRO P 183 35.86 -56.17 30.60
C PRO P 183 36.09 -54.71 30.25
N LYS P 184 35.61 -53.83 31.12
CA LYS P 184 35.63 -52.40 30.88
C LYS P 184 36.93 -51.82 31.43
N ALA P 185 37.01 -50.49 31.48
CA ALA P 185 38.21 -49.82 31.96
C ALA P 185 38.21 -49.63 33.47
N THR P 186 37.08 -49.24 34.06
CA THR P 186 37.04 -49.13 35.52
C THR P 186 36.25 -50.30 36.09
N PRO P 187 36.74 -50.92 37.17
CA PRO P 187 36.24 -52.27 37.52
C PRO P 187 34.91 -52.30 38.24
N ASP P 188 34.46 -51.23 38.89
CA ASP P 188 33.23 -51.27 39.69
C ASP P 188 32.02 -51.11 38.77
N ASN P 189 31.58 -52.23 38.21
CA ASN P 189 30.40 -52.29 37.35
C ASN P 189 29.84 -53.71 37.25
N ASP Q 71 -92.73 -38.41 -17.11
CA ASP Q 71 -92.90 -37.17 -16.37
C ASP Q 71 -92.21 -35.98 -17.06
N ALA Q 72 -92.49 -34.77 -16.53
CA ALA Q 72 -91.90 -33.50 -16.94
C ALA Q 72 -92.05 -33.25 -18.44
N PRO Q 73 -93.24 -32.86 -18.91
CA PRO Q 73 -93.41 -32.62 -20.34
C PRO Q 73 -92.64 -31.39 -20.78
N PRO Q 74 -92.15 -31.37 -22.02
CA PRO Q 74 -91.31 -30.26 -22.46
C PRO Q 74 -92.10 -28.99 -22.72
N LEU Q 75 -91.49 -27.86 -22.38
CA LEU Q 75 -92.09 -26.56 -22.57
C LEU Q 75 -91.52 -25.90 -23.83
N THR Q 76 -92.35 -25.11 -24.49
CA THR Q 76 -91.94 -24.37 -25.67
C THR Q 76 -92.25 -22.89 -25.47
N LEU Q 77 -91.66 -22.05 -26.33
CA LEU Q 77 -91.88 -20.61 -26.28
C LEU Q 77 -93.32 -20.25 -26.57
N GLU Q 78 -93.99 -20.99 -27.44
CA GLU Q 78 -95.41 -20.78 -27.67
C GLU Q 78 -96.22 -21.16 -26.43
N GLY Q 79 -95.87 -22.29 -25.81
CA GLY Q 79 -96.55 -22.71 -24.59
C GLY Q 79 -96.25 -21.82 -23.40
N ILE Q 80 -94.98 -21.46 -23.20
CA ILE Q 80 -94.61 -20.57 -22.09
C ILE Q 80 -95.20 -19.19 -22.32
N LYS Q 81 -95.28 -18.74 -23.57
CA LYS Q 81 -95.91 -17.47 -23.88
C LYS Q 81 -97.40 -17.49 -23.54
N ASP Q 82 -98.09 -18.57 -23.92
CA ASP Q 82 -99.50 -18.69 -23.59
C ASP Q 82 -99.73 -18.79 -22.09
N ARG Q 83 -98.83 -19.44 -21.35
CA ARG Q 83 -99.03 -19.56 -19.91
C ARG Q 83 -98.71 -18.27 -19.16
N VAL Q 84 -97.67 -17.54 -19.59
CA VAL Q 84 -97.34 -16.25 -18.98
C VAL Q 84 -98.45 -15.25 -19.23
N LEU Q 85 -98.95 -15.19 -20.47
CA LEU Q 85 -100.08 -14.31 -20.75
C LEU Q 85 -101.36 -14.80 -20.09
N TYR Q 86 -101.48 -16.10 -19.81
CA TYR Q 86 -102.65 -16.62 -19.13
C TYR Q 86 -102.68 -16.17 -17.67
N VAL Q 87 -101.53 -16.27 -16.99
CA VAL Q 87 -101.43 -15.80 -15.60
C VAL Q 87 -101.62 -14.30 -15.54
N LEU Q 88 -101.11 -13.57 -16.53
CA LEU Q 88 -101.29 -12.13 -16.51
C LEU Q 88 -102.69 -11.69 -16.98
N LYS Q 89 -103.45 -12.55 -17.65
CA LYS Q 89 -104.86 -12.28 -17.85
C LYS Q 89 -105.70 -12.67 -16.64
N LEU Q 90 -105.14 -13.47 -15.73
CA LEU Q 90 -105.82 -13.78 -14.48
C LEU Q 90 -105.51 -12.79 -13.36
N TYR Q 91 -105.19 -11.55 -13.70
CA TYR Q 91 -104.78 -10.55 -12.71
C TYR Q 91 -105.66 -9.31 -12.84
N ASP Q 92 -106.22 -8.89 -11.72
CA ASP Q 92 -107.28 -7.87 -11.69
C ASP Q 92 -106.76 -6.44 -11.86
N LYS Q 93 -105.45 -6.24 -11.98
CA LYS Q 93 -104.90 -4.93 -12.28
C LYS Q 93 -104.34 -4.85 -13.69
N ILE Q 94 -104.50 -5.90 -14.48
CA ILE Q 94 -104.14 -5.90 -15.90
C ILE Q 94 -105.41 -6.18 -16.70
N ASP Q 95 -105.73 -5.29 -17.59
CA ASP Q 95 -106.91 -5.50 -18.41
C ASP Q 95 -106.62 -6.48 -19.54
N PRO Q 96 -107.57 -7.36 -19.86
CA PRO Q 96 -107.31 -8.35 -20.91
C PRO Q 96 -107.39 -7.78 -22.31
N GLU Q 97 -107.90 -6.56 -22.49
CA GLU Q 97 -108.00 -5.96 -23.81
C GLU Q 97 -106.75 -5.21 -24.22
N LYS Q 98 -105.69 -5.24 -23.42
CA LYS Q 98 -104.51 -4.43 -23.66
C LYS Q 98 -103.20 -5.21 -23.51
N LEU Q 99 -103.23 -6.34 -22.82
CA LEU Q 99 -102.02 -7.11 -22.55
C LEU Q 99 -101.42 -7.70 -23.82
N SER Q 100 -100.10 -7.68 -23.91
CA SER Q 100 -99.37 -8.33 -24.99
C SER Q 100 -98.10 -8.94 -24.44
N VAL Q 101 -97.26 -9.48 -25.33
CA VAL Q 101 -95.98 -10.01 -24.90
C VAL Q 101 -95.00 -8.92 -24.51
N ASN Q 102 -95.18 -7.71 -25.03
CA ASN Q 102 -94.26 -6.61 -24.80
C ASN Q 102 -94.85 -5.51 -23.93
N SER Q 103 -95.94 -5.81 -23.21
CA SER Q 103 -96.63 -4.82 -22.40
C SER Q 103 -95.79 -4.50 -21.17
N HIS Q 104 -95.22 -3.30 -21.14
CA HIS Q 104 -94.38 -2.89 -20.01
C HIS Q 104 -95.25 -2.67 -18.78
N PHE Q 105 -94.76 -3.13 -17.62
CA PHE Q 105 -95.61 -3.11 -16.44
C PHE Q 105 -95.62 -1.75 -15.77
N MET Q 106 -94.44 -1.13 -15.60
CA MET Q 106 -94.40 0.16 -14.92
C MET Q 106 -94.82 1.32 -15.81
N LYS Q 107 -94.81 1.13 -17.13
CA LYS Q 107 -95.07 2.23 -18.05
C LYS Q 107 -96.27 2.00 -18.95
N ASP Q 108 -96.37 0.84 -19.60
CA ASP Q 108 -97.47 0.59 -20.53
C ASP Q 108 -98.71 0.05 -19.84
N LEU Q 109 -98.57 -0.53 -18.65
CA LEU Q 109 -99.69 -1.06 -17.91
C LEU Q 109 -99.96 -0.34 -16.59
N GLY Q 110 -99.13 0.62 -16.21
CA GLY Q 110 -99.38 1.44 -15.04
C GLY Q 110 -99.30 0.71 -13.72
N LEU Q 111 -98.54 -0.38 -13.65
CA LEU Q 111 -98.48 -1.16 -12.43
C LEU Q 111 -97.45 -0.60 -11.46
N ASP Q 112 -97.48 -1.11 -10.25
CA ASP Q 112 -96.54 -0.77 -9.19
C ASP Q 112 -95.37 -1.75 -9.23
N SER Q 113 -94.28 -1.39 -8.57
CA SER Q 113 -93.18 -2.32 -8.40
C SER Q 113 -93.56 -3.46 -7.46
N LEU Q 114 -94.45 -3.19 -6.50
CA LEU Q 114 -95.03 -4.26 -5.69
C LEU Q 114 -95.81 -5.23 -6.56
N ASP Q 115 -96.51 -4.69 -7.56
CA ASP Q 115 -97.23 -5.53 -8.51
C ASP Q 115 -96.27 -6.31 -9.39
N GLN Q 116 -95.08 -5.76 -9.66
CA GLN Q 116 -94.06 -6.50 -10.40
C GLN Q 116 -93.52 -7.68 -9.59
N VAL Q 117 -93.36 -7.48 -8.27
CA VAL Q 117 -92.95 -8.58 -7.39
C VAL Q 117 -94.05 -9.64 -7.34
N GLU Q 118 -95.32 -9.22 -7.28
CA GLU Q 118 -96.41 -10.19 -7.28
C GLU Q 118 -96.52 -10.94 -8.60
N ILE Q 119 -96.22 -10.28 -9.72
CA ILE Q 119 -96.21 -10.96 -11.01
C ILE Q 119 -95.10 -12.01 -11.07
N ILE Q 120 -93.91 -11.67 -10.58
CA ILE Q 120 -92.83 -12.65 -10.61
C ILE Q 120 -93.10 -13.80 -9.63
N MET Q 121 -93.75 -13.53 -8.51
CA MET Q 121 -94.16 -14.61 -7.61
C MET Q 121 -95.22 -15.50 -8.23
N ALA Q 122 -96.13 -14.91 -9.02
CA ALA Q 122 -97.08 -15.72 -9.78
C ALA Q 122 -96.38 -16.57 -10.82
N MET Q 123 -95.31 -16.03 -11.43
CA MET Q 123 -94.50 -16.80 -12.38
C MET Q 123 -93.81 -17.97 -11.68
N GLU Q 124 -93.34 -17.76 -10.45
CA GLU Q 124 -92.70 -18.82 -9.70
C GLU Q 124 -93.69 -19.90 -9.30
N ASP Q 125 -94.90 -19.50 -8.88
CA ASP Q 125 -95.93 -20.47 -8.54
C ASP Q 125 -96.41 -21.21 -9.79
N GLU Q 126 -96.38 -20.55 -10.94
CA GLU Q 126 -96.83 -21.17 -12.19
C GLU Q 126 -95.81 -22.20 -12.70
N PHE Q 127 -94.58 -21.77 -12.93
CA PHE Q 127 -93.58 -22.62 -13.56
C PHE Q 127 -92.72 -23.39 -12.56
N GLY Q 128 -93.00 -23.26 -11.27
CA GLY Q 128 -92.42 -24.16 -10.29
C GLY Q 128 -90.96 -23.95 -9.95
N PHE Q 129 -90.44 -22.74 -10.14
CA PHE Q 129 -89.06 -22.48 -9.73
C PHE Q 129 -88.92 -21.02 -9.37
N GLU Q 130 -88.04 -20.74 -8.42
CA GLU Q 130 -87.82 -19.37 -7.96
C GLU Q 130 -86.97 -18.61 -8.95
N ILE Q 131 -87.37 -17.38 -9.23
CA ILE Q 131 -86.53 -16.40 -9.92
C ILE Q 131 -85.83 -15.57 -8.85
N PRO Q 132 -84.50 -15.46 -8.88
CA PRO Q 132 -83.81 -14.62 -7.88
C PRO Q 132 -84.13 -13.15 -8.06
N ASP Q 133 -83.87 -12.39 -6.99
CA ASP Q 133 -84.30 -10.99 -6.94
C ASP Q 133 -83.57 -10.13 -7.96
N ILE Q 134 -82.27 -10.37 -8.15
CA ILE Q 134 -81.49 -9.61 -9.13
C ILE Q 134 -81.93 -9.92 -10.55
N ASP Q 135 -82.54 -11.09 -10.77
CA ASP Q 135 -83.20 -11.36 -12.05
C ASP Q 135 -84.66 -10.97 -12.05
N ALA Q 136 -85.30 -10.90 -10.88
CA ALA Q 136 -86.73 -10.58 -10.83
C ALA Q 136 -86.99 -9.11 -11.08
N GLU Q 137 -86.21 -8.23 -10.45
CA GLU Q 137 -86.50 -6.80 -10.48
C GLU Q 137 -86.01 -6.11 -11.76
N LYS Q 138 -85.59 -6.88 -12.76
CA LYS Q 138 -85.18 -6.34 -14.05
C LYS Q 138 -86.05 -6.83 -15.20
N LEU Q 139 -86.97 -7.76 -14.95
CA LEU Q 139 -87.91 -8.23 -15.98
C LEU Q 139 -89.12 -7.31 -15.97
N MET Q 140 -89.31 -6.56 -17.06
CA MET Q 140 -90.33 -5.51 -17.11
C MET Q 140 -91.37 -5.73 -18.19
N CYS Q 141 -91.37 -6.86 -18.87
CA CYS Q 141 -92.38 -7.17 -19.85
C CYS Q 141 -92.59 -8.67 -19.83
N PRO Q 142 -93.70 -9.19 -20.38
CA PRO Q 142 -93.87 -10.64 -20.45
C PRO Q 142 -92.85 -11.36 -21.32
N GLN Q 143 -92.37 -10.73 -22.39
CA GLN Q 143 -91.45 -11.42 -23.30
C GLN Q 143 -90.10 -11.66 -22.64
N GLU Q 144 -89.65 -10.75 -21.78
CA GLU Q 144 -88.41 -10.99 -21.04
C GLU Q 144 -88.58 -12.09 -20.00
N ILE Q 145 -89.79 -12.25 -19.44
CA ILE Q 145 -90.03 -13.35 -18.51
C ILE Q 145 -90.05 -14.69 -19.25
N VAL Q 146 -90.68 -14.71 -20.44
CA VAL Q 146 -90.69 -15.91 -21.27
C VAL Q 146 -89.27 -16.27 -21.70
N ASP Q 147 -88.46 -15.26 -22.03
CA ASP Q 147 -87.07 -15.50 -22.39
C ASP Q 147 -86.25 -15.98 -21.19
N TYR Q 148 -86.56 -15.52 -19.98
CA TYR Q 148 -85.81 -15.95 -18.80
C TYR Q 148 -86.12 -17.41 -18.48
N ILE Q 149 -87.41 -17.78 -18.54
CA ILE Q 149 -87.79 -19.17 -18.29
C ILE Q 149 -87.32 -20.06 -19.43
N ALA Q 150 -87.18 -19.51 -20.63
CA ALA Q 150 -86.60 -20.24 -21.76
C ALA Q 150 -85.11 -20.49 -21.53
N ASP Q 151 -84.41 -19.51 -20.97
CA ASP Q 151 -82.98 -19.66 -20.71
C ASP Q 151 -82.74 -20.62 -19.55
N LYS Q 152 -83.61 -20.61 -18.54
CA LYS Q 152 -83.44 -21.55 -17.44
C LYS Q 152 -83.83 -22.96 -17.85
N LYS Q 153 -85.08 -23.17 -18.27
CA LYS Q 153 -85.60 -24.48 -18.59
C LYS Q 153 -85.09 -25.05 -19.91
N ASP Q 154 -84.31 -24.28 -20.67
CA ASP Q 154 -83.57 -24.75 -21.85
C ASP Q 154 -84.51 -25.29 -22.94
N VAL Q 155 -85.33 -24.40 -23.48
CA VAL Q 155 -86.34 -24.80 -24.44
C VAL Q 155 -85.79 -24.62 -25.85
N TYR Q 156 -86.49 -25.24 -26.81
CA TYR Q 156 -86.06 -25.38 -28.20
C TYR Q 156 -84.66 -25.99 -28.31
N GLU Q 157 -84.60 -27.23 -27.89
CA GLU Q 157 -83.45 -28.09 -28.01
C GLU Q 157 -83.49 -28.82 -29.34
N PRO R 2 16.54 -50.56 53.43
CA PRO R 2 17.25 -51.82 53.24
C PRO R 2 18.19 -52.16 54.38
N GLY R 3 19.35 -52.72 54.05
CA GLY R 3 20.27 -53.21 55.06
C GLY R 3 21.51 -52.34 55.21
N ILE R 4 22.31 -52.68 56.23
CA ILE R 4 23.54 -51.95 56.52
C ILE R 4 24.59 -52.33 55.50
N VAL R 5 25.18 -51.34 54.85
CA VAL R 5 26.39 -51.59 54.07
C VAL R 5 27.56 -51.80 55.01
N GLU R 6 28.29 -52.89 54.82
CA GLU R 6 29.29 -53.34 55.77
C GLU R 6 30.68 -53.04 55.22
N LEU R 7 31.25 -51.94 55.64
CA LEU R 7 32.56 -51.38 55.40
C LEU R 7 33.57 -52.00 56.37
N PRO R 8 34.83 -52.17 55.96
CA PRO R 8 35.83 -52.72 56.89
C PRO R 8 36.26 -51.69 57.91
N SER R 9 36.94 -52.18 58.95
CA SER R 9 37.50 -51.30 59.95
C SER R 9 38.75 -50.61 59.41
N LEU R 10 39.17 -49.55 60.10
CA LEU R 10 40.36 -48.83 59.68
C LEU R 10 41.63 -49.61 59.95
N GLU R 11 41.60 -50.55 60.90
CA GLU R 11 42.71 -51.48 61.04
C GLU R 11 42.82 -52.44 59.88
N ASP R 12 41.71 -52.70 59.17
CA ASP R 12 41.74 -53.47 57.94
C ASP R 12 42.15 -52.63 56.75
N LEU R 13 42.45 -51.35 56.96
CA LEU R 13 42.93 -50.47 55.90
C LEU R 13 44.33 -49.94 56.17
N LYS R 14 44.88 -50.14 57.36
CA LYS R 14 46.24 -49.70 57.64
C LYS R 14 47.23 -50.63 56.96
N VAL R 15 48.01 -50.07 56.05
CA VAL R 15 49.15 -50.75 55.46
C VAL R 15 50.16 -49.66 55.11
N GLN R 16 51.44 -50.01 55.14
CA GLN R 16 52.49 -49.02 54.90
C GLN R 16 52.48 -48.64 53.43
N GLU R 17 52.20 -47.37 53.15
CA GLU R 17 52.04 -46.89 51.79
C GLU R 17 53.37 -46.75 51.09
N VAL R 18 53.32 -46.76 49.76
CA VAL R 18 54.46 -46.38 48.92
C VAL R 18 54.48 -44.86 48.91
N LYS R 19 55.39 -44.28 49.68
CA LYS R 19 55.40 -42.84 49.92
C LYS R 19 56.30 -42.09 48.94
N VAL R 20 56.13 -42.33 47.64
CA VAL R 20 56.89 -41.63 46.61
C VAL R 20 55.93 -40.91 45.69
N SER R 21 56.46 -40.00 44.89
CA SER R 21 55.64 -39.16 44.04
C SER R 21 55.34 -39.84 42.71
N SER R 22 54.72 -39.10 41.80
CA SER R 22 54.30 -39.68 40.52
C SER R 22 55.47 -39.84 39.55
N SER R 23 56.38 -38.88 39.52
CA SER R 23 57.51 -38.95 38.61
C SER R 23 58.52 -40.00 39.06
N VAL R 24 58.60 -40.25 40.36
CA VAL R 24 59.42 -41.34 40.87
C VAL R 24 58.87 -42.69 40.42
N LEU R 25 57.54 -42.80 40.37
CA LEU R 25 56.91 -44.02 39.89
C LEU R 25 57.10 -44.19 38.39
N LYS R 26 56.82 -43.13 37.63
CA LYS R 26 56.91 -43.18 36.17
C LYS R 26 58.36 -43.34 35.70
N ALA R 27 59.32 -42.95 36.53
CA ALA R 27 60.72 -43.23 36.23
C ALA R 27 61.01 -44.72 36.22
N ALA R 28 60.58 -45.43 37.28
CA ALA R 28 60.73 -46.87 37.38
C ALA R 28 59.46 -47.60 36.98
N ALA R 29 58.75 -47.10 35.96
CA ALA R 29 57.45 -47.68 35.62
C ALA R 29 57.59 -49.04 34.96
N HIS R 30 58.41 -49.14 33.92
CA HIS R 30 58.44 -50.37 33.12
C HIS R 30 59.09 -51.52 33.87
N HIS R 31 60.07 -51.24 34.72
CA HIS R 31 60.62 -52.30 35.56
C HIS R 31 59.66 -52.69 36.66
N TYR R 32 58.77 -51.78 37.07
CA TYR R 32 57.72 -52.14 38.01
C TYR R 32 56.63 -52.97 37.33
N GLY R 33 56.41 -52.75 36.03
CA GLY R 33 55.49 -53.60 35.31
C GLY R 33 56.06 -54.97 35.01
N ALA R 34 57.39 -55.05 34.88
CA ALA R 34 58.03 -56.33 34.63
C ALA R 34 58.20 -57.13 35.92
N GLN R 35 58.93 -56.56 36.89
CA GLN R 35 59.37 -57.34 38.06
C GLN R 35 58.27 -57.55 39.08
N CYS R 36 57.28 -56.68 39.13
CA CYS R 36 56.15 -56.82 40.06
C CYS R 36 54.92 -57.34 39.34
N ASP R 37 55.13 -58.30 38.44
CA ASP R 37 54.07 -58.85 37.59
C ASP R 37 52.99 -59.54 38.41
N LYS R 38 53.38 -60.54 39.21
CA LYS R 38 52.42 -61.51 39.73
C LYS R 38 51.42 -60.95 40.74
N PRO R 39 51.81 -60.23 41.81
CA PRO R 39 50.77 -59.76 42.73
C PRO R 39 49.92 -58.64 42.15
N ASN R 40 50.48 -57.86 41.22
CA ASN R 40 49.68 -56.85 40.53
C ASN R 40 48.62 -57.50 39.64
N LYS R 41 48.99 -58.54 38.91
CA LYS R 41 48.00 -59.19 38.04
C LYS R 41 47.00 -60.00 38.85
N GLU R 42 47.43 -60.63 39.94
CA GLU R 42 46.48 -61.29 40.84
C GLU R 42 45.50 -60.29 41.44
N PHE R 43 45.99 -59.11 41.81
CA PHE R 43 45.11 -58.10 42.39
C PHE R 43 44.13 -57.55 41.37
N MET R 44 44.58 -57.27 40.14
CA MET R 44 43.64 -56.69 39.19
C MET R 44 42.67 -57.73 38.66
N LEU R 45 43.06 -59.01 38.61
CA LEU R 45 42.10 -60.05 38.30
C LEU R 45 41.07 -60.20 39.42
N CYS R 46 41.51 -60.10 40.68
CA CYS R 46 40.57 -60.10 41.80
C CYS R 46 39.67 -58.87 41.79
N ARG R 47 40.19 -57.75 41.28
CA ARG R 47 39.45 -56.51 41.26
C ARG R 47 38.39 -56.49 40.16
N TRP R 48 38.68 -57.06 38.98
CA TRP R 48 37.64 -57.17 37.97
C TRP R 48 36.76 -58.41 38.12
N GLU R 49 37.10 -59.37 38.97
CA GLU R 49 36.19 -60.48 39.20
C GLU R 49 35.30 -60.30 40.40
N GLU R 50 35.78 -59.69 41.48
CA GLU R 50 34.95 -59.54 42.67
C GLU R 50 34.01 -58.33 42.57
N LYS R 51 34.41 -57.31 41.81
CA LYS R 51 33.66 -56.05 41.63
C LYS R 51 33.34 -55.36 42.95
N ASP R 52 34.26 -55.46 43.91
CA ASP R 52 34.07 -54.94 45.26
C ASP R 52 35.45 -54.75 45.89
N PRO R 53 35.80 -53.54 46.31
CA PRO R 53 37.11 -53.36 46.96
C PRO R 53 37.21 -53.97 48.34
N ARG R 54 36.07 -54.33 48.94
CA ARG R 54 36.10 -55.02 50.22
C ARG R 54 36.55 -56.46 50.08
N ARG R 55 36.42 -57.03 48.89
CA ARG R 55 36.89 -58.38 48.60
C ARG R 55 38.27 -58.39 47.97
N CYS R 56 38.99 -57.27 48.03
CA CYS R 56 40.26 -57.13 47.33
C CYS R 56 41.32 -56.47 48.20
N LEU R 57 41.23 -56.58 49.53
CA LEU R 57 42.14 -55.83 50.38
C LEU R 57 43.44 -56.59 50.61
N GLU R 58 43.38 -57.91 50.72
CA GLU R 58 44.58 -58.71 50.95
C GLU R 58 45.51 -58.67 49.74
N GLU R 59 44.95 -58.72 48.53
CA GLU R 59 45.76 -58.61 47.33
C GLU R 59 46.31 -57.20 47.16
N GLY R 60 45.59 -56.18 47.62
CA GLY R 60 46.12 -54.83 47.61
C GLY R 60 47.27 -54.67 48.58
N LYS R 61 47.20 -55.35 49.72
CA LYS R 61 48.33 -55.33 50.66
C LYS R 61 49.52 -56.11 50.10
N LEU R 62 49.27 -57.19 49.35
CA LEU R 62 50.36 -57.89 48.67
C LEU R 62 51.04 -57.00 47.62
N VAL R 63 50.25 -56.23 46.88
CA VAL R 63 50.78 -55.25 45.93
C VAL R 63 51.59 -54.18 46.65
N ASN R 64 51.06 -53.69 47.76
CA ASN R 64 51.71 -52.63 48.52
C ASN R 64 52.99 -53.11 49.19
N GLN R 65 53.09 -54.41 49.48
CA GLN R 65 54.33 -54.94 50.03
C GLN R 65 55.35 -55.24 48.94
N CYS R 66 54.89 -55.72 47.78
CA CYS R 66 55.80 -56.02 46.68
C CYS R 66 56.39 -54.75 46.08
N ALA R 67 55.62 -53.65 46.02
CA ALA R 67 56.15 -52.39 45.50
C ALA R 67 57.20 -51.80 46.43
N LEU R 68 56.98 -51.91 47.74
CA LEU R 68 57.99 -51.47 48.70
C LEU R 68 59.26 -52.31 48.61
N GLU R 69 59.11 -53.63 48.40
CA GLU R 69 60.31 -54.46 48.22
C GLU R 69 61.03 -54.10 46.91
N PHE R 70 60.28 -53.73 45.88
CA PHE R 70 60.86 -53.29 44.62
C PHE R 70 61.69 -52.02 44.80
N PHE R 71 61.14 -51.03 45.50
CA PHE R 71 61.89 -49.81 45.70
C PHE R 71 63.02 -49.96 46.72
N ARG R 72 62.92 -50.93 47.63
CA ARG R 72 64.08 -51.27 48.46
C ARG R 72 65.20 -51.89 47.63
N GLN R 73 64.83 -52.76 46.69
CA GLN R 73 65.82 -53.41 45.85
C GLN R 73 66.43 -52.43 44.86
N ILE R 74 65.71 -51.37 44.52
CA ILE R 74 66.34 -50.25 43.80
C ILE R 74 67.28 -49.49 44.74
N LYS R 75 66.82 -49.20 45.96
CA LYS R 75 67.56 -48.32 46.87
C LYS R 75 68.86 -48.94 47.35
N ARG R 76 68.91 -50.26 47.54
CA ARG R 76 70.12 -50.90 48.04
C ARG R 76 71.24 -50.93 47.00
N HIS R 77 70.91 -50.91 45.71
CA HIS R 77 71.90 -51.07 44.67
C HIS R 77 72.07 -49.82 43.80
N CYS R 78 71.00 -49.34 43.20
CA CYS R 78 71.11 -48.37 42.12
C CYS R 78 70.41 -47.06 42.46
N ALA R 79 70.68 -46.52 43.64
CA ALA R 79 69.94 -45.37 44.15
C ALA R 79 70.26 -44.09 43.39
N GLU R 80 71.52 -43.87 43.05
CA GLU R 80 71.91 -42.59 42.48
C GLU R 80 71.59 -42.41 40.99
N PRO R 81 71.77 -43.41 40.10
CA PRO R 81 71.20 -43.24 38.74
C PRO R 81 69.70 -43.14 38.73
N PHE R 82 69.01 -43.80 39.68
CA PHE R 82 67.56 -43.63 39.77
C PHE R 82 67.19 -42.23 40.23
N THR R 83 67.94 -41.67 41.18
CA THR R 83 67.68 -40.33 41.67
C THR R 83 67.88 -39.29 40.57
N GLU R 84 68.99 -39.43 39.82
CA GLU R 84 69.24 -38.61 38.65
C GLU R 84 68.12 -38.75 37.61
N TYR R 85 67.62 -39.97 37.42
CA TYR R 85 66.63 -40.19 36.37
C TYR R 85 65.27 -39.64 36.75
N TRP R 86 64.82 -39.84 37.99
CA TRP R 86 63.52 -39.27 38.32
C TRP R 86 63.60 -37.77 38.51
N THR R 87 64.78 -37.21 38.81
CA THR R 87 64.91 -35.75 38.81
C THR R 87 64.77 -35.20 37.40
N CYS R 88 65.42 -35.84 36.42
CA CYS R 88 65.34 -35.36 35.04
C CYS R 88 63.97 -35.58 34.41
N ILE R 89 63.28 -36.68 34.76
CA ILE R 89 61.89 -36.85 34.34
C ILE R 89 60.99 -35.85 35.04
N ASP R 90 61.25 -35.60 36.32
CA ASP R 90 60.44 -34.74 37.16
C ASP R 90 60.53 -33.27 36.77
N TYR R 91 61.59 -32.87 36.04
CA TYR R 91 61.67 -31.49 35.58
C TYR R 91 60.56 -31.13 34.60
N SER R 92 60.19 -32.07 33.73
CA SER R 92 59.25 -31.76 32.66
C SER R 92 57.82 -31.59 33.20
N GLY R 93 56.97 -31.01 32.37
CA GLY R 93 55.58 -30.80 32.72
C GLY R 93 54.76 -32.03 32.45
N LEU R 94 54.82 -32.52 31.21
CA LEU R 94 54.14 -33.75 30.84
C LEU R 94 54.93 -35.00 31.19
N GLN R 95 56.13 -34.83 31.75
CA GLN R 95 57.04 -35.92 32.15
C GLN R 95 57.38 -36.82 30.95
N LEU R 96 58.01 -36.21 29.96
CA LEU R 96 58.32 -36.92 28.72
C LEU R 96 59.45 -37.91 28.95
N PHE R 97 59.35 -39.06 28.28
CA PHE R 97 60.46 -40.01 28.23
C PHE R 97 61.48 -39.66 27.17
N ARG R 98 61.12 -38.86 26.17
CA ARG R 98 62.04 -38.57 25.09
C ARG R 98 63.06 -37.52 25.47
N ARG R 99 62.84 -36.79 26.55
CA ARG R 99 63.78 -35.77 27.00
C ARG R 99 64.93 -36.32 27.81
N CYS R 100 64.90 -37.59 28.17
CA CYS R 100 65.83 -38.15 29.14
C CYS R 100 66.37 -39.50 28.67
N ARG R 101 66.88 -39.54 27.44
CA ARG R 101 67.38 -40.80 26.91
C ARG R 101 68.69 -41.24 27.54
N LYS R 102 69.59 -40.29 27.84
CA LYS R 102 70.86 -40.72 28.42
C LYS R 102 70.73 -41.07 29.90
N GLU R 103 69.83 -40.41 30.64
CA GLU R 103 69.62 -40.79 32.03
C GLU R 103 68.86 -42.11 32.13
N GLN R 104 67.94 -42.37 31.20
CA GLN R 104 67.31 -43.68 31.14
C GLN R 104 68.32 -44.75 30.75
N ALA R 105 69.28 -44.40 29.89
CA ALA R 105 70.34 -45.34 29.53
C ALA R 105 71.23 -45.66 30.73
N GLN R 106 71.56 -44.64 31.53
CA GLN R 106 72.35 -44.87 32.74
C GLN R 106 71.59 -45.70 33.77
N PHE R 107 70.30 -45.40 33.97
CA PHE R 107 69.50 -46.17 34.92
C PHE R 107 69.29 -47.61 34.47
N ASP R 108 69.02 -47.81 33.17
CA ASP R 108 68.83 -49.16 32.67
C ASP R 108 70.14 -49.95 32.66
N LYS R 109 71.28 -49.28 32.44
CA LYS R 109 72.56 -49.98 32.49
C LYS R 109 72.90 -50.41 33.91
N CYS R 110 72.71 -49.52 34.89
CA CYS R 110 73.02 -49.88 36.27
C CYS R 110 72.03 -50.90 36.82
N VAL R 111 70.78 -50.86 36.35
CA VAL R 111 69.80 -51.87 36.76
C VAL R 111 70.12 -53.23 36.14
N LEU R 112 70.46 -53.26 34.85
CA LEU R 112 70.84 -54.50 34.18
C LEU R 112 72.11 -55.11 34.78
N ASP R 113 73.04 -54.27 35.23
CA ASP R 113 74.26 -54.79 35.83
C ASP R 113 74.04 -55.27 37.26
N LYS R 114 73.46 -54.43 38.11
CA LYS R 114 73.44 -54.74 39.54
C LYS R 114 72.21 -55.53 39.97
N LEU R 115 71.17 -55.60 39.14
CA LEU R 115 69.95 -56.30 39.52
C LEU R 115 69.52 -57.37 38.54
N GLY R 116 70.08 -57.41 37.34
CA GLY R 116 69.74 -58.43 36.37
C GLY R 116 68.35 -58.31 35.78
N TRP R 117 67.93 -57.10 35.43
CA TRP R 117 66.59 -56.83 34.94
C TRP R 117 66.67 -56.32 33.50
N VAL R 118 65.89 -56.92 32.62
CA VAL R 118 65.78 -56.48 31.23
C VAL R 118 64.51 -55.65 31.10
N ARG R 119 64.67 -54.44 30.55
CA ARG R 119 63.54 -53.53 30.39
C ARG R 119 62.57 -54.07 29.32
N PRO R 120 61.26 -53.96 29.55
CA PRO R 120 60.31 -54.38 28.51
C PRO R 120 60.34 -53.45 27.31
N ASP R 121 60.30 -54.06 26.13
CA ASP R 121 60.34 -53.32 24.88
C ASP R 121 58.95 -52.78 24.56
N LEU R 122 58.79 -52.22 23.37
CA LEU R 122 57.54 -51.57 22.99
C LEU R 122 56.52 -52.66 22.61
N GLY R 123 55.40 -52.66 23.31
CA GLY R 123 54.35 -53.63 23.05
C GLY R 123 54.28 -54.79 24.01
N GLU R 124 55.11 -54.79 25.05
CA GLU R 124 55.20 -55.96 25.90
C GLU R 124 54.35 -55.86 27.16
N LEU R 125 54.27 -54.68 27.77
CA LEU R 125 53.45 -54.50 28.97
C LEU R 125 51.96 -54.31 28.66
N SER R 126 51.55 -54.37 27.40
CA SER R 126 50.15 -54.26 27.02
C SER R 126 49.51 -55.60 26.72
N LYS R 127 50.20 -56.70 27.02
CA LYS R 127 49.68 -58.01 26.69
C LYS R 127 48.63 -58.44 27.72
N VAL R 128 47.70 -59.27 27.25
CA VAL R 128 46.73 -59.92 28.11
C VAL R 128 47.39 -61.20 28.63
N THR R 129 47.68 -61.23 29.93
CA THR R 129 48.35 -62.36 30.54
C THR R 129 47.37 -63.20 31.34
N LYS R 130 47.72 -64.47 31.55
CA LYS R 130 46.86 -65.37 32.31
C LYS R 130 47.40 -65.50 33.73
N VAL R 131 46.47 -65.57 34.69
CA VAL R 131 46.79 -65.54 36.11
C VAL R 131 46.19 -66.77 36.76
N LYS R 132 47.03 -67.56 37.43
CA LYS R 132 46.60 -68.79 38.07
C LYS R 132 46.37 -68.50 39.55
N THR R 133 45.10 -68.30 39.92
CA THR R 133 44.73 -67.98 41.29
C THR R 133 44.24 -69.22 42.02
N ASP R 134 44.07 -69.06 43.34
CA ASP R 134 43.56 -70.13 44.20
C ASP R 134 42.19 -69.82 44.79
N ARG R 135 41.77 -68.55 44.82
CA ARG R 135 40.44 -68.21 45.27
C ARG R 135 39.40 -68.71 44.28
N PRO R 136 38.19 -69.02 44.74
CA PRO R 136 37.16 -69.50 43.81
C PRO R 136 36.54 -68.37 43.00
N LEU R 137 35.93 -68.75 41.89
CA LEU R 137 35.30 -67.79 41.00
C LEU R 137 34.03 -67.24 41.65
N PRO R 138 33.77 -65.94 41.54
CA PRO R 138 32.52 -65.38 42.08
C PRO R 138 31.30 -65.83 41.27
N GLU R 139 30.48 -66.70 41.87
CA GLU R 139 29.32 -67.25 41.18
C GLU R 139 28.24 -66.21 40.91
N ASN R 140 28.23 -65.12 41.68
CA ASN R 140 27.24 -64.05 41.52
C ASN R 140 27.87 -62.77 41.99
N PRO R 141 28.73 -62.15 41.16
CA PRO R 141 29.42 -60.94 41.61
C PRO R 141 28.54 -59.72 41.65
N TYR R 142 27.40 -59.74 40.96
CA TYR R 142 26.49 -58.62 40.93
C TYR R 142 25.51 -58.62 42.09
N HIS R 143 25.56 -59.65 42.95
CA HIS R 143 24.60 -59.88 44.04
C HIS R 143 23.16 -59.88 43.52
N SER R 144 22.95 -60.51 42.37
CA SER R 144 21.64 -60.55 41.75
C SER R 144 20.79 -61.63 42.43
N ARG R 145 19.61 -61.87 41.88
CA ARG R 145 18.72 -62.89 42.40
C ARG R 145 18.15 -63.68 41.23
N ALA R 146 17.14 -64.49 41.49
CA ALA R 146 16.58 -65.36 40.47
C ALA R 146 15.77 -64.54 39.47
N ARG R 147 16.08 -64.73 38.19
CA ARG R 147 15.34 -64.09 37.12
C ARG R 147 13.91 -64.63 37.06
N PRO R 148 12.94 -63.81 36.68
CA PRO R 148 11.55 -64.28 36.61
C PRO R 148 11.35 -65.27 35.49
N GLU R 149 10.23 -65.98 35.58
CA GLU R 149 9.97 -67.06 34.64
C GLU R 149 9.62 -66.50 33.27
N PRO R 150 10.21 -67.02 32.20
CA PRO R 150 9.81 -66.60 30.86
C PRO R 150 8.40 -67.08 30.55
N ASN R 151 7.76 -66.37 29.64
CA ASN R 151 6.38 -66.68 29.27
C ASN R 151 6.34 -68.00 28.50
N PRO R 152 5.24 -68.76 28.62
CA PRO R 152 5.16 -70.05 27.94
C PRO R 152 5.17 -69.91 26.43
N GLU R 153 6.04 -70.67 25.78
CA GLU R 153 6.23 -70.58 24.35
C GLU R 153 5.08 -71.25 23.61
N VAL R 154 5.04 -71.02 22.29
CA VAL R 154 4.03 -71.60 21.41
C VAL R 154 4.55 -72.89 20.83
N GLU R 155 3.65 -73.81 20.53
CA GLU R 155 4.04 -75.14 20.06
C GLU R 155 2.89 -75.72 19.27
N GLY R 156 3.16 -76.85 18.62
CA GLY R 156 2.12 -77.59 17.94
C GLY R 156 1.79 -77.02 16.58
N ASP R 157 1.14 -77.85 15.78
CA ASP R 157 0.74 -77.44 14.44
C ASP R 157 -0.39 -76.42 14.52
N LEU R 158 -0.39 -75.49 13.58
CA LEU R 158 -1.34 -74.39 13.60
C LEU R 158 -2.64 -74.87 12.95
N LYS R 159 -3.67 -75.06 13.76
CA LYS R 159 -4.96 -75.51 13.27
C LYS R 159 -5.69 -74.36 12.58
N PRO R 160 -6.58 -74.66 11.63
CA PRO R 160 -7.41 -73.60 11.05
C PRO R 160 -8.39 -73.06 12.07
N ALA R 161 -8.91 -71.87 11.77
CA ALA R 161 -9.74 -71.14 12.73
C ALA R 161 -11.08 -71.83 12.95
N ARG R 162 -11.55 -71.79 14.19
CA ARG R 162 -12.85 -72.36 14.55
C ARG R 162 -13.96 -71.53 13.94
N HIS R 163 -14.53 -72.06 12.84
CA HIS R 163 -15.64 -71.45 12.10
C HIS R 163 -15.28 -70.07 11.56
N GLY R 164 -14.02 -69.87 11.20
CA GLY R 164 -13.59 -68.62 10.59
C GLY R 164 -13.30 -67.52 11.59
N SER R 165 -13.67 -66.30 11.23
CA SER R 165 -13.31 -65.13 12.01
C SER R 165 -14.18 -64.94 13.24
N ARG R 166 -15.37 -65.53 13.25
CA ARG R 166 -16.38 -65.33 14.31
C ARG R 166 -16.72 -63.85 14.51
N LEU R 167 -16.77 -63.10 13.42
CA LEU R 167 -17.03 -61.66 13.49
C LEU R 167 -18.49 -61.42 13.09
N PHE R 168 -19.37 -61.54 14.07
CA PHE R 168 -20.79 -61.18 14.10
C PHE R 168 -21.70 -61.95 13.15
N PHE R 169 -21.30 -62.14 11.90
CA PHE R 169 -22.06 -62.98 10.97
C PHE R 169 -21.18 -63.48 9.84
N TRP R 170 -19.92 -63.06 9.82
CA TRP R 170 -19.01 -63.49 8.76
C TRP R 170 -18.60 -64.92 9.06
N THR R 171 -19.02 -65.84 8.20
CA THR R 171 -18.76 -67.26 8.39
C THR R 171 -17.34 -67.63 7.96
N MET R 172 -16.70 -66.82 7.13
CA MET R 172 -15.29 -67.00 6.82
C MET R 172 -14.53 -65.73 7.14
N SER S 3 -65.98 -89.74 7.08
CA SER S 3 -66.62 -89.75 8.40
C SER S 3 -65.58 -89.62 9.51
N TRP S 4 -66.05 -89.61 10.75
CA TRP S 4 -65.23 -89.28 11.90
C TRP S 4 -65.59 -90.26 13.02
N ASP S 5 -65.10 -89.99 14.23
CA ASP S 5 -65.38 -90.82 15.38
C ASP S 5 -66.53 -90.22 16.17
N LYS S 6 -67.51 -91.04 16.51
CA LYS S 6 -68.65 -90.61 17.31
C LYS S 6 -68.37 -90.61 18.80
N ASP S 7 -67.18 -91.02 19.23
CA ASP S 7 -66.82 -90.96 20.64
C ASP S 7 -66.12 -89.66 21.01
N VAL S 8 -65.35 -89.09 20.10
CA VAL S 8 -64.77 -87.77 20.32
C VAL S 8 -65.73 -86.68 19.87
N TYR S 9 -66.65 -86.99 18.96
CA TYR S 9 -67.74 -86.09 18.56
C TYR S 9 -69.05 -86.76 18.94
N PRO S 10 -69.50 -86.60 20.17
CA PRO S 10 -70.71 -87.31 20.62
C PRO S 10 -71.98 -86.72 20.04
N GLU S 11 -72.79 -87.59 19.45
CA GLU S 11 -74.10 -87.21 18.92
C GLU S 11 -75.13 -88.19 19.47
N PRO S 12 -76.06 -87.72 20.29
CA PRO S 12 -77.06 -88.61 20.88
C PRO S 12 -78.04 -89.11 19.84
N PRO S 13 -78.73 -90.24 20.10
CA PRO S 13 -79.65 -90.79 19.09
C PRO S 13 -80.85 -89.88 18.85
N ARG S 14 -81.11 -89.60 17.58
CA ARG S 14 -82.22 -88.75 17.20
C ARG S 14 -83.54 -89.50 17.33
N ARG S 15 -84.49 -88.90 18.02
CA ARG S 15 -85.82 -89.49 18.21
C ARG S 15 -86.79 -88.60 17.45
N THR S 16 -87.04 -88.93 16.18
CA THR S 16 -88.03 -88.13 15.49
C THR S 16 -89.42 -88.74 15.65
N PRO S 17 -90.47 -87.93 15.79
CA PRO S 17 -91.81 -88.48 15.94
C PRO S 17 -92.40 -88.90 14.61
N ALA S 18 -93.40 -89.78 14.69
CA ALA S 18 -94.10 -90.21 13.48
C ALA S 18 -95.06 -89.12 13.02
N PRO S 19 -95.19 -88.91 11.70
CA PRO S 19 -96.13 -87.91 11.19
C PRO S 19 -97.57 -88.32 11.45
N SER S 20 -98.29 -87.50 12.22
CA SER S 20 -99.68 -87.76 12.57
C SER S 20 -100.55 -86.64 12.00
N PRO S 21 -101.08 -86.82 10.79
CA PRO S 21 -101.89 -85.75 10.18
C PRO S 21 -103.27 -85.65 10.81
N GLN S 22 -103.64 -84.43 11.18
CA GLN S 22 -104.94 -84.13 11.80
C GLN S 22 -105.96 -83.63 10.80
N THR S 23 -105.53 -82.94 9.75
CA THR S 23 -106.42 -82.32 8.77
C THR S 23 -106.35 -83.07 7.44
N SER S 24 -107.23 -82.67 6.52
CA SER S 24 -107.26 -83.23 5.18
C SER S 24 -106.51 -82.39 4.16
N LEU S 25 -106.14 -81.16 4.50
CA LEU S 25 -105.32 -80.35 3.61
C LEU S 25 -103.89 -80.92 3.60
N PRO S 26 -103.33 -81.19 2.44
CA PRO S 26 -101.97 -81.76 2.40
C PRO S 26 -100.93 -80.70 2.69
N ASN S 27 -99.87 -81.10 3.38
CA ASN S 27 -98.74 -80.21 3.52
C ASN S 27 -97.95 -80.16 2.21
N PRO S 28 -97.42 -78.99 1.84
CA PRO S 28 -96.58 -78.92 0.64
C PRO S 28 -95.22 -79.56 0.82
N ILE S 29 -94.82 -79.84 2.07
CA ILE S 29 -93.42 -80.14 2.36
C ILE S 29 -93.07 -81.54 1.92
N THR S 30 -94.00 -82.49 2.02
CA THR S 30 -93.72 -83.83 1.55
C THR S 30 -93.67 -83.90 0.03
N TYR S 31 -94.50 -83.10 -0.63
CA TYR S 31 -94.43 -83.01 -2.09
C TYR S 31 -93.15 -82.33 -2.54
N LEU S 32 -92.70 -81.33 -1.78
CA LEU S 32 -91.41 -80.70 -2.08
C LEU S 32 -90.25 -81.63 -1.76
N THR S 33 -90.39 -82.50 -0.76
CA THR S 33 -89.38 -83.49 -0.47
C THR S 33 -89.27 -84.50 -1.61
N LYS S 34 -90.42 -84.91 -2.17
CA LYS S 34 -90.42 -85.78 -3.34
C LYS S 34 -89.82 -85.09 -4.55
N ALA S 35 -90.13 -83.80 -4.75
CA ALA S 35 -89.60 -83.06 -5.88
C ALA S 35 -88.10 -82.82 -5.73
N PHE S 36 -87.64 -82.61 -4.50
CA PHE S 36 -86.22 -82.47 -4.24
C PHE S 36 -85.49 -83.80 -4.38
N ASP S 37 -86.17 -84.90 -4.10
CA ASP S 37 -85.54 -86.21 -4.24
C ASP S 37 -85.41 -86.58 -5.72
N LEU S 38 -86.42 -86.27 -6.52
CA LEU S 38 -86.37 -86.66 -7.93
C LEU S 38 -85.53 -85.69 -8.76
N LEU S 39 -85.76 -84.38 -8.59
CA LEU S 39 -85.07 -83.41 -9.44
C LEU S 39 -83.61 -83.23 -9.06
N VAL S 40 -83.28 -83.31 -7.77
CA VAL S 40 -82.00 -82.82 -7.26
C VAL S 40 -81.17 -83.93 -6.65
N ASP S 41 -81.76 -84.70 -5.72
CA ASP S 41 -80.97 -85.62 -4.89
C ASP S 41 -80.42 -86.79 -5.70
N ARG S 42 -81.21 -87.34 -6.60
CA ARG S 42 -80.73 -88.42 -7.45
C ARG S 42 -79.70 -87.99 -8.49
N PRO S 43 -79.81 -86.85 -9.21
CA PRO S 43 -78.67 -86.48 -10.09
C PRO S 43 -77.40 -86.13 -9.35
N VAL S 44 -77.51 -85.48 -8.18
CA VAL S 44 -76.35 -85.23 -7.33
C VAL S 44 -75.72 -86.54 -6.88
N THR S 45 -76.56 -87.52 -6.51
CA THR S 45 -76.04 -88.81 -6.06
C THR S 45 -75.40 -89.58 -7.23
N LEU S 46 -75.94 -89.43 -8.44
CA LEU S 46 -75.34 -90.09 -9.59
C LEU S 46 -74.01 -89.48 -9.98
N VAL S 47 -73.89 -88.16 -9.88
CA VAL S 47 -72.61 -87.50 -10.15
C VAL S 47 -71.58 -87.88 -9.10
N ARG S 48 -72.02 -88.01 -7.84
CA ARG S 48 -71.11 -88.51 -6.81
C ARG S 48 -70.71 -89.96 -7.04
N GLU S 49 -71.62 -90.79 -7.60
CA GLU S 49 -71.27 -92.16 -7.95
C GLU S 49 -70.20 -92.20 -9.03
N PHE S 50 -70.34 -91.35 -10.07
CA PHE S 50 -69.32 -91.31 -11.12
C PHE S 50 -67.99 -90.79 -10.60
N ILE S 51 -68.03 -89.76 -9.75
CA ILE S 51 -66.82 -89.20 -9.16
C ILE S 51 -66.14 -90.23 -8.27
N GLU S 52 -66.90 -91.00 -7.51
CA GLU S 52 -66.30 -91.97 -6.61
C GLU S 52 -65.80 -93.20 -7.37
N ARG S 53 -66.43 -93.53 -8.50
CA ARG S 53 -65.86 -94.57 -9.36
C ARG S 53 -64.56 -94.10 -10.01
N GLN S 54 -64.42 -92.80 -10.23
CA GLN S 54 -63.11 -92.32 -10.66
C GLN S 54 -62.12 -92.21 -9.50
N HIS S 55 -62.61 -92.02 -8.27
CA HIS S 55 -61.74 -92.08 -7.10
C HIS S 55 -61.22 -93.49 -6.86
N ALA S 56 -62.01 -94.50 -7.17
CA ALA S 56 -61.66 -95.87 -6.80
C ALA S 56 -60.65 -96.51 -7.75
N LYS S 57 -60.43 -95.93 -8.93
CA LYS S 57 -59.47 -96.50 -9.87
C LYS S 57 -58.03 -96.33 -9.39
N ASN S 58 -57.74 -95.28 -8.63
CA ASN S 58 -56.41 -95.06 -8.07
C ASN S 58 -56.53 -94.81 -6.58
N LYS S 59 -55.88 -95.65 -5.78
CA LYS S 59 -56.01 -95.58 -4.33
C LYS S 59 -54.64 -95.36 -3.71
N TYR S 60 -54.48 -94.23 -3.03
CA TYR S 60 -53.25 -93.95 -2.31
C TYR S 60 -53.60 -93.22 -1.01
N TYR S 61 -52.66 -93.23 -0.08
CA TYR S 61 -52.97 -92.90 1.30
C TYR S 61 -52.03 -91.86 1.85
N TYR S 62 -52.58 -90.89 2.57
CA TYR S 62 -51.80 -89.97 3.38
C TYR S 62 -51.91 -90.40 4.84
N TYR S 63 -50.87 -90.08 5.59
CA TYR S 63 -50.70 -90.60 6.94
C TYR S 63 -50.71 -89.46 7.94
N HIS S 64 -50.78 -89.83 9.21
CA HIS S 64 -50.66 -88.88 10.30
C HIS S 64 -49.21 -88.85 10.76
N ARG S 65 -48.63 -87.66 10.85
CA ARG S 65 -47.22 -87.56 11.20
C ARG S 65 -47.04 -87.83 12.68
N GLU S 66 -46.41 -88.95 13.00
CA GLU S 66 -46.18 -89.37 14.38
C GLU S 66 -44.89 -88.75 14.89
N PHE S 67 -44.96 -88.14 16.07
CA PHE S 67 -43.80 -87.56 16.74
C PHE S 67 -43.51 -88.38 17.98
N ARG S 68 -42.37 -89.08 17.98
CA ARG S 68 -41.89 -89.69 19.21
C ARG S 68 -41.50 -88.61 20.20
N ARG S 69 -41.67 -88.92 21.48
CA ARG S 69 -41.44 -87.92 22.52
C ARG S 69 -39.95 -87.78 22.76
N VAL S 70 -39.43 -86.58 22.55
CA VAL S 70 -38.04 -86.25 22.84
C VAL S 70 -37.98 -85.84 24.31
N PRO S 71 -36.80 -85.74 24.93
CA PRO S 71 -36.75 -85.23 26.31
C PRO S 71 -37.23 -83.79 26.41
N ASP S 72 -38.09 -83.55 27.40
CA ASP S 72 -38.73 -82.25 27.62
C ASP S 72 -37.76 -81.30 28.33
N ILE S 73 -38.26 -80.12 28.71
CA ILE S 73 -37.39 -79.03 29.14
C ILE S 73 -36.84 -79.26 30.54
N THR S 74 -37.46 -80.14 31.35
CA THR S 74 -36.99 -80.33 32.71
C THR S 74 -35.72 -81.17 32.77
N GLU S 75 -35.52 -82.04 31.78
CA GLU S 75 -34.33 -82.87 31.71
C GLU S 75 -33.37 -82.40 30.62
N CYS S 76 -33.37 -81.09 30.35
CA CYS S 76 -32.38 -80.45 29.50
C CYS S 76 -31.44 -79.61 30.37
N HIS S 77 -30.17 -79.61 30.00
CA HIS S 77 -29.21 -78.74 30.68
C HIS S 77 -29.44 -77.29 30.26
N GLU S 78 -28.92 -76.38 31.06
CA GLU S 78 -29.15 -74.97 30.84
C GLU S 78 -28.25 -74.47 29.73
N LYS S 79 -28.82 -73.63 28.86
CA LYS S 79 -28.15 -72.99 27.71
C LYS S 79 -27.63 -74.00 26.70
N ASP S 80 -28.22 -75.18 26.62
CA ASP S 80 -27.83 -76.19 25.63
C ASP S 80 -28.91 -76.19 24.56
N VAL S 81 -28.63 -75.48 23.45
CA VAL S 81 -29.65 -75.21 22.45
C VAL S 81 -30.05 -76.45 21.66
N LEU S 82 -29.20 -77.47 21.60
CA LEU S 82 -29.54 -78.66 20.83
C LEU S 82 -30.60 -79.49 21.53
N CYS S 83 -30.61 -79.50 22.86
CA CYS S 83 -31.61 -80.24 23.60
C CYS S 83 -32.86 -79.41 23.84
N MET S 84 -32.69 -78.15 24.22
CA MET S 84 -33.86 -77.33 24.50
C MET S 84 -34.54 -76.87 23.23
N PHE S 85 -33.88 -76.93 22.08
CA PHE S 85 -34.60 -76.80 20.80
C PHE S 85 -35.60 -77.94 20.60
N GLU S 86 -35.17 -79.18 20.86
CA GLU S 86 -36.04 -80.33 20.74
C GLU S 86 -37.20 -80.26 21.73
N ALA S 87 -36.89 -79.90 22.98
CA ALA S 87 -37.93 -79.70 23.98
C ALA S 87 -38.86 -78.55 23.61
N GLU S 88 -38.35 -77.53 22.93
CA GLU S 88 -39.16 -76.39 22.53
C GLU S 88 -40.13 -76.76 21.43
N MET S 89 -39.67 -77.55 20.45
CA MET S 89 -40.57 -77.99 19.39
C MET S 89 -41.62 -78.94 19.93
N GLN S 90 -41.22 -79.82 20.86
CA GLN S 90 -42.17 -80.70 21.55
C GLN S 90 -43.24 -79.92 22.29
N TRP S 91 -42.82 -78.86 23.01
CA TRP S 91 -43.77 -78.07 23.78
C TRP S 91 -44.68 -77.25 22.87
N LYS S 92 -44.15 -76.76 21.75
CA LYS S 92 -45.00 -76.00 20.82
C LYS S 92 -46.01 -76.89 20.13
N ARG S 93 -45.63 -78.14 19.81
CA ARG S 93 -46.60 -79.06 19.23
C ARG S 93 -47.66 -79.44 20.26
N ASP S 94 -47.26 -79.64 21.52
CA ASP S 94 -48.25 -79.89 22.56
C ASP S 94 -49.15 -78.69 22.81
N TYR S 95 -48.62 -77.49 22.59
CA TYR S 95 -49.39 -76.26 22.70
C TYR S 95 -50.47 -76.19 21.62
N LYS S 96 -50.10 -76.48 20.37
CA LYS S 96 -51.09 -76.50 19.29
C LYS S 96 -52.13 -77.59 19.48
N VAL S 97 -51.70 -78.77 19.94
CA VAL S 97 -52.63 -79.88 20.14
C VAL S 97 -53.60 -79.57 21.27
N ASP S 98 -53.13 -78.93 22.34
CA ASP S 98 -54.03 -78.57 23.43
C ASP S 98 -54.99 -77.44 23.04
N GLN S 99 -54.52 -76.52 22.17
CA GLN S 99 -55.43 -75.55 21.57
C GLN S 99 -56.55 -76.22 20.80
N GLU S 100 -56.22 -77.24 20.02
CA GLU S 100 -57.26 -77.91 19.25
C GLU S 100 -58.14 -78.79 20.14
N ILE S 101 -57.63 -79.25 21.28
CA ILE S 101 -58.47 -79.95 22.25
C ILE S 101 -59.51 -79.00 22.82
N VAL S 102 -59.10 -77.78 23.16
CA VAL S 102 -60.04 -76.76 23.65
C VAL S 102 -61.07 -76.42 22.57
N ASN S 103 -60.64 -76.39 21.30
CA ASN S 103 -61.59 -76.17 20.20
C ASN S 103 -62.58 -77.32 20.05
N ILE S 104 -62.14 -78.57 20.24
CA ILE S 104 -63.05 -79.72 20.15
C ILE S 104 -64.08 -79.67 21.27
N ILE S 105 -63.66 -79.28 22.48
CA ILE S 105 -64.62 -79.23 23.58
C ILE S 105 -65.58 -78.05 23.41
N GLN S 106 -65.12 -76.95 22.81
CA GLN S 106 -66.04 -75.86 22.49
C GLN S 106 -67.05 -76.27 21.41
N GLU S 107 -66.61 -77.05 20.43
CA GLU S 107 -67.54 -77.55 19.42
C GLU S 107 -68.58 -78.48 20.03
N ARG S 108 -68.15 -79.32 20.98
CA ARG S 108 -69.09 -80.15 21.74
C ARG S 108 -70.12 -79.30 22.49
N LEU S 109 -69.65 -78.24 23.15
CA LEU S 109 -70.55 -77.38 23.94
C LEU S 109 -71.56 -76.66 23.04
N LYS S 110 -71.10 -76.11 21.92
CA LYS S 110 -71.99 -75.39 21.02
C LYS S 110 -72.97 -76.33 20.34
N ALA S 111 -72.52 -77.52 19.95
CA ALA S 111 -73.42 -78.51 19.37
C ALA S 111 -74.46 -78.98 20.37
N CYS S 112 -74.09 -79.11 21.64
CA CYS S 112 -75.05 -79.49 22.68
C CYS S 112 -76.09 -78.40 22.88
N GLN S 113 -75.63 -77.14 22.96
CA GLN S 113 -76.55 -76.02 23.19
C GLN S 113 -77.50 -75.85 22.02
N GLN S 114 -77.07 -76.18 20.81
CA GLN S 114 -78.03 -76.14 19.71
C GLN S 114 -78.97 -77.33 19.72
N ARG S 115 -78.45 -78.54 19.92
CA ARG S 115 -79.29 -79.72 19.74
C ARG S 115 -80.21 -80.00 20.92
N GLU S 116 -80.02 -79.34 22.06
CA GLU S 116 -80.94 -79.56 23.16
C GLU S 116 -82.05 -78.52 23.24
N GLY S 117 -82.14 -77.63 22.26
CA GLY S 117 -83.24 -76.70 22.16
C GLY S 117 -83.27 -75.62 23.22
N GLU S 118 -84.41 -75.47 23.89
CA GLU S 118 -84.54 -74.51 24.98
C GLU S 118 -84.13 -75.09 26.33
N SER S 119 -84.12 -76.41 26.46
CA SER S 119 -83.69 -77.07 27.68
C SER S 119 -82.18 -77.29 27.72
N HIS S 120 -81.40 -76.45 27.03
CA HIS S 120 -79.96 -76.59 26.99
C HIS S 120 -79.29 -76.20 28.30
N ARG S 121 -79.98 -75.47 29.18
CA ARG S 121 -79.40 -75.18 30.48
C ARG S 121 -79.39 -76.42 31.36
N GLN S 122 -80.38 -77.28 31.20
CA GLN S 122 -80.44 -78.53 31.96
C GLN S 122 -79.68 -79.66 31.27
N ASN S 123 -79.88 -79.83 29.97
CA ASN S 123 -79.43 -81.01 29.25
C ASN S 123 -78.03 -80.87 28.66
N CYS S 124 -77.21 -79.97 29.19
CA CYS S 124 -75.80 -79.86 28.81
C CYS S 124 -74.94 -79.72 30.04
N ALA S 125 -75.17 -80.57 31.04
CA ALA S 125 -74.41 -80.48 32.29
C ALA S 125 -73.03 -81.09 32.14
N LYS S 126 -72.94 -82.25 31.48
CA LYS S 126 -71.65 -82.92 31.33
C LYS S 126 -70.75 -82.16 30.36
N GLU S 127 -71.33 -81.59 29.31
CA GLU S 127 -70.54 -80.84 28.34
C GLU S 127 -69.99 -79.55 28.96
N LEU S 128 -70.82 -78.82 29.72
CA LEU S 128 -70.35 -77.64 30.42
C LEU S 128 -69.33 -77.98 31.50
N GLN S 129 -69.50 -79.14 32.16
CA GLN S 129 -68.54 -79.57 33.17
C GLN S 129 -67.17 -79.86 32.55
N GLN S 130 -67.16 -80.62 31.45
CA GLN S 130 -65.91 -80.92 30.76
C GLN S 130 -65.28 -79.66 30.16
N PHE S 131 -66.12 -78.73 29.69
CA PHE S 131 -65.62 -77.46 29.17
C PHE S 131 -64.97 -76.61 30.25
N THR S 132 -65.60 -76.55 31.42
CA THR S 132 -65.03 -75.78 32.53
C THR S 132 -63.73 -76.42 33.01
N GLN S 133 -63.65 -77.75 33.01
CA GLN S 133 -62.40 -78.41 33.40
C GLN S 133 -61.29 -78.16 32.39
N VAL S 134 -61.59 -78.22 31.09
CA VAL S 134 -60.52 -78.05 30.11
C VAL S 134 -60.10 -76.58 30.01
N VAL S 135 -61.02 -75.63 30.25
CA VAL S 135 -60.63 -74.22 30.28
C VAL S 135 -59.80 -73.91 31.51
N LYS S 136 -60.15 -74.51 32.66
CA LYS S 136 -59.36 -74.35 33.87
C LYS S 136 -57.96 -74.93 33.70
N ALA S 137 -57.85 -76.09 33.05
CA ALA S 137 -56.54 -76.69 32.82
C ALA S 137 -55.72 -75.87 31.83
N TYR S 138 -56.35 -75.36 30.78
CA TYR S 138 -55.64 -74.55 29.79
C TYR S 138 -55.20 -73.21 30.37
N GLN S 139 -55.99 -72.65 31.29
CA GLN S 139 -55.63 -71.40 31.93
C GLN S 139 -54.53 -71.60 32.96
N ASP S 140 -54.55 -72.73 33.66
CA ASP S 140 -53.42 -73.07 34.54
C ASP S 140 -52.15 -73.28 33.75
N ARG S 141 -52.25 -73.84 32.55
CA ARG S 141 -51.06 -74.24 31.81
C ARG S 141 -50.48 -73.10 30.98
N TYR S 142 -51.24 -72.56 30.03
CA TYR S 142 -50.65 -71.71 29.00
C TYR S 142 -51.03 -70.23 29.09
N HIS S 143 -51.94 -69.85 29.97
CA HIS S 143 -52.37 -68.46 30.02
C HIS S 143 -51.26 -67.58 30.59
N ASP S 144 -51.31 -66.29 30.24
CA ASP S 144 -50.43 -65.23 30.73
C ASP S 144 -48.95 -65.46 30.40
N LEU S 145 -48.63 -66.28 29.40
CA LEU S 145 -47.22 -66.47 29.05
C LEU S 145 -46.67 -65.32 28.23
N GLY S 146 -47.53 -64.54 27.60
CA GLY S 146 -47.09 -63.50 26.69
C GLY S 146 -46.78 -64.05 25.31
N ALA S 147 -46.61 -63.13 24.38
CA ALA S 147 -46.46 -63.48 22.98
C ALA S 147 -45.08 -64.00 22.62
N HIS S 148 -44.14 -63.98 23.56
CA HIS S 148 -42.82 -64.60 23.39
C HIS S 148 -42.75 -65.91 24.15
N TYR S 149 -43.84 -66.67 24.09
CA TYR S 149 -43.99 -67.90 24.86
C TYR S 149 -42.94 -68.93 24.47
N SER S 150 -42.50 -69.69 25.47
CA SER S 150 -41.49 -70.72 25.27
C SER S 150 -41.68 -71.79 26.33
N ALA S 151 -40.78 -72.76 26.34
CA ALA S 151 -40.85 -73.81 27.35
C ALA S 151 -40.40 -73.31 28.72
N ARG S 152 -39.48 -72.35 28.74
CA ARG S 152 -39.01 -71.79 29.99
C ARG S 152 -40.10 -70.99 30.69
N LYS S 153 -40.90 -70.25 29.92
CA LYS S 153 -42.00 -69.47 30.49
C LYS S 153 -43.04 -70.38 31.12
N CYS S 154 -43.42 -71.45 30.42
CA CYS S 154 -44.41 -72.38 30.96
C CYS S 154 -43.86 -73.15 32.16
N LEU S 155 -42.58 -73.49 32.13
CA LEU S 155 -41.97 -74.19 33.26
C LEU S 155 -41.90 -73.29 34.49
N ALA S 156 -41.57 -72.01 34.30
CA ALA S 156 -41.51 -71.08 35.43
C ALA S 156 -42.90 -70.77 35.96
N LYS S 157 -43.90 -70.71 35.08
CA LYS S 157 -45.28 -70.53 35.54
C LYS S 157 -45.75 -71.74 36.35
N GLN S 158 -45.40 -72.95 35.89
CA GLN S 158 -45.73 -74.16 36.64
C GLN S 158 -45.05 -74.17 38.00
N LYS S 159 -43.79 -73.73 38.06
CA LYS S 159 -43.07 -73.71 39.33
C LYS S 159 -43.65 -72.66 40.28
N GLN S 160 -44.08 -71.51 39.75
CA GLN S 160 -44.71 -70.50 40.60
C GLN S 160 -46.05 -70.98 41.15
N ARG S 161 -46.84 -71.65 40.30
CA ARG S 161 -48.10 -72.22 40.76
C ARG S 161 -47.88 -73.32 41.79
N MET S 162 -46.84 -74.13 41.61
CA MET S 162 -46.57 -75.20 42.57
C MET S 162 -46.02 -74.65 43.88
N LEU S 163 -45.30 -73.53 43.86
CA LEU S 163 -44.93 -72.87 45.10
C LEU S 163 -46.14 -72.32 45.82
N ALA S 164 -47.10 -71.76 45.07
CA ALA S 164 -48.33 -71.28 45.69
C ALA S 164 -49.14 -72.43 46.29
N GLU S 165 -49.17 -73.57 45.61
CA GLU S 165 -49.89 -74.73 46.13
C GLU S 165 -49.18 -75.33 47.34
N ARG S 166 -47.84 -75.32 47.35
CA ARG S 166 -47.09 -75.84 48.48
C ARG S 166 -47.27 -74.95 49.71
N LYS S 167 -47.27 -73.63 49.52
CA LYS S 167 -47.56 -72.72 50.64
C LYS S 167 -49.00 -72.86 51.11
N ALA S 168 -49.94 -73.08 50.18
CA ALA S 168 -51.34 -73.22 50.56
C ALA S 168 -51.60 -74.51 51.33
N THR S 169 -50.92 -75.60 50.98
CA THR S 169 -51.06 -76.83 51.73
C THR S 169 -50.29 -76.77 53.05
N LYS S 170 -49.17 -76.02 53.09
CA LYS S 170 -48.41 -75.89 54.32
C LYS S 170 -49.14 -75.03 55.34
N GLU S 171 -49.81 -73.96 54.89
CA GLU S 171 -50.54 -73.10 55.81
C GLU S 171 -51.87 -73.70 56.26
N ALA S 172 -52.36 -74.74 55.57
CA ALA S 172 -53.63 -75.39 55.89
C ALA S 172 -53.41 -76.82 56.37
N ALA S 173 -52.40 -77.04 57.20
CA ALA S 173 -52.12 -78.35 57.76
C ALA S 173 -51.62 -78.22 59.19
N PRO T 66 78.71 111.39 -70.76
CA PRO T 66 79.64 110.25 -70.73
C PRO T 66 78.98 108.96 -70.21
N PHE T 67 79.60 107.83 -70.51
CA PHE T 67 79.12 106.53 -70.05
C PHE T 67 80.13 105.92 -69.09
N ASP T 68 79.65 105.46 -67.94
CA ASP T 68 80.49 104.88 -66.91
C ASP T 68 80.12 103.43 -66.66
N ASN T 69 81.15 102.60 -66.43
CA ASN T 69 80.94 101.18 -66.17
C ASN T 69 81.88 100.67 -65.08
N THR T 70 82.68 101.55 -64.47
CA THR T 70 83.70 101.13 -63.54
C THR T 70 83.51 101.66 -62.12
N THR T 71 82.56 102.58 -61.92
CA THR T 71 82.33 103.15 -60.60
C THR T 71 81.04 102.60 -60.02
N TYR T 72 81.00 102.53 -58.69
CA TYR T 72 79.83 102.06 -57.97
C TYR T 72 79.10 103.31 -57.47
N LYS T 73 78.02 103.68 -58.14
CA LYS T 73 77.30 104.91 -57.87
C LYS T 73 76.37 104.83 -56.66
N ASN T 74 76.35 103.71 -55.95
CA ASN T 74 75.53 103.54 -54.76
C ASN T 74 76.40 103.75 -53.53
N LEU T 75 76.66 105.02 -53.21
CA LEU T 75 77.46 105.36 -52.04
C LEU T 75 76.66 106.12 -50.99
N GLN T 76 75.33 106.11 -51.09
CA GLN T 76 74.50 106.86 -50.15
C GLN T 76 74.42 106.17 -48.79
N HIS T 77 74.42 104.84 -48.78
CA HIS T 77 74.23 104.06 -47.56
C HIS T 77 75.37 104.19 -46.57
N HIS T 78 76.50 104.77 -46.99
CA HIS T 78 77.58 105.10 -46.08
C HIS T 78 77.21 106.20 -45.09
N ASP T 79 76.18 106.99 -45.38
CA ASP T 79 75.83 108.13 -44.55
C ASP T 79 74.53 107.95 -43.78
N TYR T 80 73.95 106.75 -43.82
CA TYR T 80 72.68 106.52 -43.14
C TYR T 80 72.91 106.29 -41.66
N SER T 81 72.10 106.93 -40.83
CA SER T 81 72.20 106.80 -39.38
C SER T 81 71.18 105.78 -38.90
N THR T 82 71.02 105.68 -37.58
CA THR T 82 70.09 104.73 -36.98
C THR T 82 68.64 105.20 -37.00
N TYR T 83 68.35 106.36 -37.59
CA TYR T 83 66.99 106.85 -37.70
C TYR T 83 66.67 107.30 -39.12
N THR T 84 67.44 106.82 -40.11
CA THR T 84 67.24 107.25 -41.49
C THR T 84 65.91 106.75 -42.04
N PHE T 85 65.61 105.46 -41.82
CA PHE T 85 64.36 104.85 -42.28
C PHE T 85 63.15 105.54 -41.66
N LEU T 86 63.22 105.84 -40.37
CA LEU T 86 62.10 106.45 -39.67
C LEU T 86 61.95 107.92 -40.03
N ASP T 87 63.06 108.64 -40.26
CA ASP T 87 62.95 110.00 -40.76
C ASP T 87 62.37 110.05 -42.16
N LEU T 88 62.68 109.06 -43.00
CA LEU T 88 62.09 108.99 -44.33
C LEU T 88 60.60 108.68 -44.25
N ASN T 89 60.19 107.84 -43.30
CA ASN T 89 58.76 107.60 -43.11
C ASN T 89 58.06 108.85 -42.60
N LEU T 90 58.71 109.59 -41.71
CA LEU T 90 58.16 110.85 -41.22
C LEU T 90 58.07 111.90 -42.32
N ASP T 91 58.98 111.84 -43.28
CA ASP T 91 58.91 112.72 -44.45
C ASP T 91 57.77 112.31 -45.37
N LEU T 92 57.58 111.01 -45.58
CA LEU T 92 56.57 110.52 -46.51
C LEU T 92 55.17 110.48 -45.91
N SER T 93 55.03 110.76 -44.61
CA SER T 93 53.70 110.74 -44.00
C SER T 93 52.79 111.88 -44.50
N LYS T 94 53.34 112.88 -45.19
CA LYS T 94 52.53 113.99 -45.67
C LYS T 94 52.12 113.85 -47.14
N PHE T 95 52.43 112.74 -47.79
CA PHE T 95 52.10 112.54 -49.19
C PHE T 95 51.01 111.50 -49.40
N ARG T 96 50.46 110.93 -48.34
CA ARG T 96 49.70 109.70 -48.44
C ARG T 96 48.20 109.94 -48.39
N MET T 97 47.45 108.97 -48.90
CA MET T 97 46.00 108.97 -48.95
C MET T 97 45.43 108.66 -47.57
N PRO T 98 44.18 109.06 -47.31
CA PRO T 98 43.58 108.76 -46.00
C PRO T 98 43.29 107.27 -45.84
N GLN T 99 43.71 106.73 -44.70
CA GLN T 99 43.56 105.30 -44.43
C GLN T 99 42.09 104.92 -44.22
N PRO T 100 41.69 103.73 -44.65
CA PRO T 100 40.31 103.29 -44.42
C PRO T 100 40.10 102.90 -42.97
N SER T 101 38.84 102.83 -42.58
CA SER T 101 38.46 102.53 -41.22
C SER T 101 37.66 101.25 -41.17
N SER T 102 37.91 100.43 -40.15
CA SER T 102 37.21 99.17 -39.97
C SER T 102 35.97 99.31 -39.11
N GLY T 103 35.42 100.51 -38.98
CA GLY T 103 34.23 100.72 -38.18
C GLY T 103 34.44 100.76 -36.70
N ARG T 104 35.68 100.68 -36.22
CA ARG T 104 35.96 100.64 -34.80
C ARG T 104 37.40 101.06 -34.54
N GLU T 105 37.75 101.15 -33.26
CA GLU T 105 39.08 101.61 -32.86
C GLU T 105 40.08 100.47 -32.83
N SER T 106 39.65 99.29 -32.40
CA SER T 106 40.45 98.08 -32.37
C SER T 106 39.49 96.90 -32.28
N PRO T 107 39.93 95.70 -32.66
CA PRO T 107 39.03 94.53 -32.55
C PRO T 107 38.70 94.08 -31.13
N ARG T 108 39.21 94.75 -30.10
CA ARG T 108 38.73 94.57 -28.74
C ARG T 108 37.77 95.66 -28.31
N HIS T 109 37.40 96.56 -29.21
CA HIS T 109 36.40 97.58 -28.95
C HIS T 109 35.03 97.15 -29.45
N GLY U 29 62.45 60.62 12.32
CA GLY U 29 62.18 61.61 13.36
C GLY U 29 60.74 61.59 13.84
N VAL U 30 60.35 60.50 14.49
CA VAL U 30 58.99 60.38 15.00
C VAL U 30 58.83 61.23 16.26
N ARG U 31 57.73 61.97 16.33
CA ARG U 31 57.38 62.73 17.52
C ARG U 31 56.12 62.15 18.13
N THR U 32 55.95 62.37 19.43
CA THR U 32 54.95 61.70 20.22
C THR U 32 53.89 62.69 20.67
N SER U 33 52.63 62.26 20.59
CA SER U 33 51.49 63.06 21.00
C SER U 33 51.51 63.29 22.52
N PRO U 34 50.77 64.28 23.01
CA PRO U 34 50.65 64.44 24.48
C PRO U 34 49.95 63.28 25.19
N THR U 35 49.22 62.45 24.47
CA THR U 35 48.58 61.28 25.07
C THR U 35 49.55 60.13 25.28
N GLY U 36 50.78 60.24 24.80
CA GLY U 36 51.74 59.16 24.88
C GLY U 36 51.85 58.30 23.65
N GLU U 37 51.18 58.69 22.57
CA GLU U 37 51.08 57.89 21.36
C GLU U 37 51.98 58.45 20.28
N LYS U 38 52.65 57.57 19.55
CA LYS U 38 53.49 58.01 18.44
C LYS U 38 52.64 58.53 17.29
N VAL U 39 53.26 59.36 16.45
CA VAL U 39 52.60 59.97 15.30
C VAL U 39 53.28 59.43 14.05
N THR U 40 52.48 59.04 13.06
CA THR U 40 53.02 58.49 11.82
C THR U 40 53.61 59.61 10.97
N HIS U 41 54.22 59.21 9.84
CA HIS U 41 54.78 60.20 8.92
C HIS U 41 53.69 60.96 8.18
N THR U 42 52.49 60.40 8.09
CA THR U 42 51.35 61.13 7.57
C THR U 42 50.93 62.23 8.54
N GLY U 43 51.01 61.95 9.84
CA GLY U 43 50.45 62.81 10.85
C GLY U 43 49.27 62.23 11.58
N GLN U 44 48.94 60.97 11.31
CA GLN U 44 47.80 60.33 11.94
C GLN U 44 48.12 60.02 13.39
N VAL U 45 47.33 60.58 14.30
CA VAL U 45 47.33 60.16 15.69
C VAL U 45 45.90 60.26 16.20
N TYR U 46 45.49 59.27 16.99
CA TYR U 46 44.17 59.33 17.58
C TYR U 46 44.12 60.39 18.68
N ASP U 47 42.98 61.05 18.80
CA ASP U 47 42.82 62.08 19.81
C ASP U 47 42.70 61.43 21.20
N ASP U 48 42.74 62.28 22.23
CA ASP U 48 42.72 61.78 23.60
C ASP U 48 41.37 61.18 23.96
N GLU U 49 40.28 61.73 23.43
CA GLU U 49 38.95 61.26 23.76
C GLU U 49 38.45 60.17 22.82
N ASP U 50 39.25 59.77 21.83
CA ASP U 50 38.82 58.79 20.86
C ASP U 50 38.95 57.39 21.45
N TYR U 51 37.91 56.58 21.30
CA TYR U 51 37.90 55.24 21.87
C TYR U 51 38.82 54.29 21.12
N ARG U 52 39.19 54.62 19.87
CA ARG U 52 39.91 53.72 19.00
C ARG U 52 41.38 53.54 19.39
N ARG U 53 41.84 54.15 20.48
CA ARG U 53 43.11 53.78 21.08
C ARG U 53 43.03 52.46 21.83
N VAL U 54 41.81 51.94 22.03
CA VAL U 54 41.66 50.70 22.80
C VAL U 54 42.14 49.50 22.01
N ARG U 55 42.34 49.64 20.70
CA ARG U 55 42.96 48.58 19.94
C ARG U 55 44.45 48.48 20.22
N PHE U 56 45.05 49.50 20.82
CA PHE U 56 46.46 49.46 21.18
C PHE U 56 46.67 49.21 22.66
N VAL U 57 45.59 48.96 23.41
CA VAL U 57 45.71 48.66 24.83
C VAL U 57 46.30 47.27 25.01
N GLY U 58 47.47 47.22 25.64
CA GLY U 58 48.21 45.98 25.78
C GLY U 58 48.99 45.57 24.55
N ARG U 59 48.97 46.37 23.49
CA ARG U 59 49.66 46.06 22.24
C ARG U 59 50.39 47.30 21.76
N GLN U 60 50.89 47.30 20.53
CA GLN U 60 51.76 48.36 20.06
C GLN U 60 51.23 48.99 18.79
N LYS U 61 51.45 50.29 18.66
CA LYS U 61 51.13 51.04 17.45
C LYS U 61 52.34 50.99 16.54
N GLU U 62 52.24 50.21 15.47
CA GLU U 62 53.39 49.97 14.62
C GLU U 62 53.54 51.12 13.65
N VAL U 63 54.60 51.91 13.84
CA VAL U 63 54.97 52.98 12.92
C VAL U 63 56.38 52.67 12.42
N ASN U 64 56.75 53.33 11.33
CA ASN U 64 58.09 53.18 10.77
C ASN U 64 58.89 54.43 11.11
N GLU U 65 60.02 54.26 11.79
CA GLU U 65 60.80 55.37 12.29
C GLU U 65 61.86 55.86 11.31
N ASN U 66 61.71 55.57 10.02
CA ASN U 66 62.57 56.11 8.98
C ASN U 66 61.69 56.92 8.06
N PHE U 67 61.50 58.20 8.39
CA PHE U 67 60.59 59.04 7.61
C PHE U 67 61.23 59.41 6.29
N ALA U 68 60.45 59.34 5.20
CA ALA U 68 60.99 59.60 3.88
C ALA U 68 61.30 61.08 3.67
N ILE U 69 60.48 61.96 4.25
CA ILE U 69 60.67 63.39 4.09
C ILE U 69 61.90 63.87 4.85
N ASP U 70 62.34 63.13 5.88
CA ASP U 70 63.56 63.46 6.58
C ASP U 70 64.78 62.78 5.99
N LEU U 71 64.61 61.63 5.36
CA LEU U 71 65.74 60.98 4.68
C LEU U 71 66.05 61.61 3.34
N ILE U 72 65.08 62.28 2.71
CA ILE U 72 65.37 62.98 1.46
C ILE U 72 65.94 64.39 1.73
N ALA U 73 65.73 64.93 2.92
CA ALA U 73 66.37 66.19 3.28
C ALA U 73 67.86 66.03 3.48
N GLU U 74 68.30 64.83 3.86
CA GLU U 74 69.72 64.55 4.10
C GLU U 74 70.51 64.34 2.82
N GLN U 75 69.85 64.19 1.68
CA GLN U 75 70.56 64.01 0.43
C GLN U 75 71.15 65.35 -0.03
N PRO U 76 72.38 65.35 -0.53
CA PRO U 76 72.98 66.60 -1.01
C PRO U 76 72.42 67.05 -2.35
N VAL U 77 72.37 68.35 -2.53
CA VAL U 77 71.90 68.93 -3.79
C VAL U 77 72.99 68.76 -4.83
N SER U 78 72.67 68.10 -5.92
CA SER U 78 73.68 67.72 -6.92
C SER U 78 73.95 68.88 -7.85
N GLN U 79 75.21 69.32 -7.89
CA GLN U 79 75.64 70.40 -8.78
C GLN U 79 75.94 69.81 -10.15
N VAL U 80 75.25 70.29 -11.19
CA VAL U 80 75.62 69.94 -12.55
C VAL U 80 75.88 71.23 -13.33
N GLY U 81 76.63 71.08 -14.42
CA GLY U 81 76.90 72.18 -15.33
C GLY U 81 76.00 72.21 -16.54
N SER U 82 74.99 71.37 -16.59
CA SER U 82 74.08 71.31 -17.72
C SER U 82 72.88 72.20 -17.47
N ARG U 83 72.11 72.43 -18.52
CA ARG U 83 70.87 73.19 -18.42
C ARG U 83 69.67 72.29 -18.14
N VAL U 84 69.69 71.06 -18.67
CA VAL U 84 68.63 70.07 -18.48
C VAL U 84 69.28 68.78 -18.01
N ILE U 85 68.84 68.26 -16.86
CA ILE U 85 69.43 67.06 -16.28
C ILE U 85 68.42 65.92 -16.36
N SER U 86 68.90 64.72 -16.67
CA SER U 86 68.05 63.54 -16.75
C SER U 86 68.20 62.70 -15.49
N CYS U 87 67.09 62.21 -14.97
CA CYS U 87 67.10 61.42 -13.75
C CYS U 87 66.28 60.16 -13.95
N ASP U 88 66.86 59.02 -13.56
CA ASP U 88 66.16 57.75 -13.53
C ASP U 88 66.21 57.08 -12.16
N GLY U 89 66.81 57.74 -11.16
CA GLY U 89 66.84 57.24 -9.81
C GLY U 89 67.96 56.27 -9.51
N GLY U 90 68.81 55.97 -10.48
CA GLY U 90 69.90 55.03 -10.27
C GLY U 90 69.46 53.58 -10.42
N GLY U 91 70.28 52.77 -11.06
CA GLY U 91 69.94 51.39 -11.32
C GLY U 91 69.40 51.12 -12.70
N GLY U 92 69.14 52.15 -13.50
CA GLY U 92 68.66 51.95 -14.86
C GLY U 92 67.21 51.52 -14.89
N ALA U 93 66.97 50.26 -15.21
CA ALA U 93 65.62 49.70 -15.15
C ALA U 93 65.20 49.38 -13.73
N LEU U 94 66.09 49.48 -12.76
CA LEU U 94 65.75 49.27 -11.35
C LEU U 94 65.25 50.52 -10.66
N GLY U 95 65.25 51.66 -11.34
CA GLY U 95 64.75 52.90 -10.79
C GLY U 95 63.40 53.26 -11.36
N HIS U 96 63.16 54.56 -11.48
CA HIS U 96 61.93 55.12 -12.00
C HIS U 96 62.11 55.46 -13.49
N PRO U 97 61.03 55.80 -14.21
CA PRO U 97 61.20 56.27 -15.59
C PRO U 97 62.08 57.52 -15.68
N ARG U 98 62.85 57.61 -16.76
CA ARG U 98 63.83 58.67 -16.91
C ARG U 98 63.14 59.95 -17.33
N VAL U 99 63.21 60.97 -16.48
CA VAL U 99 62.55 62.24 -16.75
C VAL U 99 63.60 63.35 -16.80
N TYR U 100 63.25 64.43 -17.48
CA TYR U 100 64.15 65.52 -17.78
C TYR U 100 63.73 66.75 -17.01
N ILE U 101 64.69 67.37 -16.33
CA ILE U 101 64.45 68.41 -15.35
C ILE U 101 65.14 69.68 -15.83
N ASN U 102 64.40 70.77 -15.89
CA ASN U 102 64.94 72.06 -16.28
C ASN U 102 65.52 72.76 -15.05
N LEU U 103 66.65 73.41 -15.24
CA LEU U 103 67.38 74.07 -14.17
C LEU U 103 67.63 75.53 -14.51
N ASP U 104 66.66 76.17 -15.16
CA ASP U 104 66.80 77.58 -15.49
C ASP U 104 66.62 78.48 -14.28
N LYS U 105 65.78 78.07 -13.33
CA LYS U 105 65.57 78.84 -12.11
C LYS U 105 66.83 78.77 -11.26
N GLU U 106 67.56 79.88 -11.19
CA GLU U 106 68.71 79.96 -10.31
C GLU U 106 68.32 80.06 -8.85
N THR U 107 67.06 80.43 -8.57
CA THR U 107 66.58 80.50 -7.19
C THR U 107 66.34 79.09 -6.64
N LYS U 108 65.58 78.27 -7.36
CA LYS U 108 65.04 77.04 -6.84
C LYS U 108 65.72 75.84 -7.51
N THR U 109 65.99 74.81 -6.71
CA THR U 109 66.56 73.58 -7.25
C THR U 109 65.49 72.76 -7.97
N GLY U 110 65.93 72.00 -8.96
CA GLY U 110 65.03 71.15 -9.71
C GLY U 110 64.84 69.79 -9.06
N THR U 111 63.76 69.63 -8.31
CA THR U 111 63.48 68.39 -7.61
C THR U 111 62.83 67.39 -8.56
N CYS U 112 63.35 66.18 -8.59
CA CYS U 112 62.76 65.12 -9.40
C CYS U 112 61.41 64.72 -8.85
N GLY U 113 60.44 64.53 -9.75
CA GLY U 113 59.09 64.23 -9.34
C GLY U 113 58.90 62.84 -8.77
N TYR U 114 59.83 61.93 -9.06
CA TYR U 114 59.75 60.54 -8.61
C TYR U 114 60.58 60.30 -7.36
N CYS U 115 61.87 60.61 -7.41
CA CYS U 115 62.81 60.21 -6.37
C CYS U 115 63.10 61.32 -5.37
N GLY U 116 62.75 62.57 -5.66
CA GLY U 116 63.00 63.66 -4.76
C GLY U 116 64.42 64.18 -4.75
N LEU U 117 65.33 63.61 -5.55
CA LEU U 117 66.67 64.14 -5.62
C LEU U 117 66.66 65.45 -6.38
N GLN U 118 67.11 66.51 -5.73
CA GLN U 118 67.03 67.85 -6.30
C GLN U 118 68.39 68.27 -6.84
N PHE U 119 68.36 68.92 -8.00
CA PHE U 119 69.53 69.25 -8.78
C PHE U 119 69.64 70.76 -8.90
N ARG U 120 70.88 71.25 -8.98
CA ARG U 120 71.11 72.68 -9.15
C ARG U 120 72.15 72.87 -10.24
N GLN U 121 71.88 73.83 -11.13
CA GLN U 121 72.89 74.24 -12.11
C GLN U 121 73.86 75.19 -11.42
N GLN U 122 75.16 74.98 -11.67
CA GLN U 122 76.18 75.74 -10.96
C GLN U 122 76.48 77.10 -11.61
N HIS U 123 75.63 77.58 -12.51
CA HIS U 123 75.80 78.91 -13.09
C HIS U 123 74.48 79.66 -13.18
N THR V 45 -4.63 26.74 -30.08
CA THR V 45 -4.53 28.16 -29.78
C THR V 45 -3.11 28.54 -29.42
N GLN V 46 -2.55 27.80 -28.44
CA GLN V 46 -1.17 27.89 -27.90
C GLN V 46 -0.70 29.32 -27.57
N LEU V 47 -1.62 30.24 -27.30
CA LEU V 47 -1.29 31.57 -26.79
C LEU V 47 -2.42 32.02 -25.89
N ILE V 48 -2.10 32.90 -24.94
CA ILE V 48 -3.08 33.57 -24.12
C ILE V 48 -3.03 35.06 -24.40
N THR V 49 -3.99 35.77 -23.82
CA THR V 49 -4.07 37.23 -23.95
C THR V 49 -4.04 37.83 -22.56
N VAL V 50 -2.88 38.35 -22.17
CA VAL V 50 -2.71 39.03 -20.89
C VAL V 50 -2.97 40.51 -21.14
N ASP V 51 -4.06 41.02 -20.56
CA ASP V 51 -4.40 42.42 -20.69
C ASP V 51 -3.76 43.27 -19.59
N GLU V 52 -3.15 42.65 -18.60
CA GLU V 52 -2.66 43.36 -17.44
C GLU V 52 -1.24 43.85 -17.68
N LYS V 53 -0.66 44.44 -16.64
CA LYS V 53 0.63 45.10 -16.75
C LYS V 53 1.76 44.12 -16.52
N LEU V 54 2.79 44.22 -17.37
CA LEU V 54 4.00 43.41 -17.23
C LEU V 54 4.75 43.81 -15.97
N ASP V 55 4.74 42.96 -14.96
CA ASP V 55 5.31 43.30 -13.67
C ASP V 55 5.85 42.04 -13.01
N ILE V 56 7.15 42.04 -12.71
CA ILE V 56 7.83 40.83 -12.25
C ILE V 56 8.44 41.05 -10.88
N THR V 57 7.88 41.98 -10.10
CA THR V 57 8.47 42.39 -8.83
C THR V 57 8.47 41.28 -7.79
N THR V 58 7.53 40.35 -7.89
CA THR V 58 7.48 39.21 -6.98
C THR V 58 8.45 38.11 -7.36
N LEU V 59 9.07 38.19 -8.53
CA LEU V 59 9.92 37.13 -9.05
C LEU V 59 11.41 37.41 -8.92
N THR V 60 11.81 38.67 -8.86
CA THR V 60 13.23 39.04 -8.89
C THR V 60 13.97 38.69 -7.61
N GLY V 61 13.26 38.45 -6.50
CA GLY V 61 13.91 38.20 -5.24
C GLY V 61 14.43 39.44 -4.54
N VAL V 62 14.19 40.61 -5.10
CA VAL V 62 14.61 41.87 -4.47
C VAL V 62 13.71 42.13 -3.26
N PRO V 63 14.26 42.49 -2.11
CA PRO V 63 13.43 42.89 -0.97
C PRO V 63 12.64 44.16 -1.28
N GLU V 64 11.57 44.35 -0.50
CA GLU V 64 10.64 45.44 -0.77
C GLU V 64 11.29 46.81 -0.58
N GLU V 65 12.20 46.92 0.40
CA GLU V 65 12.88 48.18 0.67
C GLU V 65 13.72 48.64 -0.52
N HIS V 66 14.31 47.69 -1.24
CA HIS V 66 15.06 48.01 -2.45
C HIS V 66 14.21 47.85 -3.71
N ILE V 67 12.88 47.92 -3.58
CA ILE V 67 11.98 48.12 -4.72
C ILE V 67 11.35 49.49 -4.67
N LYS V 68 10.63 49.80 -3.60
CA LYS V 68 9.80 50.99 -3.57
C LYS V 68 10.52 52.23 -3.07
N THR V 69 11.50 52.09 -2.17
CA THR V 69 12.13 53.26 -1.58
C THR V 69 13.36 53.72 -2.35
N ARG V 70 13.63 53.15 -3.52
CA ARG V 70 14.75 53.57 -4.35
C ARG V 70 14.24 54.44 -5.48
N LYS V 71 15.18 55.12 -6.15
CA LYS V 71 14.86 55.99 -7.27
C LYS V 71 15.88 55.74 -8.38
N ALA V 72 15.48 54.97 -9.37
CA ALA V 72 16.31 54.75 -10.55
C ALA V 72 16.41 56.03 -11.37
N ARG V 73 17.58 56.25 -11.96
CA ARG V 73 17.86 57.44 -12.74
C ARG V 73 18.29 57.01 -14.13
N ILE V 74 17.56 57.48 -15.14
CA ILE V 74 17.72 57.09 -16.53
C ILE V 74 18.30 58.28 -17.26
N PHE V 75 19.53 58.16 -17.72
CA PHE V 75 20.24 59.34 -18.18
C PHE V 75 21.32 58.94 -19.17
N VAL V 76 21.54 59.77 -20.19
CA VAL V 76 22.76 59.68 -20.97
C VAL V 76 23.85 60.27 -20.09
N PRO V 77 24.93 59.56 -19.83
CA PRO V 77 25.97 60.09 -18.93
C PRO V 77 26.71 61.27 -19.54
N ALA V 78 26.95 62.28 -18.70
CA ALA V 78 27.52 63.53 -19.16
C ALA V 78 28.97 63.34 -19.58
N ARG V 79 29.41 64.18 -20.50
CA ARG V 79 30.77 64.08 -21.03
C ARG V 79 31.76 64.52 -19.97
N ASN V 80 32.75 63.66 -19.72
CA ASN V 80 33.88 63.99 -18.88
C ASN V 80 34.62 65.15 -19.52
N ASN V 81 34.52 66.35 -18.94
CA ASN V 81 35.08 67.54 -19.56
C ASN V 81 36.59 67.62 -19.47
N MET V 82 37.24 66.67 -18.81
CA MET V 82 38.67 66.47 -18.95
C MET V 82 39.06 66.02 -20.35
N GLN V 83 38.12 65.47 -21.13
CA GLN V 83 38.41 64.79 -22.38
C GLN V 83 37.39 65.15 -23.45
N SER V 84 37.87 65.41 -24.66
CA SER V 84 36.97 65.75 -25.75
C SER V 84 36.32 64.54 -26.39
N GLY V 85 36.72 63.33 -26.01
CA GLY V 85 36.13 62.14 -26.58
C GLY V 85 34.71 61.93 -26.09
N VAL V 86 33.84 61.52 -27.02
CA VAL V 86 32.41 61.48 -26.77
C VAL V 86 31.85 60.06 -26.85
N ASN V 87 32.69 59.04 -26.70
CA ASN V 87 32.16 57.67 -26.72
C ASN V 87 31.48 57.30 -25.41
N ASN V 88 31.67 58.08 -24.36
CA ASN V 88 30.98 57.83 -23.11
C ASN V 88 29.61 58.49 -23.05
N THR V 89 29.19 59.17 -24.11
CA THR V 89 27.88 59.80 -24.16
C THR V 89 26.96 59.14 -25.17
N LYS V 90 27.14 57.84 -25.39
CA LYS V 90 26.42 57.12 -26.45
C LYS V 90 25.19 56.40 -25.94
N LYS V 91 25.34 55.56 -24.92
CA LYS V 91 24.29 54.68 -24.47
C LYS V 91 23.68 55.21 -23.18
N TRP V 92 22.38 54.97 -23.03
CA TRP V 92 21.67 55.36 -21.82
C TRP V 92 22.09 54.49 -20.65
N LYS V 93 22.02 55.05 -19.45
CA LYS V 93 22.41 54.36 -18.23
C LYS V 93 21.32 54.52 -17.19
N MET V 94 21.25 53.53 -16.30
CA MET V 94 20.35 53.55 -15.16
C MET V 94 21.19 53.37 -13.91
N GLU V 95 21.22 54.38 -13.06
CA GLU V 95 21.83 54.27 -11.75
C GLU V 95 20.75 54.37 -10.68
N PHE V 96 21.15 54.37 -9.42
CA PHE V 96 20.23 54.58 -8.32
C PHE V 96 20.73 55.74 -7.47
N ASP V 97 19.94 56.08 -6.45
CA ASP V 97 20.39 57.05 -5.46
C ASP V 97 21.57 56.50 -4.68
N THR V 98 22.47 57.39 -4.28
CA THR V 98 23.62 56.99 -3.49
C THR V 98 23.26 57.04 -2.01
N ARG V 99 23.27 55.89 -1.36
CA ARG V 99 22.95 55.81 0.05
C ARG V 99 24.23 55.99 0.88
N GLU V 100 24.15 55.67 2.16
CA GLU V 100 25.19 56.09 3.10
C GLU V 100 26.45 55.24 2.98
N ARG V 101 27.59 55.92 2.87
CA ARG V 101 28.90 55.31 3.05
C ARG V 101 29.50 55.86 4.33
N TRP V 102 29.95 54.98 5.21
CA TRP V 102 30.51 55.42 6.47
C TRP V 102 31.92 54.87 6.64
N GLU V 103 32.57 55.35 7.68
CA GLU V 103 33.93 54.93 7.99
C GLU V 103 33.91 53.60 8.72
N ASN V 104 34.61 52.62 8.18
CA ASN V 104 34.91 51.42 8.95
C ASN V 104 35.82 51.80 10.10
N PRO V 105 35.46 51.46 11.35
CA PRO V 105 36.32 51.86 12.48
C PRO V 105 37.67 51.17 12.51
N LEU V 106 37.81 50.00 11.88
CA LEU V 106 39.08 49.29 11.92
C LEU V 106 40.10 49.93 11.00
N MET V 107 39.73 50.15 9.74
CA MET V 107 40.68 50.57 8.72
C MET V 107 40.38 51.93 8.10
N GLY V 108 39.23 52.53 8.37
CA GLY V 108 38.88 53.75 7.69
C GLY V 108 38.34 53.56 6.30
N TRP V 109 38.01 52.33 5.92
CA TRP V 109 37.48 52.02 4.61
C TRP V 109 36.05 52.55 4.48
N ALA V 110 35.53 52.51 3.26
CA ALA V 110 34.18 53.00 2.98
C ALA V 110 33.21 51.84 3.10
N SER V 111 32.69 51.62 4.29
CA SER V 111 31.68 50.60 4.47
C SER V 111 30.34 51.11 3.98
N THR V 112 29.53 50.19 3.47
CA THR V 112 28.21 50.55 2.98
C THR V 112 27.24 49.41 3.23
N ALA V 113 25.95 49.73 3.17
CA ALA V 113 24.89 48.77 3.34
C ALA V 113 23.97 48.68 2.14
N ASP V 114 24.17 49.53 1.14
CA ASP V 114 23.33 49.54 -0.05
C ASP V 114 23.83 48.48 -1.01
N PRO V 115 23.02 47.46 -1.34
CA PRO V 115 23.46 46.48 -2.33
C PRO V 115 23.46 47.02 -3.74
N LEU V 116 22.56 47.94 -4.05
CA LEU V 116 22.41 48.46 -5.40
C LEU V 116 23.27 49.69 -5.66
N SER V 117 24.31 49.90 -4.86
CA SER V 117 25.12 51.11 -4.99
C SER V 117 26.08 51.06 -6.17
N ASN V 118 26.40 49.88 -6.69
CA ASN V 118 27.29 49.74 -7.82
C ASN V 118 26.57 49.28 -9.08
N LEU V 119 25.24 49.32 -9.10
CA LEU V 119 24.47 48.77 -10.19
C LEU V 119 24.19 49.86 -11.22
N VAL V 120 24.92 49.82 -12.33
CA VAL V 120 24.74 50.78 -13.42
C VAL V 120 24.41 49.97 -14.67
N LEU V 121 23.17 50.10 -15.15
CA LEU V 121 22.71 49.32 -16.28
C LEU V 121 22.77 50.13 -17.56
N THR V 122 22.92 49.43 -18.68
CA THR V 122 23.13 50.05 -19.98
C THR V 122 21.98 49.72 -20.90
N PHE V 123 21.39 50.74 -21.52
CA PHE V 123 20.25 50.57 -22.41
C PHE V 123 20.51 51.37 -23.68
N SER V 124 20.24 50.77 -24.84
CA SER V 124 20.55 51.43 -26.09
C SER V 124 19.59 52.57 -26.40
N THR V 125 18.34 52.47 -25.97
CA THR V 125 17.36 53.54 -26.14
C THR V 125 16.77 53.91 -24.79
N LYS V 126 16.03 55.02 -24.78
CA LYS V 126 15.44 55.52 -23.55
C LYS V 126 14.24 54.69 -23.13
N GLU V 127 13.37 54.36 -24.08
CA GLU V 127 12.13 53.67 -23.76
C GLU V 127 12.36 52.23 -23.35
N ASP V 128 13.48 51.62 -23.77
CA ASP V 128 13.86 50.33 -23.20
C ASP V 128 14.17 50.44 -21.73
N ALA V 129 14.84 51.53 -21.33
CA ALA V 129 15.13 51.74 -19.92
C ALA V 129 13.86 52.04 -19.14
N ILE V 130 12.92 52.77 -19.75
CA ILE V 130 11.66 53.08 -19.09
C ILE V 130 10.82 51.82 -18.92
N ALA V 131 10.76 50.97 -19.95
CA ALA V 131 10.03 49.71 -19.85
C ALA V 131 10.69 48.76 -18.88
N PHE V 132 12.02 48.80 -18.77
CA PHE V 132 12.71 47.96 -17.81
C PHE V 132 12.45 48.43 -16.38
N ALA V 133 12.37 49.74 -16.16
CA ALA V 133 12.13 50.25 -14.82
C ALA V 133 10.68 50.05 -14.41
N GLU V 134 9.76 50.16 -15.36
CA GLU V 134 8.36 49.83 -15.09
C GLU V 134 8.18 48.34 -14.83
N LYS V 135 9.01 47.51 -15.47
CA LYS V 135 8.91 46.07 -15.32
C LYS V 135 9.32 45.60 -13.93
N ASN V 136 10.29 46.26 -13.31
CA ASN V 136 10.79 45.87 -12.00
C ASN V 136 10.19 46.66 -10.86
N GLY V 137 9.29 47.61 -11.14
CA GLY V 137 8.66 48.38 -10.09
C GLY V 137 9.48 49.53 -9.56
N TRP V 138 10.65 49.80 -10.12
CA TRP V 138 11.49 50.91 -9.68
C TRP V 138 10.90 52.24 -10.11
N SER V 139 10.76 53.16 -9.16
CA SER V 139 10.37 54.51 -9.51
C SER V 139 11.56 55.21 -10.16
N TYR V 140 11.33 55.78 -11.34
CA TYR V 140 12.42 56.26 -12.17
C TYR V 140 12.22 57.73 -12.51
N ASP V 141 13.33 58.45 -12.62
CA ASP V 141 13.31 59.77 -13.22
C ASP V 141 14.26 59.81 -14.41
N VAL V 142 13.89 60.57 -15.43
CA VAL V 142 14.56 60.53 -16.72
C VAL V 142 15.09 61.93 -17.04
N GLU V 143 16.40 62.02 -17.29
CA GLU V 143 16.98 63.20 -17.92
C GLU V 143 17.04 62.99 -19.41
N GLU V 144 16.84 64.06 -20.17
CA GLU V 144 16.87 63.96 -21.62
C GLU V 144 18.29 64.04 -22.14
N ARG V 145 18.48 63.54 -23.36
CA ARG V 145 19.79 63.53 -24.00
C ARG V 145 20.19 64.96 -24.36
N LYS V 146 21.20 65.48 -23.68
CA LYS V 146 21.73 66.80 -23.98
C LYS V 146 22.73 66.67 -25.12
N VAL V 147 22.36 67.18 -26.30
CA VAL V 147 23.24 67.12 -27.45
C VAL V 147 23.83 68.51 -27.68
N PRO V 148 25.09 68.60 -28.11
CA PRO V 148 25.65 69.92 -28.43
C PRO V 148 25.11 70.42 -29.77
N LYS V 149 24.72 71.68 -29.80
CA LYS V 149 24.24 72.23 -31.06
C LYS V 149 25.40 72.55 -31.99
N PRO V 150 25.19 72.47 -33.31
CA PRO V 150 26.29 72.73 -34.25
C PRO V 150 26.70 74.19 -34.26
N LYS V 151 28.01 74.42 -34.22
CA LYS V 151 28.58 75.75 -34.17
C LYS V 151 29.04 76.18 -35.55
N SER V 152 29.10 77.48 -35.76
CA SER V 152 29.56 78.05 -37.02
C SER V 152 31.06 78.25 -36.95
N LYS V 153 31.82 77.29 -37.46
CA LYS V 153 33.27 77.34 -37.43
C LYS V 153 33.80 77.94 -38.73
N SER V 154 34.58 78.99 -38.60
CA SER V 154 35.19 79.66 -39.74
C SER V 154 36.60 80.08 -39.35
N TYR V 155 37.59 79.58 -40.07
CA TYR V 155 38.96 79.97 -39.78
C TYR V 155 39.25 81.39 -40.25
N GLY V 156 38.56 81.85 -41.29
CA GLY V 156 38.72 83.24 -41.71
C GLY V 156 38.13 84.24 -40.76
N ALA V 157 37.18 83.82 -39.92
CA ALA V 157 36.60 84.68 -38.91
C ALA V 157 37.62 85.14 -37.89
N ASN V 158 38.71 84.38 -37.71
CA ASN V 158 39.79 84.80 -36.83
C ASN V 158 40.55 86.00 -37.38
N PHE V 159 40.39 86.33 -38.65
CA PHE V 159 41.12 87.40 -39.29
C PHE V 159 40.15 88.30 -40.03
N SER V 160 39.10 88.75 -39.36
CA SER V 160 38.10 89.58 -40.01
C SER V 160 38.61 91.00 -40.19
N TRP V 161 37.84 91.81 -40.91
CA TRP V 161 38.16 93.21 -41.11
C TRP V 161 37.46 94.12 -40.11
N ASN V 162 36.15 94.08 -40.05
CA ASN V 162 35.37 94.99 -39.22
C ASN V 162 34.76 94.33 -38.00
N LYS V 163 35.00 93.04 -37.77
CA LYS V 163 34.34 92.32 -36.70
C LYS V 163 35.27 92.14 -35.49
N ARG V 164 34.64 91.96 -34.33
CA ARG V 164 35.36 91.81 -33.08
C ARG V 164 36.02 90.45 -32.95
N THR V 165 35.63 89.47 -33.76
CA THR V 165 36.14 88.12 -33.65
C THR V 165 37.53 87.93 -34.24
N ARG V 166 38.28 89.01 -34.51
CA ARG V 166 39.69 88.90 -34.79
C ARG V 166 40.42 88.37 -33.56
N VAL V 167 41.26 87.36 -33.76
CA VAL V 167 42.09 86.88 -32.68
C VAL V 167 43.21 87.89 -32.44
N SER V 168 43.63 88.01 -31.18
CA SER V 168 44.71 88.91 -30.86
C SER V 168 46.07 88.30 -31.14
N THR V 169 46.18 86.97 -31.10
CA THR V 169 47.36 86.27 -31.54
C THR V 169 46.97 84.84 -31.94
N LYS V 170 47.92 84.14 -32.52
CA LYS V 170 47.71 82.78 -33.01
C LYS V 170 48.86 81.87 -32.62
N LEU W 36 30.51 64.53 22.16
CA LEU W 36 30.31 63.29 21.45
C LEU W 36 31.26 63.25 20.26
N HIS W 37 32.29 62.40 20.35
CA HIS W 37 33.34 62.35 19.35
C HIS W 37 32.82 61.77 18.04
N HIS W 38 33.49 62.12 16.94
CA HIS W 38 32.97 61.77 15.62
C HIS W 38 33.10 60.29 15.30
N ALA W 39 33.99 59.58 15.98
CA ALA W 39 34.15 58.15 15.72
C ALA W 39 33.08 57.31 16.40
N VAL W 40 32.33 57.87 17.35
CA VAL W 40 31.31 57.14 18.07
C VAL W 40 29.91 57.62 17.68
N ILE W 41 29.81 58.45 16.64
CA ILE W 41 28.51 58.80 16.06
C ILE W 41 27.91 57.58 15.39
N PRO W 42 26.64 57.25 15.65
CA PRO W 42 26.04 56.03 15.07
C PRO W 42 25.86 56.16 13.56
N HIS W 43 26.41 55.18 12.84
CA HIS W 43 26.25 55.10 11.40
C HIS W 43 25.59 53.76 11.03
N GLY W 44 25.37 53.59 9.74
CA GLY W 44 24.92 52.33 9.22
C GLY W 44 23.45 52.07 9.45
N LYS W 45 23.03 50.87 9.01
CA LYS W 45 21.67 50.41 9.20
C LYS W 45 21.54 49.51 10.42
N GLY W 46 22.45 49.63 11.38
CA GLY W 46 22.39 48.81 12.57
C GLY W 46 22.73 47.36 12.35
N GLY W 47 23.44 47.04 11.28
CA GLY W 47 23.81 45.67 10.97
C GLY W 47 25.07 45.26 11.67
N ARG W 48 25.73 44.25 11.10
CA ARG W 48 26.93 43.71 11.73
C ARG W 48 28.12 44.65 11.59
N SER W 49 28.37 45.17 10.39
CA SER W 49 29.55 45.98 10.11
C SER W 49 29.27 47.47 10.23
N SER W 50 28.25 47.86 10.98
CA SER W 50 27.96 49.27 11.17
C SER W 50 28.66 49.80 12.41
N VAL W 51 28.41 51.07 12.72
CA VAL W 51 28.93 51.71 13.92
C VAL W 51 27.72 52.01 14.80
N SER W 52 27.56 51.25 15.88
CA SER W 52 26.40 51.45 16.74
C SER W 52 26.61 52.56 17.76
N GLY W 53 27.84 53.06 17.90
CA GLY W 53 28.11 54.11 18.87
C GLY W 53 28.19 53.65 20.30
N ILE W 54 28.40 52.37 20.55
CA ILE W 54 28.45 51.82 21.90
C ILE W 54 29.82 51.19 22.09
N VAL W 55 30.56 51.67 23.09
CA VAL W 55 31.82 51.06 23.47
C VAL W 55 31.61 50.44 24.84
N ALA W 56 31.58 49.12 24.88
CA ALA W 56 31.15 48.37 26.04
C ALA W 56 32.30 47.58 26.62
N THR W 57 32.54 47.76 27.91
CA THR W 57 33.41 46.86 28.67
C THR W 57 32.49 45.93 29.45
N VAL W 58 32.44 44.68 29.04
CA VAL W 58 31.54 43.70 29.62
C VAL W 58 32.39 42.78 30.48
N PHE W 59 32.40 43.05 31.78
CA PHE W 59 33.13 42.19 32.71
C PHE W 59 32.40 40.87 32.87
N GLY W 60 33.16 39.78 32.87
CA GLY W 60 32.57 38.45 32.97
C GLY W 60 31.79 38.05 31.74
N ALA W 61 32.24 38.44 30.56
CA ALA W 61 31.54 38.11 29.32
C ALA W 61 31.71 36.67 28.89
N THR W 62 32.59 35.92 29.55
CA THR W 62 32.83 34.52 29.22
C THR W 62 31.80 33.58 29.85
N GLY W 63 30.81 34.11 30.56
CA GLY W 63 29.82 33.30 31.24
C GLY W 63 28.55 33.12 30.43
N PHE W 64 27.48 32.78 31.13
CA PHE W 64 26.22 32.49 30.46
C PHE W 64 25.52 33.74 29.96
N LEU W 65 25.52 34.81 30.75
CA LEU W 65 24.85 36.04 30.34
C LEU W 65 25.69 36.85 29.37
N GLY W 66 27.01 36.86 29.60
CA GLY W 66 27.90 37.66 28.77
C GLY W 66 28.02 37.15 27.36
N ARG W 67 27.86 35.83 27.18
CA ARG W 67 27.78 35.20 25.87
C ARG W 67 26.70 35.84 24.99
N TYR W 68 25.47 35.83 25.47
CA TYR W 68 24.36 36.39 24.69
C TYR W 68 24.38 37.92 24.69
N LEU W 69 24.98 38.54 25.70
CA LEU W 69 25.10 40.00 25.68
C LEU W 69 26.07 40.47 24.60
N VAL W 70 27.24 39.83 24.50
CA VAL W 70 28.18 40.15 23.43
C VAL W 70 27.60 39.74 22.07
N ASN W 71 26.77 38.69 22.04
CA ASN W 71 26.05 38.32 20.81
C ASN W 71 25.15 39.45 20.33
N HIS W 72 24.31 39.97 21.20
CA HIS W 72 23.39 41.04 20.81
C HIS W 72 24.07 42.39 20.64
N LEU W 73 25.20 42.65 21.30
CA LEU W 73 25.89 43.91 21.10
C LEU W 73 26.69 43.90 19.80
N GLY W 74 27.40 42.81 19.51
CA GLY W 74 28.24 42.76 18.34
C GLY W 74 27.51 42.66 17.03
N ARG W 75 26.25 42.24 17.06
CA ARG W 75 25.46 42.26 15.84
C ARG W 75 24.91 43.64 15.51
N MET W 76 25.08 44.61 16.41
CA MET W 76 24.82 46.01 16.09
C MET W 76 26.07 46.74 15.60
N GLY W 77 27.25 46.16 15.79
CA GLY W 77 28.48 46.83 15.44
C GLY W 77 28.98 47.68 16.57
N SER W 78 29.11 47.09 17.75
CA SER W 78 29.58 47.78 18.93
C SER W 78 31.02 47.38 19.24
N GLN W 79 31.82 48.35 19.65
CA GLN W 79 33.14 48.05 20.21
C GLN W 79 32.92 47.38 21.56
N VAL W 80 33.30 46.11 21.66
CA VAL W 80 33.08 45.35 22.88
C VAL W 80 34.44 44.97 23.41
N ILE W 81 34.81 45.55 24.56
CA ILE W 81 36.01 45.13 25.27
C ILE W 81 35.61 43.99 26.19
N VAL W 82 36.26 42.84 26.02
CA VAL W 82 36.03 41.68 26.86
C VAL W 82 37.27 41.47 27.73
N PRO W 83 37.22 41.86 29.00
CA PRO W 83 38.28 41.44 29.93
C PRO W 83 37.99 40.03 30.42
N TYR W 84 38.89 39.11 30.13
CA TYR W 84 38.74 37.72 30.50
C TYR W 84 39.76 37.34 31.55
N ARG W 85 39.35 36.48 32.47
CA ARG W 85 40.23 35.92 33.49
C ARG W 85 40.71 34.53 33.12
N CYS W 86 39.88 33.77 32.41
CA CYS W 86 40.10 32.35 32.18
C CYS W 86 41.10 32.13 31.04
N GLU W 87 41.16 30.89 30.58
CA GLU W 87 41.94 30.55 29.40
C GLU W 87 41.36 31.27 28.18
N PRO W 88 42.20 31.76 27.26
CA PRO W 88 41.67 32.38 26.04
C PRO W 88 40.88 31.43 25.15
N TYR W 89 41.11 30.12 25.25
CA TYR W 89 40.32 29.15 24.49
C TYR W 89 38.85 29.20 24.89
N ASP W 90 38.58 29.40 26.18
CA ASP W 90 37.21 29.61 26.65
C ASP W 90 36.62 30.95 26.24
N THR W 91 37.34 31.77 25.46
CA THR W 91 36.77 32.95 24.85
C THR W 91 36.60 32.82 23.34
N MET W 92 36.89 31.63 22.78
CA MET W 92 36.87 31.46 21.32
C MET W 92 35.48 31.70 20.74
N HIS W 93 34.43 31.27 21.44
CA HIS W 93 33.07 31.49 20.98
C HIS W 93 32.66 32.96 20.99
N LEU W 94 33.44 33.84 21.62
CA LEU W 94 33.14 35.26 21.54
C LEU W 94 33.68 35.89 20.27
N ARG W 95 34.52 35.21 19.51
CA ARG W 95 35.13 35.85 18.35
C ARG W 95 34.23 36.01 17.12
N PRO W 96 33.37 35.07 16.71
CA PRO W 96 32.48 35.36 15.58
C PRO W 96 31.33 36.30 15.89
N MET W 97 31.21 36.80 17.12
CA MET W 97 30.05 37.57 17.53
C MET W 97 30.05 39.01 17.04
N GLY W 98 31.09 39.44 16.33
CA GLY W 98 31.08 40.79 15.78
C GLY W 98 32.06 40.94 14.65
N ASP W 99 32.03 42.12 14.05
CA ASP W 99 32.86 42.45 12.89
C ASP W 99 34.33 42.56 13.34
N LEU W 100 35.23 42.73 12.37
CA LEU W 100 36.65 42.83 12.67
C LEU W 100 36.98 44.10 13.45
N GLY W 101 37.71 43.93 14.54
CA GLY W 101 38.04 45.04 15.40
C GLY W 101 36.90 45.53 16.25
N GLN W 102 35.87 44.72 16.44
CA GLN W 102 34.75 45.09 17.30
C GLN W 102 34.78 44.38 18.64
N ILE W 103 35.63 43.38 18.82
CA ILE W 103 35.83 42.76 20.12
C ILE W 103 37.32 42.80 20.43
N ILE W 104 37.66 43.31 21.61
CA ILE W 104 39.04 43.42 22.07
C ILE W 104 39.16 42.61 23.35
N PHE W 105 39.88 41.51 23.29
CA PHE W 105 40.07 40.64 24.44
C PHE W 105 41.29 41.11 25.22
N MET W 106 41.17 41.15 26.56
CA MET W 106 42.33 41.53 27.36
C MET W 106 42.27 40.87 28.74
N ASP W 107 43.44 40.61 29.29
CA ASP W 107 43.54 40.04 30.63
C ASP W 107 43.12 41.05 31.69
N TRP W 108 42.75 40.52 32.85
CA TRP W 108 42.54 41.31 34.06
C TRP W 108 42.62 40.38 35.26
N ASN W 109 42.81 40.97 36.42
CA ASN W 109 42.78 40.26 37.68
C ASN W 109 41.68 40.91 38.53
N GLY W 110 41.05 40.10 39.39
CA GLY W 110 39.96 40.62 40.19
C GLY W 110 40.38 41.60 41.25
N ARG W 111 41.59 41.43 41.78
CA ARG W 111 42.14 42.32 42.80
C ARG W 111 43.12 43.33 42.23
N ASP W 112 42.89 43.77 40.99
CA ASP W 112 43.81 44.65 40.29
C ASP W 112 43.03 45.83 39.75
N LYS W 113 43.17 46.99 40.39
CA LYS W 113 42.56 48.21 39.88
C LYS W 113 43.30 48.75 38.66
N ASP W 114 44.56 48.35 38.46
CA ASP W 114 45.30 48.80 37.29
C ASP W 114 44.74 48.17 36.02
N SER W 115 44.36 46.90 36.07
CA SER W 115 43.78 46.25 34.90
C SER W 115 42.40 46.81 34.58
N ILE W 116 41.64 47.17 35.61
CA ILE W 116 40.32 47.76 35.38
C ILE W 116 40.47 49.17 34.81
N ARG W 117 41.49 49.92 35.26
CA ARG W 117 41.75 51.22 34.66
C ARG W 117 42.26 51.09 33.24
N ARG W 118 43.00 50.02 32.95
CA ARG W 118 43.46 49.74 31.60
C ARG W 118 42.32 49.32 30.69
N ALA W 119 41.24 48.76 31.24
CA ALA W 119 40.11 48.34 30.42
C ALA W 119 39.04 49.42 30.23
N VAL W 120 38.54 50.03 31.31
CA VAL W 120 37.32 50.82 31.23
C VAL W 120 37.55 52.25 30.76
N GLU W 121 38.79 52.63 30.48
CA GLU W 121 39.11 54.04 30.26
C GLU W 121 38.61 54.56 28.91
N HIS W 122 38.28 53.68 27.97
CA HIS W 122 37.84 54.12 26.65
C HIS W 122 36.35 53.91 26.42
N SER W 123 35.68 53.17 27.30
CA SER W 123 34.30 52.78 27.09
C SER W 123 33.34 53.90 27.45
N ASN W 124 32.16 53.86 26.84
CA ASN W 124 31.05 54.68 27.28
C ASN W 124 29.97 53.88 27.98
N VAL W 125 30.14 52.57 28.11
CA VAL W 125 29.27 51.77 28.99
C VAL W 125 30.09 50.61 29.54
N VAL W 126 29.86 50.29 30.82
CA VAL W 126 30.48 49.15 31.48
C VAL W 126 29.36 48.30 32.08
N ILE W 127 29.29 47.04 31.67
CA ILE W 127 28.29 46.11 32.17
C ILE W 127 29.01 45.03 32.97
N ASN W 128 28.64 44.87 34.23
CA ASN W 128 29.27 43.90 35.11
C ASN W 128 28.41 42.64 35.19
N LEU W 129 29.05 41.48 35.09
CA LEU W 129 28.37 40.19 35.10
C LEU W 129 29.16 39.15 35.90
N VAL W 130 30.06 39.59 36.77
CA VAL W 130 30.92 38.67 37.51
C VAL W 130 30.11 38.01 38.62
N GLY W 131 29.97 36.70 38.55
CA GLY W 131 29.24 35.97 39.57
C GLY W 131 29.67 34.52 39.63
N ARG W 132 29.32 33.88 40.74
CA ARG W 132 29.61 32.47 40.96
C ARG W 132 28.47 31.85 41.75
N GLU W 133 28.00 30.68 41.32
CA GLU W 133 27.06 29.91 42.12
C GLU W 133 27.71 29.32 43.36
N TRP W 134 29.04 29.21 43.38
CA TRP W 134 29.77 28.57 44.48
C TRP W 134 30.97 29.42 44.87
N GLU W 135 31.36 29.31 46.12
CA GLU W 135 32.56 29.98 46.61
C GLU W 135 33.74 29.03 46.56
N THR W 136 34.92 29.59 46.26
CA THR W 136 36.13 28.82 45.99
C THR W 136 37.18 29.10 47.06
N LYS W 137 38.38 28.56 46.85
CA LYS W 137 39.50 28.88 47.70
C LYS W 137 39.93 30.33 47.54
N ASN W 138 40.03 30.81 46.30
CA ASN W 138 40.54 32.15 46.06
C ASN W 138 39.48 33.22 46.18
N PHE W 139 38.26 32.95 45.70
CA PHE W 139 37.20 33.95 45.62
C PHE W 139 35.95 33.40 46.31
N ASP W 140 35.59 33.99 47.44
CA ASP W 140 34.31 33.70 48.06
C ASP W 140 33.27 34.70 47.56
N PHE W 141 32.11 34.74 48.21
CA PHE W 141 31.03 35.60 47.74
C PHE W 141 31.31 37.06 48.05
N GLU W 142 32.06 37.33 49.13
CA GLU W 142 32.39 38.72 49.46
C GLU W 142 33.38 39.32 48.46
N ASP W 143 34.28 38.49 47.92
CA ASP W 143 35.19 38.98 46.89
C ASP W 143 34.45 39.22 45.58
N VAL W 144 33.62 38.26 45.18
CA VAL W 144 32.98 38.29 43.88
C VAL W 144 31.87 39.34 43.81
N PHE W 145 31.14 39.56 44.91
CA PHE W 145 29.95 40.39 44.87
C PHE W 145 30.10 41.75 45.53
N VAL W 146 30.93 41.87 46.56
CA VAL W 146 31.08 43.11 47.30
C VAL W 146 32.32 43.87 46.86
N LYS W 147 33.46 43.19 46.76
CA LYS W 147 34.73 43.87 46.53
C LYS W 147 34.93 44.21 45.05
N ILE W 148 34.81 43.22 44.19
CA ILE W 148 35.06 43.38 42.75
C ILE W 148 34.08 44.33 42.06
N PRO W 149 32.74 44.26 42.23
CA PRO W 149 31.90 45.26 41.55
C PRO W 149 32.05 46.66 42.10
N GLN W 150 32.37 46.80 43.39
CA GLN W 150 32.65 48.12 43.93
C GLN W 150 33.95 48.68 43.35
N ALA W 151 34.95 47.83 43.14
CA ALA W 151 36.20 48.29 42.53
C ALA W 151 35.98 48.67 41.08
N ILE W 152 35.19 47.87 40.35
CA ILE W 152 34.88 48.16 38.95
C ILE W 152 34.12 49.46 38.82
N ALA W 153 33.13 49.68 39.70
CA ALA W 153 32.35 50.91 39.63
C ALA W 153 33.15 52.13 40.09
N GLN W 154 34.07 51.95 41.05
CA GLN W 154 34.91 53.06 41.47
C GLN W 154 35.87 53.48 40.36
N VAL W 155 36.46 52.50 39.66
CA VAL W 155 37.37 52.81 38.57
C VAL W 155 36.61 53.39 37.38
N SER W 156 35.39 52.89 37.12
CA SER W 156 34.56 53.46 36.06
C SER W 156 34.11 54.88 36.41
N LYS W 157 33.92 55.17 37.69
CA LYS W 157 33.58 56.53 38.09
C LYS W 157 34.76 57.47 37.91
N GLU W 158 35.93 57.10 38.42
CA GLU W 158 37.06 58.02 38.34
C GLU W 158 37.71 58.06 36.96
N ALA W 159 37.23 57.27 36.00
CA ALA W 159 37.65 57.38 34.61
C ALA W 159 36.58 57.99 33.72
N GLY W 160 35.45 58.42 34.30
CA GLY W 160 34.47 59.16 33.53
C GLY W 160 33.55 58.34 32.65
N VAL W 161 33.26 57.10 33.04
CA VAL W 161 32.35 56.26 32.26
C VAL W 161 30.92 56.74 32.50
N GLU W 162 30.15 56.88 31.42
CA GLU W 162 28.82 57.46 31.51
C GLU W 162 27.80 56.50 32.10
N LYS W 163 27.79 55.25 31.64
CA LYS W 163 26.78 54.28 32.03
C LYS W 163 27.44 53.06 32.63
N PHE W 164 26.97 52.67 33.83
CA PHE W 164 27.44 51.46 34.50
C PHE W 164 26.22 50.64 34.88
N ILE W 165 26.19 49.39 34.42
CA ILE W 165 25.07 48.50 34.64
C ILE W 165 25.54 47.33 35.48
N HIS W 166 24.83 47.07 36.57
CA HIS W 166 25.15 46.01 37.50
C HIS W 166 24.00 44.99 37.49
N ILE W 167 24.35 43.72 37.61
CA ILE W 167 23.36 42.64 37.52
C ILE W 167 23.31 41.97 38.90
N SER W 168 22.32 42.33 39.69
CA SER W 168 22.09 41.71 40.98
C SER W 168 21.08 40.57 40.80
N HIS W 169 20.55 40.06 41.90
CA HIS W 169 19.51 39.04 41.88
C HIS W 169 18.28 39.61 42.55
N LEU W 170 17.10 39.16 42.10
CA LEU W 170 15.83 39.71 42.56
C LEU W 170 15.63 39.50 44.06
N ASN W 171 16.13 38.39 44.60
CA ASN W 171 15.97 38.06 46.00
C ASN W 171 17.13 38.54 46.86
N ALA W 172 17.76 39.65 46.48
CA ALA W 172 18.85 40.20 47.27
C ALA W 172 18.31 40.80 48.56
N ASP W 173 18.77 40.26 49.70
CA ASP W 173 18.27 40.65 51.00
C ASP W 173 19.42 40.56 51.99
N ILE W 174 19.55 41.58 52.85
CA ILE W 174 20.55 41.53 53.91
C ILE W 174 20.19 40.44 54.92
N LYS W 175 18.91 40.24 55.17
CA LYS W 175 18.44 39.27 56.14
C LYS W 175 18.20 37.90 55.54
N SER W 176 18.77 37.63 54.36
CA SER W 176 18.48 36.38 53.66
C SER W 176 19.21 35.22 54.31
N SER W 177 18.68 34.02 54.09
CA SER W 177 19.24 32.81 54.65
C SER W 177 20.44 32.28 53.87
N SER W 178 20.74 32.85 52.72
CA SER W 178 21.83 32.41 51.88
C SER W 178 22.92 33.48 51.80
N LYS W 179 24.17 33.03 51.76
CA LYS W 179 25.31 33.93 51.71
C LYS W 179 25.37 34.70 50.39
N TYR W 180 24.97 34.04 49.30
CA TYR W 180 24.90 34.63 47.96
C TYR W 180 24.09 35.91 47.95
N LEU W 181 22.85 35.82 48.44
CA LEU W 181 21.93 36.94 48.34
C LEU W 181 22.31 38.06 49.30
N ARG W 182 22.85 37.71 50.47
CA ARG W 182 23.33 38.73 51.41
C ARG W 182 24.49 39.52 50.82
N ASN W 183 25.52 38.81 50.32
CA ASN W 183 26.65 39.49 49.71
C ASN W 183 26.27 40.23 48.44
N LYS W 184 25.29 39.74 47.70
CA LYS W 184 24.88 40.44 46.50
C LYS W 184 24.08 41.71 46.81
N ALA W 185 23.30 41.70 47.90
CA ALA W 185 22.62 42.93 48.30
C ALA W 185 23.60 43.95 48.86
N VAL W 186 24.62 43.50 49.60
CA VAL W 186 25.67 44.39 50.07
C VAL W 186 26.44 45.00 48.90
N GLY W 187 26.76 44.19 47.89
CA GLY W 187 27.44 44.70 46.72
C GLY W 187 26.58 45.62 45.87
N GLU W 188 25.27 45.36 45.82
CA GLU W 188 24.34 46.26 45.15
C GLU W 188 24.31 47.62 45.84
N LYS W 189 24.24 47.61 47.18
CA LYS W 189 24.30 48.85 47.96
C LYS W 189 25.59 49.60 47.70
N GLU W 190 26.71 48.90 47.61
CA GLU W 190 27.98 49.58 47.41
C GLU W 190 28.13 50.12 45.99
N VAL W 191 27.64 49.37 44.99
CA VAL W 191 27.62 49.85 43.61
C VAL W 191 26.75 51.11 43.48
N ARG W 192 25.63 51.13 44.21
CA ARG W 192 24.81 52.34 44.22
C ARG W 192 25.52 53.50 44.91
N GLU W 193 26.19 53.25 46.03
CA GLU W 193 26.79 54.37 46.77
C GLU W 193 28.14 54.80 46.24
N THR W 194 28.73 54.09 45.26
CA THR W 194 29.92 54.60 44.60
C THR W 194 29.68 54.97 43.14
N PHE W 195 28.51 54.68 42.59
CA PHE W 195 28.14 55.11 41.24
C PHE W 195 26.70 55.56 41.34
N PRO W 196 26.42 56.86 41.33
CA PRO W 196 25.05 57.33 41.53
C PRO W 196 24.10 57.02 40.38
N GLU W 197 24.59 56.92 39.15
CA GLU W 197 23.75 56.62 37.99
C GLU W 197 23.82 55.16 37.59
N ALA W 198 24.01 54.27 38.54
CA ALA W 198 24.14 52.85 38.23
C ALA W 198 22.77 52.25 37.92
N THR W 199 22.69 51.56 36.79
CA THR W 199 21.49 50.83 36.42
C THR W 199 21.63 49.41 36.94
N ILE W 200 20.92 49.12 38.02
CA ILE W 200 20.99 47.82 38.67
C ILE W 200 19.79 47.00 38.23
N ILE W 201 20.03 45.78 37.80
CA ILE W 201 19.03 44.95 37.15
C ILE W 201 18.86 43.68 37.97
N LYS W 202 17.61 43.33 38.25
CA LYS W 202 17.25 42.17 39.07
C LYS W 202 16.58 41.10 38.22
N PRO W 203 17.31 40.15 37.67
CA PRO W 203 16.65 38.97 37.11
C PRO W 203 16.25 38.02 38.22
N ALA W 204 15.13 37.34 38.01
CA ALA W 204 14.67 36.39 39.01
C ALA W 204 15.40 35.06 38.87
N ASP W 205 15.18 34.38 37.75
CA ASP W 205 15.73 33.05 37.50
C ASP W 205 15.91 32.94 35.99
N ILE W 206 17.15 32.94 35.54
CA ILE W 206 17.44 33.02 34.12
C ILE W 206 17.55 31.62 33.55
N PHE W 207 16.84 31.36 32.46
CA PHE W 207 16.94 30.07 31.78
C PHE W 207 17.36 30.26 30.33
N GLY W 208 18.12 29.30 29.85
CA GLY W 208 18.58 29.31 28.48
C GLY W 208 19.18 27.96 28.15
N ARG W 209 19.94 27.90 27.05
CA ARG W 209 20.55 26.63 26.67
C ARG W 209 21.66 26.23 27.63
N GLU W 210 22.38 27.20 28.18
CA GLU W 210 23.49 26.91 29.08
C GLU W 210 23.22 27.40 30.49
N ASP W 211 21.95 27.37 30.92
CA ASP W 211 21.60 27.84 32.26
C ASP W 211 22.01 26.81 33.32
N ARG W 212 21.81 27.19 34.57
CA ARG W 212 21.87 26.28 35.70
C ARG W 212 20.60 26.36 36.50
N PHE W 213 19.48 26.58 35.80
CA PHE W 213 18.15 26.60 36.39
C PHE W 213 17.29 25.47 35.84
N LEU W 214 17.11 25.39 34.52
CA LEU W 214 16.41 24.25 33.95
C LEU W 214 17.34 23.07 33.77
N ASN W 215 18.62 23.33 33.50
CA ASN W 215 19.60 22.26 33.43
C ASN W 215 19.99 21.75 34.80
N TYR W 216 19.76 22.53 35.85
CA TYR W 216 19.89 21.97 37.20
C TYR W 216 18.77 20.99 37.48
N PHE W 217 17.55 21.34 37.09
CA PHE W 217 16.39 20.48 37.31
C PHE W 217 16.46 19.23 36.44
N ALA W 218 16.95 19.35 35.21
CA ALA W 218 16.93 18.24 34.28
C ALA W 218 18.07 17.25 34.49
N ASN W 219 19.17 17.67 35.10
CA ASN W 219 20.30 16.78 35.35
C ASN W 219 20.29 16.18 36.74
N ILE W 220 19.16 16.19 37.42
CA ILE W 220 18.96 15.37 38.61
C ILE W 220 17.84 14.39 38.30
N ARG W 221 18.20 13.28 37.69
CA ARG W 221 17.30 12.18 37.39
C ARG W 221 17.85 10.85 37.88
N TRP W 222 19.15 10.63 37.73
CA TRP W 222 19.78 9.39 38.16
C TRP W 222 20.29 9.45 39.59
N PHE W 223 19.95 10.50 40.32
CA PHE W 223 20.36 10.62 41.72
C PHE W 223 19.34 10.02 42.67
N GLY W 224 18.10 9.84 42.25
CA GLY W 224 17.14 9.15 43.10
C GLY W 224 15.73 9.66 43.11
N GLY W 225 15.43 10.72 42.37
CA GLY W 225 14.06 11.22 42.41
C GLY W 225 13.79 12.64 42.89
N VAL W 226 14.69 13.58 42.55
CA VAL W 226 14.55 15.04 42.68
C VAL W 226 14.04 15.50 44.05
N PRO W 227 14.90 15.51 45.07
CA PRO W 227 14.44 15.84 46.42
C PRO W 227 14.13 17.33 46.59
N LEU W 228 13.10 17.61 47.38
CA LEU W 228 12.60 18.97 47.60
C LEU W 228 12.23 19.11 49.07
N ILE W 229 12.01 20.35 49.51
CA ILE W 229 11.48 20.64 50.84
C ILE W 229 9.98 20.83 50.73
N SER W 230 9.22 20.02 51.49
CA SER W 230 7.76 20.02 51.51
C SER W 230 7.18 19.80 50.11
N LEU W 231 7.85 18.90 49.36
CA LEU W 231 7.61 18.61 47.94
C LEU W 231 7.74 19.84 47.04
N GLY W 232 8.43 20.88 47.50
CA GLY W 232 8.66 22.07 46.70
C GLY W 232 7.41 22.82 46.30
N LYS W 233 6.40 22.87 47.16
CA LYS W 233 5.16 23.56 46.84
C LYS W 233 4.89 24.73 47.77
N LYS W 234 5.87 25.16 48.54
CA LYS W 234 5.73 26.32 49.41
C LYS W 234 6.53 27.51 48.90
N THR W 235 7.21 27.38 47.77
CA THR W 235 7.99 28.45 47.16
C THR W 235 7.49 28.74 45.75
N VAL W 236 7.43 30.02 45.41
CA VAL W 236 6.79 30.50 44.18
C VAL W 236 7.84 31.21 43.35
N LYS W 237 7.94 30.85 42.07
CA LYS W 237 8.95 31.42 41.19
C LYS W 237 8.33 31.97 39.92
N GLN W 238 9.02 32.93 39.33
CA GLN W 238 8.75 33.39 37.96
C GLN W 238 10.06 33.53 37.21
N PRO W 239 10.45 32.53 36.42
CA PRO W 239 11.72 32.61 35.71
C PRO W 239 11.63 33.55 34.51
N VAL W 240 12.78 34.08 34.12
CA VAL W 240 12.89 35.05 33.02
C VAL W 240 13.84 34.47 31.97
N TYR W 241 13.56 34.74 30.70
CA TYR W 241 14.33 34.20 29.61
C TYR W 241 15.49 35.14 29.26
N ILE W 242 16.61 34.54 28.85
CA ILE W 242 17.87 35.26 28.75
C ILE W 242 17.88 36.23 27.57
N VAL W 243 17.14 35.97 26.50
CA VAL W 243 17.04 36.93 25.42
C VAL W 243 16.25 38.16 25.85
N ASP W 244 15.25 37.99 26.70
CA ASP W 244 14.53 39.14 27.24
C ASP W 244 15.41 39.94 28.19
N VAL W 245 16.22 39.26 29.01
CA VAL W 245 17.17 39.92 29.89
C VAL W 245 18.20 40.72 29.09
N THR W 246 18.69 40.13 27.99
CA THR W 246 19.67 40.80 27.16
C THR W 246 19.08 42.00 26.44
N LYS W 247 17.85 41.86 25.92
CA LYS W 247 17.18 42.99 25.30
C LYS W 247 16.90 44.09 26.31
N GLY W 248 16.61 43.73 27.56
CA GLY W 248 16.41 44.74 28.59
C GLY W 248 17.69 45.47 28.95
N ILE W 249 18.81 44.74 29.03
CA ILE W 249 20.10 45.36 29.32
C ILE W 249 20.51 46.31 28.20
N ILE W 250 20.30 45.91 26.95
CA ILE W 250 20.73 46.75 25.85
C ILE W 250 19.78 47.92 25.61
N ASN W 251 18.48 47.72 25.85
CA ASN W 251 17.58 48.86 25.78
C ASN W 251 17.75 49.77 27.00
N ALA W 252 18.39 49.29 28.07
CA ALA W 252 18.82 50.18 29.14
C ALA W 252 20.12 50.89 28.80
N ILE W 253 20.96 50.28 27.98
CA ILE W 253 22.13 50.97 27.43
C ILE W 253 21.68 52.14 26.57
N LYS W 254 20.69 51.90 25.70
CA LYS W 254 20.25 52.94 24.79
C LYS W 254 19.20 53.87 25.37
N ASP W 255 18.81 53.70 26.63
CA ASP W 255 17.86 54.61 27.26
C ASP W 255 18.61 55.56 28.18
N PRO W 256 18.56 56.87 27.94
CA PRO W 256 19.10 57.82 28.93
C PRO W 256 18.24 57.92 30.18
N ASP W 257 16.97 57.51 30.11
CA ASP W 257 16.08 57.53 31.26
C ASP W 257 16.25 56.35 32.19
N ALA W 258 17.20 55.46 31.92
CA ALA W 258 17.52 54.35 32.81
C ALA W 258 18.69 54.65 33.73
N ARG W 259 19.14 55.91 33.76
CA ARG W 259 20.27 56.28 34.61
C ARG W 259 19.79 56.46 36.04
N GLY W 260 20.39 55.72 36.96
CA GLY W 260 19.98 55.73 38.34
C GLY W 260 18.82 54.83 38.68
N LYS W 261 18.12 54.28 37.68
CA LYS W 261 16.98 53.41 37.92
C LYS W 261 17.45 52.05 38.43
N THR W 262 16.50 51.27 38.91
CA THR W 262 16.74 49.91 39.37
C THR W 262 15.65 49.03 38.80
N PHE W 263 16.04 48.06 37.96
CA PHE W 263 15.09 47.26 37.22
C PHE W 263 14.98 45.86 37.81
N ALA W 264 13.82 45.24 37.60
CA ALA W 264 13.53 43.90 38.11
C ALA W 264 12.95 43.06 36.98
N PHE W 265 13.79 42.28 36.31
CA PHE W 265 13.38 41.55 35.12
C PHE W 265 12.77 40.23 35.55
N VAL W 266 11.45 40.12 35.40
CA VAL W 266 10.72 38.91 35.79
C VAL W 266 9.91 38.42 34.60
N GLY W 267 9.51 37.16 34.67
CA GLY W 267 8.74 36.55 33.62
C GLY W 267 7.30 36.96 33.66
N PRO W 268 6.55 36.55 32.64
CA PRO W 268 5.13 36.93 32.57
C PRO W 268 4.22 36.08 33.45
N ASN W 269 4.69 34.94 33.94
CA ASN W 269 3.85 34.01 34.68
C ASN W 269 4.59 33.49 35.89
N ARG W 270 3.89 33.36 37.01
CA ARG W 270 4.46 32.89 38.25
C ARG W 270 4.04 31.44 38.50
N TYR W 271 5.03 30.59 38.76
CA TYR W 271 4.78 29.18 39.01
C TYR W 271 5.12 28.85 40.46
N LEU W 272 4.57 27.73 40.95
CA LEU W 272 5.19 27.11 42.10
C LEU W 272 6.48 26.43 41.68
N LEU W 273 7.21 25.89 42.65
CA LEU W 273 8.40 25.15 42.27
C LEU W 273 8.05 23.72 41.86
N PHE W 274 7.05 23.11 42.50
CA PHE W 274 6.71 21.72 42.22
C PHE W 274 6.17 21.52 40.82
N ASP W 275 5.21 22.37 40.40
CA ASP W 275 4.70 22.22 39.04
C ASP W 275 5.69 22.73 38.00
N LEU W 276 6.64 23.57 38.41
CA LEU W 276 7.75 23.92 37.54
C LEU W 276 8.63 22.71 37.26
N VAL W 277 8.98 21.96 38.29
CA VAL W 277 9.81 20.76 38.09
C VAL W 277 9.02 19.67 37.37
N GLN W 278 7.71 19.59 37.64
CA GLN W 278 6.78 18.80 36.82
C GLN W 278 6.91 19.13 35.34
N TYR W 279 6.84 20.42 35.01
CA TYR W 279 6.90 20.85 33.62
C TYR W 279 8.27 20.62 33.01
N VAL W 280 9.32 20.74 33.82
CA VAL W 280 10.69 20.50 33.31
C VAL W 280 10.87 19.03 32.96
N PHE W 281 10.48 18.13 33.86
CA PHE W 281 10.58 16.70 33.54
C PHE W 281 9.54 16.25 32.54
N ALA W 282 8.47 17.01 32.35
CA ALA W 282 7.47 16.66 31.35
C ALA W 282 7.83 17.12 29.97
N VAL W 283 8.57 18.24 29.84
CA VAL W 283 9.12 18.59 28.54
C VAL W 283 10.27 17.66 28.18
N ALA W 284 11.09 17.30 29.15
CA ALA W 284 12.19 16.37 28.92
C ALA W 284 11.74 14.92 28.77
N HIS W 285 10.45 14.63 28.99
CA HIS W 285 9.83 13.30 28.81
C HIS W 285 10.51 12.25 29.68
N ARG W 286 10.61 12.57 30.96
CA ARG W 286 11.34 11.82 31.97
C ARG W 286 10.40 11.33 33.05
N PRO W 287 10.73 10.23 33.73
CA PRO W 287 9.92 9.80 34.86
C PRO W 287 10.10 10.76 36.03
N PHE W 288 9.00 10.94 36.77
CA PHE W 288 8.95 11.94 37.83
C PHE W 288 8.45 11.26 39.11
N LEU W 289 9.36 10.97 40.03
CA LEU W 289 9.02 10.33 41.30
C LEU W 289 9.63 11.17 42.41
N PRO W 290 8.90 12.18 42.89
CA PRO W 290 9.45 13.07 43.91
C PRO W 290 9.34 12.47 45.30
N TYR W 291 10.06 13.10 46.24
CA TYR W 291 9.99 12.74 47.65
C TYR W 291 10.44 13.96 48.43
N PRO W 292 9.85 14.23 49.59
CA PRO W 292 10.30 15.39 50.38
C PRO W 292 11.63 15.10 51.06
N MET W 293 12.42 16.15 51.25
CA MET W 293 13.71 16.04 51.91
C MET W 293 13.86 17.22 52.87
N PRO W 294 13.71 17.02 54.18
CA PRO W 294 13.72 18.14 55.13
C PRO W 294 15.11 18.64 55.49
N HIS W 295 15.17 19.52 56.48
CA HIS W 295 16.39 20.17 56.97
C HIS W 295 17.44 19.19 57.48
N PHE W 296 17.03 17.98 57.87
CA PHE W 296 17.86 17.10 58.70
C PHE W 296 19.12 16.64 57.98
N ALA W 297 19.07 16.47 56.65
CA ALA W 297 20.27 16.12 55.91
C ALA W 297 20.42 16.79 54.56
N TYR W 298 19.50 17.67 54.16
CA TYR W 298 19.59 18.29 52.85
C TYR W 298 20.42 19.57 52.86
N ARG W 299 20.85 20.02 54.03
CA ARG W 299 21.96 20.96 54.13
C ARG W 299 23.29 20.23 54.23
N TRP W 300 23.27 18.96 54.64
CA TRP W 300 24.46 18.13 54.69
C TRP W 300 24.79 17.47 53.35
N ILE W 301 23.86 17.47 52.38
CA ILE W 301 24.26 17.03 51.04
C ILE W 301 25.09 18.07 50.33
N GLY W 302 25.11 19.31 50.83
CA GLY W 302 26.09 20.29 50.44
C GLY W 302 27.50 19.80 50.70
N ARG W 303 27.87 19.60 51.97
CA ARG W 303 29.18 19.08 52.31
C ARG W 303 29.39 17.63 51.87
N LEU W 304 28.34 16.93 51.48
CA LEU W 304 28.52 15.65 50.79
C LEU W 304 28.87 15.85 49.32
N PHE W 305 28.45 16.96 48.70
CA PHE W 305 28.65 17.16 47.27
C PHE W 305 29.38 18.47 46.97
N GLU W 306 30.44 18.77 47.72
CA GLU W 306 31.55 19.56 47.19
C GLU W 306 32.88 19.00 47.70
N ILE W 307 32.92 17.68 47.92
CA ILE W 307 34.08 17.02 48.51
C ILE W 307 35.31 17.03 47.59
N SER W 308 35.12 17.26 46.29
CA SER W 308 36.18 17.36 45.31
C SER W 308 36.39 18.81 44.89
N PRO W 309 37.60 19.21 44.45
CA PRO W 309 37.84 20.63 44.13
C PRO W 309 37.34 21.05 42.76
N PHE W 310 36.47 20.25 42.14
CA PHE W 310 35.88 20.59 40.86
C PHE W 310 34.69 21.53 41.06
N GLU W 311 33.90 21.72 40.01
CA GLU W 311 32.62 22.39 40.15
C GLU W 311 31.66 21.51 40.95
N PRO W 312 31.11 21.99 42.07
CA PRO W 312 30.12 21.20 42.79
C PRO W 312 28.83 21.10 42.01
N TRP W 313 28.27 19.88 41.97
CA TRP W 313 27.04 19.66 41.23
C TRP W 313 25.86 20.38 41.90
N THR W 314 25.82 20.34 43.22
CA THR W 314 24.91 21.17 43.98
C THR W 314 25.60 21.56 45.29
N THR W 315 25.17 22.69 45.84
CA THR W 315 25.73 23.21 47.07
C THR W 315 24.59 23.70 47.95
N ARG W 316 24.91 23.97 49.22
CA ARG W 316 23.87 24.33 50.18
C ARG W 316 23.33 25.73 49.92
N ASP W 317 24.13 26.60 49.32
CA ASP W 317 23.62 27.90 48.90
C ASP W 317 22.62 27.76 47.77
N LYS W 318 22.91 26.87 46.81
CA LYS W 318 21.96 26.57 45.75
C LYS W 318 20.71 25.92 46.32
N VAL W 319 20.85 25.14 47.39
CA VAL W 319 19.70 24.56 48.08
C VAL W 319 18.84 25.67 48.68
N GLU W 320 19.47 26.64 49.35
CA GLU W 320 18.72 27.72 49.96
C GLU W 320 18.11 28.66 48.92
N ARG W 321 18.66 28.71 47.71
CA ARG W 321 18.13 29.61 46.69
C ARG W 321 17.09 28.97 45.78
N ILE W 322 17.15 27.64 45.56
CA ILE W 322 16.08 26.97 44.84
C ILE W 322 14.78 27.01 45.65
N HIS W 323 14.88 26.91 46.97
CA HIS W 323 13.70 26.91 47.81
C HIS W 323 13.39 28.29 48.37
N THR W 324 13.88 29.35 47.72
CA THR W 324 13.56 30.73 48.07
C THR W 324 12.63 31.29 47.02
N THR W 325 11.49 31.81 47.45
CA THR W 325 10.51 32.33 46.51
C THR W 325 10.97 33.67 45.92
N ASP W 326 10.49 33.94 44.71
CA ASP W 326 10.77 35.21 44.06
C ASP W 326 9.84 36.28 44.62
N ARG W 327 10.43 37.36 45.12
CA ARG W 327 9.62 38.46 45.63
C ARG W 327 9.00 39.23 44.48
N THR W 328 7.88 39.88 44.76
CA THR W 328 7.18 40.72 43.80
C THR W 328 7.37 42.17 44.21
N LEU W 329 8.04 42.94 43.36
CA LEU W 329 8.32 44.36 43.61
C LEU W 329 7.60 45.18 42.55
N PRO W 330 6.41 45.67 42.84
CA PRO W 330 5.69 46.47 41.83
C PRO W 330 6.30 47.84 41.60
N HIS W 331 7.06 48.36 42.57
CA HIS W 331 7.63 49.69 42.43
C HIS W 331 8.81 49.70 41.48
N LEU W 332 9.58 48.61 41.43
CA LEU W 332 10.68 48.60 40.47
C LEU W 332 10.16 48.30 39.07
N PRO W 333 10.66 49.01 38.06
CA PRO W 333 10.29 48.68 36.67
C PRO W 333 10.90 47.37 36.22
N GLY W 334 10.34 46.82 35.14
CA GLY W 334 10.70 45.51 34.66
C GLY W 334 11.03 45.52 33.19
N LEU W 335 10.74 44.39 32.53
CA LEU W 335 10.99 44.26 31.11
C LEU W 335 10.02 45.11 30.29
N GLU W 336 8.74 45.11 30.65
CA GLU W 336 7.74 45.83 29.88
C GLU W 336 7.87 47.34 30.02
N ASP W 337 8.54 47.81 31.08
CA ASP W 337 8.84 49.22 31.21
C ASP W 337 10.07 49.64 30.41
N LEU W 338 10.76 48.69 29.79
CA LEU W 338 11.80 48.98 28.82
C LEU W 338 11.39 48.62 27.41
N GLY W 339 10.15 48.17 27.22
CA GLY W 339 9.69 47.77 25.89
C GLY W 339 10.18 46.42 25.45
N VAL W 340 10.40 45.50 26.39
CA VAL W 340 10.84 44.14 26.08
C VAL W 340 9.75 43.18 26.49
N GLN W 341 9.23 42.42 25.52
CA GLN W 341 8.14 41.50 25.77
C GLN W 341 8.65 40.26 26.46
N ALA W 342 8.15 40.00 27.67
CA ALA W 342 8.61 38.85 28.45
C ALA W 342 8.08 37.57 27.83
N THR W 343 8.99 36.72 27.37
CA THR W 343 8.64 35.46 26.71
C THR W 343 8.41 34.37 27.76
N PRO W 344 7.32 33.64 27.71
CA PRO W 344 7.04 32.61 28.72
C PRO W 344 7.95 31.40 28.56
N LEU W 345 7.80 30.47 29.52
CA LEU W 345 8.57 29.24 29.49
C LEU W 345 8.01 28.24 28.50
N GLU W 346 6.71 28.31 28.18
CA GLU W 346 6.08 27.37 27.27
C GLU W 346 6.47 27.57 25.81
N LEU W 347 7.30 28.56 25.50
CA LEU W 347 7.80 28.74 24.15
C LEU W 347 9.25 28.31 24.00
N LYS W 348 10.02 28.28 25.09
CA LYS W 348 11.45 28.06 25.04
C LYS W 348 11.92 26.87 25.87
N ALA W 349 11.03 26.24 26.63
CA ALA W 349 11.42 25.08 27.43
C ALA W 349 11.75 23.89 26.55
N ILE W 350 11.10 23.76 25.40
CA ILE W 350 11.46 22.73 24.44
C ILE W 350 12.86 22.96 23.89
N GLU W 351 13.21 24.22 23.65
CA GLU W 351 14.52 24.59 23.14
C GLU W 351 15.61 24.35 24.16
N VAL W 352 15.28 24.52 25.45
CA VAL W 352 16.26 24.23 26.48
C VAL W 352 16.39 22.72 26.71
N LEU W 353 15.27 22.00 26.76
CA LEU W 353 15.20 20.67 27.31
C LEU W 353 15.11 19.57 26.26
N ARG W 354 15.29 19.87 24.98
CA ARG W 354 15.38 18.80 23.99
C ARG W 354 16.69 18.02 24.12
N ARG W 355 17.71 18.61 24.78
CA ARG W 355 19.00 17.98 24.93
C ARG W 355 18.95 16.75 25.84
N HIS W 356 17.96 16.66 26.73
CA HIS W 356 17.92 15.62 27.76
C HIS W 356 17.03 14.43 27.39
N ARG W 357 16.28 14.51 26.31
CA ARG W 357 15.47 13.39 25.85
C ARG W 357 16.38 12.31 25.26
N THR W 358 16.12 11.04 25.61
CA THR W 358 17.09 10.00 25.28
C THR W 358 17.20 9.68 23.79
N TYR W 359 16.30 8.86 23.25
CA TYR W 359 16.05 8.84 21.82
C TYR W 359 14.58 8.55 21.56
N ARG W 360 13.96 7.82 22.48
CA ARG W 360 12.61 7.32 22.27
C ARG W 360 11.56 8.41 22.35
N TRP W 361 11.91 9.61 22.82
CA TRP W 361 11.02 10.75 22.65
C TRP W 361 11.78 12.01 22.26
N LEU W 362 12.87 11.88 21.50
CA LEU W 362 13.51 13.07 20.94
C LEU W 362 12.62 13.75 19.91
N SER W 363 12.25 13.03 18.85
CA SER W 363 11.36 13.55 17.83
C SER W 363 9.94 13.53 18.39
N SER W 364 9.62 14.58 19.14
CA SER W 364 8.28 14.82 19.66
C SER W 364 7.87 16.25 19.29
N GLU W 365 6.78 16.71 19.88
CA GLU W 365 6.26 18.02 19.54
C GLU W 365 6.15 18.90 20.77
N ILE W 366 5.98 20.20 20.51
CA ILE W 366 5.69 21.17 21.57
C ILE W 366 4.24 21.09 22.02
N GLU W 367 3.37 20.48 21.22
CA GLU W 367 1.96 20.29 21.56
C GLU W 367 1.72 18.99 22.32
N ASP W 368 2.73 18.48 23.02
CA ASP W 368 2.63 17.25 23.80
C ASP W 368 2.33 17.54 25.27
N VAL W 369 2.95 18.58 25.82
CA VAL W 369 2.95 18.82 27.25
C VAL W 369 1.85 19.81 27.61
N GLN W 370 0.99 19.42 28.53
CA GLN W 370 0.05 20.38 29.12
C GLN W 370 0.84 21.33 30.00
N PRO W 371 0.63 22.64 29.88
CA PRO W 371 1.49 23.61 30.56
C PRO W 371 1.31 23.61 32.08
N ALA W 372 2.33 24.11 32.76
CA ALA W 372 2.30 24.19 34.21
C ALA W 372 1.33 25.27 34.67
N LYS W 373 0.64 25.01 35.77
CA LYS W 373 -0.37 25.95 36.26
C LYS W 373 0.29 27.17 36.88
N THR W 374 -0.23 28.34 36.54
CA THR W 374 0.24 29.56 37.17
C THR W 374 -0.39 29.73 38.54
N VAL W 375 0.10 30.71 39.29
CA VAL W 375 -0.49 31.00 40.59
C VAL W 375 -1.06 32.42 40.61
N LEU X 14 -9.98 81.51 9.92
CA LEU X 14 -10.19 82.83 10.49
C LEU X 14 -10.21 83.87 9.37
N GLY X 15 -9.60 83.52 8.24
CA GLY X 15 -9.61 84.42 7.10
C GLY X 15 -8.71 83.90 6.01
N LEU X 16 -8.86 84.53 4.84
CA LEU X 16 -8.03 84.22 3.69
C LEU X 16 -6.66 84.84 3.84
N ARG X 17 -5.62 84.06 3.53
CA ARG X 17 -4.24 84.51 3.66
C ARG X 17 -3.52 84.66 2.33
N GLU X 18 -3.73 83.76 1.38
CA GLU X 18 -3.18 83.95 0.05
C GLU X 18 -4.08 83.26 -0.96
N ILE X 19 -3.91 83.65 -2.21
CA ILE X 19 -4.61 83.06 -3.36
C ILE X 19 -3.55 82.60 -4.33
N ARG X 20 -3.74 81.42 -4.91
CA ARG X 20 -2.86 80.93 -5.97
C ARG X 20 -3.68 80.61 -7.20
N ILE X 21 -3.24 81.11 -8.35
CA ILE X 21 -3.95 80.93 -9.62
C ILE X 21 -2.96 80.26 -10.58
N HIS X 22 -3.17 78.97 -10.84
CA HIS X 22 -2.36 78.28 -11.82
C HIS X 22 -3.05 78.32 -13.17
N LEU X 23 -2.25 78.45 -14.22
CA LEU X 23 -2.78 78.52 -15.59
C LEU X 23 -1.68 78.17 -16.56
N CYS X 24 -1.96 78.33 -17.84
CA CYS X 24 -1.05 77.99 -18.93
C CYS X 24 -0.93 79.15 -19.91
N GLN X 25 0.05 79.03 -20.81
CA GLN X 25 0.22 80.00 -21.88
C GLN X 25 -0.55 79.62 -23.14
N ARG X 26 -0.45 78.35 -23.55
CA ARG X 26 -1.01 77.92 -24.82
C ARG X 26 -2.29 77.11 -24.69
N SER X 27 -2.69 76.73 -23.50
CA SER X 27 -3.87 75.91 -23.37
C SER X 27 -5.12 76.77 -23.50
N PRO X 28 -6.13 76.31 -24.26
CA PRO X 28 -7.40 77.05 -24.31
C PRO X 28 -8.19 76.95 -23.02
N GLY X 29 -7.97 75.91 -22.22
CA GLY X 29 -8.66 75.74 -20.96
C GLY X 29 -8.34 76.81 -19.93
N SER X 30 -7.18 77.45 -20.04
CA SER X 30 -6.83 78.58 -19.20
C SER X 30 -7.24 79.92 -19.82
N GLN X 31 -7.93 79.89 -20.95
CA GLN X 31 -8.05 81.06 -21.83
C GLN X 31 -8.79 82.21 -21.16
N GLY X 32 -10.00 81.94 -20.66
CA GLY X 32 -10.72 82.93 -19.89
C GLY X 32 -10.00 83.33 -18.61
N VAL X 33 -9.21 82.40 -18.05
CA VAL X 33 -8.38 82.74 -16.90
C VAL X 33 -7.33 83.77 -17.29
N ARG X 34 -6.78 83.64 -18.51
CA ARG X 34 -5.94 84.70 -19.05
C ARG X 34 -6.74 85.97 -19.24
N ASP X 35 -8.00 85.84 -19.66
CA ASP X 35 -8.89 86.98 -19.77
C ASP X 35 -9.30 87.52 -18.42
N PHE X 36 -9.07 86.77 -17.33
CA PHE X 36 -9.23 87.35 -16.01
C PHE X 36 -8.04 88.21 -15.64
N ILE X 37 -6.85 87.92 -16.15
CA ILE X 37 -5.68 88.63 -15.68
C ILE X 37 -5.38 89.86 -16.55
N GLU X 38 -5.67 89.79 -17.85
CA GLU X 38 -5.49 90.96 -18.71
C GLU X 38 -6.49 92.06 -18.41
N LYS X 39 -7.60 91.75 -17.77
CA LYS X 39 -8.66 92.73 -17.58
C LYS X 39 -9.01 93.00 -16.13
N ARG X 40 -8.85 92.01 -15.24
CA ARG X 40 -9.40 92.12 -13.89
C ARG X 40 -8.40 91.73 -12.80
N TYR X 41 -7.10 91.98 -13.00
CA TYR X 41 -6.18 91.70 -11.91
C TYR X 41 -5.74 92.97 -11.18
N VAL X 42 -5.50 94.06 -11.91
CA VAL X 42 -4.89 95.27 -11.35
C VAL X 42 -5.78 95.87 -10.27
N GLU X 43 -7.05 96.12 -10.60
CA GLU X 43 -8.02 96.58 -9.62
C GLU X 43 -8.37 95.50 -8.59
N LEU X 44 -8.00 94.25 -8.83
CA LEU X 44 -8.01 93.26 -7.77
C LEU X 44 -6.90 93.57 -6.76
N LYS X 45 -5.67 93.78 -7.26
CA LYS X 45 -4.52 93.97 -6.38
C LYS X 45 -4.60 95.29 -5.63
N LYS X 46 -5.21 96.31 -6.24
CA LYS X 46 -5.45 97.56 -5.51
C LYS X 46 -6.53 97.39 -4.45
N ALA X 47 -7.44 96.45 -4.65
CA ALA X 47 -8.49 96.20 -3.66
C ALA X 47 -8.00 95.28 -2.54
N ASN X 48 -6.91 94.55 -2.78
CA ASN X 48 -6.32 93.64 -1.79
C ASN X 48 -4.83 93.94 -1.77
N PRO X 49 -4.41 94.94 -0.97
CA PRO X 49 -3.03 95.44 -1.09
C PRO X 49 -1.98 94.50 -0.51
N ASP X 50 -2.31 93.82 0.59
CA ASP X 50 -1.39 92.90 1.24
C ASP X 50 -1.92 91.46 1.22
N LEU X 51 -2.66 91.11 0.18
CA LEU X 51 -3.08 89.74 -0.07
C LEU X 51 -2.28 89.19 -1.22
N PRO X 52 -1.36 88.24 -1.00
CA PRO X 52 -0.56 87.71 -2.10
C PRO X 52 -1.38 86.80 -3.00
N ILE X 53 -1.46 87.17 -4.26
CA ILE X 53 -2.26 86.46 -5.26
C ILE X 53 -1.27 85.97 -6.31
N LEU X 54 -0.76 84.76 -6.12
CA LEU X 54 0.37 84.25 -6.89
C LEU X 54 -0.12 83.69 -8.21
N ILE X 55 0.20 84.37 -9.31
CA ILE X 55 -0.13 83.89 -10.65
C ILE X 55 1.02 83.00 -11.12
N ARG X 56 0.71 81.74 -11.43
CA ARG X 56 1.73 80.75 -11.80
C ARG X 56 1.35 80.14 -13.14
N GLU X 57 2.18 80.40 -14.15
CA GLU X 57 1.96 79.89 -15.49
C GLU X 57 2.86 78.70 -15.75
N CYS X 58 2.27 77.61 -16.23
CA CYS X 58 2.98 76.35 -16.39
C CYS X 58 2.75 75.84 -17.80
N SER X 59 3.13 74.58 -18.03
CA SER X 59 3.19 74.05 -19.39
C SER X 59 1.85 73.44 -19.82
N ASP X 60 1.32 72.50 -19.05
CA ASP X 60 0.08 71.82 -19.43
C ASP X 60 -0.82 71.52 -18.23
N VAL X 61 -0.80 72.35 -17.22
CA VAL X 61 -1.64 72.09 -16.05
C VAL X 61 -3.08 72.47 -16.34
N GLN X 62 -4.00 71.85 -15.62
CA GLN X 62 -5.36 72.36 -15.56
C GLN X 62 -5.36 73.62 -14.71
N PRO X 63 -6.23 74.59 -15.03
CA PRO X 63 -6.31 75.79 -14.21
C PRO X 63 -6.82 75.48 -12.81
N LYS X 64 -6.42 76.31 -11.86
CA LYS X 64 -6.68 75.97 -10.47
C LYS X 64 -6.71 77.24 -9.63
N LEU X 65 -7.47 77.19 -8.55
CA LEU X 65 -7.59 78.29 -7.59
C LEU X 65 -7.34 77.70 -6.21
N TRP X 66 -6.13 77.89 -5.70
CA TRP X 66 -5.81 77.50 -4.34
C TRP X 66 -6.07 78.68 -3.42
N ALA X 67 -6.88 78.47 -2.40
CA ALA X 67 -7.21 79.51 -1.43
C ALA X 67 -6.73 79.02 -0.07
N ARG X 68 -5.63 79.58 0.42
CA ARG X 68 -5.12 79.22 1.73
C ARG X 68 -5.78 80.09 2.78
N TYR X 69 -6.29 79.46 3.81
CA TYR X 69 -6.96 80.12 4.91
C TYR X 69 -6.08 80.02 6.16
N ALA X 70 -6.63 80.42 7.29
CA ALA X 70 -5.86 80.45 8.52
C ALA X 70 -5.55 79.03 9.01
N PHE X 71 -4.39 78.91 9.65
CA PHE X 71 -3.85 77.65 10.18
C PHE X 71 -3.67 76.60 9.09
N GLY X 72 -3.15 77.03 7.93
CA GLY X 72 -2.77 76.13 6.87
C GLY X 72 -3.92 75.50 6.11
N GLN X 73 -5.15 75.92 6.35
CA GLN X 73 -6.31 75.34 5.67
C GLN X 73 -6.33 75.80 4.22
N GLU X 74 -6.10 74.87 3.30
CA GLU X 74 -6.07 75.17 1.88
C GLU X 74 -7.28 74.53 1.21
N LYS X 75 -8.07 75.34 0.52
CA LYS X 75 -9.21 74.86 -0.25
C LYS X 75 -8.93 75.01 -1.73
N ASN X 76 -9.60 74.17 -2.52
CA ASN X 76 -9.20 73.93 -3.90
C ASN X 76 -10.41 74.14 -4.81
N VAL X 77 -10.24 74.93 -5.86
CA VAL X 77 -11.27 75.16 -6.87
C VAL X 77 -10.67 74.86 -8.23
N SER X 78 -11.36 74.04 -9.03
CA SER X 78 -10.88 73.77 -10.39
C SER X 78 -11.41 74.85 -11.34
N LEU X 79 -10.50 75.65 -11.88
CA LEU X 79 -10.87 76.72 -12.81
C LEU X 79 -10.77 76.28 -14.26
N ASN X 80 -10.92 74.98 -14.54
CA ASN X 80 -10.73 74.47 -15.89
C ASN X 80 -11.89 74.87 -16.78
N ASN X 81 -11.56 75.38 -17.98
CA ASN X 81 -12.50 75.70 -19.05
C ASN X 81 -13.52 76.77 -18.67
N PHE X 82 -13.24 77.59 -17.66
CA PHE X 82 -14.17 78.62 -17.22
C PHE X 82 -13.96 79.90 -18.02
N SER X 83 -15.00 80.72 -18.05
CA SER X 83 -14.92 82.04 -18.66
C SER X 83 -14.33 83.03 -17.65
N ALA X 84 -14.15 84.28 -18.09
CA ALA X 84 -13.59 85.30 -17.21
C ALA X 84 -14.57 85.68 -16.11
N ASP X 85 -15.87 85.67 -16.42
CA ASP X 85 -16.88 86.00 -15.42
C ASP X 85 -17.01 84.89 -14.39
N GLN X 86 -16.86 83.63 -14.79
CA GLN X 86 -16.95 82.52 -13.85
C GLN X 86 -15.74 82.51 -12.90
N VAL X 87 -14.55 82.81 -13.43
CA VAL X 87 -13.36 82.93 -12.60
C VAL X 87 -13.48 84.12 -11.65
N THR X 88 -14.08 85.22 -12.13
CA THR X 88 -14.31 86.39 -11.29
C THR X 88 -15.28 86.06 -10.16
N ARG X 89 -16.34 85.33 -10.47
CA ARG X 89 -17.33 84.96 -9.44
C ARG X 89 -16.75 83.99 -8.43
N ALA X 90 -15.93 83.02 -8.88
CA ALA X 90 -15.31 82.08 -7.96
C ALA X 90 -14.31 82.79 -7.05
N LEU X 91 -13.54 83.72 -7.60
CA LEU X 91 -12.55 84.43 -6.81
C LEU X 91 -13.21 85.40 -5.83
N GLU X 92 -14.32 86.04 -6.22
CA GLU X 92 -14.99 86.91 -5.26
C GLU X 92 -15.78 86.12 -4.22
N ASN X 93 -16.19 84.89 -4.53
CA ASN X 93 -16.74 84.03 -3.48
C ASN X 93 -15.65 83.60 -2.50
N VAL X 94 -14.43 83.37 -3.00
CA VAL X 94 -13.29 83.13 -2.12
C VAL X 94 -13.01 84.35 -1.24
N LEU X 95 -13.06 85.55 -1.83
CA LEU X 95 -12.80 86.77 -1.07
C LEU X 95 -13.92 87.07 -0.08
N SER X 96 -15.14 86.65 -0.36
CA SER X 96 -16.27 86.94 0.52
C SER X 96 -16.44 85.90 1.61
N SER X 97 -16.05 84.65 1.36
CA SER X 97 -16.30 83.57 2.32
C SER X 97 -15.44 83.72 3.57
N LYS X 98 -14.11 83.68 3.39
CA LYS X 98 -13.11 83.83 4.45
C LYS X 98 -13.30 82.81 5.58
N ALA X 99 -13.17 81.54 5.22
CA ALA X 99 -13.22 80.46 6.20
C ALA X 99 -11.90 80.40 6.98
N LEU Y 4 33.78 -10.96 -43.91
CA LEU Y 4 35.00 -11.32 -43.20
C LEU Y 4 34.68 -11.53 -41.72
N LEU Y 5 33.49 -11.07 -41.33
CA LEU Y 5 32.97 -11.17 -39.96
C LEU Y 5 33.91 -10.49 -38.96
N LYS Y 6 33.93 -9.15 -39.07
CA LYS Y 6 34.62 -8.28 -38.14
C LYS Y 6 34.29 -8.60 -36.69
N LYS Y 7 35.32 -8.78 -35.88
CA LYS Y 7 35.14 -9.32 -34.53
C LYS Y 7 34.51 -8.30 -33.60
N THR Y 8 34.86 -7.03 -33.74
CA THR Y 8 34.34 -5.99 -32.85
C THR Y 8 34.27 -4.66 -33.58
N THR Y 9 33.38 -3.79 -33.12
CA THR Y 9 33.24 -2.47 -33.71
C THR Y 9 34.28 -1.48 -33.18
N GLY Y 10 34.69 -1.63 -31.93
CA GLY Y 10 35.49 -0.64 -31.25
C GLY Y 10 34.68 0.37 -30.46
N LEU Y 11 33.40 0.51 -30.76
CA LEU Y 11 32.52 1.42 -30.05
C LEU Y 11 31.72 0.63 -29.04
N VAL Y 12 31.61 1.15 -27.82
CA VAL Y 12 30.91 0.46 -26.75
C VAL Y 12 29.41 0.64 -26.96
N GLY Y 13 28.66 -0.46 -26.87
CA GLY Y 13 27.24 -0.42 -27.07
C GLY Y 13 26.81 -0.49 -28.52
N LEU Y 14 27.75 -0.52 -29.45
CA LEU Y 14 27.47 -0.60 -30.87
C LEU Y 14 27.84 -2.02 -31.30
N ALA Y 15 26.83 -2.86 -31.47
CA ALA Y 15 27.05 -4.26 -31.82
C ALA Y 15 27.37 -4.41 -33.30
N VAL Y 16 28.10 -5.48 -33.62
CA VAL Y 16 28.53 -5.73 -34.98
C VAL Y 16 27.34 -6.21 -35.81
N CYS Y 17 27.10 -5.55 -36.94
CA CYS Y 17 25.99 -5.93 -37.79
C CYS Y 17 26.41 -7.02 -38.75
N GLU Y 18 25.59 -8.07 -38.85
CA GLU Y 18 25.96 -9.23 -39.65
C GLU Y 18 25.76 -8.99 -41.14
N THR Y 19 24.67 -8.31 -41.51
CA THR Y 19 24.33 -8.03 -42.90
C THR Y 19 24.34 -6.52 -43.09
N PRO Y 20 25.49 -5.93 -43.40
CA PRO Y 20 25.52 -4.46 -43.51
C PRO Y 20 24.88 -3.92 -44.78
N HIS Y 21 25.10 -4.59 -45.93
CA HIS Y 21 24.57 -4.10 -47.19
C HIS Y 21 23.06 -4.15 -47.23
N GLU Y 22 22.47 -5.25 -46.77
CA GLU Y 22 21.03 -5.41 -46.78
C GLU Y 22 20.36 -4.43 -45.82
N ARG Y 23 20.94 -4.23 -44.63
CA ARG Y 23 20.37 -3.29 -43.67
C ARG Y 23 20.49 -1.86 -44.15
N LEU Y 24 21.59 -1.51 -44.83
CA LEU Y 24 21.72 -0.17 -45.38
C LEU Y 24 20.74 0.08 -46.53
N LYS Y 25 20.52 -0.94 -47.36
CA LYS Y 25 19.52 -0.82 -48.43
C LYS Y 25 18.12 -0.66 -47.85
N ILE Y 26 17.81 -1.44 -46.80
CA ILE Y 26 16.54 -1.36 -46.09
C ILE Y 26 16.32 0.05 -45.53
N LEU Y 27 17.33 0.58 -44.84
CA LEU Y 27 17.17 1.89 -44.21
C LEU Y 27 17.08 3.00 -45.23
N TYR Y 28 17.85 2.93 -46.32
CA TYR Y 28 17.84 4.01 -47.30
C TYR Y 28 16.54 4.02 -48.10
N THR Y 29 16.05 2.84 -48.51
CA THR Y 29 14.75 2.80 -49.19
C THR Y 29 13.61 3.18 -48.25
N LYS Y 30 13.74 2.87 -46.96
CA LYS Y 30 12.74 3.28 -45.99
C LYS Y 30 12.73 4.79 -45.81
N ILE Y 31 13.92 5.41 -45.80
CA ILE Y 31 14.04 6.86 -45.71
C ILE Y 31 13.45 7.52 -46.94
N LEU Y 32 13.68 6.95 -48.12
CA LEU Y 32 13.10 7.53 -49.35
C LEU Y 32 11.58 7.40 -49.36
N ASP Y 33 11.07 6.29 -48.84
CA ASP Y 33 9.62 6.10 -48.79
C ASP Y 33 8.97 7.05 -47.79
N VAL Y 34 9.62 7.29 -46.65
CA VAL Y 34 9.11 8.26 -45.68
C VAL Y 34 9.26 9.69 -46.21
N LEU Y 35 10.33 9.94 -46.95
CA LEU Y 35 10.68 11.28 -47.40
C LEU Y 35 9.83 11.72 -48.57
N GLY Y 36 9.31 10.79 -49.36
CA GLY Y 36 8.42 11.14 -50.46
C GLY Y 36 7.11 11.78 -50.05
N HIS Y 37 6.71 11.62 -48.79
CA HIS Y 37 5.49 12.25 -48.30
C HIS Y 37 5.61 13.76 -48.17
N ILE Y 38 6.82 14.27 -47.96
CA ILE Y 38 7.11 15.69 -47.85
C ILE Y 38 6.92 16.30 -49.24
N PRO Y 39 6.43 17.55 -49.35
CA PRO Y 39 6.34 18.19 -50.67
C PRO Y 39 7.69 18.35 -51.34
N LYS Y 40 7.66 18.44 -52.67
CA LYS Y 40 8.89 18.41 -53.45
C LYS Y 40 9.65 19.72 -53.37
N ASN Y 41 8.95 20.83 -53.15
CA ASN Y 41 9.62 22.13 -53.07
C ASN Y 41 10.42 22.32 -51.79
N ALA Y 42 10.21 21.47 -50.78
CA ALA Y 42 10.98 21.55 -49.54
C ALA Y 42 12.42 21.16 -49.79
N ALA Y 43 13.35 22.00 -49.32
CA ALA Y 43 14.76 21.74 -49.54
C ALA Y 43 15.27 20.57 -48.73
N TYR Y 44 14.60 20.22 -47.64
CA TYR Y 44 14.97 19.04 -46.87
C TYR Y 44 14.76 17.77 -47.67
N ARG Y 45 13.62 17.67 -48.36
CA ARG Y 45 13.36 16.50 -49.21
C ARG Y 45 14.37 16.39 -50.34
N LYS Y 46 14.68 17.51 -51.00
CA LYS Y 46 15.60 17.47 -52.14
C LYS Y 46 17.02 17.13 -51.70
N TYR Y 47 17.50 17.76 -50.62
CA TYR Y 47 18.86 17.52 -50.17
C TYR Y 47 19.02 16.13 -49.57
N THR Y 48 18.00 15.66 -48.86
CA THR Y 48 18.07 14.34 -48.25
C THR Y 48 17.93 13.24 -49.30
N GLU Y 49 17.08 13.47 -50.32
CA GLU Y 49 17.05 12.58 -51.47
C GLU Y 49 18.38 12.52 -52.19
N GLN Y 50 19.07 13.67 -52.30
CA GLN Y 50 20.37 13.70 -52.96
C GLN Y 50 21.39 12.86 -52.20
N ILE Y 51 21.55 13.10 -50.89
CA ILE Y 51 22.57 12.36 -50.15
C ILE Y 51 22.17 10.90 -49.94
N THR Y 52 20.86 10.61 -49.89
CA THR Y 52 20.43 9.24 -49.68
C THR Y 52 20.57 8.43 -50.97
N ASN Y 53 20.32 9.05 -52.12
CA ASN Y 53 20.59 8.37 -53.38
C ASN Y 53 22.08 8.18 -53.62
N GLU Y 54 22.92 9.12 -53.18
CA GLU Y 54 24.36 8.93 -53.27
C GLU Y 54 24.83 7.76 -52.41
N LYS Y 55 24.41 7.74 -51.14
CA LYS Y 55 24.80 6.64 -50.26
C LYS Y 55 24.19 5.30 -50.69
N LEU Y 56 22.98 5.33 -51.26
CA LEU Y 56 22.34 4.11 -51.73
C LEU Y 56 23.03 3.57 -52.98
N SER Y 57 23.50 4.46 -53.86
CA SER Y 57 24.27 4.02 -55.02
C SER Y 57 25.64 3.49 -54.60
N ILE Y 58 26.23 4.05 -53.54
CA ILE Y 58 27.49 3.52 -53.03
C ILE Y 58 27.29 2.13 -52.42
N VAL Y 59 26.18 1.93 -51.71
CA VAL Y 59 25.90 0.60 -51.13
C VAL Y 59 25.60 -0.41 -52.22
N LYS Y 60 24.83 -0.02 -53.24
CA LYS Y 60 24.51 -0.91 -54.35
C LYS Y 60 25.67 -1.11 -55.31
N ALA Y 61 26.72 -0.29 -55.22
CA ALA Y 61 27.85 -0.42 -56.12
C ALA Y 61 28.94 -1.35 -55.60
N GLU Y 62 29.25 -1.29 -54.30
CA GLU Y 62 30.41 -1.99 -53.76
C GLU Y 62 30.00 -3.28 -53.07
N PRO Y 63 30.53 -4.42 -53.48
CA PRO Y 63 30.24 -5.67 -52.75
C PRO Y 63 30.95 -5.76 -51.41
N ASP Y 64 32.08 -5.07 -51.25
CA ASP Y 64 32.92 -5.20 -50.07
C ASP Y 64 32.29 -4.45 -48.90
N VAL Y 65 32.74 -4.79 -47.69
CA VAL Y 65 32.33 -4.08 -46.48
C VAL Y 65 33.36 -3.02 -46.07
N LYS Y 66 34.65 -3.37 -46.11
CA LYS Y 66 35.70 -2.44 -45.72
C LYS Y 66 35.79 -1.26 -46.70
N LYS Y 67 35.76 -1.55 -47.99
CA LYS Y 67 35.77 -0.48 -48.99
C LYS Y 67 34.50 0.35 -48.93
N LEU Y 68 33.39 -0.27 -48.55
CA LEU Y 68 32.16 0.48 -48.30
C LEU Y 68 32.32 1.40 -47.10
N GLU Y 69 33.05 0.97 -46.08
CA GLU Y 69 33.30 1.82 -44.92
C GLU Y 69 34.21 2.99 -45.28
N GLU Y 70 35.19 2.77 -46.16
CA GLU Y 70 36.03 3.90 -46.55
C GLU Y 70 35.27 4.88 -47.44
N GLN Y 71 34.54 4.40 -48.44
CA GLN Y 71 34.00 5.34 -49.41
C GLN Y 71 32.60 5.85 -49.07
N LEU Y 72 31.91 5.24 -48.10
CA LEU Y 72 30.82 5.97 -47.46
C LEU Y 72 31.35 7.08 -46.58
N GLN Y 73 32.54 6.86 -46.02
CA GLN Y 73 33.27 7.80 -45.17
C GLN Y 73 32.43 8.21 -43.95
N GLY Y 74 32.16 7.20 -43.13
CA GLY Y 74 31.42 7.40 -41.91
C GLY Y 74 31.96 6.55 -40.78
N GLY Y 75 33.22 6.16 -40.88
CA GLY Y 75 33.81 5.32 -39.84
C GLY Y 75 33.42 3.87 -40.02
N GLN Y 76 32.97 3.25 -38.93
CA GLN Y 76 32.51 1.87 -38.99
C GLN Y 76 31.20 1.79 -39.78
N ILE Y 77 30.85 0.58 -40.22
CA ILE Y 77 29.62 0.43 -40.99
C ILE Y 77 28.40 0.47 -40.08
N GLU Y 78 28.57 0.10 -38.80
CA GLU Y 78 27.44 0.04 -37.88
C GLU Y 78 26.99 1.42 -37.45
N GLU Y 79 27.90 2.38 -37.36
CA GLU Y 79 27.48 3.75 -37.10
C GLU Y 79 26.94 4.44 -38.34
N VAL Y 80 27.26 3.95 -39.53
CA VAL Y 80 26.56 4.41 -40.73
C VAL Y 80 25.12 3.92 -40.71
N ILE Y 81 24.92 2.66 -40.30
CA ILE Y 81 23.57 2.11 -40.10
C ILE Y 81 22.81 2.90 -39.03
N LEU Y 82 23.50 3.24 -37.93
CA LEU Y 82 22.89 4.03 -36.86
C LEU Y 82 22.53 5.43 -37.33
N GLN Y 83 23.38 6.05 -38.17
CA GLN Y 83 23.07 7.36 -38.70
C GLN Y 83 21.91 7.31 -39.69
N ALA Y 84 21.78 6.21 -40.43
CA ALA Y 84 20.61 6.03 -41.27
C ALA Y 84 19.34 5.87 -40.43
N GLU Y 85 19.45 5.22 -39.26
CA GLU Y 85 18.31 5.15 -38.35
C GLU Y 85 17.95 6.53 -37.82
N ASN Y 86 18.95 7.35 -37.52
CA ASN Y 86 18.72 8.73 -37.08
C ASN Y 86 18.07 9.57 -38.18
N GLU Y 87 18.46 9.35 -39.43
CA GLU Y 87 17.87 10.11 -40.53
C GLU Y 87 16.43 9.68 -40.78
N LEU Y 88 16.15 8.39 -40.62
CA LEU Y 88 14.77 7.90 -40.67
C LEU Y 88 13.89 8.54 -39.60
N SER Y 89 14.40 8.57 -38.36
CA SER Y 89 13.65 9.20 -37.28
C SER Y 89 13.48 10.70 -37.51
N LEU Y 90 14.48 11.33 -38.11
CA LEU Y 90 14.40 12.76 -38.42
C LEU Y 90 13.32 13.03 -39.47
N ALA Y 91 13.29 12.23 -40.53
CA ALA Y 91 12.28 12.42 -41.58
C ALA Y 91 10.87 12.17 -41.05
N ARG Y 92 10.71 11.16 -40.19
CA ARG Y 92 9.41 10.92 -39.56
C ARG Y 92 9.01 12.05 -38.63
N LYS Y 93 9.97 12.76 -38.03
CA LYS Y 93 9.61 13.93 -37.22
C LYS Y 93 9.35 15.16 -38.08
N MET Y 94 10.12 15.35 -39.15
CA MET Y 94 9.99 16.52 -40.02
C MET Y 94 8.71 16.50 -40.83
N ILE Y 95 8.10 15.32 -41.00
CA ILE Y 95 6.73 15.29 -41.53
C ILE Y 95 5.77 15.98 -40.57
N GLN Y 96 5.89 15.69 -39.28
CA GLN Y 96 4.90 16.17 -38.32
C GLN Y 96 5.19 17.60 -37.85
N TRP Y 97 6.44 18.05 -37.97
CA TRP Y 97 6.78 19.42 -37.61
C TRP Y 97 6.39 20.42 -38.69
N LYS Y 98 6.50 20.01 -39.95
CA LYS Y 98 6.35 20.79 -41.16
C LYS Y 98 7.17 22.08 -41.12
N PRO Y 99 8.50 22.02 -41.22
CA PRO Y 99 9.31 23.24 -41.15
C PRO Y 99 9.60 23.90 -42.48
N TRP Y 100 8.99 23.47 -43.58
CA TRP Y 100 9.19 24.12 -44.86
C TRP Y 100 8.32 25.36 -45.03
N GLU Y 101 7.49 25.67 -44.04
CA GLU Y 101 6.68 26.88 -44.04
C GLU Y 101 7.57 28.11 -43.86
N PRO Y 102 7.07 29.32 -44.15
CA PRO Y 102 7.83 30.53 -43.82
C PRO Y 102 7.95 30.79 -42.33
N LEU Y 103 8.63 31.89 -41.98
CA LEU Y 103 8.99 32.17 -40.59
C LEU Y 103 7.75 32.47 -39.75
N VAL Y 104 7.69 31.86 -38.56
CA VAL Y 104 6.50 31.96 -37.73
C VAL Y 104 6.33 33.36 -37.15
N GLU Y 105 7.43 34.05 -36.86
CA GLU Y 105 7.35 35.37 -36.28
C GLU Y 105 8.65 36.10 -36.55
N GLU Y 106 8.55 37.33 -37.05
CA GLU Y 106 9.72 38.17 -37.20
C GLU Y 106 10.28 38.55 -35.84
N PRO Y 107 11.59 38.70 -35.71
CA PRO Y 107 12.19 39.10 -34.44
C PRO Y 107 11.90 40.56 -34.14
N PRO Y 108 12.21 41.03 -32.93
CA PRO Y 108 12.20 42.47 -32.67
C PRO Y 108 13.27 43.20 -33.46
N ALA Y 109 13.23 44.53 -33.36
CA ALA Y 109 14.10 45.37 -34.19
C ALA Y 109 15.56 45.23 -33.81
N SER Y 110 15.87 45.16 -32.52
CA SER Y 110 17.25 45.04 -32.08
C SER Y 110 17.45 43.77 -31.28
N GLN Y 111 16.95 42.64 -31.80
CA GLN Y 111 17.15 41.37 -31.13
C GLN Y 111 18.49 40.72 -31.48
N TRP Y 112 18.96 40.86 -32.71
CA TRP Y 112 20.24 40.30 -33.08
C TRP Y 112 21.25 41.39 -33.42
N LYS Y 113 21.15 42.53 -32.74
CA LYS Y 113 22.07 43.64 -32.93
C LYS Y 113 23.14 43.58 -31.84
N TRP Y 114 24.37 43.26 -32.23
CA TRP Y 114 25.47 43.20 -31.28
C TRP Y 114 26.67 43.95 -31.85
N PRO Y 115 27.28 44.87 -31.10
CA PRO Y 115 26.96 45.26 -29.72
C PRO Y 115 25.80 46.23 -29.64
N ILE Y 116 25.20 46.34 -28.46
CA ILE Y 116 23.98 47.11 -28.31
C ILE Y 116 24.28 48.61 -28.34
N THR Z 27 -0.23 41.75 -27.34
CA THR Z 27 -0.74 41.33 -26.04
C THR Z 27 -0.97 39.83 -26.01
N SER Z 28 -0.62 39.17 -27.12
CA SER Z 28 -0.76 37.71 -27.22
C SER Z 28 0.57 37.09 -26.81
N VAL Z 29 0.62 36.56 -25.59
CA VAL Z 29 1.81 35.94 -25.05
C VAL Z 29 1.57 34.45 -24.89
N LYS Z 30 2.65 33.72 -24.60
CA LYS Z 30 2.53 32.28 -24.45
C LYS Z 30 2.45 31.91 -22.97
N PRO Z 31 1.50 31.09 -22.55
CA PRO Z 31 1.34 30.79 -21.13
C PRO Z 31 2.40 29.82 -20.63
N ILE Z 32 2.25 29.42 -19.37
CA ILE Z 32 3.11 28.43 -18.74
C ILE Z 32 2.32 27.19 -18.36
N PHE Z 33 1.32 27.32 -17.49
CA PHE Z 33 0.39 26.24 -17.22
C PHE Z 33 -1.05 26.73 -17.32
N SER Z 34 -1.28 27.98 -16.91
CA SER Z 34 -2.62 28.50 -16.71
C SER Z 34 -3.05 29.32 -17.93
N ARG Z 35 -4.25 29.06 -18.43
CA ARG Z 35 -4.78 29.84 -19.54
C ARG Z 35 -5.37 31.16 -19.06
N ASP Z 36 -5.77 31.24 -17.80
CA ASP Z 36 -6.35 32.45 -17.24
C ASP Z 36 -6.13 32.44 -15.72
N MET Z 37 -6.81 33.35 -15.02
CA MET Z 37 -6.62 33.51 -13.59
C MET Z 37 -7.27 32.41 -12.77
N ASN Z 38 -8.26 31.71 -13.30
CA ASN Z 38 -8.97 30.70 -12.52
C ASN Z 38 -8.14 29.44 -12.32
N GLU Z 39 -7.50 28.96 -13.39
CA GLU Z 39 -6.58 27.83 -13.26
C GLU Z 39 -5.37 28.20 -12.43
N ALA Z 40 -4.94 29.46 -12.50
CA ALA Z 40 -3.84 29.94 -11.70
C ALA Z 40 -4.19 29.94 -10.21
N LYS Z 41 -5.39 30.41 -9.86
CA LYS Z 41 -5.84 30.35 -8.47
C LYS Z 41 -6.06 28.91 -8.02
N ARG Z 42 -6.43 28.02 -8.94
CA ARG Z 42 -6.51 26.60 -8.62
C ARG Z 42 -5.14 26.03 -8.25
N ARG Z 43 -4.10 26.44 -8.98
CA ARG Z 43 -2.76 25.95 -8.66
C ARG Z 43 -2.22 26.55 -7.37
N VAL Z 44 -2.54 27.83 -7.10
CA VAL Z 44 -2.18 28.44 -5.82
C VAL Z 44 -2.88 27.74 -4.68
N ARG Z 45 -4.14 27.34 -4.89
CA ARG Z 45 -4.91 26.69 -3.84
C ARG Z 45 -4.40 25.27 -3.56
N GLU Z 46 -4.01 24.54 -4.61
CA GLU Z 46 -3.40 23.23 -4.41
C GLU Z 46 -2.04 23.34 -3.72
N LEU Z 47 -1.28 24.39 -4.03
CA LEU Z 47 0.00 24.61 -3.36
C LEU Z 47 -0.20 24.96 -1.88
N TYR Z 48 -1.24 25.74 -1.57
CA TYR Z 48 -1.53 26.05 -0.17
C TYR Z 48 -1.97 24.81 0.58
N ARG Z 49 -2.77 23.96 -0.06
CA ARG Z 49 -3.13 22.67 0.52
C ARG Z 49 -1.90 21.82 0.82
N ALA Z 50 -0.94 21.81 -0.11
CA ALA Z 50 0.25 20.99 0.06
C ALA Z 50 1.14 21.51 1.18
N TRP Z 51 1.31 22.84 1.28
CA TRP Z 51 2.10 23.40 2.38
C TRP Z 51 1.42 23.20 3.73
N TYR Z 52 0.09 23.33 3.78
CA TYR Z 52 -0.63 23.11 5.02
C TYR Z 52 -0.53 21.67 5.48
N ARG Z 53 -0.46 20.72 4.54
CA ARG Z 53 -0.19 19.35 4.94
C ARG Z 53 1.26 19.15 5.35
N GLU Z 54 2.18 19.94 4.78
CA GLU Z 54 3.61 19.69 5.01
C GLU Z 54 4.10 20.22 6.35
N VAL Z 55 3.61 21.37 6.80
CA VAL Z 55 4.06 22.07 8.02
C VAL Z 55 4.17 21.22 9.29
N PRO Z 56 3.23 20.33 9.66
CA PRO Z 56 3.48 19.52 10.87
C PRO Z 56 4.66 18.57 10.75
N ASN Z 57 4.85 17.97 9.58
CA ASN Z 57 6.05 17.17 9.36
C ASN Z 57 7.30 18.03 9.36
N THR Z 58 7.20 19.28 8.88
CA THR Z 58 8.36 20.17 8.90
C THR Z 58 8.77 20.53 10.32
N VAL Z 59 7.79 20.78 11.19
CA VAL Z 59 8.11 21.03 12.60
C VAL Z 59 8.61 19.75 13.26
N HIS Z 60 8.14 18.57 12.82
CA HIS Z 60 8.54 17.34 13.48
C HIS Z 60 9.96 16.90 13.09
N LEU Z 61 10.19 16.62 11.80
CA LEU Z 61 11.44 15.98 11.39
C LEU Z 61 12.63 16.93 11.47
N PHE Z 62 12.41 18.23 11.28
CA PHE Z 62 13.49 19.18 11.49
C PHE Z 62 13.73 19.47 12.97
N GLN Z 63 12.86 18.97 13.84
CA GLN Z 63 12.78 19.25 15.28
C GLN Z 63 13.00 20.74 15.59
N LEU Z 64 12.18 21.56 14.93
CA LEU Z 64 12.20 23.01 15.13
C LEU Z 64 11.67 23.35 16.51
N ASP Z 65 11.93 24.59 16.93
CA ASP Z 65 11.51 25.07 18.23
C ASP Z 65 10.28 25.96 18.15
N ILE Z 66 9.52 25.87 17.08
CA ILE Z 66 8.28 26.62 16.95
C ILE Z 66 7.11 25.66 17.01
N SER Z 67 5.91 26.21 17.15
CA SER Z 67 4.70 25.40 17.10
C SER Z 67 4.31 25.15 15.65
N VAL Z 68 3.36 24.22 15.47
CA VAL Z 68 2.83 23.96 14.13
C VAL Z 68 1.99 25.14 13.66
N LYS Z 69 1.26 25.78 14.58
CA LYS Z 69 0.44 26.92 14.22
C LYS Z 69 1.28 28.11 13.82
N GLN Z 70 2.47 28.26 14.40
CA GLN Z 70 3.37 29.35 14.01
C GLN Z 70 3.92 29.15 12.61
N GLY Z 71 4.24 27.90 12.26
CA GLY Z 71 4.65 27.60 10.89
C GLY Z 71 3.53 27.80 9.89
N ARG Z 72 2.30 27.45 10.27
CA ARG Z 72 1.17 27.69 9.39
C ARG Z 72 0.88 29.19 9.22
N ASP Z 73 1.15 29.98 10.27
CA ASP Z 73 1.03 31.43 10.15
C ASP Z 73 2.09 31.98 9.19
N LYS Z 74 3.31 31.44 9.24
CA LYS Z 74 4.35 31.89 8.32
C LYS Z 74 4.02 31.51 6.88
N VAL Z 75 3.41 30.33 6.68
CA VAL Z 75 2.96 29.95 5.34
C VAL Z 75 1.87 30.88 4.84
N ARG Z 76 0.95 31.26 5.75
CA ARG Z 76 -0.10 32.21 5.40
C ARG Z 76 0.48 33.57 5.03
N GLU Z 77 1.50 34.03 5.76
CA GLU Z 77 2.13 35.31 5.46
C GLU Z 77 2.86 35.27 4.13
N MET Z 78 3.54 34.16 3.85
CA MET Z 78 4.28 34.04 2.59
C MET Z 78 3.35 33.91 1.39
N PHE Z 79 2.13 33.40 1.59
CA PHE Z 79 1.17 33.39 0.49
C PHE Z 79 0.45 34.73 0.35
N LYS Z 80 0.15 35.41 1.45
CA LYS Z 80 -0.49 36.71 1.37
C LYS Z 80 0.45 37.81 0.91
N LYS Z 81 1.76 37.55 0.94
CA LYS Z 81 2.74 38.50 0.40
C LYS Z 81 2.53 38.75 -1.08
N ASN Z 82 2.09 37.73 -1.83
CA ASN Z 82 1.93 37.83 -3.27
C ASN Z 82 0.47 37.79 -3.70
N ALA Z 83 -0.42 38.40 -2.92
CA ALA Z 83 -1.85 38.35 -3.20
C ALA Z 83 -2.34 39.49 -4.07
N HIS Z 84 -1.48 40.11 -4.86
CA HIS Z 84 -1.83 41.30 -5.62
C HIS Z 84 -1.62 41.15 -7.12
N VAL Z 85 -1.20 39.99 -7.59
CA VAL Z 85 -0.76 39.83 -8.97
C VAL Z 85 -1.94 39.36 -9.81
N THR Z 86 -2.16 40.04 -10.94
CA THR Z 86 -3.21 39.68 -11.89
C THR Z 86 -2.64 39.21 -13.23
N ASP Z 87 -1.39 38.74 -13.23
CA ASP Z 87 -0.75 38.22 -14.44
C ASP Z 87 -0.62 36.71 -14.30
N PRO Z 88 -1.17 35.91 -15.21
CA PRO Z 88 -1.14 34.45 -15.03
C PRO Z 88 0.24 33.82 -15.11
N ARG Z 89 1.15 34.38 -15.90
CA ARG Z 89 2.49 33.80 -16.01
C ARG Z 89 3.29 34.02 -14.73
N VAL Z 90 3.10 35.18 -14.09
CA VAL Z 90 3.84 35.50 -12.88
C VAL Z 90 3.40 34.60 -11.73
N VAL Z 91 2.09 34.36 -11.61
CA VAL Z 91 1.63 33.47 -10.55
C VAL Z 91 1.87 32.01 -10.88
N ASP Z 92 1.97 31.65 -12.16
CA ASP Z 92 2.43 30.32 -12.52
C ASP Z 92 3.88 30.10 -12.08
N LEU Z 93 4.75 31.08 -12.32
CA LEU Z 93 6.13 30.98 -11.86
C LEU Z 93 6.23 30.99 -10.34
N LEU Z 94 5.34 31.71 -9.66
CA LEU Z 94 5.32 31.67 -8.21
C LEU Z 94 4.89 30.28 -7.70
N VAL Z 95 3.94 29.63 -8.37
CA VAL Z 95 3.57 28.27 -8.02
C VAL Z 95 4.72 27.29 -8.28
N ILE Z 96 5.45 27.49 -9.39
CA ILE Z 96 6.59 26.64 -9.71
C ILE Z 96 7.70 26.78 -8.68
N LYS Z 97 8.01 28.03 -8.29
CA LYS Z 97 9.02 28.27 -7.28
C LYS Z 97 8.58 27.77 -5.91
N GLY Z 98 7.28 27.86 -5.60
CA GLY Z 98 6.78 27.32 -4.35
C GLY Z 98 6.84 25.81 -4.30
N LYS Z 99 6.61 25.14 -5.43
CA LYS Z 99 6.74 23.69 -5.45
C LYS Z 99 8.20 23.27 -5.42
N MET Z 100 9.11 24.11 -5.92
CA MET Z 100 10.54 23.83 -5.72
C MET Z 100 10.93 23.95 -4.26
N GLU Z 101 10.41 24.97 -3.56
CA GLU Z 101 10.58 25.08 -2.11
C GLU Z 101 10.01 23.87 -1.39
N LEU Z 102 8.85 23.38 -1.85
CA LEU Z 102 8.22 22.22 -1.24
C LEU Z 102 9.00 20.94 -1.52
N GLU Z 103 9.59 20.81 -2.71
CA GLU Z 103 10.43 19.66 -3.01
C GLU Z 103 11.69 19.67 -2.15
N GLU Z 104 12.25 20.85 -1.90
CA GLU Z 104 13.39 20.96 -1.01
C GLU Z 104 13.01 20.84 0.46
N THR Z 105 11.73 20.93 0.80
CA THR Z 105 11.28 20.74 2.18
C THR Z 105 10.92 19.29 2.48
N ILE Z 106 10.19 18.64 1.57
CA ILE Z 106 9.77 17.25 1.79
C ILE Z 106 10.97 16.32 1.84
N ASN Z 107 11.77 16.33 0.78
CA ASN Z 107 13.13 15.82 0.88
C ASN Z 107 13.89 16.69 1.86
N VAL Z 108 14.74 16.08 2.67
CA VAL Z 108 15.48 16.90 3.61
C VAL Z 108 16.71 17.42 2.86
N TRP Z 109 16.50 18.50 2.11
CA TRP Z 109 17.56 19.21 1.41
C TRP Z 109 17.88 20.51 2.11
N LYS Z 110 16.85 21.27 2.48
CA LYS Z 110 16.98 22.32 3.46
C LYS Z 110 17.29 21.71 4.82
N GLN Z 111 17.83 22.52 5.71
CA GLN Z 111 18.09 22.12 7.08
C GLN Z 111 17.30 23.02 8.02
N ARG Z 112 17.62 22.94 9.30
CA ARG Z 112 17.00 23.82 10.30
C ARG Z 112 17.27 25.29 9.99
N THR Z 113 18.46 25.60 9.47
CA THR Z 113 18.79 26.99 9.16
C THR Z 113 17.99 27.51 7.97
N HIS Z 114 17.80 26.70 6.93
CA HIS Z 114 17.12 27.19 5.74
C HIS Z 114 15.62 27.32 5.97
N VAL Z 115 15.07 26.51 6.87
CA VAL Z 115 13.67 26.69 7.25
C VAL Z 115 13.52 27.91 8.15
N MET Z 116 14.41 28.07 9.11
CA MET Z 116 14.28 29.20 10.04
C MET Z 116 14.77 30.53 9.45
N ARG Z 117 15.27 30.56 8.21
CA ARG Z 117 15.50 31.85 7.55
C ARG Z 117 14.21 32.58 7.20
N PHE Z 118 13.07 31.88 7.15
CA PHE Z 118 11.80 32.57 6.94
C PHE Z 118 11.38 33.38 8.17
N PHE Z 119 11.88 33.02 9.35
CA PHE Z 119 11.65 33.76 10.57
C PHE Z 119 12.83 34.71 10.77
N HIS Z 120 12.63 35.98 10.42
CA HIS Z 120 13.67 37.00 10.56
C HIS Z 120 13.82 37.33 12.04
N GLU Z 121 14.56 36.48 12.75
CA GLU Z 121 14.62 36.56 14.20
C GLU Z 121 15.82 37.35 14.71
N THR Z 122 17.01 37.08 14.19
CA THR Z 122 18.21 37.78 14.65
C THR Z 122 18.26 39.21 14.16
N GLU Z 123 17.51 39.55 13.12
CA GLU Z 123 17.44 40.92 12.66
C GLU Z 123 16.60 41.74 13.63
N ALA Z 124 17.08 42.92 13.98
CA ALA Z 124 16.28 43.83 14.77
C ALA Z 124 15.09 44.33 13.95
N PRO Z 125 13.96 44.62 14.60
CA PRO Z 125 12.83 45.20 13.87
C PRO Z 125 13.17 46.60 13.38
N ARG Z 126 13.03 46.81 12.08
CA ARG Z 126 13.39 48.07 11.47
C ARG Z 126 12.43 49.17 11.93
N PRO Z 127 12.93 50.41 12.02
CA PRO Z 127 12.04 51.55 12.30
C PRO Z 127 11.04 51.75 11.16
N LYS Z 128 9.76 51.80 11.51
CA LYS Z 128 8.69 51.92 10.54
C LYS Z 128 8.14 53.33 10.43
N ASP Z 129 8.00 54.03 11.55
CA ASP Z 129 7.51 55.39 11.53
C ASP Z 129 8.61 56.34 11.07
N PHE Z 130 8.19 57.55 10.70
CA PHE Z 130 9.12 58.55 10.17
C PHE Z 130 10.08 59.04 11.24
N LEU Z 131 9.63 59.12 12.48
CA LEU Z 131 10.39 59.80 13.52
C LEU Z 131 11.60 58.97 13.96
N SER Z 132 11.43 57.67 14.11
CA SER Z 132 12.54 56.82 14.50
C SER Z 132 13.49 56.55 13.34
N LYS Z 133 12.99 56.51 12.11
CA LYS Z 133 13.88 56.45 10.94
C LYS Z 133 14.69 57.73 10.82
N PHE Z 134 14.07 58.87 11.14
CA PHE Z 134 14.80 60.13 11.22
C PHE Z 134 15.84 60.10 12.33
N TYR Z 135 15.52 59.44 13.45
CA TYR Z 135 16.44 59.39 14.58
C TYR Z 135 17.66 58.54 14.29
N VAL Z 136 17.49 57.40 13.61
CA VAL Z 136 18.58 56.44 13.51
C VAL Z 136 19.37 56.50 12.20
N GLY Z 137 18.79 57.01 11.11
CA GLY Z 137 19.49 56.92 9.85
C GLY Z 137 18.96 57.84 8.78
N HIS Z 138 19.39 57.58 7.56
CA HIS Z 138 19.05 58.39 6.40
C HIS Z 138 18.09 57.70 5.45
N ASP Z 139 17.77 56.44 5.70
CA ASP Z 139 16.94 55.68 4.78
C ASP Z 139 15.48 56.08 4.92
N PRO Z 140 14.79 56.44 3.83
CA PRO Z 140 13.40 56.86 3.89
C PRO Z 140 12.42 55.71 4.07
N SER AA 4 73.43 7.13 -1.33
CA SER AA 4 74.35 6.68 -0.29
C SER AA 4 73.93 5.32 0.23
N ALA AA 5 72.95 4.72 -0.43
CA ALA AA 5 72.49 3.38 -0.07
C ALA AA 5 73.57 2.36 -0.40
N THR AA 6 73.94 1.55 0.59
CA THR AA 6 75.01 0.57 0.45
C THR AA 6 74.59 -0.52 -0.52
N ARG AA 7 75.60 -1.16 -1.12
CA ARG AA 7 75.39 -2.02 -2.28
C ARG AA 7 74.60 -3.28 -1.96
N LEU AA 8 74.55 -3.70 -0.69
CA LEU AA 8 73.65 -4.79 -0.32
C LEU AA 8 72.21 -4.33 -0.32
N ILE AA 9 71.94 -3.17 0.29
CA ILE AA 9 70.60 -2.59 0.24
C ILE AA 9 70.25 -2.11 -1.16
N GLN AA 10 71.25 -1.60 -1.88
CA GLN AA 10 71.05 -1.20 -3.28
C GLN AA 10 70.70 -2.40 -4.15
N GLY AA 11 71.35 -3.53 -3.93
CA GLY AA 11 71.04 -4.72 -4.71
C GLY AA 11 69.71 -5.34 -4.32
N LEU AA 12 69.40 -5.39 -3.02
CA LEU AA 12 68.10 -5.86 -2.55
C LEU AA 12 66.96 -4.98 -3.07
N ARG AA 13 67.21 -3.67 -3.17
CA ARG AA 13 66.21 -2.74 -3.63
C ARG AA 13 65.98 -2.87 -5.13
N ASN AA 14 67.06 -3.08 -5.89
CA ASN AA 14 66.92 -3.36 -7.31
C ASN AA 14 66.25 -4.70 -7.57
N TRP AA 15 66.50 -5.70 -6.71
CA TRP AA 15 65.82 -6.98 -6.85
C TRP AA 15 64.33 -6.85 -6.52
N ALA AA 16 63.99 -6.08 -5.50
CA ALA AA 16 62.61 -5.96 -5.08
C ALA AA 16 61.80 -5.18 -6.09
N SER AA 17 62.37 -4.10 -6.66
CA SER AA 17 61.66 -3.36 -7.69
C SER AA 17 61.66 -4.12 -9.01
N GLY AA 18 62.78 -4.77 -9.34
CA GLY AA 18 62.95 -5.40 -10.63
C GLY AA 18 63.53 -4.52 -11.71
N ARG AA 19 63.79 -3.26 -11.40
CA ARG AA 19 64.36 -2.29 -12.33
C ARG AA 19 65.71 -1.83 -11.81
N ASP AA 20 66.46 -1.15 -12.67
CA ASP AA 20 67.71 -0.51 -12.27
C ASP AA 20 67.35 0.87 -11.75
N LEU AA 21 67.51 1.07 -10.44
CA LEU AA 21 66.96 2.25 -9.78
C LEU AA 21 67.96 3.40 -9.67
N GLN AA 22 69.26 3.10 -9.64
CA GLN AA 22 70.24 4.16 -9.48
C GLN AA 22 70.43 4.98 -10.74
N ALA AA 23 70.09 4.43 -11.90
CA ALA AA 23 70.12 5.22 -13.13
C ALA AA 23 69.01 6.26 -13.14
N LYS AA 24 67.87 5.96 -12.51
CA LYS AA 24 66.72 6.86 -12.49
C LYS AA 24 66.33 7.07 -11.03
N LEU AA 25 67.00 8.00 -10.37
CA LEU AA 25 66.66 8.34 -8.99
C LEU AA 25 65.70 9.52 -8.97
N GLN AA 26 64.66 9.40 -8.15
CA GLN AA 26 63.69 10.46 -7.97
C GLN AA 26 64.12 11.50 -6.94
N LEU AA 27 65.32 11.35 -6.39
CA LEU AA 27 65.92 12.37 -5.55
C LEU AA 27 66.96 13.13 -6.38
N ARG AA 28 66.94 14.45 -6.28
CA ARG AA 28 67.81 15.27 -7.11
C ARG AA 28 69.13 15.55 -6.41
N TYR AA 29 70.18 15.69 -7.21
CA TYR AA 29 71.54 15.80 -6.73
C TYR AA 29 72.22 16.89 -7.54
N GLN AA 30 73.56 16.86 -7.58
CA GLN AA 30 74.38 17.87 -8.23
C GLN AA 30 74.09 18.06 -9.73
N GLU AA 31 73.40 17.13 -10.39
CA GLU AA 31 73.19 17.23 -11.83
C GLU AA 31 72.17 18.29 -12.21
N ILE AA 32 71.37 18.78 -11.27
CA ILE AA 32 70.35 19.77 -11.61
C ILE AA 32 71.00 21.14 -11.74
N SER AA 33 70.24 22.11 -12.22
CA SER AA 33 70.75 23.42 -12.56
C SER AA 33 71.26 24.17 -11.33
N LYS AA 34 72.15 25.11 -11.58
CA LYS AA 34 72.67 25.97 -10.51
C LYS AA 34 71.58 26.93 -10.05
N ARG AA 35 71.56 27.20 -8.76
CA ARG AA 35 70.57 28.12 -8.21
C ARG AA 35 70.86 29.56 -8.61
N THR AA 36 72.14 29.91 -8.74
CA THR AA 36 72.55 31.23 -9.20
C THR AA 36 72.88 31.13 -10.68
N GLN AA 37 72.05 31.74 -11.50
CA GLN AA 37 72.23 31.70 -12.94
C GLN AA 37 72.88 33.00 -13.44
N PRO AA 38 73.63 32.95 -14.54
CA PRO AA 38 74.20 34.17 -15.11
C PRO AA 38 73.12 35.08 -15.66
N PRO AA 39 73.39 36.38 -15.82
CA PRO AA 39 72.37 37.30 -16.32
C PRO AA 39 72.08 37.06 -17.80
N PRO AA 40 70.81 37.05 -18.19
CA PRO AA 40 70.45 36.74 -19.57
C PRO AA 40 70.44 37.94 -20.50
N LYS AA 41 70.03 37.70 -21.73
CA LYS AA 41 69.86 38.76 -22.74
C LYS AA 41 68.69 38.32 -23.62
N LEU AA 42 67.50 38.83 -23.31
CA LEU AA 42 66.35 38.32 -24.00
C LEU AA 42 66.19 39.00 -25.35
N PRO AA 43 65.81 38.27 -26.39
CA PRO AA 43 65.68 38.87 -27.72
C PRO AA 43 64.39 39.64 -27.89
N VAL AA 44 64.45 40.63 -28.76
CA VAL AA 44 63.32 41.50 -29.01
C VAL AA 44 62.48 40.93 -30.14
N GLY AA 45 61.23 41.36 -30.21
CA GLY AA 45 60.29 40.83 -31.16
C GLY AA 45 60.51 41.33 -32.58
N PRO AA 46 59.57 41.01 -33.48
CA PRO AA 46 59.75 41.38 -34.88
C PRO AA 46 59.43 42.83 -35.16
N SER AA 47 58.66 43.50 -34.30
CA SER AA 47 58.29 44.88 -34.51
C SER AA 47 59.21 45.85 -33.78
N HIS AA 48 60.33 45.38 -33.23
CA HIS AA 48 61.36 46.27 -32.68
C HIS AA 48 62.26 46.74 -33.81
N ARG AA 49 61.71 47.62 -34.65
CA ARG AA 49 62.40 48.17 -35.80
C ARG AA 49 62.20 49.67 -35.86
N LEU AA 50 63.16 50.35 -36.47
CA LEU AA 50 63.07 51.80 -36.61
C LEU AA 50 62.52 52.24 -37.96
N SER AA 51 62.24 51.31 -38.87
CA SER AA 51 61.73 51.67 -40.17
C SER AA 51 60.81 50.57 -40.66
N ASN AA 52 59.86 50.96 -41.52
CA ASN AA 52 58.82 50.08 -42.09
C ASN AA 52 58.05 49.37 -40.97
N ASN AA 53 57.69 50.15 -39.95
CA ASN AA 53 57.13 49.61 -38.72
C ASN AA 53 55.94 50.45 -38.29
N TYR AA 54 55.08 50.81 -39.25
CA TYR AA 54 53.87 51.53 -38.90
C TYR AA 54 52.87 50.60 -38.24
N TYR AA 55 52.11 51.15 -37.30
CA TYR AA 55 51.17 50.31 -36.56
C TYR AA 55 49.95 49.97 -37.42
N CYS AA 56 49.59 50.84 -38.35
CA CYS AA 56 48.42 50.63 -39.19
C CYS AA 56 48.56 49.44 -40.13
N ALA AA 57 49.78 49.07 -40.48
CA ALA AA 57 50.04 47.93 -41.35
C ALA AA 57 50.17 46.62 -40.60
N ARG AA 58 50.20 46.65 -39.27
CA ARG AA 58 50.21 45.45 -38.45
C ARG AA 58 49.17 45.54 -37.34
N ASP AA 59 48.09 46.27 -37.59
CA ASP AA 59 47.05 46.55 -36.61
C ASP AA 59 46.18 45.30 -36.47
N GLY AA 60 46.41 44.54 -35.41
CA GLY AA 60 45.70 43.30 -35.19
C GLY AA 60 44.25 43.46 -34.81
N ARG AA 61 43.96 44.36 -33.87
CA ARG AA 61 42.62 44.46 -33.31
C ARG AA 61 41.63 45.10 -34.28
N ARG AA 62 42.11 45.87 -35.25
CA ARG AA 62 41.24 46.69 -36.09
C ARG AA 62 40.93 46.04 -37.43
N GLU AA 63 41.31 44.78 -37.62
CA GLU AA 63 40.99 44.05 -38.82
C GLU AA 63 39.95 42.97 -38.59
N ALA AA 64 39.61 42.69 -37.33
CA ALA AA 64 38.48 41.81 -37.04
C ALA AA 64 37.19 42.54 -37.37
N MET AA 65 36.56 42.13 -38.45
CA MET AA 65 35.35 42.77 -38.96
C MET AA 65 34.14 42.27 -38.19
N PRO AA 66 32.98 42.92 -38.31
CA PRO AA 66 31.74 42.37 -37.78
C PRO AA 66 31.40 41.04 -38.45
N PRO AA 67 30.62 40.18 -37.77
CA PRO AA 67 30.21 38.90 -38.38
C PRO AA 67 29.33 39.13 -39.59
N SER AA 68 29.81 38.67 -40.75
CA SER AA 68 29.10 38.88 -42.00
C SER AA 68 27.83 38.03 -42.03
N ILE AA 69 26.69 38.70 -42.09
CA ILE AA 69 25.40 38.02 -42.04
C ILE AA 69 25.16 37.32 -43.37
N VAL AA 70 24.94 36.02 -43.31
CA VAL AA 70 24.77 35.20 -44.50
C VAL AA 70 23.31 35.18 -44.97
N MET AA 71 22.40 34.82 -44.07
CA MET AA 71 20.98 34.89 -44.31
C MET AA 71 20.37 35.79 -43.25
N SER AA 72 19.40 36.62 -43.65
CA SER AA 72 18.75 37.52 -42.71
C SER AA 72 17.28 37.64 -43.04
N SER AA 73 16.48 37.87 -42.01
CA SER AA 73 15.08 38.23 -42.18
C SER AA 73 14.87 39.74 -42.14
N GLN AA 74 15.91 40.50 -42.51
CA GLN AA 74 15.94 41.96 -42.57
C GLN AA 74 15.53 42.65 -41.27
N SER AA 91 19.79 26.12 -57.75
CA SER AA 91 18.77 25.30 -58.39
C SER AA 91 18.92 23.84 -57.96
N GLU AA 92 19.74 23.09 -58.69
CA GLU AA 92 20.08 21.73 -58.29
C GLU AA 92 21.37 21.68 -57.47
N LYS AA 93 21.43 22.53 -56.44
CA LYS AA 93 22.69 22.77 -55.77
C LYS AA 93 23.04 21.64 -54.80
N LYS AA 94 24.34 21.50 -54.56
CA LYS AA 94 24.87 20.41 -53.76
C LYS AA 94 24.46 20.55 -52.31
N ALA AA 95 24.07 19.44 -51.71
CA ALA AA 95 23.91 19.39 -50.26
C ALA AA 95 25.28 19.44 -49.61
N VAL AA 96 25.52 20.46 -48.79
CA VAL AA 96 26.85 20.71 -48.27
C VAL AA 96 26.92 20.35 -46.80
N SER AA 97 28.14 20.03 -46.38
CA SER AA 97 28.55 19.72 -45.03
C SER AA 97 29.33 20.90 -44.46
N PRO AA 98 29.47 21.01 -43.13
CA PRO AA 98 30.18 22.18 -42.57
C PRO AA 98 31.67 22.17 -42.86
N ALA AA 99 32.22 21.05 -43.23
CA ALA AA 99 33.64 20.83 -43.50
C ALA AA 99 33.70 19.54 -44.32
N PRO AA 100 34.86 19.08 -44.78
CA PRO AA 100 34.94 17.69 -45.23
C PRO AA 100 34.69 16.75 -44.06
N PRO AA 101 34.18 15.55 -44.34
CA PRO AA 101 34.15 14.50 -43.30
C PRO AA 101 35.56 14.16 -42.86
N ILE AA 102 35.70 13.90 -41.56
CA ILE AA 102 37.02 13.80 -40.94
C ILE AA 102 37.73 12.56 -41.45
N LYS AA 103 39.05 12.68 -41.63
CA LYS AA 103 39.85 11.53 -42.03
C LYS AA 103 39.88 10.53 -40.89
N ARG AA 104 39.69 9.25 -41.23
CA ARG AA 104 39.81 8.17 -40.25
C ARG AA 104 41.22 8.14 -39.69
N TRP AA 105 41.33 8.05 -38.38
CA TRP AA 105 42.64 8.03 -37.75
C TRP AA 105 43.38 6.75 -38.08
N GLU AA 106 44.67 6.88 -38.35
CA GLU AA 106 45.50 5.74 -38.66
C GLU AA 106 46.09 5.20 -37.37
N LEU AA 107 46.28 3.88 -37.34
CA LEU AA 107 46.81 3.22 -36.15
C LEU AA 107 48.27 3.62 -35.96
N SER AA 108 48.69 3.60 -34.69
CA SER AA 108 50.05 4.04 -34.35
C SER AA 108 51.08 3.07 -34.89
N GLN AA 109 52.14 3.63 -35.47
CA GLN AA 109 53.27 2.82 -35.89
C GLN AA 109 54.25 2.55 -34.76
N ASP AA 110 54.16 3.33 -33.67
CA ASP AA 110 55.14 3.23 -32.61
C ASP AA 110 54.82 2.09 -31.66
N GLU AA 111 53.69 2.16 -30.97
CA GLU AA 111 53.30 1.13 -30.01
C GLU AA 111 51.78 1.00 -30.05
N PRO AA 112 51.25 0.23 -31.00
CA PRO AA 112 49.80 0.17 -31.18
C PRO AA 112 49.06 -0.70 -30.19
N TYR AA 113 49.81 -1.44 -29.33
CA TYR AA 113 49.27 -2.44 -28.39
C TYR AA 113 48.47 -3.53 -29.12
N LEU AA 114 49.03 -4.05 -30.20
CA LEU AA 114 48.45 -5.25 -30.82
C LEU AA 114 49.54 -6.30 -31.03
N MET BA 1 83.54 -5.50 4.26
CA MET BA 1 82.12 -5.26 4.47
C MET BA 1 81.85 -3.78 4.64
N GLU BA 2 80.74 -3.31 4.07
CA GLU BA 2 80.32 -1.93 4.14
C GLU BA 2 79.33 -1.65 5.28
N LEU BA 3 78.89 -2.68 6.00
CA LEU BA 3 78.04 -2.45 7.18
C LEU BA 3 78.84 -1.85 8.33
N LEU BA 4 80.08 -2.31 8.52
CA LEU BA 4 80.94 -1.70 9.52
C LEU BA 4 81.31 -0.27 9.14
N GLN BA 5 81.33 0.04 7.84
CA GLN BA 5 81.50 1.43 7.43
C GLN BA 5 80.30 2.28 7.78
N VAL BA 6 79.09 1.70 7.74
CA VAL BA 6 77.89 2.39 8.18
C VAL BA 6 77.94 2.66 9.69
N LEU BA 7 78.43 1.68 10.45
CA LEU BA 7 78.57 1.89 11.88
C LEU BA 7 79.68 2.90 12.21
N LYS BA 8 80.74 2.94 11.40
CA LYS BA 8 81.76 3.96 11.56
C LYS BA 8 81.23 5.35 11.23
N ARG BA 9 80.38 5.45 10.20
CA ARG BA 9 79.78 6.75 9.88
C ARG BA 9 78.83 7.21 10.97
N GLY BA 10 78.11 6.26 11.58
CA GLY BA 10 77.30 6.60 12.74
C GLY BA 10 78.14 7.09 13.93
N LEU BA 11 79.24 6.39 14.21
CA LEU BA 11 80.10 6.80 15.33
C LEU BA 11 80.79 8.13 15.05
N GLN BA 12 81.12 8.44 13.81
CA GLN BA 12 81.76 9.72 13.55
C GLN BA 12 80.75 10.85 13.43
N GLN BA 13 79.47 10.54 13.19
CA GLN BA 13 78.44 11.55 13.42
C GLN BA 13 78.20 11.78 14.91
N VAL BA 14 78.42 10.75 15.74
CA VAL BA 14 78.35 10.97 17.18
C VAL BA 14 79.51 11.84 17.65
N SER BA 15 80.72 11.55 17.16
CA SER BA 15 81.89 12.33 17.55
C SER BA 15 81.96 13.69 16.84
N GLY BA 16 81.18 13.90 15.79
CA GLY BA 16 81.26 15.13 15.02
C GLY BA 16 80.51 16.31 15.61
N HIS BA 17 79.47 16.06 16.40
CA HIS BA 17 78.69 17.12 17.01
C HIS BA 17 79.22 17.53 18.37
N GLY BA 18 80.51 17.32 18.63
CA GLY BA 18 81.07 17.66 19.93
C GLY BA 18 80.73 16.66 21.01
N GLY BA 19 80.85 15.37 20.73
CA GLY BA 19 80.62 14.36 21.74
C GLY BA 19 79.17 13.93 21.81
N LEU BA 20 78.92 13.05 22.79
CA LEU BA 20 77.59 12.48 22.94
C LEU BA 20 76.59 13.50 23.45
N ARG BA 21 77.04 14.46 24.25
CA ARG BA 21 76.12 15.48 24.77
C ARG BA 21 75.65 16.42 23.67
N GLY BA 22 76.57 16.89 22.82
CA GLY BA 22 76.17 17.66 21.66
C GLY BA 22 75.41 16.86 20.64
N TYR BA 23 75.68 15.55 20.56
CA TYR BA 23 74.91 14.67 19.69
C TYR BA 23 73.46 14.58 20.15
N LEU BA 24 73.25 14.40 21.46
CA LEU BA 24 71.90 14.42 22.02
C LEU BA 24 71.25 15.78 21.87
N ARG BA 25 72.04 16.85 21.94
CA ARG BA 25 71.54 18.20 21.73
C ARG BA 25 70.94 18.35 20.33
N VAL BA 26 71.73 18.04 19.30
CA VAL BA 26 71.26 18.18 17.93
C VAL BA 26 70.20 17.14 17.60
N LEU BA 27 70.20 15.98 18.28
CA LEU BA 27 69.16 14.98 18.05
C LEU BA 27 67.82 15.42 18.60
N PHE BA 28 67.78 15.83 19.85
CA PHE BA 28 66.50 16.20 20.42
C PHE BA 28 66.02 17.58 20.00
N ARG BA 29 66.92 18.43 19.49
CA ARG BA 29 66.45 19.70 18.95
C ARG BA 29 66.18 19.66 17.46
N ALA BA 30 66.73 18.68 16.74
CA ALA BA 30 66.66 18.66 15.29
C ALA BA 30 65.92 17.47 14.72
N ASN BA 31 65.87 16.34 15.45
CA ASN BA 31 65.51 15.02 14.92
C ASN BA 31 66.33 14.70 13.68
N ASP BA 32 67.63 15.00 13.78
CA ASP BA 32 68.56 14.92 12.67
C ASP BA 32 69.96 14.92 13.25
N VAL BA 33 70.82 14.06 12.71
CA VAL BA 33 72.10 13.76 13.34
C VAL BA 33 73.29 14.07 12.46
N ARG BA 34 73.10 14.36 11.18
CA ARG BA 34 74.24 14.39 10.27
C ARG BA 34 75.04 15.66 10.44
N VAL BA 35 76.33 15.54 10.21
CA VAL BA 35 77.25 16.65 10.30
C VAL BA 35 77.29 17.36 8.96
N GLY BA 36 77.69 18.62 8.97
CA GLY BA 36 77.74 19.38 7.74
C GLY BA 36 78.80 20.45 7.80
N THR BA 37 79.16 20.94 6.62
CA THR BA 37 80.12 22.02 6.47
C THR BA 37 79.51 23.29 7.05
N LEU BA 38 80.05 23.77 8.16
CA LEU BA 38 79.54 24.96 8.82
C LEU BA 38 79.85 26.16 7.95
N VAL BA 39 78.85 26.58 7.17
CA VAL BA 39 79.02 27.73 6.28
C VAL BA 39 79.08 29.00 7.09
N GLY BA 40 78.07 29.25 7.91
CA GLY BA 40 78.08 30.54 8.55
C GLY BA 40 77.31 30.60 9.86
N GLU BA 41 77.30 31.80 10.40
CA GLU BA 41 76.53 32.14 11.59
C GLU BA 41 76.17 33.61 11.50
N ASP BA 42 74.94 33.95 11.84
CA ASP BA 42 74.49 35.33 11.82
C ASP BA 42 74.81 36.01 13.15
N LYS BA 43 74.23 37.18 13.38
CA LYS BA 43 74.41 37.93 14.61
C LYS BA 43 73.47 37.45 15.73
N TYR BA 44 72.87 36.28 15.59
CA TYR BA 44 71.99 35.71 16.60
C TYR BA 44 72.45 34.36 17.11
N GLY BA 45 73.12 33.57 16.28
CA GLY BA 45 73.53 32.23 16.63
C GLY BA 45 73.04 31.15 15.69
N ASN BA 46 72.35 31.50 14.60
CA ASN BA 46 71.85 30.49 13.67
C ASN BA 46 73.01 29.92 12.87
N LYS BA 47 73.29 28.63 13.06
CA LYS BA 47 74.41 28.01 12.37
C LYS BA 47 73.94 27.40 11.07
N TYR BA 48 74.51 27.85 9.96
CA TYR BA 48 74.08 27.47 8.62
C TYR BA 48 75.08 26.48 8.03
N TYR BA 49 74.58 25.31 7.63
CA TYR BA 49 75.38 24.16 7.26
C TYR BA 49 75.05 23.70 5.84
N GLU BA 50 76.08 23.21 5.14
CA GLU BA 50 75.97 22.55 3.85
C GLU BA 50 76.36 21.08 3.93
N ASP BA 51 75.75 20.29 3.04
CA ASP BA 51 76.22 18.93 2.73
C ASP BA 51 75.77 18.63 1.31
N ASN BA 52 76.66 18.82 0.34
CA ASN BA 52 76.28 18.65 -1.06
C ASN BA 52 76.19 17.18 -1.49
N LYS BA 53 76.52 16.24 -0.60
CA LYS BA 53 76.30 14.83 -0.89
C LYS BA 53 74.84 14.42 -0.66
N GLN BA 54 74.12 15.15 0.18
CA GLN BA 54 72.70 14.89 0.41
C GLN BA 54 71.90 15.32 -0.81
N PHE BA 55 70.66 14.83 -0.88
CA PHE BA 55 69.88 15.18 -2.05
C PHE BA 55 69.28 16.58 -1.89
N PHE BA 56 68.73 17.09 -2.99
CA PHE BA 56 68.37 18.50 -3.11
C PHE BA 56 67.18 18.81 -2.24
N GLY BA 57 67.46 19.37 -1.06
CA GLY BA 57 66.46 19.63 -0.05
C GLY BA 57 67.00 19.35 1.33
N ARG BA 58 67.88 18.36 1.45
CA ARG BA 58 68.59 18.10 2.69
C ARG BA 58 69.96 18.76 2.73
N HIS BA 59 70.37 19.43 1.66
CA HIS BA 59 71.76 19.84 1.47
C HIS BA 59 72.11 21.15 2.12
N ARG BA 60 71.14 21.90 2.65
CA ARG BA 60 71.40 23.16 3.34
C ARG BA 60 70.44 23.27 4.51
N TRP BA 61 70.97 23.36 5.72
CA TRP BA 61 70.08 23.47 6.87
C TRP BA 61 70.60 24.51 7.86
N VAL BA 62 69.75 24.83 8.82
CA VAL BA 62 70.08 25.77 9.89
C VAL BA 62 69.78 25.09 11.21
N ILE BA 63 70.72 25.20 12.14
CA ILE BA 63 70.47 24.88 13.54
C ILE BA 63 70.30 26.21 14.24
N TYR BA 64 69.06 26.50 14.64
CA TYR BA 64 68.71 27.82 15.14
C TYR BA 64 69.37 28.10 16.49
N THR BA 65 69.39 29.38 16.85
CA THR BA 65 69.98 29.78 18.10
C THR BA 65 69.07 29.42 19.27
N THR BA 66 69.60 29.57 20.47
CA THR BA 66 68.85 29.29 21.69
C THR BA 66 68.27 30.54 22.33
N GLU BA 67 68.64 31.72 21.85
CA GLU BA 67 68.16 32.97 22.44
C GLU BA 67 68.23 34.03 21.36
N MET BA 68 67.06 34.43 20.86
CA MET BA 68 66.96 35.44 19.82
C MET BA 68 65.91 36.47 20.25
N ASN BA 69 66.33 37.73 20.35
CA ASN BA 69 65.49 38.87 20.70
C ASN BA 69 64.80 38.69 22.06
N GLY BA 70 65.43 37.98 22.98
CA GLY BA 70 64.88 37.81 24.30
C GLY BA 70 63.85 36.70 24.45
N LYS BA 71 63.83 35.73 23.53
CA LYS BA 71 62.96 34.57 23.67
C LYS BA 71 63.84 33.32 23.78
N ASN BA 72 63.49 32.43 24.72
CA ASN BA 72 64.24 31.19 24.93
C ASN BA 72 63.84 30.21 23.85
N THR BA 73 64.60 30.19 22.75
CA THR BA 73 64.27 29.37 21.58
C THR BA 73 65.05 28.07 21.58
N PHE BA 74 65.28 27.48 22.75
CA PHE BA 74 65.98 26.20 22.80
C PHE BA 74 65.11 25.08 22.27
N TRP BA 75 63.82 25.11 22.58
CA TRP BA 75 62.85 24.17 22.02
C TRP BA 75 61.87 24.83 21.06
N ASP BA 76 61.54 26.10 21.29
CA ASP BA 76 60.55 26.81 20.50
C ASP BA 76 61.20 27.49 19.28
N VAL BA 77 61.87 26.67 18.48
CA VAL BA 77 62.48 27.17 17.26
C VAL BA 77 61.39 27.53 16.26
N ASP BA 78 61.65 28.53 15.45
CA ASP BA 78 60.64 29.07 14.56
C ASP BA 78 61.24 29.20 13.18
N GLY BA 79 60.43 28.91 12.15
CA GLY BA 79 60.92 29.00 10.79
C GLY BA 79 61.19 30.41 10.33
N SER BA 80 60.62 31.41 11.00
CA SER BA 80 60.80 32.80 10.64
C SER BA 80 62.00 33.44 11.33
N MET BA 81 62.82 32.66 12.05
CA MET BA 81 63.96 33.21 12.76
C MET BA 81 65.13 33.52 11.83
N VAL BA 82 65.06 33.11 10.57
CA VAL BA 82 66.17 33.31 9.62
C VAL BA 82 66.20 34.77 9.17
N PRO BA 83 67.33 35.46 9.30
CA PRO BA 83 67.43 36.82 8.78
C PRO BA 83 67.44 36.83 7.27
N PRO BA 84 67.04 37.95 6.64
CA PRO BA 84 66.81 37.93 5.18
C PRO BA 84 68.04 37.75 4.31
N GLU BA 85 69.26 37.95 4.83
CA GLU BA 85 70.42 37.69 4.00
C GLU BA 85 70.69 36.21 3.86
N TRP BA 86 70.27 35.40 4.84
CA TRP BA 86 70.39 33.95 4.77
C TRP BA 86 69.12 33.30 4.25
N HIS BA 87 68.05 34.06 4.08
CA HIS BA 87 66.78 33.54 3.59
C HIS BA 87 66.80 33.30 2.09
N ARG BA 88 67.71 33.93 1.35
CA ARG BA 88 67.96 33.53 -0.04
C ARG BA 88 68.66 32.19 -0.09
N TRP BA 89 69.73 32.06 0.69
CA TRP BA 89 70.60 30.92 0.59
C TRP BA 89 69.96 29.66 1.16
N LEU BA 90 69.16 29.81 2.22
CA LEU BA 90 68.52 28.64 2.83
C LEU BA 90 67.36 28.15 1.99
N HIS BA 91 66.58 29.05 1.41
CA HIS BA 91 65.48 28.68 0.52
C HIS BA 91 65.94 28.42 -0.89
N CYS BA 92 67.26 28.29 -1.12
CA CYS BA 92 67.87 27.96 -2.41
C CYS BA 92 67.49 28.97 -3.49
N MET BA 93 67.46 30.24 -3.11
CA MET BA 93 67.31 31.29 -4.09
C MET BA 93 68.65 31.67 -4.72
N THR BA 94 69.75 31.14 -4.21
CA THR BA 94 71.07 31.49 -4.68
C THR BA 94 72.06 30.39 -4.29
N ASP BA 95 73.23 30.44 -4.93
CA ASP BA 95 74.35 29.59 -4.56
C ASP BA 95 75.28 30.25 -3.55
N ASP BA 96 75.09 31.53 -3.26
CA ASP BA 96 76.06 32.29 -2.49
C ASP BA 96 75.54 32.61 -1.10
N PRO BA 97 76.23 32.21 -0.05
CA PRO BA 97 75.87 32.68 1.29
C PRO BA 97 76.24 34.15 1.43
N PRO BA 98 75.64 34.87 2.38
CA PRO BA 98 76.03 36.27 2.60
C PRO BA 98 77.37 36.45 3.29
N THR BA 99 78.06 35.39 3.66
CA THR BA 99 79.47 35.52 4.02
C THR BA 99 80.35 35.64 2.79
N VAL BA 100 79.85 35.27 1.61
CA VAL BA 100 80.59 35.42 0.36
C VAL BA 100 80.09 36.61 -0.44
N LYS BA 101 78.77 36.69 -0.66
CA LYS BA 101 78.14 37.84 -1.29
C LYS BA 101 77.25 38.53 -0.27
N PRO BA 102 77.77 39.49 0.52
CA PRO BA 102 76.93 40.15 1.50
C PRO BA 102 75.92 41.07 0.83
N PRO BA 103 74.76 41.28 1.44
CA PRO BA 103 73.78 42.18 0.83
C PRO BA 103 74.24 43.63 0.89
N THR BA 104 73.64 44.44 0.03
CA THR BA 104 74.06 45.82 -0.08
C THR BA 104 73.59 46.61 1.13
N ALA BA 105 74.51 47.31 1.79
CA ALA BA 105 74.18 48.01 3.02
C ALA BA 105 73.39 49.28 2.72
N ARG BA 106 72.27 49.43 3.41
CA ARG BA 106 71.44 50.62 3.33
C ARG BA 106 71.21 51.17 4.73
N LYS BA 107 70.93 52.48 4.80
CA LYS BA 107 70.71 53.11 6.09
C LYS BA 107 69.37 52.73 6.72
N PHE BA 108 68.44 52.18 5.93
CA PHE BA 108 67.09 51.93 6.41
C PHE BA 108 66.77 50.46 6.63
N ILE BA 109 67.58 49.53 6.11
CA ILE BA 109 67.36 48.11 6.36
C ILE BA 109 67.61 47.81 7.83
N TRP BA 110 66.75 47.00 8.43
CA TRP BA 110 66.81 46.74 9.86
C TRP BA 110 68.10 46.05 10.27
N THR BA 111 68.73 46.60 11.30
CA THR BA 111 69.89 45.93 11.88
C THR BA 111 69.48 44.70 12.67
N ASN BA 112 68.28 44.70 13.25
CA ASN BA 112 67.81 43.64 14.13
C ASN BA 112 66.60 42.97 13.47
N HIS BA 113 66.79 41.74 13.00
CA HIS BA 113 65.68 40.98 12.44
C HIS BA 113 64.75 40.50 13.54
N LYS BA 114 63.46 40.64 13.30
CA LYS BA 114 62.44 40.17 14.23
C LYS BA 114 61.73 38.96 13.64
N PHE BA 115 61.36 38.02 14.50
CA PHE BA 115 60.61 36.85 14.09
C PHE BA 115 59.12 37.20 14.02
N ASN BA 116 58.27 36.18 13.88
CA ASN BA 116 56.83 36.38 13.83
C ASN BA 116 56.34 36.78 15.22
N LEU BA 117 55.97 38.04 15.37
CA LEU BA 117 55.59 38.60 16.66
C LEU BA 117 54.12 38.41 16.97
N SER BA 118 53.39 37.69 16.13
CA SER BA 118 51.96 37.52 16.37
C SER BA 118 51.74 36.54 17.52
N GLY BA 119 50.77 36.89 18.38
CA GLY BA 119 50.56 36.20 19.64
C GLY BA 119 51.16 36.92 20.82
N THR BA 120 52.08 37.83 20.60
CA THR BA 120 52.77 38.60 21.63
C THR BA 120 52.22 40.01 21.66
N PRO BA 121 52.52 40.79 22.69
CA PRO BA 121 52.19 42.23 22.64
C PRO BA 121 53.01 43.05 21.67
N GLN BA 122 53.99 42.47 20.97
CA GLN BA 122 54.71 43.18 19.93
C GLN BA 122 54.11 42.94 18.55
N GLN BA 123 52.86 42.50 18.48
CA GLN BA 123 52.27 42.12 17.22
C GLN BA 123 51.71 43.33 16.49
N TYR BA 124 51.30 43.12 15.25
CA TYR BA 124 50.71 44.17 14.44
C TYR BA 124 49.28 44.45 14.85
N VAL BA 125 48.90 45.73 14.86
CA VAL BA 125 47.54 46.16 15.10
C VAL BA 125 47.15 47.09 13.95
N PRO BA 126 46.08 46.83 13.24
CA PRO BA 126 45.72 47.68 12.10
C PRO BA 126 45.04 48.97 12.55
N TYR BA 127 45.27 50.01 11.77
CA TYR BA 127 44.66 51.31 12.04
C TYR BA 127 44.71 52.13 10.77
N SER BA 128 43.76 53.03 10.63
CA SER BA 128 43.74 53.95 9.51
C SER BA 128 44.90 54.92 9.62
N THR BA 129 45.54 55.20 8.50
CA THR BA 129 46.65 56.15 8.48
C THR BA 129 46.25 57.52 7.97
N THR BA 130 44.96 57.75 7.70
CA THR BA 130 44.49 59.05 7.27
C THR BA 130 44.04 59.88 8.45
N ARG BA 131 44.03 61.20 8.25
CA ARG BA 131 43.63 62.14 9.28
C ARG BA 131 42.12 62.31 9.26
N LYS BA 132 41.62 63.30 9.99
CA LYS BA 132 40.18 63.53 10.06
C LYS BA 132 39.72 64.27 8.80
N LYS BA 133 38.62 63.79 8.21
CA LYS BA 133 38.14 64.38 6.97
C LYS BA 133 37.26 65.59 7.23
N ILE BA 134 36.24 65.45 8.07
CA ILE BA 134 35.31 66.53 8.37
C ILE BA 134 35.76 67.21 9.65
N GLN BA 135 36.10 68.49 9.57
CA GLN BA 135 36.47 69.27 10.73
C GLN BA 135 35.21 69.88 11.33
N GLU BA 136 34.87 69.48 12.55
CA GLU BA 136 33.64 69.93 13.16
C GLU BA 136 33.77 71.36 13.66
N TRP BA 137 32.64 72.07 13.67
CA TRP BA 137 32.60 73.43 14.17
C TRP BA 137 32.57 73.41 15.69
N VAL BA 138 33.64 73.92 16.30
CA VAL BA 138 33.67 74.08 17.75
C VAL BA 138 32.90 75.35 18.09
N PRO BA 139 31.85 75.27 18.90
CA PRO BA 139 31.09 76.47 19.23
C PRO BA 139 31.89 77.40 20.12
N PRO BA 140 31.61 78.71 20.09
CA PRO BA 140 32.42 79.64 20.87
C PRO BA 140 32.17 79.49 22.37
N SER BA 141 33.27 79.43 23.12
CA SER BA 141 33.23 79.22 24.55
C SER BA 141 32.80 80.47 25.33
N THR BA 142 32.67 81.59 24.67
CA THR BA 142 32.02 82.68 25.38
C THR BA 142 30.49 82.52 25.28
N PRO BA 143 29.75 82.96 26.29
CA PRO BA 143 28.28 82.92 26.17
C PRO BA 143 27.78 83.91 25.13
N TYR BA 144 26.58 83.65 24.64
CA TYR BA 144 25.99 84.41 23.55
C TYR BA 144 25.25 85.66 24.03
N LYS BA 145 25.37 86.01 25.30
CA LYS BA 145 24.72 87.18 25.84
C LYS BA 145 25.66 88.37 25.87
N PRO CA 74 -21.48 9.03 7.86
CA PRO CA 74 -21.95 7.97 6.94
C PRO CA 74 -23.23 7.31 7.43
N LEU CA 75 -23.49 7.40 8.73
CA LEU CA 75 -24.67 6.76 9.31
C LEU CA 75 -25.90 7.63 9.14
N THR CA 76 -25.87 8.84 9.71
CA THR CA 76 -27.01 9.76 9.67
C THR CA 76 -26.57 11.10 9.08
N LEU CA 77 -27.56 11.83 8.56
CA LEU CA 77 -27.32 13.19 8.11
C LEU CA 77 -27.15 14.14 9.29
N GLU CA 78 -27.82 13.85 10.41
CA GLU CA 78 -27.77 14.71 11.58
C GLU CA 78 -26.39 14.67 12.23
N GLY CA 79 -25.80 13.47 12.32
CA GLY CA 79 -24.44 13.36 12.84
C GLY CA 79 -23.41 14.02 11.96
N ILE CA 80 -23.63 14.01 10.63
CA ILE CA 80 -22.71 14.66 9.71
C ILE CA 80 -22.83 16.18 9.82
N LYS CA 81 -24.05 16.70 9.95
CA LYS CA 81 -24.25 18.13 10.14
C LYS CA 81 -23.65 18.60 11.47
N ASP CA 82 -23.88 17.83 12.54
CA ASP CA 82 -23.33 18.20 13.84
C ASP CA 82 -21.82 18.05 13.87
N ARG CA 83 -21.27 17.15 13.07
CA ARG CA 83 -19.83 17.00 12.97
C ARG CA 83 -19.20 18.13 12.15
N VAL CA 84 -19.90 18.64 11.13
CA VAL CA 84 -19.47 19.86 10.46
C VAL CA 84 -19.45 21.04 11.43
N LEU CA 85 -20.48 21.14 12.28
CA LEU CA 85 -20.49 22.18 13.30
C LEU CA 85 -19.36 21.99 14.32
N TYR CA 86 -19.02 20.74 14.63
CA TYR CA 86 -17.93 20.46 15.55
C TYR CA 86 -16.58 20.84 14.95
N VAL CA 87 -16.39 20.58 13.66
CA VAL CA 87 -15.20 21.02 12.94
C VAL CA 87 -15.07 22.54 12.98
N LEU CA 88 -16.16 23.24 12.66
CA LEU CA 88 -16.08 24.69 12.59
C LEU CA 88 -16.12 25.38 13.94
N LYS CA 89 -16.44 24.66 15.02
CA LYS CA 89 -16.23 25.23 16.34
C LYS CA 89 -14.87 24.88 16.92
N LEU CA 90 -14.20 23.84 16.40
CA LEU CA 90 -12.78 23.71 16.70
C LEU CA 90 -11.95 24.75 15.96
N TYR CA 91 -12.47 25.27 14.84
CA TYR CA 91 -11.78 26.28 14.06
C TYR CA 91 -11.81 27.62 14.79
N ASP CA 92 -10.70 28.35 14.76
CA ASP CA 92 -10.52 29.46 15.69
C ASP CA 92 -10.91 30.83 15.12
N LYS CA 93 -10.97 30.99 13.80
CA LYS CA 93 -11.23 32.33 13.27
C LYS CA 93 -12.73 32.65 13.23
N ILE CA 94 -13.57 31.65 13.00
CA ILE CA 94 -15.00 31.88 12.85
C ILE CA 94 -15.63 32.19 14.21
N ASP CA 95 -16.40 33.27 14.25
CA ASP CA 95 -17.27 33.61 15.38
C ASP CA 95 -18.24 32.46 15.66
N PRO CA 96 -18.20 31.86 16.85
CA PRO CA 96 -19.17 30.79 17.16
C PRO CA 96 -20.59 31.29 17.31
N GLU CA 97 -20.78 32.59 17.54
CA GLU CA 97 -22.11 33.15 17.70
C GLU CA 97 -22.86 33.20 16.37
N LYS CA 98 -22.20 33.66 15.31
CA LYS CA 98 -22.82 33.76 14.00
C LYS CA 98 -22.76 32.44 13.25
N LEU CA 99 -21.99 31.47 13.75
CA LEU CA 99 -21.77 30.20 13.06
C LEU CA 99 -23.06 29.38 13.02
N SER CA 100 -23.68 29.35 11.84
CA SER CA 100 -24.88 28.57 11.59
C SER CA 100 -24.67 27.75 10.33
N VAL CA 101 -25.65 26.87 10.05
CA VAL CA 101 -25.52 25.95 8.93
C VAL CA 101 -25.65 26.70 7.60
N ASN CA 102 -26.40 27.79 7.59
CA ASN CA 102 -26.64 28.55 6.37
C ASN CA 102 -25.83 29.85 6.33
N SER CA 103 -24.84 29.99 7.21
CA SER CA 103 -23.99 31.17 7.20
C SER CA 103 -22.96 31.07 6.09
N HIS CA 104 -22.77 32.18 5.37
CA HIS CA 104 -21.79 32.22 4.30
C HIS CA 104 -20.41 32.53 4.87
N PHE CA 105 -19.37 31.91 4.30
CA PHE CA 105 -18.03 32.06 4.85
C PHE CA 105 -17.46 33.44 4.56
N MET CA 106 -17.50 33.87 3.29
CA MET CA 106 -16.75 35.05 2.88
C MET CA 106 -17.43 36.34 3.34
N LYS CA 107 -18.65 36.59 2.88
CA LYS CA 107 -19.28 37.88 3.06
C LYS CA 107 -20.05 37.99 4.37
N ASP CA 108 -20.18 36.92 5.14
CA ASP CA 108 -20.87 36.98 6.42
C ASP CA 108 -19.91 36.70 7.59
N LEU CA 109 -19.20 35.58 7.55
CA LEU CA 109 -18.24 35.27 8.61
C LEU CA 109 -16.94 36.04 8.48
N GLY CA 110 -16.70 36.68 7.33
CA GLY CA 110 -15.50 37.48 7.13
C GLY CA 110 -14.24 36.65 7.05
N LEU CA 111 -14.12 35.85 6.00
CA LEU CA 111 -13.01 34.91 5.87
C LEU CA 111 -12.25 35.16 4.57
N ASP CA 112 -10.94 34.94 4.63
CA ASP CA 112 -10.11 34.89 3.45
C ASP CA 112 -10.39 33.57 2.70
N SER CA 113 -9.95 33.49 1.45
CA SER CA 113 -10.16 32.28 0.67
C SER CA 113 -9.36 31.11 1.23
N LEU CA 114 -8.13 31.38 1.68
CA LEU CA 114 -7.30 30.34 2.29
C LEU CA 114 -7.90 29.85 3.61
N ASP CA 115 -8.67 30.70 4.29
CA ASP CA 115 -9.40 30.25 5.47
C ASP CA 115 -10.45 29.22 5.11
N GLN CA 116 -11.17 29.43 4.00
CA GLN CA 116 -12.11 28.42 3.52
C GLN CA 116 -11.39 27.16 3.07
N VAL CA 117 -10.19 27.30 2.52
CA VAL CA 117 -9.41 26.14 2.10
C VAL CA 117 -8.98 25.30 3.31
N GLU CA 118 -8.56 25.94 4.39
CA GLU CA 118 -8.20 25.16 5.57
C GLU CA 118 -9.43 24.65 6.31
N ILE CA 119 -10.59 25.27 6.12
CA ILE CA 119 -11.86 24.67 6.56
C ILE CA 119 -12.10 23.36 5.82
N ILE CA 120 -11.90 23.36 4.50
CA ILE CA 120 -12.05 22.15 3.68
C ILE CA 120 -11.05 21.08 4.10
N MET CA 121 -9.82 21.48 4.44
CA MET CA 121 -8.84 20.50 4.89
C MET CA 121 -9.15 19.97 6.28
N ALA CA 122 -9.80 20.78 7.13
CA ALA CA 122 -10.28 20.25 8.41
C ALA CA 122 -11.41 19.26 8.19
N MET CA 123 -12.26 19.51 7.18
CA MET CA 123 -13.29 18.53 6.81
C MET CA 123 -12.66 17.23 6.30
N GLU CA 124 -11.56 17.34 5.56
CA GLU CA 124 -10.84 16.15 5.11
C GLU CA 124 -10.20 15.41 6.27
N ASP CA 125 -9.71 16.15 7.27
CA ASP CA 125 -9.13 15.51 8.45
C ASP CA 125 -10.19 14.78 9.27
N GLU CA 126 -11.39 15.35 9.36
CA GLU CA 126 -12.40 14.75 10.22
C GLU CA 126 -13.17 13.63 9.52
N PHE CA 127 -13.63 13.86 8.29
CA PHE CA 127 -14.52 12.92 7.63
C PHE CA 127 -13.76 11.77 6.96
N GLY CA 128 -12.53 12.01 6.54
CA GLY CA 128 -11.69 10.92 6.05
C GLY CA 128 -11.90 10.54 4.60
N PHE CA 129 -12.16 11.51 3.72
CA PHE CA 129 -12.18 11.24 2.30
C PHE CA 129 -11.67 12.48 1.58
N GLU CA 130 -10.90 12.25 0.51
CA GLU CA 130 -10.23 13.35 -0.18
C GLU CA 130 -11.23 14.15 -1.00
N ILE CA 131 -11.22 15.45 -0.82
CA ILE CA 131 -12.15 16.37 -1.47
C ILE CA 131 -11.37 17.11 -2.56
N PRO CA 132 -11.78 17.01 -3.82
CA PRO CA 132 -11.05 17.69 -4.90
C PRO CA 132 -11.18 19.21 -4.89
N ASP CA 133 -10.61 19.88 -5.88
CA ASP CA 133 -10.59 21.33 -5.87
C ASP CA 133 -11.87 21.95 -6.41
N ILE CA 134 -12.39 21.44 -7.53
CA ILE CA 134 -13.49 22.10 -8.23
C ILE CA 134 -14.80 21.98 -7.47
N ASP CA 135 -14.92 20.98 -6.59
CA ASP CA 135 -16.12 20.80 -5.78
C ASP CA 135 -15.93 21.22 -4.32
N ALA CA 136 -14.77 21.78 -3.98
CA ALA CA 136 -14.57 22.43 -2.69
C ALA CA 136 -14.60 23.95 -2.79
N GLU CA 137 -14.36 24.51 -3.97
CA GLU CA 137 -14.53 25.94 -4.17
C GLU CA 137 -16.01 26.30 -4.25
N LYS CA 138 -16.87 25.34 -4.60
CA LYS CA 138 -18.30 25.54 -4.60
C LYS CA 138 -18.94 25.28 -3.24
N LEU CA 139 -18.16 25.38 -2.16
CA LEU CA 139 -18.66 25.13 -0.80
C LEU CA 139 -18.51 26.41 0.01
N MET CA 140 -19.52 27.28 -0.07
CA MET CA 140 -19.48 28.58 0.56
C MET CA 140 -20.33 28.68 1.81
N CYS CA 141 -20.96 27.58 2.23
CA CYS CA 141 -21.68 27.53 3.50
C CYS CA 141 -21.64 26.10 4.00
N PRO CA 142 -21.77 25.88 5.31
CA PRO CA 142 -21.79 24.50 5.83
C PRO CA 142 -22.96 23.66 5.36
N GLN CA 143 -24.04 24.28 4.87
CA GLN CA 143 -25.11 23.51 4.25
C GLN CA 143 -24.65 22.88 2.94
N GLU CA 144 -23.86 23.64 2.15
CA GLU CA 144 -23.24 23.06 0.97
C GLU CA 144 -22.26 21.96 1.33
N ILE CA 145 -21.57 22.11 2.46
CA ILE CA 145 -20.62 21.09 2.93
C ILE CA 145 -21.35 19.80 3.28
N VAL CA 146 -22.42 19.90 4.07
CA VAL CA 146 -23.14 18.70 4.50
C VAL CA 146 -23.89 18.08 3.33
N ASP CA 147 -24.30 18.89 2.35
CA ASP CA 147 -24.92 18.33 1.15
C ASP CA 147 -23.91 17.60 0.28
N TYR CA 148 -22.70 18.15 0.16
CA TYR CA 148 -21.65 17.48 -0.61
C TYR CA 148 -21.21 16.18 0.06
N ILE CA 149 -21.19 16.15 1.39
CA ILE CA 149 -20.87 14.90 2.09
C ILE CA 149 -22.02 13.90 1.95
N ALA CA 150 -23.26 14.41 1.87
CA ALA CA 150 -24.40 13.53 1.60
C ALA CA 150 -24.37 12.98 0.17
N ASP CA 151 -23.78 13.73 -0.76
CA ASP CA 151 -23.73 13.28 -2.15
C ASP CA 151 -22.69 12.19 -2.38
N LYS CA 152 -21.57 12.25 -1.66
CA LYS CA 152 -20.50 11.27 -1.81
C LYS CA 152 -20.71 10.03 -0.96
N LYS CA 153 -21.74 10.01 -0.11
CA LYS CA 153 -22.07 8.84 0.68
C LYS CA 153 -23.54 8.48 0.44
N ASP CA 154 -24.09 7.57 1.23
CA ASP CA 154 -25.49 7.19 1.04
C ASP CA 154 -26.44 8.10 1.80
N VAL CA 155 -26.34 8.10 3.14
CA VAL CA 155 -27.29 8.66 4.13
C VAL CA 155 -28.76 8.73 3.71
N LEU DA 36 -0.36 -40.25 -22.10
CA LEU DA 36 0.22 -38.92 -22.33
C LEU DA 36 1.50 -38.98 -23.16
N GLN DA 37 1.95 -37.82 -23.59
CA GLN DA 37 3.19 -37.68 -24.34
C GLN DA 37 4.23 -36.84 -23.62
N TYR DA 38 3.87 -35.63 -23.21
CA TYR DA 38 4.80 -34.72 -22.54
C TYR DA 38 4.44 -34.62 -21.06
N GLY DA 39 5.47 -34.55 -20.22
CA GLY DA 39 5.31 -34.37 -18.81
C GLY DA 39 6.64 -34.14 -18.13
N PRO DA 40 6.70 -34.38 -16.83
CA PRO DA 40 7.98 -34.26 -16.13
C PRO DA 40 8.99 -35.33 -16.50
N LEU DA 41 8.53 -36.52 -16.89
CA LEU DA 41 9.45 -37.61 -17.21
C LEU DA 41 10.21 -37.31 -18.50
N ALA DA 42 9.53 -36.79 -19.52
CA ALA DA 42 10.22 -36.40 -20.75
C ALA DA 42 11.08 -35.17 -20.53
N TYR DA 43 10.76 -34.35 -19.53
CA TYR DA 43 11.57 -33.19 -19.22
C TYR DA 43 12.89 -33.59 -18.55
N ILE DA 44 12.84 -34.60 -17.68
CA ILE DA 44 14.05 -35.05 -16.99
C ILE DA 44 15.03 -35.69 -17.96
N LEU DA 45 14.51 -36.49 -18.90
CA LEU DA 45 15.36 -37.30 -19.77
C LEU DA 45 16.06 -36.52 -20.86
N GLY DA 46 15.79 -35.22 -21.01
CA GLY DA 46 16.59 -34.43 -21.92
C GLY DA 46 15.87 -33.38 -22.73
N GLU DA 47 14.54 -33.42 -22.78
CA GLU DA 47 13.79 -32.51 -23.64
C GLU DA 47 13.64 -31.17 -22.94
N LYS DA 48 14.65 -30.32 -23.08
CA LYS DA 48 14.55 -28.93 -22.67
C LYS DA 48 13.97 -28.13 -23.83
N THR DA 49 13.15 -27.14 -23.51
CA THR DA 49 12.43 -26.41 -24.54
C THR DA 49 13.20 -25.20 -25.06
N THR DA 50 14.28 -24.79 -24.42
CA THR DA 50 15.13 -23.73 -24.94
C THR DA 50 16.20 -24.27 -25.88
N LYS DA 51 16.26 -25.59 -26.07
CA LYS DA 51 17.16 -26.16 -27.06
C LYS DA 51 16.69 -25.84 -28.47
N LYS DA 52 15.38 -25.68 -28.66
CA LYS DA 52 14.78 -25.38 -29.94
C LYS DA 52 14.32 -23.93 -30.07
N MET DA 53 14.43 -23.15 -29.00
CA MET DA 53 14.02 -21.76 -29.00
C MET DA 53 15.00 -20.92 -29.79
N THR DA 54 14.71 -20.69 -31.08
CA THR DA 54 15.56 -19.87 -31.93
C THR DA 54 15.03 -18.44 -31.99
N GLU DA 55 15.69 -17.62 -32.80
CA GLU DA 55 15.24 -16.23 -32.96
C GLU DA 55 14.08 -16.10 -33.92
N ASN DA 56 13.77 -17.15 -34.68
CA ASN DA 56 12.52 -17.21 -35.43
C ASN DA 56 11.35 -17.60 -34.54
N SER DA 57 11.63 -18.21 -33.38
CA SER DA 57 10.59 -18.59 -32.43
C SER DA 57 10.14 -17.34 -31.67
N LYS DA 58 9.29 -16.55 -32.32
CA LYS DA 58 8.77 -15.32 -31.74
C LYS DA 58 7.26 -15.30 -31.91
N LEU DA 59 6.55 -15.18 -30.80
CA LEU DA 59 5.09 -15.06 -30.81
C LEU DA 59 4.70 -13.62 -31.13
N ILE DA 60 3.99 -13.43 -32.24
CA ILE DA 60 3.70 -12.11 -32.79
C ILE DA 60 2.19 -11.97 -32.94
N THR DA 61 1.62 -10.89 -32.43
CA THR DA 61 0.18 -10.66 -32.47
C THR DA 61 -0.09 -9.34 -33.20
N VAL DA 62 -0.91 -9.41 -34.25
CA VAL DA 62 -1.25 -8.25 -35.05
C VAL DA 62 -2.59 -7.72 -34.56
N ASP DA 63 -2.68 -6.41 -34.36
CA ASP DA 63 -3.86 -5.75 -33.83
C ASP DA 63 -4.34 -4.67 -34.79
N GLY DA 64 -5.46 -4.06 -34.45
CA GLY DA 64 -6.07 -3.05 -35.28
C GLY DA 64 -7.57 -3.10 -35.17
N ASN DA 65 -8.24 -2.18 -35.89
CA ASN DA 65 -9.68 -2.03 -35.80
C ASN DA 65 -10.35 -3.12 -36.65
N ILE DA 66 -11.66 -3.00 -36.89
CA ILE DA 66 -12.44 -4.11 -37.43
C ILE DA 66 -12.04 -4.41 -38.87
N CYS DA 67 -11.78 -3.38 -39.66
CA CYS DA 67 -11.37 -3.61 -41.05
C CYS DA 67 -10.02 -3.00 -41.32
N SER DA 68 -9.04 -3.30 -40.46
CA SER DA 68 -7.69 -2.77 -40.58
C SER DA 68 -6.90 -3.34 -41.76
N GLY DA 69 -7.42 -4.34 -42.44
CA GLY DA 69 -6.63 -5.01 -43.47
C GLY DA 69 -5.50 -5.85 -42.91
N LYS DA 70 -5.62 -6.28 -41.66
CA LYS DA 70 -4.59 -7.08 -41.03
C LYS DA 70 -4.85 -8.56 -41.28
N LYS DA 72 -5.19 -10.38 -43.88
CA LYS DA 72 -4.25 -11.07 -44.76
C LYS DA 72 -2.82 -10.66 -44.44
N LEU DA 73 -2.67 -9.44 -43.87
CA LEU DA 73 -1.35 -8.91 -43.52
C LEU DA 73 -0.63 -9.83 -42.56
N ALA DA 74 -1.33 -10.30 -41.53
CA ALA DA 74 -0.76 -11.24 -40.58
C ALA DA 74 -0.31 -12.53 -41.25
N LYS DA 75 -1.12 -13.03 -42.21
CA LYS DA 75 -0.71 -14.21 -42.97
C LYS DA 75 0.52 -13.91 -43.80
N GLU DA 76 0.58 -12.69 -44.34
CA GLU DA 76 1.78 -12.27 -45.06
C GLU DA 76 2.96 -12.16 -44.10
N VAL DA 77 2.72 -11.67 -42.88
CA VAL DA 77 3.76 -11.65 -41.86
C VAL DA 77 4.09 -13.09 -41.46
N ALA DA 78 3.12 -13.99 -41.55
CA ALA DA 78 3.41 -15.39 -41.29
C ALA DA 78 4.08 -16.10 -42.45
N GLU DA 79 3.96 -15.59 -43.68
CA GLU DA 79 4.42 -16.39 -44.81
C GLU DA 79 5.85 -16.07 -45.20
N LYS DA 80 6.36 -14.90 -44.83
CA LYS DA 80 7.74 -14.52 -45.11
C LYS DA 80 8.70 -15.04 -44.07
N LEU DA 81 8.33 -14.96 -42.79
CA LEU DA 81 9.15 -15.49 -41.71
C LEU DA 81 8.96 -16.98 -41.51
N GLY DA 82 7.98 -17.59 -42.19
CA GLY DA 82 7.72 -19.00 -41.98
C GLY DA 82 7.01 -19.30 -40.68
N LEU DA 83 6.24 -18.36 -40.17
CA LEU DA 83 5.52 -18.55 -38.92
C LEU DA 83 4.16 -19.18 -39.21
N LYS DA 84 3.62 -19.87 -38.21
CA LYS DA 84 2.31 -20.50 -38.35
C LYS DA 84 1.24 -19.47 -38.01
N HIS DA 85 0.36 -19.20 -38.96
CA HIS DA 85 -0.68 -18.20 -38.76
C HIS DA 85 -1.89 -18.82 -38.07
N PHE DA 86 -2.34 -18.16 -37.01
CA PHE DA 86 -3.62 -18.49 -36.41
C PHE DA 86 -4.59 -17.38 -36.75
N PRO DA 87 -5.72 -17.66 -37.39
CA PRO DA 87 -6.74 -16.64 -37.61
C PRO DA 87 -7.39 -16.23 -36.30
N GLU DA 88 -8.13 -15.13 -36.35
CA GLU DA 88 -8.78 -14.58 -35.17
C GLU DA 88 -9.88 -15.51 -34.68
N ALA DA 89 -9.83 -15.85 -33.39
CA ALA DA 89 -10.76 -16.80 -32.81
C ALA DA 89 -12.13 -16.16 -32.68
N GLY DA 90 -13.05 -16.58 -33.54
CA GLY DA 90 -14.43 -16.17 -33.40
C GLY DA 90 -15.16 -16.99 -32.36
N ILE DA 91 -16.41 -17.34 -32.66
CA ILE DA 91 -17.16 -18.17 -31.74
C ILE DA 91 -16.68 -19.62 -31.82
N HIS DA 92 -16.26 -20.05 -33.01
CA HIS DA 92 -16.11 -21.46 -33.33
C HIS DA 92 -14.65 -21.85 -33.53
N TYR DA 93 -13.75 -21.31 -32.71
CA TYR DA 93 -12.36 -21.78 -32.74
C TYR DA 93 -12.23 -23.13 -32.06
N ALA DA 94 -12.84 -23.27 -30.87
CA ALA DA 94 -12.84 -24.54 -30.15
C ALA DA 94 -13.56 -25.63 -30.93
N ASP DA 95 -14.54 -25.25 -31.75
CA ASP DA 95 -15.16 -26.20 -32.65
C ASP DA 95 -14.24 -26.59 -33.79
N SER DA 96 -13.34 -25.68 -34.18
CA SER DA 96 -12.40 -25.96 -35.26
C SER DA 96 -11.20 -26.76 -34.80
N THR DA 97 -10.91 -26.77 -33.50
CA THR DA 97 -9.81 -27.59 -33.00
C THR DA 97 -10.22 -29.02 -32.75
N THR DA 98 -11.41 -29.26 -32.23
CA THR DA 98 -11.85 -30.58 -31.82
C THR DA 98 -12.88 -31.14 -32.78
N GLY DA 99 -13.03 -32.47 -32.75
CA GLY DA 99 -13.91 -33.12 -33.69
C GLY DA 99 -13.29 -33.14 -35.07
N ASP DA 100 -14.12 -32.94 -36.08
CA ASP DA 100 -13.64 -32.88 -37.46
C ASP DA 100 -13.26 -31.48 -37.91
N GLY DA 101 -13.20 -30.52 -36.98
CA GLY DA 101 -12.84 -29.16 -37.31
C GLY DA 101 -13.97 -28.31 -37.84
N LYS DA 102 -15.13 -28.89 -38.10
CA LYS DA 102 -16.28 -28.12 -38.54
C LYS DA 102 -16.93 -27.43 -37.33
N PRO DA 103 -17.62 -26.32 -37.54
CA PRO DA 103 -18.28 -25.64 -36.42
C PRO DA 103 -19.47 -26.43 -35.90
N LEU DA 104 -19.63 -26.40 -34.57
CA LEU DA 104 -20.82 -26.93 -33.94
C LEU DA 104 -21.99 -25.96 -34.15
N PRO DA 105 -23.22 -26.41 -33.95
CA PRO DA 105 -24.35 -25.46 -33.92
C PRO DA 105 -24.22 -24.49 -32.75
N VAL DA 106 -24.85 -23.33 -32.91
CA VAL DA 106 -24.66 -22.22 -31.97
C VAL DA 106 -25.29 -22.46 -30.61
N ARG DA 107 -26.14 -23.48 -30.46
CA ARG DA 107 -26.64 -23.83 -29.15
C ARG DA 107 -25.67 -24.69 -28.37
N PHE DA 108 -24.70 -25.31 -29.04
CA PHE DA 108 -23.71 -26.14 -28.37
C PHE DA 108 -22.45 -25.37 -28.00
N SER DA 109 -22.06 -24.39 -28.81
CA SER DA 109 -20.88 -23.59 -28.54
C SER DA 109 -21.28 -22.12 -28.53
N GLY DA 110 -21.07 -21.47 -27.39
CA GLY DA 110 -21.34 -20.05 -27.31
C GLY DA 110 -22.69 -19.65 -26.74
N ASN DA 111 -23.77 -20.08 -27.39
CA ASN DA 111 -25.10 -19.47 -27.25
C ASN DA 111 -24.98 -17.96 -27.42
N CYS DA 112 -24.38 -17.56 -28.53
CA CYS DA 112 -24.05 -16.17 -28.78
C CYS DA 112 -23.98 -15.94 -30.27
N SER DA 113 -24.36 -14.74 -30.69
CA SER DA 113 -24.35 -14.40 -32.11
C SER DA 113 -23.77 -13.00 -32.28
N LEU DA 114 -22.83 -12.87 -33.22
CA LEU DA 114 -22.21 -11.59 -33.48
C LEU DA 114 -23.14 -10.66 -34.24
N GLU DA 115 -23.89 -11.20 -35.21
CA GLU DA 115 -24.81 -10.38 -35.99
C GLU DA 115 -26.00 -9.94 -35.15
N LYS DA 116 -26.41 -10.75 -34.16
CA LYS DA 116 -27.44 -10.32 -33.24
C LYS DA 116 -26.91 -9.23 -32.31
N PHE DA 117 -25.61 -9.24 -32.02
CA PHE DA 117 -25.01 -8.12 -31.30
C PHE DA 117 -24.97 -6.87 -32.16
N TYR DA 118 -24.73 -7.02 -33.47
CA TYR DA 118 -24.75 -5.86 -34.36
C TYR DA 118 -26.15 -5.29 -34.54
N ASP DA 119 -27.17 -6.15 -34.55
CA ASP DA 119 -28.53 -5.69 -34.79
C ASP DA 119 -29.13 -5.05 -33.56
N ASP DA 120 -28.97 -5.69 -32.39
CA ASP DA 120 -29.48 -5.15 -31.13
C ASP DA 120 -28.34 -5.23 -30.11
N PRO DA 121 -27.51 -4.20 -29.99
CA PRO DA 121 -26.43 -4.25 -29.00
C PRO DA 121 -26.91 -4.13 -27.57
N LYS DA 122 -28.03 -3.46 -27.34
CA LYS DA 122 -28.56 -3.23 -26.00
C LYS DA 122 -29.65 -4.24 -25.66
N SER DA 123 -29.46 -5.49 -26.08
CA SER DA 123 -30.48 -6.51 -26.01
C SER DA 123 -30.85 -6.86 -24.58
N ASN DA 124 -32.08 -7.36 -24.41
CA ASN DA 124 -32.61 -7.64 -23.07
C ASN DA 124 -32.00 -8.92 -22.50
N ASP DA 125 -31.79 -9.93 -23.33
CA ASP DA 125 -31.23 -11.19 -22.86
C ASP DA 125 -29.75 -11.10 -22.51
N GLY DA 126 -29.07 -10.05 -22.93
CA GLY DA 126 -27.67 -9.90 -22.64
C GLY DA 126 -26.79 -10.81 -23.47
N ASN DA 127 -26.91 -10.72 -24.79
CA ASN DA 127 -26.00 -11.43 -25.68
C ASN DA 127 -24.66 -10.73 -25.78
N SER DA 128 -24.58 -9.47 -25.32
CA SER DA 128 -23.37 -8.67 -25.46
C SER DA 128 -22.24 -9.23 -24.61
N TYR DA 129 -22.43 -9.26 -23.28
CA TYR DA 129 -21.36 -9.76 -22.43
C TYR DA 129 -21.20 -11.27 -22.54
N ARG DA 130 -22.27 -11.99 -22.84
CA ARG DA 130 -22.16 -13.43 -23.05
C ARG DA 130 -21.30 -13.74 -24.28
N LEU DA 131 -21.50 -12.99 -25.36
CA LEU DA 131 -20.67 -13.08 -26.55
C LEU DA 131 -19.23 -12.67 -26.25
N GLN DA 132 -19.04 -11.63 -25.43
CA GLN DA 132 -17.68 -11.18 -25.12
C GLN DA 132 -16.95 -12.19 -24.23
N ALA DA 133 -17.67 -12.85 -23.33
CA ALA DA 133 -17.08 -13.87 -22.48
C ALA DA 133 -16.69 -15.09 -23.29
N TRP DA 134 -17.55 -15.50 -24.23
CA TRP DA 134 -17.21 -16.63 -25.09
C TRP DA 134 -16.04 -16.31 -26.00
N LEU DA 135 -15.97 -15.06 -26.48
CA LEU DA 135 -14.81 -14.66 -27.29
C LEU DA 135 -13.54 -14.64 -26.48
N TYR DA 136 -13.62 -14.20 -25.21
CA TYR DA 136 -12.43 -14.22 -24.36
C TYR DA 136 -11.97 -15.64 -24.07
N ALA DA 137 -12.92 -16.57 -23.90
CA ALA DA 137 -12.57 -17.97 -23.70
C ALA DA 137 -11.92 -18.58 -24.95
N SER DA 138 -12.47 -18.25 -26.13
CA SER DA 138 -11.89 -18.76 -27.37
C SER DA 138 -10.50 -18.17 -27.63
N ARG DA 139 -10.30 -16.91 -27.27
CA ARG DA 139 -8.96 -16.32 -27.42
C ARG DA 139 -7.98 -16.89 -26.41
N LEU DA 140 -8.45 -17.26 -25.22
CA LEU DA 140 -7.59 -17.90 -24.25
C LEU DA 140 -7.15 -19.29 -24.73
N LEU DA 141 -8.08 -20.03 -25.33
CA LEU DA 141 -7.73 -21.32 -25.94
C LEU DA 141 -6.78 -21.12 -27.12
N GLN DA 142 -6.98 -20.06 -27.92
CA GLN DA 142 -6.10 -19.81 -29.06
C GLN DA 142 -4.71 -19.44 -28.60
N TYR DA 143 -4.61 -18.66 -27.52
CA TYR DA 143 -3.30 -18.26 -27.01
C TYR DA 143 -2.59 -19.44 -26.37
N ALA DA 144 -3.35 -20.36 -25.77
CA ALA DA 144 -2.75 -21.60 -25.29
C ALA DA 144 -2.27 -22.46 -26.45
N ASP DA 145 -3.00 -22.50 -27.56
CA ASP DA 145 -2.53 -23.24 -28.73
C ASP DA 145 -1.26 -22.61 -29.32
N ALA DA 146 -1.20 -21.28 -29.30
CA ALA DA 146 -0.01 -20.57 -29.77
C ALA DA 146 1.21 -20.90 -28.91
N LEU DA 147 1.03 -20.90 -27.59
CA LEU DA 147 2.15 -21.23 -26.72
C LEU DA 147 2.54 -22.70 -26.80
N GLU DA 148 1.56 -23.61 -26.97
CA GLU DA 148 1.92 -25.03 -27.11
C GLU DA 148 2.68 -25.28 -28.40
N HIS DA 149 2.27 -24.62 -29.49
CA HIS DA 149 3.01 -24.73 -30.75
C HIS DA 149 4.40 -24.14 -30.62
N LEU DA 150 4.52 -22.99 -29.94
CA LEU DA 150 5.80 -22.32 -29.79
C LEU DA 150 6.76 -23.11 -28.90
N LEU DA 151 6.24 -23.82 -27.90
CA LEU DA 151 7.10 -24.52 -26.96
C LEU DA 151 7.32 -25.98 -27.34
N SER DA 152 6.47 -26.56 -28.17
CA SER DA 152 6.68 -27.93 -28.63
C SER DA 152 7.39 -27.98 -29.97
N THR DA 153 6.84 -27.29 -30.98
CA THR DA 153 7.43 -27.30 -32.30
C THR DA 153 8.60 -26.34 -32.43
N GLY DA 154 8.76 -25.42 -31.49
CA GLY DA 154 9.84 -24.44 -31.56
C GLY DA 154 9.68 -23.40 -32.63
N GLN DA 155 8.45 -23.13 -33.06
CA GLN DA 155 8.18 -22.21 -34.15
C GLN DA 155 7.29 -21.08 -33.67
N GLY DA 156 7.62 -19.85 -34.10
CA GLY DA 156 6.82 -18.70 -33.71
C GLY DA 156 5.46 -18.72 -34.37
N VAL DA 157 4.50 -18.13 -33.67
CA VAL DA 157 3.08 -18.20 -34.05
C VAL DA 157 2.57 -16.79 -34.27
N VAL DA 158 1.87 -16.58 -35.39
CA VAL DA 158 1.22 -15.31 -35.66
C VAL DA 158 -0.22 -15.39 -35.20
N LEU DA 159 -0.58 -14.55 -34.24
CA LEU DA 159 -1.95 -14.41 -33.79
C LEU DA 159 -2.57 -13.13 -34.31
N GLU DA 160 -3.88 -13.04 -34.17
CA GLU DA 160 -4.62 -11.81 -34.42
C GLU DA 160 -5.50 -11.57 -33.20
N ARG DA 161 -5.22 -10.48 -32.48
CA ARG DA 161 -5.96 -10.04 -31.30
C ARG DA 161 -5.98 -11.10 -30.19
N SER DA 162 -4.82 -11.30 -29.59
CA SER DA 162 -4.70 -12.20 -28.44
C SER DA 162 -5.39 -11.60 -27.21
N ILE DA 163 -5.30 -12.34 -26.09
CA ILE DA 163 -6.06 -12.04 -24.88
C ILE DA 163 -5.67 -10.74 -24.20
N TYR DA 164 -4.49 -10.21 -24.49
CA TYR DA 164 -4.13 -8.90 -23.96
C TYR DA 164 -4.89 -7.77 -24.65
N SER DA 165 -5.45 -8.03 -25.83
CA SER DA 165 -6.20 -7.04 -26.59
C SER DA 165 -7.69 -7.36 -26.66
N ASP DA 166 -8.18 -8.27 -25.83
CA ASP DA 166 -9.61 -8.55 -25.82
C ASP DA 166 -10.39 -7.42 -25.16
N PHE DA 167 -9.84 -6.90 -24.05
CA PHE DA 167 -10.58 -6.07 -23.10
C PHE DA 167 -11.03 -4.77 -23.73
N VAL DA 168 -10.34 -4.31 -24.79
CA VAL DA 168 -10.65 -3.03 -25.43
C VAL DA 168 -12.06 -3.06 -25.99
N PHE DA 169 -12.48 -4.22 -26.52
CA PHE DA 169 -13.85 -4.36 -27.00
C PHE DA 169 -14.82 -4.28 -25.83
N LEU DA 170 -14.49 -4.97 -24.73
CA LEU DA 170 -15.22 -4.86 -23.49
C LEU DA 170 -15.36 -3.42 -23.05
N GLU DA 171 -14.25 -2.65 -23.15
CA GLU DA 171 -14.28 -1.26 -22.70
C GLU DA 171 -15.20 -0.44 -23.57
N ALA DA 172 -15.21 -0.72 -24.88
CA ALA DA 172 -16.12 -0.01 -25.77
C ALA DA 172 -17.56 -0.38 -25.44
N MET DA 173 -17.78 -1.65 -25.11
CA MET DA 173 -19.10 -2.11 -24.74
C MET DA 173 -19.53 -1.58 -23.39
N TYR DA 174 -18.61 -1.08 -22.57
CA TYR DA 174 -19.05 -0.35 -21.39
C TYR DA 174 -19.25 1.13 -21.68
N ARG DA 175 -18.49 1.69 -22.63
CA ARG DA 175 -18.61 3.12 -22.88
C ARG DA 175 -19.86 3.45 -23.66
N GLN DA 176 -20.32 2.54 -24.53
CA GLN DA 176 -21.54 2.74 -25.28
C GLN DA 176 -22.77 2.22 -24.56
N GLY DA 177 -22.65 1.86 -23.28
CA GLY DA 177 -23.78 1.40 -22.50
C GLY DA 177 -24.31 0.05 -22.92
N PHE DA 178 -23.52 -0.75 -23.62
CA PHE DA 178 -24.01 -2.02 -24.15
C PHE DA 178 -24.03 -3.10 -23.07
N ILE DA 179 -23.09 -3.07 -22.13
CA ILE DA 179 -23.09 -3.98 -21.00
C ILE DA 179 -23.12 -3.16 -19.72
N ARG DA 180 -23.24 -3.82 -18.58
CA ARG DA 180 -23.34 -3.15 -17.30
C ARG DA 180 -21.96 -3.04 -16.67
N LYS DA 181 -21.91 -2.64 -15.41
CA LYS DA 181 -20.64 -2.60 -14.70
C LYS DA 181 -20.30 -3.95 -14.07
N GLN DA 182 -21.32 -4.72 -13.67
CA GLN DA 182 -21.06 -6.05 -13.12
C GLN DA 182 -20.52 -7.00 -14.18
N CYS DA 183 -20.86 -6.78 -15.45
CA CYS DA 183 -20.24 -7.53 -16.53
C CYS DA 183 -18.74 -7.22 -16.63
N VAL DA 184 -18.37 -5.95 -16.48
CA VAL DA 184 -16.97 -5.56 -16.49
C VAL DA 184 -16.26 -6.12 -15.26
N ASP DA 185 -16.95 -6.20 -14.12
CA ASP DA 185 -16.36 -6.76 -12.90
C ASP DA 185 -16.12 -8.26 -13.05
N HIS DA 186 -17.08 -8.97 -13.66
CA HIS DA 186 -16.92 -10.39 -13.96
C HIS DA 186 -15.76 -10.64 -14.91
N TYR DA 187 -15.65 -9.81 -15.97
CA TYR DA 187 -14.54 -9.94 -16.91
C TYR DA 187 -13.20 -9.64 -16.24
N ASN DA 188 -13.17 -8.63 -15.37
CA ASN DA 188 -11.91 -8.28 -14.70
C ASN DA 188 -11.49 -9.36 -13.73
N GLN DA 189 -12.45 -10.04 -13.09
CA GLN DA 189 -12.09 -11.17 -12.23
C GLN DA 189 -11.55 -12.34 -13.04
N VAL DA 190 -12.21 -12.68 -14.16
CA VAL DA 190 -11.73 -13.77 -15.01
C VAL DA 190 -10.36 -13.45 -15.60
N LYS DA 191 -10.17 -12.21 -16.04
CA LYS DA 191 -8.89 -11.77 -16.58
C LYS DA 191 -7.80 -11.79 -15.52
N LYS DA 192 -8.13 -11.34 -14.30
CA LYS DA 192 -7.16 -11.26 -13.21
C LYS DA 192 -6.68 -12.64 -12.80
N VAL DA 193 -7.55 -13.65 -12.85
CA VAL DA 193 -7.09 -14.99 -12.49
C VAL DA 193 -6.59 -15.82 -13.66
N THR DA 194 -6.80 -15.37 -14.91
CA THR DA 194 -6.30 -16.13 -16.06
C THR DA 194 -5.05 -15.56 -16.71
N VAL DA 195 -5.02 -14.25 -17.05
CA VAL DA 195 -3.94 -13.72 -17.89
C VAL DA 195 -2.64 -13.55 -17.12
N CYS DA 196 -2.69 -13.59 -15.79
CA CYS DA 196 -1.46 -13.47 -15.00
C CYS DA 196 -0.60 -14.71 -15.09
N GLU DA 197 -1.15 -15.83 -15.54
CA GLU DA 197 -0.41 -17.07 -15.73
C GLU DA 197 0.27 -17.14 -17.09
N TYR DA 198 0.13 -16.12 -17.92
CA TYR DA 198 0.65 -16.13 -19.28
C TYR DA 198 1.52 -14.92 -19.54
N LEU DA 199 2.42 -15.07 -20.51
CA LEU DA 199 3.43 -14.16 -21.02
C LEU DA 199 2.85 -13.28 -22.13
N PRO DA 200 3.37 -12.08 -22.33
CA PRO DA 200 2.92 -11.25 -23.44
C PRO DA 200 3.56 -11.70 -24.75
N PRO DA 201 3.10 -11.22 -25.90
CA PRO DA 201 3.81 -11.52 -27.15
C PRO DA 201 5.16 -10.83 -27.21
N HIS DA 202 5.96 -11.25 -28.20
CA HIS DA 202 7.21 -10.56 -28.45
C HIS DA 202 6.99 -9.27 -29.21
N VAL DA 203 6.33 -9.36 -30.36
CA VAL DA 203 6.07 -8.22 -31.23
C VAL DA 203 4.56 -8.03 -31.33
N VAL DA 204 4.09 -6.81 -31.08
CA VAL DA 204 2.69 -6.45 -31.24
C VAL DA 204 2.59 -5.45 -32.39
N ILE DA 205 1.90 -5.82 -33.45
CA ILE DA 205 1.80 -5.03 -34.66
C ILE DA 205 0.45 -4.33 -34.67
N TYR DA 206 0.44 -3.04 -34.39
CA TYR DA 206 -0.78 -2.25 -34.44
C TYR DA 206 -0.86 -1.51 -35.76
N VAL DA 207 -2.08 -1.27 -36.23
CA VAL DA 207 -2.33 -0.61 -37.50
C VAL DA 207 -3.18 0.64 -37.24
N ASP DA 208 -2.66 1.81 -37.60
CA ASP DA 208 -3.38 3.08 -37.44
C ASP DA 208 -4.37 3.23 -38.59
N VAL DA 209 -5.63 2.89 -38.34
CA VAL DA 209 -6.70 3.19 -39.28
C VAL DA 209 -7.73 4.03 -38.55
N PRO DA 210 -8.02 5.26 -39.01
CA PRO DA 210 -9.06 6.06 -38.36
C PRO DA 210 -10.45 5.53 -38.68
N VAL DA 211 -11.44 6.18 -38.05
CA VAL DA 211 -12.83 5.73 -38.09
C VAL DA 211 -13.42 5.84 -39.50
N SER DA 212 -12.96 6.84 -40.27
CA SER DA 212 -13.55 7.12 -41.58
C SER DA 212 -13.22 6.02 -42.59
N GLU DA 213 -11.98 5.54 -42.59
CA GLU DA 213 -11.62 4.48 -43.52
C GLU DA 213 -12.23 3.15 -43.09
N VAL DA 214 -12.41 2.94 -41.78
CA VAL DA 214 -13.13 1.76 -41.29
C VAL DA 214 -14.58 1.79 -41.76
N GLN DA 215 -15.22 2.96 -41.69
CA GLN DA 215 -16.59 3.12 -42.18
C GLN DA 215 -16.67 2.89 -43.68
N SER DA 216 -15.69 3.37 -44.43
CA SER DA 216 -15.69 3.18 -45.88
C SER DA 216 -15.52 1.71 -46.24
N ARG DA 217 -14.63 1.00 -45.54
CA ARG DA 217 -14.43 -0.42 -45.84
C ARG DA 217 -15.60 -1.27 -45.37
N ILE DA 218 -16.32 -0.83 -44.33
CA ILE DA 218 -17.52 -1.58 -43.92
C ILE DA 218 -18.67 -1.34 -44.90
N GLN DA 219 -18.81 -0.11 -45.40
CA GLN DA 219 -19.83 0.17 -46.42
C GLN DA 219 -19.51 -0.56 -47.73
N LYS DA 220 -18.23 -0.70 -48.07
CA LYS DA 220 -17.85 -1.46 -49.26
C LYS DA 220 -17.67 -2.95 -48.99
N LYS DA 221 -17.84 -3.39 -47.74
CA LYS DA 221 -17.52 -4.77 -47.38
C LYS DA 221 -18.57 -5.74 -47.90
N GLY DA 222 -19.84 -5.40 -47.79
CA GLY DA 222 -20.91 -6.24 -48.29
C GLY DA 222 -21.68 -7.02 -47.23
N ASN DA 223 -21.26 -6.95 -45.97
CA ASN DA 223 -22.00 -7.58 -44.89
C ASN DA 223 -23.10 -6.63 -44.43
N PRO DA 224 -24.38 -7.00 -44.55
CA PRO DA 224 -25.44 -6.08 -44.12
C PRO DA 224 -25.52 -5.91 -42.61
N HIS DA 225 -25.10 -6.91 -41.84
CA HIS DA 225 -25.14 -6.79 -40.39
C HIS DA 225 -24.00 -5.94 -39.85
N GLU DA 226 -22.86 -5.95 -40.54
CA GLU DA 226 -21.69 -5.24 -40.05
C GLU DA 226 -21.81 -3.73 -40.26
N MET DA 227 -22.70 -3.29 -41.14
CA MET DA 227 -22.88 -1.86 -41.38
C MET DA 227 -23.65 -1.15 -40.27
N LYS DA 228 -24.31 -1.88 -39.38
CA LYS DA 228 -25.12 -1.29 -38.32
C LYS DA 228 -24.30 -0.87 -37.11
N ILE DA 229 -22.96 -0.91 -37.20
CA ILE DA 229 -22.12 -0.49 -36.10
C ILE DA 229 -22.14 1.03 -35.99
N THR DA 230 -22.39 1.53 -34.79
CA THR DA 230 -22.34 2.96 -34.54
C THR DA 230 -20.90 3.46 -34.63
N SER DA 231 -20.76 4.75 -34.92
CA SER DA 231 -19.42 5.32 -35.08
C SER DA 231 -18.73 5.51 -33.73
N ALA DA 232 -19.50 5.76 -32.67
CA ALA DA 232 -18.91 5.96 -31.36
C ALA DA 232 -18.36 4.67 -30.78
N TYR DA 233 -18.89 3.53 -31.20
CA TYR DA 233 -18.35 2.24 -30.79
C TYR DA 233 -16.95 2.03 -31.36
N LEU DA 234 -16.78 2.29 -32.65
CA LEU DA 234 -15.47 2.21 -33.28
C LEU DA 234 -14.52 3.27 -32.73
N GLN DA 235 -15.06 4.44 -32.37
CA GLN DA 235 -14.25 5.48 -31.75
C GLN DA 235 -13.76 5.04 -30.37
N ASP DA 236 -14.61 4.38 -29.59
CA ASP DA 236 -14.20 3.87 -28.29
C ASP DA 236 -13.18 2.75 -28.43
N ILE DA 237 -13.33 1.90 -29.46
CA ILE DA 237 -12.34 0.85 -29.72
C ILE DA 237 -10.98 1.46 -30.05
N GLU DA 238 -10.97 2.51 -30.88
CA GLU DA 238 -9.71 3.18 -31.20
C GLU DA 238 -9.15 3.94 -29.98
N ASN DA 239 -10.03 4.44 -29.10
CA ASN DA 239 -9.56 5.14 -27.91
C ASN DA 239 -8.90 4.19 -26.92
N VAL DA 240 -9.47 3.00 -26.71
CA VAL DA 240 -8.84 2.07 -25.78
C VAL DA 240 -7.69 1.32 -26.45
N TYR DA 241 -7.64 1.34 -27.79
CA TYR DA 241 -6.41 0.97 -28.49
C TYR DA 241 -5.27 1.93 -28.17
N LYS DA 242 -5.49 3.22 -28.39
CA LYS DA 242 -4.39 4.17 -28.36
C LYS DA 242 -4.15 4.79 -26.99
N GLY DA 243 -4.99 4.51 -26.00
CA GLY DA 243 -4.85 5.15 -24.72
C GLY DA 243 -4.58 4.21 -23.57
N THR DA 244 -4.96 2.95 -23.72
CA THR DA 244 -4.80 2.00 -22.61
C THR DA 244 -4.07 0.74 -23.03
N PHE DA 245 -4.32 0.22 -24.24
CA PHE DA 245 -3.69 -1.03 -24.65
C PHE DA 245 -2.22 -0.84 -25.03
N LEU DA 246 -1.97 -0.05 -26.07
CA LEU DA 246 -0.60 0.18 -26.52
C LEU DA 246 0.32 0.86 -25.52
N PRO DA 247 -0.13 1.74 -24.60
CA PRO DA 247 0.78 2.12 -23.51
C PRO DA 247 1.11 0.98 -22.55
N GLU DA 248 0.14 0.17 -22.14
CA GLU DA 248 0.45 -0.85 -21.15
C GLU DA 248 1.15 -2.06 -21.73
N MET DA 249 1.18 -2.21 -23.06
CA MET DA 249 1.93 -3.32 -23.63
C MET DA 249 3.38 -2.99 -23.87
N SER DA 250 3.69 -1.71 -24.14
CA SER DA 250 5.02 -1.30 -24.61
C SER DA 250 6.12 -1.55 -23.58
N GLU DA 251 5.77 -1.68 -22.29
CA GLU DA 251 6.76 -2.07 -21.30
C GLU DA 251 7.17 -3.52 -21.49
N LYS DA 252 6.21 -4.40 -21.78
CA LYS DA 252 6.43 -5.84 -21.76
C LYS DA 252 6.51 -6.46 -23.15
N CYS DA 253 6.45 -5.67 -24.21
CA CYS DA 253 6.66 -6.19 -25.55
C CYS DA 253 7.31 -5.08 -26.37
N GLU DA 254 7.30 -5.23 -27.68
CA GLU DA 254 7.80 -4.20 -28.58
C GLU DA 254 6.76 -3.94 -29.65
N VAL DA 255 6.17 -2.75 -29.61
CA VAL DA 255 5.10 -2.42 -30.54
C VAL DA 255 5.70 -2.03 -31.89
N LEU DA 256 4.97 -2.35 -32.96
CA LEU DA 256 5.28 -1.90 -34.31
C LEU DA 256 4.02 -1.29 -34.89
N GLN DA 257 3.81 -0.01 -34.61
CA GLN DA 257 2.61 0.70 -35.01
C GLN DA 257 2.79 1.28 -36.40
N TYR DA 258 1.88 0.96 -37.31
CA TYR DA 258 1.94 1.44 -38.68
C TYR DA 258 0.61 2.02 -39.10
N SER DA 259 0.61 2.65 -40.27
CA SER DA 259 -0.60 3.21 -40.84
C SER DA 259 -1.28 2.17 -41.73
N ALA DA 260 -2.26 2.61 -42.52
CA ALA DA 260 -3.00 1.68 -43.36
C ALA DA 260 -2.32 1.43 -44.70
N TRP DA 261 -1.64 2.44 -45.25
CA TRP DA 261 -1.04 2.28 -46.57
C TRP DA 261 0.26 1.49 -46.52
N GLU DA 262 1.00 1.59 -45.42
CA GLU DA 262 2.19 0.77 -45.24
C GLU DA 262 1.88 -0.57 -44.60
N ALA DA 263 0.64 -0.79 -44.18
CA ALA DA 263 0.17 -2.14 -43.88
C ALA DA 263 -0.14 -2.93 -45.14
N GLU DA 264 -0.34 -2.26 -46.26
CA GLU DA 264 -0.51 -2.95 -47.53
C GLU DA 264 0.81 -3.48 -48.08
N ASP DA 265 1.93 -3.01 -47.55
CA ASP DA 265 3.26 -3.50 -47.90
C ASP DA 265 3.79 -4.26 -46.70
N ALA DA 266 3.68 -5.59 -46.74
CA ALA DA 266 4.06 -6.44 -45.62
C ALA DA 266 5.55 -6.70 -45.55
N GLU DA 267 6.28 -6.47 -46.64
CA GLU DA 267 7.72 -6.63 -46.61
C GLU DA 267 8.37 -5.58 -45.74
N LYS DA 268 7.76 -4.39 -45.66
CA LYS DA 268 8.09 -3.39 -44.65
C LYS DA 268 8.02 -3.97 -43.24
N VAL DA 269 6.94 -4.71 -42.97
CA VAL DA 269 6.67 -5.17 -41.60
C VAL DA 269 7.62 -6.31 -41.22
N VAL DA 270 7.79 -7.29 -42.13
CA VAL DA 270 8.76 -8.37 -41.91
C VAL DA 270 10.18 -7.82 -41.85
N GLU DA 271 10.46 -6.81 -42.68
CA GLU DA 271 11.73 -6.11 -42.76
C GLU DA 271 12.06 -5.38 -41.46
N ASP DA 272 11.04 -4.96 -40.72
CA ASP DA 272 11.28 -4.38 -39.40
C ASP DA 272 11.28 -5.41 -38.28
N ILE DA 273 10.54 -6.52 -38.43
CA ILE DA 273 10.56 -7.57 -37.41
C ILE DA 273 11.94 -8.23 -37.34
N GLN DA 274 12.58 -8.41 -38.50
CA GLN DA 274 13.89 -9.07 -38.53
C GLN DA 274 15.02 -8.25 -37.91
N TYR DA 275 14.78 -7.01 -37.49
CA TYR DA 275 15.81 -6.15 -36.93
C TYR DA 275 15.33 -5.45 -35.67
N LEU DA 276 14.72 -6.18 -34.75
CA LEU DA 276 14.37 -5.63 -33.45
C LEU DA 276 15.24 -6.25 -32.37
N LYS DA 277 15.60 -5.44 -31.37
CA LYS DA 277 16.52 -5.84 -30.32
C LYS DA 277 15.70 -6.12 -29.06
N TYR DA 278 15.33 -7.38 -28.87
CA TYR DA 278 14.45 -7.79 -27.77
C TYR DA 278 15.18 -7.66 -26.45
N ASP DA 279 14.91 -6.56 -25.73
CA ASP DA 279 15.49 -6.34 -24.42
C ASP DA 279 14.47 -6.09 -23.32
N LYS DA 280 13.21 -5.82 -23.65
CA LYS DA 280 12.17 -5.62 -22.66
C LYS DA 280 11.33 -6.90 -22.52
N GLY DA 281 10.44 -6.89 -21.54
CA GLY DA 281 9.49 -7.95 -21.37
C GLY DA 281 10.00 -9.10 -20.53
N PRO DA 282 9.08 -9.92 -20.03
CA PRO DA 282 9.48 -11.04 -19.17
C PRO DA 282 9.89 -12.30 -19.92
N TRP DA 283 10.17 -12.18 -21.21
CA TRP DA 283 10.69 -13.31 -21.98
C TRP DA 283 12.18 -13.54 -21.77
N LEU DA 284 12.91 -12.54 -21.28
CA LEU DA 284 14.36 -12.67 -21.14
C LEU DA 284 14.73 -13.56 -19.96
N ASP DA 285 14.01 -13.44 -18.84
CA ASP DA 285 14.30 -14.23 -17.65
C ASP DA 285 13.49 -15.54 -17.65
N GLN DA 286 13.70 -16.32 -18.71
CA GLN DA 286 13.00 -17.58 -18.91
C GLN DA 286 14.00 -18.68 -19.14
N ASP DA 287 14.20 -19.52 -18.12
CA ASP DA 287 15.03 -20.70 -18.21
C ASP DA 287 14.18 -21.90 -18.62
N ASP DA 288 14.73 -23.11 -18.47
CA ASP DA 288 14.00 -24.32 -18.84
C ASP DA 288 12.86 -24.61 -17.88
N ARG DA 289 12.99 -24.20 -16.62
CA ARG DA 289 12.02 -24.60 -15.59
C ARG DA 289 10.74 -23.79 -15.70
N LYS DA 290 10.86 -22.48 -15.89
CA LYS DA 290 9.68 -21.61 -16.01
C LYS DA 290 8.89 -21.94 -17.27
N LEU DA 291 9.58 -22.15 -18.38
CA LEU DA 291 8.91 -22.56 -19.60
C LEU DA 291 8.43 -24.01 -19.53
N HIS DA 292 9.03 -24.84 -18.68
CA HIS DA 292 8.47 -26.18 -18.44
C HIS DA 292 7.13 -26.10 -17.73
N ASN DA 293 7.06 -25.29 -16.68
CA ASN DA 293 5.78 -25.12 -15.98
C ASN DA 293 4.76 -24.42 -16.87
N LEU DA 294 5.21 -23.53 -17.75
CA LEU DA 294 4.33 -22.94 -18.74
C LEU DA 294 3.79 -23.98 -19.72
N ARG DA 295 4.65 -24.88 -20.21
CA ARG DA 295 4.20 -25.90 -21.15
C ARG DA 295 3.32 -26.94 -20.47
N MET DA 296 3.54 -27.19 -19.17
CA MET DA 296 2.65 -28.07 -18.42
C MET DA 296 1.28 -27.43 -18.22
N LEU DA 297 1.24 -26.14 -17.89
CA LEU DA 297 -0.03 -25.44 -17.73
C LEU DA 297 -0.77 -25.31 -19.06
N VAL DA 298 -0.02 -25.16 -20.15
CA VAL DA 298 -0.63 -24.87 -21.44
C VAL DA 298 -1.27 -26.13 -22.04
N GLN DA 299 -0.59 -27.27 -21.95
CA GLN DA 299 -1.04 -28.44 -22.70
C GLN DA 299 -2.27 -29.12 -22.11
N ASP DA 300 -2.73 -28.71 -20.92
CA ASP DA 300 -3.96 -29.25 -20.33
C ASP DA 300 -5.02 -28.17 -20.49
N LYS DA 301 -5.88 -28.33 -21.50
CA LYS DA 301 -6.75 -27.23 -21.92
C LYS DA 301 -7.89 -26.97 -20.94
N LEU DA 302 -8.27 -27.97 -20.16
CA LEU DA 302 -9.26 -27.72 -19.11
C LEU DA 302 -8.66 -26.90 -17.97
N GLU DA 303 -7.37 -27.09 -17.68
CA GLU DA 303 -6.72 -26.24 -16.69
C GLU DA 303 -6.51 -24.83 -17.23
N VAL DA 304 -6.34 -24.70 -18.55
CA VAL DA 304 -6.33 -23.39 -19.20
C VAL DA 304 -7.68 -22.70 -19.03
N LEU DA 305 -8.76 -23.45 -19.29
CA LEU DA 305 -10.12 -22.95 -19.23
C LEU DA 305 -10.76 -23.10 -17.85
N ASN DA 306 -9.94 -23.32 -16.82
CA ASN DA 306 -10.45 -23.62 -15.48
C ASN DA 306 -11.23 -22.45 -14.89
N TYR DA 307 -10.80 -21.23 -15.18
CA TYR DA 307 -11.38 -20.05 -14.56
C TYR DA 307 -12.18 -19.22 -15.53
N THR DA 308 -12.52 -19.76 -16.70
CA THR DA 308 -13.46 -19.08 -17.56
C THR DA 308 -14.88 -19.21 -17.02
N SER DA 309 -15.21 -20.39 -16.50
CA SER DA 309 -16.53 -20.67 -15.93
C SER DA 309 -16.48 -20.59 -14.41
N ILE DA 310 -16.19 -19.40 -13.88
CA ILE DA 310 -16.17 -19.23 -12.43
C ILE DA 310 -17.60 -19.11 -11.92
N PRO DA 311 -17.88 -19.53 -10.68
CA PRO DA 311 -19.25 -19.45 -10.14
C PRO DA 311 -19.62 -18.05 -9.67
N VAL DA 312 -19.66 -17.10 -10.60
CA VAL DA 312 -20.17 -15.76 -10.33
C VAL DA 312 -21.46 -15.61 -11.12
N PHE DA 313 -22.58 -15.56 -10.42
CA PHE DA 313 -23.90 -15.61 -11.04
C PHE DA 313 -24.23 -14.26 -11.65
N LEU DA 314 -24.15 -14.20 -12.97
CA LEU DA 314 -24.46 -13.02 -13.72
C LEU DA 314 -25.49 -13.37 -14.79
N PRO DA 315 -26.52 -12.55 -14.99
CA PRO DA 315 -27.64 -12.96 -15.86
C PRO DA 315 -27.30 -13.09 -17.33
N GLU DA 316 -26.10 -12.69 -17.76
CA GLU DA 316 -25.70 -12.86 -19.15
C GLU DA 316 -25.07 -14.22 -19.41
N VAL DA 317 -24.28 -14.73 -18.47
CA VAL DA 317 -23.56 -15.98 -18.69
C VAL DA 317 -24.20 -17.18 -17.99
N THR DA 318 -25.08 -16.96 -17.02
CA THR DA 318 -25.63 -18.06 -16.23
C THR DA 318 -26.74 -18.76 -17.00
N ILE DA 319 -26.48 -19.98 -17.43
CA ILE DA 319 -27.48 -20.84 -18.04
C ILE DA 319 -28.08 -21.69 -16.94
N GLY DA 320 -29.40 -21.84 -16.94
CA GLY DA 320 -30.08 -22.53 -15.88
C GLY DA 320 -29.86 -24.03 -15.89
N ALA DA 321 -30.52 -24.71 -14.95
CA ALA DA 321 -30.25 -26.12 -14.72
C ALA DA 321 -30.84 -26.99 -15.81
N HIS DA 322 -32.11 -26.79 -16.15
CA HIS DA 322 -32.76 -27.63 -17.14
C HIS DA 322 -32.27 -27.33 -18.54
N GLN DA 323 -31.93 -26.06 -18.81
CA GLN DA 323 -31.39 -25.71 -20.12
C GLN DA 323 -30.01 -26.30 -20.32
N SER DA 324 -29.15 -26.25 -19.28
CA SER DA 324 -27.84 -26.88 -19.38
C SER DA 324 -27.96 -28.40 -19.46
N ASP DA 325 -28.96 -28.98 -18.79
CA ASP DA 325 -29.21 -30.42 -18.90
C ASP DA 325 -29.60 -30.80 -20.31
N ARG DA 326 -30.52 -30.05 -20.91
CA ARG DA 326 -30.98 -30.30 -22.27
C ARG DA 326 -29.84 -30.15 -23.27
N VAL DA 327 -29.03 -29.09 -23.13
CA VAL DA 327 -27.97 -28.84 -24.10
C VAL DA 327 -26.82 -29.84 -23.93
N PHE DA 328 -26.52 -30.27 -22.70
CA PHE DA 328 -25.48 -31.27 -22.50
C PHE DA 328 -25.91 -32.63 -23.01
N GLN DA 329 -27.17 -33.01 -22.80
CA GLN DA 329 -27.66 -34.28 -23.33
C GLN DA 329 -27.73 -34.26 -24.85
N GLU DA 330 -28.03 -33.11 -25.45
CA GLU DA 330 -27.97 -33.03 -26.91
C GLU DA 330 -26.53 -33.04 -27.41
N PHE DA 331 -25.59 -32.53 -26.60
CA PHE DA 331 -24.19 -32.53 -27.01
C PHE DA 331 -23.60 -33.94 -26.98
N THR DA 332 -24.06 -34.77 -26.04
CA THR DA 332 -23.58 -36.14 -25.96
C THR DA 332 -24.02 -36.96 -27.17
N GLU DA 333 -25.19 -36.65 -27.73
CA GLU DA 333 -25.75 -37.40 -28.85
C GLU DA 333 -25.13 -37.02 -30.20
N LEU DA 334 -24.17 -36.12 -30.22
CA LEU DA 334 -23.60 -35.62 -31.47
C LEU DA 334 -22.62 -36.65 -32.06
N PRO DA 335 -22.40 -36.62 -33.38
CA PRO DA 335 -21.46 -37.57 -33.99
C PRO DA 335 -20.02 -37.26 -33.62
N GLY DA 336 -19.37 -38.22 -32.94
CA GLY DA 336 -18.01 -38.05 -32.50
C GLY DA 336 -17.84 -37.32 -31.20
N ARG DA 337 -18.93 -37.01 -30.49
CA ARG DA 337 -18.86 -36.24 -29.27
C ARG DA 337 -19.29 -37.01 -28.03
N LYS DA 338 -19.71 -38.27 -28.17
CA LYS DA 338 -20.20 -39.00 -27.01
C LYS DA 338 -19.08 -39.40 -26.08
N TYR DA 339 -17.92 -39.76 -26.63
CA TYR DA 339 -16.82 -40.25 -25.82
C TYR DA 339 -15.55 -39.45 -26.04
N ARG DA 340 -14.44 -39.97 -25.52
CA ARG DA 340 -13.12 -39.45 -25.83
C ARG DA 340 -12.85 -39.63 -27.33
N ALA DA 341 -11.95 -38.81 -27.86
CA ALA DA 341 -11.69 -38.63 -29.28
C ALA DA 341 -11.11 -39.87 -29.98
N GLY DA 342 -10.97 -41.05 -29.39
CA GLY DA 342 -10.61 -42.22 -30.16
C GLY DA 342 -11.45 -43.42 -29.76
N TYR DA 343 -12.69 -43.18 -29.35
CA TYR DA 343 -13.53 -44.21 -28.77
C TYR DA 343 -14.97 -44.11 -29.27
N ASN DA 344 -15.16 -43.84 -30.56
CA ASN DA 344 -16.49 -43.68 -31.12
C ASN DA 344 -16.64 -44.57 -32.34
N GLU DA 345 -17.56 -45.55 -32.25
CA GLU DA 345 -17.79 -46.45 -33.38
C GLU DA 345 -18.47 -45.75 -34.54
N ASP DA 346 -19.26 -44.71 -34.27
CA ASP DA 346 -20.06 -44.09 -35.32
C ASP DA 346 -19.22 -43.25 -36.29
N VAL DA 347 -18.03 -42.83 -35.89
CA VAL DA 347 -17.15 -42.06 -36.78
C VAL DA 347 -15.91 -42.82 -37.17
N GLY DA 348 -15.84 -44.12 -36.89
CA GLY DA 348 -14.81 -44.96 -37.47
C GLY DA 348 -13.54 -45.13 -36.65
N ASP DA 349 -13.68 -45.20 -35.33
CA ASP DA 349 -12.55 -45.46 -34.46
C ASP DA 349 -12.44 -46.97 -34.26
N LYS DA 350 -11.43 -47.58 -34.87
CA LYS DA 350 -11.24 -49.01 -34.74
C LYS DA 350 -10.49 -49.34 -33.46
N TRP DA 351 -10.49 -50.64 -33.13
CA TRP DA 351 -9.66 -51.24 -32.06
C TRP DA 351 -9.98 -50.66 -30.69
N ILE DA 352 -11.26 -50.42 -30.41
CA ILE DA 352 -11.64 -49.79 -29.15
C ILE DA 352 -11.43 -50.74 -27.98
N TRP DA 353 -11.68 -52.04 -28.19
CA TRP DA 353 -11.52 -53.05 -27.16
C TRP DA 353 -10.07 -53.30 -26.77
N LEU DA 354 -9.10 -52.73 -27.50
CA LEU DA 354 -7.70 -52.75 -27.10
C LEU DA 354 -7.14 -51.34 -26.92
N LYS DA 355 -7.96 -50.41 -26.43
CA LYS DA 355 -7.46 -49.10 -26.07
C LYS DA 355 -7.96 -48.66 -24.70
N PRO EA 2 2.66 -48.71 14.06
CA PRO EA 2 3.47 -49.26 12.97
C PRO EA 2 4.96 -49.15 13.23
N PHE EA 3 5.46 -50.01 14.10
CA PHE EA 3 6.89 -50.21 14.26
C PHE EA 3 7.30 -51.24 13.22
N PHE EA 4 7.51 -50.76 12.00
CA PHE EA 4 7.98 -51.65 10.94
C PHE EA 4 9.43 -52.02 11.21
N ASP EA 5 9.64 -53.14 11.87
CA ASP EA 5 10.97 -53.51 12.40
C ASP EA 5 11.85 -53.98 11.24
N VAL EA 6 12.31 -53.01 10.46
CA VAL EA 6 13.18 -53.29 9.32
C VAL EA 6 14.57 -53.71 9.79
N GLN EA 7 15.03 -53.15 10.90
CA GLN EA 7 16.39 -53.38 11.38
C GLN EA 7 16.59 -54.82 11.85
N LYS EA 8 15.55 -55.44 12.38
CA LYS EA 8 15.62 -56.86 12.72
C LYS EA 8 15.31 -57.73 11.51
N LYS EA 9 14.51 -57.21 10.57
CA LYS EA 9 14.20 -57.95 9.35
C LYS EA 9 15.41 -58.03 8.44
N LEU EA 10 16.09 -56.90 8.23
CA LEU EA 10 17.28 -56.89 7.38
C LEU EA 10 18.54 -57.29 8.13
N GLY EA 11 18.53 -57.28 9.46
CA GLY EA 11 19.73 -57.58 10.19
C GLY EA 11 20.76 -56.47 10.21
N VAL EA 12 20.38 -55.27 9.76
CA VAL EA 12 21.27 -54.11 9.80
C VAL EA 12 21.13 -53.45 11.16
N ASP EA 13 22.17 -52.74 11.56
CA ASP EA 13 22.26 -52.13 12.89
C ASP EA 13 22.40 -50.62 12.69
N LEU EA 14 21.27 -49.93 12.74
CA LEU EA 14 21.26 -48.47 12.60
C LEU EA 14 21.38 -47.79 13.96
N ASP EA 15 20.47 -48.11 14.89
CA ASP EA 15 20.43 -47.43 16.17
C ASP EA 15 20.14 -48.36 17.35
N HIS EA 16 20.61 -49.60 17.29
CA HIS EA 16 20.57 -50.45 18.49
C HIS EA 16 21.77 -50.24 19.39
N TRP EA 17 22.67 -49.32 19.04
CA TRP EA 17 23.93 -49.13 19.75
C TRP EA 17 23.90 -47.95 20.72
N MET EA 18 23.18 -46.88 20.42
CA MET EA 18 23.04 -45.76 21.34
C MET EA 18 21.89 -45.98 22.31
N THR EA 19 21.20 -47.11 22.19
CA THR EA 19 19.88 -47.30 22.78
C THR EA 19 19.94 -47.45 24.30
N ILE EA 20 20.99 -48.09 24.83
CA ILE EA 20 21.15 -48.32 26.25
C ILE EA 20 22.57 -48.00 26.66
N GLN EA 21 22.76 -47.82 27.98
CA GLN EA 21 24.10 -47.55 28.51
C GLN EA 21 24.98 -48.79 28.55
N SER EA 22 24.38 -49.98 28.53
CA SER EA 22 25.10 -51.23 28.67
C SER EA 22 25.68 -51.72 27.35
N ALA EA 23 25.56 -50.96 26.28
CA ALA EA 23 25.96 -51.43 24.96
C ALA EA 23 27.48 -51.29 24.79
N GLU EA 24 27.96 -51.67 23.62
CA GLU EA 24 29.38 -51.53 23.29
C GLU EA 24 29.72 -50.06 23.15
N GLN EA 25 30.49 -49.57 24.05
CA GLN EA 25 30.96 -48.22 24.25
C GLN EA 25 32.34 -48.03 23.65
N PRO EA 26 32.72 -46.80 23.27
CA PRO EA 26 34.07 -46.58 22.75
C PRO EA 26 35.10 -46.74 23.86
N HIS EA 27 36.13 -47.52 23.58
CA HIS EA 27 37.23 -47.83 24.51
C HIS EA 27 36.74 -48.47 25.81
N ARG EA 28 35.61 -49.19 25.73
CA ARG EA 28 35.03 -49.97 26.83
C ARG EA 28 34.77 -49.12 28.07
N ILE EA 29 34.33 -47.88 27.86
CA ILE EA 29 34.00 -46.97 28.96
C ILE EA 29 32.70 -47.42 29.62
N PRO EA 30 32.68 -47.71 30.91
CA PRO EA 30 31.40 -47.99 31.56
C PRO EA 30 30.76 -46.71 32.08
N ALA EA 31 29.43 -46.74 32.13
CA ALA EA 31 28.71 -45.63 32.73
C ALA EA 31 28.72 -45.80 34.24
N ARG EA 32 28.17 -44.81 34.94
CA ARG EA 32 28.09 -44.92 36.39
C ARG EA 32 26.99 -45.89 36.82
N CYS EA 33 26.01 -46.14 35.97
CA CYS EA 33 24.94 -47.07 36.31
C CYS EA 33 24.93 -48.20 35.30
N HIS EA 34 26.10 -48.77 35.02
CA HIS EA 34 26.18 -49.88 34.08
C HIS EA 34 25.59 -51.15 34.67
N ALA EA 35 25.95 -51.47 35.91
CA ALA EA 35 25.53 -52.73 36.51
C ALA EA 35 24.04 -52.72 36.81
N PHE EA 36 23.52 -51.58 37.26
CA PHE EA 36 22.09 -51.48 37.58
C PHE EA 36 21.24 -51.62 36.33
N GLU EA 37 21.65 -50.97 35.24
CA GLU EA 37 20.90 -51.07 34.01
C GLU EA 37 21.02 -52.45 33.40
N LYS EA 38 22.20 -53.08 33.52
CA LYS EA 38 22.38 -54.42 32.99
C LYS EA 38 21.52 -55.43 33.77
N GLU EA 39 21.41 -55.26 35.08
CA GLU EA 39 20.59 -56.18 35.86
C GLU EA 39 19.11 -55.96 35.60
N TRP EA 40 18.68 -54.71 35.40
CA TRP EA 40 17.27 -54.51 35.09
C TRP EA 40 16.92 -54.95 33.68
N ILE EA 41 17.86 -54.85 32.73
CA ILE EA 41 17.60 -55.32 31.37
C ILE EA 41 17.58 -56.85 31.34
N GLU EA 42 18.51 -57.50 32.02
CA GLU EA 42 18.51 -58.95 32.06
C GLU EA 42 17.36 -59.50 32.92
N CYS EA 43 16.82 -58.70 33.82
CA CYS EA 43 15.63 -59.13 34.54
C CYS EA 43 14.41 -59.10 33.63
N ALA EA 44 14.24 -58.00 32.89
CA ALA EA 44 13.00 -57.73 32.17
C ALA EA 44 13.02 -58.17 30.73
N HIS EA 45 14.04 -58.90 30.29
CA HIS EA 45 14.09 -59.34 28.89
C HIS EA 45 13.06 -60.43 28.63
N GLY EA 46 12.19 -60.17 27.66
CA GLY EA 46 11.28 -61.18 27.15
C GLY EA 46 10.13 -61.54 28.05
N ILE EA 47 10.00 -60.91 29.22
CA ILE EA 47 8.88 -61.19 30.10
C ILE EA 47 7.76 -60.18 29.93
N GLY EA 48 7.88 -59.27 28.99
CA GLY EA 48 6.82 -58.32 28.71
C GLY EA 48 6.81 -57.14 29.67
N SER EA 49 6.17 -56.06 29.22
CA SER EA 49 6.08 -54.85 30.02
C SER EA 49 5.22 -55.04 31.25
N ILE EA 50 4.08 -55.73 31.11
CA ILE EA 50 3.11 -55.84 32.20
C ILE EA 50 3.68 -56.67 33.34
N ARG EA 51 4.43 -57.72 33.03
CA ARG EA 51 5.09 -58.45 34.08
C ARG EA 51 6.37 -57.76 34.55
N ALA EA 52 7.02 -57.01 33.65
CA ALA EA 52 8.31 -56.42 33.98
C ALA EA 52 8.16 -55.23 34.93
N GLU EA 53 7.07 -54.49 34.83
CA GLU EA 53 6.93 -53.30 35.66
C GLU EA 53 6.56 -53.62 37.11
N LYS EA 54 6.19 -54.86 37.42
CA LYS EA 54 5.85 -55.23 38.79
C LYS EA 54 6.68 -56.38 39.33
N GLU EA 55 7.34 -57.18 38.49
CA GLU EA 55 8.18 -58.26 38.97
C GLU EA 55 9.64 -57.89 39.05
N CYS EA 56 10.12 -57.07 38.12
CA CYS EA 56 11.47 -56.52 38.16
C CYS EA 56 11.45 -55.07 38.62
N LYS EA 57 10.58 -54.77 39.58
CA LYS EA 57 10.47 -53.40 40.07
C LYS EA 57 11.65 -53.02 40.96
N ILE EA 58 12.24 -54.00 41.64
CA ILE EA 58 13.26 -53.70 42.63
C ILE EA 58 14.58 -53.33 41.95
N GLU EA 59 14.94 -54.05 40.88
CA GLU EA 59 16.10 -53.68 40.07
C GLU EA 59 15.93 -52.31 39.44
N PHE EA 60 14.71 -51.99 39.00
CA PHE EA 60 14.47 -50.69 38.41
C PHE EA 60 14.43 -49.58 39.44
N GLU EA 61 14.02 -49.87 40.68
CA GLU EA 61 14.12 -48.89 41.75
C GLU EA 61 15.57 -48.59 42.08
N ASP EA 62 16.40 -49.64 42.13
CA ASP EA 62 17.84 -49.45 42.33
C ASP EA 62 18.47 -48.67 41.18
N PHE EA 63 18.04 -48.93 39.95
CA PHE EA 63 18.62 -48.23 38.81
C PHE EA 63 18.14 -46.79 38.70
N ARG EA 64 16.87 -46.53 38.98
CA ARG EA 64 16.36 -45.16 38.99
C ARG EA 64 16.99 -44.36 40.13
N GLU EA 65 17.24 -45.00 41.27
CA GLU EA 65 17.92 -44.29 42.35
C GLU EA 65 19.42 -44.22 42.12
N CYS EA 66 19.95 -45.00 41.18
CA CYS EA 66 21.32 -44.78 40.72
C CYS EA 66 21.40 -43.56 39.80
N LEU EA 67 20.40 -43.38 38.94
CA LEU EA 67 20.46 -42.33 37.92
C LEU EA 67 20.42 -40.93 38.53
N LEU EA 68 19.33 -40.60 39.19
CA LEU EA 68 19.13 -39.26 39.70
C LEU EA 68 19.64 -39.07 41.13
N ARG EA 69 19.90 -40.17 41.84
CA ARG EA 69 20.42 -40.20 43.21
C ARG EA 69 19.51 -39.44 44.17
N GLN EA 70 18.25 -39.87 44.22
CA GLN EA 70 17.24 -39.14 45.00
C GLN EA 70 17.35 -39.47 46.48
N LYS EA 71 17.33 -40.76 46.83
CA LYS EA 71 17.41 -41.17 48.23
C LYS EA 71 18.77 -40.84 48.83
N THR EA 72 19.82 -40.90 48.01
CA THR EA 72 21.16 -40.54 48.46
C THR EA 72 21.23 -39.07 48.85
N MET EA 73 20.74 -38.19 47.97
CA MET EA 73 20.79 -36.77 48.27
C MET EA 73 19.81 -36.37 49.37
N LYS EA 74 18.70 -37.09 49.53
CA LYS EA 74 17.81 -36.81 50.65
C LYS EA 74 18.46 -37.19 51.97
N ARG EA 75 19.17 -38.32 51.99
CA ARG EA 75 19.92 -38.73 53.17
C ARG EA 75 21.04 -37.76 53.49
N LEU EA 76 21.70 -37.22 52.45
CA LEU EA 76 22.76 -36.26 52.69
C LEU EA 76 22.22 -34.91 53.13
N ASN EA 77 21.04 -34.51 52.64
CA ASN EA 77 20.33 -33.36 53.18
C ASN EA 77 20.06 -33.52 54.67
N ALA EA 78 19.59 -34.71 55.07
CA ALA EA 78 19.31 -34.98 56.47
C ALA EA 78 20.57 -34.89 57.33
N ILE EA 79 21.65 -35.54 56.88
CA ILE EA 79 22.90 -35.56 57.65
C ILE EA 79 23.52 -34.16 57.73
N LYS EA 80 23.50 -33.41 56.61
CA LYS EA 80 24.07 -32.07 56.59
C LYS EA 80 23.25 -31.10 57.45
N ARG EA 81 21.93 -31.20 57.41
CA ARG EA 81 21.10 -30.32 58.24
C ARG EA 81 21.23 -30.65 59.72
N GLN EA 82 21.31 -31.94 60.06
CA GLN EA 82 21.46 -32.32 61.46
C GLN EA 82 22.84 -31.94 61.99
N ARG EA 83 23.87 -32.06 61.16
CA ARG EA 83 25.22 -31.66 61.55
C ARG EA 83 25.31 -30.15 61.74
N ASP EA 84 24.70 -29.36 60.83
CA ASP EA 84 24.70 -27.92 60.99
C ASP EA 84 23.88 -27.49 62.21
N LYS EA 85 22.79 -28.21 62.50
CA LYS EA 85 21.99 -27.89 63.68
C LYS EA 85 22.74 -28.21 64.97
N LEU EA 86 23.52 -29.28 64.98
CA LEU EA 86 24.27 -29.62 66.18
C LEU EA 86 25.55 -28.79 66.33
N ILE EA 87 26.07 -28.23 65.24
CA ILE EA 87 27.10 -27.20 65.37
C ILE EA 87 26.48 -25.92 65.91
N LYS EA 88 25.28 -25.56 65.41
CA LYS EA 88 24.60 -24.34 65.83
C LYS EA 88 24.20 -24.40 67.31
N GLU EA 89 23.77 -25.56 67.78
CA GLU EA 89 23.48 -25.73 69.20
C GLU EA 89 24.74 -25.88 70.03
N GLY EA 90 25.87 -26.18 69.41
CA GLY EA 90 27.11 -26.35 70.15
C GLY EA 90 27.25 -27.68 70.86
N LYS EA 91 26.39 -28.65 70.56
CA LYS EA 91 26.48 -29.99 71.13
C LYS EA 91 27.41 -30.89 70.35
N TYR EA 92 28.05 -30.38 69.29
CA TYR EA 92 28.89 -31.19 68.42
C TYR EA 92 30.12 -30.38 68.04
N THR EA 93 31.24 -31.08 67.87
CA THR EA 93 32.44 -30.51 67.31
C THR EA 93 33.03 -31.49 66.29
N PRO EA 94 33.50 -30.99 65.15
CA PRO EA 94 33.93 -31.89 64.08
C PRO EA 94 35.28 -32.51 64.38
N PRO EA 95 35.55 -33.71 63.86
CA PRO EA 95 36.87 -34.32 64.06
C PRO EA 95 37.91 -33.65 63.18
N PRO EA 96 39.20 -33.83 63.46
CA PRO EA 96 40.21 -33.15 62.64
C PRO EA 96 40.27 -33.62 61.21
N HIS EA 97 39.96 -34.89 60.93
CA HIS EA 97 40.02 -35.37 59.56
C HIS EA 97 38.89 -34.86 58.69
N HIS EA 98 37.79 -34.39 59.29
CA HIS EA 98 36.78 -33.62 58.58
C HIS EA 98 37.06 -32.12 58.63
N SER EA 99 38.29 -31.73 58.93
CA SER EA 99 38.73 -30.35 58.86
C SER EA 99 39.98 -30.14 58.03
N GLY EA 100 40.80 -31.18 57.85
CA GLY EA 100 41.96 -31.09 56.98
C GLY EA 100 43.24 -31.64 57.57
N GLN EA 101 43.42 -31.51 58.88
CA GLN EA 101 44.70 -31.83 59.53
C GLN EA 101 44.69 -33.29 59.97
N GLU EA 102 44.98 -34.18 59.02
CA GLU EA 102 45.05 -35.60 59.34
C GLU EA 102 46.15 -36.40 58.64
N ASP EA 103 46.97 -35.78 57.79
CA ASP EA 103 48.09 -36.42 57.07
C ASP EA 103 47.59 -37.57 56.18
N LEU EA 104 46.89 -37.15 55.11
CA LEU EA 104 46.04 -37.99 54.28
C LEU EA 104 46.74 -39.24 53.74
N ARG EA 105 45.93 -40.26 53.44
CA ARG EA 105 46.34 -41.68 53.45
C ARG EA 105 47.45 -42.03 52.47
N PRO EA 106 47.39 -41.69 51.16
CA PRO EA 106 48.56 -42.15 50.41
C PRO EA 106 49.73 -41.20 50.51
N VAL FA 5 37.36 -34.74 -23.56
CA VAL FA 5 37.54 -34.43 -22.15
C VAL FA 5 38.80 -33.58 -21.98
N ALA FA 6 39.77 -33.72 -22.90
CA ALA FA 6 41.04 -33.03 -22.75
C ALA FA 6 40.94 -31.55 -23.10
N ALA FA 7 40.23 -31.23 -24.18
CA ALA FA 7 40.02 -29.83 -24.54
C ALA FA 7 39.15 -29.13 -23.51
N PHE FA 8 38.15 -29.83 -22.98
CA PHE FA 8 37.38 -29.29 -21.87
C PHE FA 8 38.24 -29.13 -20.62
N LEU FA 9 39.22 -30.02 -20.41
CA LEU FA 9 40.08 -29.91 -19.23
C LEU FA 9 40.98 -28.68 -19.34
N LYS FA 10 41.56 -28.43 -20.52
CA LYS FA 10 42.33 -27.20 -20.70
C LYS FA 10 41.45 -25.97 -20.63
N ASN FA 11 40.20 -26.07 -21.10
CA ASN FA 11 39.29 -24.93 -21.04
C ASN FA 11 38.91 -24.59 -19.60
N VAL FA 12 38.65 -25.60 -18.77
CA VAL FA 12 38.26 -25.30 -17.40
C VAL FA 12 39.50 -24.94 -16.56
N TRP FA 13 40.69 -25.42 -16.93
CA TRP FA 13 41.91 -24.93 -16.29
C TRP FA 13 42.22 -23.50 -16.71
N ALA FA 14 41.72 -23.06 -17.87
CA ALA FA 14 41.88 -21.66 -18.26
C ALA FA 14 40.81 -20.76 -17.67
N LYS FA 15 39.63 -21.31 -17.36
CA LYS FA 15 38.54 -20.50 -16.81
C LYS FA 15 38.55 -20.50 -15.29
N GLU FA 16 38.48 -21.68 -14.69
CA GLU FA 16 38.38 -21.84 -13.24
C GLU FA 16 39.48 -22.79 -12.77
N PRO FA 17 40.71 -22.31 -12.62
CA PRO FA 17 41.79 -23.20 -12.17
C PRO FA 17 41.65 -23.59 -10.71
N VAL FA 18 41.00 -22.75 -9.91
CA VAL FA 18 40.72 -23.07 -8.51
C VAL FA 18 39.82 -24.29 -8.42
N LEU FA 19 38.81 -24.37 -9.29
CA LEU FA 19 37.91 -25.52 -9.28
C LEU FA 19 38.59 -26.77 -9.80
N VAL FA 20 39.51 -26.65 -10.76
CA VAL FA 20 40.22 -27.82 -11.25
C VAL FA 20 41.14 -28.35 -10.16
N ALA FA 21 41.81 -27.45 -9.44
CA ALA FA 21 42.63 -27.87 -8.31
C ALA FA 21 41.79 -28.47 -7.19
N SER FA 22 40.57 -27.95 -7.00
CA SER FA 22 39.67 -28.47 -5.98
C SER FA 22 39.22 -29.88 -6.30
N PHE FA 23 38.73 -30.11 -7.53
CA PHE FA 23 38.32 -31.44 -7.93
C PHE FA 23 39.50 -32.42 -8.00
N ALA FA 24 40.70 -31.91 -8.31
CA ALA FA 24 41.87 -32.80 -8.38
C ALA FA 24 42.28 -33.26 -6.98
N ILE FA 25 42.34 -32.33 -6.02
CA ILE FA 25 42.67 -32.69 -4.65
C ILE FA 25 41.60 -33.58 -4.03
N ALA FA 26 40.32 -33.28 -4.31
CA ALA FA 26 39.24 -34.11 -3.79
C ALA FA 26 39.24 -35.51 -4.41
N GLY FA 27 39.57 -35.61 -5.69
CA GLY FA 27 39.63 -36.90 -6.33
C GLY FA 27 40.79 -37.73 -5.84
N LEU FA 28 41.94 -37.11 -5.61
CA LEU FA 28 43.07 -37.82 -5.02
C LEU FA 28 42.75 -38.28 -3.61
N ALA FA 29 42.09 -37.43 -2.82
CA ALA FA 29 41.72 -37.80 -1.46
C ALA FA 29 40.69 -38.92 -1.42
N VAL FA 30 39.85 -39.03 -2.44
CA VAL FA 30 38.92 -40.16 -2.49
C VAL FA 30 39.64 -41.43 -2.92
N ILE FA 31 40.35 -41.40 -4.06
CA ILE FA 31 40.78 -42.67 -4.63
C ILE FA 31 42.10 -43.17 -4.04
N LEU FA 32 43.02 -42.29 -3.65
CA LEU FA 32 44.38 -42.68 -3.29
C LEU FA 32 44.55 -43.48 -1.99
N PRO FA 33 43.74 -43.33 -0.93
CA PRO FA 33 43.86 -44.28 0.19
C PRO FA 33 43.51 -45.72 -0.14
N THR FA 34 42.79 -45.97 -1.22
CA THR FA 34 42.59 -47.33 -1.70
C THR FA 34 43.73 -47.83 -2.56
N LEU FA 35 44.77 -47.03 -2.77
CA LEU FA 35 45.93 -47.39 -3.57
C LEU FA 35 47.22 -47.37 -2.75
N SER FA 36 47.12 -47.50 -1.43
CA SER FA 36 48.30 -47.37 -0.59
C SER FA 36 48.57 -48.66 0.17
N PRO FA 37 49.82 -49.11 0.22
CA PRO FA 37 50.17 -50.25 1.08
C PRO FA 37 50.27 -49.88 2.54
N TYR FA 38 50.30 -48.59 2.87
CA TYR FA 38 50.49 -48.13 4.23
C TYR FA 38 49.19 -47.97 5.00
N THR FA 39 48.04 -48.14 4.34
CA THR FA 39 46.75 -47.92 4.98
C THR FA 39 46.46 -49.02 6.00
N LYS FA 40 47.02 -50.21 5.79
CA LYS FA 40 46.91 -51.29 6.78
C LYS FA 40 47.61 -50.92 8.08
N TYR FA 41 48.78 -50.28 7.98
CA TYR FA 41 49.53 -49.88 9.17
C TYR FA 41 48.82 -48.80 9.96
N SER FA 42 47.96 -48.01 9.31
CA SER FA 42 47.17 -46.99 10.01
C SER FA 42 46.25 -47.64 11.04
N LEU FA 43 45.43 -48.58 10.60
CA LEU FA 43 44.51 -49.27 11.50
C LEU FA 43 45.26 -50.19 12.46
N MET FA 44 46.42 -50.72 12.05
CA MET FA 44 47.21 -51.54 12.98
C MET FA 44 47.79 -50.71 14.13
N ILE FA 45 48.29 -49.51 13.82
CA ILE FA 45 48.77 -48.61 14.86
C ILE FA 45 47.62 -48.14 15.74
N ASN FA 46 46.44 -47.92 15.15
CA ASN FA 46 45.29 -47.48 15.95
C ASN FA 46 44.79 -48.56 16.89
N ARG FA 47 44.77 -49.82 16.45
CA ARG FA 47 44.32 -50.89 17.34
C ARG FA 47 45.46 -51.46 18.17
N ALA FA 48 46.69 -50.97 18.00
CA ALA FA 48 47.82 -51.39 18.80
C ALA FA 48 48.16 -50.40 19.91
N THR FA 49 47.27 -49.43 20.18
CA THR FA 49 47.56 -48.39 21.15
C THR FA 49 46.78 -48.67 22.43
N PRO FA 50 47.43 -49.06 23.52
CA PRO FA 50 46.68 -49.51 24.70
C PRO FA 50 46.17 -48.39 25.59
N TYR FA 51 44.99 -47.85 25.26
CA TYR FA 51 44.39 -46.80 26.08
C TYR FA 51 43.95 -47.34 27.43
N ASN FA 52 43.29 -48.50 27.43
CA ASN FA 52 42.69 -49.04 28.63
C ASN FA 52 43.65 -50.00 29.33
N TYR FA 53 43.15 -50.75 30.27
CA TYR FA 53 44.02 -51.71 30.93
C TYR FA 53 43.89 -53.08 30.26
N PRO FA 54 45.00 -53.74 29.92
CA PRO FA 54 44.91 -55.10 29.40
C PRO FA 54 44.57 -56.08 30.52
N VAL FA 55 43.28 -56.21 30.78
CA VAL FA 55 42.71 -56.98 31.88
C VAL FA 55 43.12 -58.45 31.77
N PRO FA 56 43.76 -59.02 32.79
CA PRO FA 56 44.23 -60.39 32.70
C PRO FA 56 43.07 -61.38 32.76
N LEU FA 57 43.37 -62.61 32.37
CA LEU FA 57 42.38 -63.67 32.36
C LEU FA 57 42.74 -64.72 33.40
N ARG FA 58 41.72 -65.39 33.94
CA ARG FA 58 41.97 -66.47 34.89
C ARG FA 58 42.53 -67.68 34.17
N ASP FA 59 43.66 -68.18 34.65
CA ASP FA 59 44.32 -69.33 34.02
C ASP FA 59 43.57 -70.59 34.42
N ASP FA 60 42.67 -71.05 33.55
CA ASP FA 60 42.03 -72.33 33.77
C ASP FA 60 42.98 -73.48 33.46
N GLY FA 61 43.96 -73.26 32.58
CA GLY FA 61 44.95 -74.28 32.30
C GLY FA 61 45.28 -74.43 30.84
N ASN FA 62 44.31 -74.20 29.96
CA ASN FA 62 44.52 -74.41 28.53
C ASN FA 62 44.44 -73.06 27.83
N MET FA 63 45.55 -72.32 27.89
CA MET FA 63 45.76 -71.11 27.09
C MET FA 63 47.24 -71.04 26.78
N PRO FA 64 47.68 -71.76 25.74
CA PRO FA 64 49.11 -71.75 25.40
C PRO FA 64 49.57 -70.46 24.73
N ASP FA 65 48.65 -69.68 24.16
CA ASP FA 65 49.03 -68.43 23.51
C ASP FA 65 48.87 -67.23 24.42
N VAL FA 66 48.06 -67.33 25.46
CA VAL FA 66 47.98 -66.26 26.46
C VAL FA 66 49.16 -66.41 27.40
N PRO FA 67 50.04 -65.42 27.50
CA PRO FA 67 51.27 -65.56 28.30
C PRO FA 67 50.98 -65.45 29.80
N SER FA 68 52.03 -65.64 30.59
CA SER FA 68 51.97 -65.46 32.03
C SER FA 68 52.85 -64.33 32.53
N HIS FA 69 53.77 -63.83 31.71
CA HIS FA 69 54.60 -62.68 32.01
C HIS FA 69 54.57 -61.79 30.78
N PRO FA 70 54.62 -60.46 30.96
CA PRO FA 70 54.64 -59.57 29.79
C PRO FA 70 55.87 -59.70 28.91
N GLN FA 71 56.93 -60.35 29.38
CA GLN FA 71 58.13 -60.61 28.60
C GLN FA 71 58.20 -62.04 28.09
N ASP FA 72 57.06 -62.74 28.04
CA ASP FA 72 57.04 -64.10 27.50
C ASP FA 72 57.19 -64.08 25.97
N PRO FA 73 57.59 -65.20 25.37
CA PRO FA 73 57.65 -65.24 23.89
C PRO FA 73 56.30 -65.17 23.21
N GLN FA 74 55.22 -65.60 23.86
CA GLN FA 74 53.91 -65.61 23.23
C GLN FA 74 53.13 -64.34 23.55
N GLY FA 75 52.25 -63.97 22.61
CA GLY FA 75 51.46 -62.77 22.75
C GLY FA 75 51.58 -61.86 21.53
N PRO FA 76 50.82 -60.78 21.51
CA PRO FA 76 50.93 -59.82 20.40
C PRO FA 76 52.20 -59.00 20.55
N SER FA 77 52.93 -58.85 19.45
CA SER FA 77 54.18 -58.12 19.46
C SER FA 77 54.08 -56.89 18.58
N LEU FA 78 54.84 -55.86 18.94
CA LEU FA 78 54.88 -54.61 18.19
C LEU FA 78 56.29 -54.32 17.68
N GLU FA 79 56.96 -55.34 17.16
CA GLU FA 79 58.27 -55.12 16.55
C GLU FA 79 58.15 -54.59 15.13
N TRP FA 80 57.02 -54.86 14.47
CA TRP FA 80 56.75 -54.26 13.16
C TRP FA 80 56.64 -52.75 13.24
N LEU FA 81 56.19 -52.24 14.38
CA LEU FA 81 56.13 -50.80 14.62
C LEU FA 81 57.52 -50.21 14.79
N LYS FA 82 58.45 -50.96 15.40
CA LYS FA 82 59.80 -50.47 15.59
C LYS FA 82 60.60 -50.52 14.30
N ARG FA 83 60.38 -51.55 13.47
CA ARG FA 83 61.10 -51.65 12.21
C ARG FA 83 60.49 -50.77 11.12
N LEU FA 84 59.20 -50.97 10.83
CA LEU FA 84 58.45 -50.34 9.72
C LEU FA 84 59.11 -50.51 8.36
N SER GA 12 -98.21 -32.31 -29.51
CA SER GA 12 -97.15 -31.39 -29.11
C SER GA 12 -97.75 -30.09 -28.57
N LYS GA 13 -98.57 -29.43 -29.38
CA LYS GA 13 -99.21 -28.19 -28.98
C LYS GA 13 -100.34 -28.50 -28.00
N MET GA 14 -100.39 -27.73 -26.90
CA MET GA 14 -101.39 -27.91 -25.85
C MET GA 14 -102.31 -26.71 -25.84
N GLU GA 15 -103.59 -26.93 -26.17
CA GLU GA 15 -104.60 -25.89 -26.05
C GLU GA 15 -105.00 -25.72 -24.59
N LEU GA 16 -104.90 -24.51 -24.10
CA LEU GA 16 -105.17 -24.17 -22.71
C LEU GA 16 -106.64 -23.82 -22.52
N PRO GA 17 -107.18 -23.95 -21.30
CA PRO GA 17 -108.59 -23.58 -21.09
C PRO GA 17 -108.84 -22.08 -21.05
N ASP GA 18 -110.10 -21.71 -20.82
CA ASP GA 18 -110.47 -20.31 -20.72
C ASP GA 18 -109.96 -19.72 -19.42
N TYR GA 19 -109.64 -18.42 -19.46
CA TYR GA 19 -109.38 -17.67 -18.25
C TYR GA 19 -110.63 -17.00 -17.70
N LYS GA 20 -111.61 -16.75 -18.56
CA LYS GA 20 -112.86 -16.11 -18.14
C LYS GA 20 -113.78 -17.06 -17.38
N GLN GA 21 -113.51 -18.36 -17.44
CA GLN GA 21 -114.33 -19.31 -16.70
C GLN GA 21 -113.95 -19.38 -15.23
N TRP GA 22 -112.82 -18.83 -14.83
CA TRP GA 22 -112.39 -18.95 -13.45
C TRP GA 22 -112.76 -17.69 -12.68
N LYS GA 23 -114.07 -17.51 -12.54
CA LYS GA 23 -114.65 -16.44 -11.75
C LYS GA 23 -115.06 -16.97 -10.39
N ILE GA 24 -114.83 -16.19 -9.35
CA ILE GA 24 -114.75 -16.70 -7.99
C ILE GA 24 -116.10 -16.71 -7.28
N GLU GA 25 -117.18 -16.49 -8.02
CA GLU GA 25 -118.51 -16.49 -7.44
C GLU GA 25 -118.94 -17.92 -7.11
N GLY GA 26 -119.24 -18.16 -5.83
CA GLY GA 26 -119.59 -19.47 -5.34
C GLY GA 26 -118.49 -20.17 -4.56
N THR GA 27 -117.31 -19.59 -4.50
CA THR GA 27 -116.11 -20.18 -3.92
C THR GA 27 -115.82 -19.60 -2.55
N PRO GA 28 -114.88 -20.19 -1.80
CA PRO GA 28 -114.30 -19.47 -0.66
C PRO GA 28 -113.48 -18.24 -1.03
N LEU GA 29 -113.05 -18.10 -2.30
CA LEU GA 29 -112.49 -16.82 -2.73
C LEU GA 29 -113.51 -15.71 -2.72
N GLU GA 30 -114.79 -16.04 -2.93
CA GLU GA 30 -115.86 -15.06 -2.74
C GLU GA 30 -115.95 -14.62 -1.29
N THR GA 31 -115.75 -15.55 -0.36
CA THR GA 31 -115.75 -15.23 1.07
C THR GA 31 -114.56 -14.34 1.42
N VAL GA 32 -113.40 -14.61 0.83
CA VAL GA 32 -112.21 -13.78 1.05
C VAL GA 32 -112.43 -12.38 0.47
N GLN GA 33 -113.05 -12.30 -0.71
CA GLN GA 33 -113.36 -11.00 -1.32
C GLN GA 33 -114.34 -10.21 -0.46
N GLU GA 34 -115.34 -10.88 0.12
CA GLU GA 34 -116.31 -10.21 0.98
C GLU GA 34 -115.65 -9.69 2.25
N LYS GA 35 -114.79 -10.49 2.88
CA LYS GA 35 -114.15 -10.01 4.10
C LYS GA 35 -112.99 -9.06 3.84
N LEU GA 36 -112.54 -8.91 2.60
CA LEU GA 36 -111.60 -7.83 2.27
C LEU GA 36 -112.31 -6.55 1.88
N ALA GA 37 -113.47 -6.66 1.23
CA ALA GA 37 -114.29 -5.49 0.95
C ALA GA 37 -114.98 -4.96 2.21
N ALA GA 38 -115.10 -5.80 3.24
CA ALA GA 38 -115.60 -5.35 4.54
C ALA GA 38 -114.67 -4.36 5.22
N ARG GA 39 -113.40 -4.32 4.84
CA ARG GA 39 -112.47 -3.30 5.33
C ARG GA 39 -111.85 -2.47 4.20
N GLY GA 40 -112.52 -2.42 3.04
CA GLY GA 40 -112.09 -1.50 2.01
C GLY GA 40 -110.92 -1.96 1.17
N LEU GA 41 -110.75 -3.26 0.98
CA LEU GA 41 -109.68 -3.77 0.13
C LEU GA 41 -110.27 -4.59 -1.01
N ARG GA 42 -109.44 -4.82 -2.01
CA ARG GA 42 -109.84 -5.53 -3.22
C ARG GA 42 -108.84 -6.65 -3.48
N ASP GA 43 -109.34 -7.81 -3.90
CA ASP GA 43 -108.59 -9.04 -4.02
C ASP GA 43 -108.11 -9.21 -5.47
N PRO GA 44 -106.82 -9.03 -5.76
CA PRO GA 44 -106.37 -9.04 -7.16
C PRO GA 44 -106.19 -10.42 -7.77
N TRP GA 45 -105.72 -11.40 -7.00
CA TRP GA 45 -105.30 -12.69 -7.55
C TRP GA 45 -106.31 -13.81 -7.28
N GLY GA 46 -107.58 -13.46 -7.04
CA GLY GA 46 -108.58 -14.51 -6.79
C GLY GA 46 -108.86 -15.35 -8.02
N ARG GA 47 -108.86 -14.74 -9.19
CA ARG GA 47 -109.05 -15.48 -10.44
C ARG GA 47 -107.84 -16.35 -10.77
N ASN GA 48 -106.67 -16.05 -10.21
CA ASN GA 48 -105.52 -16.93 -10.38
C ASN GA 48 -105.70 -18.21 -9.58
N GLU GA 49 -106.30 -18.10 -8.39
CA GLU GA 49 -106.49 -19.25 -7.50
C GLU GA 49 -107.84 -19.93 -7.67
N ALA GA 50 -108.70 -19.41 -8.54
CA ALA GA 50 -110.08 -19.89 -8.66
C ALA GA 50 -110.20 -21.28 -9.24
N TRP GA 51 -109.14 -21.83 -9.85
CA TRP GA 51 -109.23 -23.16 -10.42
C TRP GA 51 -109.18 -24.26 -9.37
N ARG GA 52 -108.64 -23.95 -8.18
CA ARG GA 52 -108.43 -24.99 -7.19
C ARG GA 52 -109.74 -25.43 -6.57
N TYR GA 53 -110.70 -24.53 -6.44
CA TYR GA 53 -111.90 -24.79 -5.67
C TYR GA 53 -113.09 -25.12 -6.56
N MET GA 54 -112.89 -25.18 -7.87
CA MET GA 54 -113.94 -25.47 -8.83
C MET GA 54 -113.47 -26.57 -9.77
N GLY GA 55 -114.42 -27.15 -10.50
CA GLY GA 55 -114.11 -28.26 -11.38
C GLY GA 55 -114.13 -29.59 -10.66
N GLY GA 56 -113.25 -30.50 -11.07
CA GLY GA 56 -113.19 -31.81 -10.42
C GLY GA 56 -112.58 -31.81 -9.04
N PHE GA 57 -111.90 -30.73 -8.65
CA PHE GA 57 -111.32 -30.62 -7.32
C PHE GA 57 -112.27 -29.96 -6.34
N ALA GA 58 -113.53 -29.78 -6.70
CA ALA GA 58 -114.52 -29.19 -5.81
C ALA GA 58 -115.26 -30.30 -5.07
N ASN GA 59 -115.70 -29.96 -3.84
CA ASN GA 59 -116.38 -30.86 -2.91
C ASN GA 59 -115.54 -32.11 -2.61
N ASN GA 60 -114.33 -31.87 -2.13
CA ASN GA 60 -113.51 -32.96 -1.62
C ASN GA 60 -113.92 -33.27 -0.19
N VAL GA 61 -113.93 -34.55 0.15
CA VAL GA 61 -114.56 -35.05 1.36
C VAL GA 61 -113.76 -34.67 2.61
N SER GA 62 -114.36 -34.88 3.78
CA SER GA 62 -113.71 -34.66 5.05
C SER GA 62 -112.85 -35.88 5.41
N PHE GA 63 -112.39 -35.94 6.66
CA PHE GA 63 -111.50 -37.02 7.08
C PHE GA 63 -112.24 -38.27 7.54
N VAL GA 64 -113.39 -38.10 8.21
CA VAL GA 64 -114.19 -39.26 8.55
C VAL GA 64 -114.86 -39.85 7.30
N GLY GA 65 -115.02 -39.04 6.25
CA GLY GA 65 -115.39 -39.58 4.95
C GLY GA 65 -114.22 -40.14 4.18
N ALA GA 66 -113.00 -39.68 4.50
CA ALA GA 66 -111.81 -40.25 3.87
C ALA GA 66 -111.55 -41.66 4.38
N LEU GA 67 -111.65 -41.86 5.70
CA LEU GA 67 -111.41 -43.19 6.27
C LEU GA 67 -112.47 -44.20 5.86
N LEU GA 68 -113.68 -43.74 5.54
CA LEU GA 68 -114.77 -44.63 5.17
C LEU GA 68 -114.89 -44.84 3.67
N LYS GA 69 -113.76 -44.83 2.95
CA LYS GA 69 -113.77 -45.20 1.55
C LYS GA 69 -114.05 -46.70 1.43
N GLY GA 70 -114.98 -47.05 0.55
CA GLY GA 70 -115.30 -48.44 0.29
C GLY GA 70 -116.00 -49.16 1.43
N PHE GA 71 -116.58 -48.42 2.39
CA PHE GA 71 -117.21 -49.08 3.51
C PHE GA 71 -118.57 -49.67 3.15
N LYS GA 72 -119.28 -49.09 2.18
CA LYS GA 72 -120.57 -49.61 1.79
C LYS GA 72 -120.44 -50.98 1.13
N TRP GA 73 -119.55 -51.10 0.16
CA TRP GA 73 -119.31 -52.39 -0.48
C TRP GA 73 -118.66 -53.39 0.47
N GLY GA 74 -117.81 -52.89 1.39
CA GLY GA 74 -117.19 -53.78 2.35
C GLY GA 74 -118.18 -54.37 3.34
N PHE GA 75 -119.07 -53.53 3.88
CA PHE GA 75 -120.11 -54.03 4.77
C PHE GA 75 -121.13 -54.88 4.02
N ALA GA 76 -121.37 -54.60 2.74
CA ALA GA 76 -122.24 -55.46 1.94
C ALA GA 76 -121.64 -56.84 1.76
N ALA GA 77 -120.32 -56.91 1.50
CA ALA GA 77 -119.65 -58.21 1.42
C ALA GA 77 -119.62 -58.92 2.77
N PHE GA 78 -119.54 -58.15 3.85
CA PHE GA 78 -119.61 -58.72 5.20
C PHE GA 78 -120.97 -59.37 5.45
N VAL GA 79 -122.05 -58.67 5.09
CA VAL GA 79 -123.40 -59.21 5.25
C VAL GA 79 -123.59 -60.45 4.39
N VAL GA 80 -123.05 -60.43 3.16
CA VAL GA 80 -123.13 -61.57 2.26
C VAL GA 80 -122.40 -62.79 2.83
N ALA GA 81 -121.22 -62.57 3.40
CA ALA GA 81 -120.46 -63.70 3.93
C ALA GA 81 -121.04 -64.22 5.26
N VAL GA 82 -121.64 -63.35 6.07
CA VAL GA 82 -122.30 -63.82 7.29
C VAL GA 82 -123.55 -64.62 6.94
N GLY GA 83 -124.31 -64.18 5.94
CA GLY GA 83 -125.43 -64.99 5.46
C GLY GA 83 -124.99 -66.30 4.83
N ALA GA 84 -123.85 -66.28 4.14
CA ALA GA 84 -123.31 -67.49 3.52
C ALA GA 84 -122.87 -68.51 4.56
N GLU GA 85 -122.23 -68.07 5.64
CA GLU GA 85 -121.83 -69.02 6.67
C GLU GA 85 -123.01 -69.43 7.55
N TYR GA 86 -124.02 -68.56 7.73
CA TYR GA 86 -125.20 -68.94 8.49
C TYR GA 86 -126.05 -69.94 7.72
N TYR GA 87 -125.95 -69.94 6.39
CA TYR GA 87 -126.59 -71.00 5.61
C TYR GA 87 -125.69 -72.21 5.47
N LEU GA 88 -124.37 -72.03 5.59
CA LEU GA 88 -123.43 -73.15 5.51
C LEU GA 88 -123.51 -74.02 6.76
N GLU GA 89 -123.74 -73.41 7.92
CA GLU GA 89 -123.86 -74.19 9.15
C GLU GA 89 -125.16 -74.96 9.21
N SER GA 90 -126.17 -74.58 8.42
CA SER GA 90 -127.45 -75.28 8.42
C SER GA 90 -127.86 -75.63 7.00
N MET HA 3 -2.70 -55.71 19.62
CA MET HA 3 -3.09 -56.81 20.48
C MET HA 3 -2.06 -57.94 20.45
N MET HA 4 -1.95 -58.62 19.31
CA MET HA 4 -1.06 -59.76 19.17
C MET HA 4 0.35 -59.38 18.75
N THR HA 5 0.78 -58.15 19.06
CA THR HA 5 2.07 -57.64 18.61
C THR HA 5 3.25 -58.32 19.28
N GLY HA 6 3.03 -59.02 20.39
CA GLY HA 6 4.09 -59.82 20.94
C GLY HA 6 4.27 -61.17 20.30
N ARG HA 7 3.30 -61.60 19.49
CA ARG HA 7 3.46 -62.82 18.72
C ARG HA 7 4.36 -62.58 17.52
N GLN HA 8 4.11 -61.50 16.77
CA GLN HA 8 5.00 -61.07 15.69
C GLN HA 8 6.02 -60.05 16.18
N ALA HA 9 6.68 -60.39 17.30
CA ALA HA 9 7.80 -59.65 17.82
C ALA HA 9 9.08 -60.45 17.77
N ARG HA 10 9.01 -61.73 17.43
CA ARG HA 10 10.18 -62.58 17.23
C ARG HA 10 10.45 -62.85 15.77
N ALA HA 11 9.44 -62.70 14.91
CA ALA HA 11 9.57 -62.82 13.46
C ALA HA 11 8.97 -61.55 12.85
N PRO HA 12 9.73 -60.46 12.82
CA PRO HA 12 9.16 -59.18 12.40
C PRO HA 12 9.02 -59.05 10.90
N LEU HA 13 7.96 -58.35 10.50
CA LEU HA 13 7.66 -57.96 9.11
C LEU HA 13 7.50 -59.12 8.15
N GLN HA 14 7.30 -60.34 8.65
CA GLN HA 14 6.97 -61.46 7.78
C GLN HA 14 5.50 -61.37 7.45
N PHE HA 15 5.19 -61.15 6.17
CA PHE HA 15 3.80 -61.06 5.73
C PHE HA 15 3.09 -62.40 5.89
N LEU HA 16 3.78 -63.48 5.56
CA LEU HA 16 3.29 -64.84 5.83
C LEU HA 16 4.45 -65.65 6.41
N PRO HA 17 4.41 -65.99 7.69
CA PRO HA 17 5.50 -66.76 8.29
C PRO HA 17 5.60 -68.20 7.80
N ASP HA 18 6.54 -68.94 8.37
CA ASP HA 18 6.73 -70.33 7.99
C ASP HA 18 5.58 -71.21 8.49
N GLU HA 19 5.03 -70.91 9.66
CA GLU HA 19 3.91 -71.66 10.18
C GLU HA 19 2.58 -71.23 9.60
N ALA HA 20 2.57 -70.25 8.69
CA ALA HA 20 1.36 -69.92 7.94
C ALA HA 20 1.06 -70.95 6.88
N ARG HA 21 2.05 -71.74 6.46
CA ARG HA 21 1.88 -72.74 5.42
C ARG HA 21 1.33 -74.05 5.95
N SER HA 22 1.06 -74.14 7.26
CA SER HA 22 0.40 -75.30 7.83
C SER HA 22 -1.11 -75.26 7.66
N LEU HA 23 -1.64 -74.19 7.16
CA LEU HA 23 -3.03 -73.86 7.01
C LEU HA 23 -3.48 -74.08 5.56
N PRO HA 24 -4.74 -74.46 5.34
CA PRO HA 24 -5.22 -74.62 3.98
C PRO HA 24 -5.41 -73.27 3.32
N PRO HA 25 -4.96 -73.12 2.07
CA PRO HA 25 -5.05 -71.83 1.42
C PRO HA 25 -6.47 -71.54 1.00
N PRO HA 26 -6.81 -70.27 0.75
CA PRO HA 26 -8.12 -69.97 0.17
C PRO HA 26 -8.26 -70.59 -1.21
N LYS HA 27 -9.47 -71.04 -1.51
CA LYS HA 27 -9.73 -71.64 -2.81
C LYS HA 27 -9.74 -70.57 -3.89
N LEU HA 28 -9.66 -71.00 -5.13
CA LEU HA 28 -9.76 -70.04 -6.22
C LEU HA 28 -11.18 -69.56 -6.42
N THR HA 29 -12.17 -70.35 -6.01
CA THR HA 29 -13.57 -69.95 -6.06
C THR HA 29 -14.07 -69.44 -4.71
N ASP HA 30 -13.16 -68.90 -3.89
CA ASP HA 30 -13.49 -68.33 -2.59
C ASP HA 30 -14.37 -67.09 -2.81
N PRO HA 31 -15.56 -67.03 -2.20
CA PRO HA 31 -16.43 -65.87 -2.43
C PRO HA 31 -15.88 -64.56 -1.90
N ARG HA 32 -14.99 -64.57 -0.91
CA ARG HA 32 -14.28 -63.35 -0.55
C ARG HA 32 -13.36 -62.93 -1.70
N LEU HA 33 -12.63 -63.89 -2.26
CA LEU HA 33 -11.73 -63.62 -3.37
C LEU HA 33 -12.51 -63.29 -4.64
N ALA HA 34 -13.68 -63.92 -4.83
CA ALA HA 34 -14.53 -63.57 -5.96
C ALA HA 34 -15.13 -62.19 -5.81
N TYR HA 35 -15.42 -61.78 -4.56
CA TYR HA 35 -15.89 -60.42 -4.31
C TYR HA 35 -14.81 -59.41 -4.63
N ILE HA 36 -13.54 -59.74 -4.31
CA ILE HA 36 -12.46 -58.84 -4.67
C ILE HA 36 -12.28 -58.78 -6.19
N GLY HA 37 -12.51 -59.90 -6.88
CA GLY HA 37 -12.49 -59.86 -8.34
C GLY HA 37 -13.60 -59.00 -8.93
N PHE HA 38 -14.77 -59.02 -8.31
CA PHE HA 38 -15.84 -58.12 -8.74
C PHE HA 38 -15.51 -56.67 -8.41
N LEU HA 39 -14.76 -56.42 -7.34
CA LEU HA 39 -14.26 -55.08 -7.09
C LEU HA 39 -13.28 -54.64 -8.17
N GLY HA 40 -12.50 -55.58 -8.70
CA GLY HA 40 -11.64 -55.26 -9.84
C GLY HA 40 -12.43 -54.94 -11.09
N TYR HA 41 -13.53 -55.67 -11.31
CA TYR HA 41 -14.40 -55.37 -12.44
C TYR HA 41 -15.05 -54.00 -12.29
N CYS HA 42 -15.48 -53.66 -11.07
CA CYS HA 42 -16.00 -52.32 -10.79
C CYS HA 42 -14.95 -51.24 -10.98
N SER HA 43 -13.70 -51.53 -10.60
CA SER HA 43 -12.62 -50.57 -10.79
C SER HA 43 -12.36 -50.32 -12.26
N GLY HA 44 -12.38 -51.39 -13.07
CA GLY HA 44 -12.24 -51.21 -14.51
C GLY HA 44 -13.38 -50.43 -15.13
N LEU HA 45 -14.60 -50.67 -14.66
CA LEU HA 45 -15.74 -49.94 -15.21
C LEU HA 45 -15.73 -48.47 -14.80
N ILE HA 46 -15.31 -48.17 -13.57
CA ILE HA 46 -15.20 -46.77 -13.15
C ILE HA 46 -14.08 -46.08 -13.91
N ASP HA 47 -12.97 -46.78 -14.15
CA ASP HA 47 -11.87 -46.21 -14.92
C ASP HA 47 -12.25 -45.96 -16.37
N ASN HA 48 -13.10 -46.81 -16.94
CA ASN HA 48 -13.60 -46.54 -18.28
C ASN HA 48 -14.63 -45.41 -18.28
N ALA HA 49 -15.38 -45.25 -17.19
CA ALA HA 49 -16.42 -44.23 -17.15
C ALA HA 49 -15.84 -42.83 -16.96
N ILE HA 50 -14.88 -42.68 -16.05
CA ILE HA 50 -14.41 -41.34 -15.71
C ILE HA 50 -13.47 -40.76 -16.76
N ARG HA 51 -12.95 -41.59 -17.65
CA ARG HA 51 -12.10 -41.13 -18.74
C ARG HA 51 -12.83 -41.14 -20.08
N ARG HA 52 -14.16 -41.21 -20.05
CA ARG HA 52 -15.04 -41.12 -21.23
C ARG HA 52 -14.70 -42.18 -22.27
N ARG HA 53 -14.48 -43.39 -21.83
CA ARG HA 53 -14.41 -44.56 -22.65
C ARG HA 53 -15.74 -45.30 -22.60
N PRO HA 54 -16.08 -46.09 -23.62
CA PRO HA 54 -17.25 -46.97 -23.51
C PRO HA 54 -17.00 -48.04 -22.46
N VAL HA 55 -17.93 -48.13 -21.51
CA VAL HA 55 -17.62 -48.68 -20.20
C VAL HA 55 -17.43 -50.19 -20.27
N LEU HA 56 -18.24 -50.88 -21.05
CA LEU HA 56 -18.19 -52.33 -21.10
C LEU HA 56 -17.29 -52.87 -22.20
N SER HA 57 -16.82 -52.02 -23.10
CA SER HA 57 -16.06 -52.49 -24.26
C SER HA 57 -14.60 -52.06 -24.25
N ALA HA 58 -14.30 -50.83 -23.84
CA ALA HA 58 -12.98 -50.27 -24.03
C ALA HA 58 -11.97 -50.84 -23.04
N GLY HA 59 -10.86 -51.35 -23.57
CA GLY HA 59 -9.80 -51.88 -22.75
C GLY HA 59 -10.17 -53.14 -22.01
N LEU HA 60 -10.39 -54.23 -22.74
CA LEU HA 60 -10.61 -55.52 -22.09
C LEU HA 60 -9.35 -56.00 -21.38
N HIS HA 61 -8.18 -55.66 -21.92
CA HIS HA 61 -6.93 -55.93 -21.23
C HIS HA 61 -6.80 -55.10 -19.96
N ARG HA 62 -7.30 -53.86 -19.97
CA ARG HA 62 -7.18 -53.00 -18.79
C ARG HA 62 -8.12 -53.47 -17.69
N GLN HA 63 -9.36 -53.80 -18.04
CA GLN HA 63 -10.30 -54.42 -17.10
C GLN HA 63 -9.75 -55.73 -16.57
N PHE HA 64 -9.13 -56.51 -17.45
CA PHE HA 64 -8.64 -57.83 -17.07
C PHE HA 64 -7.45 -57.72 -16.13
N LEU HA 65 -6.60 -56.71 -16.31
CA LEU HA 65 -5.50 -56.52 -15.38
C LEU HA 65 -5.98 -55.90 -14.05
N TYR HA 66 -7.02 -55.06 -14.06
CA TYR HA 66 -7.65 -54.63 -12.81
C TYR HA 66 -8.17 -55.82 -11.99
N ILE HA 67 -8.93 -56.70 -12.65
CA ILE HA 67 -9.50 -57.88 -11.97
C ILE HA 67 -8.40 -58.79 -11.47
N THR HA 68 -7.39 -59.04 -12.32
CA THR HA 68 -6.30 -59.93 -11.98
C THR HA 68 -5.44 -59.35 -10.85
N SER HA 69 -5.23 -58.04 -10.84
CA SER HA 69 -4.44 -57.42 -9.79
C SER HA 69 -5.17 -57.45 -8.46
N PHE HA 70 -6.48 -57.22 -8.46
CA PHE HA 70 -7.21 -57.31 -7.21
C PHE HA 70 -7.24 -58.74 -6.68
N VAL HA 71 -7.41 -59.73 -7.56
CA VAL HA 71 -7.39 -61.12 -7.12
C VAL HA 71 -6.01 -61.50 -6.59
N PHE HA 72 -4.94 -61.02 -7.24
CA PHE HA 72 -3.59 -61.36 -6.83
C PHE HA 72 -3.22 -60.72 -5.50
N VAL HA 73 -3.74 -59.52 -5.21
CA VAL HA 73 -3.45 -58.95 -3.89
C VAL HA 73 -4.36 -59.58 -2.83
N GLY HA 74 -5.64 -59.74 -3.14
CA GLY HA 74 -6.60 -60.24 -2.19
C GLY HA 74 -6.40 -61.69 -1.79
N TYR HA 75 -5.74 -62.48 -2.63
CA TYR HA 75 -5.41 -63.86 -2.24
C TYR HA 75 -4.45 -63.88 -1.07
N TYR HA 76 -3.36 -63.10 -1.16
CA TYR HA 76 -2.41 -63.04 -0.06
C TYR HA 76 -3.00 -62.32 1.15
N LEU HA 77 -3.90 -61.36 0.92
CA LEU HA 77 -4.57 -60.72 2.05
C LEU HA 77 -5.48 -61.71 2.78
N LEU HA 78 -6.16 -62.59 2.06
CA LEU HA 78 -6.96 -63.62 2.71
C LEU HA 78 -6.09 -64.66 3.40
N LYS HA 79 -4.90 -64.94 2.85
CA LYS HA 79 -3.97 -65.84 3.53
C LYS HA 79 -3.53 -65.25 4.87
N ARG HA 80 -3.21 -63.95 4.89
CA ARG HA 80 -2.79 -63.32 6.14
C ARG HA 80 -3.97 -63.19 7.12
N GLN HA 81 -5.18 -62.96 6.60
CA GLN HA 81 -6.37 -62.93 7.45
C GLN HA 81 -6.60 -64.26 8.15
N ASP HA 82 -6.60 -65.34 7.37
CA ASP HA 82 -6.85 -66.66 7.94
C ASP HA 82 -5.71 -67.10 8.85
N TYR HA 83 -4.49 -66.67 8.55
CA TYR HA 83 -3.35 -66.93 9.42
C TYR HA 83 -3.51 -66.24 10.77
N MET HA 84 -3.88 -64.96 10.76
CA MET HA 84 -3.93 -64.24 12.03
C MET HA 84 -5.13 -64.67 12.87
N TYR HA 85 -6.23 -65.09 12.23
CA TYR HA 85 -7.31 -65.67 13.04
C TYR HA 85 -6.94 -67.06 13.56
N ALA HA 86 -6.13 -67.82 12.82
CA ALA HA 86 -5.65 -69.09 13.36
C ALA HA 86 -4.70 -68.88 14.52
N VAL HA 87 -3.89 -67.82 14.46
CA VAL HA 87 -3.01 -67.46 15.57
C VAL HA 87 -3.83 -67.04 16.79
N ARG HA 88 -4.92 -66.31 16.57
CA ARG HA 88 -5.85 -65.92 17.63
C ARG HA 88 -6.43 -67.15 18.33
N ASP HA 89 -6.93 -68.10 17.55
CA ASP HA 89 -7.52 -69.31 18.14
C ASP HA 89 -6.48 -70.20 18.81
N HIS HA 90 -5.28 -70.29 18.23
CA HIS HA 90 -4.22 -71.12 18.82
C HIS HA 90 -3.77 -70.57 20.16
N ASP HA 91 -3.58 -69.25 20.24
CA ASP HA 91 -3.18 -68.64 21.51
C ASP HA 91 -4.30 -68.72 22.55
N MET HA 92 -5.55 -68.58 22.10
CA MET HA 92 -6.69 -68.72 23.00
C MET HA 92 -6.74 -70.11 23.61
N PHE HA 93 -6.64 -71.14 22.78
CA PHE HA 93 -6.79 -72.50 23.25
C PHE HA 93 -5.59 -72.93 24.10
N SER HA 94 -4.38 -72.50 23.74
CA SER HA 94 -3.22 -72.83 24.55
C SER HA 94 -3.27 -72.11 25.90
N TYR HA 95 -3.82 -70.90 25.94
CA TYR HA 95 -3.92 -70.20 27.21
C TYR HA 95 -5.00 -70.79 28.10
N ILE HA 96 -6.10 -71.26 27.52
CA ILE HA 96 -7.11 -71.96 28.31
C ILE HA 96 -6.56 -73.29 28.81
N LYS HA 97 -5.77 -73.97 27.98
CA LYS HA 97 -5.22 -75.27 28.37
C LYS HA 97 -4.14 -75.12 29.43
N SER HA 98 -3.43 -73.99 29.47
CA SER HA 98 -2.36 -73.82 30.44
C SER HA 98 -2.83 -73.28 31.78
N HIS HA 99 -3.99 -72.64 31.86
CA HIS HA 99 -4.50 -72.03 33.09
C HIS HA 99 -5.87 -72.62 33.43
N PRO HA 100 -5.91 -73.78 34.10
CA PRO HA 100 -7.19 -74.45 34.33
C PRO HA 100 -8.01 -73.82 35.45
N GLU HA 101 -7.35 -73.21 36.43
CA GLU HA 101 -8.08 -72.68 37.59
C GLU HA 101 -8.84 -71.40 37.26
N ASP HA 102 -8.48 -70.71 36.19
CA ASP HA 102 -9.19 -69.50 35.78
C ASP HA 102 -10.30 -69.78 34.77
N PHE HA 103 -10.43 -71.03 34.31
CA PHE HA 103 -11.49 -71.43 33.40
C PHE HA 103 -12.19 -72.65 34.00
N PRO HA 104 -13.06 -72.45 34.98
CA PRO HA 104 -13.66 -73.60 35.67
C PRO HA 104 -14.75 -74.24 34.83
N GLU HA 105 -14.77 -75.57 34.84
CA GLU HA 105 -15.83 -76.32 34.20
C GLU HA 105 -17.11 -76.11 34.98
N LYS HA 106 -18.02 -75.32 34.42
CA LYS HA 106 -19.28 -75.03 35.08
C LYS HA 106 -20.15 -76.28 35.17
N ASP HA 107 -20.68 -76.54 36.35
CA ASP HA 107 -21.58 -77.66 36.57
C ASP HA 107 -22.96 -77.22 36.12
N LYS HA 108 -23.37 -77.71 34.95
CA LYS HA 108 -24.63 -77.30 34.34
C LYS HA 108 -25.79 -77.90 35.10
N LYS HA 109 -26.56 -77.06 35.77
CA LYS HA 109 -27.80 -77.49 36.40
C LYS HA 109 -28.90 -77.58 35.36
N THR HA 110 -29.67 -78.66 35.41
CA THR HA 110 -30.81 -78.79 34.51
C THR HA 110 -31.94 -77.89 34.97
N TYR HA 111 -32.90 -77.65 34.08
CA TYR HA 111 -34.01 -76.75 34.36
C TYR HA 111 -34.97 -77.27 35.42
N ARG HA 112 -34.91 -78.56 35.76
CA ARG HA 112 -35.75 -79.04 36.84
C ARG HA 112 -35.25 -78.60 38.20
N GLU HA 113 -33.97 -78.24 38.31
CA GLU HA 113 -33.46 -77.60 39.51
C GLU HA 113 -33.43 -76.08 39.42
N VAL HA 114 -33.25 -75.54 38.22
CA VAL HA 114 -33.07 -74.11 38.03
C VAL HA 114 -34.40 -73.40 38.25
N PHE HA 115 -34.44 -72.49 39.22
CA PHE HA 115 -35.62 -71.71 39.53
C PHE HA 115 -35.54 -70.36 38.84
N GLU HA 116 -36.47 -70.11 37.93
CA GLU HA 116 -36.61 -68.82 37.26
C GLU HA 116 -37.93 -68.20 37.66
N GLU HA 117 -37.91 -66.91 37.96
CA GLU HA 117 -39.14 -66.23 38.33
C GLU HA 117 -39.99 -66.00 37.09
N PHE HA 118 -41.25 -66.39 37.17
CA PHE HA 118 -42.16 -66.18 36.06
C PHE HA 118 -42.78 -64.80 36.13
N HIS HA 119 -42.62 -64.05 35.05
CA HIS HA 119 -43.19 -62.71 34.95
C HIS HA 119 -44.30 -62.72 33.92
N PRO HA 120 -45.56 -62.60 34.33
CA PRO HA 120 -46.67 -62.75 33.39
C PRO HA 120 -46.91 -61.48 32.60
N VAL HA 121 -47.48 -61.66 31.41
CA VAL HA 121 -47.85 -60.55 30.54
C VAL HA 121 -49.37 -60.46 30.56
N ARG HA 122 -49.90 -59.53 31.34
CA ARG HA 122 -51.33 -59.37 31.46
C ARG HA 122 -51.71 -57.92 31.69
N SER IA 3 -90.71 -4.77 23.06
CA SER IA 3 -91.54 -5.14 21.93
C SER IA 3 -91.36 -6.60 21.54
N PHE IA 4 -90.22 -6.91 20.93
CA PHE IA 4 -89.95 -8.24 20.39
C PHE IA 4 -88.76 -8.87 21.09
N PRO IA 5 -88.73 -10.20 21.20
CA PRO IA 5 -87.54 -10.89 21.72
C PRO IA 5 -86.36 -10.68 20.77
N LYS IA 6 -85.32 -10.04 21.28
CA LYS IA 6 -84.19 -9.62 20.46
C LYS IA 6 -83.39 -10.82 19.97
N TYR IA 7 -83.00 -10.78 18.69
CA TYR IA 7 -82.09 -11.78 18.16
C TYR IA 7 -80.71 -11.59 18.78
N GLU IA 8 -80.25 -12.60 19.50
CA GLU IA 8 -78.92 -12.57 20.07
C GLU IA 8 -77.98 -13.40 19.20
N PRO IA 9 -77.03 -12.80 18.50
CA PRO IA 9 -76.09 -13.60 17.73
C PRO IA 9 -75.08 -14.29 18.63
N SER IA 10 -74.69 -15.49 18.22
CA SER IA 10 -73.66 -16.26 18.90
C SER IA 10 -72.51 -16.49 17.91
N ARG IA 11 -71.56 -17.32 18.33
CA ARG IA 11 -70.46 -17.67 17.43
C ARG IA 11 -70.94 -18.56 16.29
N LEU IA 12 -71.86 -19.47 16.59
CA LEU IA 12 -72.36 -20.43 15.60
C LEU IA 12 -73.73 -20.05 15.06
N ALA IA 13 -74.25 -18.89 15.42
CA ALA IA 13 -75.50 -18.36 14.85
C ALA IA 13 -75.28 -16.87 14.67
N SER IA 14 -74.84 -16.47 13.48
CA SER IA 14 -74.43 -15.10 13.24
C SER IA 14 -75.64 -14.20 13.05
N LEU IA 15 -75.37 -12.91 12.90
CA LEU IA 15 -76.41 -11.91 12.69
C LEU IA 15 -76.81 -11.87 11.22
N PRO IA 16 -78.10 -11.76 10.90
CA PRO IA 16 -78.51 -11.65 9.50
C PRO IA 16 -78.16 -10.29 8.93
N THR IA 17 -78.14 -10.24 7.60
CA THR IA 17 -77.87 -8.99 6.90
C THR IA 17 -79.01 -8.00 7.10
N THR IA 18 -80.24 -8.49 7.15
CA THR IA 18 -81.41 -7.64 7.27
C THR IA 18 -81.74 -7.28 8.71
N LEU IA 19 -81.00 -7.80 9.69
CA LEU IA 19 -81.10 -7.34 11.07
C LEU IA 19 -79.89 -6.53 11.50
N ASP IA 20 -78.93 -6.32 10.61
CA ASP IA 20 -77.69 -5.62 10.96
C ASP IA 20 -77.92 -4.12 10.87
N PRO IA 21 -77.70 -3.34 11.93
CA PRO IA 21 -77.88 -1.89 11.83
C PRO IA 21 -76.86 -1.19 10.95
N ALA IA 22 -75.73 -1.82 10.65
CA ALA IA 22 -74.74 -1.24 9.75
C ALA IA 22 -74.98 -1.60 8.29
N GLU IA 23 -76.11 -2.22 7.97
CA GLU IA 23 -76.45 -2.49 6.57
C GLU IA 23 -77.15 -1.29 5.93
N TYR IA 24 -77.99 -0.59 6.67
CA TYR IA 24 -78.84 0.45 6.12
C TYR IA 24 -78.18 1.81 6.12
N ASP IA 25 -76.87 1.88 6.26
CA ASP IA 25 -76.14 3.14 6.24
C ASP IA 25 -75.75 3.47 4.79
N ILE IA 26 -76.33 4.54 4.27
CA ILE IA 26 -76.18 4.89 2.87
C ILE IA 26 -75.15 6.01 2.67
N SER IA 27 -74.26 6.20 3.62
CA SER IA 27 -73.29 7.29 3.55
C SER IA 27 -72.21 6.99 2.51
N SER IA 28 -71.45 8.02 2.17
CA SER IA 28 -70.49 7.93 1.07
C SER IA 28 -69.24 7.15 1.46
N GLU IA 29 -68.81 7.22 2.72
CA GLU IA 29 -67.61 6.47 3.11
C GLU IA 29 -67.86 4.98 3.19
N THR IA 30 -69.12 4.56 3.37
CA THR IA 30 -69.46 3.15 3.28
C THR IA 30 -69.82 2.74 1.86
N ARG IA 31 -70.08 3.70 0.98
CA ARG IA 31 -70.44 3.45 -0.41
C ARG IA 31 -69.21 3.31 -1.30
N LYS IA 32 -68.20 4.13 -1.05
CA LYS IA 32 -66.95 4.01 -1.80
C LYS IA 32 -66.25 2.69 -1.48
N ALA IA 33 -66.41 2.18 -0.26
CA ALA IA 33 -65.88 0.86 0.09
C ALA IA 33 -66.55 -0.24 -0.72
N GLN IA 34 -67.88 -0.18 -0.85
CA GLN IA 34 -68.59 -1.18 -1.62
C GLN IA 34 -68.29 -1.07 -3.11
N ALA IA 35 -68.10 0.17 -3.60
CA ALA IA 35 -67.74 0.36 -5.00
C ALA IA 35 -66.34 -0.15 -5.29
N GLU IA 36 -65.40 0.04 -4.35
CA GLU IA 36 -64.04 -0.47 -4.53
C GLU IA 36 -64.00 -1.99 -4.47
N ARG IA 37 -64.78 -2.58 -3.55
CA ARG IA 37 -64.89 -4.04 -3.49
C ARG IA 37 -65.49 -4.62 -4.76
N LEU IA 38 -66.51 -3.95 -5.30
CA LEU IA 38 -67.13 -4.42 -6.54
C LEU IA 38 -66.17 -4.26 -7.72
N ALA IA 39 -65.35 -3.20 -7.72
CA ALA IA 39 -64.38 -2.99 -8.80
C ALA IA 39 -63.25 -4.02 -8.74
N ILE IA 40 -62.74 -4.31 -7.55
CA ILE IA 40 -61.69 -5.32 -7.41
C ILE IA 40 -62.22 -6.71 -7.73
N ARG IA 41 -63.45 -7.01 -7.33
CA ARG IA 41 -64.05 -8.30 -7.66
C ARG IA 41 -64.32 -8.42 -9.15
N SER IA 42 -64.68 -7.32 -9.80
CA SER IA 42 -64.88 -7.32 -11.25
C SER IA 42 -63.56 -7.53 -11.98
N ARG IA 43 -62.48 -6.93 -11.47
CA ARG IA 43 -61.17 -7.11 -12.05
C ARG IA 43 -60.68 -8.54 -11.90
N LEU IA 44 -60.91 -9.15 -10.73
CA LEU IA 44 -60.53 -10.54 -10.51
C LEU IA 44 -61.36 -11.48 -11.36
N LYS IA 45 -62.65 -11.18 -11.53
CA LYS IA 45 -63.52 -11.99 -12.39
C LYS IA 45 -63.07 -11.92 -13.84
N ARG IA 46 -62.70 -10.72 -14.32
CA ARG IA 46 -62.25 -10.58 -15.70
C ARG IA 46 -60.90 -11.27 -15.93
N GLU IA 47 -59.97 -11.11 -14.97
CA GLU IA 47 -58.70 -11.80 -15.04
C GLU IA 47 -58.87 -13.32 -15.00
N TYR IA 48 -59.85 -13.81 -14.26
CA TYR IA 48 -60.14 -15.24 -14.23
C TYR IA 48 -60.71 -15.70 -15.57
N GLN IA 49 -61.73 -15.02 -16.08
CA GLN IA 49 -62.45 -15.57 -17.21
C GLN IA 49 -61.78 -15.29 -18.55
N LEU IA 50 -60.79 -14.40 -18.60
CA LEU IA 50 -59.99 -14.32 -19.83
C LEU IA 50 -59.07 -15.52 -19.99
N GLN IA 51 -58.71 -16.18 -18.90
CA GLN IA 51 -57.99 -17.45 -18.96
C GLN IA 51 -58.92 -18.65 -18.95
N TYR IA 52 -60.09 -18.50 -18.33
CA TYR IA 52 -61.05 -19.59 -18.21
C TYR IA 52 -61.75 -19.86 -19.54
N ASN IA 53 -61.88 -18.85 -20.40
CA ASN IA 53 -62.51 -19.00 -21.70
C ASN IA 53 -61.49 -19.02 -22.84
N ASP IA 54 -60.22 -19.19 -22.50
CA ASP IA 54 -59.15 -19.24 -23.50
C ASP IA 54 -59.23 -20.53 -24.30
N PRO IA 55 -59.34 -20.47 -25.63
CA PRO IA 55 -59.37 -21.71 -26.41
C PRO IA 55 -58.05 -22.43 -26.51
N SER IA 56 -56.94 -21.69 -26.59
CA SER IA 56 -55.63 -22.33 -26.72
C SER IA 56 -55.12 -22.88 -25.40
N ARG IA 57 -55.60 -22.36 -24.28
CA ARG IA 57 -55.25 -22.92 -22.98
C ARG IA 57 -55.93 -24.26 -22.78
N ARG IA 58 -55.18 -25.23 -22.28
CA ARG IA 58 -55.75 -26.51 -21.86
C ARG IA 58 -54.99 -26.95 -20.62
N GLY IA 59 -55.54 -26.65 -19.45
CA GLY IA 59 -54.90 -27.03 -18.21
C GLY IA 59 -55.66 -26.47 -17.03
N VAL IA 60 -54.95 -26.34 -15.91
CA VAL IA 60 -55.50 -25.82 -14.68
C VAL IA 60 -55.19 -24.33 -14.62
N VAL IA 61 -56.23 -23.52 -14.48
CA VAL IA 61 -56.02 -22.11 -14.16
C VAL IA 61 -55.48 -22.05 -12.75
N GLU IA 62 -54.28 -21.50 -12.60
CA GLU IA 62 -53.66 -21.42 -11.29
C GLU IA 62 -54.38 -20.39 -10.44
N ASP IA 63 -54.63 -20.76 -9.18
CA ASP IA 63 -55.28 -19.86 -8.24
C ASP IA 63 -54.24 -19.40 -7.24
N PRO IA 64 -53.73 -18.17 -7.37
CA PRO IA 64 -52.76 -17.68 -6.37
C PRO IA 64 -53.35 -17.48 -4.99
N ALA IA 65 -54.66 -17.31 -4.88
CA ALA IA 65 -55.30 -17.32 -3.57
C ALA IA 65 -55.23 -18.71 -2.95
N LEU IA 66 -55.41 -19.76 -3.75
CA LEU IA 66 -55.37 -21.11 -3.22
C LEU IA 66 -53.95 -21.57 -2.93
N ILE IA 67 -53.01 -21.24 -3.82
CA ILE IA 67 -51.59 -21.52 -3.58
C ILE IA 67 -51.10 -20.75 -2.35
N ARG IA 68 -51.56 -19.51 -2.22
CA ARG IA 68 -51.24 -18.68 -1.07
C ARG IA 68 -51.82 -19.25 0.22
N TRP IA 69 -53.03 -19.82 0.13
CA TRP IA 69 -53.66 -20.40 1.31
C TRP IA 69 -52.99 -21.70 1.73
N THR IA 70 -52.64 -22.56 0.77
CA THR IA 70 -51.96 -23.81 1.10
C THR IA 70 -50.53 -23.56 1.56
N CYS IA 71 -49.91 -22.48 1.12
CA CYS IA 71 -48.60 -22.12 1.67
C CYS IA 71 -48.75 -21.57 3.08
N ALA IA 72 -49.86 -20.88 3.36
CA ALA IA 72 -50.04 -20.33 4.70
C ALA IA 72 -50.38 -21.41 5.70
N ARG IA 73 -51.17 -22.42 5.30
CA ARG IA 73 -51.66 -23.42 6.24
C ARG IA 73 -50.58 -24.39 6.69
N SER IA 74 -49.59 -24.66 5.83
CA SER IA 74 -48.54 -25.62 6.15
C SER IA 74 -47.15 -24.99 6.15
N ALA IA 75 -46.77 -24.33 5.07
CA ALA IA 75 -45.38 -23.93 4.82
C ALA IA 75 -44.99 -22.62 5.51
N ASN IA 76 -45.90 -21.96 6.20
CA ASN IA 76 -45.60 -20.66 6.79
C ASN IA 76 -46.12 -20.60 8.22
N VAL IA 77 -46.06 -21.71 8.92
CA VAL IA 77 -46.54 -21.77 10.30
C VAL IA 77 -45.44 -21.44 11.28
N TYR IA 78 -44.29 -22.06 11.11
CA TYR IA 78 -43.13 -21.88 11.98
C TYR IA 78 -42.33 -20.58 11.75
N PRO IA 79 -42.13 -20.07 10.53
CA PRO IA 79 -41.52 -18.73 10.40
C PRO IA 79 -42.38 -17.59 10.94
N ASN IA 80 -43.66 -17.81 11.20
CA ASN IA 80 -44.48 -16.80 11.86
C ASN IA 80 -44.75 -17.15 13.32
N PHE IA 81 -44.07 -18.15 13.85
CA PHE IA 81 -44.19 -18.53 15.25
C PHE IA 81 -43.21 -17.75 16.12
N ARG IA 82 -43.68 -17.32 17.29
CA ARG IA 82 -42.82 -16.77 18.33
C ARG IA 82 -43.22 -17.45 19.64
N PRO IA 83 -42.26 -17.98 20.40
CA PRO IA 83 -42.60 -18.52 21.73
C PRO IA 83 -42.83 -17.39 22.72
N ASN IA 84 -43.97 -17.45 23.40
CA ASN IA 84 -44.28 -16.51 24.48
C ASN IA 84 -45.07 -17.29 25.54
N THR IA 85 -45.71 -16.56 26.45
CA THR IA 85 -46.43 -17.19 27.54
C THR IA 85 -47.67 -17.91 27.04
N LYS IA 86 -48.36 -17.32 26.04
CA LYS IA 86 -49.57 -17.91 25.51
C LYS IA 86 -49.30 -19.23 24.78
N THR IA 87 -48.29 -19.23 23.89
CA THR IA 87 -47.96 -20.44 23.16
C THR IA 87 -47.38 -21.53 24.07
N SER IA 88 -46.64 -21.15 25.11
CA SER IA 88 -46.08 -22.13 26.03
C SER IA 88 -47.16 -22.76 26.89
N LEU IA 89 -48.05 -21.94 27.46
CA LEU IA 89 -49.13 -22.46 28.28
C LEU IA 89 -50.28 -23.04 27.48
N LEU IA 90 -50.25 -22.94 26.15
CA LEU IA 90 -51.13 -23.78 25.35
C LEU IA 90 -50.46 -25.07 24.91
N GLY IA 91 -49.16 -25.03 24.59
CA GLY IA 91 -48.48 -26.22 24.13
C GLY IA 91 -48.27 -27.26 25.21
N ALA IA 92 -47.89 -26.81 26.42
CA ALA IA 92 -47.76 -27.74 27.54
C ALA IA 92 -49.11 -28.17 28.09
N LEU IA 93 -50.18 -27.45 27.77
CA LEU IA 93 -51.51 -27.84 28.22
C LEU IA 93 -52.18 -28.83 27.29
N PHE IA 94 -51.96 -28.69 25.99
CA PHE IA 94 -52.59 -29.60 25.03
C PHE IA 94 -51.65 -30.70 24.53
N GLY IA 95 -50.36 -30.60 24.79
CA GLY IA 95 -49.45 -31.65 24.36
C GLY IA 95 -49.17 -32.69 25.41
N ILE IA 96 -48.68 -32.27 26.58
CA ILE IA 96 -48.33 -33.21 27.63
C ILE IA 96 -49.37 -33.24 28.74
N GLY IA 97 -50.40 -32.42 28.66
CA GLY IA 97 -51.54 -32.50 29.56
C GLY IA 97 -52.28 -33.82 29.45
N PRO IA 98 -52.87 -34.10 28.27
CA PRO IA 98 -53.57 -35.38 28.10
C PRO IA 98 -52.68 -36.61 28.17
N LEU IA 99 -51.39 -36.50 27.86
CA LEU IA 99 -50.50 -37.65 27.98
C LEU IA 99 -50.34 -38.06 29.44
N ILE IA 100 -50.05 -37.09 30.30
CA ILE IA 100 -49.93 -37.35 31.74
C ILE IA 100 -51.27 -37.78 32.33
N PHE IA 101 -52.37 -37.22 31.80
CA PHE IA 101 -53.70 -37.61 32.28
C PHE IA 101 -54.03 -39.06 31.95
N TRP IA 102 -53.85 -39.46 30.68
CA TRP IA 102 -54.12 -40.84 30.30
C TRP IA 102 -53.11 -41.80 30.93
N TYR IA 103 -51.90 -41.31 31.25
CA TYR IA 103 -50.95 -42.12 32.00
C TYR IA 103 -51.47 -42.44 33.40
N TYR IA 104 -51.96 -41.43 34.12
CA TYR IA 104 -52.53 -41.69 35.45
C TYR IA 104 -53.76 -42.57 35.37
N VAL IA 105 -54.61 -42.37 34.35
CA VAL IA 105 -55.83 -43.15 34.21
C VAL IA 105 -55.52 -44.62 33.95
N PHE IA 106 -54.66 -44.90 32.98
CA PHE IA 106 -54.36 -46.28 32.63
C PHE IA 106 -53.49 -46.96 33.67
N LYS IA 107 -52.59 -46.21 34.32
CA LYS IA 107 -51.79 -46.79 35.39
C LYS IA 107 -52.65 -47.14 36.60
N THR IA 108 -53.60 -46.27 36.97
CA THR IA 108 -54.48 -46.56 38.09
C THR IA 108 -55.40 -47.74 37.79
N ASP IA 109 -55.92 -47.81 36.56
CA ASP IA 109 -56.79 -48.91 36.18
C ASP IA 109 -56.04 -50.23 36.14
N ARG IA 110 -54.80 -50.23 35.63
CA ARG IA 110 -54.05 -51.48 35.61
C ARG IA 110 -53.51 -51.87 36.97
N ASP IA 111 -53.27 -50.91 37.87
CA ASP IA 111 -52.96 -51.25 39.26
C ASP IA 111 -54.15 -51.91 39.94
N ARG IA 112 -55.36 -51.37 39.71
CA ARG IA 112 -56.56 -51.96 40.30
C ARG IA 112 -56.83 -53.35 39.75
N LYS IA 113 -56.67 -53.53 38.43
CA LYS IA 113 -56.90 -54.83 37.81
C LYS IA 113 -55.85 -55.84 38.23
N GLU IA 114 -54.59 -55.41 38.36
CA GLU IA 114 -53.53 -56.30 38.81
C GLU IA 114 -53.71 -56.70 40.26
N LYS IA 115 -54.20 -55.78 41.11
CA LYS IA 115 -54.46 -56.11 42.50
C LYS IA 115 -55.62 -57.10 42.62
N LEU IA 116 -56.65 -56.94 41.79
CA LEU IA 116 -57.74 -57.92 41.80
C LEU IA 116 -57.29 -59.27 41.26
N ILE IA 117 -56.32 -59.28 40.34
CA ILE IA 117 -55.83 -60.55 39.81
C ILE IA 117 -54.97 -61.28 40.84
N GLN IA 118 -54.03 -60.56 41.48
CA GLN IA 118 -53.08 -61.21 42.37
C GLN IA 118 -53.65 -61.56 43.73
N GLU IA 119 -54.93 -61.29 43.98
CA GLU IA 119 -55.62 -61.74 45.17
C GLU IA 119 -56.69 -62.78 44.89
N GLY IA 120 -56.91 -63.13 43.62
CA GLY IA 120 -57.97 -64.04 43.25
C GLY IA 120 -59.36 -63.43 43.27
N LYS IA 121 -59.47 -62.12 43.40
CA LYS IA 121 -60.76 -61.44 43.55
C LYS IA 121 -61.31 -60.93 42.23
N LEU IA 122 -60.73 -61.34 41.10
CA LEU IA 122 -61.25 -61.00 39.79
C LEU IA 122 -61.71 -62.26 39.10
N ASP IA 123 -62.93 -62.24 38.57
CA ASP IA 123 -63.48 -63.37 37.84
C ASP IA 123 -62.75 -63.50 36.51
N ARG IA 124 -61.84 -64.47 36.45
CA ARG IA 124 -61.07 -64.75 35.26
C ARG IA 124 -61.26 -66.22 34.88
N THR IA 125 -62.54 -66.63 34.85
CA THR IA 125 -62.88 -68.05 34.76
C THR IA 125 -62.69 -68.57 33.34
N PHE IA 126 -63.20 -67.87 32.34
CA PHE IA 126 -63.12 -68.33 30.96
C PHE IA 126 -62.22 -67.45 30.11
N ASN IA 127 -61.32 -66.71 30.73
CA ASN IA 127 -60.35 -65.89 30.00
C ASN IA 127 -59.16 -66.75 29.67
N ILE IA 128 -59.13 -67.31 28.46
CA ILE IA 128 -57.95 -68.03 27.98
C ILE IA 128 -57.58 -67.50 26.61
N SER IA 129 -58.04 -66.29 26.28
CA SER IA 129 -57.66 -65.57 25.08
C SER IA 129 -57.32 -64.14 25.46
N TYR IA 130 -56.13 -63.68 25.11
CA TYR IA 130 -55.61 -62.45 25.69
C TYR IA 130 -54.70 -61.70 24.72
N VAL JA 6 72.44 36.88 -28.02
CA VAL JA 6 71.41 36.92 -26.99
C VAL JA 6 71.49 35.67 -26.13
N LYS JA 7 71.05 35.78 -24.88
CA LYS JA 7 71.16 34.70 -23.91
C LYS JA 7 69.78 34.32 -23.42
N GLN JA 8 69.43 33.05 -23.58
CA GLN JA 8 68.04 32.64 -23.48
C GLN JA 8 68.02 31.16 -23.15
N ASP JA 9 66.95 30.72 -22.47
CA ASP JA 9 66.85 29.31 -22.10
C ASP JA 9 66.55 28.50 -23.34
N MET JA 10 67.59 27.87 -23.89
CA MET JA 10 67.53 27.15 -25.14
C MET JA 10 68.05 25.72 -24.95
N PRO JA 11 67.56 24.77 -25.73
CA PRO JA 11 68.13 23.42 -25.71
C PRO JA 11 69.54 23.42 -26.27
N PRO JA 12 70.35 22.41 -25.95
CA PRO JA 12 71.73 22.38 -26.48
C PRO JA 12 71.81 22.13 -27.98
N VAL JA 13 73.05 21.98 -28.48
CA VAL JA 13 73.30 21.99 -29.92
C VAL JA 13 72.75 20.73 -30.57
N GLY JA 14 73.16 19.56 -30.08
CA GLY JA 14 72.68 18.33 -30.64
C GLY JA 14 71.31 17.89 -30.16
N GLY JA 15 70.62 18.72 -29.37
CA GLY JA 15 69.37 18.32 -28.77
C GLY JA 15 69.58 17.52 -27.52
N TYR JA 16 68.51 17.38 -26.75
CA TYR JA 16 68.57 16.56 -25.54
C TYR JA 16 68.64 15.08 -25.89
N GLY JA 17 68.95 14.28 -24.87
CA GLY JA 17 69.06 12.85 -25.05
C GLY JA 17 67.71 12.18 -25.22
N PRO JA 18 67.76 10.86 -25.45
CA PRO JA 18 66.51 10.11 -25.58
C PRO JA 18 65.79 9.99 -24.25
N ILE JA 19 64.47 10.14 -24.30
CA ILE JA 19 63.62 10.05 -23.12
C ILE JA 19 62.65 8.89 -23.34
N ASP JA 20 62.79 7.85 -22.54
CA ASP JA 20 61.91 6.69 -22.64
C ASP JA 20 60.51 7.06 -22.19
N TYR JA 21 59.51 6.51 -22.87
CA TYR JA 21 58.13 6.77 -22.54
C TYR JA 21 57.23 5.55 -22.68
N LYS JA 22 57.77 4.39 -23.01
CA LYS JA 22 56.93 3.22 -23.24
C LYS JA 22 56.73 2.43 -21.95
N ARG JA 23 55.78 1.49 -22.01
CA ARG JA 23 55.59 0.56 -20.91
C ARG JA 23 56.81 -0.34 -20.79
N ASN JA 24 57.39 -0.41 -19.60
CA ASN JA 24 58.56 -1.25 -19.35
C ASN JA 24 58.24 -2.09 -18.12
N LEU JA 25 57.54 -3.20 -18.34
CA LEU JA 25 57.31 -4.19 -17.29
C LEU JA 25 58.08 -5.44 -17.66
N PRO JA 26 59.24 -5.69 -17.05
CA PRO JA 26 60.27 -6.52 -17.69
C PRO JA 26 60.12 -8.03 -17.52
N ARG JA 27 58.97 -8.54 -17.06
CA ARG JA 27 58.62 -9.97 -17.06
C ARG JA 27 59.63 -10.79 -16.22
N ARG JA 28 59.56 -10.57 -14.92
CA ARG JA 28 60.39 -11.33 -13.98
C ARG JA 28 59.61 -12.50 -13.40
N GLY JA 29 60.34 -13.39 -12.75
CA GLY JA 29 59.75 -14.54 -12.08
C GLY JA 29 59.97 -15.83 -12.84
N LEU JA 30 59.74 -16.94 -12.13
CA LEU JA 30 59.80 -18.26 -12.75
C LEU JA 30 58.56 -18.51 -13.59
N SER JA 31 58.53 -19.64 -14.27
CA SER JA 31 57.38 -20.02 -15.08
C SER JA 31 56.34 -20.70 -14.19
N GLY JA 32 55.28 -21.21 -14.79
CA GLY JA 32 54.23 -21.85 -14.01
C GLY JA 32 54.63 -23.21 -13.50
N TYR JA 33 55.21 -24.03 -14.39
CA TYR JA 33 55.55 -25.41 -14.04
C TYR JA 33 56.63 -25.48 -12.97
N SER JA 34 57.58 -24.54 -12.98
CA SER JA 34 58.62 -24.52 -11.96
C SER JA 34 58.04 -24.14 -10.59
N MET JA 35 57.07 -23.23 -10.56
CA MET JA 35 56.44 -22.87 -9.30
C MET JA 35 55.58 -24.00 -8.76
N PHE JA 36 54.85 -24.70 -9.64
CA PHE JA 36 54.10 -25.88 -9.18
C PHE JA 36 55.04 -26.98 -8.70
N ALA JA 37 56.22 -27.12 -9.33
CA ALA JA 37 57.17 -28.13 -8.90
C ALA JA 37 57.77 -27.81 -7.55
N VAL JA 38 58.09 -26.52 -7.30
CA VAL JA 38 58.59 -26.10 -6.00
C VAL JA 38 57.53 -26.31 -4.92
N GLY JA 39 56.28 -25.97 -5.22
CA GLY JA 39 55.21 -26.14 -4.25
C GLY JA 39 54.92 -27.60 -3.91
N ILE JA 40 54.86 -28.46 -4.93
CA ILE JA 40 54.59 -29.87 -4.69
C ILE JA 40 55.78 -30.55 -4.02
N GLY JA 41 57.00 -30.08 -4.30
CA GLY JA 41 58.16 -30.60 -3.58
C GLY JA 41 58.14 -30.22 -2.11
N ALA JA 42 57.69 -29.00 -1.80
CA ALA JA 42 57.51 -28.61 -0.40
C ALA JA 42 56.43 -29.44 0.28
N LEU JA 43 55.33 -29.73 -0.44
CA LEU JA 43 54.30 -30.62 0.08
C LEU JA 43 54.84 -32.01 0.39
N LEU JA 44 55.64 -32.57 -0.52
CA LEU JA 44 56.14 -33.93 -0.33
C LEU JA 44 57.16 -34.00 0.80
N PHE JA 45 58.01 -32.98 0.93
CA PHE JA 45 58.95 -32.97 2.04
C PHE JA 45 58.23 -32.81 3.38
N GLY JA 46 57.20 -31.95 3.42
CA GLY JA 46 56.42 -31.82 4.64
C GLY JA 46 55.67 -33.09 5.01
N TYR JA 47 55.13 -33.77 4.00
CA TYR JA 47 54.39 -35.01 4.25
C TYR JA 47 55.31 -36.11 4.74
N TRP JA 48 56.52 -36.21 4.17
CA TRP JA 48 57.46 -37.23 4.62
C TRP JA 48 57.96 -36.95 6.04
N SER JA 49 58.25 -35.68 6.35
CA SER JA 49 58.71 -35.33 7.69
C SER JA 49 57.62 -35.57 8.73
N MET JA 50 56.37 -35.20 8.41
CA MET JA 50 55.27 -35.47 9.34
C MET JA 50 54.97 -36.95 9.44
N MET JA 51 55.22 -37.73 8.37
CA MET JA 51 55.05 -39.17 8.44
C MET JA 51 56.01 -39.79 9.45
N ARG JA 52 57.31 -39.48 9.33
CA ARG JA 52 58.31 -39.98 10.27
C ARG JA 52 58.02 -39.53 11.69
N TRP JA 53 57.74 -38.23 11.88
CA TRP JA 53 57.61 -37.73 13.23
C TRP JA 53 56.31 -38.15 13.89
N ASN JA 54 55.22 -38.33 13.12
CA ASN JA 54 54.00 -38.80 13.75
C ASN JA 54 54.04 -40.28 14.06
N ARG JA 55 54.76 -41.09 13.26
CA ARG JA 55 54.97 -42.48 13.67
C ARG JA 55 55.80 -42.55 14.95
N GLU JA 56 56.81 -41.68 15.07
CA GLU JA 56 57.60 -41.63 16.31
C GLU JA 56 56.76 -41.18 17.50
N ARG JA 57 55.87 -40.22 17.28
CA ARG JA 57 54.98 -39.75 18.34
C ARG JA 57 53.98 -40.82 18.76
N ARG JA 58 53.51 -41.66 17.83
CA ARG JA 58 52.65 -42.77 18.21
C ARG JA 58 53.40 -43.80 19.04
N ARG JA 59 54.66 -44.06 18.69
CA ARG JA 59 55.46 -44.99 19.50
C ARG JA 59 55.69 -44.44 20.91
N LEU JA 60 55.94 -43.13 21.03
CA LEU JA 60 56.12 -42.55 22.35
C LEU JA 60 54.81 -42.50 23.14
N GLN JA 61 53.68 -42.36 22.44
CA GLN JA 61 52.38 -42.42 23.09
C GLN JA 61 52.12 -43.80 23.68
N ILE JA 62 52.48 -44.86 22.93
CA ILE JA 62 52.32 -46.21 23.45
C ILE JA 62 53.26 -46.46 24.63
N GLU JA 63 54.45 -45.85 24.61
CA GLU JA 63 55.36 -45.98 25.74
C GLU JA 63 54.81 -45.31 27.00
N ASP JA 64 54.23 -44.12 26.87
CA ASP JA 64 53.60 -43.46 28.02
C ASP JA 64 52.36 -44.22 28.51
N PHE JA 65 51.60 -44.81 27.59
CA PHE JA 65 50.43 -45.59 28.01
C PHE JA 65 50.84 -46.87 28.72
N GLU JA 66 51.94 -47.49 28.30
CA GLU JA 66 52.39 -48.69 29.00
C GLU JA 66 53.02 -48.36 30.34
N ALA JA 67 53.58 -47.16 30.48
CA ALA JA 67 53.97 -46.69 31.80
C ALA JA 67 52.75 -46.53 32.71
N ARG JA 68 51.66 -45.97 32.18
CA ARG JA 68 50.40 -45.88 32.91
C ARG JA 68 49.87 -47.26 33.30
N ILE JA 69 49.93 -48.21 32.38
CA ILE JA 69 49.45 -49.57 32.62
C ILE JA 69 50.27 -50.25 33.70
N ALA JA 70 51.60 -50.05 33.67
CA ALA JA 70 52.46 -50.58 34.70
C ALA JA 70 52.20 -49.96 36.06
N LEU JA 71 51.72 -48.71 36.10
CA LEU JA 71 51.45 -48.09 37.40
C LEU JA 71 50.03 -48.29 37.91
N MET JA 72 49.08 -48.69 37.07
CA MET JA 72 47.68 -48.79 37.49
C MET JA 72 47.32 -49.73 38.66
N PRO JA 73 47.95 -50.90 38.88
CA PRO JA 73 47.50 -51.72 40.03
C PRO JA 73 47.78 -51.10 41.39
N LEU JA 74 48.94 -50.48 41.56
CA LEU JA 74 49.25 -49.79 42.82
C LEU JA 74 48.28 -48.66 43.07
N LEU JA 75 47.95 -47.89 42.02
CA LEU JA 75 47.02 -46.78 42.16
C LEU JA 75 45.62 -47.25 42.44
N GLN JA 76 45.23 -48.42 41.89
CA GLN JA 76 43.90 -48.95 42.16
C GLN JA 76 43.78 -49.45 43.59
N ALA JA 77 44.83 -50.09 44.11
CA ALA JA 77 44.82 -50.52 45.51
C ALA JA 77 44.79 -49.33 46.46
N GLU JA 78 45.59 -48.30 46.17
CA GLU JA 78 45.58 -47.10 47.00
C GLU JA 78 44.25 -46.36 46.90
N LYS JA 79 43.59 -46.38 45.74
CA LYS JA 79 42.31 -45.71 45.59
C LYS JA 79 41.20 -46.45 46.33
N ASP JA 80 41.25 -47.79 46.33
CA ASP JA 80 40.33 -48.59 47.11
C ASP JA 80 40.46 -48.28 48.59
N ARG JA 81 41.70 -48.24 49.08
CA ARG JA 81 41.92 -47.91 50.49
C ARG JA 81 41.55 -46.46 50.79
N ARG JA 82 41.71 -45.57 49.82
CA ARG JA 82 41.33 -44.17 49.95
C ARG JA 82 39.82 -44.01 50.16
N VAL JA 83 39.02 -44.61 49.28
CA VAL JA 83 37.57 -44.44 49.38
C VAL JA 83 37.01 -45.23 50.56
N LEU JA 84 37.60 -46.37 50.92
CA LEU JA 84 37.11 -47.09 52.10
C LEU JA 84 37.46 -46.35 53.37
N GLN JA 85 38.63 -45.71 53.41
CA GLN JA 85 39.02 -44.84 54.52
C GLN JA 85 38.03 -43.71 54.68
N MET JA 86 37.67 -43.05 53.59
CA MET JA 86 36.78 -41.90 53.69
C MET JA 86 35.35 -42.30 54.05
N LEU JA 87 34.88 -43.43 53.54
CA LEU JA 87 33.54 -43.89 53.89
C LEU JA 87 33.46 -44.32 55.35
N ARG JA 88 34.53 -44.94 55.87
CA ARG JA 88 34.51 -45.31 57.28
C ARG JA 88 34.64 -44.08 58.17
N GLU JA 89 35.42 -43.08 57.74
CA GLU JA 89 35.52 -41.84 58.49
C GLU JA 89 34.21 -41.07 58.50
N ASN JA 90 33.42 -41.15 57.43
CA ASN JA 90 32.11 -40.51 57.43
C ASN JA 90 31.07 -41.32 58.19
N LEU JA 91 31.25 -42.64 58.26
CA LEU JA 91 30.31 -43.48 58.98
C LEU JA 91 30.53 -43.41 60.49
N GLU JA 92 31.78 -43.19 60.93
CA GLU JA 92 32.06 -43.00 62.34
C GLU JA 92 31.42 -41.73 62.89
N GLU JA 93 31.26 -40.71 62.05
CA GLU JA 93 30.63 -39.47 62.49
C GLU JA 93 29.15 -39.42 62.17
N GLU JA 94 28.66 -40.29 61.28
CA GLU JA 94 27.22 -40.41 61.05
C GLU JA 94 26.51 -40.94 62.28
N ALA JA 95 27.20 -41.78 63.07
CA ALA JA 95 26.60 -42.30 64.29
C ALA JA 95 26.44 -41.21 65.35
N THR JA 96 27.41 -40.31 65.47
CA THR JA 96 27.35 -39.27 66.49
C THR JA 96 26.34 -38.18 66.13
N ILE JA 97 26.28 -37.82 64.85
CA ILE JA 97 25.35 -36.78 64.40
C ILE JA 97 23.92 -37.30 64.44
N MET JA 98 23.69 -38.48 63.91
CA MET JA 98 22.35 -39.08 63.85
C MET JA 98 22.10 -39.96 65.08
N LYS JA 99 22.24 -39.35 66.24
CA LYS JA 99 22.01 -40.00 67.53
C LYS JA 99 20.70 -39.57 68.17
N ASP JA 100 20.34 -38.29 68.00
CA ASP JA 100 19.08 -37.78 68.51
C ASP JA 100 17.89 -38.15 67.62
N VAL JA 101 18.11 -38.28 66.32
CA VAL JA 101 17.04 -38.45 65.34
C VAL JA 101 16.43 -39.85 65.42
N PRO JA 102 15.14 -39.98 65.66
CA PRO JA 102 14.51 -41.30 65.74
C PRO JA 102 14.28 -41.88 64.35
N GLY JA 103 14.12 -43.21 64.33
CA GLY JA 103 13.88 -43.92 63.08
C GLY JA 103 15.09 -44.05 62.19
N TRP JA 104 16.26 -43.61 62.65
CA TRP JA 104 17.46 -43.65 61.84
C TRP JA 104 18.11 -45.03 61.96
N LYS JA 105 18.84 -45.41 60.91
CA LYS JA 105 19.57 -46.67 60.86
C LYS JA 105 20.94 -46.34 60.30
N VAL JA 106 21.96 -46.35 61.16
CA VAL JA 106 23.28 -45.84 60.80
C VAL JA 106 23.94 -46.74 59.77
N GLY JA 107 24.02 -46.26 58.54
CA GLY JA 107 24.56 -47.05 57.45
C GLY JA 107 23.52 -47.77 56.62
N GLU JA 108 22.27 -47.34 56.69
CA GLU JA 108 21.22 -47.95 55.89
C GLU JA 108 21.40 -47.53 54.43
N SER JA 109 21.80 -48.49 53.59
CA SER JA 109 22.05 -48.20 52.18
C SER JA 109 20.75 -47.87 51.46
N VAL JA 110 20.84 -46.93 50.52
CA VAL JA 110 19.69 -46.49 49.75
C VAL JA 110 19.35 -47.43 48.61
N PHE JA 111 20.23 -48.38 48.29
CA PHE JA 111 19.98 -49.36 47.25
C PHE JA 111 19.52 -50.67 47.87
N HIS JA 112 18.65 -51.38 47.15
CA HIS JA 112 18.17 -52.67 47.64
C HIS JA 112 19.22 -53.76 47.48
N THR JA 113 20.09 -53.64 46.49
CA THR JA 113 21.12 -54.64 46.28
C THR JA 113 22.21 -54.50 47.34
N THR JA 114 22.93 -55.60 47.56
CA THR JA 114 24.08 -55.61 48.45
C THR JA 114 25.38 -55.46 47.67
N ARG JA 115 25.30 -55.25 46.36
CA ARG JA 115 26.46 -55.03 45.52
C ARG JA 115 27.14 -53.72 45.87
N TRP JA 116 28.45 -53.70 45.77
CA TRP JA 116 29.23 -52.48 45.95
C TRP JA 116 28.85 -51.44 44.91
N VAL JA 117 28.22 -50.38 45.37
CA VAL JA 117 27.93 -49.21 44.55
C VAL JA 117 29.15 -48.30 44.62
N THR JA 118 29.55 -47.76 43.47
CA THR JA 118 30.59 -46.75 43.44
C THR JA 118 30.15 -45.54 44.26
N PRO JA 119 30.95 -45.08 45.22
CA PRO JA 119 30.52 -43.98 46.08
C PRO JA 119 30.40 -42.69 45.32
N MET JA 120 29.31 -41.98 45.58
CA MET JA 120 29.08 -40.69 44.96
C MET JA 120 30.04 -39.67 45.59
N MET JA 121 30.18 -38.52 44.92
CA MET JA 121 31.03 -37.46 45.45
C MET JA 121 30.49 -36.92 46.77
N GLY JA 122 29.17 -36.82 46.91
CA GLY JA 122 28.59 -36.35 48.15
C GLY JA 122 28.66 -37.36 49.28
N GLU JA 123 28.87 -38.64 48.97
CA GLU JA 123 28.99 -39.64 50.02
C GLU JA 123 30.37 -39.61 50.67
N LEU JA 124 31.40 -39.24 49.92
CA LEU JA 124 32.76 -39.17 50.44
C LEU JA 124 33.07 -37.81 51.05
N TYR JA 125 33.00 -36.76 50.23
CA TYR JA 125 33.39 -35.42 50.64
C TYR JA 125 32.22 -34.61 51.19
N GLY JA 126 31.17 -35.28 51.67
CA GLY JA 126 30.00 -34.55 52.11
C GLY JA 126 30.11 -33.97 53.51
N LEU JA 127 30.99 -34.52 54.33
CA LEU JA 127 31.19 -34.04 55.69
C LEU JA 127 32.47 -33.23 55.83
N ARG JA 128 33.24 -33.07 54.76
CA ARG JA 128 34.52 -32.40 54.81
C ARG JA 128 34.38 -30.95 54.41
N THR JA 129 35.46 -30.19 54.63
CA THR JA 129 35.44 -28.76 54.42
C THR JA 129 35.49 -28.41 52.94
N GLY JA 130 35.14 -27.16 52.62
CA GLY JA 130 34.98 -26.72 51.25
C GLY JA 130 36.26 -26.64 50.45
N GLU JA 131 37.41 -26.60 51.12
CA GLU JA 131 38.69 -26.60 50.41
C GLU JA 131 38.91 -27.93 49.71
N GLU JA 132 38.79 -29.03 50.44
CA GLU JA 132 38.93 -30.36 49.84
C GLU JA 132 37.80 -30.66 48.87
N ILE JA 133 36.61 -30.10 49.12
CA ILE JA 133 35.49 -30.23 48.19
C ILE JA 133 35.85 -29.60 46.85
N LEU JA 134 36.25 -28.32 46.85
CA LEU JA 134 36.56 -27.64 45.60
C LEU JA 134 37.81 -28.19 44.92
N SER JA 135 38.76 -28.71 45.70
CA SER JA 135 39.95 -29.29 45.10
C SER JA 135 39.72 -30.70 44.58
N SER JA 136 38.70 -31.40 45.07
CA SER JA 136 38.51 -32.80 44.71
C SER JA 136 37.31 -33.06 43.81
N THR JA 137 36.42 -32.08 43.62
CA THR JA 137 35.32 -32.27 42.67
C THR JA 137 35.29 -31.22 41.57
N TYR JA 138 36.02 -30.12 41.71
CA TYR JA 138 36.24 -29.19 40.62
C TYR JA 138 37.72 -29.01 40.33
N GLY JA 139 38.55 -29.96 40.73
CA GLY JA 139 39.99 -29.76 40.68
C GLY JA 139 40.54 -29.81 39.27
N PHE JA 140 40.27 -30.91 38.57
CA PHE JA 140 40.81 -31.10 37.22
C PHE JA 140 40.20 -30.12 36.23
N ILE JA 141 38.93 -29.77 36.43
CA ILE JA 141 38.23 -28.95 35.44
C ILE JA 141 38.63 -27.50 35.56
N TRP JA 142 38.84 -27.02 36.78
CA TRP JA 142 39.32 -25.66 36.98
C TRP JA 142 40.82 -25.53 36.86
N TYR JA 143 41.55 -26.62 36.64
CA TYR JA 143 43.01 -26.54 36.62
C TYR JA 143 43.46 -25.96 35.29
N THR JA 144 43.50 -24.63 35.26
CA THR JA 144 44.27 -23.83 34.31
C THR JA 144 43.90 -24.08 32.85
N SER KA 2 -86.05 -0.73 -12.21
CA SER KA 2 -85.33 -0.56 -13.47
C SER KA 2 -85.14 -1.89 -14.17
N GLY KA 3 -85.31 -1.90 -15.49
CA GLY KA 3 -85.13 -3.13 -16.24
C GLY KA 3 -83.68 -3.40 -16.56
N TYR KA 4 -83.38 -3.74 -17.81
CA TYR KA 4 -82.01 -3.93 -18.24
C TYR KA 4 -81.55 -2.73 -19.05
N THR KA 5 -80.23 -2.55 -19.10
CA THR KA 5 -79.65 -1.61 -20.02
C THR KA 5 -79.74 -2.20 -21.43
N PRO KA 6 -79.67 -1.36 -22.48
CA PRO KA 6 -79.62 -1.92 -23.84
C PRO KA 6 -78.38 -2.77 -24.11
N ASP KA 7 -77.29 -2.52 -23.39
CA ASP KA 7 -76.16 -3.45 -23.41
C ASP KA 7 -76.56 -4.80 -22.85
N GLU KA 8 -77.24 -4.80 -21.70
CA GLU KA 8 -77.66 -6.06 -21.09
C GLU KA 8 -78.78 -6.72 -21.89
N LYS KA 9 -79.68 -5.92 -22.47
CA LYS KA 9 -80.75 -6.48 -23.32
C LYS KA 9 -80.17 -7.15 -24.55
N LEU KA 10 -79.23 -6.47 -25.23
CA LEU KA 10 -78.65 -7.05 -26.45
C LEU KA 10 -77.75 -8.23 -26.13
N ARG KA 11 -77.07 -8.19 -24.98
CA ARG KA 11 -76.22 -9.32 -24.60
C ARG KA 11 -77.06 -10.54 -24.23
N LEU KA 12 -78.16 -10.34 -23.51
CA LEU KA 12 -79.06 -11.45 -23.21
C LEU KA 12 -79.69 -12.01 -24.47
N GLN KA 13 -80.00 -11.13 -25.44
CA GLN KA 13 -80.56 -11.59 -26.72
C GLN KA 13 -79.56 -12.43 -27.50
N GLN KA 14 -78.31 -11.96 -27.61
CA GLN KA 14 -77.33 -12.67 -28.43
C GLN KA 14 -76.83 -13.94 -27.74
N LEU KA 15 -76.68 -13.91 -26.41
CA LEU KA 15 -76.34 -15.12 -25.67
C LEU KA 15 -77.46 -16.14 -25.73
N ARG KA 16 -78.71 -15.68 -25.67
CA ARG KA 16 -79.85 -16.60 -25.81
C ARG KA 16 -79.96 -17.14 -27.22
N GLU KA 17 -79.56 -16.35 -28.22
CA GLU KA 17 -79.65 -16.79 -29.60
C GLU KA 17 -78.59 -17.85 -29.90
N LEU KA 18 -77.36 -17.65 -29.39
CA LEU KA 18 -76.36 -18.69 -29.48
C LEU KA 18 -76.70 -19.91 -28.63
N ARG KA 19 -77.37 -19.70 -27.49
CA ARG KA 19 -77.81 -20.82 -26.67
C ARG KA 19 -78.87 -21.66 -27.39
N ARG KA 20 -79.80 -21.00 -28.07
CA ARG KA 20 -80.82 -21.72 -28.83
C ARG KA 20 -80.23 -22.45 -30.02
N ARG KA 21 -79.24 -21.83 -30.69
CA ARG KA 21 -78.54 -22.54 -31.76
C ARG KA 21 -77.76 -23.75 -31.24
N TRP KA 22 -77.15 -23.61 -30.05
CA TRP KA 22 -76.40 -24.72 -29.46
C TRP KA 22 -77.31 -25.87 -29.07
N LEU KA 23 -78.43 -25.56 -28.39
CA LEU KA 23 -79.37 -26.59 -27.98
C LEU KA 23 -80.06 -27.23 -29.18
N LYS KA 24 -80.31 -26.47 -30.25
CA LYS KA 24 -80.85 -27.05 -31.47
C LYS KA 24 -79.83 -27.94 -32.16
N ASP KA 25 -78.54 -27.63 -32.02
CA ASP KA 25 -77.52 -28.53 -32.53
C ASP KA 25 -77.18 -29.67 -31.58
N GLN KA 26 -77.84 -29.76 -30.42
CA GLN KA 26 -77.70 -30.90 -29.53
C GLN KA 26 -78.63 -32.06 -29.87
N GLU KA 27 -79.51 -31.92 -30.86
CA GLU KA 27 -80.39 -33.02 -31.21
C GLU KA 27 -79.62 -34.09 -31.97
N LEU KA 28 -80.26 -35.25 -32.09
CA LEU KA 28 -79.65 -36.42 -32.72
C LEU KA 28 -80.17 -36.58 -34.14
N SER KA 29 -79.29 -36.99 -35.04
CA SER KA 29 -79.69 -37.34 -36.39
C SER KA 29 -80.48 -38.64 -36.38
N PRO KA 30 -81.39 -38.82 -37.34
CA PRO KA 30 -82.20 -40.06 -37.35
C PRO KA 30 -81.44 -41.32 -37.76
N ARG KA 31 -80.15 -41.24 -38.11
CA ARG KA 31 -79.34 -42.43 -38.33
C ARG KA 31 -78.40 -42.72 -37.18
N GLU KA 32 -78.28 -41.81 -36.22
CA GLU KA 32 -77.42 -41.85 -35.04
C GLU KA 32 -78.15 -42.49 -33.88
N PRO KA 33 -77.48 -43.33 -33.06
CA PRO KA 33 -76.07 -43.75 -33.10
C PRO KA 33 -75.75 -44.76 -34.20
N VAL KA 34 -74.68 -44.51 -34.94
CA VAL KA 34 -74.22 -45.43 -35.98
C VAL KA 34 -73.48 -46.57 -35.29
N LEU KA 35 -74.11 -47.73 -35.25
CA LEU KA 35 -73.66 -48.89 -34.48
C LEU KA 35 -72.92 -49.88 -35.36
N PRO KA 36 -71.83 -50.46 -34.85
CA PRO KA 36 -71.20 -51.60 -35.52
C PRO KA 36 -72.10 -52.82 -35.46
N PRO KA 37 -71.91 -53.79 -36.37
CA PRO KA 37 -72.77 -54.99 -36.34
C PRO KA 37 -72.50 -55.85 -35.11
N ARG KA 38 -73.57 -56.18 -34.40
CA ARG KA 38 -73.50 -56.92 -33.15
C ARG KA 38 -73.08 -58.38 -33.35
N ARG KA 66 -86.65 -72.38 -24.38
CA ARG KA 66 -86.07 -71.23 -23.70
C ARG KA 66 -87.17 -70.33 -23.16
N HIS KA 67 -87.83 -70.78 -22.09
CA HIS KA 67 -88.84 -69.96 -21.43
C HIS KA 67 -88.67 -70.01 -19.93
N SER KA 68 -88.01 -71.07 -19.44
CA SER KA 68 -87.74 -71.24 -18.03
C SER KA 68 -86.27 -71.59 -17.83
N ILE KA 69 -85.39 -70.88 -18.54
CA ILE KA 69 -83.96 -71.03 -18.32
C ILE KA 69 -83.53 -70.36 -17.02
N PHE KA 70 -84.30 -69.38 -16.54
CA PHE KA 70 -83.99 -68.75 -15.27
C PHE KA 70 -84.24 -69.69 -14.10
N ALA KA 71 -85.23 -70.57 -14.22
CA ALA KA 71 -85.44 -71.60 -13.22
C ALA KA 71 -84.43 -72.74 -13.34
N PHE KA 72 -83.59 -72.75 -14.37
CA PHE KA 72 -82.59 -73.77 -14.57
C PHE KA 72 -81.20 -73.32 -14.15
N THR KA 73 -80.70 -72.23 -14.76
CA THR KA 73 -79.33 -71.82 -14.52
C THR KA 73 -79.17 -71.07 -13.21
N HIS KA 74 -80.19 -70.35 -12.77
CA HIS KA 74 -80.09 -69.54 -11.56
C HIS KA 74 -80.60 -70.24 -10.31
N VAL KA 75 -81.46 -71.25 -10.46
CA VAL KA 75 -82.04 -71.89 -9.30
C VAL KA 75 -81.56 -73.33 -9.24
N LEU KA 76 -81.91 -74.10 -10.27
CA LEU KA 76 -81.81 -75.56 -10.19
C LEU KA 76 -80.35 -76.04 -10.19
N ILE KA 77 -79.49 -75.40 -10.97
CA ILE KA 77 -78.06 -75.73 -10.94
C ILE KA 77 -77.42 -75.26 -9.61
N PRO KA 78 -77.74 -74.08 -9.04
CA PRO KA 78 -77.33 -73.85 -7.64
C PRO KA 78 -77.91 -74.81 -6.62
N VAL KA 79 -79.13 -75.32 -6.80
CA VAL KA 79 -79.64 -76.31 -5.84
C VAL KA 79 -78.83 -77.61 -5.94
N TRP KA 80 -78.49 -78.02 -7.17
CA TRP KA 80 -77.61 -79.17 -7.39
C TRP KA 80 -76.24 -78.97 -6.74
N ILE KA 81 -75.61 -77.82 -6.99
CA ILE KA 81 -74.25 -77.58 -6.52
C ILE KA 81 -74.21 -77.45 -5.01
N ILE KA 82 -75.16 -76.70 -4.43
CA ILE KA 82 -75.19 -76.52 -2.99
C ILE KA 82 -75.60 -77.80 -2.27
N HIS KA 83 -76.45 -78.63 -2.88
CA HIS KA 83 -76.79 -79.90 -2.23
C HIS KA 83 -75.63 -80.88 -2.29
N TYR KA 84 -74.87 -80.89 -3.37
CA TYR KA 84 -73.67 -81.72 -3.44
C TYR KA 84 -72.64 -81.27 -2.42
N TYR KA 85 -72.45 -79.96 -2.29
CA TYR KA 85 -71.53 -79.39 -1.30
C TYR KA 85 -71.97 -79.70 0.12
N LEU KA 86 -73.27 -79.60 0.40
CA LEU KA 86 -73.75 -79.83 1.76
C LEU KA 86 -73.94 -81.30 2.08
N LYS KA 87 -73.93 -82.17 1.08
CA LYS KA 87 -74.08 -83.59 1.38
C LYS KA 87 -72.74 -84.31 1.44
N TYR KA 88 -71.82 -84.01 0.52
CA TYR KA 88 -70.59 -84.77 0.45
C TYR KA 88 -69.36 -83.97 0.87
N HIS KA 89 -69.52 -82.73 1.31
CA HIS KA 89 -68.38 -81.98 1.84
C HIS KA 89 -68.65 -81.20 3.10
N VAL KA 90 -69.90 -81.04 3.53
CA VAL KA 90 -70.21 -80.36 4.78
C VAL KA 90 -70.65 -81.35 5.84
N THR KA 91 -71.57 -82.25 5.50
CA THR KA 91 -71.94 -83.31 6.43
C THR KA 91 -70.90 -84.41 6.53
N THR KA 92 -69.89 -84.43 5.66
CA THR KA 92 -68.77 -85.34 5.83
C THR KA 92 -67.73 -84.83 6.81
N LYS KA 93 -67.98 -83.70 7.47
CA LYS KA 93 -67.15 -83.13 8.51
C LYS KA 93 -67.96 -82.95 9.78
N PRO KA 94 -67.38 -83.16 10.96
CA PRO KA 94 -68.17 -83.23 12.19
C PRO KA 94 -68.64 -81.87 12.66
N TYR KA 95 -69.88 -81.86 13.19
CA TYR KA 95 -70.51 -80.70 13.83
C TYR KA 95 -70.61 -79.48 12.91
N THR KA 96 -70.71 -79.71 11.61
CA THR KA 96 -70.91 -78.60 10.68
C THR KA 96 -72.37 -78.18 10.65
N ILE KA 97 -73.26 -79.10 10.28
CA ILE KA 97 -74.70 -78.86 10.33
C ILE KA 97 -75.19 -79.51 11.62
N VAL KA 98 -75.29 -78.71 12.68
CA VAL KA 98 -75.84 -79.17 13.95
C VAL KA 98 -77.31 -78.75 14.00
N GLU KA 99 -78.18 -79.75 13.97
CA GLU KA 99 -79.61 -79.55 13.89
C GLU KA 99 -80.23 -79.73 15.26
N LYS KA 100 -81.18 -78.87 15.60
CA LYS KA 100 -81.93 -79.03 16.83
C LYS KA 100 -82.78 -80.30 16.74
N LYS KA 101 -82.84 -81.04 17.84
CA LYS KA 101 -83.54 -82.32 17.83
C LYS KA 101 -85.05 -82.08 17.71
N PRO KA 102 -85.77 -82.96 17.01
CA PRO KA 102 -87.19 -82.72 16.77
C PRO KA 102 -88.02 -82.88 18.04
N ARG KA 103 -89.02 -82.02 18.16
CA ARG KA 103 -89.75 -81.82 19.40
C ARG KA 103 -90.71 -82.97 19.66
N ILE KA 104 -90.69 -83.48 20.89
CA ILE KA 104 -91.40 -84.71 21.27
C ILE KA 104 -92.51 -84.36 22.24
N PHE KA 105 -93.71 -84.85 21.95
CA PHE KA 105 -94.91 -84.66 22.77
C PHE KA 105 -95.39 -85.99 23.32
N PRO KA 106 -96.15 -85.97 24.42
CA PRO KA 106 -96.86 -87.19 24.86
C PRO KA 106 -97.92 -87.59 23.86
N GLY KA 107 -97.69 -88.72 23.19
CA GLY KA 107 -98.51 -89.15 22.07
C GLY KA 107 -97.75 -89.24 20.77
N ASP KA 108 -96.43 -89.29 20.80
CA ASP KA 108 -95.64 -89.43 19.58
C ASP KA 108 -95.08 -90.85 19.47
N THR KA 109 -94.72 -91.22 18.24
CA THR KA 109 -94.17 -92.53 17.93
C THR KA 109 -92.80 -92.34 17.28
N ILE KA 110 -91.77 -92.87 17.92
CA ILE KA 110 -90.41 -92.66 17.44
C ILE KA 110 -90.15 -93.57 16.24
N LEU KA 111 -89.64 -92.98 15.16
CA LEU KA 111 -89.50 -93.74 13.91
C LEU KA 111 -88.33 -94.71 13.96
N GLU KA 112 -87.23 -94.34 14.63
CA GLU KA 112 -86.07 -95.21 14.68
C GLU KA 112 -86.14 -96.23 15.81
N THR KA 113 -87.12 -96.12 16.69
CA THR KA 113 -87.24 -97.03 17.82
C THR KA 113 -88.57 -97.76 17.86
N GLY KA 114 -89.68 -97.07 17.61
CA GLY KA 114 -91.00 -97.62 17.82
C GLY KA 114 -91.57 -97.37 19.20
N GLU KA 115 -90.84 -96.64 20.04
CA GLU KA 115 -91.24 -96.42 21.44
C GLU KA 115 -92.25 -95.29 21.48
N VAL KA 116 -93.51 -95.62 21.70
CA VAL KA 116 -94.57 -94.62 21.77
C VAL KA 116 -94.44 -93.88 23.10
N ILE KA 117 -94.45 -92.55 23.02
CA ILE KA 117 -94.37 -91.72 24.23
C ILE KA 117 -95.67 -91.87 25.03
N PRO KA 118 -95.59 -92.13 26.34
CA PRO KA 118 -96.82 -92.29 27.11
C PRO KA 118 -97.53 -90.95 27.28
N PRO KA 119 -98.86 -90.96 27.33
CA PRO KA 119 -99.62 -89.71 27.41
C PRO KA 119 -99.57 -89.12 28.82
N MET KA 120 -100.31 -88.03 29.00
CA MET KA 120 -100.29 -87.27 30.23
C MET KA 120 -101.31 -87.81 31.22
N LYS KA 121 -101.45 -87.09 32.34
CA LYS KA 121 -102.49 -87.38 33.32
C LYS KA 121 -103.82 -86.82 32.81
N GLU KA 122 -104.91 -87.46 33.23
CA GLU KA 122 -106.24 -86.98 32.86
C GLU KA 122 -106.53 -85.64 33.55
N PHE KA 123 -107.08 -84.71 32.79
CA PHE KA 123 -107.13 -83.33 33.27
C PHE KA 123 -108.33 -83.12 34.18
N PRO KA 124 -108.15 -82.39 35.29
CA PRO KA 124 -109.30 -81.89 36.04
C PRO KA 124 -109.96 -80.74 35.31
N ASP KA 125 -110.90 -81.08 34.41
CA ASP KA 125 -111.46 -80.17 33.40
C ASP KA 125 -112.05 -78.90 34.01
N GLN KA 126 -111.43 -77.76 33.67
CA GLN KA 126 -111.71 -76.49 34.30
C GLN KA 126 -112.93 -75.78 33.70
N HIS KA 127 -113.34 -76.17 32.50
CA HIS KA 127 -114.53 -75.63 31.85
C HIS KA 127 -115.02 -76.57 30.76
N GLY LA 2 -104.58 -50.41 39.51
CA GLY LA 2 -104.92 -49.02 39.28
C GLY LA 2 -105.04 -48.18 40.53
N ALA LA 3 -105.97 -48.55 41.41
CA ALA LA 3 -106.15 -47.82 42.65
C ALA LA 3 -105.07 -48.16 43.66
N HIS LA 4 -104.49 -49.36 43.55
CA HIS LA 4 -103.50 -49.80 44.55
C HIS LA 4 -102.17 -49.09 44.41
N LEU LA 5 -101.83 -48.58 43.21
CA LEU LA 5 -100.69 -47.69 43.07
C LEU LA 5 -100.86 -46.43 43.90
N ALA LA 6 -102.07 -45.84 43.86
CA ALA LA 6 -102.33 -44.64 44.64
C ALA LA 6 -102.45 -44.96 46.12
N ARG LA 7 -102.94 -46.15 46.47
CA ARG LA 7 -103.07 -46.50 47.87
C ARG LA 7 -101.74 -46.96 48.47
N ARG LA 8 -100.75 -47.28 47.65
CA ARG LA 8 -99.40 -47.53 48.14
C ARG LA 8 -98.56 -46.27 48.16
N TYR LA 9 -98.64 -45.44 47.13
CA TYR LA 9 -97.82 -44.24 47.02
C TYR LA 9 -98.45 -43.05 47.74
N LEU LA 10 -99.64 -42.64 47.30
CA LEU LA 10 -100.25 -41.44 47.84
C LEU LA 10 -100.86 -41.67 49.21
N GLY LA 11 -101.19 -42.91 49.53
CA GLY LA 11 -101.57 -43.27 50.88
C GLY LA 11 -100.33 -43.57 51.69
N ASP LA 12 -100.28 -44.77 52.27
CA ASP LA 12 -99.06 -45.23 52.91
C ASP LA 12 -98.70 -46.62 52.40
N ALA LA 13 -97.40 -46.87 52.30
CA ALA LA 13 -96.91 -48.17 51.85
C ALA LA 13 -96.92 -49.22 52.95
N SER LA 14 -97.29 -48.85 54.18
CA SER LA 14 -97.33 -49.80 55.27
C SER LA 14 -98.52 -50.75 55.17
N VAL LA 15 -99.55 -50.38 54.41
CA VAL LA 15 -100.74 -51.21 54.29
C VAL LA 15 -100.76 -52.01 52.98
N GLU LA 16 -100.03 -51.58 51.96
CA GLU LA 16 -99.92 -52.31 50.69
C GLU LA 16 -98.59 -53.04 50.60
N PRO LA 17 -98.58 -54.26 50.08
CA PRO LA 17 -97.34 -55.05 50.12
C PRO LA 17 -96.34 -54.65 49.05
N GLU LA 18 -95.07 -54.89 49.36
CA GLU LA 18 -94.03 -54.77 48.34
C GLU LA 18 -94.12 -55.97 47.41
N PRO LA 19 -94.22 -55.75 46.08
CA PRO LA 19 -94.41 -56.88 45.16
C PRO LA 19 -93.20 -57.77 45.03
N LEU LA 20 -92.00 -57.25 45.28
CA LEU LA 20 -90.79 -58.04 45.11
C LEU LA 20 -90.60 -59.03 46.25
N ARG LA 21 -91.04 -58.70 47.46
CA ARG LA 21 -91.00 -59.63 48.59
C ARG LA 21 -92.43 -59.79 49.16
N MET LA 22 -93.18 -60.70 48.55
CA MET LA 22 -94.50 -61.11 49.00
C MET LA 22 -94.80 -62.46 48.37
N PRO LA 23 -95.53 -63.35 49.06
CA PRO LA 23 -96.19 -63.29 50.38
C PRO LA 23 -95.25 -63.32 51.58
N THR LA 24 -95.43 -62.35 52.48
CA THR LA 24 -94.70 -62.34 53.75
C THR LA 24 -95.39 -63.20 54.80
N PHE LA 25 -96.71 -63.36 54.71
CA PHE LA 25 -97.41 -64.26 55.60
C PHE LA 25 -97.17 -65.70 55.19
N PRO LA 26 -97.20 -66.63 56.15
CA PRO LA 26 -97.15 -68.05 55.79
C PRO LA 26 -98.44 -68.46 55.10
N PRO LA 27 -98.41 -69.53 54.30
CA PRO LA 27 -99.67 -70.05 53.74
C PRO LA 27 -100.52 -70.77 54.77
N ASP LA 28 -99.93 -71.28 55.85
CA ASP LA 28 -100.67 -71.96 56.89
C ASP LA 28 -101.42 -71.01 57.82
N TYR LA 29 -101.13 -69.71 57.75
CA TYR LA 29 -101.79 -68.73 58.60
C TYR LA 29 -103.11 -68.31 57.95
N GLY LA 30 -104.22 -68.68 58.58
CA GLY LA 30 -105.53 -68.38 58.05
C GLY LA 30 -106.13 -69.47 57.19
N PHE LA 31 -105.32 -70.40 56.71
CA PHE LA 31 -105.81 -71.54 55.94
C PHE LA 31 -105.67 -72.81 56.76
N PRO LA 32 -106.77 -73.38 57.24
CA PRO LA 32 -106.69 -74.71 57.88
C PRO LA 32 -106.60 -75.82 56.83
N GLU LA 33 -105.43 -76.46 56.76
CA GLU LA 33 -105.12 -77.61 55.90
C GLU LA 33 -105.34 -77.29 54.41
N ARG LA 34 -104.52 -76.36 53.94
CA ARG LA 34 -104.56 -75.92 52.56
C ARG LA 34 -103.79 -76.89 51.68
N LYS LA 35 -104.34 -77.18 50.50
CA LYS LA 35 -103.82 -78.24 49.65
C LYS LA 35 -102.92 -77.69 48.55
N GLU LA 36 -102.02 -78.55 48.07
CA GLU LA 36 -100.96 -78.17 47.15
C GLU LA 36 -101.49 -78.12 45.71
N ARG LA 37 -100.72 -77.45 44.85
CA ARG LA 37 -101.04 -77.35 43.43
C ARG LA 37 -100.42 -78.52 42.69
N GLU LA 38 -101.24 -79.44 42.22
CA GLU LA 38 -100.76 -80.66 41.59
C GLU LA 38 -100.37 -80.36 40.14
N MET LA 39 -99.09 -80.49 39.85
CA MET LA 39 -98.62 -80.36 38.48
C MET LA 39 -99.05 -81.57 37.66
N VAL LA 40 -99.59 -81.32 36.48
CA VAL LA 40 -100.12 -82.39 35.64
C VAL LA 40 -99.06 -82.92 34.68
N ALA LA 41 -98.40 -82.03 33.95
CA ALA LA 41 -97.39 -82.43 32.99
C ALA LA 41 -96.14 -82.90 33.70
N THR LA 42 -95.62 -84.06 33.28
CA THR LA 42 -94.43 -84.63 33.89
C THR LA 42 -93.22 -83.80 33.47
N GLN LA 43 -92.19 -83.82 34.33
CA GLN LA 43 -90.96 -83.08 34.09
C GLN LA 43 -90.24 -83.57 32.83
N GLN LA 44 -90.25 -84.89 32.60
CA GLN LA 44 -89.68 -85.46 31.39
C GLN LA 44 -90.47 -85.06 30.15
N GLU LA 45 -91.78 -84.86 30.29
CA GLU LA 45 -92.63 -84.57 29.14
C GLU LA 45 -92.37 -83.18 28.58
N MET LA 46 -92.28 -82.17 29.45
CA MET LA 46 -91.90 -80.85 28.99
C MET LA 46 -90.39 -80.65 28.92
N ASN LA 47 -89.61 -81.64 29.35
CA ASN LA 47 -88.23 -81.71 28.90
C ASN LA 47 -88.16 -82.06 27.42
N ASP LA 48 -88.89 -83.11 27.01
CA ASP LA 48 -88.94 -83.49 25.60
C ASP LA 48 -89.73 -82.50 24.75
N ALA LA 49 -90.61 -81.71 25.36
CA ALA LA 49 -91.40 -80.76 24.59
C ALA LA 49 -90.67 -79.44 24.33
N GLN LA 50 -89.50 -79.25 24.94
CA GLN LA 50 -88.63 -78.08 24.71
C GLN LA 50 -89.35 -76.76 24.99
N LEU LA 51 -90.18 -76.74 26.02
CA LEU LA 51 -90.90 -75.53 26.36
C LEU LA 51 -89.96 -74.47 26.91
N VAL LA 52 -90.32 -73.21 26.70
CA VAL LA 52 -89.60 -72.11 27.30
C VAL LA 52 -89.79 -72.15 28.81
N LEU LA 53 -88.71 -71.90 29.56
CA LEU LA 53 -88.75 -71.97 31.02
C LEU LA 53 -89.63 -70.89 31.64
N GLN LA 54 -90.03 -69.88 30.86
CA GLN LA 54 -91.11 -69.00 31.30
C GLN LA 54 -92.47 -69.67 31.16
N GLN LA 55 -92.64 -70.48 30.10
CA GLN LA 55 -93.89 -71.15 29.82
C GLN LA 55 -94.04 -72.49 30.55
N ARG LA 56 -93.08 -72.87 31.38
CA ARG LA 56 -93.17 -74.11 32.15
C ARG LA 56 -93.79 -73.86 33.52
N ASP LA 57 -94.97 -73.24 33.54
CA ASP LA 57 -95.68 -72.96 34.78
C ASP LA 57 -96.62 -74.12 35.11
N TYR LA 58 -97.54 -73.88 36.05
CA TYR LA 58 -98.33 -74.97 36.64
C TYR LA 58 -99.35 -75.59 35.69
N CYS LA 59 -99.64 -75.00 34.55
CA CYS LA 59 -100.53 -75.66 33.60
C CYS LA 59 -99.99 -75.55 32.18
N ALA LA 60 -98.72 -75.95 32.03
CA ALA LA 60 -98.12 -76.07 30.71
C ALA LA 60 -98.65 -77.25 29.91
N HIS LA 61 -99.46 -78.13 30.52
CA HIS LA 61 -100.00 -79.28 29.79
C HIS LA 61 -101.01 -78.88 28.74
N TYR LA 62 -101.80 -77.82 28.99
CA TYR LA 62 -102.64 -77.24 27.95
C TYR LA 62 -101.81 -76.73 26.78
N LEU LA 63 -100.66 -76.14 27.08
CA LEU LA 63 -99.76 -75.65 26.04
C LEU LA 63 -99.12 -76.82 25.27
N ILE LA 64 -98.86 -77.94 25.94
CA ILE LA 64 -98.31 -79.11 25.27
C ILE LA 64 -99.32 -79.70 24.29
N ARG LA 65 -100.57 -79.85 24.75
CA ARG LA 65 -101.64 -80.32 23.88
C ARG LA 65 -101.88 -79.37 22.71
N PHE LA 66 -101.82 -78.07 22.97
CA PHE LA 66 -102.01 -77.06 21.93
C PHE LA 66 -100.89 -77.09 20.89
N LEU LA 67 -99.64 -77.26 21.32
CA LEU LA 67 -98.53 -77.31 20.36
C LEU LA 67 -98.55 -78.60 19.56
N LYS LA 68 -98.99 -79.71 20.17
CA LYS LA 68 -99.14 -80.94 19.41
C LYS LA 68 -100.24 -80.82 18.36
N CYS LA 69 -101.34 -80.14 18.72
CA CYS LA 69 -102.40 -79.87 17.75
C CYS LA 69 -101.90 -78.96 16.64
N LYS LA 70 -101.18 -77.90 17.00
CA LYS LA 70 -100.69 -76.91 16.03
C LYS LA 70 -99.68 -77.54 15.07
N ARG LA 71 -98.88 -78.48 15.55
CA ARG LA 71 -98.00 -79.21 14.64
C ARG LA 71 -98.79 -80.15 13.74
N ASP LA 72 -99.74 -80.89 14.32
CA ASP LA 72 -100.45 -81.90 13.54
C ASP LA 72 -101.46 -81.32 12.57
N SER LA 73 -101.86 -80.06 12.73
CA SER LA 73 -102.86 -79.44 11.87
C SER LA 73 -102.25 -78.59 10.76
N PHE LA 74 -101.07 -78.94 10.30
CA PHE LA 74 -100.46 -78.15 9.23
C PHE LA 74 -101.04 -78.60 7.88
N PRO LA 75 -101.30 -77.68 6.95
CA PRO LA 75 -101.19 -76.22 6.98
C PRO LA 75 -102.48 -75.52 7.36
N ASN LA 76 -103.50 -76.25 7.82
CA ASN LA 76 -104.76 -75.63 8.25
C ASN LA 76 -104.55 -75.14 9.68
N PHE LA 77 -103.79 -74.05 9.80
CA PHE LA 77 -103.27 -73.59 11.08
C PHE LA 77 -104.33 -72.97 11.99
N LEU LA 78 -105.54 -72.73 11.48
CA LEU LA 78 -106.62 -72.14 12.27
C LEU LA 78 -107.51 -73.19 12.91
N ALA LA 79 -107.05 -74.43 12.98
CA ALA LA 79 -107.88 -75.54 13.41
C ALA LA 79 -107.64 -75.94 14.86
N CYS LA 80 -106.91 -75.13 15.63
CA CYS LA 80 -106.63 -75.46 17.02
C CYS LA 80 -106.80 -74.23 17.90
N LYS LA 81 -107.85 -73.46 17.65
CA LYS LA 81 -108.14 -72.31 18.50
C LYS LA 81 -108.73 -72.71 19.84
N HIS LA 82 -109.34 -73.90 19.93
CA HIS LA 82 -109.95 -74.33 21.17
C HIS LA 82 -108.90 -74.70 22.21
N GLU LA 83 -107.83 -75.38 21.79
CA GLU LA 83 -106.74 -75.69 22.70
C GLU LA 83 -106.00 -74.44 23.14
N GLN LA 84 -105.89 -73.45 22.23
CA GLN LA 84 -105.34 -72.16 22.61
C GLN LA 84 -106.22 -71.47 23.63
N HIS LA 85 -107.54 -71.58 23.50
CA HIS LA 85 -108.41 -70.94 24.49
C HIS LA 85 -108.42 -71.71 25.79
N ASP LA 86 -108.15 -73.02 25.76
CA ASP LA 86 -107.95 -73.78 26.99
C ASP LA 86 -106.73 -73.28 27.74
N TRP LA 87 -105.62 -73.11 27.01
CA TRP LA 87 -104.40 -72.58 27.62
C TRP LA 87 -104.59 -71.14 28.10
N ASP LA 88 -105.34 -70.34 27.35
CA ASP LA 88 -105.60 -68.95 27.73
C ASP LA 88 -106.49 -68.88 28.97
N TYR LA 89 -107.48 -69.76 29.06
CA TYR LA 89 -108.35 -69.77 30.23
C TYR LA 89 -107.60 -70.29 31.45
N CYS LA 90 -106.62 -71.17 31.26
CA CYS LA 90 -105.83 -71.60 32.41
C CYS LA 90 -104.86 -70.51 32.86
N GLU LA 91 -104.29 -69.76 31.92
CA GLU LA 91 -103.50 -68.58 32.28
C GLU LA 91 -104.36 -67.53 32.96
N HIS LA 92 -105.62 -67.40 32.54
CA HIS LA 92 -106.56 -66.52 33.22
C HIS LA 92 -106.82 -66.96 34.65
N LEU LA 93 -107.00 -68.27 34.87
CA LEU LA 93 -107.22 -68.75 36.23
C LEU LA 93 -105.96 -68.60 37.10
N ASP LA 94 -104.77 -68.74 36.50
CA ASP LA 94 -103.55 -68.49 37.24
C ASP LA 94 -103.42 -67.02 37.64
N TYR LA 95 -103.80 -66.11 36.73
CA TYR LA 95 -103.79 -64.69 37.04
C TYR LA 95 -104.81 -64.36 38.13
N VAL LA 96 -105.95 -65.06 38.12
CA VAL LA 96 -106.95 -64.91 39.17
C VAL LA 96 -106.40 -65.37 40.52
N LYS LA 97 -105.66 -66.48 40.53
CA LYS LA 97 -105.05 -66.97 41.76
C LYS LA 97 -103.99 -66.00 42.28
N ARG LA 98 -103.24 -65.36 41.37
CA ARG LA 98 -102.26 -64.36 41.80
C ARG LA 98 -102.94 -63.12 42.37
N MET LA 99 -104.06 -62.71 41.76
CA MET LA 99 -104.84 -61.60 42.31
C MET LA 99 -105.43 -61.96 43.67
N LYS LA 100 -105.82 -63.23 43.86
CA LYS LA 100 -106.32 -63.68 45.15
C LYS LA 100 -105.23 -63.68 46.21
N GLU LA 101 -104.00 -64.02 45.82
CA GLU LA 101 -102.87 -63.92 46.74
C GLU LA 101 -102.59 -62.48 47.12
N PHE LA 102 -102.70 -61.56 46.15
CA PHE LA 102 -102.49 -60.15 46.44
C PHE LA 102 -103.57 -59.59 47.35
N GLU LA 103 -104.82 -59.98 47.11
CA GLU LA 103 -105.92 -59.52 47.95
C GLU LA 103 -105.84 -60.12 49.35
N ARG LA 104 -105.37 -61.38 49.44
CA ARG LA 104 -105.02 -61.98 50.73
C ARG LA 104 -103.99 -61.16 51.47
N GLU LA 105 -102.93 -60.74 50.78
CA GLU LA 105 -101.88 -59.96 51.41
C GLU LA 105 -102.38 -58.58 51.83
N ARG LA 106 -103.26 -57.97 51.03
CA ARG LA 106 -103.80 -56.66 51.40
C ARG LA 106 -104.72 -56.77 52.61
N ARG LA 107 -105.62 -57.75 52.63
CA ARG LA 107 -106.54 -57.89 53.76
C ARG LA 107 -105.80 -58.33 55.02
N LEU LA 108 -104.72 -59.09 54.90
CA LEU LA 108 -104.00 -59.49 56.10
C LEU LA 108 -103.03 -58.42 56.59
N LEU LA 109 -102.54 -57.55 55.71
CA LEU LA 109 -101.85 -56.35 56.22
C LEU LA 109 -102.83 -55.38 56.87
N GLN LA 110 -104.07 -55.31 56.36
CA GLN LA 110 -105.09 -54.54 57.05
C GLN LA 110 -105.45 -55.16 58.40
N ARG LA 111 -105.43 -56.50 58.48
CA ARG LA 111 -105.66 -57.14 59.78
C ARG LA 111 -104.50 -56.91 60.73
N LYS LA 112 -103.27 -56.87 60.21
CA LYS LA 112 -102.11 -56.51 61.04
C LYS LA 112 -102.21 -55.07 61.54
N LYS LA 113 -102.69 -54.18 60.68
CA LYS LA 113 -102.95 -52.79 61.07
C LYS LA 113 -104.01 -52.73 62.16
N ARG LA 114 -105.11 -53.47 62.00
CA ARG LA 114 -106.17 -53.46 63.00
C ARG LA 114 -105.72 -54.13 64.30
N ARG LA 115 -104.84 -55.13 64.22
CA ARG LA 115 -104.33 -55.79 65.42
C ARG LA 115 -103.44 -54.86 66.21
N GLU LA 116 -102.55 -54.12 65.54
CA GLU LA 116 -101.70 -53.19 66.29
C GLU LA 116 -102.50 -51.97 66.76
N GLN LA 117 -103.54 -51.55 66.02
CA GLN LA 117 -104.41 -50.48 66.49
C GLN LA 117 -105.23 -50.92 67.69
N ARG LA 118 -105.70 -52.17 67.71
CA ARG LA 118 -106.43 -52.68 68.86
C ARG LA 118 -105.51 -52.88 70.06
N GLU LA 119 -104.25 -53.26 69.80
CA GLU LA 119 -103.28 -53.34 70.90
C GLU LA 119 -102.94 -51.96 71.44
N ALA LA 120 -103.00 -50.92 70.59
CA ALA LA 120 -102.81 -49.56 71.08
C ALA LA 120 -104.02 -49.07 71.87
N ASP LA 121 -105.23 -49.34 71.37
CA ASP LA 121 -106.45 -48.89 72.04
C ASP LA 121 -106.70 -49.64 73.35
N MET LA 122 -106.33 -50.91 73.41
CA MET LA 122 -106.51 -51.70 74.63
C MET LA 122 -105.49 -51.30 75.69
N ALA LA 123 -104.21 -51.45 75.38
CA ALA LA 123 -103.15 -51.03 76.29
C ALA LA 123 -102.66 -49.64 75.93
N ALA MA 2 -75.22 -4.63 -0.39
CA ALA MA 2 -74.19 -5.41 0.30
C ALA MA 2 -73.48 -6.36 -0.67
N PHE MA 3 -74.27 -7.16 -1.40
CA PHE MA 3 -73.71 -8.18 -2.28
C PHE MA 3 -74.60 -8.27 -3.52
N LEU MA 4 -74.10 -7.76 -4.64
CA LEU MA 4 -74.75 -7.90 -5.95
C LEU MA 4 -73.68 -8.08 -7.01
N PRO MA 5 -73.97 -8.86 -8.07
CA PRO MA 5 -72.97 -9.07 -9.13
C PRO MA 5 -72.65 -7.84 -9.96
N SER MA 6 -73.66 -7.19 -10.53
CA SER MA 6 -73.42 -6.05 -11.42
C SER MA 6 -73.29 -4.75 -10.63
N ALA MA 7 -74.33 -4.38 -9.89
CA ALA MA 7 -74.32 -3.18 -9.08
C ALA MA 7 -73.57 -3.43 -7.77
N ALA MA 8 -73.27 -2.35 -7.07
CA ALA MA 8 -72.42 -2.41 -5.88
C ALA MA 8 -73.19 -2.30 -4.57
N TYR MA 9 -74.50 -2.03 -4.61
CA TYR MA 9 -75.24 -1.82 -3.39
C TYR MA 9 -76.71 -2.12 -3.63
N LEU MA 10 -77.45 -2.26 -2.53
CA LEU MA 10 -78.89 -2.38 -2.54
C LEU MA 10 -79.49 -1.01 -2.25
N THR MA 11 -80.34 -0.52 -3.17
CA THR MA 11 -81.09 0.69 -2.89
C THR MA 11 -82.18 0.40 -1.86
N HIS MA 12 -82.81 1.47 -1.36
CA HIS MA 12 -83.90 1.30 -0.41
C HIS MA 12 -85.10 0.64 -1.05
N GLN MA 13 -85.37 0.96 -2.32
CA GLN MA 13 -86.51 0.39 -3.04
C GLN MA 13 -86.31 -1.11 -3.26
N GLN MA 14 -85.09 -1.53 -3.56
CA GLN MA 14 -84.79 -2.95 -3.72
C GLN MA 14 -84.88 -3.69 -2.39
N LYS MA 15 -84.48 -3.03 -1.30
CA LYS MA 15 -84.62 -3.63 0.03
C LYS MA 15 -86.08 -3.80 0.41
N VAL MA 16 -86.92 -2.81 0.07
CA VAL MA 16 -88.35 -2.90 0.34
C VAL MA 16 -88.97 -4.05 -0.48
N LEU MA 17 -88.56 -4.20 -1.74
CA LEU MA 17 -89.12 -5.28 -2.55
C LEU MA 17 -88.65 -6.65 -2.09
N GLN MA 18 -87.38 -6.76 -1.66
CA GLN MA 18 -86.89 -8.06 -1.20
C GLN MA 18 -87.52 -8.45 0.13
N LEU MA 19 -87.73 -7.47 1.02
CA LEU MA 19 -88.47 -7.76 2.25
C LEU MA 19 -89.92 -8.13 1.96
N TYR MA 20 -90.53 -7.49 0.95
CA TYR MA 20 -91.89 -7.82 0.55
C TYR MA 20 -92.00 -9.25 0.02
N LYS MA 21 -91.04 -9.67 -0.82
CA LYS MA 21 -91.07 -11.02 -1.37
C LYS MA 21 -90.79 -12.06 -0.29
N ARG MA 22 -89.81 -11.81 0.59
CA ARG MA 22 -89.53 -12.74 1.67
C ARG MA 22 -90.67 -12.81 2.67
N ALA MA 23 -91.36 -11.69 2.88
CA ALA MA 23 -92.52 -11.67 3.77
C ALA MA 23 -93.67 -12.46 3.19
N LEU MA 24 -93.92 -12.33 1.88
CA LEU MA 24 -95.00 -13.11 1.29
C LEU MA 24 -94.67 -14.60 1.23
N ARG MA 25 -93.41 -14.96 0.97
CA ARG MA 25 -93.06 -16.38 0.92
C ARG MA 25 -93.09 -17.01 2.31
N HIS MA 26 -92.56 -16.30 3.32
CA HIS MA 26 -92.67 -16.78 4.69
C HIS MA 26 -94.10 -16.77 5.19
N LEU MA 27 -94.96 -15.89 4.66
CA LEU MA 27 -96.37 -15.91 5.02
C LEU MA 27 -97.09 -17.09 4.38
N GLU MA 28 -96.73 -17.42 3.14
CA GLU MA 28 -97.25 -18.63 2.49
C GLU MA 28 -96.78 -19.89 3.22
N SER MA 29 -95.60 -19.83 3.85
CA SER MA 29 -95.17 -20.95 4.68
C SER MA 29 -95.91 -20.97 6.02
N ARG MA 30 -96.23 -19.78 6.56
CA ARG MA 30 -96.98 -19.66 7.81
C ARG MA 30 -98.35 -20.32 7.70
N CYS MA 31 -99.10 -19.93 6.69
CA CYS MA 31 -100.47 -20.37 6.52
C CYS MA 31 -100.62 -21.18 5.23
N VAL MA 32 -101.22 -22.36 5.34
CA VAL MA 32 -101.07 -23.39 4.34
C VAL MA 32 -102.04 -23.21 3.17
N HIS MA 33 -103.31 -22.97 3.48
CA HIS MA 33 -104.34 -22.91 2.44
C HIS MA 33 -104.24 -21.63 1.63
N ARG MA 34 -104.78 -21.67 0.41
CA ARG MA 34 -104.51 -20.63 -0.56
C ARG MA 34 -105.39 -19.40 -0.36
N ASP MA 35 -106.68 -19.61 -0.06
CA ASP MA 35 -107.58 -18.47 0.11
C ASP MA 35 -107.24 -17.65 1.34
N LYS MA 36 -106.86 -18.34 2.43
CA LYS MA 36 -106.51 -17.66 3.67
C LYS MA 36 -105.17 -16.94 3.54
N TYR MA 37 -104.24 -17.54 2.78
CA TYR MA 37 -103.02 -16.84 2.40
C TYR MA 37 -103.32 -15.62 1.56
N ARG MA 38 -104.28 -15.72 0.64
CA ARG MA 38 -104.60 -14.57 -0.20
C ARG MA 38 -105.25 -13.46 0.61
N TYR MA 39 -106.05 -13.84 1.63
CA TYR MA 39 -106.63 -12.87 2.56
C TYR MA 39 -105.55 -12.12 3.32
N PHE MA 40 -104.68 -12.85 4.03
CA PHE MA 40 -103.64 -12.17 4.80
C PHE MA 40 -102.59 -11.52 3.91
N ALA MA 41 -102.43 -11.96 2.67
CA ALA MA 41 -101.50 -11.30 1.75
C ALA MA 41 -102.07 -9.99 1.22
N CYS MA 42 -103.39 -9.91 1.04
CA CYS MA 42 -104.01 -8.62 0.76
C CYS MA 42 -103.90 -7.69 1.95
N LEU MA 43 -104.05 -8.23 3.17
CA LEU MA 43 -103.87 -7.41 4.37
C LEU MA 43 -102.44 -6.88 4.48
N LEU MA 44 -101.45 -7.73 4.19
CA LEU MA 44 -100.07 -7.29 4.29
C LEU MA 44 -99.71 -6.35 3.14
N ARG MA 45 -100.29 -6.56 1.95
CA ARG MA 45 -100.11 -5.62 0.86
C ARG MA 45 -100.70 -4.26 1.19
N ALA MA 46 -101.82 -4.24 1.91
CA ALA MA 46 -102.36 -2.97 2.39
C ALA MA 46 -101.44 -2.32 3.41
N ARG MA 47 -100.80 -3.14 4.28
CA ARG MA 47 -99.87 -2.56 5.24
C ARG MA 47 -98.58 -2.07 4.58
N PHE MA 48 -98.24 -2.60 3.40
CA PHE MA 48 -97.14 -2.01 2.64
C PHE MA 48 -97.57 -0.76 1.88
N ASP MA 49 -98.74 -0.79 1.23
CA ASP MA 49 -99.24 0.34 0.45
C ASP MA 49 -99.69 1.52 1.30
N GLU MA 50 -99.87 1.31 2.61
CA GLU MA 50 -100.13 2.42 3.52
C GLU MA 50 -98.95 3.37 3.58
N HIS MA 51 -97.74 2.82 3.53
CA HIS MA 51 -96.51 3.62 3.51
C HIS MA 51 -95.85 3.59 2.14
N LYS MA 52 -96.65 3.46 1.09
CA LYS MA 52 -96.12 3.51 -0.26
C LYS MA 52 -95.65 4.92 -0.61
N ASN MA 53 -96.47 5.92 -0.30
CA ASN MA 53 -96.11 7.32 -0.56
C ASN MA 53 -95.59 7.96 0.72
N GLU MA 54 -94.42 7.48 1.15
CA GLU MA 54 -93.71 8.01 2.31
C GLU MA 54 -92.46 8.72 1.79
N LYS MA 55 -92.45 10.05 1.89
CA LYS MA 55 -91.42 10.84 1.25
C LYS MA 55 -90.16 10.98 2.09
N ASP MA 56 -90.26 10.86 3.40
CA ASP MA 56 -89.09 10.98 4.27
C ASP MA 56 -88.26 9.70 4.16
N MET MA 57 -86.99 9.83 3.76
CA MET MA 57 -86.13 8.67 3.63
C MET MA 57 -85.69 8.14 4.98
N VAL MA 58 -85.54 9.02 5.98
CA VAL MA 58 -85.16 8.57 7.31
C VAL MA 58 -86.30 7.78 7.95
N LYS MA 59 -87.53 8.28 7.79
CA LYS MA 59 -88.71 7.54 8.24
C LYS MA 59 -88.87 6.24 7.47
N ALA MA 60 -88.50 6.24 6.19
CA ALA MA 60 -88.59 5.03 5.38
C ALA MA 60 -87.62 3.96 5.84
N THR MA 61 -86.37 4.35 6.14
CA THR MA 61 -85.37 3.40 6.61
C THR MA 61 -85.71 2.91 8.02
N GLN MA 62 -86.28 3.81 8.85
CA GLN MA 62 -86.78 3.43 10.17
C GLN MA 62 -87.89 2.37 10.06
N LEU MA 63 -88.91 2.64 9.23
CA LEU MA 63 -90.02 1.70 9.06
C LEU MA 63 -89.57 0.40 8.42
N LEU MA 64 -88.57 0.45 7.54
CA LEU MA 64 -88.01 -0.77 6.98
C LEU MA 64 -87.35 -1.60 8.06
N ARG MA 65 -86.67 -0.95 9.02
CA ARG MA 65 -86.02 -1.70 10.09
C ARG MA 65 -87.04 -2.30 11.07
N GLU MA 66 -88.09 -1.55 11.42
CA GLU MA 66 -89.14 -2.15 12.26
C GLU MA 66 -89.89 -3.24 11.52
N ALA MA 67 -90.01 -3.15 10.20
CA ALA MA 67 -90.63 -4.23 9.45
C ALA MA 67 -89.73 -5.45 9.37
N GLU MA 68 -88.40 -5.25 9.41
CA GLU MA 68 -87.51 -6.40 9.50
C GLU MA 68 -87.63 -7.10 10.84
N LYS MA 69 -87.78 -6.33 11.92
CA LYS MA 69 -88.03 -6.95 13.23
C LYS MA 69 -89.37 -7.68 13.26
N GLU MA 70 -90.40 -7.07 12.67
CA GLU MA 70 -91.71 -7.70 12.53
C GLU MA 70 -91.63 -9.00 11.75
N PHE MA 71 -90.83 -9.01 10.68
CA PHE MA 71 -90.66 -10.20 9.87
C PHE MA 71 -89.88 -11.28 10.61
N TRP MA 72 -88.81 -10.91 11.29
CA TRP MA 72 -87.97 -11.90 11.94
C TRP MA 72 -88.64 -12.50 13.17
N HIS MA 73 -89.54 -11.74 13.82
CA HIS MA 73 -90.27 -12.32 14.95
C HIS MA 73 -91.29 -13.34 14.48
N GLY MA 74 -91.98 -13.06 13.38
CA GLY MA 74 -93.03 -13.94 12.93
C GLY MA 74 -92.69 -14.70 11.66
N GLN MA 75 -91.44 -15.09 11.52
CA GLN MA 75 -91.02 -15.85 10.35
C GLN MA 75 -91.37 -17.31 10.52
N HIS MA 76 -90.98 -18.13 9.57
CA HIS MA 76 -91.34 -19.53 9.70
C HIS MA 76 -90.10 -20.35 10.00
N PRO MA 77 -90.19 -21.36 10.87
CA PRO MA 77 -89.02 -22.19 11.17
C PRO MA 77 -88.53 -23.00 9.98
N GLN MA 78 -89.43 -23.66 9.25
CA GLN MA 78 -89.09 -24.43 8.06
C GLN MA 78 -89.83 -23.81 6.88
N PRO MA 79 -89.35 -22.70 6.33
CA PRO MA 79 -90.08 -22.03 5.26
C PRO MA 79 -90.01 -22.84 3.98
N TYR MA 80 -91.07 -22.71 3.18
CA TYR MA 80 -91.16 -23.46 1.93
C TYR MA 80 -90.15 -22.92 0.93
N ILE MA 81 -89.28 -23.79 0.46
CA ILE MA 81 -88.32 -23.49 -0.59
C ILE MA 81 -88.73 -24.31 -1.80
N PHE MA 82 -88.60 -23.70 -2.98
CA PHE MA 82 -88.77 -24.44 -4.23
C PHE MA 82 -87.70 -25.54 -4.32
N PRO MA 83 -88.02 -26.66 -4.97
CA PRO MA 83 -87.08 -27.80 -4.96
C PRO MA 83 -85.78 -27.51 -5.70
N GLU MA 84 -85.85 -26.89 -6.88
CA GLU MA 84 -84.64 -26.51 -7.59
C GLU MA 84 -84.05 -25.19 -7.10
N SER MA 85 -84.67 -24.56 -6.11
CA SER MA 85 -84.07 -23.44 -5.41
C SER MA 85 -83.10 -23.96 -4.36
N PRO MA 86 -82.02 -23.22 -4.09
CA PRO MA 86 -81.04 -23.66 -3.08
C PRO MA 86 -81.64 -23.69 -1.68
N GLY MA 87 -81.45 -24.81 -1.01
CA GLY MA 87 -82.15 -25.13 0.21
C GLY MA 87 -83.30 -26.10 0.01
N GLY MA 88 -83.79 -26.23 -1.21
CA GLY MA 88 -84.85 -27.18 -1.49
C GLY MA 88 -84.36 -28.61 -1.47
N THR MA 89 -85.32 -29.53 -1.56
CA THR MA 89 -85.01 -30.95 -1.44
C THR MA 89 -84.31 -31.49 -2.68
N SER MA 90 -84.68 -31.00 -3.85
CA SER MA 90 -84.11 -31.46 -5.11
C SER MA 90 -83.10 -30.49 -5.71
N TYR MA 91 -82.56 -29.58 -4.91
CA TYR MA 91 -81.55 -28.66 -5.42
C TYR MA 91 -80.24 -29.39 -5.67
N GLU MA 92 -79.57 -29.00 -6.76
CA GLU MA 92 -78.26 -29.50 -7.23
C GLU MA 92 -78.20 -31.02 -7.27
N ARG MA 93 -79.35 -31.64 -7.54
CA ARG MA 93 -79.46 -33.09 -7.59
C ARG MA 93 -78.78 -33.65 -8.83
N TYR MA 94 -78.81 -32.91 -9.93
CA TYR MA 94 -78.31 -33.40 -11.21
C TYR MA 94 -76.95 -32.82 -11.56
N GLU MA 95 -76.22 -32.28 -10.58
CA GLU MA 95 -74.89 -31.76 -10.83
C GLU MA 95 -73.87 -32.87 -11.04
N CYS MA 96 -74.23 -34.11 -10.73
CA CYS MA 96 -73.36 -35.23 -11.06
C CYS MA 96 -73.52 -35.69 -12.50
N TYR MA 97 -74.47 -35.12 -13.25
CA TYR MA 97 -74.64 -35.42 -14.66
C TYR MA 97 -74.34 -34.22 -15.55
N LYS MA 98 -73.85 -33.13 -14.99
CA LYS MA 98 -73.55 -31.93 -15.78
C LYS MA 98 -72.08 -31.97 -16.19
N VAL MA 99 -71.79 -32.94 -17.04
CA VAL MA 99 -70.44 -33.10 -17.59
C VAL MA 99 -70.19 -32.00 -18.61
N PRO MA 100 -69.07 -31.28 -18.55
CA PRO MA 100 -68.83 -30.18 -19.49
C PRO MA 100 -68.50 -30.69 -20.88
N GLU MA 101 -68.38 -29.74 -21.81
CA GLU MA 101 -68.29 -30.08 -23.22
C GLU MA 101 -66.93 -30.65 -23.59
N TRP MA 102 -65.86 -30.26 -22.89
CA TRP MA 102 -64.50 -30.63 -23.32
C TRP MA 102 -64.21 -32.10 -23.17
N CYS MA 103 -65.01 -32.84 -22.39
CA CYS MA 103 -64.90 -34.27 -22.32
C CYS MA 103 -65.20 -34.95 -23.65
N LEU MA 104 -65.97 -34.30 -24.53
CA LEU MA 104 -66.15 -34.83 -25.88
C LEU MA 104 -64.87 -34.81 -26.68
N ASP MA 105 -63.91 -33.95 -26.34
CA ASP MA 105 -62.59 -34.00 -26.94
C ASP MA 105 -61.68 -35.02 -26.29
N ASP MA 106 -62.17 -35.79 -25.32
CA ASP MA 106 -61.44 -36.90 -24.74
C ASP MA 106 -61.94 -38.25 -25.21
N TRP MA 107 -63.02 -38.30 -26.00
CA TRP MA 107 -63.55 -39.58 -26.44
C TRP MA 107 -62.63 -40.23 -27.47
N HIS MA 108 -62.66 -41.55 -27.49
CA HIS MA 108 -61.89 -42.31 -28.44
C HIS MA 108 -62.49 -42.14 -29.84
N PRO MA 109 -61.68 -42.24 -30.90
CA PRO MA 109 -62.23 -42.14 -32.26
C PRO MA 109 -63.10 -43.32 -32.70
N SER MA 110 -63.32 -44.32 -31.85
CA SER MA 110 -64.34 -45.33 -32.11
C SER MA 110 -65.69 -44.85 -31.61
N GLU MA 111 -65.73 -44.29 -30.41
CA GLU MA 111 -66.95 -43.68 -29.89
C GLU MA 111 -67.15 -42.25 -30.38
N LYS MA 112 -66.17 -41.68 -31.07
CA LYS MA 112 -66.43 -40.52 -31.91
C LYS MA 112 -67.01 -40.93 -33.26
N ALA MA 113 -66.78 -42.18 -33.68
CA ALA MA 113 -67.31 -42.70 -34.93
C ALA MA 113 -68.75 -43.18 -34.82
N MET MA 114 -69.33 -43.13 -33.63
CA MET MA 114 -70.70 -43.61 -33.46
C MET MA 114 -71.72 -42.51 -33.72
N TYR MA 115 -71.36 -41.25 -33.47
CA TYR MA 115 -72.24 -40.09 -33.63
C TYR MA 115 -71.59 -39.14 -34.62
N PRO MA 116 -71.61 -39.47 -35.93
CA PRO MA 116 -70.74 -38.75 -36.88
C PRO MA 116 -71.13 -37.31 -37.15
N ASP MA 117 -72.43 -37.09 -37.40
CA ASP MA 117 -72.90 -35.74 -37.70
C ASP MA 117 -72.81 -34.83 -36.49
N TYR MA 118 -72.87 -35.38 -35.27
CA TYR MA 118 -72.75 -34.53 -34.09
C TYR MA 118 -71.32 -34.02 -33.91
N PHE MA 119 -70.31 -34.85 -34.16
CA PHE MA 119 -68.94 -34.34 -34.07
C PHE MA 119 -68.61 -33.43 -35.24
N ALA MA 120 -69.12 -33.75 -36.43
CA ALA MA 120 -68.96 -32.86 -37.57
C ALA MA 120 -69.70 -31.54 -37.40
N LYS MA 121 -70.70 -31.51 -36.52
CA LYS MA 121 -71.42 -30.29 -36.21
C LYS MA 121 -70.82 -29.54 -35.03
N ARG MA 122 -70.14 -30.26 -34.12
CA ARG MA 122 -69.43 -29.66 -33.00
C ARG MA 122 -68.15 -28.95 -33.45
N GLU MA 123 -67.48 -29.50 -34.47
CA GLU MA 123 -66.22 -28.90 -34.89
C GLU MA 123 -66.41 -27.52 -35.50
N GLN MA 124 -67.56 -27.24 -36.12
CA GLN MA 124 -67.78 -25.88 -36.59
C GLN MA 124 -68.11 -24.93 -35.43
N TRP MA 125 -68.67 -25.44 -34.34
CA TRP MA 125 -68.82 -24.61 -33.14
C TRP MA 125 -67.47 -24.25 -32.53
N LYS MA 126 -66.56 -25.22 -32.46
CA LYS MA 126 -65.23 -24.91 -31.93
C LYS MA 126 -64.43 -24.03 -32.88
N LYS MA 127 -64.64 -24.21 -34.19
CA LYS MA 127 -64.04 -23.34 -35.18
C LYS MA 127 -64.54 -21.91 -35.04
N LEU MA 128 -65.86 -21.74 -34.87
CA LEU MA 128 -66.46 -20.43 -34.65
C LEU MA 128 -65.93 -19.78 -33.39
N ARG MA 129 -65.74 -20.56 -32.34
CA ARG MA 129 -65.19 -20.06 -31.08
C ARG MA 129 -63.76 -19.56 -31.27
N ARG MA 130 -62.92 -20.34 -31.96
CA ARG MA 130 -61.51 -19.95 -32.02
C ARG MA 130 -61.19 -18.96 -33.14
N GLU MA 131 -62.10 -18.73 -34.09
CA GLU MA 131 -61.95 -17.52 -34.91
C GLU MA 131 -62.81 -16.37 -34.42
N SER MA 132 -63.52 -16.52 -33.31
CA SER MA 132 -64.13 -15.37 -32.66
C SER MA 132 -63.34 -14.85 -31.48
N TRP MA 133 -62.41 -15.65 -30.94
CA TRP MA 133 -61.79 -15.34 -29.64
C TRP MA 133 -60.91 -14.10 -29.68
N GLU MA 134 -59.97 -14.02 -30.62
CA GLU MA 134 -59.06 -12.87 -30.59
C GLU MA 134 -59.76 -11.59 -31.00
N ARG MA 135 -60.80 -11.68 -31.82
CA ARG MA 135 -61.58 -10.50 -32.18
C ARG MA 135 -62.42 -10.02 -31.01
N GLU MA 136 -62.98 -10.93 -30.22
CA GLU MA 136 -63.73 -10.47 -29.06
C GLU MA 136 -62.83 -10.03 -27.91
N VAL MA 137 -61.59 -10.52 -27.86
CA VAL MA 137 -60.64 -9.99 -26.87
C VAL MA 137 -60.18 -8.59 -27.26
N LYS MA 138 -59.90 -8.35 -28.54
CA LYS MA 138 -59.60 -6.98 -28.95
C LYS MA 138 -60.84 -6.10 -28.98
N GLN MA 139 -62.04 -6.68 -28.88
CA GLN MA 139 -63.24 -5.90 -28.60
C GLN MA 139 -63.31 -5.53 -27.12
N LEU MA 140 -62.87 -6.43 -26.24
CA LEU MA 140 -62.85 -6.13 -24.80
C LEU MA 140 -61.82 -5.06 -24.46
N GLN MA 141 -60.60 -5.19 -24.98
CA GLN MA 141 -59.52 -4.34 -24.50
C GLN MA 141 -59.55 -2.92 -25.05
N GLU MA 142 -60.44 -2.63 -26.00
CA GLU MA 142 -60.67 -1.27 -26.45
C GLU MA 142 -61.95 -0.67 -25.88
N GLU MA 143 -62.67 -1.43 -25.05
CA GLU MA 143 -63.91 -0.97 -24.43
C GLU MA 143 -63.86 -1.02 -22.91
N THR MA 144 -63.05 -1.90 -22.33
CA THR MA 144 -62.86 -1.94 -20.88
C THR MA 144 -61.97 -0.76 -20.46
N PRO MA 145 -62.42 0.07 -19.51
CA PRO MA 145 -61.67 1.29 -19.18
C PRO MA 145 -60.35 1.04 -18.46
N VAL MA 146 -59.58 2.11 -18.25
CA VAL MA 146 -58.32 2.02 -17.53
C VAL MA 146 -58.61 1.89 -16.03
N GLY MA 147 -57.74 1.16 -15.33
CA GLY MA 147 -57.99 0.85 -13.94
C GLY MA 147 -58.82 -0.39 -13.72
N GLY MA 148 -58.93 -1.25 -14.73
CA GLY MA 148 -59.74 -2.44 -14.63
C GLY MA 148 -61.20 -2.16 -14.90
N PRO MA 149 -61.99 -3.20 -15.14
CA PRO MA 149 -63.43 -3.01 -15.30
C PRO MA 149 -64.08 -2.66 -13.98
N ARG MA 150 -64.90 -1.60 -14.00
CA ARG MA 150 -65.55 -1.14 -12.79
C ARG MA 150 -66.63 -2.11 -12.34
N THR MA 151 -67.44 -2.59 -13.27
CA THR MA 151 -68.56 -3.48 -12.97
C THR MA 151 -68.33 -4.85 -13.59
N GLU MA 152 -69.12 -5.82 -13.14
CA GLU MA 152 -69.08 -7.16 -13.70
C GLU MA 152 -69.94 -7.32 -14.94
N ALA MA 153 -70.52 -6.24 -15.46
CA ALA MA 153 -71.33 -6.33 -16.66
C ALA MA 153 -70.43 -6.49 -17.88
N LEU MA 154 -70.82 -7.36 -18.76
CA LEU MA 154 -70.08 -7.62 -19.99
C LEU MA 154 -70.72 -6.88 -21.16
N PRO MA 155 -69.94 -6.42 -22.12
CA PRO MA 155 -70.52 -5.74 -23.28
C PRO MA 155 -71.10 -6.75 -24.26
N PRO MA 156 -72.15 -6.39 -24.98
CA PRO MA 156 -72.63 -7.22 -26.09
C PRO MA 156 -71.77 -6.96 -27.33
N ALA MA 157 -72.03 -7.74 -28.37
CA ALA MA 157 -71.35 -7.53 -29.64
C ALA MA 157 -71.95 -6.31 -30.33
N ARG MA 158 -71.10 -5.35 -30.67
CA ARG MA 158 -71.55 -4.12 -31.32
C ARG MA 158 -71.53 -4.21 -32.83
N LYS MA 159 -71.06 -5.30 -33.40
CA LYS MA 159 -70.88 -5.43 -34.83
C LYS MA 159 -71.68 -6.61 -35.36
N GLN MA 160 -71.52 -6.86 -36.66
CA GLN MA 160 -72.19 -7.95 -37.35
C GLN MA 160 -71.10 -8.93 -37.81
N GLY MA 161 -71.00 -10.07 -37.13
CA GLY MA 161 -69.95 -11.02 -37.39
C GLY MA 161 -69.16 -11.34 -36.14
N ASP MA 162 -68.91 -10.33 -35.32
CA ASP MA 162 -68.32 -10.56 -34.01
C ASP MA 162 -69.36 -11.13 -33.06
N LEU MA 163 -68.95 -12.11 -32.30
CA LEU MA 163 -69.77 -12.69 -31.24
C LEU MA 163 -69.59 -11.88 -29.97
N PRO MA 164 -70.52 -11.99 -29.00
CA PRO MA 164 -70.28 -11.40 -27.69
C PRO MA 164 -69.08 -12.04 -27.01
N PRO MA 165 -68.27 -11.27 -26.31
CA PRO MA 165 -67.06 -11.83 -25.72
C PRO MA 165 -67.37 -12.72 -24.53
N LEU MA 166 -66.48 -13.69 -24.32
CA LEU MA 166 -66.48 -14.58 -23.15
C LEU MA 166 -67.77 -15.39 -23.09
N TRP MA 167 -68.14 -15.97 -24.23
CA TRP MA 167 -69.45 -16.56 -24.46
C TRP MA 167 -69.47 -18.08 -24.40
N TRP MA 168 -68.31 -18.73 -24.35
CA TRP MA 168 -68.27 -20.17 -24.57
C TRP MA 168 -68.81 -20.96 -23.39
N HIS MA 169 -68.42 -20.59 -22.17
CA HIS MA 169 -68.87 -21.28 -20.99
C HIS MA 169 -70.20 -20.75 -20.47
N ILE MA 170 -70.93 -20.01 -21.28
CA ILE MA 170 -72.32 -19.66 -21.00
C ILE MA 170 -73.26 -20.35 -21.97
N VAL MA 171 -72.88 -20.40 -23.25
CA VAL MA 171 -73.70 -21.05 -24.28
C VAL MA 171 -73.60 -22.57 -24.17
N THR MA 172 -72.42 -23.10 -23.91
CA THR MA 172 -72.22 -24.53 -23.85
C THR MA 172 -72.36 -25.10 -22.44
N ARG MA 173 -73.11 -24.44 -21.57
CA ARG MA 173 -73.31 -24.96 -20.22
C ARG MA 173 -74.27 -26.16 -20.28
N PRO MA 174 -74.17 -27.08 -19.32
CA PRO MA 174 -75.07 -28.23 -19.32
C PRO MA 174 -76.49 -27.85 -18.90
N ARG MA 175 -77.43 -28.68 -19.32
CA ARG MA 175 -78.84 -28.42 -19.10
C ARG MA 175 -79.24 -28.74 -17.65
N GLU MA 176 -80.50 -28.44 -17.33
CA GLU MA 176 -81.02 -28.77 -16.00
C GLU MA 176 -81.21 -30.26 -15.84
N ARG MA 177 -81.80 -30.92 -16.83
CA ARG MA 177 -82.01 -32.37 -16.80
C ARG MA 177 -81.27 -32.98 -17.98
N PRO MA 178 -79.98 -33.34 -17.80
CA PRO MA 178 -79.16 -33.93 -18.88
C PRO MA 178 -79.66 -35.31 -19.35
N ALA NA 41 -103.55 -46.31 -24.54
CA ALA NA 41 -102.88 -45.05 -24.84
C ALA NA 41 -102.45 -44.33 -23.56
N HIS NA 42 -101.54 -43.36 -23.71
CA HIS NA 42 -101.01 -42.63 -22.58
C HIS NA 42 -102.05 -41.65 -22.03
N ILE NA 43 -101.84 -41.25 -20.78
CA ILE NA 43 -102.68 -40.26 -20.12
C ILE NA 43 -102.14 -38.88 -20.49
N GLU NA 44 -102.91 -38.14 -21.28
CA GLU NA 44 -102.50 -36.79 -21.65
C GLU NA 44 -102.71 -35.86 -20.46
N PRO NA 45 -101.70 -35.10 -20.05
CA PRO NA 45 -101.86 -34.21 -18.90
C PRO NA 45 -102.76 -33.01 -19.22
N ARG NA 46 -103.22 -32.36 -18.14
CA ARG NA 46 -104.16 -31.25 -18.24
C ARG NA 46 -103.63 -30.04 -17.48
N TYR NA 47 -104.38 -28.95 -17.54
CA TYR NA 47 -103.96 -27.65 -17.02
C TYR NA 47 -105.07 -27.04 -16.18
N ARG NA 48 -104.79 -26.81 -14.90
CA ARG NA 48 -105.68 -26.16 -13.93
C ARG NA 48 -107.02 -26.88 -13.76
N GLN NA 49 -107.04 -28.20 -13.95
CA GLN NA 49 -108.29 -28.95 -13.86
C GLN NA 49 -107.97 -30.41 -13.59
N PHE NA 50 -109.04 -31.17 -13.31
CA PHE NA 50 -108.89 -32.55 -12.84
C PHE NA 50 -108.45 -33.45 -13.98
N PRO NA 51 -107.44 -34.30 -13.77
CA PRO NA 51 -106.82 -35.01 -14.89
C PRO NA 51 -107.67 -36.18 -15.38
N GLN NA 52 -107.21 -36.75 -16.49
CA GLN NA 52 -107.82 -37.93 -17.08
C GLN NA 52 -107.49 -39.14 -16.22
N LEU NA 53 -108.47 -39.65 -15.48
CA LEU NA 53 -108.21 -40.84 -14.68
C LEU NA 53 -108.34 -42.10 -15.52
N THR NA 54 -108.12 -43.22 -14.86
CA THR NA 54 -108.38 -44.54 -15.43
C THR NA 54 -109.51 -45.19 -14.64
N ARG NA 55 -110.38 -45.91 -15.34
CA ARG NA 55 -111.42 -46.70 -14.66
C ARG NA 55 -110.80 -47.80 -13.82
N SER NA 56 -109.65 -48.34 -14.27
CA SER NA 56 -109.03 -49.47 -13.61
C SER NA 56 -108.47 -49.11 -12.24
N GLN NA 57 -107.80 -47.96 -12.14
CA GLN NA 57 -107.26 -47.54 -10.84
C GLN NA 57 -108.37 -47.22 -9.85
N VAL NA 58 -109.51 -46.71 -10.33
CA VAL NA 58 -110.63 -46.41 -9.46
C VAL NA 58 -111.24 -47.71 -8.93
N ILE NA 59 -111.44 -48.69 -9.81
CA ILE NA 59 -112.09 -49.92 -9.34
C ILE NA 59 -111.14 -50.74 -8.47
N GLN NA 60 -109.82 -50.69 -8.74
CA GLN NA 60 -108.87 -51.38 -7.87
C GLN NA 60 -108.78 -50.73 -6.49
N ALA NA 61 -108.79 -49.39 -6.45
CA ALA NA 61 -108.77 -48.68 -5.17
C ALA NA 61 -110.03 -48.96 -4.36
N GLU NA 62 -111.19 -48.95 -5.01
CA GLU NA 62 -112.44 -49.28 -4.32
C GLU NA 62 -112.47 -50.74 -3.88
N PHE NA 63 -111.87 -51.64 -4.66
CA PHE NA 63 -111.87 -53.05 -4.27
C PHE NA 63 -110.97 -53.30 -3.08
N PHE NA 64 -109.81 -52.65 -3.01
CA PHE NA 64 -108.99 -52.84 -1.82
C PHE NA 64 -109.54 -52.11 -0.60
N SER NA 65 -110.29 -51.01 -0.81
CA SER NA 65 -111.00 -50.39 0.30
C SER NA 65 -112.07 -51.32 0.86
N ALA NA 66 -112.84 -51.95 -0.04
CA ALA NA 66 -113.82 -52.94 0.37
C ALA NA 66 -113.17 -54.16 0.99
N THR NA 67 -111.96 -54.52 0.56
CA THR NA 67 -111.26 -55.66 1.14
C THR NA 67 -110.80 -55.36 2.56
N MET NA 68 -110.29 -54.15 2.80
CA MET NA 68 -109.94 -53.72 4.14
C MET NA 68 -111.15 -53.73 5.07
N TRP NA 69 -112.27 -53.15 4.61
CA TRP NA 69 -113.43 -53.08 5.51
C TRP NA 69 -114.10 -54.43 5.71
N PHE NA 70 -114.10 -55.30 4.68
CA PHE NA 70 -114.60 -56.66 4.87
C PHE NA 70 -113.74 -57.44 5.84
N TRP NA 71 -112.41 -57.28 5.75
CA TRP NA 71 -111.52 -58.00 6.65
C TRP NA 71 -111.66 -57.52 8.09
N ILE NA 72 -111.79 -56.20 8.29
CA ILE NA 72 -111.96 -55.65 9.63
C ILE NA 72 -113.28 -56.10 10.24
N LEU NA 73 -114.37 -56.02 9.48
CA LEU NA 73 -115.69 -56.40 10.01
C LEU NA 73 -115.78 -57.90 10.24
N TRP NA 74 -115.17 -58.71 9.36
CA TRP NA 74 -115.16 -60.15 9.51
C TRP NA 74 -114.39 -60.58 10.75
N ARG NA 75 -113.16 -60.08 10.89
CA ARG NA 75 -112.35 -60.43 12.05
C ARG NA 75 -112.84 -59.80 13.34
N PHE NA 76 -113.63 -58.72 13.27
CA PHE NA 76 -114.26 -58.22 14.48
C PHE NA 76 -115.47 -59.04 14.86
N TRP NA 77 -116.16 -59.62 13.86
CA TRP NA 77 -117.29 -60.49 14.14
C TRP NA 77 -116.83 -61.80 14.76
N HIS NA 78 -115.78 -62.40 14.20
CA HIS NA 78 -115.41 -63.75 14.64
C HIS NA 78 -114.47 -63.77 15.84
N ASP NA 79 -113.40 -62.98 15.81
CA ASP NA 79 -112.48 -62.98 16.93
C ASP NA 79 -113.09 -62.27 18.12
N SER NA 80 -113.39 -60.97 17.97
CA SER NA 80 -114.24 -60.16 18.85
C SER NA 80 -113.70 -60.00 20.26
N ASP NA 81 -112.50 -60.50 20.56
CA ASP NA 81 -112.00 -60.58 21.92
C ASP NA 81 -110.64 -59.94 22.10
N ALA NA 82 -109.83 -59.81 21.05
CA ALA NA 82 -108.56 -59.13 21.18
C ALA NA 82 -108.71 -57.62 21.28
N VAL NA 83 -109.87 -57.09 20.90
CA VAL NA 83 -110.09 -55.64 20.97
C VAL NA 83 -110.67 -55.28 22.33
N LEU NA 84 -111.86 -55.80 22.63
CA LEU NA 84 -112.59 -55.40 23.82
C LEU NA 84 -112.09 -56.10 25.08
N GLY NA 85 -111.64 -57.35 24.96
CA GLY NA 85 -111.26 -58.10 26.13
C GLY NA 85 -111.66 -59.56 26.04
N HIS NA 86 -110.73 -60.45 26.39
CA HIS NA 86 -110.94 -61.89 26.26
C HIS NA 86 -111.79 -62.43 27.40
N PHE NA 87 -111.35 -62.21 28.63
CA PHE NA 87 -111.91 -62.83 29.81
C PHE NA 87 -112.41 -61.76 30.78
N PRO NA 88 -113.41 -62.08 31.61
CA PRO NA 88 -113.88 -61.09 32.61
C PRO NA 88 -112.86 -60.88 33.71
N TYR NA 89 -112.56 -59.62 33.99
CA TYR NA 89 -111.57 -59.27 35.01
C TYR NA 89 -112.26 -59.11 36.36
N PRO NA 90 -111.93 -59.92 37.36
CA PRO NA 90 -112.67 -59.90 38.61
C PRO NA 90 -112.35 -58.70 39.49
N ASP NA 91 -113.39 -58.18 40.13
CA ASP NA 91 -113.25 -57.11 41.11
C ASP NA 91 -112.79 -57.73 42.42
N PRO NA 92 -111.67 -57.28 43.01
CA PRO NA 92 -111.15 -57.95 44.20
C PRO NA 92 -112.01 -57.81 45.45
N SER NA 93 -112.66 -56.67 45.67
CA SER NA 93 -113.43 -56.48 46.89
C SER NA 93 -114.77 -57.23 46.87
N GLN NA 94 -115.17 -57.79 45.73
CA GLN NA 94 -116.34 -58.65 45.65
C GLN NA 94 -116.07 -60.07 46.16
N TRP NA 95 -114.83 -60.37 46.53
CA TRP NA 95 -114.45 -61.72 46.91
C TRP NA 95 -114.79 -61.98 48.38
N THR NA 96 -115.14 -63.23 48.68
CA THR NA 96 -115.44 -63.60 50.04
C THR NA 96 -114.16 -63.71 50.86
N ASP NA 97 -114.27 -63.42 52.16
CA ASP NA 97 -113.14 -63.56 53.06
C ASP NA 97 -112.82 -65.01 53.37
N GLU NA 98 -113.71 -65.95 53.06
CA GLU NA 98 -113.46 -67.35 53.34
C GLU NA 98 -112.43 -67.93 52.38
N GLU NA 99 -112.55 -67.61 51.09
CA GLU NA 99 -111.66 -68.18 50.08
C GLU NA 99 -110.27 -67.57 50.12
N LEU NA 100 -110.04 -66.54 50.92
CA LEU NA 100 -108.75 -65.90 51.01
C LEU NA 100 -108.09 -66.12 52.36
N GLY NA 101 -108.69 -66.95 53.23
CA GLY NA 101 -108.13 -67.26 54.53
C GLY NA 101 -108.09 -66.07 55.46
N ILE NA 102 -109.25 -65.48 55.72
CA ILE NA 102 -109.33 -64.23 56.50
C ILE NA 102 -110.17 -64.48 57.74
N PRO NA 103 -109.57 -64.90 58.86
CA PRO NA 103 -110.34 -65.04 60.11
C PRO NA 103 -110.63 -63.69 60.72
N PRO NA 104 -111.89 -63.38 61.01
CA PRO NA 104 -112.22 -62.07 61.59
C PRO NA 104 -111.94 -62.03 63.08
N ASP NA 105 -110.92 -61.27 63.47
CA ASP NA 105 -110.67 -60.97 64.88
C ASP NA 105 -110.49 -59.47 65.07
N ILE OA 32 -46.27 -18.50 -10.06
CA ILE OA 32 -46.17 -18.02 -8.69
C ILE OA 32 -44.71 -17.63 -8.43
N THR OA 33 -44.48 -16.75 -7.47
CA THR OA 33 -43.15 -16.24 -7.17
C THR OA 33 -43.02 -16.05 -5.66
N LYS OA 34 -41.97 -15.33 -5.25
CA LYS OA 34 -41.67 -15.19 -3.83
C LYS OA 34 -42.64 -14.23 -3.15
N ASP OA 35 -42.76 -13.00 -3.66
CA ASP OA 35 -43.41 -11.91 -2.94
C ASP OA 35 -44.93 -11.90 -3.09
N MET OA 36 -45.52 -12.98 -3.58
CA MET OA 36 -46.96 -13.15 -3.54
C MET OA 36 -47.40 -14.21 -2.53
N LEU OA 37 -46.44 -14.92 -1.94
CA LEU OA 37 -46.67 -15.87 -0.88
C LEU OA 37 -46.93 -15.12 0.43
N PRO OA 38 -47.49 -15.77 1.45
CA PRO OA 38 -47.65 -15.11 2.75
C PRO OA 38 -46.31 -14.83 3.41
N GLY OA 39 -46.33 -13.87 4.34
CA GLY OA 39 -45.11 -13.39 4.93
C GLY OA 39 -45.22 -13.07 6.41
N PRO OA 40 -44.30 -12.24 6.90
CA PRO OA 40 -44.28 -11.92 8.34
C PRO OA 40 -45.40 -10.96 8.71
N TYR OA 41 -45.54 -10.73 10.01
CA TYR OA 41 -46.63 -9.90 10.51
C TYR OA 41 -46.37 -8.43 10.14
N PRO OA 42 -47.35 -7.74 9.55
CA PRO OA 42 -47.13 -6.33 9.20
C PRO OA 42 -47.15 -5.43 10.43
N LYS OA 43 -46.08 -4.65 10.57
CA LYS OA 43 -45.98 -3.66 11.63
C LYS OA 43 -46.00 -2.23 11.09
N THR OA 44 -45.24 -1.98 10.03
CA THR OA 44 -45.33 -0.71 9.34
C THR OA 44 -46.61 -0.69 8.49
N PRO OA 45 -47.29 0.45 8.39
CA PRO OA 45 -48.55 0.50 7.63
C PRO OA 45 -48.37 0.34 6.12
N GLU OA 46 -47.18 0.65 5.59
CA GLU OA 46 -46.95 0.38 4.17
C GLU OA 46 -46.82 -1.12 3.91
N GLU OA 47 -46.38 -1.90 4.89
CA GLU OA 47 -46.41 -3.35 4.75
C GLU OA 47 -47.85 -3.87 4.79
N ARG OA 48 -48.70 -3.21 5.58
CA ARG OA 48 -50.13 -3.54 5.60
C ARG OA 48 -50.77 -3.23 4.25
N ALA OA 49 -50.40 -2.10 3.63
CA ALA OA 49 -50.94 -1.76 2.32
C ALA OA 49 -50.39 -2.68 1.22
N ALA OA 50 -49.12 -3.07 1.34
CA ALA OA 50 -48.55 -4.01 0.37
C ALA OA 50 -49.14 -5.40 0.51
N ALA OA 51 -49.53 -5.79 1.73
CA ALA OA 51 -50.22 -7.06 1.91
C ALA OA 51 -51.64 -7.00 1.37
N ALA OA 52 -52.33 -5.88 1.60
CA ALA OA 52 -53.68 -5.72 1.06
C ALA OA 52 -53.67 -5.68 -0.47
N LYS OA 53 -52.60 -5.15 -1.07
CA LYS OA 53 -52.41 -5.29 -2.50
C LYS OA 53 -52.10 -6.74 -2.87
N LYS OA 54 -51.33 -7.43 -2.02
CA LYS OA 54 -50.96 -8.82 -2.30
C LYS OA 54 -52.16 -9.75 -2.12
N TYR OA 55 -52.89 -9.61 -1.02
CA TYR OA 55 -54.01 -10.50 -0.73
C TYR OA 55 -55.30 -10.11 -1.45
N ASN OA 56 -55.27 -9.07 -2.29
CA ASN OA 56 -56.37 -8.66 -3.16
C ASN OA 56 -57.62 -8.27 -2.37
N MET OA 57 -57.47 -7.27 -1.51
CA MET OA 57 -58.59 -6.71 -0.77
C MET OA 57 -58.24 -5.29 -0.35
N ARG OA 58 -59.22 -4.59 0.21
CA ARG OA 58 -59.02 -3.19 0.56
C ARG OA 58 -58.15 -3.06 1.80
N VAL OA 59 -57.43 -1.93 1.87
CA VAL OA 59 -56.53 -1.65 2.98
C VAL OA 59 -57.32 -1.44 4.27
N GLU OA 60 -58.47 -0.78 4.17
CA GLU OA 60 -59.32 -0.56 5.34
C GLU OA 60 -59.96 -1.86 5.81
N ASP OA 61 -60.20 -2.80 4.88
CA ASP OA 61 -60.78 -4.08 5.22
C ASP OA 61 -59.75 -5.13 5.61
N TYR OA 62 -58.49 -4.96 5.18
CA TYR OA 62 -57.43 -5.90 5.51
C TYR OA 62 -57.04 -5.75 6.97
N GLU OA 63 -57.30 -6.79 7.76
CA GLU OA 63 -56.77 -6.89 9.11
C GLU OA 63 -56.25 -8.31 9.32
N PRO OA 64 -55.06 -8.48 9.86
CA PRO OA 64 -54.55 -9.82 10.15
C PRO OA 64 -54.94 -10.26 11.57
N TYR OA 65 -54.63 -11.52 11.85
CA TYR OA 65 -54.74 -12.01 13.22
C TYR OA 65 -53.67 -11.32 14.07
N PRO OA 66 -53.98 -11.03 15.34
CA PRO OA 66 -53.05 -10.23 16.16
C PRO OA 66 -51.77 -10.98 16.49
N ASP OA 67 -50.69 -10.22 16.62
CA ASP OA 67 -49.36 -10.79 16.83
C ASP OA 67 -49.25 -11.23 18.30
N ASP OA 68 -49.80 -12.41 18.57
CA ASP OA 68 -49.52 -13.14 19.79
C ASP OA 68 -48.50 -14.24 19.58
N GLY OA 69 -48.04 -14.42 18.34
CA GLY OA 69 -47.02 -15.39 18.02
C GLY OA 69 -47.52 -16.79 17.69
N MET OA 70 -48.81 -16.96 17.44
CA MET OA 70 -49.37 -18.28 17.20
C MET OA 70 -49.02 -18.87 15.85
N GLY OA 71 -48.55 -18.08 14.91
CA GLY OA 71 -48.12 -18.56 13.62
C GLY OA 71 -49.01 -18.22 12.43
N TYR OA 72 -49.71 -17.09 12.47
CA TYR OA 72 -50.58 -16.71 11.38
C TYR OA 72 -49.87 -15.82 10.36
N GLY OA 73 -49.14 -14.81 10.83
CA GLY OA 73 -48.40 -13.94 9.95
C GLY OA 73 -49.26 -12.83 9.37
N ASP OA 74 -49.00 -12.45 8.11
CA ASP OA 74 -49.80 -11.42 7.47
C ASP OA 74 -51.09 -11.94 6.87
N TYR OA 75 -51.53 -13.14 7.22
CA TYR OA 75 -52.73 -13.70 6.64
C TYR OA 75 -53.96 -12.95 7.16
N PRO OA 76 -54.93 -12.65 6.29
CA PRO OA 76 -56.07 -11.82 6.70
C PRO OA 76 -56.98 -12.52 7.70
N LYS OA 77 -57.82 -11.72 8.34
CA LYS OA 77 -58.88 -12.21 9.21
C LYS OA 77 -60.20 -11.95 8.48
N LEU OA 78 -60.65 -12.96 7.74
CA LEU OA 78 -61.94 -12.95 7.09
C LEU OA 78 -63.05 -12.97 8.16
N PRO OA 79 -64.28 -12.53 7.82
CA PRO OA 79 -65.31 -12.29 8.87
C PRO OA 79 -65.83 -13.51 9.62
N ASP OA 80 -65.30 -14.72 9.39
CA ASP OA 80 -65.47 -15.89 10.26
C ASP OA 80 -66.90 -16.45 10.25
N ARG OA 81 -67.49 -16.57 9.07
CA ARG OA 81 -68.77 -17.25 8.90
C ARG OA 81 -68.62 -18.45 7.98
N SER OA 82 -69.74 -19.16 7.80
CA SER OA 82 -69.77 -20.35 6.96
C SER OA 82 -70.08 -19.99 5.52
N GLN OA 83 -69.85 -20.96 4.62
CA GLN OA 83 -70.18 -20.78 3.22
C GLN OA 83 -71.65 -21.02 2.90
N GLN OA 84 -72.46 -21.38 3.90
CA GLN OA 84 -73.89 -21.50 3.70
C GLN OA 84 -74.57 -20.13 3.66
N GLU OA 85 -73.95 -19.12 4.26
CA GLU OA 85 -74.52 -17.77 4.25
C GLU OA 85 -74.23 -17.00 2.97
N ARG OA 86 -73.42 -17.55 2.07
CA ARG OA 86 -73.18 -16.90 0.79
C ARG OA 86 -74.47 -16.91 -0.04
N ASP OA 87 -74.60 -15.91 -0.89
CA ASP OA 87 -75.74 -15.79 -1.79
C ASP OA 87 -75.63 -16.87 -2.86
N PRO OA 88 -76.53 -17.86 -2.89
CA PRO OA 88 -76.37 -18.96 -3.85
C PRO OA 88 -76.76 -18.60 -5.27
N TRP OA 89 -77.42 -17.47 -5.48
CA TRP OA 89 -77.82 -17.07 -6.81
C TRP OA 89 -76.74 -16.27 -7.54
N TYR OA 90 -75.60 -16.01 -6.90
CA TYR OA 90 -74.48 -15.37 -7.57
C TYR OA 90 -73.86 -16.34 -8.57
N ASP OA 91 -73.18 -15.80 -9.58
CA ASP OA 91 -72.45 -16.59 -10.55
C ASP OA 91 -71.00 -16.73 -10.08
N TRP OA 92 -70.80 -17.63 -9.12
CA TRP OA 92 -69.49 -17.82 -8.51
C TRP OA 92 -68.54 -18.52 -9.47
N ASP OA 93 -67.24 -18.35 -9.21
CA ASP OA 93 -66.23 -19.13 -9.93
C ASP OA 93 -66.19 -20.56 -9.45
N HIS OA 94 -66.54 -20.80 -8.19
CA HIS OA 94 -66.63 -22.13 -7.61
C HIS OA 94 -68.02 -22.25 -6.99
N PRO OA 95 -68.95 -22.97 -7.63
CA PRO OA 95 -70.32 -23.00 -7.11
C PRO OA 95 -70.46 -23.74 -5.80
N ASP OA 96 -69.83 -24.91 -5.67
CA ASP OA 96 -69.95 -25.70 -4.46
C ASP OA 96 -69.25 -25.05 -3.28
N LEU OA 97 -68.12 -24.37 -3.51
CA LEU OA 97 -67.45 -23.68 -2.44
C LEU OA 97 -68.05 -22.31 -2.16
N ARG OA 98 -68.82 -21.76 -3.11
CA ARG OA 98 -69.37 -20.41 -3.09
C ARG OA 98 -68.26 -19.38 -2.86
N LEU OA 99 -67.32 -19.36 -3.81
CA LEU OA 99 -66.08 -18.63 -3.66
C LEU OA 99 -65.64 -18.12 -5.02
N ASN OA 100 -64.85 -17.05 -5.02
CA ASN OA 100 -64.32 -16.46 -6.24
C ASN OA 100 -62.83 -16.76 -6.40
N TRP OA 101 -62.36 -16.62 -7.63
CA TRP OA 101 -60.95 -16.75 -7.93
C TRP OA 101 -60.21 -15.52 -7.43
N GLY OA 102 -59.11 -15.72 -6.73
CA GLY OA 102 -58.35 -14.62 -6.19
C GLY OA 102 -58.90 -13.99 -4.93
N GLU OA 103 -60.10 -14.37 -4.52
CA GLU OA 103 -60.65 -13.89 -3.26
C GLU OA 103 -59.86 -14.50 -2.11
N PRO OA 104 -59.50 -13.71 -1.09
CA PRO OA 104 -58.78 -14.26 0.06
C PRO OA 104 -59.65 -15.25 0.83
N MET OA 105 -59.21 -16.51 0.83
CA MET OA 105 -59.94 -17.57 1.49
C MET OA 105 -59.80 -17.46 3.00
N HIS OA 106 -60.69 -18.13 3.71
CA HIS OA 106 -60.62 -18.10 5.15
C HIS OA 106 -59.51 -19.03 5.62
N TRP OA 107 -59.00 -18.77 6.83
CA TRP OA 107 -57.97 -19.63 7.41
C TRP OA 107 -58.51 -21.02 7.70
N ASP OA 108 -59.78 -21.11 8.05
CA ASP OA 108 -60.51 -22.36 8.25
C ASP OA 108 -61.51 -22.58 7.12
N LEU OA 109 -61.10 -22.29 5.88
CA LEU OA 109 -61.99 -22.43 4.73
C LEU OA 109 -62.34 -23.89 4.46
N ASP OA 110 -61.46 -24.82 4.82
CA ASP OA 110 -61.79 -26.24 4.75
C ASP OA 110 -62.69 -26.70 5.88
N MET OA 111 -63.01 -25.81 6.84
CA MET OA 111 -63.91 -26.08 7.93
C MET OA 111 -65.28 -25.47 7.74
N TYR OA 112 -65.37 -24.30 7.11
CA TYR OA 112 -66.65 -23.62 6.93
C TYR OA 112 -67.29 -23.94 5.58
N ILE OA 113 -66.94 -25.06 4.96
CA ILE OA 113 -67.65 -25.49 3.76
C ILE OA 113 -69.04 -26.01 4.14
N ARG OA 114 -69.87 -26.20 3.11
CA ARG OA 114 -71.25 -26.60 3.32
C ARG OA 114 -71.39 -28.08 3.70
N ASN OA 115 -70.31 -28.87 3.59
CA ASN OA 115 -70.27 -30.22 4.12
C ASN OA 115 -69.97 -30.29 5.61
N ARG OA 116 -69.77 -29.14 6.24
CA ARG OA 116 -69.18 -29.06 7.58
C ARG OA 116 -69.90 -27.96 8.35
N VAL OA 117 -69.20 -27.44 9.39
CA VAL OA 117 -69.70 -26.48 10.37
C VAL OA 117 -70.42 -25.31 9.71
N ASP OA 118 -71.64 -25.05 10.18
CA ASP OA 118 -72.51 -24.01 9.64
C ASP OA 118 -72.80 -22.98 10.73
N THR OA 119 -72.55 -21.71 10.42
CA THR OA 119 -72.84 -20.60 11.33
C THR OA 119 -73.99 -19.74 10.83
N SER OA 120 -74.90 -20.32 10.04
CA SER OA 120 -76.03 -19.60 9.45
C SER OA 120 -76.96 -19.09 10.55
N PRO OA 121 -77.67 -17.98 10.32
CA PRO OA 121 -78.54 -17.44 11.38
C PRO OA 121 -79.76 -18.32 11.62
N THR OA 122 -79.85 -18.83 12.79
CA THR OA 122 -80.97 -19.65 13.19
C THR OA 122 -82.17 -18.77 13.56
N PRO OA 123 -83.39 -19.26 13.35
CA PRO OA 123 -84.57 -18.46 13.74
C PRO OA 123 -84.70 -18.25 15.24
N VAL OA 124 -84.51 -19.30 16.03
CA VAL OA 124 -84.52 -19.18 17.48
C VAL OA 124 -83.07 -18.99 17.93
N ASN OA 125 -82.88 -18.13 18.94
CA ASN OA 125 -81.55 -17.77 19.42
C ASN OA 125 -80.83 -18.98 20.00
N TRP OA 126 -79.50 -18.89 20.00
CA TRP OA 126 -78.66 -20.03 20.37
C TRP OA 126 -78.80 -20.38 21.85
N ASN OA 127 -78.78 -19.36 22.73
CA ASN OA 127 -78.87 -19.59 24.16
C ASN OA 127 -80.25 -20.11 24.56
N LEU OA 128 -81.30 -19.63 23.89
CA LEU OA 128 -82.64 -20.10 24.20
C LEU OA 128 -82.85 -21.54 23.74
N MET OA 129 -82.23 -21.91 22.61
CA MET OA 129 -82.22 -23.31 22.18
C MET OA 129 -81.50 -24.20 23.18
N CYS OA 130 -80.35 -23.73 23.70
CA CYS OA 130 -79.60 -24.50 24.67
C CYS OA 130 -80.38 -24.67 25.97
N LYS OA 131 -81.06 -23.61 26.42
CA LYS OA 131 -81.86 -23.69 27.63
C LYS OA 131 -83.06 -24.61 27.45
N HIS OA 132 -83.72 -24.56 26.28
CA HIS OA 132 -84.86 -25.45 26.02
C HIS OA 132 -84.44 -26.91 25.95
N LEU OA 133 -83.33 -27.21 25.25
CA LEU OA 133 -82.87 -28.59 25.14
C LEU OA 133 -82.39 -29.13 26.48
N PHE OA 134 -81.64 -28.33 27.24
CA PHE OA 134 -81.17 -28.78 28.54
C PHE OA 134 -82.32 -28.97 29.51
N GLY OA 135 -83.30 -28.06 29.50
CA GLY OA 135 -84.45 -28.19 30.37
C GLY OA 135 -85.30 -29.40 30.04
N PHE OA 136 -85.49 -29.67 28.74
CA PHE OA 136 -86.29 -30.82 28.33
C PHE OA 136 -85.60 -32.14 28.67
N VAL OA 137 -84.30 -32.25 28.38
CA VAL OA 137 -83.59 -33.50 28.63
C VAL OA 137 -83.45 -33.74 30.14
N ALA OA 138 -83.19 -32.69 30.92
CA ALA OA 138 -83.07 -32.86 32.36
C ALA OA 138 -84.42 -33.17 33.00
N PHE OA 139 -85.49 -32.54 32.51
CA PHE OA 139 -86.84 -32.83 32.98
C PHE OA 139 -87.23 -34.27 32.70
N MET OA 140 -86.97 -34.74 31.47
CA MET OA 140 -87.32 -36.11 31.10
C MET OA 140 -86.50 -37.13 31.89
N LEU OA 141 -85.20 -36.91 32.04
CA LEU OA 141 -84.37 -37.87 32.76
C LEU OA 141 -84.68 -37.88 34.26
N PHE OA 142 -85.05 -36.73 34.83
CA PHE OA 142 -85.51 -36.74 36.22
C PHE OA 142 -86.83 -37.49 36.36
N MET OA 143 -87.72 -37.39 35.36
CA MET OA 143 -88.95 -38.16 35.40
C MET OA 143 -88.69 -39.66 35.23
N PHE OA 144 -87.69 -40.03 34.43
CA PHE OA 144 -87.32 -41.44 34.32
C PHE OA 144 -86.74 -41.96 35.62
N TRP OA 145 -85.98 -41.13 36.35
CA TRP OA 145 -85.48 -41.56 37.65
C TRP OA 145 -86.61 -41.68 38.68
N VAL OA 146 -87.59 -40.76 38.62
CA VAL OA 146 -88.75 -40.84 39.52
C VAL OA 146 -89.54 -42.11 39.28
N GLY OA 147 -89.81 -42.42 38.00
CA GLY OA 147 -90.50 -43.65 37.68
C GLY OA 147 -89.67 -44.90 37.94
N GLU OA 148 -88.35 -44.78 37.92
CA GLU OA 148 -87.49 -45.89 38.33
C GLU OA 148 -87.60 -46.14 39.82
N THR OA 149 -87.73 -45.07 40.61
CA THR OA 149 -87.90 -45.21 42.05
C THR OA 149 -89.30 -45.74 42.38
N TYR OA 150 -90.31 -45.26 41.66
CA TYR OA 150 -91.71 -45.64 41.89
C TYR OA 150 -92.25 -46.32 40.63
N PRO OA 151 -92.20 -47.65 40.55
CA PRO OA 151 -92.72 -48.35 39.37
C PRO OA 151 -94.20 -48.67 39.49
N THR OA 152 -94.78 -49.00 38.33
CA THR OA 152 -96.15 -49.48 38.25
C THR OA 152 -96.16 -50.99 38.01
N TYR OA 153 -97.24 -51.64 38.44
CA TYR OA 153 -97.34 -53.09 38.39
C TYR OA 153 -98.82 -53.47 38.44
N GLN OA 154 -99.08 -54.77 38.52
CA GLN OA 154 -100.40 -55.39 38.58
C GLN OA 154 -100.71 -55.88 39.98
N PRO OA 155 -101.96 -55.77 40.44
CA PRO OA 155 -102.29 -56.18 41.82
C PRO OA 155 -102.37 -57.69 41.97
N VAL OA 156 -101.21 -58.35 41.81
CA VAL OA 156 -101.12 -59.80 41.71
C VAL OA 156 -100.04 -60.29 42.67
N GLY OA 157 -100.06 -61.61 42.90
CA GLY OA 157 -98.99 -62.27 43.61
C GLY OA 157 -97.82 -62.55 42.68
N PRO OA 158 -96.84 -63.30 43.17
CA PRO OA 158 -95.70 -63.64 42.32
C PRO OA 158 -96.06 -64.73 41.33
N LYS OA 159 -95.33 -64.73 40.21
CA LYS OA 159 -95.47 -65.82 39.25
C LYS OA 159 -94.90 -67.09 39.86
N GLN OA 160 -95.71 -68.15 39.88
CA GLN OA 160 -95.38 -69.36 40.61
C GLN OA 160 -94.99 -70.46 39.64
N TYR OA 161 -94.02 -71.28 40.03
CA TYR OA 161 -93.48 -72.31 39.16
C TYR OA 161 -93.44 -73.65 39.90
N PRO OA 162 -93.72 -74.75 39.21
CA PRO OA 162 -93.73 -76.06 39.86
C PRO OA 162 -92.32 -76.56 40.12
N TYR OA 163 -92.26 -77.68 40.84
CA TYR OA 163 -91.04 -78.46 41.08
C TYR OA 163 -89.96 -77.65 41.79
N ASN OA 164 -90.35 -77.00 42.89
CA ASN OA 164 -89.50 -76.11 43.69
C ASN OA 164 -88.87 -75.01 42.84
N ASN OA 165 -89.75 -74.25 42.16
CA ASN OA 165 -89.38 -73.13 41.28
C ASN OA 165 -88.45 -73.59 40.16
N LEU OA 166 -88.72 -74.80 39.65
CA LEU OA 166 -88.04 -75.40 38.49
C LEU OA 166 -86.53 -75.52 38.72
N TYR OA 167 -86.19 -76.30 39.76
CA TYR OA 167 -84.81 -76.31 40.25
C TYR OA 167 -83.88 -77.04 39.28
N LEU OA 168 -84.26 -78.23 38.84
CA LEU OA 168 -83.44 -78.95 37.88
C LEU OA 168 -83.46 -78.32 36.50
N GLU OA 169 -84.51 -77.54 36.18
CA GLU OA 169 -84.60 -76.90 34.88
C GLU OA 169 -83.73 -75.65 34.80
N ARG OA 170 -83.63 -74.90 35.89
CA ARG OA 170 -82.80 -73.70 35.97
C ARG OA 170 -81.32 -73.99 36.17
N GLY OA 171 -80.87 -75.22 36.00
CA GLY OA 171 -79.47 -75.54 36.10
C GLY OA 171 -79.01 -75.98 37.47
N GLY OA 172 -79.93 -76.45 38.31
CA GLY OA 172 -79.54 -76.97 39.61
C GLY OA 172 -78.93 -78.37 39.48
N ASP OA 173 -77.82 -78.58 40.18
CA ASP OA 173 -77.14 -79.86 40.09
C ASP OA 173 -77.91 -80.93 40.86
N PRO OA 174 -77.98 -82.16 40.32
CA PRO OA 174 -78.85 -83.17 40.94
C PRO OA 174 -78.30 -83.74 42.23
N ASN OA 175 -76.99 -83.62 42.46
CA ASN OA 175 -76.39 -84.15 43.68
C ASN OA 175 -76.55 -83.25 44.89
N LYS OA 176 -77.26 -82.14 44.76
CA LYS OA 176 -77.66 -81.31 45.89
C LYS OA 176 -79.16 -81.47 46.15
N GLU OA 177 -79.67 -80.68 47.11
CA GLU OA 177 -81.08 -80.74 47.48
C GLU OA 177 -81.59 -79.33 47.70
N PRO OA 178 -82.71 -78.96 47.08
CA PRO OA 178 -83.31 -77.65 47.34
C PRO OA 178 -84.17 -77.68 48.60
N GLU OA 179 -84.73 -76.51 48.92
CA GLU OA 179 -85.67 -76.44 50.03
C GLU OA 179 -87.09 -76.62 49.52
N PRO OA 180 -88.02 -77.09 50.37
CA PRO OA 180 -89.41 -77.21 49.92
C PRO OA 180 -90.10 -75.86 49.78
N VAL OA 181 -90.30 -75.41 48.55
CA VAL OA 181 -91.07 -74.19 48.27
C VAL OA 181 -92.39 -74.64 47.66
N VAL OA 182 -93.43 -74.66 48.49
CA VAL OA 182 -94.70 -75.29 48.17
C VAL OA 182 -95.75 -74.21 47.96
N HIS OA 183 -96.16 -74.02 46.71
CA HIS OA 183 -97.20 -73.06 46.37
C HIS OA 183 -98.55 -73.77 46.41
N TYR OA 184 -99.43 -73.31 47.30
CA TYR OA 184 -100.70 -73.96 47.52
C TYR OA 184 -101.80 -73.36 46.65
N GLU OA 185 -103.01 -73.90 46.81
CA GLU OA 185 -104.17 -73.44 46.06
C GLU OA 185 -104.79 -72.21 46.70
N ILE OA 186 -105.37 -71.36 45.86
CA ILE OA 186 -106.20 -70.25 46.32
C ILE OA 186 -107.26 -69.94 45.29
N THR PA 52 -31.31 -8.28 -16.82
CA THR PA 52 -32.50 -8.23 -15.99
C THR PA 52 -33.08 -9.63 -15.81
N LEU PA 53 -33.18 -10.37 -16.91
CA LEU PA 53 -33.72 -11.73 -16.86
C LEU PA 53 -32.70 -12.66 -16.22
N ARG PA 54 -33.05 -13.17 -15.05
CA ARG PA 54 -32.12 -13.86 -14.16
C ARG PA 54 -32.17 -15.36 -14.39
N TRP PA 55 -30.99 -15.99 -14.44
CA TRP PA 55 -30.76 -17.43 -14.65
C TRP PA 55 -31.54 -17.96 -15.87
N GLN PA 56 -31.01 -17.57 -17.03
CA GLN PA 56 -31.47 -17.96 -18.36
C GLN PA 56 -31.84 -19.43 -18.45
N GLU PA 57 -33.09 -19.69 -18.84
CA GLU PA 57 -33.75 -20.95 -18.55
C GLU PA 57 -34.69 -21.30 -19.68
N ASP PA 58 -34.72 -22.57 -20.06
CA ASP PA 58 -35.79 -23.06 -20.91
C ASP PA 58 -37.12 -22.96 -20.16
N PRO PA 59 -38.13 -22.35 -20.76
CA PRO PA 59 -39.42 -22.21 -20.06
C PRO PA 59 -40.11 -23.55 -19.89
N GLU PA 60 -41.00 -23.61 -18.90
CA GLU PA 60 -41.59 -24.87 -18.49
C GLU PA 60 -42.52 -25.42 -19.57
N PRO PA 61 -42.24 -26.58 -20.11
CA PRO PA 61 -43.05 -27.09 -21.23
C PRO PA 61 -44.43 -27.54 -20.76
N GLU PA 62 -45.30 -27.77 -21.74
CA GLU PA 62 -46.68 -28.08 -21.43
C GLU PA 62 -46.82 -29.53 -20.99
N ASP PA 63 -47.95 -29.81 -20.37
CA ASP PA 63 -48.30 -31.17 -19.98
C ASP PA 63 -48.67 -31.98 -21.22
N GLU PA 64 -47.86 -32.99 -21.53
CA GLU PA 64 -48.09 -33.81 -22.71
C GLU PA 64 -49.28 -34.72 -22.51
N ASN PA 65 -49.98 -35.00 -23.60
CA ASN PA 65 -51.12 -35.90 -23.60
C ASN PA 65 -50.75 -37.13 -24.40
N LEU PA 66 -50.91 -38.30 -23.78
CA LEU PA 66 -50.63 -39.54 -24.48
C LEU PA 66 -51.75 -39.98 -25.40
N TYR PA 67 -52.91 -39.34 -25.33
CA TYR PA 67 -54.04 -39.71 -26.18
C TYR PA 67 -54.12 -38.88 -27.45
N GLU PA 68 -53.28 -37.86 -27.61
CA GLU PA 68 -53.30 -37.06 -28.82
C GLU PA 68 -52.55 -37.76 -29.96
N LYS PA 69 -51.29 -38.12 -29.72
CA LYS PA 69 -50.51 -38.84 -30.72
C LYS PA 69 -50.79 -40.34 -30.71
N ASN PA 70 -51.57 -40.84 -29.73
CA ASN PA 70 -51.89 -42.26 -29.65
C ASN PA 70 -53.23 -42.38 -28.94
N PRO PA 71 -54.33 -42.36 -29.68
CA PRO PA 71 -55.64 -42.52 -29.04
C PRO PA 71 -55.87 -43.91 -28.46
N ASP PA 72 -55.09 -44.91 -28.86
CA ASP PA 72 -55.15 -46.25 -28.28
C ASP PA 72 -54.08 -46.47 -27.22
N SER PA 73 -53.55 -45.41 -26.62
CA SER PA 73 -52.46 -45.55 -25.67
C SER PA 73 -52.95 -46.10 -24.34
N HIS PA 74 -52.11 -46.91 -23.72
CA HIS PA 74 -52.38 -47.43 -22.39
C HIS PA 74 -51.63 -46.66 -21.30
N GLY PA 75 -50.77 -45.73 -21.68
CA GLY PA 75 -50.05 -44.92 -20.73
C GLY PA 75 -48.65 -45.37 -20.42
N TYR PA 76 -48.17 -46.43 -21.06
CA TYR PA 76 -46.84 -46.96 -20.76
C TYR PA 76 -45.76 -46.21 -21.53
N ASP PA 77 -45.92 -46.08 -22.84
CA ASP PA 77 -44.92 -45.42 -23.67
C ASP PA 77 -45.61 -44.82 -24.89
N LYS PA 78 -44.97 -43.79 -25.45
CA LYS PA 78 -45.51 -43.11 -26.62
C LYS PA 78 -45.42 -43.94 -27.89
N ASP PA 79 -44.53 -44.93 -27.93
CA ASP PA 79 -44.51 -45.89 -29.03
C ASP PA 79 -45.63 -46.89 -28.81
N PRO PA 80 -46.58 -47.02 -29.74
CA PRO PA 80 -47.71 -47.93 -29.50
C PRO PA 80 -47.34 -49.40 -29.51
N ALA PA 81 -46.28 -49.81 -30.20
CA ALA PA 81 -45.83 -51.19 -30.11
C ALA PA 81 -45.28 -51.50 -28.72
N VAL PA 82 -44.44 -50.60 -28.20
CA VAL PA 82 -43.92 -50.72 -26.84
C VAL PA 82 -45.05 -50.63 -25.83
N ASP PA 83 -46.03 -49.77 -26.10
CA ASP PA 83 -47.14 -49.56 -25.17
C ASP PA 83 -48.04 -50.79 -25.07
N VAL PA 84 -48.40 -51.37 -26.23
CA VAL PA 84 -49.26 -52.55 -26.23
C VAL PA 84 -48.50 -53.76 -25.69
N TRP PA 85 -47.18 -53.86 -25.97
CA TRP PA 85 -46.45 -55.01 -25.44
C TRP PA 85 -46.20 -54.89 -23.94
N ASN PA 86 -46.02 -53.66 -23.43
CA ASN PA 86 -45.91 -53.48 -21.98
C ASN PA 86 -47.24 -53.76 -21.29
N MET PA 87 -48.35 -53.39 -21.95
CA MET PA 87 -49.68 -53.78 -21.46
C MET PA 87 -49.82 -55.28 -21.38
N ARG PA 88 -49.36 -56.00 -22.41
CA ARG PA 88 -49.42 -57.46 -22.41
C ARG PA 88 -48.56 -58.05 -21.29
N VAL PA 89 -47.38 -57.49 -21.08
CA VAL PA 89 -46.46 -58.02 -20.07
C VAL PA 89 -47.00 -57.79 -18.66
N VAL PA 90 -47.50 -56.59 -18.39
CA VAL PA 90 -48.08 -56.28 -17.08
C VAL PA 90 -49.33 -57.12 -16.81
N PHE PA 91 -50.19 -57.28 -17.82
CA PHE PA 91 -51.40 -58.04 -17.59
C PHE PA 91 -51.16 -59.54 -17.52
N PHE PA 92 -50.18 -60.06 -18.27
CA PHE PA 92 -49.96 -61.49 -18.26
C PHE PA 92 -49.16 -61.91 -17.04
N PHE PA 93 -48.08 -61.20 -16.73
CA PHE PA 93 -47.27 -61.56 -15.58
C PHE PA 93 -47.75 -60.92 -14.29
N GLY PA 94 -48.82 -60.14 -14.33
CA GLY PA 94 -49.41 -59.65 -13.11
C GLY PA 94 -50.64 -60.43 -12.73
N PHE PA 95 -51.55 -60.63 -13.69
CA PHE PA 95 -52.85 -61.22 -13.41
C PHE PA 95 -52.91 -62.69 -13.76
N SER PA 96 -52.48 -63.07 -14.97
CA SER PA 96 -52.58 -64.46 -15.38
C SER PA 96 -51.66 -65.38 -14.62
N ILE PA 97 -50.57 -64.87 -14.05
CA ILE PA 97 -49.53 -65.68 -13.45
C ILE PA 97 -49.46 -65.51 -11.94
N VAL PA 98 -49.35 -64.28 -11.46
CA VAL PA 98 -49.06 -64.09 -10.04
C VAL PA 98 -50.35 -63.96 -9.22
N LEU PA 99 -51.42 -63.41 -9.77
CA LEU PA 99 -52.69 -63.45 -9.05
C LEU PA 99 -53.34 -64.83 -9.13
N VAL PA 100 -53.44 -65.40 -10.34
CA VAL PA 100 -54.21 -66.64 -10.52
C VAL PA 100 -53.44 -67.83 -9.97
N LEU PA 101 -52.24 -68.08 -10.49
CA LEU PA 101 -51.47 -69.23 -10.02
C LEU PA 101 -50.93 -68.99 -8.62
N GLY PA 102 -50.75 -67.72 -8.24
CA GLY PA 102 -50.39 -67.42 -6.86
C GLY PA 102 -51.50 -67.72 -5.88
N SER PA 103 -52.73 -67.37 -6.25
CA SER PA 103 -53.88 -67.72 -5.42
C SER PA 103 -54.14 -69.23 -5.44
N THR PA 104 -53.76 -69.90 -6.52
CA THR PA 104 -53.82 -71.36 -6.54
C THR PA 104 -52.81 -71.96 -5.56
N PHE PA 105 -51.59 -71.41 -5.55
CA PHE PA 105 -50.54 -71.91 -4.66
C PHE PA 105 -50.88 -71.67 -3.20
N VAL PA 106 -51.41 -70.48 -2.87
CA VAL PA 106 -51.81 -70.19 -1.50
C VAL PA 106 -53.07 -70.97 -1.14
N ALA PA 107 -53.92 -71.25 -2.14
CA ALA PA 107 -55.13 -72.02 -1.89
C ALA PA 107 -54.83 -73.48 -1.61
N TYR PA 108 -53.72 -74.00 -2.11
CA TYR PA 108 -53.38 -75.40 -1.90
C TYR PA 108 -52.06 -75.53 -1.17
N LEU PA 109 -51.87 -74.77 -0.10
CA LEU PA 109 -50.69 -74.94 0.73
C LEU PA 109 -50.73 -76.28 1.44
N PRO PA 110 -49.61 -77.00 1.50
CA PRO PA 110 -49.61 -78.28 2.20
C PRO PA 110 -49.66 -78.08 3.70
N ASP PA 111 -50.86 -77.86 4.26
CA ASP PA 111 -51.11 -77.76 5.70
C ASP PA 111 -50.25 -76.65 6.31
N TYR PA 112 -50.58 -75.41 5.95
CA TYR PA 112 -49.81 -74.25 6.34
C TYR PA 112 -49.72 -74.12 7.85
N ARG PA 113 -48.50 -74.31 8.37
CA ARG PA 113 -48.15 -74.26 9.79
C ARG PA 113 -48.94 -75.27 10.62
N MET PA 114 -49.20 -76.43 10.02
CA MET PA 114 -49.64 -77.65 10.72
C MET PA 114 -50.98 -77.47 11.43
N GLN PA 115 -51.87 -76.64 10.88
CA GLN PA 115 -53.12 -76.38 11.58
C GLN PA 115 -54.11 -77.51 11.39
N GLU PA 116 -54.04 -78.22 10.27
CA GLU PA 116 -54.90 -79.37 10.05
C GLU PA 116 -54.45 -80.57 10.89
N TRP PA 117 -53.15 -80.86 10.84
CA TRP PA 117 -52.53 -81.93 11.64
C TRP PA 117 -52.87 -81.82 13.11
N ALA PA 118 -52.71 -80.60 13.66
CA ALA PA 118 -52.95 -80.36 15.08
C ALA PA 118 -54.41 -80.58 15.44
N ARG PA 119 -55.33 -80.44 14.49
CA ARG PA 119 -56.70 -80.85 14.73
C ARG PA 119 -56.77 -82.34 14.91
N ARG PA 120 -56.24 -83.09 13.94
CA ARG PA 120 -56.46 -84.52 13.87
C ARG PA 120 -55.75 -85.25 15.00
N GLU PA 121 -54.55 -84.78 15.36
CA GLU PA 121 -53.84 -85.29 16.53
C GLU PA 121 -54.64 -85.10 17.81
N ALA PA 122 -55.31 -83.93 17.94
CA ALA PA 122 -56.20 -83.74 19.08
C ALA PA 122 -57.36 -84.72 19.02
N GLU PA 123 -57.86 -84.98 17.82
CA GLU PA 123 -58.89 -85.99 17.62
C GLU PA 123 -58.41 -87.39 17.94
N ARG PA 124 -57.09 -87.60 18.04
CA ARG PA 124 -56.62 -88.84 18.62
C ARG PA 124 -56.66 -88.79 20.14
N LEU PA 125 -56.08 -87.73 20.72
CA LEU PA 125 -55.70 -87.78 22.13
C LEU PA 125 -56.91 -87.74 23.06
N VAL PA 126 -57.88 -86.87 22.74
CA VAL PA 126 -59.17 -86.88 23.44
C VAL PA 126 -59.83 -88.25 23.32
N LYS PA 127 -59.78 -88.83 22.11
CA LYS PA 127 -60.29 -90.17 21.88
C LYS PA 127 -59.54 -91.22 22.70
N TYR PA 128 -58.28 -90.94 23.06
CA TYR PA 128 -57.56 -91.85 23.94
C TYR PA 128 -58.06 -91.73 25.37
N ARG PA 129 -58.38 -90.54 25.83
CA ARG PA 129 -58.57 -90.31 27.25
C ARG PA 129 -60.02 -90.06 27.65
N GLU PA 130 -60.95 -90.04 26.70
CA GLU PA 130 -62.36 -90.08 27.07
C GLU PA 130 -62.74 -91.42 27.68
N ALA PA 131 -62.29 -92.51 27.05
CA ALA PA 131 -62.70 -93.85 27.49
C ALA PA 131 -61.95 -94.30 28.74
N HIS PA 132 -60.71 -93.85 28.93
CA HIS PA 132 -59.90 -94.33 30.04
C HIS PA 132 -60.18 -93.62 31.36
N GLY PA 133 -61.12 -92.68 31.38
CA GLY PA 133 -61.41 -91.97 32.61
C GLY PA 133 -60.39 -90.94 33.03
N LEU PA 134 -59.42 -90.63 32.18
CA LEU PA 134 -58.45 -89.61 32.47
C LEU PA 134 -59.07 -88.23 32.31
N PRO PA 135 -58.54 -87.22 32.98
CA PRO PA 135 -58.94 -85.84 32.66
C PRO PA 135 -58.40 -85.44 31.29
N LEU PA 136 -59.11 -84.51 30.65
CA LEU PA 136 -58.80 -84.14 29.27
C LEU PA 136 -57.50 -83.35 29.17
N MET PA 137 -57.15 -82.60 30.22
CA MET PA 137 -55.94 -81.81 30.22
C MET PA 137 -55.53 -81.61 31.66
N GLU PA 138 -54.23 -81.72 31.94
CA GLU PA 138 -53.73 -81.48 33.27
C GLU PA 138 -53.48 -79.99 33.47
N SER PA 139 -53.56 -79.55 34.73
CA SER PA 139 -53.16 -78.19 35.06
C SER PA 139 -51.65 -78.01 34.94
N ASN PA 140 -50.89 -79.09 35.02
CA ASN PA 140 -49.44 -79.06 34.89
C ASN PA 140 -49.06 -79.55 33.51
N CYS PA 141 -48.23 -78.79 32.81
CA CYS PA 141 -47.75 -79.22 31.51
C CYS PA 141 -46.73 -80.34 31.64
N PHE PA 142 -45.79 -80.18 32.56
CA PHE PA 142 -44.73 -81.15 32.79
C PHE PA 142 -45.06 -81.91 34.06
N ASP PA 143 -44.36 -83.04 34.24
CA ASP PA 143 -44.62 -83.94 35.36
C ASP PA 143 -44.27 -83.24 36.66
N PRO PA 144 -45.24 -83.01 37.57
CA PRO PA 144 -44.93 -82.28 38.80
C PRO PA 144 -44.06 -83.03 39.80
N SER PA 145 -43.78 -84.31 39.56
CA SER PA 145 -42.92 -85.07 40.45
C SER PA 145 -41.44 -84.84 40.15
N LYS PA 146 -41.09 -84.49 38.91
CA LYS PA 146 -39.71 -84.32 38.51
C LYS PA 146 -39.26 -82.87 38.52
N ILE PA 147 -39.83 -82.04 39.38
CA ILE PA 147 -39.44 -80.64 39.50
C ILE PA 147 -38.89 -80.43 40.90
N GLN PA 148 -37.64 -79.99 40.97
CA GLN PA 148 -37.02 -79.63 42.25
C GLN PA 148 -37.48 -78.23 42.62
N LEU PA 149 -38.40 -78.15 43.55
CA LEU PA 149 -38.90 -76.86 43.98
C LEU PA 149 -37.89 -76.17 44.89
N PRO PA 150 -37.86 -74.84 44.89
CA PRO PA 150 -36.96 -74.14 45.84
C PRO PA 150 -37.51 -74.24 47.26
N GLU PA 151 -36.66 -74.77 48.14
CA GLU PA 151 -37.03 -74.94 49.54
C GLU PA 151 -37.08 -73.60 50.25
N ASP PA 152 -37.72 -73.60 51.42
CA ASP PA 152 -37.90 -72.38 52.19
C ASP PA 152 -38.07 -72.73 53.67
N LYS QA 28 -11.62 -41.27 -41.92
CA LYS QA 28 -10.77 -40.20 -41.44
C LYS QA 28 -11.64 -39.03 -40.98
N PHE QA 29 -11.78 -38.88 -39.66
CA PHE QA 29 -12.71 -37.90 -39.09
C PHE QA 29 -12.01 -36.77 -38.37
N TYR QA 30 -11.17 -37.07 -37.38
CA TYR QA 30 -10.68 -36.07 -36.45
C TYR QA 30 -9.64 -35.17 -37.10
N ILE QA 31 -9.80 -33.86 -36.94
CA ILE QA 31 -8.91 -32.90 -37.58
C ILE QA 31 -7.54 -32.90 -36.89
N GLN QA 32 -7.49 -33.24 -35.61
CA GLN QA 32 -6.24 -33.48 -34.91
C GLN QA 32 -6.19 -34.95 -34.51
N GLU QA 33 -5.08 -35.59 -34.79
CA GLU QA 33 -4.97 -37.03 -34.57
C GLU QA 33 -4.95 -37.33 -33.08
N PRO QA 34 -5.94 -38.07 -32.57
CA PRO QA 34 -6.04 -38.24 -31.12
C PRO QA 34 -4.96 -39.17 -30.60
N PRO QA 35 -4.50 -38.97 -29.36
CA PRO QA 35 -3.45 -39.84 -28.82
C PRO QA 35 -3.91 -41.26 -28.62
N HIS QA 36 -5.19 -41.47 -28.33
CA HIS QA 36 -5.78 -42.81 -28.20
C HIS QA 36 -6.54 -43.19 -29.46
N GLY QA 37 -6.01 -42.80 -30.62
CA GLY QA 37 -6.57 -43.21 -31.88
C GLY QA 37 -6.07 -44.58 -32.26
N SER QA 38 -4.75 -44.72 -32.31
CA SER QA 38 -4.12 -46.01 -32.47
C SER QA 38 -3.77 -46.59 -31.10
N PRO QA 39 -3.97 -47.89 -30.90
CA PRO QA 39 -3.61 -48.51 -29.62
C PRO QA 39 -2.10 -48.55 -29.41
N ASN QA 40 -1.68 -48.22 -28.19
CA ASN QA 40 -0.28 -48.33 -27.82
C ASN QA 40 0.01 -49.82 -27.64
N TRP QA 41 0.57 -50.44 -28.69
CA TRP QA 41 0.73 -51.89 -28.71
C TRP QA 41 1.78 -52.36 -27.71
N LEU QA 42 2.74 -51.51 -27.37
CA LEU QA 42 3.68 -51.82 -26.29
C LEU QA 42 2.96 -51.86 -24.95
N LYS QA 43 2.05 -50.91 -24.72
CA LYS QA 43 1.30 -50.87 -23.46
C LYS QA 43 0.29 -52.02 -23.39
N VAL QA 44 -0.33 -52.36 -24.51
CA VAL QA 44 -1.23 -53.50 -24.57
C VAL QA 44 -0.48 -54.81 -24.32
N GLY QA 45 0.73 -54.92 -24.89
CA GLY QA 45 1.54 -56.11 -24.68
C GLY QA 45 2.01 -56.25 -23.24
N LEU QA 46 2.43 -55.16 -22.62
CA LEU QA 46 2.83 -55.20 -21.22
C LEU QA 46 1.65 -55.51 -20.31
N THR QA 47 0.46 -54.97 -20.64
CA THR QA 47 -0.74 -55.26 -19.86
C THR QA 47 -1.09 -56.74 -19.91
N LEU QA 48 -1.13 -57.30 -21.12
CA LEU QA 48 -1.50 -58.70 -21.28
C LEU QA 48 -0.46 -59.64 -20.69
N GLY QA 49 0.83 -59.33 -20.87
CA GLY QA 49 1.88 -60.17 -20.31
C GLY QA 49 1.92 -60.12 -18.81
N THR QA 50 1.70 -58.93 -18.23
CA THR QA 50 1.68 -58.79 -16.77
C THR QA 50 0.49 -59.54 -16.18
N SER QA 51 -0.68 -59.45 -16.81
CA SER QA 51 -1.85 -60.14 -16.29
C SER QA 51 -1.72 -61.65 -16.42
N ALA QA 52 -1.16 -62.12 -17.54
CA ALA QA 52 -0.93 -63.55 -17.69
C ALA QA 52 0.09 -64.07 -16.68
N PHE QA 53 1.13 -63.28 -16.40
CA PHE QA 53 2.13 -63.71 -15.43
C PHE QA 53 1.55 -63.72 -14.02
N LEU QA 54 0.68 -62.76 -13.70
CA LEU QA 54 0.03 -62.77 -12.39
C LEU QA 54 -0.86 -63.99 -12.23
N TRP QA 55 -1.60 -64.37 -13.28
CA TRP QA 55 -2.43 -65.58 -13.19
C TRP QA 55 -1.59 -66.84 -13.04
N ILE QA 56 -0.52 -66.97 -13.82
CA ILE QA 56 0.22 -68.23 -13.77
C ILE QA 56 1.06 -68.33 -12.50
N TYR QA 57 1.57 -67.21 -11.99
CA TYR QA 57 2.27 -67.23 -10.72
C TYR QA 57 1.31 -67.46 -9.57
N LEU QA 58 0.06 -66.98 -9.68
CA LEU QA 58 -0.94 -67.24 -8.66
C LEU QA 58 -1.32 -68.71 -8.64
N ILE QA 59 -1.47 -69.34 -9.80
CA ILE QA 59 -1.79 -70.76 -9.86
C ILE QA 59 -0.61 -71.60 -9.36
N LYS QA 60 0.61 -71.18 -9.69
CA LYS QA 60 1.80 -71.91 -9.21
C LYS QA 60 1.94 -71.80 -7.69
N GLN QA 61 1.68 -70.62 -7.13
CA GLN QA 61 1.72 -70.44 -5.68
C GLN QA 61 0.60 -71.22 -5.01
N HIS QA 62 -0.58 -71.30 -5.63
CA HIS QA 62 -1.69 -72.06 -5.05
C HIS QA 62 -1.40 -73.55 -5.07
N ASN QA 63 -0.77 -74.05 -6.13
CA ASN QA 63 -0.42 -75.47 -6.20
C ASN QA 63 0.67 -75.82 -5.19
N GLU QA 64 1.64 -74.92 -5.01
CA GLU QA 64 2.65 -75.14 -3.98
C GLU QA 64 2.05 -75.07 -2.58
N ASP QA 65 1.05 -74.21 -2.37
CA ASP QA 65 0.43 -74.10 -1.06
C ASP QA 65 -0.44 -75.32 -0.73
N VAL QA 66 -1.17 -75.85 -1.72
CA VAL QA 66 -1.97 -77.05 -1.43
C VAL QA 66 -1.06 -78.26 -1.27
N LEU QA 67 0.09 -78.29 -1.96
CA LEU QA 67 1.05 -79.37 -1.73
C LEU QA 67 1.67 -79.28 -0.34
N GLU QA 68 1.99 -78.06 0.11
CA GLU QA 68 2.57 -77.88 1.44
C GLU QA 68 1.57 -78.22 2.53
N TYR QA 69 0.29 -77.88 2.32
CA TYR QA 69 -0.73 -78.22 3.31
C TYR QA 69 -0.97 -79.73 3.37
N LYS QA 70 -0.99 -80.40 2.22
CA LYS QA 70 -1.14 -81.85 2.22
C LYS QA 70 0.12 -82.56 2.70
N ARG QA 71 1.27 -81.89 2.68
CA ARG QA 71 2.51 -82.50 3.11
C ARG QA 71 2.77 -82.35 4.60
N ARG QA 72 2.50 -81.17 5.17
CA ARG QA 72 2.74 -80.94 6.60
C ARG QA 72 1.79 -81.73 7.48
N ASN QA 73 0.66 -82.18 6.94
CA ASN QA 73 -0.31 -82.95 7.69
C ASN QA 73 -0.44 -84.40 7.23
N GLY QA 74 -0.11 -84.70 5.98
CA GLY QA 74 -0.24 -86.05 5.48
C GLY QA 74 -1.64 -86.41 5.03
N LEU QA 75 -2.35 -85.48 4.38
CA LEU QA 75 -3.69 -85.75 3.90
C LEU QA 75 -3.67 -86.25 2.45
N GLU QA 76 -2.88 -87.28 2.20
CA GLU QA 76 -2.71 -87.82 0.86
C GLU QA 76 -3.65 -88.98 0.61
N ARG RA 9 -27.69 -65.47 -29.32
CA ARG RA 9 -29.05 -65.55 -28.83
C ARG RA 9 -29.75 -64.20 -28.94
N ASP RA 10 -30.95 -64.22 -29.53
CA ASP RA 10 -31.75 -63.02 -29.74
C ASP RA 10 -32.47 -62.57 -28.47
N HIS RA 11 -32.50 -63.41 -27.44
CA HIS RA 11 -33.14 -63.10 -26.16
C HIS RA 11 -32.23 -63.49 -25.01
N TRP RA 12 -30.95 -63.09 -25.10
CA TRP RA 12 -29.98 -63.38 -24.06
C TRP RA 12 -30.25 -62.62 -22.77
N ILE RA 13 -31.03 -61.55 -22.83
CA ILE RA 13 -31.25 -60.72 -21.64
C ILE RA 13 -32.44 -61.21 -20.83
N HIS RA 14 -33.32 -62.01 -21.42
CA HIS RA 14 -34.42 -62.59 -20.67
C HIS RA 14 -34.02 -63.85 -19.93
N VAL RA 15 -32.78 -64.32 -20.09
CA VAL RA 15 -32.28 -65.47 -19.37
C VAL RA 15 -31.16 -65.02 -18.44
N LEU RA 16 -31.28 -63.82 -17.91
CA LEU RA 16 -30.46 -63.42 -16.78
C LEU RA 16 -31.11 -63.83 -15.45
N VAL RA 17 -32.31 -63.32 -15.20
CA VAL RA 17 -33.04 -63.56 -13.95
C VAL RA 17 -33.50 -65.00 -13.77
N PRO RA 18 -34.04 -65.73 -14.77
CA PRO RA 18 -34.33 -67.16 -14.52
C PRO RA 18 -33.08 -68.00 -14.29
N VAL RA 19 -32.00 -67.73 -15.01
CA VAL RA 19 -30.71 -68.36 -14.73
C VAL RA 19 -30.20 -67.91 -13.36
N GLY RA 20 -30.51 -66.68 -12.95
CA GLY RA 20 -30.19 -66.24 -11.60
C GLY RA 20 -30.91 -67.04 -10.53
N PHE RA 21 -32.18 -67.38 -10.77
CA PHE RA 21 -32.91 -68.20 -9.81
C PHE RA 21 -32.43 -69.64 -9.81
N VAL RA 22 -32.07 -70.16 -10.98
CA VAL RA 22 -31.50 -71.51 -11.08
C VAL RA 22 -30.18 -71.58 -10.30
N PHE RA 23 -29.34 -70.56 -10.44
CA PHE RA 23 -28.05 -70.57 -9.76
C PHE RA 23 -28.20 -70.30 -8.27
N GLY RA 24 -29.20 -69.49 -7.87
CA GLY RA 24 -29.44 -69.29 -6.45
C GLY RA 24 -30.00 -70.51 -5.76
N TYR RA 25 -30.92 -71.21 -6.44
CA TYR RA 25 -31.44 -72.47 -5.92
C TYR RA 25 -30.34 -73.53 -5.87
N TYR RA 26 -29.43 -73.51 -6.83
CA TYR RA 26 -28.31 -74.45 -6.81
C TYR RA 26 -27.34 -74.16 -5.67
N LEU RA 27 -27.06 -72.88 -5.41
CA LEU RA 27 -26.21 -72.55 -4.28
C LEU RA 27 -26.88 -72.83 -2.95
N ASP RA 28 -28.21 -72.72 -2.88
CA ASP RA 28 -28.91 -73.08 -1.65
C ASP RA 28 -28.87 -74.59 -1.40
N ARG RA 29 -29.12 -75.38 -2.44
CA ARG RA 29 -29.04 -76.83 -2.30
C ARG RA 29 -27.61 -77.32 -2.12
N LYS RA 30 -26.62 -76.53 -2.54
CA LYS RA 30 -25.23 -76.83 -2.26
C LYS RA 30 -24.86 -76.46 -0.82
N ASN RA 31 -25.43 -75.37 -0.31
CA ASN RA 31 -25.22 -74.97 1.07
C ASN RA 31 -25.87 -75.94 2.04
N ASP RA 32 -26.95 -76.61 1.61
CA ASP RA 32 -27.60 -77.58 2.48
C ASP RA 32 -26.80 -78.87 2.63
N GLU RA 33 -25.68 -79.02 1.91
CA GLU RA 33 -24.78 -80.14 2.14
C GLU RA 33 -23.73 -79.85 3.20
N LYS RA 34 -23.55 -78.58 3.59
CA LYS RA 34 -22.68 -78.24 4.70
C LYS RA 34 -23.41 -78.21 6.04
N LEU RA 35 -24.72 -77.95 6.04
CA LEU RA 35 -25.51 -77.93 7.25
C LEU RA 35 -26.13 -79.28 7.56
N ALA RA 36 -25.47 -80.36 7.15
CA ALA RA 36 -25.95 -81.73 7.34
C ALA RA 36 -25.23 -82.41 8.50
N ALA RA 37 -24.96 -81.66 9.57
CA ALA RA 37 -24.26 -82.23 10.71
C ALA RA 37 -25.14 -83.19 11.50
N PHE RA 38 -26.44 -82.88 11.60
CA PHE RA 38 -27.37 -83.73 12.33
C PHE RA 38 -28.29 -84.51 11.40
N ARG RA 39 -27.82 -84.86 10.21
CA ARG RA 39 -28.62 -85.70 9.33
C ARG RA 39 -28.71 -87.11 9.92
N ASN RA 40 -29.95 -87.54 10.19
CA ASN RA 40 -30.29 -88.81 10.86
C ASN RA 40 -29.62 -88.91 12.23
N LYS RA 41 -29.47 -87.77 12.92
CA LYS RA 41 -28.87 -87.75 14.24
C LYS RA 41 -29.71 -87.04 15.29
N SER RA 42 -30.82 -86.42 14.92
CA SER RA 42 -31.69 -85.77 15.88
C SER RA 42 -32.40 -86.80 16.74
N LEU RA 43 -32.87 -86.39 17.91
CA LEU RA 43 -33.62 -87.30 18.75
C LEU RA 43 -35.09 -87.44 18.33
N LEU RA 44 -35.50 -86.86 17.21
CA LEU RA 44 -36.89 -86.84 16.82
C LEU RA 44 -37.14 -87.52 15.50
N TYR RA 45 -36.35 -87.25 14.46
CA TYR RA 45 -36.58 -87.85 13.15
C TYR RA 45 -35.57 -88.93 12.81
N LYS RA 46 -34.83 -89.44 13.79
CA LYS RA 46 -33.85 -90.47 13.49
C LYS RA 46 -34.54 -91.79 13.21
N ARG RA 47 -33.95 -92.55 12.31
CA ARG RA 47 -34.49 -93.85 11.90
C ARG RA 47 -33.34 -94.68 11.36
N GLU RA 48 -33.67 -95.86 10.87
CA GLU RA 48 -32.69 -96.72 10.24
C GLU RA 48 -32.68 -96.49 8.73
N LEU RA 49 -31.54 -96.76 8.12
CA LEU RA 49 -31.39 -96.51 6.69
C LEU RA 49 -32.08 -97.60 5.89
N LYS RA 50 -33.00 -97.20 5.02
CA LYS RA 50 -33.67 -98.14 4.15
C LYS RA 50 -32.70 -98.65 3.09
N PRO RA 51 -32.91 -99.86 2.55
CA PRO RA 51 -32.02 -100.38 1.52
C PRO RA 51 -32.09 -99.57 0.23
N GLN RA 52 -30.97 -99.57 -0.49
CA GLN RA 52 -30.71 -98.73 -1.67
C GLN RA 52 -30.89 -97.24 -1.35
N GLU RA 53 -30.42 -96.84 -0.17
CA GLU RA 53 -30.49 -95.45 0.26
C GLU RA 53 -29.34 -95.18 1.22
N GLU RA 54 -28.71 -94.01 1.08
CA GLU RA 54 -27.57 -93.64 1.90
C GLU RA 54 -27.81 -92.44 2.80
N VAL RA 55 -28.71 -91.52 2.43
CA VAL RA 55 -28.98 -90.31 3.20
C VAL RA 55 -30.48 -90.21 3.43
N THR RA 56 -30.87 -89.56 4.53
CA THR RA 56 -32.29 -89.37 4.78
C THR RA 56 -32.84 -88.16 4.02
N TRP RA 57 -32.00 -87.16 3.77
CA TRP RA 57 -32.36 -86.05 2.91
C TRP RA 57 -31.12 -85.55 2.20
N LYS RA 58 -31.32 -85.02 1.00
CA LYS RA 58 -30.22 -84.56 0.17
C LYS RA 58 -29.91 -83.10 0.45
N MET SA 1 67.35 6.87 7.45
CA MET SA 1 66.68 6.12 6.40
C MET SA 1 65.74 5.07 6.99
N TRP SA 2 65.72 3.87 6.41
CA TRP SA 2 64.74 2.86 6.78
C TRP SA 2 64.97 2.31 8.18
N PHE SA 3 66.22 2.18 8.61
CA PHE SA 3 66.57 1.55 9.87
C PHE SA 3 66.09 2.30 11.11
N GLU SA 4 65.53 3.50 10.94
CA GLU SA 4 64.89 4.19 12.05
C GLU SA 4 63.62 3.48 12.52
N VAL SA 5 63.05 2.58 11.71
CA VAL SA 5 61.95 1.78 12.23
C VAL SA 5 62.47 0.68 13.16
N LEU SA 6 63.77 0.35 13.10
CA LEU SA 6 64.33 -0.71 13.92
C LEU SA 6 64.34 -0.46 15.44
N PRO SA 7 64.42 0.78 15.97
CA PRO SA 7 64.16 0.94 17.41
C PRO SA 7 62.76 0.56 17.85
N GLY SA 8 61.73 1.10 17.18
CA GLY SA 8 60.36 0.92 17.65
C GLY SA 8 59.91 -0.53 17.60
N ILE SA 9 60.25 -1.23 16.50
CA ILE SA 9 60.04 -2.68 16.38
C ILE SA 9 60.68 -3.40 17.55
N ALA SA 10 61.93 -3.02 17.87
CA ALA SA 10 62.65 -3.62 18.99
C ALA SA 10 61.90 -3.41 20.30
N VAL SA 11 61.33 -2.22 20.50
CA VAL SA 11 60.57 -1.95 21.72
C VAL SA 11 59.33 -2.82 21.75
N MET SA 12 58.66 -2.95 20.59
CA MET SA 12 57.54 -3.87 20.47
C MET SA 12 57.99 -5.30 20.70
N GLY SA 13 59.17 -5.64 20.18
CA GLY SA 13 59.74 -6.96 20.45
C GLY SA 13 60.01 -7.17 21.92
N VAL SA 14 60.50 -6.13 22.60
CA VAL SA 14 60.66 -6.18 24.05
C VAL SA 14 59.31 -6.37 24.70
N CYS SA 15 58.30 -5.67 24.22
CA CYS SA 15 56.96 -5.81 24.79
C CYS SA 15 56.31 -7.14 24.42
N LEU SA 16 56.87 -7.88 23.46
CA LEU SA 16 56.40 -9.24 23.25
C LEU SA 16 57.33 -10.26 23.89
N PHE SA 17 58.53 -9.84 24.29
CA PHE SA 17 59.42 -10.75 24.99
C PHE SA 17 59.13 -10.79 26.48
N ILE SA 18 58.57 -9.70 27.03
CA ILE SA 18 58.28 -9.66 28.46
C ILE SA 18 57.27 -10.70 28.92
N PRO SA 19 56.01 -10.84 28.29
CA PRO SA 19 55.01 -11.72 28.91
C PRO SA 19 55.38 -13.18 29.01
N GLY SA 20 55.70 -13.80 27.87
CA GLY SA 20 55.93 -15.24 27.84
C GLY SA 20 57.11 -15.67 28.67
N MET SA 21 58.23 -14.95 28.54
CA MET SA 21 59.40 -15.19 29.37
C MET SA 21 59.06 -15.08 30.85
N ALA SA 22 58.23 -14.09 31.20
CA ALA SA 22 57.84 -13.89 32.60
C ALA SA 22 57.08 -15.09 33.11
N THR SA 23 56.14 -15.63 32.31
CA THR SA 23 55.35 -16.72 32.85
C THR SA 23 56.19 -17.98 32.94
N ALA SA 24 57.23 -18.08 32.09
CA ALA SA 24 58.20 -19.16 32.22
C ALA SA 24 58.88 -19.10 33.57
N ARG SA 25 59.36 -17.90 33.95
CA ARG SA 25 59.95 -17.70 35.26
C ARG SA 25 58.93 -17.94 36.36
N ILE SA 26 57.68 -17.52 36.11
CA ILE SA 26 56.66 -17.71 37.13
C ILE SA 26 56.32 -19.18 37.27
N HIS SA 27 56.35 -19.91 36.15
CA HIS SA 27 56.11 -21.34 36.23
C HIS SA 27 57.27 -22.08 36.86
N ARG SA 28 58.44 -21.44 36.96
CA ARG SA 28 59.52 -22.06 37.69
C ARG SA 28 59.65 -21.52 39.11
N PHE SA 29 58.90 -20.48 39.47
CA PHE SA 29 59.04 -20.03 40.85
C PHE SA 29 58.07 -20.74 41.78
N SER SA 30 56.78 -20.72 41.45
CA SER SA 30 55.76 -21.32 42.29
C SER SA 30 55.62 -22.82 42.08
N ASN SA 31 56.54 -23.45 41.35
CA ASN SA 31 56.48 -24.89 41.14
C ASN SA 31 57.82 -25.56 41.43
N GLY SA 32 58.67 -24.93 42.22
CA GLY SA 32 59.89 -25.57 42.69
C GLY SA 32 60.99 -25.72 41.67
N GLY SA 33 61.28 -24.67 40.89
CA GLY SA 33 62.39 -24.71 39.97
C GLY SA 33 62.21 -25.59 38.76
N ARG SA 34 60.97 -25.95 38.43
CA ARG SA 34 60.70 -26.86 37.33
C ARG SA 34 59.55 -26.31 36.50
N GLU SA 35 59.12 -27.09 35.51
CA GLU SA 35 57.98 -26.70 34.72
C GLU SA 35 56.70 -26.87 35.54
N LYS SA 36 55.63 -26.25 35.06
CA LYS SA 36 54.33 -26.43 35.66
C LYS SA 36 53.77 -27.78 35.23
N ARG SA 37 53.20 -28.50 36.19
CA ARG SA 37 52.68 -29.84 35.91
C ARG SA 37 51.43 -29.74 35.04
N VAL SA 38 51.52 -30.27 33.83
CA VAL SA 38 50.45 -30.19 32.86
C VAL SA 38 49.47 -31.33 33.09
N ALA SA 39 48.22 -30.99 33.38
CA ALA SA 39 47.15 -31.98 33.56
C ALA SA 39 46.14 -31.72 32.46
N HIS SA 40 46.40 -32.27 31.29
CA HIS SA 40 45.42 -32.25 30.22
C HIS SA 40 44.40 -33.35 30.38
N TYR SA 41 44.77 -34.42 31.08
CA TYR SA 41 43.97 -35.62 31.22
C TYR SA 41 43.77 -35.92 32.70
N SER SA 42 42.68 -36.60 33.01
CA SER SA 42 42.31 -36.82 34.40
C SER SA 42 43.22 -37.81 35.12
N TYR SA 43 43.91 -38.68 34.37
CA TYR SA 43 44.93 -39.52 34.98
C TYR SA 43 46.12 -38.71 35.46
N GLN SA 44 46.51 -37.72 34.67
CA GLN SA 44 47.58 -36.81 35.07
C GLN SA 44 47.18 -36.00 36.29
N TRP SA 45 45.90 -35.62 36.37
CA TRP SA 45 45.43 -34.94 37.57
C TRP SA 45 45.37 -35.86 38.77
N TYR SA 46 45.09 -37.15 38.57
CA TYR SA 46 45.11 -38.06 39.71
C TYR SA 46 46.53 -38.26 40.22
N LEU SA 47 47.51 -38.35 39.31
CA LEU SA 47 48.88 -38.43 39.76
C LEU SA 47 49.34 -37.14 40.43
N MET SA 48 48.86 -36.00 39.94
CA MET SA 48 49.23 -34.71 40.53
C MET SA 48 48.63 -34.55 41.93
N GLU SA 49 47.36 -34.94 42.10
CA GLU SA 49 46.77 -34.95 43.42
C GLU SA 49 47.40 -35.99 44.33
N ARG SA 50 47.89 -37.10 43.77
CA ARG SA 50 48.65 -38.06 44.56
C ARG SA 50 49.96 -37.46 45.05
N ASP SA 51 50.61 -36.64 44.21
CA ASP SA 51 51.81 -35.95 44.64
C ASP SA 51 51.53 -34.96 45.74
N ARG SA 52 50.42 -34.24 45.61
CA ARG SA 52 49.99 -33.31 46.67
C ARG SA 52 49.69 -34.05 47.97
N ARG SA 53 49.16 -35.26 47.88
CA ARG SA 53 48.89 -36.04 49.10
C ARG SA 53 50.17 -36.59 49.71
N VAL SA 54 51.09 -37.13 48.90
CA VAL SA 54 52.28 -37.77 49.44
C VAL SA 54 53.38 -36.80 49.80
N SER SA 55 53.26 -35.53 49.42
CA SER SA 55 54.32 -34.57 49.77
C SER SA 55 54.30 -34.22 51.25
N GLY SA 56 53.12 -34.24 51.87
CA GLY SA 56 53.00 -33.97 53.28
C GLY SA 56 52.87 -32.51 53.65
N VAL SA 57 53.08 -31.60 52.69
CA VAL SA 57 52.99 -30.16 52.94
C VAL SA 57 51.91 -29.51 52.09
N ASN SA 58 51.06 -30.33 51.45
CA ASN SA 58 49.93 -29.88 50.62
C ASN SA 58 50.41 -29.04 49.44
N ARG SA 59 51.53 -29.43 48.84
CA ARG SA 59 52.08 -28.81 47.65
C ARG SA 59 52.54 -29.91 46.71
N TYR SA 60 52.06 -29.89 45.46
CA TYR SA 60 52.34 -31.00 44.55
C TYR SA 60 53.79 -30.98 44.07
N TYR SA 61 54.43 -29.81 44.06
CA TYR SA 61 55.78 -29.70 43.54
C TYR SA 61 56.86 -30.06 44.56
N VAL SA 62 56.48 -30.44 45.78
CA VAL SA 62 57.46 -30.98 46.72
C VAL SA 62 57.58 -32.48 46.46
N SER SA 63 58.75 -32.90 46.03
CA SER SA 63 58.98 -34.27 45.61
C SER SA 63 59.49 -35.12 46.75
N LYS SA 64 59.16 -36.41 46.71
CA LYS SA 64 59.64 -37.39 47.67
C LYS SA 64 60.13 -38.61 46.91
N GLY SA 65 61.44 -38.84 46.93
CA GLY SA 65 62.04 -39.95 46.22
C GLY SA 65 62.23 -41.18 47.09
N LEU SA 66 63.37 -41.85 46.92
CA LEU SA 66 63.65 -43.04 47.71
C LEU SA 66 64.05 -42.73 49.14
N GLU SA 67 64.33 -41.46 49.45
CA GLU SA 67 64.64 -41.09 50.83
C GLU SA 67 63.42 -41.16 51.73
N ASN SA 68 62.21 -41.20 51.16
CA ASN SA 68 61.00 -41.19 51.97
C ASN SA 68 60.68 -42.58 52.50
N ILE SA 69 60.86 -43.60 51.67
CA ILE SA 69 60.65 -44.98 52.12
C ILE SA 69 61.86 -45.40 52.94
N ASP SA 70 61.74 -46.51 53.66
CA ASP SA 70 62.81 -47.01 54.50
C ASP SA 70 63.99 -47.58 53.69
#